data_9PCX
#
_entry.id   9PCX
#
_cell.length_a   1.00
_cell.length_b   1.00
_cell.length_c   1.00
_cell.angle_alpha   90.00
_cell.angle_beta   90.00
_cell.angle_gamma   90.00
#
_symmetry.space_group_name_H-M   'P 1'
#
loop_
_entity.id
_entity.type
_entity.pdbx_description
1 polymer 'Vesicle-fusing ATPase'
2 polymer Syntaxin-1A
3 polymer 'Synaptosomal-associated protein 25,Synaptosomal-associated protein 25, Alpha-soluble NSF attachment protein chimera'
4 non-polymer "ADENOSINE-5'-DIPHOSPHATE"
5 non-polymer "ADENOSINE-5'-TRIPHOSPHATE"
6 non-polymer 'PHOSPHATE ION'
#
loop_
_entity_poly.entity_id
_entity_poly.type
_entity_poly.pdbx_seq_one_letter_code
_entity_poly.pdbx_strand_id
1 'polypeptide(L)'
;GAHMAGRSMQAARCPTDELSLSNCAVVSEKDYQSGQHVIVRTSPNHKYIFTLRTHPSVVPGSVAFSLPQRKWAGLSIGQE
IEVALYSFDKAKQCIGTMTIEIDFLQKKNIDSNPYDTDKMAAEFIQQFNNQAFSVGQQLVFSFNDKLFGLLVKDIEAMDP
SILKGEPASGKRQKIEVGLVVGNSQVAFEKAENSSLNLIGKAKTKENRQSIINPDWNFEKMGIGGLDKEFSDIFRRAFAS
RVFPPEIVEQMGCKHVKGILLYGPPGCGKTLLARQIGKMLNAREPKVVNGPEILNKYVGESEANIRKLFADAEEEQRRLG
ANSGLHIIIFDEIDAICKQRGSMAGSTGVHDTVVNQLLSKIDGVEQLNNILVIGMTNRPDLIDEALLRPGRLEVKMEIGL
PDEKGRLQILHIHTARMRGHQLLSADVDIKELAVETKNFSGAELEGLVRAAQSTAMNRHIKASTKVEVDMEKAESLQVTR
GDFLASLENDIKPAFGTNQEDYASYIMNGIIKWGDPVTRVLDDGELLVQQTKNSDRTPLVSVLLEGPPHSGKTALAAKIA
EESNFPFIKICSPDKMIGFSETAKCQAMKKIFDDAYKSQLSCVVVDDIERLLDYVPIGPRFSNLVLQALLVLLKKAPPQG
RKLLIIGTTSRKDVLQEMEMLNAFSTTIHVPNIATGEQLLEALELLGNFKDKERTTIAQQVKGKKVWIGIKKLLMLIEMS
LQMDPEYRVRKFLALLREEGASPLDFD
;
A,B,C,D,E,F
2 'polypeptide(L)'
;MKDRTQELRTAKDSDDDDDVTVTVDRDRFMDEFFEQVEEIRGFIDKIAENVEEVKRKHSAILASPNPDEKTKEELEELMS
DIKKTANKVRSKLKSIEQSIEQEEGLNRSSADLRIRKTQHSTLSRKFVEVMSEYNATQSDYRERCKGRIQRQLEITGRTT
TSEELEDMLESGNPAIFASGIIMDSSISKQALSEIETRHSEIIKLENSIRELHDMFMDMAMLVESQGEMIDRIEYNVEHA
VDYVERAVSDTKKAVKYQSKARRKKIM
;
H,G
3 'polypeptide(L)'
;MGSSHHHHHHSQDPNSMAEDADMRNELEEMQRRADQLADESLESTRRMLQLVEESKDAGIRTLVMLDEQGEQLERIEEGM
DQINKDMKEAEKNLTDLGKFAGLAVAPANKLKSSDAYKKAWGNNQDGVVASQPARVVDEREQMAISGGFIRRVTNDAREN
EMDENLEQVSGIIGNLRHMALDMGNEIDTQNRQIDRIMEKADSNKTRIDEANQRATKMLGSGGMDTSGKQAEAMALLAEA
ERKVKNSQSFFSGLFGGSSKIEEACEIYARAANMFKMAKNWSAAGNAFCQAAQLHLQLQSKHDAATCFVDAGNAFKKADP
QEAINCLMRAIEIYTDMGRFTIAAKHHISIAEIYETELVDVEKAIAHYEQSADYYKGEESNSSANKCLLKVAGYAAQLEQ
YQKAIDIYEQVGTSAMDSPLLKYSAKDYFFKAALCHFCIDMLNAKLAVQKYEELFPAFSDSRECKLMKKLLEAHEEQNVD
SYTESVKEYDSISRLDQWLTTMLLRIKKTIQGDEEDLR
;
I,J,K,L,M,N
#
# COMPACT_ATOMS: atom_id res chain seq x y z
N SER A 210 -56.65 -4.43 -5.55
CA SER A 210 -56.97 -4.34 -6.97
C SER A 210 -56.50 -3.00 -7.54
N ILE A 211 -55.75 -3.07 -8.65
CA ILE A 211 -55.21 -1.89 -9.30
C ILE A 211 -55.47 -1.87 -10.80
N ILE A 212 -56.18 -2.86 -11.33
CA ILE A 212 -56.48 -2.95 -12.76
C ILE A 212 -57.92 -3.42 -12.93
N ASN A 213 -58.49 -3.11 -14.10
CA ASN A 213 -59.84 -3.58 -14.40
C ASN A 213 -59.83 -5.07 -14.72
N PRO A 214 -60.93 -5.77 -14.49
CA PRO A 214 -60.94 -7.23 -14.68
C PRO A 214 -60.65 -7.67 -16.11
N ASP A 215 -60.85 -6.80 -17.10
CA ASP A 215 -60.67 -7.18 -18.50
C ASP A 215 -59.36 -6.66 -19.10
N TRP A 216 -58.54 -5.98 -18.31
CA TRP A 216 -57.25 -5.48 -18.77
C TRP A 216 -57.38 -4.62 -20.02
N ASN A 217 -56.25 -4.24 -20.63
CA ASN A 217 -56.24 -3.45 -21.84
C ASN A 217 -54.86 -3.46 -22.49
N PHE A 218 -54.79 -3.86 -23.76
CA PHE A 218 -53.51 -3.96 -24.48
C PHE A 218 -53.76 -3.52 -25.93
N GLU A 219 -53.54 -2.23 -26.18
CA GLU A 219 -53.80 -1.67 -27.49
C GLU A 219 -53.25 -0.25 -27.54
N LYS A 220 -52.58 0.08 -28.65
CA LYS A 220 -52.00 1.40 -28.85
C LYS A 220 -51.16 1.86 -27.67
N MET A 221 -50.58 0.91 -26.93
CA MET A 221 -49.61 1.18 -25.88
C MET A 221 -48.34 0.38 -26.11
N GLY A 222 -47.86 0.38 -27.35
CA GLY A 222 -46.68 -0.38 -27.72
C GLY A 222 -47.01 -1.75 -28.24
N ILE A 223 -46.93 -2.76 -27.38
CA ILE A 223 -47.20 -4.14 -27.78
C ILE A 223 -48.59 -4.20 -28.42
N GLY A 224 -48.64 -4.61 -29.68
CA GLY A 224 -49.91 -4.75 -30.36
C GLY A 224 -50.13 -6.14 -30.95
N GLY A 225 -49.04 -6.83 -31.26
CA GLY A 225 -49.16 -8.12 -31.92
C GLY A 225 -49.85 -9.16 -31.04
N LEU A 226 -49.46 -9.25 -29.79
CA LEU A 226 -49.90 -10.31 -28.89
C LEU A 226 -51.01 -9.78 -27.98
N ASP A 227 -52.14 -10.47 -27.97
CA ASP A 227 -53.26 -10.07 -27.13
C ASP A 227 -53.80 -11.23 -26.31
N LYS A 228 -53.73 -12.45 -26.86
CA LYS A 228 -54.25 -13.61 -26.15
C LYS A 228 -53.31 -14.08 -25.04
N GLU A 229 -52.00 -13.92 -25.26
CA GLU A 229 -51.03 -14.39 -24.27
C GLU A 229 -51.22 -13.67 -22.94
N PHE A 230 -51.51 -12.36 -22.99
CA PHE A 230 -51.76 -11.62 -21.76
C PHE A 230 -52.88 -12.26 -20.95
N SER A 231 -54.03 -12.50 -21.60
CA SER A 231 -55.17 -13.06 -20.87
C SER A 231 -54.85 -14.45 -20.34
N ASP A 232 -54.18 -15.27 -21.16
CA ASP A 232 -53.84 -16.62 -20.70
C ASP A 232 -52.95 -16.57 -19.47
N ILE A 233 -51.87 -15.79 -19.53
CA ILE A 233 -50.92 -15.76 -18.42
C ILE A 233 -51.60 -15.19 -17.17
N PHE A 234 -52.46 -14.20 -17.34
CA PHE A 234 -53.15 -13.64 -16.18
C PHE A 234 -54.09 -14.67 -15.56
N ARG A 235 -54.87 -15.36 -16.37
CA ARG A 235 -55.77 -16.38 -15.84
C ARG A 235 -54.99 -17.48 -15.13
N ARG A 236 -53.77 -17.77 -15.59
CA ARG A 236 -53.04 -18.89 -15.03
C ARG A 236 -52.23 -18.51 -13.79
N ALA A 237 -51.66 -17.32 -13.74
CA ALA A 237 -50.62 -17.01 -12.76
C ALA A 237 -51.04 -16.01 -11.70
N PHE A 238 -51.49 -14.82 -12.10
CA PHE A 238 -51.64 -13.70 -11.18
C PHE A 238 -53.06 -13.52 -10.67
N ALA A 239 -53.85 -14.60 -10.65
CA ALA A 239 -55.19 -14.52 -10.09
C ALA A 239 -55.17 -14.11 -8.63
N SER A 240 -54.10 -14.43 -7.90
CA SER A 240 -54.06 -14.13 -6.47
C SER A 240 -54.08 -12.63 -6.20
N ARG A 241 -53.35 -11.85 -6.99
CA ARG A 241 -53.15 -10.43 -6.70
C ARG A 241 -54.24 -9.54 -7.26
N VAL A 242 -55.26 -10.10 -7.91
CA VAL A 242 -56.36 -9.30 -8.44
C VAL A 242 -57.62 -9.39 -7.58
N PHE A 243 -57.75 -10.39 -6.79
CA PHE A 243 -58.97 -10.63 -6.05
C PHE A 243 -58.98 -9.76 -4.79
N PRO A 244 -60.15 -9.44 -4.24
CA PRO A 244 -60.18 -8.72 -2.96
C PRO A 244 -59.19 -9.30 -1.97
N PRO A 245 -58.30 -8.48 -1.40
CA PRO A 245 -57.30 -9.05 -0.48
C PRO A 245 -57.90 -9.78 0.70
N GLU A 246 -59.00 -9.27 1.27
CA GLU A 246 -59.47 -9.78 2.56
C GLU A 246 -59.55 -11.29 2.54
N ILE A 247 -60.20 -11.84 1.51
CA ILE A 247 -60.23 -13.28 1.34
C ILE A 247 -58.85 -13.84 1.09
N VAL A 248 -57.95 -13.06 0.48
CA VAL A 248 -56.59 -13.56 0.25
C VAL A 248 -55.91 -13.87 1.59
N GLU A 249 -55.99 -12.93 2.54
CA GLU A 249 -55.42 -13.22 3.86
C GLU A 249 -56.20 -14.31 4.57
N GLN A 250 -57.52 -14.36 4.37
CA GLN A 250 -58.29 -15.47 4.94
C GLN A 250 -57.97 -16.79 4.27
N MET A 251 -57.23 -16.77 3.15
CA MET A 251 -57.03 -17.95 2.33
C MET A 251 -55.77 -18.72 2.70
N GLY A 252 -54.74 -18.03 3.20
CA GLY A 252 -53.48 -18.67 3.52
C GLY A 252 -52.84 -19.30 2.31
N CYS A 253 -52.79 -18.55 1.21
CA CYS A 253 -52.22 -19.03 -0.05
C CYS A 253 -51.11 -18.07 -0.49
N LYS A 254 -50.01 -18.65 -0.95
CA LYS A 254 -48.86 -17.87 -1.40
C LYS A 254 -49.06 -17.42 -2.84
N HIS A 255 -48.05 -16.72 -3.36
CA HIS A 255 -48.06 -16.22 -4.72
C HIS A 255 -46.98 -16.88 -5.56
N VAL A 256 -47.28 -17.05 -6.85
CA VAL A 256 -46.29 -17.60 -7.77
C VAL A 256 -45.03 -16.76 -7.72
N LYS A 257 -43.88 -17.42 -7.65
CA LYS A 257 -42.62 -16.75 -7.38
C LYS A 257 -41.75 -16.62 -8.63
N GLY A 258 -42.34 -16.65 -9.81
CA GLY A 258 -41.59 -16.42 -11.03
C GLY A 258 -42.26 -17.05 -12.22
N ILE A 259 -41.73 -16.70 -13.40
CA ILE A 259 -42.18 -17.24 -14.67
C ILE A 259 -41.03 -17.19 -15.66
N LEU A 260 -41.15 -17.97 -16.73
CA LEU A 260 -40.12 -18.05 -17.76
C LEU A 260 -40.78 -17.96 -19.13
N LEU A 261 -40.11 -17.26 -20.05
CA LEU A 261 -40.60 -17.08 -21.41
C LEU A 261 -39.56 -17.58 -22.39
N TYR A 262 -40.02 -18.29 -23.42
CA TYR A 262 -39.14 -18.77 -24.48
C TYR A 262 -39.80 -18.51 -25.82
N GLY A 263 -38.96 -18.14 -26.80
CA GLY A 263 -39.44 -17.87 -28.13
C GLY A 263 -38.29 -17.55 -29.07
N PRO A 264 -38.60 -17.38 -30.36
CA PRO A 264 -37.54 -17.04 -31.30
C PRO A 264 -36.95 -15.69 -30.98
N PRO A 265 -35.66 -15.49 -31.22
CA PRO A 265 -35.04 -14.22 -30.84
C PRO A 265 -35.59 -13.06 -31.65
N GLY A 266 -35.58 -11.89 -31.01
CA GLY A 266 -36.07 -10.70 -31.69
C GLY A 266 -37.53 -10.77 -32.08
N CYS A 267 -38.38 -11.22 -31.16
CA CYS A 267 -39.83 -11.26 -31.39
C CYS A 267 -40.59 -10.45 -30.37
N GLY A 268 -39.91 -9.58 -29.62
CA GLY A 268 -40.57 -8.71 -28.67
C GLY A 268 -40.95 -9.40 -27.37
N LYS A 269 -39.96 -9.82 -26.61
CA LYS A 269 -40.20 -10.42 -25.30
C LYS A 269 -40.02 -9.44 -24.16
N THR A 270 -38.93 -8.67 -24.14
CA THR A 270 -38.67 -7.77 -23.02
C THR A 270 -39.81 -6.78 -22.82
N LEU A 271 -40.43 -6.35 -23.91
CA LEU A 271 -41.55 -5.42 -23.79
C LEU A 271 -42.65 -6.00 -22.90
N LEU A 272 -42.89 -7.30 -23.02
CA LEU A 272 -43.87 -7.94 -22.14
C LEU A 272 -43.47 -7.79 -20.69
N ALA A 273 -42.19 -8.01 -20.38
CA ALA A 273 -41.73 -7.91 -19.01
C ALA A 273 -41.92 -6.50 -18.48
N ARG A 274 -41.53 -5.50 -19.28
CA ARG A 274 -41.68 -4.12 -18.81
C ARG A 274 -43.14 -3.77 -18.60
N GLN A 275 -44.02 -4.18 -19.52
CA GLN A 275 -45.43 -3.85 -19.38
C GLN A 275 -46.03 -4.52 -18.14
N ILE A 276 -45.70 -5.79 -17.92
CA ILE A 276 -46.27 -6.49 -16.77
C ILE A 276 -45.74 -5.91 -15.47
N GLY A 277 -44.47 -5.51 -15.45
CA GLY A 277 -43.96 -4.83 -14.28
C GLY A 277 -44.65 -3.51 -14.02
N LYS A 278 -44.93 -2.76 -15.08
CA LYS A 278 -45.59 -1.46 -14.91
C LYS A 278 -47.01 -1.61 -14.40
N MET A 279 -47.80 -2.51 -15.01
CA MET A 279 -49.22 -2.55 -14.69
C MET A 279 -49.46 -2.91 -13.22
N LEU A 280 -48.63 -3.79 -12.67
CA LEU A 280 -48.80 -4.26 -11.30
C LEU A 280 -48.47 -3.21 -10.25
N ASN A 281 -48.03 -2.02 -10.66
CA ASN A 281 -47.60 -0.98 -9.72
C ASN A 281 -46.47 -1.49 -8.84
N ALA A 282 -45.36 -1.84 -9.48
CA ALA A 282 -44.15 -2.28 -8.81
C ALA A 282 -43.07 -1.21 -8.99
N ARG A 283 -41.90 -1.48 -8.42
CA ARG A 283 -40.80 -0.54 -8.48
C ARG A 283 -40.09 -0.67 -9.84
N GLU A 284 -38.97 0.01 -9.97
CA GLU A 284 -38.22 -0.03 -11.23
C GLU A 284 -37.62 -1.43 -11.43
N PRO A 285 -37.77 -2.03 -12.60
CA PRO A 285 -37.07 -3.29 -12.87
C PRO A 285 -35.57 -3.08 -12.86
N LYS A 286 -34.85 -4.12 -12.42
CA LYS A 286 -33.39 -4.09 -12.32
C LYS A 286 -32.85 -5.01 -13.42
N VAL A 287 -32.66 -4.45 -14.61
CA VAL A 287 -32.22 -5.25 -15.75
C VAL A 287 -30.82 -5.79 -15.49
N VAL A 288 -30.50 -6.91 -16.14
CA VAL A 288 -29.19 -7.52 -16.03
C VAL A 288 -29.01 -8.44 -17.24
N ASN A 289 -27.77 -8.73 -17.59
CA ASN A 289 -27.44 -9.51 -18.77
C ASN A 289 -26.77 -10.81 -18.36
N GLY A 290 -27.13 -11.90 -19.03
CA GLY A 290 -26.65 -13.22 -18.66
C GLY A 290 -25.15 -13.33 -18.73
N PRO A 291 -24.58 -13.27 -19.92
CA PRO A 291 -23.12 -13.33 -20.04
C PRO A 291 -22.40 -12.28 -19.21
N GLU A 292 -22.99 -11.09 -19.05
CA GLU A 292 -22.33 -10.05 -18.26
C GLU A 292 -22.02 -10.56 -16.86
N ILE A 293 -22.87 -11.40 -16.29
CA ILE A 293 -22.64 -11.92 -14.93
C ILE A 293 -21.77 -13.16 -15.10
N LEU A 294 -20.46 -12.93 -15.22
CA LEU A 294 -19.48 -13.99 -15.39
C LEU A 294 -18.08 -13.40 -15.21
N ASN A 295 -17.28 -14.03 -14.35
CA ASN A 295 -15.91 -13.60 -14.12
C ASN A 295 -15.02 -14.81 -13.98
N LYS A 296 -13.74 -14.63 -14.30
CA LYS A 296 -12.78 -15.71 -14.23
C LYS A 296 -12.16 -15.87 -12.85
N TYR A 297 -12.28 -14.84 -12.00
CA TYR A 297 -11.76 -14.95 -10.65
C TYR A 297 -12.64 -15.85 -9.80
N VAL A 298 -12.00 -16.70 -9.00
CA VAL A 298 -12.74 -17.68 -8.22
C VAL A 298 -13.60 -16.98 -7.17
N GLY A 299 -14.85 -17.40 -7.05
CA GLY A 299 -15.74 -16.86 -6.05
C GLY A 299 -16.04 -15.39 -6.22
N GLU A 300 -16.36 -14.97 -7.44
CA GLU A 300 -16.70 -13.58 -7.72
C GLU A 300 -18.09 -13.41 -8.30
N SER A 301 -18.50 -14.28 -9.24
CA SER A 301 -19.84 -14.16 -9.82
C SER A 301 -20.91 -14.27 -8.75
N GLU A 302 -20.65 -15.06 -7.71
CA GLU A 302 -21.64 -15.26 -6.66
C GLU A 302 -21.99 -13.95 -5.99
N ALA A 303 -21.00 -13.09 -5.80
CA ALA A 303 -21.27 -11.76 -5.23
C ALA A 303 -22.21 -10.97 -6.14
N ASN A 304 -21.98 -11.04 -7.45
CA ASN A 304 -22.87 -10.36 -8.38
C ASN A 304 -24.30 -10.87 -8.25
N ILE A 305 -24.47 -12.19 -8.23
CA ILE A 305 -25.81 -12.75 -8.13
C ILE A 305 -26.44 -12.33 -6.80
N ARG A 306 -25.65 -12.27 -5.73
CA ARG A 306 -26.19 -11.92 -4.43
C ARG A 306 -26.66 -10.47 -4.38
N LYS A 307 -25.86 -9.56 -4.94
CA LYS A 307 -26.15 -8.14 -4.77
C LYS A 307 -27.53 -7.75 -5.30
N LEU A 308 -28.06 -8.48 -6.27
CA LEU A 308 -29.31 -8.08 -6.90
C LEU A 308 -30.47 -8.01 -5.91
N PHE A 309 -30.41 -8.76 -4.81
CA PHE A 309 -31.51 -8.85 -3.87
C PHE A 309 -31.33 -7.97 -2.65
N ALA A 310 -30.32 -7.09 -2.65
CA ALA A 310 -30.06 -6.28 -1.46
C ALA A 310 -31.25 -5.39 -1.12
N ASP A 311 -31.80 -4.71 -2.12
CA ASP A 311 -32.91 -3.79 -1.86
C ASP A 311 -34.14 -4.54 -1.35
N ALA A 312 -34.46 -5.68 -1.98
CA ALA A 312 -35.59 -6.46 -1.53
C ALA A 312 -35.38 -6.95 -0.10
N GLU A 313 -34.17 -7.40 0.22
CA GLU A 313 -33.90 -7.85 1.58
C GLU A 313 -34.08 -6.70 2.58
N GLU A 314 -33.56 -5.52 2.25
CA GLU A 314 -33.67 -4.39 3.15
C GLU A 314 -35.14 -4.03 3.39
N GLU A 315 -35.91 -3.93 2.31
CA GLU A 315 -37.32 -3.58 2.46
C GLU A 315 -38.07 -4.63 3.26
N GLN A 316 -37.79 -5.91 3.00
CA GLN A 316 -38.47 -6.97 3.74
C GLN A 316 -38.14 -6.89 5.23
N ARG A 317 -36.86 -6.66 5.55
CA ARG A 317 -36.48 -6.54 6.95
C ARG A 317 -37.18 -5.37 7.62
N ARG A 318 -37.21 -4.21 6.95
CA ARG A 318 -37.73 -3.01 7.59
C ARG A 318 -39.25 -3.03 7.67
N LEU A 319 -39.92 -3.05 6.52
CA LEU A 319 -41.37 -2.93 6.48
C LEU A 319 -42.10 -4.22 6.83
N GLY A 320 -41.39 -5.32 7.03
CA GLY A 320 -42.03 -6.58 7.37
C GLY A 320 -42.80 -7.16 6.21
N ALA A 321 -44.13 -7.25 6.35
CA ALA A 321 -44.98 -7.89 5.36
C ALA A 321 -45.90 -6.89 4.67
N ASN A 322 -45.43 -5.66 4.48
CA ASN A 322 -46.19 -4.65 3.74
C ASN A 322 -45.34 -3.94 2.69
N SER A 323 -44.08 -4.35 2.52
CA SER A 323 -43.22 -3.69 1.55
C SER A 323 -43.80 -3.84 0.14
N GLY A 324 -43.22 -3.09 -0.80
CA GLY A 324 -43.66 -3.12 -2.17
C GLY A 324 -43.24 -4.39 -2.88
N LEU A 325 -43.27 -4.33 -4.21
CA LEU A 325 -42.91 -5.44 -5.06
C LEU A 325 -41.70 -5.07 -5.91
N HIS A 326 -40.66 -5.90 -5.84
CA HIS A 326 -39.49 -5.78 -6.70
C HIS A 326 -39.60 -6.81 -7.79
N ILE A 327 -39.07 -6.49 -8.98
CA ILE A 327 -39.01 -7.43 -10.09
C ILE A 327 -37.59 -7.43 -10.64
N ILE A 328 -37.07 -8.62 -10.91
CA ILE A 328 -35.72 -8.80 -11.44
C ILE A 328 -35.84 -9.51 -12.79
N ILE A 329 -35.19 -8.95 -13.80
CA ILE A 329 -35.33 -9.43 -15.18
C ILE A 329 -33.97 -9.89 -15.66
N PHE A 330 -33.77 -11.20 -15.74
CA PHE A 330 -32.57 -11.78 -16.32
C PHE A 330 -32.64 -11.64 -17.84
N ASP A 331 -31.64 -12.16 -18.55
CA ASP A 331 -31.67 -12.13 -20.00
C ASP A 331 -30.67 -13.16 -20.50
N GLU A 332 -31.15 -14.12 -21.28
CA GLU A 332 -30.43 -15.37 -21.57
C GLU A 332 -30.05 -16.06 -20.26
N ILE A 333 -31.07 -16.54 -19.55
CA ILE A 333 -30.85 -17.19 -18.27
C ILE A 333 -30.00 -18.45 -18.46
N ASP A 334 -29.99 -18.99 -19.68
CA ASP A 334 -29.20 -20.17 -19.96
C ASP A 334 -27.70 -19.92 -19.77
N ALA A 335 -27.30 -18.65 -19.67
CA ALA A 335 -25.89 -18.33 -19.48
C ALA A 335 -25.30 -19.08 -18.29
N ILE A 336 -26.09 -19.25 -17.24
CA ILE A 336 -25.62 -19.87 -15.99
C ILE A 336 -26.39 -21.18 -15.79
N CYS A 337 -25.80 -22.26 -16.28
CA CYS A 337 -26.37 -23.59 -16.14
C CYS A 337 -25.26 -24.61 -16.32
N LYS A 338 -25.28 -25.67 -15.52
CA LYS A 338 -24.34 -26.78 -15.70
C LYS A 338 -24.95 -27.87 -16.58
N GLN A 339 -25.50 -27.46 -17.73
CA GLN A 339 -26.09 -28.38 -18.67
C GLN A 339 -25.49 -28.20 -20.05
N ARG A 340 -25.08 -26.97 -20.38
CA ARG A 340 -24.38 -26.74 -21.63
C ARG A 340 -23.10 -27.55 -21.71
N GLY A 341 -22.56 -27.95 -20.55
CA GLY A 341 -21.35 -28.76 -20.55
C GLY A 341 -21.55 -30.16 -21.06
N SER A 342 -22.79 -30.63 -21.13
CA SER A 342 -23.04 -31.96 -21.66
C SER A 342 -22.58 -32.07 -23.11
N MET A 343 -22.91 -31.08 -23.93
CA MET A 343 -22.49 -31.10 -25.32
C MET A 343 -20.96 -31.08 -25.42
N ALA A 344 -20.46 -31.48 -26.58
CA ALA A 344 -19.02 -31.54 -26.80
C ALA A 344 -18.38 -30.18 -26.63
N GLY A 345 -17.55 -30.05 -25.60
CA GLY A 345 -16.89 -28.78 -25.31
C GLY A 345 -16.40 -28.76 -23.87
N SER A 346 -16.12 -27.55 -23.39
CA SER A 346 -15.71 -27.36 -21.99
C SER A 346 -16.27 -26.01 -21.53
N THR A 347 -17.45 -26.05 -20.93
CA THR A 347 -18.12 -24.85 -20.42
C THR A 347 -18.82 -25.17 -19.10
N GLY A 348 -18.10 -25.85 -18.20
CA GLY A 348 -18.69 -26.29 -16.94
C GLY A 348 -19.23 -25.15 -16.10
N VAL A 349 -18.83 -23.91 -16.41
CA VAL A 349 -19.33 -22.70 -15.76
C VAL A 349 -19.43 -22.84 -14.25
N HIS A 350 -18.59 -23.68 -13.65
CA HIS A 350 -18.40 -23.68 -12.20
C HIS A 350 -19.75 -23.66 -11.47
N ASP A 351 -20.43 -24.80 -11.53
CA ASP A 351 -21.86 -24.93 -11.25
C ASP A 351 -22.32 -24.10 -10.06
N THR A 352 -21.42 -23.81 -9.11
CA THR A 352 -21.73 -23.07 -7.91
C THR A 352 -22.77 -21.96 -8.13
N VAL A 353 -22.71 -21.31 -9.30
CA VAL A 353 -23.60 -20.19 -9.59
C VAL A 353 -25.05 -20.60 -9.42
N VAL A 354 -25.44 -21.74 -10.01
CA VAL A 354 -26.84 -22.15 -9.98
C VAL A 354 -27.27 -22.43 -8.55
N ASN A 355 -26.38 -23.05 -7.76
CA ASN A 355 -26.69 -23.32 -6.37
C ASN A 355 -26.93 -22.02 -5.62
N GLN A 356 -26.09 -21.02 -5.86
CA GLN A 356 -26.28 -19.72 -5.22
C GLN A 356 -27.64 -19.13 -5.58
N LEU A 357 -27.97 -19.16 -6.88
CA LEU A 357 -29.24 -18.60 -7.31
C LEU A 357 -30.42 -19.31 -6.65
N LEU A 358 -30.37 -20.64 -6.61
CA LEU A 358 -31.44 -21.40 -5.98
C LEU A 358 -31.55 -21.04 -4.51
N SER A 359 -30.45 -21.10 -3.78
CA SER A 359 -30.48 -20.82 -2.35
C SER A 359 -30.85 -19.38 -2.04
N LYS A 360 -30.79 -18.48 -3.03
CA LYS A 360 -31.29 -17.14 -2.81
C LYS A 360 -32.78 -17.00 -3.11
N ILE A 361 -33.27 -17.63 -4.18
CA ILE A 361 -34.69 -17.52 -4.47
C ILE A 361 -35.52 -18.10 -3.33
N ASP A 362 -35.14 -19.28 -2.85
CA ASP A 362 -35.77 -19.90 -1.69
C ASP A 362 -34.66 -20.39 -0.76
N GLY A 363 -35.04 -21.14 0.26
CA GLY A 363 -34.08 -21.72 1.17
C GLY A 363 -34.49 -21.47 2.60
N VAL A 364 -33.48 -21.44 3.50
CA VAL A 364 -33.76 -21.31 4.91
C VAL A 364 -34.45 -19.97 5.21
N GLU A 365 -33.98 -18.89 4.60
CA GLU A 365 -34.60 -17.59 4.74
C GLU A 365 -35.66 -17.41 3.66
N GLN A 366 -36.82 -16.91 4.05
CA GLN A 366 -37.97 -16.83 3.16
C GLN A 366 -38.18 -15.38 2.73
N LEU A 367 -38.37 -15.19 1.42
CA LEU A 367 -38.70 -13.88 0.86
C LEU A 367 -40.08 -13.96 0.24
N ASN A 368 -40.92 -12.96 0.54
CA ASN A 368 -42.29 -12.92 0.06
C ASN A 368 -42.59 -11.66 -0.73
N ASN A 369 -41.55 -11.03 -1.29
CA ASN A 369 -41.71 -9.76 -1.97
C ASN A 369 -40.87 -9.72 -3.24
N ILE A 370 -40.83 -10.83 -3.98
CA ILE A 370 -39.99 -10.94 -5.16
C ILE A 370 -40.79 -11.57 -6.29
N LEU A 371 -40.39 -11.24 -7.51
CA LEU A 371 -40.94 -11.86 -8.72
C LEU A 371 -39.83 -11.90 -9.75
N VAL A 372 -39.43 -13.09 -10.18
CA VAL A 372 -38.31 -13.28 -11.09
C VAL A 372 -38.86 -13.59 -12.47
N ILE A 373 -38.41 -12.85 -13.48
CA ILE A 373 -38.79 -13.04 -14.87
C ILE A 373 -37.52 -13.30 -15.66
N GLY A 374 -37.51 -14.41 -16.39
CA GLY A 374 -36.36 -14.81 -17.19
C GLY A 374 -36.73 -14.85 -18.67
N MET A 375 -35.73 -14.59 -19.51
CA MET A 375 -35.89 -14.62 -20.95
C MET A 375 -34.75 -15.42 -21.56
N THR A 376 -35.09 -16.33 -22.46
CA THR A 376 -34.09 -17.21 -23.06
C THR A 376 -34.52 -17.57 -24.47
N ASN A 377 -33.63 -18.27 -25.17
CA ASN A 377 -33.84 -18.64 -26.56
C ASN A 377 -33.69 -20.13 -26.82
N ARG A 378 -32.88 -20.84 -26.03
CA ARG A 378 -32.68 -22.27 -26.17
C ARG A 378 -33.34 -22.97 -24.99
N PRO A 379 -34.64 -23.27 -25.07
CA PRO A 379 -35.34 -23.80 -23.88
C PRO A 379 -34.78 -25.12 -23.37
N ASP A 380 -34.15 -25.90 -24.23
CA ASP A 380 -33.66 -27.23 -23.87
C ASP A 380 -32.52 -27.17 -22.84
N LEU A 381 -31.64 -26.19 -22.94
CA LEU A 381 -30.38 -26.19 -22.20
C LEU A 381 -30.54 -25.75 -20.74
N ILE A 382 -31.76 -25.45 -20.31
CA ILE A 382 -31.99 -25.01 -18.94
C ILE A 382 -31.92 -26.22 -18.02
N ASP A 383 -31.28 -26.05 -16.87
CA ASP A 383 -31.25 -27.10 -15.87
C ASP A 383 -32.66 -27.41 -15.41
N GLU A 384 -32.93 -28.70 -15.17
CA GLU A 384 -34.28 -29.12 -14.78
C GLU A 384 -34.66 -28.54 -13.42
N ALA A 385 -33.69 -28.46 -12.51
CA ALA A 385 -34.01 -28.11 -11.13
C ALA A 385 -34.68 -26.76 -11.01
N LEU A 386 -34.56 -25.90 -12.02
CA LEU A 386 -35.16 -24.58 -12.00
C LEU A 386 -36.62 -24.60 -12.46
N LEU A 387 -37.28 -25.76 -12.40
CA LEU A 387 -38.67 -25.85 -12.83
C LEU A 387 -39.55 -26.59 -11.84
N ARG A 388 -39.04 -27.02 -10.70
CA ARG A 388 -39.85 -27.72 -9.72
C ARG A 388 -40.84 -26.75 -9.08
N PRO A 389 -41.97 -27.25 -8.59
CA PRO A 389 -42.91 -26.37 -7.88
C PRO A 389 -42.25 -25.68 -6.71
N GLY A 390 -42.66 -24.43 -6.49
CA GLY A 390 -42.01 -23.56 -5.52
C GLY A 390 -40.90 -22.72 -6.08
N ARG A 391 -40.53 -22.92 -7.35
CA ARG A 391 -39.58 -22.09 -8.06
C ARG A 391 -40.21 -21.72 -9.40
N LEU A 392 -39.41 -21.22 -10.35
CA LEU A 392 -39.96 -20.90 -11.66
C LEU A 392 -40.82 -22.06 -12.11
N GLU A 393 -42.13 -21.84 -12.25
CA GLU A 393 -43.07 -22.94 -12.38
C GLU A 393 -44.22 -22.58 -13.33
N VAL A 394 -43.95 -21.71 -14.29
CA VAL A 394 -44.93 -21.40 -15.34
C VAL A 394 -44.18 -21.08 -16.61
N LYS A 395 -44.46 -21.83 -17.67
CA LYS A 395 -43.84 -21.61 -18.97
C LYS A 395 -44.85 -21.04 -19.96
N MET A 396 -44.33 -20.41 -21.00
CA MET A 396 -45.16 -19.82 -22.04
C MET A 396 -44.34 -19.73 -23.32
N GLU A 397 -45.04 -19.65 -24.45
CA GLU A 397 -44.41 -19.63 -25.76
C GLU A 397 -44.84 -18.38 -26.50
N ILE A 398 -43.89 -17.73 -27.17
CA ILE A 398 -44.13 -16.55 -27.98
C ILE A 398 -43.73 -16.90 -29.41
N GLY A 399 -44.71 -17.34 -30.21
CA GLY A 399 -44.46 -17.73 -31.57
C GLY A 399 -44.32 -16.54 -32.50
N LEU A 400 -44.07 -16.85 -33.77
CA LEU A 400 -43.90 -15.80 -34.77
C LEU A 400 -45.21 -15.07 -34.99
N PRO A 401 -45.15 -13.81 -35.43
CA PRO A 401 -46.37 -13.06 -35.71
C PRO A 401 -47.02 -13.52 -37.01
N ASP A 402 -48.26 -13.11 -37.20
CA ASP A 402 -49.04 -13.45 -38.38
C ASP A 402 -49.47 -12.18 -39.10
N GLU A 403 -50.34 -12.36 -40.10
CA GLU A 403 -50.78 -11.24 -40.93
C GLU A 403 -51.36 -10.11 -40.08
N LYS A 404 -52.30 -10.45 -39.19
CA LYS A 404 -52.94 -9.41 -38.37
C LYS A 404 -51.93 -8.73 -37.46
N GLY A 405 -51.03 -9.50 -36.86
CA GLY A 405 -50.01 -8.91 -36.01
C GLY A 405 -49.10 -7.97 -36.79
N ARG A 406 -48.68 -8.39 -37.99
CA ARG A 406 -47.87 -7.52 -38.82
C ARG A 406 -48.62 -6.24 -39.14
N LEU A 407 -49.91 -6.35 -39.46
CA LEU A 407 -50.71 -5.16 -39.75
C LEU A 407 -50.72 -4.22 -38.54
N GLN A 408 -50.98 -4.76 -37.36
CA GLN A 408 -51.05 -3.92 -36.16
C GLN A 408 -49.72 -3.24 -35.91
N ILE A 409 -48.61 -3.98 -36.01
CA ILE A 409 -47.31 -3.40 -35.71
C ILE A 409 -46.98 -2.30 -36.72
N LEU A 410 -47.22 -2.57 -38.01
CA LEU A 410 -46.95 -1.56 -39.01
C LEU A 410 -47.79 -0.31 -38.77
N HIS A 411 -49.07 -0.48 -38.45
CA HIS A 411 -49.92 0.66 -38.14
C HIS A 411 -49.37 1.44 -36.95
N ILE A 412 -48.95 0.73 -35.90
CA ILE A 412 -48.47 1.40 -34.70
C ILE A 412 -47.24 2.24 -35.02
N HIS A 413 -46.27 1.65 -35.71
CA HIS A 413 -45.00 2.35 -35.90
C HIS A 413 -45.09 3.47 -36.92
N THR A 414 -46.21 3.62 -37.63
CA THR A 414 -46.39 4.67 -38.62
C THR A 414 -47.39 5.73 -38.17
N ALA A 415 -47.63 5.86 -36.86
CA ALA A 415 -48.60 6.83 -36.38
C ALA A 415 -48.12 8.25 -36.60
N ARG A 416 -46.83 8.50 -36.38
CA ARG A 416 -46.31 9.87 -36.48
C ARG A 416 -46.49 10.42 -37.89
N MET A 417 -46.18 9.62 -38.91
CA MET A 417 -46.29 10.11 -40.28
C MET A 417 -47.73 10.45 -40.63
N ARG A 418 -48.68 9.60 -40.21
CA ARG A 418 -50.09 9.90 -40.44
C ARG A 418 -50.50 11.17 -39.70
N GLY A 419 -50.03 11.34 -38.47
CA GLY A 419 -50.37 12.54 -37.73
C GLY A 419 -49.88 13.80 -38.41
N HIS A 420 -48.65 13.78 -38.90
CA HIS A 420 -48.07 14.92 -39.60
C HIS A 420 -48.36 14.90 -41.10
N GLN A 421 -49.06 13.87 -41.58
CA GLN A 421 -49.43 13.72 -42.99
C GLN A 421 -48.22 13.65 -43.91
N LEU A 422 -47.01 13.49 -43.36
CA LEU A 422 -45.82 13.47 -44.20
C LEU A 422 -45.79 12.24 -45.10
N LEU A 423 -46.45 11.16 -44.70
CA LEU A 423 -46.50 9.97 -45.54
C LEU A 423 -47.29 10.26 -46.81
N SER A 424 -46.86 9.64 -47.90
CA SER A 424 -47.63 9.70 -49.13
C SER A 424 -48.95 8.96 -48.96
N ALA A 425 -50.00 9.51 -49.57
CA ALA A 425 -51.29 8.81 -49.57
C ALA A 425 -51.25 7.54 -50.41
N ASP A 426 -50.27 7.44 -51.32
CA ASP A 426 -50.22 6.29 -52.22
C ASP A 426 -50.01 4.98 -51.47
N VAL A 427 -49.27 5.02 -50.37
CA VAL A 427 -48.89 3.78 -49.68
C VAL A 427 -50.06 3.26 -48.87
N ASP A 428 -50.25 1.95 -48.91
CA ASP A 428 -51.18 1.23 -48.05
C ASP A 428 -50.40 0.51 -46.97
N ILE A 429 -51.10 -0.22 -46.12
CA ILE A 429 -50.45 -1.02 -45.09
C ILE A 429 -50.81 -2.49 -45.27
N LYS A 430 -52.01 -2.74 -45.80
CA LYS A 430 -52.42 -4.13 -46.03
C LYS A 430 -51.54 -4.79 -47.08
N GLU A 431 -51.23 -4.07 -48.17
CA GLU A 431 -50.38 -4.62 -49.21
C GLU A 431 -49.02 -4.99 -48.66
N LEU A 432 -48.39 -4.07 -47.94
CA LEU A 432 -47.08 -4.35 -47.35
C LEU A 432 -47.18 -5.49 -46.35
N ALA A 433 -48.27 -5.52 -45.56
CA ALA A 433 -48.42 -6.57 -44.57
C ALA A 433 -48.48 -7.94 -45.23
N VAL A 434 -49.25 -8.08 -46.31
CA VAL A 434 -49.30 -9.36 -47.01
C VAL A 434 -47.97 -9.65 -47.68
N GLU A 435 -47.23 -8.62 -48.08
CA GLU A 435 -45.94 -8.84 -48.71
C GLU A 435 -44.98 -9.54 -47.76
N THR A 436 -44.82 -9.00 -46.56
CA THR A 436 -43.92 -9.59 -45.57
C THR A 436 -44.48 -10.94 -45.13
N LYS A 437 -43.78 -12.02 -45.47
CA LYS A 437 -44.29 -13.35 -45.17
C LYS A 437 -43.95 -13.77 -43.74
N ASN A 438 -42.67 -13.88 -43.43
CA ASN A 438 -42.20 -14.45 -42.18
C ASN A 438 -41.21 -13.51 -41.49
N PHE A 439 -41.46 -12.22 -41.56
CA PHE A 439 -40.62 -11.27 -40.87
C PHE A 439 -40.77 -11.43 -39.35
N SER A 440 -39.96 -10.67 -38.62
CA SER A 440 -40.06 -10.60 -37.16
C SER A 440 -40.27 -9.16 -36.74
N GLY A 441 -40.45 -8.97 -35.43
CA GLY A 441 -40.79 -7.65 -34.93
C GLY A 441 -39.81 -6.58 -35.38
N ALA A 442 -38.53 -6.74 -35.02
CA ALA A 442 -37.55 -5.71 -35.31
C ALA A 442 -37.46 -5.42 -36.80
N GLU A 443 -37.79 -6.40 -37.65
CA GLU A 443 -37.62 -6.20 -39.08
C GLU A 443 -38.57 -5.14 -39.61
N LEU A 444 -39.79 -5.07 -39.07
CA LEU A 444 -40.73 -4.06 -39.54
C LEU A 444 -40.24 -2.65 -39.22
N GLU A 445 -39.73 -2.46 -38.00
CA GLU A 445 -39.15 -1.17 -37.64
C GLU A 445 -37.97 -0.82 -38.52
N GLY A 446 -37.09 -1.80 -38.76
CA GLY A 446 -35.96 -1.56 -39.65
C GLY A 446 -36.40 -1.18 -41.04
N LEU A 447 -37.45 -1.84 -41.54
CA LEU A 447 -37.98 -1.52 -42.85
C LEU A 447 -38.50 -0.10 -42.91
N VAL A 448 -39.24 0.32 -41.88
CA VAL A 448 -39.75 1.69 -41.86
C VAL A 448 -38.60 2.68 -41.86
N ARG A 449 -37.59 2.44 -41.02
CA ARG A 449 -36.46 3.35 -40.95
C ARG A 449 -35.73 3.45 -42.29
N ALA A 450 -35.48 2.29 -42.91
CA ALA A 450 -34.78 2.28 -44.18
C ALA A 450 -35.58 2.99 -45.26
N ALA A 451 -36.90 2.78 -45.28
CA ALA A 451 -37.73 3.46 -46.25
C ALA A 451 -37.66 4.97 -46.07
N GLN A 452 -37.73 5.44 -44.83
CA GLN A 452 -37.60 6.88 -44.59
C GLN A 452 -36.27 7.39 -45.12
N SER A 453 -35.19 6.69 -44.79
CA SER A 453 -33.86 7.14 -45.20
C SER A 453 -33.75 7.22 -46.72
N THR A 454 -34.19 6.17 -47.41
CA THR A 454 -34.09 6.16 -48.87
C THR A 454 -34.97 7.22 -49.50
N ALA A 455 -36.21 7.36 -49.03
CA ALA A 455 -37.10 8.37 -49.60
C ALA A 455 -36.49 9.75 -49.49
N MET A 456 -35.98 10.09 -48.30
CA MET A 456 -35.37 11.40 -48.11
C MET A 456 -34.11 11.58 -48.95
N ASN A 457 -33.26 10.54 -49.02
CA ASN A 457 -32.08 10.66 -49.87
C ASN A 457 -32.47 10.95 -51.31
N ARG A 458 -33.48 10.25 -51.81
CA ARG A 458 -33.96 10.50 -53.16
C ARG A 458 -34.46 11.93 -53.29
N HIS A 459 -35.21 12.41 -52.30
CA HIS A 459 -35.78 13.74 -52.39
C HIS A 459 -34.68 14.80 -52.43
N ILE A 460 -33.67 14.67 -51.57
CA ILE A 460 -32.60 15.66 -51.53
C ILE A 460 -31.79 15.62 -52.82
N LYS A 461 -31.51 14.41 -53.32
CA LYS A 461 -30.75 14.32 -54.56
C LYS A 461 -31.53 14.93 -55.72
N ALA A 462 -32.84 14.70 -55.77
CA ALA A 462 -33.65 15.29 -56.83
C ALA A 462 -33.68 16.80 -56.70
N SER A 463 -33.83 17.32 -55.48
CA SER A 463 -33.85 18.76 -55.28
C SER A 463 -32.53 19.40 -55.73
N THR A 464 -31.41 18.78 -55.38
CA THR A 464 -30.12 19.30 -55.83
C THR A 464 -29.99 19.22 -57.34
N LYS A 465 -30.39 18.09 -57.95
CA LYS A 465 -30.29 17.93 -59.39
C LYS A 465 -31.28 18.82 -60.11
N VAL A 466 -32.54 18.81 -59.67
CA VAL A 466 -33.60 19.60 -60.27
C VAL A 466 -34.00 20.67 -59.28
N GLU A 467 -33.92 21.93 -59.71
CA GLU A 467 -34.27 23.05 -58.83
C GLU A 467 -35.78 23.15 -58.70
N VAL A 468 -36.37 22.16 -58.02
CA VAL A 468 -37.82 22.14 -57.86
C VAL A 468 -38.27 23.33 -57.04
N ASP A 469 -39.48 23.81 -57.31
CA ASP A 469 -40.06 24.88 -56.51
C ASP A 469 -40.12 24.45 -55.05
N MET A 470 -40.07 25.41 -54.12
CA MET A 470 -40.01 25.07 -52.71
C MET A 470 -41.16 24.18 -52.29
N GLU A 471 -42.32 24.29 -52.96
CA GLU A 471 -43.50 23.54 -52.52
C GLU A 471 -43.18 22.07 -52.36
N LYS A 472 -42.49 21.47 -53.33
CA LYS A 472 -42.07 20.09 -53.21
C LYS A 472 -40.83 19.93 -52.34
N ALA A 473 -40.00 20.97 -52.25
CA ALA A 473 -38.79 20.86 -51.43
C ALA A 473 -39.15 20.65 -49.95
N GLU A 474 -40.06 21.46 -49.42
CA GLU A 474 -40.53 21.23 -48.06
C GLU A 474 -41.22 19.88 -47.96
N SER A 475 -42.03 19.54 -48.96
CA SER A 475 -42.66 18.23 -48.98
C SER A 475 -41.59 17.15 -48.98
N LEU A 476 -41.74 16.19 -48.07
CA LEU A 476 -40.82 15.06 -47.94
C LEU A 476 -41.58 13.76 -47.99
N GLN A 477 -42.52 13.65 -48.92
CA GLN A 477 -43.34 12.45 -49.04
C GLN A 477 -42.46 11.23 -49.27
N VAL A 478 -42.69 10.19 -48.46
CA VAL A 478 -41.91 8.98 -48.61
C VAL A 478 -42.26 8.21 -49.88
N THR A 479 -43.46 8.42 -50.42
CA THR A 479 -43.89 7.72 -51.62
C THR A 479 -43.95 6.22 -51.36
N ARG A 480 -44.27 5.45 -52.39
CA ARG A 480 -44.37 4.00 -52.27
C ARG A 480 -43.16 3.26 -52.83
N GLY A 481 -42.46 3.85 -53.80
CA GLY A 481 -41.32 3.17 -54.38
C GLY A 481 -40.25 2.85 -53.34
N ASP A 482 -40.06 3.76 -52.39
CA ASP A 482 -39.04 3.55 -51.37
C ASP A 482 -39.28 2.27 -50.59
N PHE A 483 -40.53 2.03 -50.20
CA PHE A 483 -40.82 0.86 -49.38
C PHE A 483 -40.42 -0.42 -50.12
N LEU A 484 -40.89 -0.58 -51.35
CA LEU A 484 -40.58 -1.80 -52.09
C LEU A 484 -39.10 -1.92 -52.37
N ALA A 485 -38.46 -0.81 -52.76
CA ALA A 485 -37.03 -0.85 -53.06
C ALA A 485 -36.23 -1.30 -51.86
N SER A 486 -36.45 -0.67 -50.71
CA SER A 486 -35.73 -1.06 -49.50
C SER A 486 -36.07 -2.48 -49.11
N LEU A 487 -37.34 -2.87 -49.22
CA LEU A 487 -37.74 -4.22 -48.88
C LEU A 487 -36.95 -5.25 -49.68
N GLU A 488 -36.80 -5.02 -50.97
CA GLU A 488 -36.12 -5.98 -51.82
C GLU A 488 -34.60 -5.84 -51.78
N ASN A 489 -34.07 -4.74 -51.26
CA ASN A 489 -32.64 -4.48 -51.34
C ASN A 489 -31.96 -4.24 -50.00
N ASP A 490 -32.71 -3.96 -48.93
CA ASP A 490 -32.11 -3.56 -47.67
C ASP A 490 -32.24 -4.61 -46.57
N ILE A 491 -33.46 -5.05 -46.27
CA ILE A 491 -33.68 -5.96 -45.15
C ILE A 491 -33.61 -7.40 -45.65
N LYS A 492 -32.94 -8.24 -44.87
CA LYS A 492 -32.79 -9.67 -45.19
C LYS A 492 -33.26 -10.48 -43.99
N PRO A 493 -34.54 -10.84 -43.93
CA PRO A 493 -35.03 -11.60 -42.78
C PRO A 493 -34.28 -12.92 -42.64
N ALA A 494 -34.00 -13.29 -41.39
CA ALA A 494 -33.32 -14.54 -41.13
C ALA A 494 -34.20 -15.75 -41.36
N PHE A 495 -35.50 -15.65 -41.10
CA PHE A 495 -36.42 -16.77 -41.18
C PHE A 495 -37.16 -16.84 -42.51
N GLY A 496 -36.84 -15.96 -43.45
CA GLY A 496 -37.57 -15.85 -44.70
C GLY A 496 -36.79 -16.38 -45.89
N THR A 497 -37.46 -16.35 -47.03
CA THR A 497 -36.81 -16.76 -48.28
C THR A 497 -35.69 -15.81 -48.64
N ASN A 498 -34.62 -16.35 -49.20
CA ASN A 498 -33.48 -15.57 -49.68
C ASN A 498 -33.40 -15.75 -51.19
N GLN A 499 -33.97 -14.80 -51.93
CA GLN A 499 -33.90 -14.85 -53.38
C GLN A 499 -32.48 -14.75 -53.91
N GLU A 500 -31.55 -14.26 -53.09
CA GLU A 500 -30.18 -14.05 -53.55
C GLU A 500 -29.49 -15.37 -53.86
N ASP A 501 -29.61 -16.34 -52.95
CA ASP A 501 -28.77 -17.54 -53.03
C ASP A 501 -28.99 -18.32 -54.32
N TYR A 502 -30.16 -18.21 -54.94
CA TYR A 502 -30.41 -18.99 -56.15
C TYR A 502 -29.35 -18.74 -57.21
N ALA A 503 -29.05 -17.47 -57.49
CA ALA A 503 -28.10 -17.16 -58.55
C ALA A 503 -26.74 -17.77 -58.27
N SER A 504 -26.36 -17.88 -57.00
CA SER A 504 -25.05 -18.43 -56.65
C SER A 504 -24.89 -19.89 -57.02
N TYR A 505 -25.97 -20.60 -57.29
CA TYR A 505 -25.91 -22.00 -57.71
C TYR A 505 -26.51 -22.23 -59.08
N ILE A 506 -27.66 -21.63 -59.38
CA ILE A 506 -28.24 -21.67 -60.73
C ILE A 506 -27.63 -20.49 -61.47
N MET A 507 -26.48 -20.74 -62.11
CA MET A 507 -25.74 -19.68 -62.78
C MET A 507 -26.10 -19.56 -64.26
N ASN A 508 -26.67 -20.61 -64.86
CA ASN A 508 -26.97 -20.62 -66.28
C ASN A 508 -28.39 -21.08 -66.56
N GLY A 509 -29.31 -20.92 -65.61
CA GLY A 509 -30.66 -21.35 -65.82
C GLY A 509 -30.73 -22.83 -66.17
N ILE A 510 -31.92 -23.25 -66.62
CA ILE A 510 -32.17 -24.62 -67.02
C ILE A 510 -32.77 -24.61 -68.42
N ILE A 511 -32.16 -25.38 -69.32
CA ILE A 511 -32.62 -25.51 -70.69
C ILE A 511 -33.06 -26.94 -70.91
N LYS A 512 -34.30 -27.11 -71.38
CA LYS A 512 -34.84 -28.44 -71.60
C LYS A 512 -34.15 -29.05 -72.82
N TRP A 513 -33.28 -30.03 -72.57
CA TRP A 513 -32.58 -30.71 -73.65
C TRP A 513 -33.04 -32.16 -73.82
N GLY A 514 -33.73 -32.73 -72.85
CA GLY A 514 -34.16 -34.11 -72.94
C GLY A 514 -35.36 -34.37 -72.07
N ASP A 515 -36.03 -35.48 -72.36
CA ASP A 515 -37.23 -35.85 -71.61
C ASP A 515 -36.99 -35.95 -70.11
N PRO A 516 -35.87 -36.51 -69.62
CA PRO A 516 -35.76 -36.75 -68.17
C PRO A 516 -35.97 -35.50 -67.32
N VAL A 517 -35.58 -34.33 -67.80
CA VAL A 517 -35.74 -33.11 -67.02
C VAL A 517 -37.21 -32.93 -66.65
N THR A 518 -38.10 -33.08 -67.63
CA THR A 518 -39.52 -32.89 -67.37
C THR A 518 -40.03 -33.90 -66.35
N ARG A 519 -39.63 -35.16 -66.48
CA ARG A 519 -40.07 -36.19 -65.54
C ARG A 519 -39.63 -35.84 -64.12
N VAL A 520 -38.36 -35.43 -63.96
CA VAL A 520 -37.85 -35.11 -62.64
C VAL A 520 -38.62 -33.93 -62.05
N LEU A 521 -38.84 -32.89 -62.84
CA LEU A 521 -39.56 -31.73 -62.33
C LEU A 521 -40.98 -32.10 -61.93
N ASP A 522 -41.65 -32.92 -62.73
CA ASP A 522 -43.00 -33.34 -62.39
C ASP A 522 -43.04 -34.14 -61.10
N ASP A 523 -42.07 -35.05 -60.92
CA ASP A 523 -42.02 -35.82 -59.68
C ASP A 523 -41.79 -34.91 -58.49
N GLY A 524 -40.92 -33.91 -58.65
CA GLY A 524 -40.75 -32.93 -57.58
C GLY A 524 -42.04 -32.21 -57.26
N GLU A 525 -42.80 -31.83 -58.28
CA GLU A 525 -44.09 -31.18 -58.05
C GLU A 525 -45.03 -32.09 -57.27
N LEU A 526 -45.07 -33.37 -57.64
CA LEU A 526 -45.93 -34.31 -56.91
C LEU A 526 -45.51 -34.40 -55.45
N LEU A 527 -44.20 -34.47 -55.20
CA LEU A 527 -43.73 -34.53 -53.81
C LEU A 527 -44.14 -33.28 -53.04
N VAL A 528 -44.00 -32.12 -53.67
CA VAL A 528 -44.38 -30.87 -53.00
C VAL A 528 -45.87 -30.89 -52.66
N GLN A 529 -46.71 -31.23 -53.64
CA GLN A 529 -48.13 -31.34 -53.38
C GLN A 529 -48.40 -32.30 -52.23
N GLN A 530 -47.65 -33.40 -52.20
CA GLN A 530 -47.87 -34.41 -51.17
C GLN A 530 -47.58 -33.85 -49.79
N THR A 531 -46.46 -33.15 -49.65
CA THR A 531 -46.06 -32.65 -48.34
C THR A 531 -46.95 -31.50 -47.89
N LYS A 532 -47.51 -30.71 -48.81
CA LYS A 532 -48.29 -29.56 -48.40
C LYS A 532 -49.54 -29.99 -47.63
N ASN A 533 -50.42 -30.75 -48.28
CA ASN A 533 -51.75 -31.06 -47.74
C ASN A 533 -51.89 -32.57 -47.56
N SER A 534 -51.67 -33.05 -46.34
CA SER A 534 -51.89 -34.44 -46.00
C SER A 534 -51.58 -34.63 -44.52
N ASP A 535 -52.03 -35.77 -43.99
CA ASP A 535 -51.76 -36.17 -42.62
C ASP A 535 -51.16 -37.57 -42.61
N ARG A 536 -50.87 -38.07 -41.41
CA ARG A 536 -50.21 -39.35 -41.18
C ARG A 536 -48.79 -39.37 -41.72
N THR A 537 -48.30 -38.28 -42.30
CA THR A 537 -46.98 -38.25 -42.91
C THR A 537 -46.46 -36.82 -42.84
N PRO A 538 -46.23 -36.27 -41.64
CA PRO A 538 -45.75 -34.90 -41.53
C PRO A 538 -44.31 -34.71 -41.98
N LEU A 539 -43.59 -35.79 -42.28
CA LEU A 539 -42.21 -35.71 -42.74
C LEU A 539 -42.03 -36.54 -43.99
N VAL A 540 -41.31 -35.99 -44.96
CA VAL A 540 -41.04 -36.66 -46.22
C VAL A 540 -39.57 -36.50 -46.55
N SER A 541 -39.06 -37.38 -47.41
CA SER A 541 -37.66 -37.32 -47.82
C SER A 541 -37.55 -37.79 -49.26
N VAL A 542 -36.43 -37.42 -49.89
CA VAL A 542 -36.16 -37.81 -51.27
C VAL A 542 -34.69 -37.60 -51.52
N LEU A 543 -34.10 -38.48 -52.33
CA LEU A 543 -32.66 -38.45 -52.60
C LEU A 543 -32.43 -38.46 -54.11
N LEU A 544 -31.49 -37.64 -54.55
CA LEU A 544 -31.10 -37.56 -55.95
C LEU A 544 -29.73 -38.18 -56.13
N GLU A 545 -29.57 -38.98 -57.18
CA GLU A 545 -28.32 -39.67 -57.46
C GLU A 545 -28.02 -39.58 -58.96
N GLY A 546 -26.75 -39.37 -59.27
CA GLY A 546 -26.32 -39.33 -60.65
C GLY A 546 -24.81 -39.32 -60.76
N PRO A 547 -24.30 -39.60 -61.95
CA PRO A 547 -22.85 -39.61 -62.16
C PRO A 547 -22.27 -38.22 -61.97
N PRO A 548 -20.95 -38.12 -61.77
CA PRO A 548 -20.35 -36.80 -61.53
C PRO A 548 -20.62 -35.84 -62.67
N HIS A 549 -20.80 -34.57 -62.30
CA HIS A 549 -21.01 -33.48 -63.25
C HIS A 549 -22.32 -33.59 -64.00
N SER A 550 -23.30 -34.30 -63.46
CA SER A 550 -24.62 -34.37 -64.08
C SER A 550 -25.52 -33.22 -63.66
N GLY A 551 -24.98 -32.21 -62.99
CA GLY A 551 -25.76 -31.04 -62.61
C GLY A 551 -26.88 -31.34 -61.63
N LYS A 552 -26.58 -32.10 -60.58
CA LYS A 552 -27.60 -32.43 -59.60
C LYS A 552 -28.01 -31.22 -58.77
N THR A 553 -27.04 -30.40 -58.34
CA THR A 553 -27.34 -29.31 -57.42
C THR A 553 -28.36 -28.35 -58.02
N ALA A 554 -28.16 -27.98 -59.29
CA ALA A 554 -29.05 -27.00 -59.92
C ALA A 554 -30.50 -27.48 -59.88
N LEU A 555 -30.71 -28.77 -60.15
CA LEU A 555 -32.07 -29.29 -60.13
C LEU A 555 -32.69 -29.17 -58.75
N ALA A 556 -31.93 -29.49 -57.71
CA ALA A 556 -32.45 -29.36 -56.35
C ALA A 556 -32.83 -27.92 -56.05
N ALA A 557 -31.94 -26.98 -56.38
CA ALA A 557 -32.24 -25.58 -56.12
C ALA A 557 -33.50 -25.15 -56.88
N LYS A 558 -33.61 -25.56 -58.14
CA LYS A 558 -34.79 -25.23 -58.92
C LYS A 558 -36.06 -25.73 -58.23
N ILE A 559 -36.13 -27.04 -57.98
CA ILE A 559 -37.35 -27.61 -57.42
C ILE A 559 -37.70 -26.91 -56.11
N ALA A 560 -36.70 -26.65 -55.27
CA ALA A 560 -36.96 -25.92 -54.04
C ALA A 560 -37.57 -24.56 -54.33
N GLU A 561 -37.05 -23.85 -55.34
CA GLU A 561 -37.61 -22.55 -55.69
C GLU A 561 -39.08 -22.68 -56.07
N GLU A 562 -39.40 -23.57 -57.01
CA GLU A 562 -40.79 -23.70 -57.42
C GLU A 562 -41.68 -24.22 -56.31
N SER A 563 -41.10 -24.76 -55.24
CA SER A 563 -41.92 -25.16 -54.10
C SER A 563 -42.78 -24.01 -53.59
N ASN A 564 -42.26 -22.79 -53.63
CA ASN A 564 -42.95 -21.58 -53.19
C ASN A 564 -43.24 -21.59 -51.69
N PHE A 565 -42.40 -22.23 -50.89
CA PHE A 565 -42.60 -22.25 -49.46
C PHE A 565 -42.10 -20.97 -48.82
N PRO A 566 -42.57 -20.65 -47.61
CA PRO A 566 -42.08 -19.42 -46.95
C PRO A 566 -40.62 -19.51 -46.52
N PHE A 567 -40.22 -20.63 -45.94
CA PHE A 567 -38.90 -20.77 -45.34
C PHE A 567 -38.10 -21.78 -46.14
N ILE A 568 -36.95 -21.35 -46.67
CA ILE A 568 -36.09 -22.21 -47.49
C ILE A 568 -34.65 -21.86 -47.16
N LYS A 569 -33.81 -22.87 -46.99
CA LYS A 569 -32.43 -22.67 -46.62
C LYS A 569 -31.57 -23.75 -47.25
N ILE A 570 -30.34 -23.38 -47.62
CA ILE A 570 -29.40 -24.30 -48.25
C ILE A 570 -28.16 -24.37 -47.37
N CYS A 571 -27.78 -25.59 -46.99
CA CYS A 571 -26.61 -25.81 -46.14
C CYS A 571 -25.65 -26.72 -46.89
N SER A 572 -24.53 -26.16 -47.32
CA SER A 572 -23.55 -26.84 -48.13
C SER A 572 -22.21 -26.82 -47.42
N PRO A 573 -21.30 -27.72 -47.76
CA PRO A 573 -19.98 -27.72 -47.10
C PRO A 573 -19.16 -26.50 -47.42
N ASP A 574 -19.55 -25.70 -48.40
CA ASP A 574 -18.73 -24.57 -48.84
C ASP A 574 -18.51 -23.56 -47.72
N LYS A 575 -19.43 -23.44 -46.77
CA LYS A 575 -19.35 -22.46 -45.71
C LYS A 575 -18.87 -23.04 -44.39
N MET A 576 -18.13 -24.15 -44.44
CA MET A 576 -17.74 -24.85 -43.22
C MET A 576 -16.31 -25.35 -43.28
N ILE A 577 -15.50 -24.87 -44.22
CA ILE A 577 -14.13 -25.37 -44.37
C ILE A 577 -13.37 -25.19 -43.07
N GLY A 578 -12.49 -26.15 -42.77
CA GLY A 578 -11.65 -26.08 -41.61
C GLY A 578 -12.35 -26.34 -40.30
N PHE A 579 -13.61 -26.79 -40.32
CA PHE A 579 -14.34 -27.07 -39.11
C PHE A 579 -14.07 -28.48 -38.62
N SER A 580 -13.78 -28.62 -37.34
CA SER A 580 -13.76 -29.94 -36.74
C SER A 580 -15.20 -30.48 -36.65
N GLU A 581 -15.32 -31.79 -36.50
CA GLU A 581 -16.61 -32.44 -36.69
C GLU A 581 -17.66 -31.92 -35.72
N THR A 582 -17.27 -31.68 -34.47
CA THR A 582 -18.23 -31.17 -33.50
C THR A 582 -18.91 -29.90 -34.01
N ALA A 583 -18.14 -29.04 -34.68
CA ALA A 583 -18.74 -27.83 -35.25
C ALA A 583 -19.77 -28.17 -36.31
N LYS A 584 -19.50 -29.20 -37.11
CA LYS A 584 -20.48 -29.61 -38.12
C LYS A 584 -21.77 -30.08 -37.46
N CYS A 585 -21.66 -30.84 -36.37
CA CYS A 585 -22.85 -31.25 -35.64
C CYS A 585 -23.61 -30.04 -35.13
N GLN A 586 -22.89 -29.06 -34.58
CA GLN A 586 -23.55 -27.85 -34.09
C GLN A 586 -24.31 -27.16 -35.21
N ALA A 587 -23.69 -27.05 -36.39
CA ALA A 587 -24.35 -26.37 -37.50
C ALA A 587 -25.62 -27.10 -37.93
N MET A 588 -25.52 -28.43 -38.12
CA MET A 588 -26.70 -29.21 -38.48
C MET A 588 -27.82 -28.99 -37.47
N LYS A 589 -27.50 -29.13 -36.18
CA LYS A 589 -28.53 -29.01 -35.16
C LYS A 589 -29.16 -27.63 -35.19
N LYS A 590 -28.35 -26.58 -35.31
CA LYS A 590 -28.90 -25.23 -35.31
C LYS A 590 -29.85 -25.03 -36.47
N ILE A 591 -29.44 -25.45 -37.67
CA ILE A 591 -30.26 -25.14 -38.83
C ILE A 591 -31.58 -25.91 -38.78
N PHE A 592 -31.53 -27.19 -38.40
CA PHE A 592 -32.80 -27.92 -38.29
C PHE A 592 -33.68 -27.36 -37.18
N ASP A 593 -33.10 -27.01 -36.03
CA ASP A 593 -33.92 -26.44 -34.96
C ASP A 593 -34.59 -25.16 -35.42
N ASP A 594 -33.86 -24.30 -36.11
CA ASP A 594 -34.44 -23.07 -36.62
C ASP A 594 -35.55 -23.37 -37.62
N ALA A 595 -35.32 -24.34 -38.52
CA ALA A 595 -36.34 -24.67 -39.50
C ALA A 595 -37.59 -25.24 -38.84
N TYR A 596 -37.46 -25.77 -37.63
CA TYR A 596 -38.64 -26.30 -36.95
C TYR A 596 -39.62 -25.23 -36.51
N LYS A 597 -39.25 -23.95 -36.58
CA LYS A 597 -40.08 -22.87 -36.04
C LYS A 597 -40.94 -22.20 -37.10
N SER A 598 -41.35 -22.92 -38.14
CA SER A 598 -42.19 -22.36 -39.19
C SER A 598 -43.29 -23.35 -39.51
N GLN A 599 -44.40 -22.82 -40.04
CA GLN A 599 -45.54 -23.67 -40.38
C GLN A 599 -45.17 -24.66 -41.47
N LEU A 600 -44.38 -24.22 -42.44
CA LEU A 600 -43.85 -25.09 -43.48
C LEU A 600 -42.35 -24.85 -43.59
N SER A 601 -41.66 -25.74 -44.29
CA SER A 601 -40.22 -25.61 -44.44
C SER A 601 -39.71 -26.64 -45.43
N CYS A 602 -38.58 -26.31 -46.06
CA CYS A 602 -37.93 -27.20 -47.01
C CYS A 602 -36.43 -26.91 -46.98
N VAL A 603 -35.64 -27.91 -46.60
CA VAL A 603 -34.19 -27.77 -46.47
C VAL A 603 -33.53 -28.58 -47.56
N VAL A 604 -32.34 -28.14 -47.97
CA VAL A 604 -31.57 -28.81 -49.02
C VAL A 604 -30.17 -29.08 -48.50
N VAL A 605 -29.79 -30.35 -48.43
CA VAL A 605 -28.45 -30.76 -48.05
C VAL A 605 -27.65 -30.94 -49.34
N ASP A 606 -26.76 -29.99 -49.62
CA ASP A 606 -26.22 -29.86 -50.97
C ASP A 606 -25.45 -31.11 -51.39
N ASP A 607 -24.58 -31.62 -50.52
CA ASP A 607 -23.69 -32.72 -50.89
C ASP A 607 -23.46 -33.61 -49.68
N ILE A 608 -24.19 -34.73 -49.63
CA ILE A 608 -24.09 -35.61 -48.48
C ILE A 608 -22.69 -36.21 -48.38
N GLU A 609 -22.13 -36.66 -49.51
CA GLU A 609 -20.87 -37.37 -49.47
C GLU A 609 -19.76 -36.53 -48.87
N ARG A 610 -19.61 -35.29 -49.34
CA ARG A 610 -18.50 -34.46 -48.88
C ARG A 610 -18.67 -34.05 -47.43
N LEU A 611 -19.87 -34.22 -46.87
CA LEU A 611 -20.06 -33.92 -45.46
C LEU A 611 -19.38 -34.97 -44.58
N LEU A 612 -19.38 -36.22 -45.01
CA LEU A 612 -18.87 -37.33 -44.20
C LEU A 612 -17.36 -37.46 -44.26
N ASP A 613 -16.68 -36.71 -45.13
CA ASP A 613 -15.23 -36.77 -45.29
C ASP A 613 -14.79 -38.11 -45.87
N TYR A 614 -15.58 -38.63 -46.81
CA TYR A 614 -15.28 -39.93 -47.39
C TYR A 614 -13.99 -39.88 -48.20
N VAL A 615 -13.33 -41.03 -48.30
CA VAL A 615 -12.15 -41.18 -49.15
C VAL A 615 -11.97 -42.68 -49.42
N PRO A 616 -11.90 -43.12 -50.68
CA PRO A 616 -11.87 -44.57 -50.94
C PRO A 616 -10.75 -45.29 -50.21
N ILE A 617 -9.55 -44.71 -50.15
CA ILE A 617 -8.49 -45.33 -49.37
C ILE A 617 -8.96 -45.42 -47.92
N GLY A 618 -8.52 -46.47 -47.23
CA GLY A 618 -9.00 -46.73 -45.89
C GLY A 618 -10.00 -47.86 -45.85
N PRO A 619 -11.31 -47.54 -45.81
CA PRO A 619 -11.94 -46.22 -45.90
C PRO A 619 -11.91 -45.44 -44.60
N ARG A 620 -12.29 -44.16 -44.64
CA ARG A 620 -12.33 -43.32 -43.45
C ARG A 620 -13.52 -42.37 -43.54
N PHE A 621 -13.99 -41.94 -42.38
CA PHE A 621 -14.99 -40.88 -42.31
C PHE A 621 -15.26 -40.51 -40.85
N SER A 622 -16.15 -39.54 -40.63
CA SER A 622 -16.48 -39.09 -39.29
C SER A 622 -17.80 -39.73 -38.88
N ASN A 623 -17.72 -40.70 -37.97
CA ASN A 623 -18.92 -41.44 -37.56
C ASN A 623 -19.96 -40.50 -36.96
N LEU A 624 -19.52 -39.51 -36.20
CA LEU A 624 -20.44 -38.67 -35.43
C LEU A 624 -21.43 -37.98 -36.35
N VAL A 625 -20.95 -37.41 -37.46
CA VAL A 625 -21.85 -36.76 -38.40
C VAL A 625 -22.83 -37.78 -38.98
N LEU A 626 -22.34 -38.99 -39.26
CA LEU A 626 -23.23 -40.02 -39.80
C LEU A 626 -24.40 -40.25 -38.85
N GLN A 627 -24.11 -40.47 -37.57
CA GLN A 627 -25.20 -40.63 -36.61
C GLN A 627 -26.11 -39.42 -36.64
N ALA A 628 -25.55 -38.23 -36.44
CA ALA A 628 -26.39 -37.05 -36.35
C ALA A 628 -27.40 -36.99 -37.50
N LEU A 629 -26.92 -37.18 -38.74
CA LEU A 629 -27.83 -37.13 -39.87
C LEU A 629 -28.84 -38.27 -39.83
N LEU A 630 -28.40 -39.47 -39.50
CA LEU A 630 -29.32 -40.61 -39.54
C LEU A 630 -30.45 -40.44 -38.54
N VAL A 631 -30.12 -39.99 -37.33
CA VAL A 631 -31.16 -39.74 -36.33
C VAL A 631 -32.05 -38.59 -36.78
N LEU A 632 -31.46 -37.49 -37.26
CA LEU A 632 -32.26 -36.33 -37.59
C LEU A 632 -33.28 -36.62 -38.69
N LEU A 633 -32.90 -37.44 -39.67
CA LEU A 633 -33.81 -37.69 -40.77
C LEU A 633 -35.11 -38.38 -40.35
N LYS A 634 -35.26 -38.75 -39.08
CA LYS A 634 -36.43 -39.47 -38.60
C LYS A 634 -37.00 -38.83 -37.35
N LYS A 635 -37.15 -37.51 -37.35
CA LYS A 635 -37.72 -36.79 -36.21
C LYS A 635 -38.84 -35.90 -36.71
N ALA A 636 -40.06 -36.18 -36.27
CA ALA A 636 -41.19 -35.36 -36.68
C ALA A 636 -41.07 -33.96 -36.07
N PRO A 637 -41.57 -32.94 -36.75
CA PRO A 637 -41.49 -31.58 -36.19
C PRO A 637 -42.42 -31.44 -35.01
N PRO A 638 -42.41 -30.28 -34.35
CA PRO A 638 -43.45 -30.01 -33.36
C PRO A 638 -44.82 -30.05 -34.00
N GLN A 639 -45.81 -30.44 -33.20
CA GLN A 639 -47.10 -30.85 -33.72
C GLN A 639 -47.62 -29.86 -34.76
N GLY A 640 -48.30 -30.39 -35.78
CA GLY A 640 -48.99 -29.57 -36.75
C GLY A 640 -48.11 -28.86 -37.75
N ARG A 641 -46.87 -29.29 -37.92
CA ARG A 641 -45.94 -28.64 -38.83
C ARG A 641 -45.33 -29.65 -39.78
N LYS A 642 -45.25 -29.27 -41.05
CA LYS A 642 -44.77 -30.14 -42.11
C LYS A 642 -43.26 -29.96 -42.27
N LEU A 643 -42.73 -30.55 -43.34
CA LEU A 643 -41.31 -30.45 -43.62
C LEU A 643 -41.04 -31.09 -44.99
N LEU A 644 -39.82 -30.89 -45.48
CA LEU A 644 -39.38 -31.51 -46.72
C LEU A 644 -37.87 -31.45 -46.76
N ILE A 645 -37.22 -32.60 -46.96
CA ILE A 645 -35.77 -32.69 -47.00
C ILE A 645 -35.36 -33.26 -48.35
N ILE A 646 -34.35 -32.65 -48.96
CA ILE A 646 -33.83 -33.08 -50.24
C ILE A 646 -32.33 -33.31 -50.10
N GLY A 647 -31.86 -34.46 -50.57
CA GLY A 647 -30.45 -34.79 -50.53
C GLY A 647 -29.80 -34.65 -51.90
N THR A 648 -28.58 -35.15 -51.98
CA THR A 648 -27.84 -35.14 -53.24
C THR A 648 -26.54 -35.91 -53.04
N THR A 649 -26.09 -36.60 -54.09
CA THR A 649 -24.89 -37.41 -54.00
C THR A 649 -24.49 -37.86 -55.40
N SER A 650 -23.29 -38.39 -55.49
CA SER A 650 -22.80 -39.01 -56.71
C SER A 650 -22.35 -40.46 -56.49
N ARG A 651 -22.38 -40.95 -55.26
CA ARG A 651 -21.91 -42.28 -54.91
C ARG A 651 -23.08 -43.03 -54.26
N LYS A 652 -23.92 -43.64 -55.08
CA LYS A 652 -25.08 -44.34 -54.53
C LYS A 652 -24.66 -45.59 -53.77
N ASP A 653 -23.78 -46.39 -54.36
CA ASP A 653 -23.45 -47.69 -53.78
C ASP A 653 -22.96 -47.55 -52.35
N VAL A 654 -22.06 -46.60 -52.11
CA VAL A 654 -21.49 -46.45 -50.77
C VAL A 654 -22.58 -46.16 -49.76
N LEU A 655 -23.50 -45.25 -50.09
CA LEU A 655 -24.59 -44.94 -49.18
C LEU A 655 -25.47 -46.17 -48.96
N GLN A 656 -25.72 -46.93 -50.03
CA GLN A 656 -26.51 -48.16 -49.88
C GLN A 656 -25.83 -49.10 -48.89
N GLU A 657 -24.50 -49.16 -48.93
CA GLU A 657 -23.78 -50.10 -48.08
C GLU A 657 -23.86 -49.71 -46.61
N MET A 658 -23.86 -48.42 -46.30
CA MET A 658 -23.81 -47.96 -44.93
C MET A 658 -25.17 -47.96 -44.23
N GLU A 659 -26.20 -48.52 -44.86
CA GLU A 659 -27.55 -48.63 -44.30
C GLU A 659 -28.29 -47.31 -44.29
N MET A 660 -27.68 -46.23 -44.76
CA MET A 660 -28.37 -44.94 -44.73
C MET A 660 -29.43 -44.83 -45.81
N LEU A 661 -29.22 -45.48 -46.96
CA LEU A 661 -30.21 -45.43 -48.04
C LEU A 661 -31.56 -45.93 -47.57
N ASN A 662 -31.58 -46.83 -46.59
CA ASN A 662 -32.85 -47.37 -46.09
C ASN A 662 -33.68 -46.28 -45.41
N ALA A 663 -33.03 -45.30 -44.78
CA ALA A 663 -33.78 -44.27 -44.06
C ALA A 663 -34.54 -43.38 -45.02
N PHE A 664 -33.97 -43.06 -46.17
CA PHE A 664 -34.66 -42.22 -47.14
C PHE A 664 -35.87 -42.94 -47.69
N SER A 665 -36.88 -42.16 -48.08
CA SER A 665 -38.19 -42.69 -48.43
C SER A 665 -38.48 -42.67 -49.92
N THR A 666 -37.50 -42.35 -50.76
CA THR A 666 -37.75 -42.28 -52.20
C THR A 666 -36.43 -42.01 -52.92
N THR A 667 -36.40 -42.34 -54.20
CA THR A 667 -35.22 -42.13 -55.02
C THR A 667 -35.62 -41.60 -56.39
N ILE A 668 -34.72 -40.85 -57.01
CA ILE A 668 -34.88 -40.38 -58.38
C ILE A 668 -33.53 -40.51 -59.07
N HIS A 669 -33.57 -40.67 -60.39
CA HIS A 669 -32.37 -40.87 -61.19
C HIS A 669 -32.18 -39.68 -62.12
N VAL A 670 -30.95 -39.22 -62.26
CA VAL A 670 -30.60 -38.12 -63.13
C VAL A 670 -29.55 -38.60 -64.12
N PRO A 671 -29.96 -39.02 -65.31
CA PRO A 671 -28.99 -39.54 -66.29
C PRO A 671 -28.23 -38.40 -66.96
N ASN A 672 -27.41 -38.78 -67.94
CA ASN A 672 -26.57 -37.85 -68.69
C ASN A 672 -27.01 -37.80 -70.14
N ILE A 673 -26.25 -37.06 -70.94
CA ILE A 673 -26.44 -37.03 -72.39
C ILE A 673 -25.82 -38.29 -72.98
N ALA A 674 -26.62 -39.02 -73.76
CA ALA A 674 -26.18 -40.30 -74.31
C ALA A 674 -26.41 -40.46 -75.80
N THR A 675 -26.99 -39.47 -76.48
CA THR A 675 -27.34 -39.58 -77.89
C THR A 675 -26.85 -38.36 -78.65
N GLY A 676 -26.41 -38.60 -79.90
CA GLY A 676 -25.85 -37.50 -80.68
C GLY A 676 -26.84 -36.39 -80.95
N GLU A 677 -28.06 -36.76 -81.37
CA GLU A 677 -29.07 -35.74 -81.65
C GLU A 677 -29.35 -34.90 -80.41
N GLN A 678 -29.28 -35.51 -79.23
CA GLN A 678 -29.41 -34.73 -78.00
C GLN A 678 -28.31 -33.68 -77.92
N LEU A 679 -27.08 -34.06 -78.26
CA LEU A 679 -25.98 -33.11 -78.25
C LEU A 679 -26.21 -31.99 -79.25
N LEU A 680 -26.69 -32.33 -80.44
CA LEU A 680 -26.99 -31.30 -81.44
C LEU A 680 -28.03 -30.34 -80.92
N GLU A 681 -29.09 -30.86 -80.31
CA GLU A 681 -30.16 -30.01 -79.81
C GLU A 681 -29.64 -29.10 -78.69
N ALA A 682 -28.81 -29.63 -77.80
CA ALA A 682 -28.25 -28.81 -76.74
C ALA A 682 -27.38 -27.70 -77.31
N LEU A 683 -26.54 -28.03 -78.30
CA LEU A 683 -25.70 -27.02 -78.92
C LEU A 683 -26.56 -25.94 -79.57
N GLU A 684 -27.63 -26.34 -80.26
CA GLU A 684 -28.51 -25.37 -80.89
C GLU A 684 -29.16 -24.47 -79.85
N LEU A 685 -29.59 -25.05 -78.73
CA LEU A 685 -30.21 -24.24 -77.68
C LEU A 685 -29.22 -23.23 -77.12
N LEU A 686 -27.98 -23.66 -76.86
CA LEU A 686 -26.97 -22.72 -76.39
C LEU A 686 -26.63 -21.69 -77.47
N GLY A 687 -26.57 -22.13 -78.73
CA GLY A 687 -26.36 -21.22 -79.83
C GLY A 687 -24.96 -20.64 -79.90
N ASN A 688 -23.97 -21.47 -80.22
CA ASN A 688 -22.59 -21.02 -80.37
C ASN A 688 -21.90 -21.54 -81.61
N PHE A 689 -22.57 -22.33 -82.45
CA PHE A 689 -21.94 -22.95 -83.61
C PHE A 689 -22.74 -22.64 -84.87
N LYS A 690 -22.03 -22.50 -85.99
CA LYS A 690 -22.62 -22.04 -87.23
C LYS A 690 -23.34 -23.18 -87.94
N ASP A 691 -24.07 -22.83 -89.00
CA ASP A 691 -24.90 -23.79 -89.71
C ASP A 691 -24.05 -24.85 -90.41
N LYS A 692 -23.08 -24.42 -91.22
CA LYS A 692 -22.14 -25.36 -91.80
C LYS A 692 -21.33 -26.03 -90.71
N GLU A 693 -20.97 -25.27 -89.68
CA GLU A 693 -20.26 -25.84 -88.54
C GLU A 693 -21.11 -26.90 -87.86
N ARG A 694 -22.40 -26.62 -87.68
CA ARG A 694 -23.31 -27.61 -87.11
C ARG A 694 -23.40 -28.84 -88.00
N THR A 695 -23.40 -28.64 -89.31
CA THR A 695 -23.43 -29.77 -90.23
C THR A 695 -22.19 -30.63 -90.07
N THR A 696 -21.02 -29.99 -89.95
CA THR A 696 -19.79 -30.75 -89.75
C THR A 696 -19.84 -31.55 -88.45
N ILE A 697 -20.31 -30.92 -87.38
CA ILE A 697 -20.40 -31.62 -86.09
C ILE A 697 -21.36 -32.81 -86.22
N ALA A 698 -22.51 -32.59 -86.84
CA ALA A 698 -23.49 -33.67 -87.01
C ALA A 698 -22.90 -34.81 -87.82
N GLN A 699 -22.17 -34.48 -88.89
CA GLN A 699 -21.53 -35.50 -89.69
C GLN A 699 -20.54 -36.31 -88.87
N GLN A 700 -19.75 -35.63 -88.03
CA GLN A 700 -18.69 -36.31 -87.30
C GLN A 700 -19.18 -36.99 -86.02
N VAL A 701 -20.41 -36.73 -85.58
CA VAL A 701 -20.91 -37.23 -84.30
C VAL A 701 -22.02 -38.26 -84.50
N LYS A 702 -22.18 -38.80 -85.71
CA LYS A 702 -23.20 -39.81 -85.93
C LYS A 702 -22.80 -41.18 -85.38
N GLY A 703 -21.56 -41.33 -84.90
CA GLY A 703 -21.12 -42.60 -84.35
C GLY A 703 -21.93 -43.06 -83.16
N LYS A 704 -22.55 -42.14 -82.43
CA LYS A 704 -23.45 -42.36 -81.31
C LYS A 704 -22.69 -42.72 -80.03
N LYS A 705 -21.37 -42.87 -80.05
CA LYS A 705 -20.59 -43.20 -78.85
C LYS A 705 -20.40 -41.92 -78.04
N VAL A 706 -21.51 -41.39 -77.54
CA VAL A 706 -21.53 -40.12 -76.81
C VAL A 706 -22.05 -40.37 -75.41
N TRP A 707 -21.28 -39.96 -74.42
CA TRP A 707 -21.70 -40.06 -73.01
C TRP A 707 -20.89 -39.02 -72.23
N ILE A 708 -21.54 -37.90 -71.88
CA ILE A 708 -20.86 -36.77 -71.27
C ILE A 708 -21.80 -36.07 -70.30
N GLY A 709 -21.20 -35.28 -69.41
CA GLY A 709 -21.95 -34.49 -68.44
C GLY A 709 -22.04 -33.04 -68.86
N ILE A 710 -23.13 -32.39 -68.44
CA ILE A 710 -23.42 -31.04 -68.94
C ILE A 710 -22.34 -30.05 -68.50
N LYS A 711 -21.90 -30.13 -67.26
CA LYS A 711 -20.84 -29.24 -66.79
C LYS A 711 -19.61 -29.39 -67.66
N LYS A 712 -19.20 -30.64 -67.90
CA LYS A 712 -18.04 -30.88 -68.74
C LYS A 712 -18.28 -30.35 -70.15
N LEU A 713 -19.51 -30.46 -70.65
CA LEU A 713 -19.80 -29.97 -71.98
C LEU A 713 -19.61 -28.46 -72.06
N LEU A 714 -20.13 -27.73 -71.06
CA LEU A 714 -19.98 -26.29 -71.05
C LEU A 714 -18.50 -25.90 -71.00
N MET A 715 -17.75 -26.54 -70.09
CA MET A 715 -16.33 -26.20 -69.98
C MET A 715 -15.59 -26.50 -71.28
N LEU A 716 -15.91 -27.64 -71.90
CA LEU A 716 -15.24 -28.03 -73.13
C LEU A 716 -15.55 -27.05 -74.26
N ILE A 717 -16.82 -26.62 -74.36
CA ILE A 717 -17.17 -25.65 -75.39
C ILE A 717 -16.42 -24.35 -75.17
N GLU A 718 -16.37 -23.89 -73.91
CA GLU A 718 -15.64 -22.65 -73.64
C GLU A 718 -14.19 -22.78 -74.03
N MET A 719 -13.57 -23.92 -73.70
CA MET A 719 -12.18 -24.14 -74.09
C MET A 719 -12.02 -24.15 -75.60
N SER A 720 -12.93 -24.83 -76.30
CA SER A 720 -12.81 -24.94 -77.76
C SER A 720 -13.06 -23.61 -78.46
N LEU A 721 -13.70 -22.66 -77.77
CA LEU A 721 -13.93 -21.34 -78.36
C LEU A 721 -12.77 -20.37 -78.10
N GLN A 722 -11.54 -20.86 -77.93
CA GLN A 722 -10.41 -20.02 -77.57
C GLN A 722 -9.34 -19.94 -78.66
N MET A 723 -9.66 -20.31 -79.89
CA MET A 723 -8.73 -20.08 -81.00
C MET A 723 -9.48 -19.45 -82.18
N ASP A 724 -8.81 -19.34 -83.33
CA ASP A 724 -9.42 -18.72 -84.48
C ASP A 724 -10.56 -19.57 -85.02
N PRO A 725 -11.48 -18.98 -85.78
CA PRO A 725 -12.61 -19.76 -86.30
C PRO A 725 -12.19 -20.93 -87.17
N GLU A 726 -10.96 -20.91 -87.69
CA GLU A 726 -10.53 -21.95 -88.62
C GLU A 726 -10.47 -23.31 -87.94
N TYR A 727 -9.90 -23.38 -86.75
CA TYR A 727 -9.56 -24.64 -86.11
C TYR A 727 -10.50 -25.03 -84.97
N ARG A 728 -11.59 -24.29 -84.76
CA ARG A 728 -12.46 -24.58 -83.64
C ARG A 728 -13.06 -25.98 -83.76
N VAL A 729 -13.57 -26.32 -84.94
CA VAL A 729 -14.28 -27.59 -85.10
C VAL A 729 -13.35 -28.76 -84.85
N ARG A 730 -12.16 -28.71 -85.45
CA ARG A 730 -11.23 -29.83 -85.31
C ARG A 730 -10.78 -30.00 -83.86
N LYS A 731 -10.44 -28.91 -83.19
CA LYS A 731 -10.00 -28.99 -81.80
C LYS A 731 -11.13 -29.52 -80.91
N PHE A 732 -12.34 -29.01 -81.11
CA PHE A 732 -13.48 -29.46 -80.33
C PHE A 732 -13.71 -30.96 -80.53
N LEU A 733 -13.68 -31.41 -81.79
CA LEU A 733 -13.87 -32.82 -82.07
C LEU A 733 -12.78 -33.67 -81.44
N ALA A 734 -11.53 -33.21 -81.53
CA ALA A 734 -10.43 -33.97 -80.96
C ALA A 734 -10.59 -34.11 -79.45
N LEU A 735 -10.93 -33.01 -78.77
CA LEU A 735 -11.10 -33.06 -77.33
C LEU A 735 -12.27 -33.96 -76.95
N LEU A 736 -13.39 -33.85 -77.67
CA LEU A 736 -14.52 -34.71 -77.37
C LEU A 736 -14.16 -36.18 -77.56
N ARG A 737 -13.50 -36.50 -78.66
CA ARG A 737 -13.07 -37.88 -78.91
C ARG A 737 -12.15 -38.36 -77.79
N GLU A 738 -11.28 -37.47 -77.29
CA GLU A 738 -10.39 -37.85 -76.21
C GLU A 738 -11.16 -38.38 -75.02
N GLU A 739 -12.27 -37.75 -74.67
CA GLU A 739 -13.07 -38.16 -73.53
C GLU A 739 -14.14 -39.16 -73.97
N GLY A 740 -13.66 -40.34 -74.37
CA GLY A 740 -14.53 -41.41 -74.81
C GLY A 740 -14.95 -42.34 -73.68
N ALA A 741 -15.77 -41.84 -72.76
CA ALA A 741 -16.19 -42.64 -71.62
C ALA A 741 -17.02 -43.85 -72.05
N SER A 742 -16.80 -44.96 -71.35
CA SER A 742 -17.57 -46.20 -71.58
C SER A 742 -18.02 -46.73 -70.22
N PRO A 743 -19.05 -46.11 -69.63
CA PRO A 743 -19.55 -46.54 -68.31
C PRO A 743 -19.86 -48.04 -68.25
N MET B 4 -23.55 12.86 71.62
CA MET B 4 -24.84 12.49 71.04
C MET B 4 -25.32 13.56 70.08
N ALA B 5 -25.11 14.83 70.47
CA ALA B 5 -25.54 15.95 69.63
C ALA B 5 -24.62 16.14 68.44
N GLY B 6 -23.35 15.75 68.56
CA GLY B 6 -22.38 15.93 67.51
C GLY B 6 -21.43 17.07 67.78
N ARG B 7 -20.13 16.81 67.66
CA ARG B 7 -19.09 17.79 67.97
C ARG B 7 -18.09 17.85 66.83
N SER B 8 -17.63 19.05 66.52
CA SER B 8 -16.67 19.24 65.44
C SER B 8 -15.35 18.57 65.77
N MET B 9 -14.68 18.05 64.76
CA MET B 9 -13.40 17.35 64.96
C MET B 9 -12.56 17.63 63.72
N GLN B 10 -11.55 16.82 63.48
CA GLN B 10 -10.73 16.91 62.28
C GLN B 10 -10.47 15.51 61.75
N ALA B 11 -10.70 15.32 60.45
CA ALA B 11 -10.40 14.04 59.82
C ALA B 11 -8.89 13.85 59.72
N ALA B 12 -8.43 12.64 60.02
CA ALA B 12 -7.02 12.30 59.99
C ALA B 12 -6.82 10.96 59.27
N ARG B 13 -5.57 10.58 59.10
CA ARG B 13 -5.22 9.33 58.42
C ARG B 13 -5.15 8.18 59.42
N CYS B 14 -5.49 6.98 58.95
CA CYS B 14 -5.46 5.82 59.81
C CYS B 14 -4.02 5.55 60.27
N PRO B 15 -3.80 5.20 61.54
CA PRO B 15 -2.42 5.06 62.03
C PRO B 15 -1.77 3.72 61.71
N THR B 16 -2.56 2.66 61.58
CA THR B 16 -2.03 1.32 61.40
C THR B 16 -2.74 0.61 60.26
N ASP B 17 -2.02 -0.30 59.61
CA ASP B 17 -2.57 -1.03 58.47
C ASP B 17 -3.72 -1.93 58.90
N GLU B 18 -3.56 -2.64 60.02
CA GLU B 18 -4.61 -3.54 60.48
C GLU B 18 -5.89 -2.77 60.81
N LEU B 19 -5.75 -1.61 61.44
CA LEU B 19 -6.92 -0.79 61.74
C LEU B 19 -7.57 -0.29 60.45
N SER B 20 -6.76 0.03 59.44
CA SER B 20 -7.32 0.38 58.14
C SER B 20 -8.13 -0.77 57.56
N LEU B 21 -7.60 -1.98 57.64
CA LEU B 21 -8.33 -3.15 57.15
C LEU B 21 -9.58 -3.43 57.96
N SER B 22 -9.61 -3.03 59.23
CA SER B 22 -10.77 -3.27 60.08
C SER B 22 -11.99 -2.45 59.66
N ASN B 23 -11.81 -1.45 58.80
CA ASN B 23 -12.92 -0.60 58.34
C ASN B 23 -13.67 0.03 59.50
N CYS B 24 -12.95 0.51 60.51
CA CYS B 24 -13.52 1.22 61.64
C CYS B 24 -12.80 2.55 61.81
N ALA B 25 -13.57 3.60 62.05
CA ALA B 25 -12.99 4.93 62.25
C ALA B 25 -12.13 4.92 63.50
N VAL B 26 -10.84 5.17 63.33
CA VAL B 26 -9.88 5.15 64.44
C VAL B 26 -9.97 6.47 65.18
N VAL B 27 -10.31 6.42 66.46
CA VAL B 27 -10.55 7.61 67.28
C VAL B 27 -9.72 7.53 68.54
N SER B 28 -9.58 8.67 69.20
CA SER B 28 -8.84 8.75 70.45
C SER B 28 -9.67 8.21 71.60
N GLU B 29 -9.00 7.54 72.54
CA GLU B 29 -9.68 7.05 73.73
C GLU B 29 -10.28 8.20 74.53
N LYS B 30 -9.57 9.34 74.59
CA LYS B 30 -10.06 10.48 75.34
C LYS B 30 -11.36 11.04 74.76
N ASP B 31 -11.62 10.83 73.47
CA ASP B 31 -12.80 11.38 72.82
C ASP B 31 -13.92 10.37 72.68
N TYR B 32 -13.61 9.10 72.44
CA TYR B 32 -14.63 8.07 72.25
C TYR B 32 -14.08 6.74 72.75
N GLN B 33 -14.85 5.68 72.48
CA GLN B 33 -14.53 4.32 72.91
C GLN B 33 -14.64 3.37 71.73
N SER B 34 -13.92 2.26 71.79
CA SER B 34 -14.02 1.24 70.76
C SER B 34 -15.41 0.61 70.77
N GLY B 35 -15.93 0.34 69.58
CA GLY B 35 -17.25 -0.20 69.43
C GLY B 35 -18.35 0.84 69.32
N GLN B 36 -18.07 2.09 69.69
CA GLN B 36 -19.04 3.15 69.50
C GLN B 36 -19.24 3.42 68.02
N HIS B 37 -20.48 3.71 67.65
CA HIS B 37 -20.84 4.03 66.28
C HIS B 37 -21.14 5.51 66.15
N VAL B 38 -20.64 6.12 65.08
CA VAL B 38 -20.78 7.55 64.86
C VAL B 38 -21.27 7.80 63.44
N ILE B 39 -21.85 8.97 63.24
CA ILE B 39 -22.23 9.47 61.93
C ILE B 39 -21.40 10.71 61.63
N VAL B 40 -20.58 10.63 60.58
CA VAL B 40 -19.68 11.71 60.21
C VAL B 40 -20.40 12.58 59.19
N ARG B 41 -20.58 13.86 59.52
CA ARG B 41 -21.24 14.81 58.64
C ARG B 41 -20.24 15.84 58.16
N THR B 42 -20.11 15.96 56.83
CA THR B 42 -19.32 17.01 56.21
C THR B 42 -20.18 18.11 55.62
N SER B 43 -21.47 17.86 55.41
CA SER B 43 -22.40 18.85 54.90
C SER B 43 -23.80 18.40 55.26
N PRO B 44 -24.80 19.27 55.10
CA PRO B 44 -26.17 18.87 55.48
C PRO B 44 -26.67 17.63 54.76
N ASN B 45 -26.15 17.33 53.57
CA ASN B 45 -26.61 16.20 52.78
C ASN B 45 -25.61 15.05 52.71
N HIS B 46 -24.44 15.19 53.34
CA HIS B 46 -23.40 14.16 53.29
C HIS B 46 -23.19 13.62 54.70
N LYS B 47 -23.81 12.49 55.00
CA LYS B 47 -23.66 11.81 56.28
C LYS B 47 -23.22 10.38 56.03
N TYR B 48 -22.26 9.92 56.83
CA TYR B 48 -21.73 8.57 56.71
C TYR B 48 -21.51 7.99 58.11
N ILE B 49 -21.88 6.73 58.28
CA ILE B 49 -21.92 6.08 59.57
C ILE B 49 -20.68 5.22 59.73
N PHE B 50 -20.03 5.33 60.88
CA PHE B 50 -18.78 4.63 61.16
C PHE B 50 -18.87 3.90 62.49
N THR B 51 -18.00 2.91 62.66
CA THR B 51 -17.80 2.22 63.92
C THR B 51 -16.43 2.59 64.46
N LEU B 52 -16.37 2.91 65.75
CA LEU B 52 -15.16 3.48 66.34
C LEU B 52 -14.25 2.39 66.89
N ARG B 53 -12.95 2.60 66.72
CA ARG B 53 -11.92 1.71 67.26
C ARG B 53 -10.81 2.59 67.83
N THR B 54 -10.52 2.43 69.12
CA THR B 54 -9.63 3.33 69.81
C THR B 54 -8.17 2.91 69.65
N HIS B 55 -7.31 3.90 69.40
CA HIS B 55 -5.87 3.70 69.33
C HIS B 55 -5.17 4.80 70.12
N PRO B 56 -4.12 4.45 70.89
CA PRO B 56 -3.48 5.49 71.72
C PRO B 56 -2.93 6.66 70.92
N SER B 57 -2.40 6.39 69.72
CA SER B 57 -1.72 7.42 68.94
C SER B 57 -2.66 8.54 68.48
N VAL B 58 -3.97 8.34 68.54
CA VAL B 58 -4.89 9.34 68.04
C VAL B 58 -4.87 10.55 68.97
N VAL B 59 -4.55 11.71 68.40
CA VAL B 59 -4.56 12.95 69.20
C VAL B 59 -6.00 13.33 69.50
N PRO B 60 -6.33 13.75 70.72
CA PRO B 60 -7.69 14.26 70.97
C PRO B 60 -7.99 15.46 70.09
N GLY B 61 -9.23 15.54 69.63
CA GLY B 61 -9.65 16.60 68.74
C GLY B 61 -9.60 16.25 67.26
N SER B 62 -9.36 14.99 66.92
CA SER B 62 -9.34 14.57 65.53
C SER B 62 -9.77 13.11 65.43
N VAL B 63 -10.20 12.75 64.21
CA VAL B 63 -10.63 11.39 63.93
C VAL B 63 -9.84 10.89 62.72
N ALA B 64 -9.32 9.66 62.83
CA ALA B 64 -8.51 9.09 61.77
C ALA B 64 -9.33 8.16 60.86
N PHE B 65 -9.15 8.29 59.54
CA PHE B 65 -9.78 7.37 58.61
C PHE B 65 -8.68 6.89 57.67
N SER B 66 -8.85 5.66 57.21
CA SER B 66 -7.95 5.03 56.25
C SER B 66 -8.26 5.52 54.84
N LEU B 67 -7.31 5.27 53.93
CA LEU B 67 -7.41 5.79 52.58
C LEU B 67 -8.66 5.23 51.88
N PRO B 68 -8.92 3.86 51.93
CA PRO B 68 -10.23 3.42 51.41
C PRO B 68 -11.39 4.11 52.08
N GLN B 69 -11.31 4.33 53.39
CA GLN B 69 -12.36 5.06 54.09
C GLN B 69 -12.40 6.51 53.66
N ARG B 70 -11.22 7.13 53.47
CA ARG B 70 -11.12 8.58 53.10
C ARG B 70 -11.53 8.74 51.64
N LYS B 71 -11.62 7.66 50.86
CA LYS B 71 -12.14 7.72 49.50
C LYS B 71 -13.64 7.44 49.45
N TRP B 72 -14.10 6.46 50.23
CA TRP B 72 -15.53 6.17 50.27
C TRP B 72 -16.32 7.32 50.88
N ALA B 73 -15.82 7.88 51.98
CA ALA B 73 -16.56 8.86 52.76
C ALA B 73 -16.26 10.30 52.36
N GLY B 74 -15.45 10.51 51.33
CA GLY B 74 -15.13 11.88 50.91
C GLY B 74 -14.50 12.69 52.02
N LEU B 75 -13.66 12.06 52.83
CA LEU B 75 -12.99 12.70 53.95
C LEU B 75 -11.51 12.83 53.64
N SER B 76 -10.90 13.93 54.08
CA SER B 76 -9.52 14.24 53.77
C SER B 76 -8.78 14.67 55.03
N ILE B 77 -7.47 14.42 55.05
CA ILE B 77 -6.66 14.77 56.20
C ILE B 77 -6.66 16.27 56.40
N GLY B 78 -6.81 16.70 57.65
CA GLY B 78 -6.79 18.09 58.01
C GLY B 78 -8.12 18.79 57.93
N GLN B 79 -9.11 18.20 57.27
CA GLN B 79 -10.43 18.81 57.17
C GLN B 79 -11.18 18.65 58.48
N GLU B 80 -12.08 19.60 58.74
CA GLU B 80 -12.86 19.61 59.98
C GLU B 80 -14.17 18.84 59.77
N ILE B 81 -14.42 17.85 60.63
CA ILE B 81 -15.58 16.92 60.50
C ILE B 81 -16.32 16.76 61.82
N GLU B 82 -17.65 16.91 61.81
CA GLU B 82 -18.49 16.81 62.99
C GLU B 82 -18.93 15.36 63.16
N VAL B 83 -18.66 14.80 64.34
CA VAL B 83 -18.90 13.39 64.63
C VAL B 83 -19.96 13.29 65.71
N ALA B 84 -21.05 12.58 65.41
CA ALA B 84 -22.15 12.38 66.34
C ALA B 84 -22.37 10.89 66.52
N LEU B 85 -22.61 10.48 67.76
CA LEU B 85 -22.80 9.06 68.05
C LEU B 85 -24.03 8.53 67.30
N TYR B 86 -23.94 7.28 66.86
CA TYR B 86 -24.98 6.64 66.06
C TYR B 86 -25.48 5.40 66.78
N SER B 87 -26.80 5.24 66.81
CA SER B 87 -27.44 4.08 67.44
C SER B 87 -28.07 3.22 66.35
N PHE B 88 -27.67 1.95 66.32
CA PHE B 88 -28.17 1.00 65.32
C PHE B 88 -29.37 0.26 65.89
N ASP B 89 -30.53 0.44 65.26
CA ASP B 89 -31.70 -0.33 65.63
C ASP B 89 -31.45 -1.81 65.36
N LYS B 90 -31.28 -2.58 66.44
CA LYS B 90 -30.91 -3.98 66.31
C LYS B 90 -32.09 -4.88 65.96
N ALA B 91 -33.32 -4.38 66.08
CA ALA B 91 -34.47 -5.14 65.62
C ALA B 91 -34.73 -4.97 64.14
N LYS B 92 -34.12 -3.96 63.50
CA LYS B 92 -34.34 -3.68 62.09
C LYS B 92 -33.06 -3.61 61.26
N GLN B 93 -31.98 -3.04 61.80
CA GLN B 93 -30.77 -2.79 61.02
C GLN B 93 -29.76 -3.91 61.09
N CYS B 94 -30.03 -4.97 61.87
CA CYS B 94 -29.14 -6.12 61.88
C CYS B 94 -29.15 -6.76 60.50
N ILE B 95 -27.98 -6.87 59.88
CA ILE B 95 -27.89 -7.32 58.50
C ILE B 95 -28.08 -8.84 58.48
N GLY B 96 -29.17 -9.29 57.86
CA GLY B 96 -29.40 -10.70 57.69
C GLY B 96 -28.58 -11.27 56.55
N THR B 97 -28.76 -10.71 55.35
CA THR B 97 -27.98 -11.10 54.19
C THR B 97 -27.68 -9.86 53.37
N MET B 98 -26.40 -9.59 53.14
CA MET B 98 -25.96 -8.43 52.36
C MET B 98 -25.41 -8.88 51.02
N THR B 99 -25.78 -8.16 49.97
CA THR B 99 -25.24 -8.41 48.62
C THR B 99 -23.97 -7.57 48.46
N ILE B 100 -22.83 -8.24 48.39
CA ILE B 100 -21.53 -7.57 48.34
C ILE B 100 -20.91 -7.83 46.97
N GLU B 101 -20.55 -6.75 46.28
CA GLU B 101 -19.75 -6.86 45.06
C GLU B 101 -18.28 -6.97 45.45
N ILE B 102 -17.55 -7.83 44.75
CA ILE B 102 -16.15 -8.10 45.06
C ILE B 102 -15.32 -7.97 43.80
N ASP B 103 -14.06 -7.58 43.98
CA ASP B 103 -13.14 -7.40 42.86
C ASP B 103 -11.72 -7.36 43.39
N PHE B 104 -10.77 -7.55 42.47
CA PHE B 104 -9.36 -7.47 42.81
C PHE B 104 -8.96 -6.03 43.09
N LEU B 105 -8.47 -5.76 44.30
CA LEU B 105 -8.00 -4.42 44.62
C LEU B 105 -6.77 -4.07 43.79
N GLN B 106 -5.86 -5.02 43.60
CA GLN B 106 -4.62 -4.80 42.90
C GLN B 106 -4.63 -5.56 41.57
N LYS B 107 -4.34 -4.84 40.48
CA LYS B 107 -4.19 -5.50 39.19
C LYS B 107 -2.91 -6.32 39.13
N LYS B 108 -1.85 -5.85 39.76
CA LYS B 108 -0.57 -6.55 39.73
C LYS B 108 -0.66 -7.95 40.31
N ASN B 109 -1.59 -8.19 41.23
CA ASN B 109 -1.75 -9.48 41.88
C ASN B 109 -2.97 -10.24 41.34
N ILE B 110 -3.21 -10.14 40.03
CA ILE B 110 -4.33 -10.86 39.43
C ILE B 110 -4.01 -12.35 39.40
N ASP B 111 -4.91 -13.15 39.95
CA ASP B 111 -4.74 -14.60 39.99
C ASP B 111 -6.04 -15.27 39.58
N SER B 112 -5.92 -16.42 38.91
CA SER B 112 -7.06 -17.16 38.43
C SER B 112 -7.49 -18.29 39.36
N ASN B 113 -6.87 -18.42 40.52
CA ASN B 113 -7.23 -19.49 41.44
C ASN B 113 -8.63 -19.27 41.99
N PRO B 114 -9.41 -20.32 42.19
CA PRO B 114 -10.71 -20.17 42.85
C PRO B 114 -10.56 -19.78 44.30
N TYR B 115 -11.54 -19.02 44.80
CA TYR B 115 -11.60 -18.62 46.19
C TYR B 115 -13.01 -18.85 46.72
N ASP B 116 -13.10 -19.44 47.91
CA ASP B 116 -14.37 -19.83 48.49
C ASP B 116 -15.06 -18.60 49.09
N THR B 117 -16.20 -18.23 48.53
CA THR B 117 -16.96 -17.12 49.07
C THR B 117 -17.56 -17.45 50.43
N ASP B 118 -17.99 -18.69 50.65
CA ASP B 118 -18.53 -19.08 51.94
C ASP B 118 -17.50 -18.92 53.05
N LYS B 119 -16.28 -19.42 52.81
CA LYS B 119 -15.18 -19.12 53.73
C LYS B 119 -14.96 -17.62 53.82
N MET B 120 -15.06 -16.92 52.69
CA MET B 120 -14.97 -15.47 52.72
C MET B 120 -16.12 -14.84 53.49
N ALA B 121 -17.32 -15.39 53.41
CA ALA B 121 -18.42 -14.89 54.23
C ALA B 121 -18.10 -15.04 55.72
N ALA B 122 -17.57 -16.21 56.10
CA ALA B 122 -17.20 -16.42 57.49
C ALA B 122 -16.13 -15.42 57.94
N GLU B 123 -15.11 -15.22 57.11
CA GLU B 123 -14.05 -14.29 57.46
C GLU B 123 -14.60 -12.87 57.56
N PHE B 124 -15.50 -12.50 56.65
CA PHE B 124 -16.13 -11.19 56.67
C PHE B 124 -16.89 -10.97 57.98
N ILE B 125 -17.66 -11.98 58.40
CA ILE B 125 -18.41 -11.85 59.65
C ILE B 125 -17.45 -11.73 60.82
N GLN B 126 -16.41 -12.55 60.85
CA GLN B 126 -15.47 -12.53 61.98
C GLN B 126 -14.67 -11.23 62.03
N GLN B 127 -14.43 -10.58 60.90
CA GLN B 127 -13.60 -9.38 60.88
C GLN B 127 -14.39 -8.09 60.89
N PHE B 128 -15.69 -8.12 60.58
CA PHE B 128 -16.50 -6.91 60.51
C PHE B 128 -17.77 -7.00 61.35
N ASN B 129 -17.77 -7.86 62.38
CA ASN B 129 -18.92 -7.91 63.28
C ASN B 129 -19.07 -6.57 64.00
N ASN B 130 -20.33 -6.19 64.24
CA ASN B 130 -20.64 -4.92 64.91
C ASN B 130 -20.01 -3.74 64.17
N GLN B 131 -20.19 -3.71 62.84
CA GLN B 131 -19.66 -2.64 62.02
C GLN B 131 -20.76 -2.10 61.10
N ALA B 132 -20.70 -0.80 60.86
CA ALA B 132 -21.65 -0.14 59.98
C ALA B 132 -21.33 -0.46 58.52
N PHE B 133 -22.37 -0.67 57.72
CA PHE B 133 -22.19 -0.97 56.29
C PHE B 133 -23.36 -0.37 55.52
N SER B 134 -23.16 0.84 55.01
CA SER B 134 -24.14 1.44 54.12
C SER B 134 -24.07 0.78 52.75
N VAL B 135 -25.21 0.76 52.05
CA VAL B 135 -25.25 0.23 50.69
C VAL B 135 -24.31 1.07 49.85
N GLY B 136 -23.25 0.45 49.34
CA GLY B 136 -22.18 1.17 48.68
C GLY B 136 -21.00 1.51 49.57
N GLN B 137 -20.89 0.89 50.74
CA GLN B 137 -19.80 1.17 51.68
C GLN B 137 -18.53 0.48 51.16
N GLN B 138 -17.80 1.21 50.33
CA GLN B 138 -16.53 0.71 49.81
C GLN B 138 -15.54 0.51 50.96
N LEU B 139 -14.85 -0.63 50.94
CA LEU B 139 -13.87 -0.95 51.96
C LEU B 139 -12.88 -1.95 51.40
N VAL B 140 -11.77 -2.12 52.12
CA VAL B 140 -10.73 -3.08 51.75
C VAL B 140 -10.79 -4.24 52.74
N PHE B 141 -10.85 -5.46 52.20
CA PHE B 141 -10.94 -6.67 53.01
C PHE B 141 -9.75 -7.56 52.69
N SER B 142 -9.11 -8.10 53.73
CA SER B 142 -7.96 -8.96 53.59
C SER B 142 -8.40 -10.41 53.75
N PHE B 143 -8.14 -11.23 52.73
CA PHE B 143 -8.49 -12.65 52.75
C PHE B 143 -7.32 -13.44 52.18
N ASN B 144 -6.77 -14.33 52.98
CA ASN B 144 -5.62 -15.14 52.59
C ASN B 144 -4.48 -14.25 52.06
N ASP B 145 -4.19 -13.19 52.81
CA ASP B 145 -3.14 -12.24 52.46
C ASP B 145 -3.43 -11.56 51.11
N LYS B 146 -4.70 -11.48 50.74
CA LYS B 146 -5.12 -10.86 49.49
C LYS B 146 -6.14 -9.77 49.79
N LEU B 147 -5.90 -8.58 49.24
CA LEU B 147 -6.77 -7.43 49.47
C LEU B 147 -7.78 -7.33 48.33
N PHE B 148 -9.07 -7.33 48.68
CA PHE B 148 -10.15 -7.22 47.72
C PHE B 148 -11.05 -6.05 48.09
N GLY B 149 -11.35 -5.20 47.11
CA GLY B 149 -12.31 -4.12 47.31
C GLY B 149 -13.71 -4.69 47.35
N LEU B 150 -14.46 -4.28 48.37
CA LEU B 150 -15.84 -4.72 48.54
C LEU B 150 -16.76 -3.51 48.59
N LEU B 151 -17.92 -3.63 47.96
CA LEU B 151 -18.91 -2.56 47.90
C LEU B 151 -20.27 -3.14 48.20
N VAL B 152 -20.84 -2.79 49.35
CA VAL B 152 -22.15 -3.30 49.71
C VAL B 152 -23.17 -2.86 48.67
N LYS B 153 -23.97 -3.80 48.20
CA LYS B 153 -24.96 -3.54 47.16
C LYS B 153 -26.39 -3.61 47.67
N ASP B 154 -26.74 -4.66 48.42
CA ASP B 154 -28.07 -4.79 48.98
C ASP B 154 -27.95 -5.34 50.40
N ILE B 155 -28.92 -4.99 51.23
CA ILE B 155 -28.94 -5.39 52.64
C ILE B 155 -30.34 -5.89 52.97
N GLU B 156 -30.41 -7.00 53.68
CA GLU B 156 -31.68 -7.57 54.13
C GLU B 156 -31.68 -7.70 55.65
N ALA B 157 -32.81 -7.36 56.25
CA ALA B 157 -32.96 -7.42 57.70
C ALA B 157 -33.27 -8.85 58.15
N ARG B 172 -38.60 -9.48 54.57
CA ARG B 172 -37.23 -9.12 54.28
C ARG B 172 -37.11 -7.62 53.98
N GLN B 173 -36.87 -6.84 55.03
CA GLN B 173 -36.76 -5.40 54.87
C GLN B 173 -35.38 -5.04 54.30
N LYS B 174 -35.38 -4.07 53.38
CA LYS B 174 -34.16 -3.54 52.80
C LYS B 174 -33.77 -2.26 53.53
N ILE B 175 -32.49 -2.15 53.89
CA ILE B 175 -31.98 -1.01 54.65
C ILE B 175 -30.74 -0.48 53.95
N GLU B 176 -30.66 0.84 53.83
CA GLU B 176 -29.48 1.46 53.23
C GLU B 176 -28.23 1.13 54.04
N VAL B 177 -28.33 1.20 55.36
CA VAL B 177 -27.22 0.92 56.26
C VAL B 177 -27.66 -0.11 57.29
N GLY B 178 -26.80 -1.09 57.56
CA GLY B 178 -27.11 -2.13 58.51
C GLY B 178 -25.89 -2.46 59.37
N LEU B 179 -26.16 -3.17 60.46
CA LEU B 179 -25.13 -3.56 61.41
C LEU B 179 -24.80 -5.03 61.19
N VAL B 180 -23.54 -5.32 60.89
CA VAL B 180 -23.10 -6.70 60.69
C VAL B 180 -23.00 -7.38 62.03
N VAL B 181 -23.65 -8.55 62.15
CA VAL B 181 -23.71 -9.28 63.42
C VAL B 181 -23.20 -10.69 63.22
N GLY B 182 -23.23 -11.49 64.28
CA GLY B 182 -22.66 -12.83 64.21
C GLY B 182 -23.37 -13.72 63.21
N ASN B 183 -24.70 -13.67 63.18
CA ASN B 183 -25.49 -14.54 62.32
C ASN B 183 -25.71 -13.95 60.94
N SER B 184 -25.14 -12.79 60.65
CA SER B 184 -25.27 -12.20 59.31
C SER B 184 -24.67 -13.13 58.26
N GLN B 185 -25.30 -13.17 57.10
CA GLN B 185 -24.84 -13.99 55.98
C GLN B 185 -24.37 -13.07 54.86
N VAL B 186 -23.27 -13.44 54.23
CA VAL B 186 -22.59 -12.58 53.26
C VAL B 186 -22.54 -13.30 51.91
N ALA B 187 -22.97 -12.61 50.86
CA ALA B 187 -22.90 -13.11 49.49
C ALA B 187 -21.94 -12.25 48.70
N PHE B 188 -21.09 -12.90 47.90
CA PHE B 188 -20.05 -12.23 47.13
C PHE B 188 -20.26 -12.50 45.65
N GLU B 189 -20.30 -11.42 44.85
CA GLU B 189 -20.44 -11.51 43.41
C GLU B 189 -19.34 -10.70 42.75
N LYS B 190 -18.57 -11.34 41.89
CA LYS B 190 -17.40 -10.69 41.30
C LYS B 190 -17.82 -9.58 40.35
N ALA B 191 -16.94 -8.60 40.17
CA ALA B 191 -17.24 -7.43 39.37
C ALA B 191 -17.10 -7.74 37.88
N GLU B 192 -17.45 -6.75 37.07
CA GLU B 192 -17.38 -6.90 35.62
C GLU B 192 -15.94 -7.04 35.17
N ASN B 193 -15.70 -7.98 34.26
CA ASN B 193 -14.35 -8.28 33.75
C ASN B 193 -13.42 -8.77 34.85
N SER B 194 -13.98 -9.16 36.00
CA SER B 194 -13.16 -9.56 37.14
C SER B 194 -12.58 -10.95 36.90
N SER B 195 -11.27 -11.08 37.11
CA SER B 195 -10.60 -12.36 37.02
C SER B 195 -10.76 -13.19 38.29
N LEU B 196 -11.37 -12.63 39.33
CA LEU B 196 -11.58 -13.38 40.56
C LEU B 196 -12.47 -14.58 40.31
N ASN B 197 -11.93 -15.77 40.57
CA ASN B 197 -12.68 -17.01 40.44
C ASN B 197 -13.32 -17.33 41.78
N LEU B 198 -14.64 -17.31 41.82
CA LEU B 198 -15.40 -17.52 43.05
C LEU B 198 -16.05 -18.90 43.02
N ILE B 199 -15.86 -19.65 44.11
CA ILE B 199 -16.40 -20.99 44.25
C ILE B 199 -17.15 -21.08 45.56
N GLY B 200 -18.02 -22.08 45.66
CA GLY B 200 -18.84 -22.27 46.84
C GLY B 200 -20.27 -21.83 46.61
N LYS B 201 -21.03 -21.85 47.70
CA LYS B 201 -22.45 -21.52 47.66
C LYS B 201 -22.75 -20.07 48.00
N ALA B 202 -21.86 -19.39 48.72
CA ALA B 202 -22.07 -17.99 49.11
C ALA B 202 -21.83 -17.10 47.90
N LYS B 203 -22.70 -17.26 46.90
CA LYS B 203 -22.63 -16.50 45.66
C LYS B 203 -24.04 -16.08 45.27
N THR B 204 -24.10 -15.07 44.40
CA THR B 204 -25.38 -14.51 43.96
C THR B 204 -26.03 -13.73 45.09
N SER B 210 -35.70 -25.11 31.00
CA SER B 210 -34.95 -26.20 30.37
C SER B 210 -34.26 -25.72 29.09
N ILE B 211 -33.31 -26.52 28.61
CA ILE B 211 -32.64 -26.20 27.35
C ILE B 211 -33.67 -26.13 26.23
N ILE B 212 -34.72 -26.94 26.31
CA ILE B 212 -35.81 -26.88 25.35
C ILE B 212 -36.66 -25.64 25.63
N ASN B 213 -37.41 -25.22 24.61
CA ASN B 213 -38.40 -24.18 24.81
C ASN B 213 -39.48 -24.68 25.77
N PRO B 214 -40.03 -23.82 26.62
CA PRO B 214 -41.01 -24.30 27.61
C PRO B 214 -42.22 -24.97 26.98
N ASP B 215 -42.70 -24.44 25.86
CA ASP B 215 -43.90 -24.96 25.20
C ASP B 215 -43.51 -25.54 23.84
N TRP B 216 -43.82 -26.82 23.64
CA TRP B 216 -43.60 -27.47 22.36
C TRP B 216 -44.31 -28.81 22.31
N ASN B 217 -45.05 -29.07 21.24
CA ASN B 217 -45.74 -30.34 21.07
C ASN B 217 -45.57 -30.82 19.64
N PHE B 218 -45.57 -32.14 19.47
CA PHE B 218 -45.29 -32.71 18.16
C PHE B 218 -46.34 -32.31 17.14
N GLU B 219 -47.61 -32.27 17.54
CA GLU B 219 -48.70 -32.06 16.59
C GLU B 219 -48.59 -30.72 15.89
N LYS B 220 -48.04 -29.70 16.57
CA LYS B 220 -48.00 -28.37 16.01
C LYS B 220 -46.87 -28.16 15.02
N MET B 221 -45.88 -29.06 14.99
CA MET B 221 -44.73 -28.86 14.13
C MET B 221 -45.13 -28.76 12.66
N GLY B 222 -46.21 -29.44 12.27
CA GLY B 222 -46.68 -29.43 10.91
C GLY B 222 -46.07 -30.48 10.02
N ILE B 223 -45.07 -31.21 10.48
CA ILE B 223 -44.44 -32.26 9.71
C ILE B 223 -45.27 -33.53 9.86
N GLY B 224 -45.64 -34.13 8.74
CA GLY B 224 -46.45 -35.34 8.75
C GLY B 224 -45.82 -36.49 8.02
N GLY B 225 -45.92 -37.70 8.58
CA GLY B 225 -45.39 -38.90 7.99
C GLY B 225 -43.98 -39.24 8.43
N LEU B 226 -43.26 -38.27 9.00
CA LEU B 226 -41.90 -38.49 9.50
C LEU B 226 -41.98 -38.69 11.01
N ASP B 227 -42.10 -39.94 11.43
CA ASP B 227 -42.29 -40.26 12.84
C ASP B 227 -41.13 -41.06 13.41
N LYS B 228 -40.80 -42.21 12.82
CA LYS B 228 -39.81 -43.09 13.43
C LYS B 228 -38.44 -42.42 13.50
N GLU B 229 -37.98 -41.87 12.38
CA GLU B 229 -36.67 -41.25 12.36
C GLU B 229 -36.60 -40.09 13.35
N PHE B 230 -37.71 -39.37 13.54
CA PHE B 230 -37.73 -38.34 14.56
C PHE B 230 -37.42 -38.92 15.93
N SER B 231 -38.09 -40.02 16.27
CA SER B 231 -37.85 -40.66 17.57
C SER B 231 -36.41 -41.13 17.69
N ASP B 232 -35.87 -41.72 16.62
CA ASP B 232 -34.51 -42.23 16.69
C ASP B 232 -33.50 -41.11 16.87
N ILE B 233 -33.64 -40.01 16.12
CA ILE B 233 -32.70 -38.91 16.25
C ILE B 233 -32.82 -38.29 17.64
N PHE B 234 -34.05 -38.21 18.18
CA PHE B 234 -34.21 -37.74 19.54
C PHE B 234 -33.46 -38.65 20.50
N ARG B 235 -33.65 -39.96 20.37
CA ARG B 235 -32.99 -40.91 21.25
C ARG B 235 -31.48 -40.77 21.18
N ARG B 236 -30.96 -40.48 19.99
CA ARG B 236 -29.51 -40.51 19.80
C ARG B 236 -28.85 -39.20 20.23
N ALA B 237 -29.49 -38.06 19.98
CA ALA B 237 -28.84 -36.77 20.15
C ALA B 237 -29.50 -35.88 21.19
N PHE B 238 -30.50 -36.36 21.92
CA PHE B 238 -31.14 -35.52 22.92
C PHE B 238 -31.49 -36.23 24.22
N ALA B 239 -31.22 -37.53 24.35
CA ALA B 239 -31.52 -38.21 25.61
C ALA B 239 -30.70 -37.63 26.75
N SER B 240 -29.43 -37.35 26.52
CA SER B 240 -28.54 -36.86 27.57
C SER B 240 -28.68 -35.37 27.84
N ARG B 241 -29.43 -34.64 27.02
CA ARG B 241 -29.63 -33.21 27.20
C ARG B 241 -30.94 -32.88 27.91
N VAL B 242 -31.71 -33.88 28.31
CA VAL B 242 -33.00 -33.68 28.97
C VAL B 242 -33.06 -34.30 30.35
N PHE B 243 -31.97 -34.86 30.84
CA PHE B 243 -31.93 -35.45 32.17
C PHE B 243 -31.27 -34.48 33.16
N PRO B 244 -31.58 -34.57 34.45
CA PRO B 244 -30.88 -33.70 35.42
C PRO B 244 -29.38 -33.85 35.30
N PRO B 245 -28.63 -32.75 35.36
CA PRO B 245 -27.18 -32.83 35.09
C PRO B 245 -26.43 -33.73 36.06
N GLU B 246 -26.94 -33.96 37.26
CA GLU B 246 -26.18 -34.70 38.25
C GLU B 246 -25.87 -36.11 37.78
N ILE B 247 -26.90 -36.82 37.32
CA ILE B 247 -26.71 -38.22 36.94
C ILE B 247 -25.78 -38.33 35.74
N VAL B 248 -25.98 -37.50 34.72
CA VAL B 248 -25.13 -37.59 33.53
C VAL B 248 -23.70 -37.24 33.87
N GLU B 249 -23.49 -36.17 34.65
CA GLU B 249 -22.13 -35.81 35.05
C GLU B 249 -21.50 -36.94 35.86
N GLN B 250 -22.31 -37.69 36.60
CA GLN B 250 -21.80 -38.91 37.21
C GLN B 250 -21.42 -39.95 36.17
N MET B 251 -22.19 -40.03 35.08
CA MET B 251 -21.83 -40.92 33.99
C MET B 251 -20.52 -40.48 33.34
N GLY B 252 -20.34 -39.18 33.13
CA GLY B 252 -19.15 -38.67 32.49
C GLY B 252 -19.15 -38.77 30.98
N CYS B 253 -20.30 -39.05 30.37
CA CYS B 253 -20.37 -39.18 28.92
C CYS B 253 -20.29 -37.81 28.26
N LYS B 254 -20.11 -37.83 26.93
CA LYS B 254 -20.00 -36.62 26.12
C LYS B 254 -21.16 -36.54 25.16
N HIS B 255 -21.69 -35.33 24.98
CA HIS B 255 -22.82 -35.14 24.07
C HIS B 255 -22.38 -35.34 22.63
N VAL B 256 -23.30 -35.84 21.81
CA VAL B 256 -23.06 -35.96 20.38
C VAL B 256 -22.97 -34.57 19.77
N LYS B 257 -22.15 -34.44 18.73
CA LYS B 257 -21.91 -33.14 18.10
C LYS B 257 -21.97 -33.25 16.58
N GLY B 258 -22.95 -33.97 16.06
CA GLY B 258 -23.10 -34.08 14.63
C GLY B 258 -24.33 -34.83 14.19
N ILE B 259 -24.87 -34.48 13.03
CA ILE B 259 -26.02 -35.18 12.47
C ILE B 259 -26.11 -34.81 10.99
N LEU B 260 -26.45 -35.79 10.16
CA LEU B 260 -26.50 -35.61 8.71
C LEU B 260 -27.79 -36.20 8.16
N LEU B 261 -28.34 -35.54 7.15
CA LEU B 261 -29.57 -35.97 6.50
C LEU B 261 -29.37 -35.99 5.00
N TYR B 262 -29.86 -37.05 4.36
CA TYR B 262 -29.75 -37.20 2.92
C TYR B 262 -31.03 -37.83 2.37
N GLY B 263 -31.34 -37.50 1.13
CA GLY B 263 -32.49 -38.03 0.46
C GLY B 263 -32.77 -37.33 -0.85
N PRO B 264 -33.79 -37.80 -1.57
CA PRO B 264 -34.13 -37.15 -2.84
C PRO B 264 -34.70 -35.77 -2.59
N PRO B 265 -34.60 -34.87 -3.57
CA PRO B 265 -35.06 -33.50 -3.35
C PRO B 265 -36.56 -33.43 -3.19
N GLY B 266 -36.99 -32.43 -2.41
CA GLY B 266 -38.40 -32.11 -2.31
C GLY B 266 -39.19 -32.89 -1.29
N CYS B 267 -38.55 -33.73 -0.47
CA CYS B 267 -39.26 -34.46 0.56
C CYS B 267 -39.36 -33.69 1.88
N GLY B 268 -38.66 -32.57 2.01
CA GLY B 268 -38.77 -31.76 3.20
C GLY B 268 -37.62 -31.89 4.18
N LYS B 269 -36.38 -31.92 3.68
CA LYS B 269 -35.23 -31.96 4.57
C LYS B 269 -35.10 -30.64 5.32
N THR B 270 -35.17 -29.52 4.60
CA THR B 270 -34.95 -28.21 5.23
C THR B 270 -35.94 -27.97 6.36
N LEU B 271 -37.22 -28.27 6.12
CA LEU B 271 -38.25 -27.92 7.09
C LEU B 271 -38.00 -28.61 8.43
N LEU B 272 -37.57 -29.87 8.40
CA LEU B 272 -37.24 -30.56 9.64
C LEU B 272 -36.14 -29.81 10.40
N ALA B 273 -35.10 -29.37 9.68
CA ALA B 273 -34.00 -28.68 10.33
C ALA B 273 -34.47 -27.38 10.96
N ARG B 274 -35.26 -26.60 10.23
CA ARG B 274 -35.75 -25.35 10.79
C ARG B 274 -36.61 -25.60 12.03
N GLN B 275 -37.51 -26.58 11.95
CA GLN B 275 -38.38 -26.86 13.09
C GLN B 275 -37.58 -27.33 14.30
N ILE B 276 -36.64 -28.24 14.11
CA ILE B 276 -35.87 -28.75 15.24
C ILE B 276 -35.01 -27.63 15.84
N GLY B 277 -34.48 -26.75 14.98
CA GLY B 277 -33.72 -25.63 15.49
C GLY B 277 -34.57 -24.71 16.35
N LYS B 278 -35.76 -24.37 15.86
CA LYS B 278 -36.67 -23.54 16.64
C LYS B 278 -37.21 -24.27 17.86
N MET B 279 -37.05 -25.59 17.92
CA MET B 279 -37.61 -26.36 19.01
C MET B 279 -36.88 -26.07 20.32
N LEU B 280 -35.56 -25.93 20.26
CA LEU B 280 -34.78 -25.73 21.46
C LEU B 280 -34.81 -24.26 21.88
N ASN B 281 -34.53 -24.04 23.15
CA ASN B 281 -34.36 -22.68 23.66
C ASN B 281 -32.99 -22.11 23.32
N ALA B 282 -32.22 -22.80 22.49
CA ALA B 282 -30.89 -22.32 22.14
C ALA B 282 -30.98 -21.01 21.37
N ARG B 283 -29.81 -20.44 21.08
CA ARG B 283 -29.75 -19.18 20.37
C ARG B 283 -30.20 -19.37 18.92
N GLU B 284 -30.48 -18.25 18.27
CA GLU B 284 -30.88 -18.29 16.87
C GLU B 284 -29.78 -18.96 16.05
N PRO B 285 -30.10 -19.94 15.21
CA PRO B 285 -29.04 -20.65 14.50
C PRO B 285 -28.41 -19.80 13.40
N LYS B 286 -27.08 -19.75 13.39
CA LYS B 286 -26.38 -19.15 12.27
C LYS B 286 -26.48 -20.04 11.05
N VAL B 287 -26.44 -19.43 9.88
CA VAL B 287 -26.65 -20.14 8.62
C VAL B 287 -25.46 -19.91 7.72
N VAL B 288 -24.91 -20.99 7.18
CA VAL B 288 -23.88 -20.95 6.15
C VAL B 288 -24.54 -21.48 4.88
N ASN B 289 -24.90 -20.57 3.97
CA ASN B 289 -25.66 -20.94 2.78
C ASN B 289 -24.73 -21.52 1.72
N GLY B 290 -24.28 -22.74 2.00
CA GLY B 290 -23.51 -23.50 1.03
C GLY B 290 -22.27 -22.76 0.56
N PRO B 291 -22.14 -22.56 -0.77
CA PRO B 291 -20.93 -21.94 -1.34
C PRO B 291 -20.89 -20.42 -1.18
N GLU B 292 -21.17 -19.95 0.04
CA GLU B 292 -21.14 -18.53 0.36
C GLU B 292 -19.85 -18.11 1.05
N ILE B 293 -18.85 -18.99 1.09
CA ILE B 293 -17.60 -18.72 1.79
C ILE B 293 -16.41 -18.60 0.85
N LEU B 294 -16.57 -18.92 -0.42
CA LEU B 294 -15.45 -18.86 -1.35
C LEU B 294 -15.06 -17.41 -1.62
N ASN B 295 -13.76 -17.18 -1.80
CA ASN B 295 -13.25 -15.87 -2.14
C ASN B 295 -11.99 -16.03 -2.98
N LYS B 296 -11.67 -14.98 -3.74
CA LYS B 296 -10.49 -15.02 -4.61
C LYS B 296 -9.20 -14.70 -3.85
N TYR B 297 -9.31 -13.99 -2.74
CA TYR B 297 -8.14 -13.62 -1.96
C TYR B 297 -7.60 -14.81 -1.17
N VAL B 298 -6.28 -14.84 -1.00
CA VAL B 298 -5.65 -15.94 -0.29
C VAL B 298 -6.09 -15.94 1.17
N GLY B 299 -6.43 -17.12 1.68
CA GLY B 299 -6.67 -17.27 3.11
C GLY B 299 -7.80 -16.40 3.64
N GLU B 300 -8.88 -16.26 2.89
CA GLU B 300 -10.04 -15.50 3.33
C GLU B 300 -11.25 -16.36 3.61
N SER B 301 -11.48 -17.39 2.79
CA SER B 301 -12.52 -18.36 3.11
C SER B 301 -12.27 -19.00 4.47
N GLU B 302 -11.00 -19.09 4.87
CA GLU B 302 -10.67 -19.69 6.15
C GLU B 302 -11.21 -18.84 7.29
N ALA B 303 -11.07 -17.53 7.18
CA ALA B 303 -11.68 -16.65 8.18
C ALA B 303 -13.20 -16.80 8.17
N ASN B 304 -13.78 -17.00 6.99
CA ASN B 304 -15.22 -17.24 6.91
C ASN B 304 -15.61 -18.48 7.70
N ILE B 305 -14.80 -19.54 7.61
CA ILE B 305 -15.06 -20.72 8.42
C ILE B 305 -14.89 -20.41 9.91
N ARG B 306 -13.82 -19.70 10.27
CA ARG B 306 -13.45 -19.58 11.68
C ARG B 306 -14.42 -18.67 12.42
N LYS B 307 -14.95 -17.64 11.77
CA LYS B 307 -15.83 -16.71 12.45
C LYS B 307 -17.09 -17.40 12.97
N LEU B 308 -17.43 -18.58 12.45
CA LEU B 308 -18.66 -19.25 12.87
C LEU B 308 -18.61 -19.66 14.34
N PHE B 309 -17.49 -20.20 14.79
CA PHE B 309 -17.40 -20.81 16.11
C PHE B 309 -16.97 -19.83 17.20
N ALA B 310 -16.77 -18.55 16.89
CA ALA B 310 -16.21 -17.64 17.88
C ALA B 310 -17.07 -17.55 19.12
N ASP B 311 -18.38 -17.36 18.94
CA ASP B 311 -19.27 -17.14 20.08
C ASP B 311 -19.34 -18.38 20.98
N ALA B 312 -19.42 -19.56 20.37
CA ALA B 312 -19.47 -20.78 21.17
C ALA B 312 -18.21 -20.95 21.99
N GLU B 313 -17.04 -20.71 21.39
CA GLU B 313 -15.79 -20.79 22.13
C GLU B 313 -15.77 -19.78 23.26
N GLU B 314 -16.20 -18.55 23.00
CA GLU B 314 -16.22 -17.54 24.06
C GLU B 314 -17.09 -17.99 25.22
N GLU B 315 -18.29 -18.48 24.93
CA GLU B 315 -19.18 -18.92 26.01
C GLU B 315 -18.58 -20.09 26.76
N GLN B 316 -18.02 -21.07 26.04
CA GLN B 316 -17.34 -22.17 26.71
C GLN B 316 -16.23 -21.67 27.62
N ARG B 317 -15.59 -20.56 27.26
CA ARG B 317 -14.54 -20.02 28.11
C ARG B 317 -15.11 -19.35 29.34
N ARG B 318 -15.98 -18.37 29.16
CA ARG B 318 -16.52 -17.63 30.30
C ARG B 318 -17.31 -18.56 31.23
N LEU B 319 -18.24 -19.31 30.67
CA LEU B 319 -19.02 -20.27 31.42
C LEU B 319 -18.59 -21.69 31.10
N GLY B 320 -18.75 -22.58 32.07
CA GLY B 320 -18.38 -23.97 31.90
C GLY B 320 -19.50 -24.90 32.32
N ALA B 321 -19.87 -25.83 31.44
CA ALA B 321 -20.96 -26.76 31.68
C ALA B 321 -22.28 -26.05 31.91
N ASN B 322 -22.38 -24.78 31.51
CA ASN B 322 -23.62 -24.02 31.65
C ASN B 322 -23.94 -23.18 30.43
N SER B 323 -23.08 -23.15 29.42
CA SER B 323 -23.33 -22.32 28.24
C SER B 323 -24.46 -22.89 27.40
N GLY B 324 -25.22 -22.01 26.79
CA GLY B 324 -26.33 -22.43 25.96
C GLY B 324 -25.87 -23.13 24.69
N LEU B 325 -26.78 -23.91 24.13
CA LEU B 325 -26.46 -24.68 22.93
C LEU B 325 -26.28 -23.76 21.73
N HIS B 326 -25.52 -24.24 20.76
CA HIS B 326 -25.30 -23.55 19.50
C HIS B 326 -25.69 -24.47 18.34
N ILE B 327 -26.29 -23.90 17.30
CA ILE B 327 -26.79 -24.66 16.17
C ILE B 327 -26.28 -24.00 14.89
N ILE B 328 -25.79 -24.83 13.96
CA ILE B 328 -25.25 -24.38 12.68
C ILE B 328 -25.86 -25.23 11.59
N ILE B 329 -26.29 -24.60 10.50
CA ILE B 329 -26.90 -25.28 9.36
C ILE B 329 -26.01 -25.07 8.15
N PHE B 330 -25.52 -26.17 7.58
CA PHE B 330 -24.79 -26.15 6.32
C PHE B 330 -25.72 -26.66 5.22
N ASP B 331 -26.00 -25.82 4.24
CA ASP B 331 -26.81 -26.20 3.10
C ASP B 331 -25.90 -26.63 1.95
N GLU B 332 -26.14 -27.83 1.43
CA GLU B 332 -25.34 -28.39 0.35
C GLU B 332 -23.86 -28.48 0.77
N ILE B 333 -23.63 -29.24 1.84
CA ILE B 333 -22.26 -29.47 2.30
C ILE B 333 -21.44 -30.11 1.19
N ASP B 334 -22.08 -30.89 0.32
CA ASP B 334 -21.38 -31.57 -0.76
C ASP B 334 -20.66 -30.60 -1.68
N ALA B 335 -21.08 -29.33 -1.70
CA ALA B 335 -20.51 -28.37 -2.64
C ALA B 335 -19.01 -28.18 -2.40
N ILE B 336 -18.58 -28.20 -1.15
CA ILE B 336 -17.22 -27.82 -0.78
C ILE B 336 -16.43 -29.01 -0.25
N CYS B 337 -16.98 -29.73 0.73
CA CYS B 337 -16.24 -30.79 1.42
C CYS B 337 -16.18 -32.03 0.53
N LYS B 338 -15.47 -31.91 -0.58
CA LYS B 338 -15.23 -33.03 -1.48
C LYS B 338 -14.00 -33.80 -1.04
N GLN B 339 -13.72 -34.89 -1.76
CA GLN B 339 -12.56 -35.70 -1.43
C GLN B 339 -11.28 -34.88 -1.55
N ARG B 340 -10.37 -35.08 -0.60
CA ARG B 340 -9.13 -34.30 -0.54
C ARG B 340 -8.05 -34.94 -1.43
N GLY B 341 -8.40 -35.15 -2.69
CA GLY B 341 -7.49 -35.78 -3.62
C GLY B 341 -7.03 -37.15 -3.14
N SER B 342 -6.21 -37.82 -3.93
CA SER B 342 -5.71 -39.15 -3.53
C SER B 342 -4.30 -39.07 -2.98
N MET B 343 -3.35 -38.61 -3.79
CA MET B 343 -1.97 -38.48 -3.34
C MET B 343 -1.22 -37.29 -3.91
N ALA B 344 -1.82 -36.50 -4.80
CA ALA B 344 -1.11 -35.39 -5.44
C ALA B 344 -2.13 -34.40 -5.96
N GLY B 345 -1.63 -33.24 -6.38
CA GLY B 345 -2.49 -32.18 -6.87
C GLY B 345 -3.40 -31.65 -5.79
N SER B 346 -4.57 -31.16 -6.19
CA SER B 346 -5.50 -30.57 -5.24
C SER B 346 -6.87 -30.40 -5.88
N THR B 347 -7.78 -29.72 -5.18
CA THR B 347 -9.13 -29.47 -5.67
C THR B 347 -9.40 -27.96 -5.55
N GLY B 348 -8.44 -27.16 -6.04
CA GLY B 348 -8.54 -25.72 -5.95
C GLY B 348 -8.16 -25.22 -4.56
N VAL B 349 -9.16 -24.78 -3.80
CA VAL B 349 -8.98 -24.39 -2.41
C VAL B 349 -9.65 -25.37 -1.47
N HIS B 350 -10.37 -26.36 -2.00
CA HIS B 350 -11.10 -27.30 -1.16
C HIS B 350 -10.17 -28.01 -0.19
N ASP B 351 -8.91 -28.21 -0.58
CA ASP B 351 -7.95 -28.83 0.34
C ASP B 351 -7.85 -28.04 1.63
N THR B 352 -7.72 -26.72 1.53
CA THR B 352 -7.59 -25.90 2.72
C THR B 352 -8.85 -25.88 3.56
N VAL B 353 -10.02 -25.75 2.92
CA VAL B 353 -11.26 -25.62 3.66
C VAL B 353 -11.54 -26.87 4.48
N VAL B 354 -11.35 -28.05 3.87
CA VAL B 354 -11.61 -29.29 4.60
C VAL B 354 -10.68 -29.40 5.80
N ASN B 355 -9.39 -29.11 5.60
CA ASN B 355 -8.45 -29.18 6.72
C ASN B 355 -8.86 -28.24 7.84
N GLN B 356 -9.19 -27.00 7.50
CA GLN B 356 -9.56 -26.03 8.52
C GLN B 356 -10.80 -26.49 9.28
N LEU B 357 -11.85 -26.90 8.56
CA LEU B 357 -13.08 -27.29 9.22
C LEU B 357 -12.87 -28.52 10.11
N LEU B 358 -12.16 -29.53 9.58
CA LEU B 358 -11.91 -30.73 10.36
C LEU B 358 -11.14 -30.41 11.62
N SER B 359 -10.07 -29.63 11.49
CA SER B 359 -9.28 -29.26 12.66
C SER B 359 -10.12 -28.51 13.69
N LYS B 360 -10.99 -27.61 13.24
CA LYS B 360 -11.75 -26.79 14.18
C LYS B 360 -12.85 -27.56 14.89
N ILE B 361 -13.56 -28.45 14.19
CA ILE B 361 -14.64 -29.19 14.84
C ILE B 361 -14.11 -29.96 16.03
N ASP B 362 -12.94 -30.57 15.89
CA ASP B 362 -12.33 -31.34 16.98
C ASP B 362 -10.82 -31.12 16.94
N GLY B 363 -10.35 -30.14 17.70
CA GLY B 363 -8.93 -29.87 17.81
C GLY B 363 -8.38 -30.27 19.17
N VAL B 364 -7.18 -29.79 19.49
CA VAL B 364 -6.63 -30.07 20.82
C VAL B 364 -7.53 -29.48 21.89
N GLU B 365 -8.02 -28.26 21.69
CA GLU B 365 -9.01 -27.68 22.57
C GLU B 365 -10.31 -28.45 22.41
N GLN B 366 -11.04 -28.63 23.50
CA GLN B 366 -12.25 -29.45 23.52
C GLN B 366 -13.47 -28.58 23.78
N LEU B 367 -14.52 -28.81 22.98
CA LEU B 367 -15.79 -28.11 23.11
C LEU B 367 -16.89 -29.10 23.45
N ASN B 368 -17.90 -28.62 24.17
CA ASN B 368 -19.01 -29.50 24.55
C ASN B 368 -20.36 -28.79 24.51
N ASN B 369 -20.51 -27.76 23.68
CA ASN B 369 -21.75 -26.99 23.63
C ASN B 369 -22.11 -26.62 22.19
N ILE B 370 -21.93 -27.55 21.26
CA ILE B 370 -22.11 -27.26 19.84
C ILE B 370 -22.87 -28.41 19.18
N LEU B 371 -23.51 -28.09 18.06
CA LEU B 371 -24.24 -29.07 17.27
C LEU B 371 -24.28 -28.59 15.82
N VAL B 372 -24.11 -29.54 14.90
CA VAL B 372 -24.00 -29.23 13.47
C VAL B 372 -25.00 -30.08 12.70
N ILE B 373 -25.76 -29.44 11.82
CA ILE B 373 -26.70 -30.11 10.93
C ILE B 373 -26.33 -29.78 9.49
N GLY B 374 -26.13 -30.82 8.68
CA GLY B 374 -25.78 -30.64 7.29
C GLY B 374 -26.73 -31.44 6.40
N MET B 375 -26.98 -30.92 5.21
CA MET B 375 -27.92 -31.51 4.27
C MET B 375 -27.27 -31.66 2.91
N THR B 376 -27.65 -32.72 2.19
CA THR B 376 -27.22 -32.92 0.82
C THR B 376 -28.06 -34.04 0.21
N ASN B 377 -27.99 -34.16 -1.11
CA ASN B 377 -28.74 -35.18 -1.83
C ASN B 377 -27.88 -36.35 -2.29
N ARG B 378 -26.60 -36.11 -2.58
CA ARG B 378 -25.68 -37.16 -2.96
C ARG B 378 -24.76 -37.45 -1.79
N PRO B 379 -24.88 -38.58 -1.10
CA PRO B 379 -24.09 -38.80 0.12
C PRO B 379 -22.73 -39.44 -0.09
N ASP B 380 -22.43 -39.95 -1.29
CA ASP B 380 -21.20 -40.68 -1.54
C ASP B 380 -20.02 -39.79 -1.87
N LEU B 381 -20.25 -38.50 -2.15
CA LEU B 381 -19.19 -37.60 -2.57
C LEU B 381 -18.54 -36.87 -1.42
N ILE B 382 -18.96 -37.10 -0.19
CA ILE B 382 -18.39 -36.42 0.96
C ILE B 382 -17.09 -37.12 1.36
N ASP B 383 -16.18 -36.35 1.94
CA ASP B 383 -14.95 -36.93 2.45
C ASP B 383 -15.27 -37.95 3.54
N GLU B 384 -14.56 -39.07 3.52
CA GLU B 384 -14.83 -40.14 4.48
C GLU B 384 -14.28 -39.80 5.85
N ALA B 385 -13.14 -39.11 5.91
CA ALA B 385 -12.54 -38.79 7.19
C ALA B 385 -13.44 -37.92 8.05
N LEU B 386 -14.41 -37.24 7.44
CA LEU B 386 -15.33 -36.38 8.17
C LEU B 386 -16.50 -37.13 8.80
N LEU B 387 -16.69 -38.40 8.44
CA LEU B 387 -17.87 -39.15 8.88
C LEU B 387 -17.55 -40.21 9.93
N ARG B 388 -16.33 -40.28 10.44
CA ARG B 388 -16.04 -41.22 11.49
C ARG B 388 -16.73 -40.78 12.79
N PRO B 389 -16.96 -41.70 13.72
CA PRO B 389 -17.58 -41.32 14.98
C PRO B 389 -16.77 -40.24 15.68
N GLY B 390 -17.47 -39.37 16.40
CA GLY B 390 -16.89 -38.18 16.98
C GLY B 390 -17.20 -36.91 16.23
N ARG B 391 -17.67 -37.01 14.99
CA ARG B 391 -18.07 -35.85 14.21
C ARG B 391 -18.94 -36.33 13.04
N LEU B 392 -20.12 -35.74 12.88
CA LEU B 392 -21.08 -36.23 11.89
C LEU B 392 -21.33 -37.72 12.09
N GLU B 393 -21.79 -38.07 13.29
CA GLU B 393 -21.92 -39.47 13.67
C GLU B 393 -23.25 -40.06 13.20
N VAL B 394 -24.36 -39.48 13.66
CA VAL B 394 -25.69 -40.02 13.35
C VAL B 394 -26.11 -39.54 11.97
N LYS B 395 -26.48 -40.48 11.11
CA LYS B 395 -26.96 -40.18 9.77
C LYS B 395 -28.29 -40.86 9.55
N MET B 396 -29.18 -40.21 8.80
CA MET B 396 -30.53 -40.70 8.58
C MET B 396 -30.90 -40.50 7.11
N GLU B 397 -31.87 -41.27 6.65
CA GLU B 397 -32.40 -41.16 5.30
C GLU B 397 -33.83 -40.64 5.37
N ILE B 398 -34.24 -39.93 4.32
CA ILE B 398 -35.58 -39.38 4.21
C ILE B 398 -36.11 -39.71 2.82
N GLY B 399 -36.93 -40.75 2.73
CA GLY B 399 -37.46 -41.22 1.46
C GLY B 399 -38.90 -40.77 1.24
N LEU B 400 -39.42 -41.15 0.07
CA LEU B 400 -40.75 -40.73 -0.34
C LEU B 400 -41.81 -41.22 0.63
N PRO B 401 -42.89 -40.49 0.82
CA PRO B 401 -43.93 -40.93 1.75
C PRO B 401 -44.92 -41.88 1.10
N ASP B 402 -45.39 -42.83 1.90
CA ASP B 402 -46.41 -43.78 1.47
C ASP B 402 -47.79 -43.18 1.71
N GLU B 403 -48.83 -44.01 1.65
CA GLU B 403 -50.20 -43.50 1.66
C GLU B 403 -50.49 -42.69 2.93
N LYS B 404 -50.25 -43.28 4.10
CA LYS B 404 -50.59 -42.60 5.34
C LYS B 404 -49.87 -41.26 5.44
N GLY B 405 -48.63 -41.20 4.97
CA GLY B 405 -47.94 -39.93 4.90
C GLY B 405 -48.72 -38.92 4.08
N ARG B 406 -49.23 -39.34 2.91
CA ARG B 406 -49.99 -38.42 2.08
C ARG B 406 -51.25 -37.95 2.80
N LEU B 407 -51.94 -38.86 3.50
CA LEU B 407 -53.13 -38.47 4.24
C LEU B 407 -52.79 -37.40 5.27
N GLN B 408 -51.74 -37.62 6.05
CA GLN B 408 -51.35 -36.64 7.06
C GLN B 408 -50.99 -35.31 6.41
N ILE B 409 -50.27 -35.35 5.29
CA ILE B 409 -49.85 -34.12 4.63
C ILE B 409 -51.07 -33.33 4.19
N LEU B 410 -52.05 -34.02 3.58
CA LEU B 410 -53.25 -33.33 3.13
C LEU B 410 -54.01 -32.72 4.30
N HIS B 411 -54.13 -33.46 5.40
CA HIS B 411 -54.81 -32.89 6.57
C HIS B 411 -54.08 -31.64 7.06
N ILE B 412 -52.76 -31.71 7.15
CA ILE B 412 -52.00 -30.58 7.69
C ILE B 412 -52.17 -29.36 6.81
N HIS B 413 -52.13 -29.53 5.49
CA HIS B 413 -52.22 -28.38 4.60
C HIS B 413 -53.65 -27.98 4.27
N THR B 414 -54.65 -28.73 4.73
CA THR B 414 -56.04 -28.31 4.57
C THR B 414 -56.70 -27.94 5.90
N ALA B 415 -55.94 -27.95 7.00
CA ALA B 415 -56.51 -27.47 8.26
C ALA B 415 -57.06 -26.06 8.11
N ARG B 416 -56.24 -25.13 7.59
CA ARG B 416 -56.69 -23.75 7.45
C ARG B 416 -57.88 -23.67 6.49
N MET B 417 -57.84 -24.47 5.41
CA MET B 417 -59.00 -24.57 4.55
C MET B 417 -60.25 -24.84 5.37
N ARG B 418 -60.21 -25.90 6.18
CA ARG B 418 -61.37 -26.27 6.99
C ARG B 418 -61.72 -25.20 8.00
N GLY B 419 -60.76 -24.35 8.36
CA GLY B 419 -60.99 -23.39 9.44
C GLY B 419 -62.18 -22.49 9.17
N HIS B 420 -62.33 -22.01 7.93
CA HIS B 420 -63.34 -21.01 7.60
C HIS B 420 -64.51 -21.59 6.82
N GLN B 421 -64.75 -22.89 6.93
CA GLN B 421 -65.88 -23.53 6.26
C GLN B 421 -65.86 -23.25 4.76
N LEU B 422 -64.68 -23.02 4.20
CA LEU B 422 -64.51 -22.68 2.80
C LEU B 422 -64.33 -23.90 1.92
N LEU B 423 -64.40 -25.10 2.50
CA LEU B 423 -64.24 -26.35 1.76
C LEU B 423 -65.59 -27.01 1.56
N SER B 424 -65.90 -27.36 0.32
CA SER B 424 -67.16 -28.01 0.02
C SER B 424 -67.24 -29.37 0.72
N ALA B 425 -68.41 -29.68 1.28
CA ALA B 425 -68.59 -30.94 1.97
C ALA B 425 -68.44 -32.14 1.05
N ASP B 426 -68.62 -31.95 -0.26
CA ASP B 426 -68.55 -33.08 -1.18
C ASP B 426 -67.17 -33.73 -1.18
N VAL B 427 -66.11 -32.92 -1.14
CA VAL B 427 -64.77 -33.44 -1.29
C VAL B 427 -64.48 -34.51 -0.25
N ASP B 428 -63.60 -35.44 -0.62
CA ASP B 428 -63.05 -36.43 0.31
C ASP B 428 -61.53 -36.37 0.24
N ILE B 429 -60.89 -36.57 1.38
CA ILE B 429 -59.43 -36.56 1.43
C ILE B 429 -58.87 -37.95 1.13
N LYS B 430 -59.57 -39.00 1.55
CA LYS B 430 -59.07 -40.34 1.31
C LYS B 430 -58.99 -40.64 -0.18
N GLU B 431 -59.97 -40.18 -0.96
CA GLU B 431 -59.93 -40.39 -2.40
C GLU B 431 -58.68 -39.77 -3.01
N LEU B 432 -58.41 -38.51 -2.67
CA LEU B 432 -57.23 -37.84 -3.22
C LEU B 432 -55.96 -38.55 -2.78
N ALA B 433 -55.90 -38.97 -1.52
CA ALA B 433 -54.72 -39.70 -1.05
C ALA B 433 -54.53 -40.98 -1.85
N VAL B 434 -55.62 -41.69 -2.14
CA VAL B 434 -55.52 -42.93 -2.89
C VAL B 434 -55.02 -42.66 -4.30
N GLU B 435 -55.58 -41.64 -4.96
CA GLU B 435 -55.25 -41.39 -6.35
C GLU B 435 -53.78 -41.01 -6.51
N THR B 436 -53.29 -40.12 -5.65
CA THR B 436 -51.93 -39.63 -5.77
C THR B 436 -50.93 -40.71 -5.38
N LYS B 437 -49.97 -40.98 -6.26
CA LYS B 437 -48.96 -42.00 -6.02
C LYS B 437 -47.60 -41.47 -6.43
N ASN B 438 -46.60 -41.74 -5.59
CA ASN B 438 -45.21 -41.35 -5.80
C ASN B 438 -45.03 -39.84 -5.86
N PHE B 439 -46.13 -39.03 -5.58
CA PHE B 439 -45.94 -37.60 -5.49
C PHE B 439 -44.87 -37.28 -4.46
N SER B 440 -44.50 -36.01 -4.38
CA SER B 440 -43.61 -35.55 -3.33
C SER B 440 -44.19 -34.30 -2.69
N GLY B 441 -43.97 -34.15 -1.39
CA GLY B 441 -44.66 -33.13 -0.62
C GLY B 441 -44.84 -31.83 -1.36
N ALA B 442 -43.74 -31.27 -1.86
CA ALA B 442 -43.84 -30.05 -2.63
C ALA B 442 -44.88 -30.21 -3.73
N GLU B 443 -44.94 -31.40 -4.31
CA GLU B 443 -45.96 -31.62 -5.32
C GLU B 443 -47.34 -31.46 -4.69
N LEU B 444 -47.52 -31.92 -3.46
CA LEU B 444 -48.81 -31.80 -2.79
C LEU B 444 -49.17 -30.33 -2.56
N GLU B 445 -48.22 -29.55 -2.08
CA GLU B 445 -48.46 -28.13 -1.96
C GLU B 445 -48.91 -27.55 -3.29
N GLY B 446 -48.18 -27.83 -4.46
CA GLY B 446 -48.56 -27.32 -5.77
C GLY B 446 -49.97 -27.72 -6.14
N LEU B 447 -50.36 -28.95 -5.82
CA LEU B 447 -51.70 -29.42 -6.13
C LEU B 447 -52.75 -28.60 -5.40
N VAL B 448 -52.54 -28.37 -4.10
CA VAL B 448 -53.48 -27.57 -3.33
C VAL B 448 -53.58 -26.17 -3.92
N ARG B 449 -52.43 -25.56 -4.21
CA ARG B 449 -52.42 -24.20 -4.73
C ARG B 449 -53.13 -24.12 -6.08
N ALA B 450 -52.88 -25.09 -6.96
CA ALA B 450 -53.49 -25.06 -8.28
C ALA B 450 -55.00 -25.24 -8.18
N ALA B 451 -55.46 -26.16 -7.33
CA ALA B 451 -56.89 -26.31 -7.12
C ALA B 451 -57.49 -25.01 -6.62
N GLN B 452 -56.84 -24.37 -5.64
CA GLN B 452 -57.32 -23.10 -5.13
C GLN B 452 -57.44 -22.07 -6.25
N SER B 453 -56.40 -21.94 -7.07
CA SER B 453 -56.39 -20.93 -8.11
C SER B 453 -57.46 -21.19 -9.16
N THR B 454 -57.64 -22.45 -9.56
CA THR B 454 -58.66 -22.75 -10.54
C THR B 454 -60.05 -22.44 -9.98
N ALA B 455 -60.30 -22.84 -8.74
CA ALA B 455 -61.60 -22.53 -8.13
C ALA B 455 -61.83 -21.03 -8.07
N MET B 456 -60.80 -20.27 -7.69
CA MET B 456 -60.93 -18.82 -7.65
C MET B 456 -61.24 -18.27 -9.04
N ASN B 457 -60.49 -18.69 -10.05
CA ASN B 457 -60.71 -18.22 -11.40
C ASN B 457 -62.10 -18.55 -11.89
N ARG B 458 -62.71 -19.61 -11.38
CA ARG B 458 -64.09 -19.92 -11.78
C ARG B 458 -65.02 -18.75 -11.53
N HIS B 459 -64.76 -17.94 -10.50
CA HIS B 459 -65.59 -16.78 -10.20
C HIS B 459 -65.14 -15.52 -10.91
N ILE B 460 -63.88 -15.42 -11.32
CA ILE B 460 -63.35 -14.19 -11.90
C ILE B 460 -64.02 -13.82 -13.21
N LYS B 461 -64.70 -14.77 -13.85
CA LYS B 461 -65.40 -14.51 -15.10
C LYS B 461 -66.89 -14.30 -14.92
N ALA B 462 -67.41 -14.34 -13.70
CA ALA B 462 -68.84 -14.22 -13.45
C ALA B 462 -69.19 -13.16 -12.40
N SER B 463 -68.39 -13.03 -11.35
CA SER B 463 -68.71 -12.11 -10.26
C SER B 463 -67.95 -10.79 -10.38
N THR B 464 -66.62 -10.85 -10.37
CA THR B 464 -65.82 -9.63 -10.54
C THR B 464 -65.68 -9.23 -11.99
N LYS B 465 -66.03 -10.12 -12.93
CA LYS B 465 -66.00 -9.74 -14.34
C LYS B 465 -67.03 -8.65 -14.63
N VAL B 466 -68.22 -8.75 -14.05
CA VAL B 466 -69.29 -7.80 -14.27
C VAL B 466 -69.45 -6.84 -13.09
N GLU B 467 -68.56 -6.92 -12.10
CA GLU B 467 -68.67 -6.08 -10.90
C GLU B 467 -70.05 -6.23 -10.25
N VAL B 468 -70.51 -7.48 -10.18
CA VAL B 468 -71.79 -7.79 -9.57
C VAL B 468 -71.55 -8.17 -8.11
N ASP B 469 -72.61 -8.16 -7.31
CA ASP B 469 -72.50 -8.40 -5.87
C ASP B 469 -71.61 -9.59 -5.59
N MET B 470 -70.80 -9.45 -4.52
CA MET B 470 -69.80 -10.46 -4.17
C MET B 470 -70.45 -11.62 -3.43
N GLU B 471 -71.79 -11.73 -3.40
CA GLU B 471 -72.47 -12.93 -2.94
C GLU B 471 -72.11 -14.13 -3.80
N LYS B 472 -72.06 -13.94 -5.12
CA LYS B 472 -71.60 -15.01 -6.00
C LYS B 472 -70.16 -15.37 -5.70
N ALA B 473 -69.30 -14.37 -5.52
CA ALA B 473 -67.92 -14.59 -5.12
C ALA B 473 -67.80 -15.01 -3.66
N GLU B 474 -68.78 -14.72 -2.83
CA GLU B 474 -68.78 -15.17 -1.44
C GLU B 474 -69.08 -16.66 -1.33
N SER B 475 -70.03 -17.17 -2.11
CA SER B 475 -70.34 -18.59 -2.10
C SER B 475 -69.18 -19.44 -2.59
N LEU B 476 -68.06 -18.83 -2.99
CA LEU B 476 -66.86 -19.54 -3.40
C LEU B 476 -66.60 -20.74 -2.50
N GLN B 477 -66.39 -21.90 -3.12
CA GLN B 477 -66.09 -23.12 -2.36
C GLN B 477 -65.36 -24.08 -3.29
N VAL B 478 -64.18 -24.52 -2.89
CA VAL B 478 -63.43 -25.47 -3.70
C VAL B 478 -64.15 -26.82 -3.69
N THR B 479 -64.37 -27.38 -4.87
CA THR B 479 -65.12 -28.61 -5.03
C THR B 479 -64.26 -29.67 -5.68
N ARG B 480 -64.74 -30.91 -5.60
CA ARG B 480 -64.01 -32.04 -6.20
C ARG B 480 -63.72 -31.77 -7.67
N GLY B 481 -64.63 -31.08 -8.36
CA GLY B 481 -64.38 -30.74 -9.75
C GLY B 481 -63.11 -29.93 -9.92
N ASP B 482 -62.87 -28.99 -9.01
CA ASP B 482 -61.65 -28.19 -9.09
C ASP B 482 -60.41 -29.07 -8.96
N PHE B 483 -60.38 -29.93 -7.94
CA PHE B 483 -59.23 -30.82 -7.77
C PHE B 483 -59.01 -31.67 -9.01
N LEU B 484 -60.07 -32.32 -9.49
CA LEU B 484 -59.92 -33.18 -10.65
C LEU B 484 -59.48 -32.41 -11.89
N ALA B 485 -59.91 -31.17 -12.04
CA ALA B 485 -59.42 -30.35 -13.15
C ALA B 485 -57.92 -30.06 -12.99
N SER B 486 -57.48 -29.81 -11.76
CA SER B 486 -56.08 -29.47 -11.55
C SER B 486 -55.17 -30.68 -11.66
N LEU B 487 -55.69 -31.87 -11.38
CA LEU B 487 -54.86 -33.06 -11.30
C LEU B 487 -54.38 -33.56 -12.66
N GLU B 488 -54.93 -33.03 -13.75
CA GLU B 488 -54.65 -33.57 -15.09
C GLU B 488 -53.76 -32.69 -15.94
N ASN B 489 -53.62 -31.41 -15.64
CA ASN B 489 -53.09 -30.48 -16.62
C ASN B 489 -52.09 -29.48 -16.06
N ASP B 490 -51.68 -29.59 -14.80
CA ASP B 490 -50.78 -28.61 -14.21
C ASP B 490 -49.62 -29.20 -13.42
N ILE B 491 -49.71 -30.46 -12.98
CA ILE B 491 -48.72 -31.06 -12.10
C ILE B 491 -48.07 -32.23 -12.83
N LYS B 492 -46.74 -32.25 -12.82
CA LYS B 492 -45.97 -33.31 -13.48
C LYS B 492 -45.04 -33.96 -12.47
N PRO B 493 -45.48 -34.99 -11.75
CA PRO B 493 -44.62 -35.58 -10.72
C PRO B 493 -43.32 -36.07 -11.31
N ALA B 494 -42.23 -35.84 -10.58
CA ALA B 494 -40.92 -36.24 -11.08
C ALA B 494 -40.80 -37.76 -11.15
N PHE B 495 -41.16 -38.46 -10.07
CA PHE B 495 -41.00 -39.90 -9.99
C PHE B 495 -42.29 -40.65 -10.33
N GLY B 496 -43.13 -40.08 -11.19
CA GLY B 496 -44.41 -40.66 -11.51
C GLY B 496 -44.59 -40.83 -13.01
N THR B 497 -45.76 -41.32 -13.38
CA THR B 497 -46.08 -41.52 -14.78
C THR B 497 -46.16 -40.19 -15.50
N ASN B 498 -46.42 -40.25 -16.80
CA ASN B 498 -46.62 -39.06 -17.61
C ASN B 498 -47.39 -39.44 -18.86
N GLN B 499 -48.62 -38.93 -18.97
CA GLN B 499 -49.55 -39.37 -20.01
C GLN B 499 -49.45 -38.48 -21.26
N GLU B 500 -48.23 -38.26 -21.75
CA GLU B 500 -48.04 -37.48 -22.96
C GLU B 500 -47.11 -38.15 -23.96
N ASP B 501 -46.06 -38.81 -23.50
CA ASP B 501 -45.11 -39.43 -24.43
C ASP B 501 -45.79 -40.52 -25.25
N TYR B 502 -46.70 -41.27 -24.64
CA TYR B 502 -47.32 -42.38 -25.34
C TYR B 502 -48.03 -41.89 -26.60
N ALA B 503 -48.82 -40.82 -26.48
CA ALA B 503 -49.47 -40.27 -27.66
C ALA B 503 -48.46 -39.80 -28.69
N SER B 504 -47.26 -39.42 -28.27
CA SER B 504 -46.23 -39.04 -29.24
C SER B 504 -45.61 -40.26 -29.91
N TYR B 505 -45.68 -41.42 -29.26
CA TYR B 505 -45.09 -42.63 -29.82
C TYR B 505 -46.09 -43.56 -30.49
N ILE B 506 -47.32 -43.63 -29.99
CA ILE B 506 -48.38 -44.37 -30.64
C ILE B 506 -49.16 -43.34 -31.48
N MET B 507 -48.67 -43.09 -32.68
CA MET B 507 -49.25 -42.04 -33.50
C MET B 507 -50.58 -42.43 -34.12
N ASN B 508 -50.71 -43.67 -34.60
CA ASN B 508 -51.90 -44.10 -35.30
C ASN B 508 -52.58 -45.27 -34.59
N GLY B 509 -52.54 -45.27 -33.26
CA GLY B 509 -53.18 -46.32 -32.53
C GLY B 509 -52.61 -47.69 -32.91
N ILE B 510 -53.24 -48.71 -32.33
CA ILE B 510 -52.86 -50.09 -32.56
C ILE B 510 -54.05 -50.80 -33.21
N ILE B 511 -53.85 -51.32 -34.41
CA ILE B 511 -54.90 -52.01 -35.14
C ILE B 511 -54.58 -53.48 -35.20
N LYS B 512 -55.59 -54.31 -34.96
CA LYS B 512 -55.43 -55.76 -34.94
C LYS B 512 -55.62 -56.29 -36.37
N TRP B 513 -54.51 -56.62 -37.03
CA TRP B 513 -54.55 -57.15 -38.38
C TRP B 513 -54.28 -58.64 -38.45
N GLY B 514 -54.00 -59.30 -37.34
CA GLY B 514 -53.73 -60.72 -37.37
C GLY B 514 -53.49 -61.26 -35.98
N ASP B 515 -53.38 -62.59 -35.92
CA ASP B 515 -53.19 -63.26 -34.64
C ASP B 515 -51.93 -62.81 -33.91
N PRO B 516 -50.78 -62.64 -34.56
CA PRO B 516 -49.53 -62.44 -33.80
C PRO B 516 -49.60 -61.32 -32.76
N VAL B 517 -50.31 -60.22 -33.06
CA VAL B 517 -50.37 -59.12 -32.12
C VAL B 517 -50.93 -59.59 -30.78
N THR B 518 -51.98 -60.42 -30.83
CA THR B 518 -52.57 -60.91 -29.60
C THR B 518 -51.58 -61.76 -28.81
N ARG B 519 -50.82 -62.60 -29.50
CA ARG B 519 -49.81 -63.41 -28.82
C ARG B 519 -48.78 -62.52 -28.13
N VAL B 520 -48.32 -61.47 -28.82
CA VAL B 520 -47.33 -60.58 -28.24
C VAL B 520 -47.89 -59.92 -27.00
N LEU B 521 -49.13 -59.41 -27.09
CA LEU B 521 -49.73 -58.73 -25.94
C LEU B 521 -49.91 -59.69 -24.78
N ASP B 522 -50.30 -60.94 -25.06
CA ASP B 522 -50.46 -61.92 -24.00
C ASP B 522 -49.14 -62.21 -23.30
N ASP B 523 -48.06 -62.34 -24.07
CA ASP B 523 -46.76 -62.56 -23.46
C ASP B 523 -46.36 -61.38 -22.59
N GLY B 524 -46.60 -60.16 -23.06
CA GLY B 524 -46.31 -59.00 -22.24
C GLY B 524 -47.10 -59.00 -20.95
N GLU B 525 -48.39 -59.33 -21.03
CA GLU B 525 -49.22 -59.40 -19.84
C GLU B 525 -48.68 -60.44 -18.86
N LEU B 526 -48.27 -61.60 -19.37
CA LEU B 526 -47.70 -62.62 -18.50
C LEU B 526 -46.45 -62.11 -17.81
N LEU B 527 -45.58 -61.44 -18.55
CA LEU B 527 -44.34 -60.93 -17.94
C LEU B 527 -44.66 -59.94 -16.84
N VAL B 528 -45.57 -59.00 -17.10
CA VAL B 528 -45.86 -57.98 -16.09
C VAL B 528 -46.47 -58.62 -14.85
N GLN B 529 -47.40 -59.56 -15.03
CA GLN B 529 -47.99 -60.24 -13.89
C GLN B 529 -46.92 -60.97 -13.08
N GLN B 530 -46.04 -61.68 -13.77
CA GLN B 530 -45.00 -62.44 -13.09
C GLN B 530 -44.12 -61.51 -12.26
N THR B 531 -43.67 -60.41 -12.85
CA THR B 531 -42.80 -59.52 -12.09
C THR B 531 -43.52 -58.93 -10.89
N LYS B 532 -44.81 -58.59 -11.05
CA LYS B 532 -45.54 -58.05 -9.89
C LYS B 532 -45.64 -59.07 -8.77
N ASN B 533 -45.93 -60.34 -9.11
CA ASN B 533 -46.22 -61.32 -8.08
C ASN B 533 -44.99 -62.07 -7.55
N SER B 534 -43.84 -61.96 -8.21
CA SER B 534 -42.71 -62.78 -7.83
C SER B 534 -42.15 -62.35 -6.48
N ASP B 535 -41.36 -63.24 -5.90
CA ASP B 535 -40.65 -62.98 -4.64
C ASP B 535 -39.16 -63.27 -4.73
N ARG B 536 -38.76 -64.27 -5.50
CA ARG B 536 -37.36 -64.67 -5.60
C ARG B 536 -36.68 -64.22 -6.88
N THR B 537 -37.38 -63.49 -7.75
CA THR B 537 -36.84 -63.00 -9.01
C THR B 537 -37.14 -61.52 -9.12
N PRO B 538 -36.45 -60.69 -8.35
CA PRO B 538 -36.75 -59.25 -8.37
C PRO B 538 -36.52 -58.58 -9.71
N LEU B 539 -35.62 -59.10 -10.56
CA LEU B 539 -35.25 -58.45 -11.80
C LEU B 539 -35.60 -59.33 -12.99
N VAL B 540 -36.23 -58.74 -14.00
CA VAL B 540 -36.64 -59.45 -15.21
C VAL B 540 -36.21 -58.63 -16.41
N SER B 541 -36.10 -59.30 -17.55
CA SER B 541 -35.72 -58.66 -18.80
C SER B 541 -36.48 -59.30 -19.94
N VAL B 542 -36.57 -58.57 -21.07
CA VAL B 542 -37.23 -59.09 -22.26
C VAL B 542 -36.74 -58.27 -23.43
N LEU B 543 -36.61 -58.93 -24.59
CA LEU B 543 -36.06 -58.31 -25.79
C LEU B 543 -37.00 -58.53 -26.96
N LEU B 544 -37.35 -57.44 -27.64
CA LEU B 544 -38.14 -57.51 -28.86
C LEU B 544 -37.23 -57.33 -30.06
N GLU B 545 -37.56 -58.00 -31.15
CA GLU B 545 -36.75 -57.93 -32.36
C GLU B 545 -37.59 -58.32 -33.56
N GLY B 546 -37.28 -57.70 -34.70
CA GLY B 546 -37.96 -58.00 -35.94
C GLY B 546 -37.38 -57.23 -37.10
N PRO B 547 -37.85 -57.53 -38.32
CA PRO B 547 -37.34 -56.83 -39.49
C PRO B 547 -37.68 -55.35 -39.43
N PRO B 548 -36.87 -54.50 -40.07
CA PRO B 548 -37.12 -53.05 -39.97
C PRO B 548 -38.49 -52.67 -40.50
N HIS B 549 -39.03 -51.60 -39.93
CA HIS B 549 -40.36 -51.08 -40.29
C HIS B 549 -41.48 -52.02 -39.86
N SER B 550 -41.22 -52.92 -38.91
CA SER B 550 -42.23 -53.85 -38.46
C SER B 550 -43.04 -53.35 -37.27
N GLY B 551 -42.74 -52.16 -36.76
CA GLY B 551 -43.49 -51.62 -35.65
C GLY B 551 -43.19 -52.27 -34.32
N LYS B 552 -41.96 -52.10 -33.84
CA LYS B 552 -41.56 -52.63 -32.54
C LYS B 552 -41.72 -51.60 -31.43
N THR B 553 -41.31 -50.35 -31.70
CA THR B 553 -41.41 -49.31 -30.69
C THR B 553 -42.84 -49.13 -30.22
N ALA B 554 -43.80 -49.15 -31.14
CA ALA B 554 -45.19 -48.98 -30.75
C ALA B 554 -45.64 -50.08 -29.81
N LEU B 555 -45.31 -51.34 -30.15
CA LEU B 555 -45.69 -52.43 -29.28
C LEU B 555 -45.06 -52.29 -27.90
N ALA B 556 -43.79 -51.91 -27.86
CA ALA B 556 -43.12 -51.74 -26.56
C ALA B 556 -43.84 -50.69 -25.72
N ALA B 557 -44.12 -49.53 -26.31
CA ALA B 557 -44.79 -48.49 -25.56
C ALA B 557 -46.15 -48.95 -25.09
N LYS B 558 -46.90 -49.66 -25.94
CA LYS B 558 -48.24 -50.10 -25.55
C LYS B 558 -48.18 -51.07 -24.38
N ILE B 559 -47.29 -52.06 -24.45
CA ILE B 559 -47.21 -53.03 -23.37
C ILE B 559 -46.78 -52.33 -22.08
N ALA B 560 -45.89 -51.35 -22.18
CA ALA B 560 -45.52 -50.59 -21.00
C ALA B 560 -46.72 -49.88 -20.41
N GLU B 561 -47.50 -49.21 -21.26
CA GLU B 561 -48.64 -48.44 -20.76
C GLU B 561 -49.66 -49.34 -20.07
N GLU B 562 -49.90 -50.52 -20.62
CA GLU B 562 -50.94 -51.38 -20.08
C GLU B 562 -50.55 -52.06 -18.78
N SER B 563 -49.41 -51.71 -18.17
CA SER B 563 -48.98 -52.34 -16.93
C SER B 563 -49.58 -51.69 -15.68
N ASN B 564 -49.99 -50.43 -15.76
CA ASN B 564 -50.53 -49.69 -14.62
C ASN B 564 -49.51 -49.53 -13.49
N PHE B 565 -48.23 -49.69 -13.79
CA PHE B 565 -47.21 -49.38 -12.79
C PHE B 565 -47.19 -47.88 -12.52
N PRO B 566 -46.76 -47.47 -11.33
CA PRO B 566 -46.75 -46.05 -10.99
C PRO B 566 -45.61 -45.28 -11.63
N PHE B 567 -44.55 -45.96 -12.03
CA PHE B 567 -43.34 -45.32 -12.54
C PHE B 567 -43.02 -45.87 -13.92
N ILE B 568 -42.89 -44.97 -14.90
CA ILE B 568 -42.54 -45.34 -16.26
C ILE B 568 -41.65 -44.25 -16.84
N LYS B 569 -40.74 -44.65 -17.73
CA LYS B 569 -39.76 -43.74 -18.27
C LYS B 569 -39.16 -44.37 -19.52
N ILE B 570 -39.14 -43.61 -20.62
CA ILE B 570 -38.66 -44.10 -21.90
C ILE B 570 -37.40 -43.35 -22.26
N CYS B 571 -36.33 -44.09 -22.58
CA CYS B 571 -35.02 -43.52 -22.87
C CYS B 571 -34.70 -43.80 -24.34
N SER B 572 -34.76 -42.75 -25.17
CA SER B 572 -34.62 -42.87 -26.61
C SER B 572 -33.38 -42.13 -27.09
N PRO B 573 -32.83 -42.49 -28.25
CA PRO B 573 -31.67 -41.77 -28.77
C PRO B 573 -32.01 -40.38 -29.26
N ASP B 574 -33.28 -40.11 -29.59
CA ASP B 574 -33.65 -38.84 -30.20
C ASP B 574 -33.36 -37.64 -29.31
N LYS B 575 -33.22 -37.83 -28.00
CA LYS B 575 -33.07 -36.72 -27.06
C LYS B 575 -31.61 -36.38 -26.77
N MET B 576 -30.66 -37.08 -27.41
CA MET B 576 -29.24 -36.88 -27.12
C MET B 576 -28.45 -36.62 -28.39
N ILE B 577 -28.94 -35.75 -29.27
CA ILE B 577 -28.27 -35.52 -30.53
C ILE B 577 -26.90 -34.90 -30.29
N GLY B 578 -25.87 -35.47 -30.90
CA GLY B 578 -24.55 -34.89 -30.86
C GLY B 578 -23.83 -34.97 -29.54
N PHE B 579 -24.39 -35.66 -28.55
CA PHE B 579 -23.72 -35.79 -27.27
C PHE B 579 -22.37 -36.47 -27.43
N SER B 580 -21.59 -36.44 -26.36
CA SER B 580 -20.40 -37.26 -26.23
C SER B 580 -20.71 -38.47 -25.35
N GLU B 581 -20.03 -39.59 -25.64
CA GLU B 581 -20.40 -40.85 -25.02
C GLU B 581 -20.50 -40.73 -23.51
N THR B 582 -19.58 -39.98 -22.89
CA THR B 582 -19.65 -39.79 -21.44
C THR B 582 -21.02 -39.25 -21.02
N ALA B 583 -21.55 -38.31 -21.80
CA ALA B 583 -22.88 -37.76 -21.49
C ALA B 583 -23.94 -38.84 -21.57
N LYS B 584 -23.85 -39.71 -22.58
CA LYS B 584 -24.82 -40.79 -22.70
C LYS B 584 -24.77 -41.70 -21.48
N CYS B 585 -23.56 -42.04 -21.03
CA CYS B 585 -23.44 -42.89 -19.85
C CYS B 585 -24.05 -42.21 -18.63
N GLN B 586 -23.78 -40.91 -18.45
CA GLN B 586 -24.35 -40.20 -17.31
C GLN B 586 -25.88 -40.21 -17.37
N ALA B 587 -26.45 -39.99 -18.56
CA ALA B 587 -27.90 -39.97 -18.69
C ALA B 587 -28.50 -41.33 -18.33
N MET B 588 -27.89 -42.41 -18.83
CA MET B 588 -28.36 -43.74 -18.48
C MET B 588 -28.33 -43.94 -16.96
N LYS B 589 -27.20 -43.60 -16.35
CA LYS B 589 -27.09 -43.78 -14.91
C LYS B 589 -28.17 -43.00 -14.18
N LYS B 590 -28.42 -41.77 -14.60
CA LYS B 590 -29.42 -40.95 -13.93
C LYS B 590 -30.80 -41.59 -14.02
N ILE B 591 -31.18 -42.03 -15.23
CA ILE B 591 -32.50 -42.63 -15.38
C ILE B 591 -32.64 -43.82 -14.45
N PHE B 592 -31.65 -44.72 -14.46
CA PHE B 592 -31.79 -45.92 -13.65
C PHE B 592 -31.79 -45.59 -12.16
N ASP B 593 -30.95 -44.66 -11.73
CA ASP B 593 -30.93 -44.27 -10.33
C ASP B 593 -32.30 -43.75 -9.89
N ASP B 594 -32.89 -42.85 -10.68
CA ASP B 594 -34.20 -42.36 -10.33
C ASP B 594 -35.21 -43.49 -10.27
N ALA B 595 -35.15 -44.42 -11.22
CA ALA B 595 -36.12 -45.50 -11.23
C ALA B 595 -35.99 -46.40 -10.00
N TYR B 596 -34.79 -46.50 -9.43
CA TYR B 596 -34.61 -47.41 -8.31
C TYR B 596 -35.51 -47.06 -7.13
N LYS B 597 -35.70 -45.76 -6.85
CA LYS B 597 -36.25 -45.35 -5.56
C LYS B 597 -37.65 -45.91 -5.30
N SER B 598 -38.43 -46.21 -6.33
CA SER B 598 -39.83 -46.55 -6.13
C SER B 598 -39.97 -48.03 -5.77
N GLN B 599 -41.22 -48.48 -5.60
CA GLN B 599 -41.53 -49.87 -5.30
C GLN B 599 -41.71 -50.71 -6.56
N LEU B 600 -42.18 -50.11 -7.65
CA LEU B 600 -42.33 -50.78 -8.92
C LEU B 600 -41.79 -49.86 -10.00
N SER B 601 -41.68 -50.37 -11.21
CA SER B 601 -41.17 -49.55 -12.30
C SER B 601 -41.21 -50.35 -13.60
N CYS B 602 -40.92 -49.65 -14.69
CA CYS B 602 -40.79 -50.25 -16.02
C CYS B 602 -39.98 -49.30 -16.88
N VAL B 603 -38.74 -49.69 -17.19
CA VAL B 603 -37.81 -48.84 -17.94
C VAL B 603 -37.63 -49.45 -19.31
N VAL B 604 -37.71 -48.60 -20.34
CA VAL B 604 -37.67 -49.04 -21.73
C VAL B 604 -36.47 -48.41 -22.40
N VAL B 605 -35.65 -49.23 -23.05
CA VAL B 605 -34.53 -48.77 -23.86
C VAL B 605 -34.88 -49.07 -25.31
N ASP B 606 -34.81 -48.06 -26.16
CA ASP B 606 -35.27 -48.16 -27.55
C ASP B 606 -34.11 -48.07 -28.52
N ASP B 607 -34.10 -48.96 -29.51
CA ASP B 607 -33.09 -48.97 -30.57
C ASP B 607 -31.68 -49.09 -29.98
N ILE B 608 -31.43 -50.28 -29.42
CA ILE B 608 -30.13 -50.55 -28.81
C ILE B 608 -29.00 -50.23 -29.79
N GLU B 609 -29.16 -50.62 -31.06
CA GLU B 609 -28.05 -50.49 -31.99
C GLU B 609 -27.65 -49.04 -32.18
N ARG B 610 -28.62 -48.13 -32.24
CA ARG B 610 -28.30 -46.72 -32.43
C ARG B 610 -27.53 -46.17 -31.23
N LEU B 611 -27.91 -46.57 -30.02
CA LEU B 611 -27.18 -46.12 -28.85
C LEU B 611 -25.71 -46.49 -28.96
N LEU B 612 -25.41 -47.72 -29.36
CA LEU B 612 -24.03 -48.16 -29.52
C LEU B 612 -23.31 -47.47 -30.67
N ASP B 613 -24.04 -46.87 -31.61
CA ASP B 613 -23.43 -46.20 -32.76
C ASP B 613 -22.79 -47.22 -33.70
N TYR B 614 -23.51 -48.29 -33.99
CA TYR B 614 -23.01 -49.31 -34.90
C TYR B 614 -23.05 -48.83 -36.33
N VAL B 615 -22.17 -49.39 -37.16
CA VAL B 615 -22.18 -49.18 -38.59
C VAL B 615 -21.43 -50.32 -39.25
N PRO B 616 -22.03 -51.05 -40.21
CA PRO B 616 -21.42 -52.31 -40.65
C PRO B 616 -19.99 -52.18 -41.15
N ILE B 617 -19.66 -51.10 -41.87
CA ILE B 617 -18.27 -50.91 -42.25
C ILE B 617 -17.44 -50.87 -40.98
N GLY B 618 -16.21 -51.39 -41.07
CA GLY B 618 -15.35 -51.47 -39.91
C GLY B 618 -15.23 -52.87 -39.36
N PRO B 619 -15.99 -53.17 -38.29
CA PRO B 619 -17.02 -52.37 -37.64
C PRO B 619 -16.47 -51.29 -36.71
N ARG B 620 -17.32 -50.35 -36.31
CA ARG B 620 -16.95 -49.33 -35.32
C ARG B 620 -18.16 -49.07 -34.43
N PHE B 621 -17.90 -48.75 -33.17
CA PHE B 621 -18.96 -48.39 -32.24
C PHE B 621 -18.30 -47.87 -30.96
N SER B 622 -19.13 -47.58 -29.97
CA SER B 622 -18.66 -47.11 -28.67
C SER B 622 -18.58 -48.30 -27.73
N ASN B 623 -17.45 -48.44 -27.04
CA ASN B 623 -17.31 -49.50 -26.05
C ASN B 623 -17.93 -49.11 -24.72
N LEU B 624 -17.78 -47.83 -24.34
CA LEU B 624 -18.19 -47.40 -23.01
C LEU B 624 -19.69 -47.62 -22.81
N VAL B 625 -20.50 -47.24 -23.79
CA VAL B 625 -21.94 -47.42 -23.68
C VAL B 625 -22.27 -48.90 -23.54
N LEU B 626 -21.61 -49.75 -24.34
CA LEU B 626 -21.89 -51.18 -24.26
C LEU B 626 -21.61 -51.71 -22.87
N GLN B 627 -20.45 -51.37 -22.30
CA GLN B 627 -20.13 -51.88 -20.97
C GLN B 627 -21.10 -51.36 -19.93
N ALA B 628 -21.42 -50.07 -19.97
CA ALA B 628 -22.36 -49.52 -19.00
C ALA B 628 -23.68 -50.28 -19.07
N LEU B 629 -24.22 -50.44 -20.28
CA LEU B 629 -25.50 -51.12 -20.42
C LEU B 629 -25.42 -52.56 -19.93
N LEU B 630 -24.35 -53.27 -20.27
CA LEU B 630 -24.27 -54.68 -19.92
C LEU B 630 -24.15 -54.87 -18.42
N VAL B 631 -23.36 -54.02 -17.74
CA VAL B 631 -23.29 -54.13 -16.29
C VAL B 631 -24.64 -53.78 -15.67
N LEU B 632 -25.29 -52.73 -16.17
CA LEU B 632 -26.57 -52.33 -15.60
C LEU B 632 -27.60 -53.43 -15.71
N LEU B 633 -27.62 -54.13 -16.84
CA LEU B 633 -28.73 -55.03 -17.12
C LEU B 633 -28.78 -56.26 -16.22
N LYS B 634 -27.93 -56.38 -15.21
CA LYS B 634 -28.00 -57.51 -14.30
C LYS B 634 -27.79 -57.09 -12.86
N LYS B 635 -28.19 -55.87 -12.50
CA LYS B 635 -28.02 -55.33 -11.16
C LYS B 635 -29.35 -55.35 -10.43
N ALA B 636 -29.35 -55.90 -9.23
CA ALA B 636 -30.59 -55.95 -8.46
C ALA B 636 -30.81 -54.63 -7.73
N PRO B 637 -32.06 -54.19 -7.59
CA PRO B 637 -32.33 -53.02 -6.76
C PRO B 637 -32.16 -53.34 -5.29
N PRO B 638 -32.28 -52.34 -4.42
CA PRO B 638 -32.25 -52.65 -2.98
C PRO B 638 -33.38 -53.58 -2.58
N GLN B 639 -33.20 -54.29 -1.47
CA GLN B 639 -34.13 -55.33 -1.06
C GLN B 639 -35.57 -54.87 -1.22
N GLY B 640 -36.43 -55.80 -1.67
CA GLY B 640 -37.85 -55.55 -1.74
C GLY B 640 -38.26 -54.48 -2.74
N ARG B 641 -37.67 -54.48 -3.92
CA ARG B 641 -38.10 -53.59 -5.00
C ARG B 641 -37.93 -54.31 -6.32
N LYS B 642 -38.86 -54.06 -7.23
CA LYS B 642 -38.93 -54.79 -8.50
C LYS B 642 -38.47 -53.90 -9.65
N LEU B 643 -38.35 -54.52 -10.81
CA LEU B 643 -37.92 -53.82 -12.02
C LEU B 643 -38.39 -54.62 -13.23
N LEU B 644 -38.33 -53.98 -14.39
CA LEU B 644 -38.70 -54.64 -15.63
C LEU B 644 -38.11 -53.84 -16.79
N ILE B 645 -37.26 -54.47 -17.58
CA ILE B 645 -36.54 -53.81 -18.65
C ILE B 645 -36.97 -54.40 -19.98
N ILE B 646 -37.47 -53.54 -20.87
CA ILE B 646 -37.93 -53.93 -22.19
C ILE B 646 -36.99 -53.30 -23.21
N GLY B 647 -36.45 -54.11 -24.11
CA GLY B 647 -35.51 -53.62 -25.11
C GLY B 647 -36.07 -53.70 -26.51
N THR B 648 -35.37 -53.09 -27.47
CA THR B 648 -35.81 -53.08 -28.85
C THR B 648 -34.61 -53.01 -29.77
N THR B 649 -34.59 -53.87 -30.78
CA THR B 649 -33.48 -53.94 -31.72
C THR B 649 -33.98 -54.52 -33.03
N SER B 650 -33.10 -54.54 -34.03
CA SER B 650 -33.48 -55.01 -35.34
C SER B 650 -32.39 -55.85 -36.03
N ARG B 651 -31.30 -56.17 -35.35
CA ARG B 651 -30.18 -56.88 -35.96
C ARG B 651 -29.69 -57.99 -35.05
N LYS B 652 -30.62 -58.81 -34.56
CA LYS B 652 -30.33 -59.75 -33.48
C LYS B 652 -28.97 -60.44 -33.64
N ASP B 653 -28.54 -60.71 -34.87
CA ASP B 653 -27.30 -61.46 -35.06
C ASP B 653 -26.09 -60.72 -34.49
N VAL B 654 -25.91 -59.46 -34.89
CA VAL B 654 -24.76 -58.71 -34.42
C VAL B 654 -24.80 -58.62 -32.91
N LEU B 655 -26.00 -58.50 -32.34
CA LEU B 655 -26.14 -58.52 -30.88
C LEU B 655 -25.66 -59.86 -30.32
N GLN B 656 -25.97 -60.96 -30.99
CA GLN B 656 -25.51 -62.25 -30.54
C GLN B 656 -23.99 -62.33 -30.55
N GLU B 657 -23.34 -61.59 -31.45
CA GLU B 657 -21.88 -61.64 -31.45
C GLU B 657 -21.25 -60.90 -30.28
N MET B 658 -21.94 -59.90 -29.70
CA MET B 658 -21.40 -59.16 -28.56
C MET B 658 -21.56 -59.89 -27.23
N GLU B 659 -22.22 -61.05 -27.21
CA GLU B 659 -22.53 -61.82 -26.00
C GLU B 659 -23.75 -61.31 -25.25
N MET B 660 -24.38 -60.22 -25.69
CA MET B 660 -25.45 -59.62 -24.89
C MET B 660 -26.69 -60.50 -24.83
N LEU B 661 -26.77 -61.55 -25.63
CA LEU B 661 -27.92 -62.45 -25.52
C LEU B 661 -27.83 -63.33 -24.28
N ASN B 662 -26.73 -63.25 -23.52
CA ASN B 662 -26.67 -63.92 -22.23
C ASN B 662 -27.49 -63.17 -21.18
N ALA B 663 -27.38 -61.84 -21.17
CA ALA B 663 -28.05 -61.06 -20.12
C ALA B 663 -29.57 -61.20 -20.21
N PHE B 664 -30.13 -60.95 -21.39
CA PHE B 664 -31.57 -60.98 -21.54
C PHE B 664 -32.09 -62.38 -21.24
N SER B 665 -33.22 -62.45 -20.52
CA SER B 665 -33.75 -63.72 -20.05
C SER B 665 -34.79 -64.33 -20.97
N THR B 666 -35.15 -63.67 -22.06
CA THR B 666 -36.09 -64.21 -23.02
C THR B 666 -36.17 -63.25 -24.20
N THR B 667 -36.93 -63.64 -25.22
CA THR B 667 -37.10 -62.83 -26.41
C THR B 667 -38.47 -63.10 -27.02
N ILE B 668 -38.87 -62.21 -27.92
CA ILE B 668 -40.11 -62.36 -28.68
C ILE B 668 -39.81 -62.02 -30.13
N HIS B 669 -40.64 -62.54 -31.04
CA HIS B 669 -40.47 -62.34 -32.46
C HIS B 669 -41.73 -61.72 -33.04
N VAL B 670 -41.57 -60.68 -33.85
CA VAL B 670 -42.67 -59.97 -34.49
C VAL B 670 -42.50 -60.09 -36.00
N PRO B 671 -43.44 -60.70 -36.73
CA PRO B 671 -43.27 -60.87 -38.17
C PRO B 671 -43.86 -59.75 -39.00
N ASN B 672 -43.66 -59.80 -40.32
CA ASN B 672 -44.22 -58.84 -41.25
C ASN B 672 -45.57 -59.33 -41.75
N ILE B 673 -46.12 -58.64 -42.75
CA ILE B 673 -47.32 -59.11 -43.44
C ILE B 673 -46.88 -60.08 -44.53
N ALA B 674 -47.30 -61.34 -44.40
CA ALA B 674 -46.83 -62.39 -45.29
C ALA B 674 -48.01 -63.21 -45.82
N THR B 675 -49.09 -62.55 -46.19
CA THR B 675 -50.25 -63.26 -46.72
C THR B 675 -51.25 -62.25 -47.26
N GLY B 676 -51.79 -62.53 -48.45
CA GLY B 676 -52.72 -61.60 -49.07
C GLY B 676 -53.94 -61.34 -48.22
N GLU B 677 -54.50 -62.38 -47.60
CA GLU B 677 -55.66 -62.19 -46.75
C GLU B 677 -55.36 -61.22 -45.61
N GLN B 678 -54.18 -61.33 -45.00
CA GLN B 678 -53.80 -60.37 -43.97
C GLN B 678 -53.79 -58.96 -44.52
N LEU B 679 -53.20 -58.77 -45.70
CA LEU B 679 -53.13 -57.44 -46.29
C LEU B 679 -54.53 -56.88 -46.54
N LEU B 680 -55.41 -57.70 -47.10
CA LEU B 680 -56.77 -57.23 -47.38
C LEU B 680 -57.50 -56.85 -46.09
N GLU B 681 -57.41 -57.71 -45.07
CA GLU B 681 -58.09 -57.43 -43.83
C GLU B 681 -57.55 -56.17 -43.17
N ALA B 682 -56.23 -55.99 -43.17
CA ALA B 682 -55.64 -54.79 -42.59
C ALA B 682 -56.09 -53.55 -43.34
N LEU B 683 -56.09 -53.60 -44.67
CA LEU B 683 -56.54 -52.44 -45.43
C LEU B 683 -58.00 -52.12 -45.13
N GLU B 684 -58.83 -53.15 -45.01
CA GLU B 684 -60.22 -52.92 -44.63
C GLU B 684 -60.31 -52.24 -43.27
N LEU B 685 -59.53 -52.73 -42.29
CA LEU B 685 -59.56 -52.13 -40.97
C LEU B 685 -59.08 -50.68 -41.01
N LEU B 686 -58.17 -50.37 -41.92
CA LEU B 686 -57.67 -48.99 -42.02
C LEU B 686 -58.73 -48.04 -42.57
N GLY B 687 -59.73 -48.56 -43.29
CA GLY B 687 -60.79 -47.73 -43.82
C GLY B 687 -60.36 -46.89 -45.00
N ASN B 688 -59.99 -47.55 -46.11
CA ASN B 688 -59.60 -46.86 -47.32
C ASN B 688 -60.04 -47.67 -48.53
N PHE B 689 -60.15 -46.98 -49.67
CA PHE B 689 -60.55 -47.61 -50.93
C PHE B 689 -61.95 -48.20 -50.82
N LYS B 690 -62.57 -48.49 -51.95
CA LYS B 690 -63.95 -48.94 -52.01
C LYS B 690 -64.01 -50.43 -52.35
N ASP B 691 -65.23 -50.94 -52.45
CA ASP B 691 -65.44 -52.39 -52.54
C ASP B 691 -64.86 -52.94 -53.84
N LYS B 692 -65.16 -52.30 -54.98
CA LYS B 692 -64.70 -52.84 -56.25
C LYS B 692 -63.18 -52.83 -56.34
N GLU B 693 -62.56 -51.76 -55.85
CA GLU B 693 -61.10 -51.71 -55.81
C GLU B 693 -60.55 -52.81 -54.92
N ARG B 694 -61.20 -53.03 -53.78
CA ARG B 694 -60.78 -54.10 -52.87
C ARG B 694 -60.83 -55.45 -53.57
N THR B 695 -61.93 -55.71 -54.28
CA THR B 695 -62.10 -56.99 -54.96
C THR B 695 -61.05 -57.18 -56.06
N THR B 696 -60.82 -56.14 -56.85
CA THR B 696 -59.81 -56.24 -57.91
C THR B 696 -58.43 -56.49 -57.31
N ILE B 697 -58.09 -55.77 -56.24
CA ILE B 697 -56.79 -55.93 -55.61
C ILE B 697 -56.66 -57.36 -55.07
N ALA B 698 -57.70 -57.85 -54.41
CA ALA B 698 -57.66 -59.20 -53.86
C ALA B 698 -57.46 -60.23 -54.98
N GLN B 699 -58.19 -60.09 -56.08
CA GLN B 699 -58.02 -61.00 -57.19
C GLN B 699 -56.58 -60.96 -57.71
N GLN B 700 -56.06 -59.74 -57.93
CA GLN B 700 -54.73 -59.63 -58.52
C GLN B 700 -53.66 -60.19 -57.61
N VAL B 701 -53.78 -59.95 -56.30
CA VAL B 701 -52.72 -60.33 -55.37
C VAL B 701 -52.90 -61.71 -54.76
N LYS B 702 -54.12 -62.24 -54.72
CA LYS B 702 -54.36 -63.53 -54.07
C LYS B 702 -53.45 -64.61 -54.64
N GLY B 703 -53.18 -64.56 -55.95
CA GLY B 703 -52.39 -65.61 -56.57
C GLY B 703 -50.99 -65.72 -55.98
N LYS B 704 -50.31 -64.60 -55.81
CA LYS B 704 -48.94 -64.59 -55.34
C LYS B 704 -48.90 -64.27 -53.85
N LYS B 705 -47.69 -64.28 -53.29
CA LYS B 705 -47.45 -63.98 -51.89
C LYS B 705 -46.67 -62.68 -51.76
N VAL B 706 -46.74 -62.09 -50.57
CA VAL B 706 -46.17 -60.77 -50.32
C VAL B 706 -45.37 -60.81 -49.02
N TRP B 707 -44.54 -59.79 -48.84
CA TRP B 707 -43.70 -59.67 -47.66
C TRP B 707 -43.37 -58.20 -47.47
N ILE B 708 -44.00 -57.55 -46.49
CA ILE B 708 -43.82 -56.12 -46.28
C ILE B 708 -44.12 -55.80 -44.82
N GLY B 709 -43.41 -54.82 -44.27
CA GLY B 709 -43.67 -54.36 -42.94
C GLY B 709 -44.85 -53.40 -42.87
N ILE B 710 -45.40 -53.25 -41.67
CA ILE B 710 -46.61 -52.46 -41.50
C ILE B 710 -46.35 -50.99 -41.78
N LYS B 711 -45.24 -50.46 -41.28
CA LYS B 711 -45.02 -49.01 -41.37
C LYS B 711 -45.03 -48.52 -42.81
N LYS B 712 -44.28 -49.20 -43.69
CA LYS B 712 -44.18 -48.74 -45.07
C LYS B 712 -45.53 -48.77 -45.77
N LEU B 713 -46.48 -49.57 -45.28
CA LEU B 713 -47.78 -49.66 -45.94
C LEU B 713 -48.49 -48.31 -45.94
N LEU B 714 -48.45 -47.59 -44.82
CA LEU B 714 -49.09 -46.29 -44.77
C LEU B 714 -48.45 -45.33 -45.75
N MET B 715 -47.11 -45.36 -45.84
CA MET B 715 -46.42 -44.48 -46.78
C MET B 715 -46.84 -44.77 -48.21
N LEU B 716 -46.92 -46.05 -48.56
CA LEU B 716 -47.34 -46.42 -49.91
C LEU B 716 -48.76 -45.98 -50.19
N ILE B 717 -49.67 -46.18 -49.23
CA ILE B 717 -51.05 -45.73 -49.41
C ILE B 717 -51.08 -44.22 -49.64
N GLU B 718 -50.32 -43.48 -48.84
CA GLU B 718 -50.36 -42.03 -48.93
C GLU B 718 -49.81 -41.54 -50.26
N MET B 719 -48.73 -42.15 -50.74
CA MET B 719 -48.26 -41.83 -52.09
C MET B 719 -49.33 -42.15 -53.13
N SER B 720 -49.97 -43.31 -53.01
CA SER B 720 -50.98 -43.71 -54.00
C SER B 720 -52.14 -42.73 -54.01
N LEU B 721 -52.45 -42.12 -52.87
CA LEU B 721 -53.59 -41.23 -52.76
C LEU B 721 -53.35 -39.84 -53.35
N GLN B 722 -52.29 -39.67 -54.16
CA GLN B 722 -51.97 -38.38 -54.74
C GLN B 722 -52.35 -38.26 -56.22
N MET B 723 -52.54 -39.37 -56.92
CA MET B 723 -52.86 -39.33 -58.33
C MET B 723 -54.36 -39.12 -58.53
N ASP B 724 -54.78 -39.16 -59.80
CA ASP B 724 -56.19 -39.06 -60.11
C ASP B 724 -56.90 -40.37 -59.77
N PRO B 725 -58.22 -40.33 -59.58
CA PRO B 725 -58.93 -41.56 -59.16
C PRO B 725 -58.74 -42.70 -60.14
N GLU B 726 -58.53 -42.40 -61.42
CA GLU B 726 -58.44 -43.46 -62.41
C GLU B 726 -57.19 -44.31 -62.20
N TYR B 727 -56.06 -43.67 -61.88
CA TYR B 727 -54.77 -44.36 -61.81
C TYR B 727 -54.36 -44.72 -60.40
N ARG B 728 -55.17 -44.42 -59.39
CA ARG B 728 -54.75 -44.67 -58.01
C ARG B 728 -54.46 -46.14 -57.79
N VAL B 729 -55.41 -47.02 -58.12
CA VAL B 729 -55.20 -48.45 -57.92
C VAL B 729 -54.01 -48.94 -58.73
N ARG B 730 -53.90 -48.47 -59.97
CA ARG B 730 -52.80 -48.92 -60.82
C ARG B 730 -51.46 -48.56 -60.20
N LYS B 731 -51.28 -47.31 -59.80
CA LYS B 731 -50.00 -46.90 -59.24
C LYS B 731 -49.73 -47.62 -57.93
N PHE B 732 -50.76 -47.79 -57.10
CA PHE B 732 -50.56 -48.51 -55.84
C PHE B 732 -50.08 -49.92 -56.09
N LEU B 733 -50.72 -50.63 -57.02
CA LEU B 733 -50.31 -51.99 -57.32
C LEU B 733 -48.90 -52.03 -57.90
N ALA B 734 -48.58 -51.07 -58.78
CA ALA B 734 -47.24 -51.02 -59.37
C ALA B 734 -46.18 -50.87 -58.28
N LEU B 735 -46.39 -49.91 -57.38
CA LEU B 735 -45.43 -49.69 -56.31
C LEU B 735 -45.32 -50.93 -55.41
N LEU B 736 -46.46 -51.53 -55.06
CA LEU B 736 -46.42 -52.69 -54.19
C LEU B 736 -45.64 -53.83 -54.83
N ARG B 737 -45.92 -54.11 -56.11
CA ARG B 737 -45.22 -55.20 -56.78
C ARG B 737 -43.74 -54.91 -56.92
N GLU B 738 -43.40 -53.66 -57.26
CA GLU B 738 -41.99 -53.32 -57.41
C GLU B 738 -41.23 -53.56 -56.11
N GLU B 739 -41.76 -53.07 -55.00
CA GLU B 739 -41.08 -53.19 -53.71
C GLU B 739 -41.48 -54.53 -53.07
N GLY B 740 -41.02 -55.60 -53.70
CA GLY B 740 -41.25 -56.93 -53.20
C GLY B 740 -39.97 -57.75 -53.22
N ALA B 741 -39.84 -58.62 -52.23
CA ALA B 741 -38.65 -59.45 -52.09
C ALA B 741 -38.99 -60.61 -51.17
N SER B 742 -37.98 -61.38 -50.82
CA SER B 742 -38.10 -62.54 -49.95
C SER B 742 -36.92 -62.57 -49.00
N PRO B 743 -37.05 -63.28 -47.86
CA PRO B 743 -35.95 -63.37 -46.88
C PRO B 743 -34.61 -63.69 -47.51
N MET C 4 27.24 -4.79 80.56
CA MET C 4 27.35 -6.23 80.75
C MET C 4 26.12 -6.76 81.50
N ALA C 5 25.76 -6.08 82.59
CA ALA C 5 24.61 -6.50 83.38
C ALA C 5 23.30 -6.21 82.65
N GLY C 6 23.24 -5.12 81.89
CA GLY C 6 22.03 -4.74 81.18
C GLY C 6 21.37 -3.51 81.77
N ARG C 7 21.20 -2.47 80.96
CA ARG C 7 20.59 -1.22 81.38
C ARG C 7 19.48 -0.83 80.42
N SER C 8 18.49 -0.11 80.94
CA SER C 8 17.32 0.24 80.14
C SER C 8 17.69 1.30 79.10
N MET C 9 17.47 0.97 77.84
CA MET C 9 17.69 1.88 76.72
C MET C 9 16.36 2.20 76.05
N GLN C 10 16.39 3.21 75.17
CA GLN C 10 15.23 3.61 74.40
C GLN C 10 15.50 3.36 72.91
N ALA C 11 14.60 2.63 72.26
CA ALA C 11 14.72 2.40 70.84
C ALA C 11 14.61 3.71 70.09
N ALA C 12 15.36 3.84 69.00
CA ALA C 12 15.40 5.06 68.22
C ALA C 12 15.47 4.72 66.74
N ARG C 13 15.12 5.70 65.91
CA ARG C 13 15.22 5.56 64.47
C ARG C 13 16.67 5.65 64.02
N CYS C 14 17.01 4.89 63.01
CA CYS C 14 18.36 4.93 62.47
C CYS C 14 18.64 6.33 61.91
N PRO C 15 19.79 6.95 62.23
CA PRO C 15 20.00 8.34 61.81
C PRO C 15 20.34 8.49 60.34
N THR C 16 21.12 7.54 59.80
CA THR C 16 21.58 7.61 58.43
C THR C 16 21.33 6.29 57.72
N ASP C 17 20.97 6.37 56.44
CA ASP C 17 20.76 5.15 55.66
C ASP C 17 22.03 4.33 55.56
N GLU C 18 23.19 4.97 55.62
CA GLU C 18 24.46 4.24 55.59
C GLU C 18 24.56 3.30 56.79
N LEU C 19 24.21 3.79 57.98
CA LEU C 19 24.26 2.95 59.17
C LEU C 19 23.25 1.82 59.07
N SER C 20 22.07 2.08 58.53
CA SER C 20 21.09 1.02 58.30
C SER C 20 21.66 -0.06 57.39
N LEU C 21 22.34 0.36 56.31
CA LEU C 21 22.99 -0.60 55.43
C LEU C 21 24.11 -1.34 56.16
N SER C 22 24.73 -0.71 57.16
CA SER C 22 25.79 -1.35 57.90
C SER C 22 25.29 -2.53 58.73
N ASN C 23 23.98 -2.66 58.89
CA ASN C 23 23.36 -3.75 59.64
C ASN C 23 23.75 -3.73 61.12
N CYS C 24 24.24 -2.60 61.61
CA CYS C 24 24.65 -2.45 63.00
C CYS C 24 23.64 -1.62 63.77
N ALA C 25 23.53 -1.91 65.07
CA ALA C 25 22.70 -1.11 65.95
C ALA C 25 23.40 0.21 66.25
N VAL C 26 22.71 1.32 66.00
CA VAL C 26 23.31 2.64 66.14
C VAL C 26 23.21 3.08 67.58
N VAL C 27 24.36 3.41 68.19
CA VAL C 27 24.44 3.80 69.59
C VAL C 27 25.28 5.06 69.70
N SER C 28 25.28 5.65 70.90
CA SER C 28 26.10 6.80 71.20
C SER C 28 27.43 6.36 71.78
N GLU C 29 28.48 7.16 71.53
CA GLU C 29 29.79 6.85 72.07
C GLU C 29 29.80 6.86 73.59
N LYS C 30 29.06 7.79 74.20
CA LYS C 30 29.03 7.89 75.65
C LYS C 30 28.46 6.64 76.30
N ASP C 31 27.60 5.91 75.59
CA ASP C 31 27.01 4.69 76.11
C ASP C 31 27.75 3.42 75.71
N TYR C 32 28.29 3.37 74.49
CA TYR C 32 28.99 2.18 74.01
C TYR C 32 30.16 2.62 73.13
N GLN C 33 30.87 1.64 72.60
CA GLN C 33 31.98 1.86 71.70
C GLN C 33 31.80 1.04 70.43
N SER C 34 32.35 1.54 69.33
CA SER C 34 32.20 0.87 68.04
C SER C 34 32.83 -0.51 68.09
N GLY C 35 32.15 -1.48 67.48
CA GLY C 35 32.63 -2.84 67.43
C GLY C 35 32.06 -3.75 68.49
N GLN C 36 31.51 -3.20 69.57
CA GLN C 36 30.96 -4.02 70.64
C GLN C 36 29.68 -4.72 70.18
N HIS C 37 29.54 -5.97 70.61
CA HIS C 37 28.35 -6.76 70.31
C HIS C 37 27.42 -6.77 71.53
N VAL C 38 26.13 -6.54 71.28
CA VAL C 38 25.13 -6.45 72.33
C VAL C 38 23.97 -7.37 72.00
N ILE C 39 23.22 -7.73 73.04
CA ILE C 39 21.98 -8.46 72.91
C ILE C 39 20.86 -7.56 73.43
N VAL C 40 19.87 -7.31 72.59
CA VAL C 40 18.79 -6.37 72.90
C VAL C 40 17.57 -7.18 73.35
N ARG C 41 17.12 -6.93 74.57
CA ARG C 41 15.97 -7.64 75.13
C ARG C 41 14.74 -6.75 75.09
N THR C 42 13.67 -7.25 74.48
CA THR C 42 12.38 -6.56 74.46
C THR C 42 11.32 -7.29 75.27
N SER C 43 11.56 -8.55 75.64
CA SER C 43 10.66 -9.34 76.46
C SER C 43 11.39 -10.62 76.87
N PRO C 44 10.85 -11.41 77.80
CA PRO C 44 11.59 -12.60 78.25
C PRO C 44 11.98 -13.55 77.13
N ASN C 45 11.16 -13.68 76.09
CA ASN C 45 11.38 -14.63 75.02
C ASN C 45 11.82 -13.97 73.71
N HIS C 46 12.16 -12.69 73.73
CA HIS C 46 12.59 -11.97 72.54
C HIS C 46 13.96 -11.38 72.80
N LYS C 47 15.01 -12.12 72.44
CA LYS C 47 16.39 -11.65 72.51
C LYS C 47 17.01 -11.72 71.13
N TYR C 48 17.71 -10.64 70.75
CA TYR C 48 18.39 -10.59 69.47
C TYR C 48 19.72 -9.89 69.66
N ILE C 49 20.75 -10.39 68.96
CA ILE C 49 22.11 -9.88 69.10
C ILE C 49 22.39 -8.93 67.93
N PHE C 50 22.87 -7.74 68.26
CA PHE C 50 23.18 -6.72 67.27
C PHE C 50 24.61 -6.23 67.47
N THR C 51 25.18 -5.69 66.39
CA THR C 51 26.51 -5.11 66.42
C THR C 51 26.38 -3.59 66.50
N LEU C 52 27.17 -2.97 67.36
CA LEU C 52 27.04 -1.55 67.65
C LEU C 52 27.94 -0.72 66.74
N ARG C 53 27.41 0.43 66.31
CA ARG C 53 28.16 1.43 65.57
C ARG C 53 27.84 2.79 66.16
N THR C 54 28.86 3.61 66.39
CA THR C 54 28.69 4.89 67.07
C THR C 54 28.45 6.01 66.05
N HIS C 55 27.50 6.89 66.39
CA HIS C 55 27.22 8.08 65.59
C HIS C 55 27.08 9.23 66.58
N PRO C 56 27.73 10.37 66.34
CA PRO C 56 27.67 11.47 67.34
C PRO C 56 26.26 11.94 67.62
N SER C 57 25.35 11.88 66.65
CA SER C 57 24.00 12.40 66.83
C SER C 57 23.16 11.56 67.78
N VAL C 58 23.62 10.37 68.15
CA VAL C 58 22.82 9.51 69.03
C VAL C 58 22.78 10.13 70.41
N VAL C 59 21.58 10.42 70.90
CA VAL C 59 21.42 10.95 72.25
C VAL C 59 21.71 9.85 73.26
N PRO C 60 22.36 10.16 74.39
CA PRO C 60 22.63 9.10 75.37
C PRO C 60 21.34 8.47 75.89
N GLY C 61 21.42 7.18 76.20
CA GLY C 61 20.29 6.44 76.72
C GLY C 61 19.36 5.87 75.67
N SER C 62 19.70 5.96 74.39
CA SER C 62 18.86 5.42 73.33
C SER C 62 19.74 4.67 72.34
N VAL C 63 19.16 3.62 71.75
CA VAL C 63 19.81 2.84 70.70
C VAL C 63 18.95 2.95 69.44
N ALA C 64 19.59 3.26 68.32
CA ALA C 64 18.89 3.51 67.08
C ALA C 64 18.98 2.29 66.17
N PHE C 65 17.82 1.80 65.73
CA PHE C 65 17.71 0.68 64.82
C PHE C 65 16.93 1.10 63.58
N SER C 66 17.38 0.64 62.42
CA SER C 66 16.68 0.93 61.18
C SER C 66 15.39 0.13 61.10
N LEU C 67 14.56 0.47 60.12
CA LEU C 67 13.28 -0.23 59.95
C LEU C 67 13.46 -1.72 59.80
N PRO C 68 14.38 -2.23 58.97
CA PRO C 68 14.57 -3.69 58.91
C PRO C 68 14.95 -4.29 60.25
N GLN C 69 15.84 -3.64 61.00
CA GLN C 69 16.23 -4.16 62.30
C GLN C 69 15.03 -4.19 63.25
N ARG C 70 14.23 -3.12 63.25
CA ARG C 70 13.06 -3.09 64.12
C ARG C 70 12.08 -4.19 63.74
N LYS C 71 11.86 -4.40 62.44
CA LYS C 71 10.95 -5.45 62.00
C LYS C 71 11.46 -6.83 62.43
N TRP C 72 12.77 -7.06 62.29
CA TRP C 72 13.33 -8.36 62.68
C TRP C 72 13.19 -8.57 64.18
N ALA C 73 13.50 -7.54 64.98
CA ALA C 73 13.50 -7.65 66.43
C ALA C 73 12.19 -7.21 67.07
N GLY C 74 11.21 -6.79 66.28
CA GLY C 74 9.96 -6.31 66.85
C GLY C 74 10.14 -5.08 67.71
N LEU C 75 10.89 -4.10 67.23
CA LEU C 75 11.16 -2.87 67.95
C LEU C 75 10.27 -1.75 67.44
N SER C 76 9.97 -0.81 68.32
CA SER C 76 9.19 0.37 67.99
C SER C 76 9.96 1.62 68.39
N ILE C 77 9.89 2.65 67.55
CA ILE C 77 10.61 3.89 67.82
C ILE C 77 10.15 4.47 69.14
N GLY C 78 11.11 4.78 70.01
CA GLY C 78 10.81 5.27 71.34
C GLY C 78 10.46 4.20 72.34
N GLN C 79 10.51 2.93 71.97
CA GLN C 79 10.16 1.84 72.86
C GLN C 79 11.35 1.49 73.74
N GLU C 80 11.11 1.40 75.05
CA GLU C 80 12.18 1.07 75.98
C GLU C 80 12.69 -0.34 75.72
N ILE C 81 14.02 -0.48 75.64
CA ILE C 81 14.67 -1.75 75.36
C ILE C 81 15.80 -1.95 76.36
N GLU C 82 16.17 -3.22 76.54
CA GLU C 82 17.27 -3.60 77.42
C GLU C 82 18.45 -4.07 76.59
N VAL C 83 19.61 -3.50 76.86
CA VAL C 83 20.83 -3.78 76.10
C VAL C 83 21.90 -4.27 77.06
N ALA C 84 22.45 -5.45 76.79
CA ALA C 84 23.52 -6.04 77.59
C ALA C 84 24.67 -6.39 76.67
N LEU C 85 25.88 -5.97 77.06
CA LEU C 85 27.07 -6.28 76.25
C LEU C 85 27.25 -7.78 76.13
N TYR C 86 27.56 -8.23 74.92
CA TYR C 86 27.69 -9.65 74.61
C TYR C 86 29.03 -9.91 73.95
N SER C 87 29.65 -11.04 74.32
CA SER C 87 30.92 -11.46 73.75
C SER C 87 30.69 -12.75 72.96
N PHE C 88 31.16 -12.80 71.67
CA PHE C 88 30.95 -13.93 70.79
C PHE C 88 32.04 -14.99 71.02
N ASP C 89 31.61 -16.25 71.11
CA ASP C 89 32.52 -17.38 71.18
C ASP C 89 33.03 -17.66 69.77
N LYS C 90 34.06 -16.90 69.37
CA LYS C 90 34.53 -16.94 67.99
C LYS C 90 34.91 -18.36 67.58
N ALA C 91 35.64 -19.14 68.55
CA ALA C 91 36.00 -20.51 68.23
C ALA C 91 34.80 -21.34 67.82
N LYS C 92 33.60 -20.99 68.29
CA LYS C 92 32.38 -21.72 67.97
C LYS C 92 31.33 -20.90 67.25
N GLN C 93 31.41 -19.57 67.28
CA GLN C 93 30.35 -18.70 66.71
C GLN C 93 30.82 -18.11 65.37
N CYS C 94 32.13 -18.17 65.10
CA CYS C 94 32.61 -17.59 63.84
C CYS C 94 31.93 -18.28 62.67
N ILE C 95 31.40 -17.49 61.74
CA ILE C 95 30.64 -18.03 60.62
C ILE C 95 31.59 -18.30 59.47
N GLY C 96 31.62 -19.55 59.00
CA GLY C 96 32.38 -19.90 57.82
C GLY C 96 31.57 -19.67 56.56
N THR C 97 30.39 -20.28 56.49
CA THR C 97 29.49 -20.13 55.36
C THR C 97 28.08 -19.89 55.87
N MET C 98 27.38 -18.95 55.24
CA MET C 98 26.02 -18.61 55.62
C MET C 98 25.16 -18.45 54.38
N THR C 99 23.95 -19.00 54.43
CA THR C 99 23.00 -18.90 53.33
C THR C 99 22.11 -17.67 53.55
N ILE C 100 22.02 -16.83 52.52
CA ILE C 100 21.26 -15.59 52.58
C ILE C 100 20.21 -15.60 51.48
N GLU C 101 18.96 -15.33 51.85
CA GLU C 101 17.90 -15.15 50.88
C GLU C 101 17.82 -13.67 50.51
N ILE C 102 17.99 -13.37 49.22
CA ILE C 102 18.07 -12.00 48.74
C ILE C 102 17.00 -11.77 47.69
N ASP C 103 16.43 -10.57 47.71
CA ASP C 103 15.45 -10.16 46.72
C ASP C 103 15.48 -8.64 46.61
N PHE C 104 14.93 -8.14 45.51
CA PHE C 104 14.86 -6.70 45.29
C PHE C 104 14.15 -6.03 46.46
N LEU C 105 14.82 -5.10 47.12
CA LEU C 105 14.21 -4.42 48.26
C LEU C 105 12.97 -3.64 47.83
N GLN C 106 13.00 -3.07 46.62
CA GLN C 106 11.89 -2.31 46.08
C GLN C 106 11.33 -3.04 44.87
N LYS C 107 10.01 -3.28 44.88
CA LYS C 107 9.37 -3.94 43.75
C LYS C 107 9.49 -3.09 42.49
N LYS C 108 9.37 -1.78 42.62
CA LYS C 108 9.41 -0.90 41.44
C LYS C 108 10.76 -0.99 40.73
N ASN C 109 11.83 -1.28 41.47
CA ASN C 109 13.18 -1.37 40.90
C ASN C 109 13.55 -2.79 40.52
N ILE C 110 12.58 -3.61 40.13
CA ILE C 110 12.85 -4.98 39.72
C ILE C 110 13.53 -4.96 38.35
N ASP C 111 14.63 -5.71 38.24
CA ASP C 111 15.37 -5.83 36.99
C ASP C 111 15.79 -7.28 36.81
N SER C 112 15.96 -7.67 35.55
CA SER C 112 16.39 -9.02 35.21
C SER C 112 17.90 -9.15 35.08
N ASN C 113 18.65 -8.08 35.36
CA ASN C 113 20.09 -8.13 35.20
C ASN C 113 20.69 -9.15 36.15
N PRO C 114 21.68 -9.93 35.71
CA PRO C 114 22.34 -10.87 36.63
C PRO C 114 23.14 -10.12 37.68
N TYR C 115 23.31 -10.76 38.83
CA TYR C 115 24.07 -10.20 39.95
C TYR C 115 25.11 -11.22 40.38
N ASP C 116 26.38 -10.92 40.10
CA ASP C 116 27.47 -11.83 40.43
C ASP C 116 27.48 -12.09 41.93
N THR C 117 27.18 -13.33 42.31
CA THR C 117 27.13 -13.66 43.73
C THR C 117 28.48 -13.45 44.40
N ASP C 118 29.58 -13.81 43.72
CA ASP C 118 30.90 -13.70 44.32
C ASP C 118 31.24 -12.26 44.64
N LYS C 119 30.99 -11.34 43.72
CA LYS C 119 31.28 -9.93 43.95
C LYS C 119 30.45 -9.38 45.10
N MET C 120 29.15 -9.62 45.07
CA MET C 120 28.28 -9.18 46.14
C MET C 120 28.61 -9.90 47.44
N ALA C 121 29.05 -11.16 47.36
CA ALA C 121 29.48 -11.87 48.56
C ALA C 121 30.67 -11.19 49.21
N ALA C 122 31.67 -10.84 48.40
CA ALA C 122 32.85 -10.14 48.93
C ALA C 122 32.47 -8.79 49.52
N GLU C 123 31.60 -8.05 48.82
CA GLU C 123 31.18 -6.76 49.34
C GLU C 123 30.41 -6.92 50.65
N PHE C 124 29.56 -7.94 50.73
CA PHE C 124 28.84 -8.26 51.96
C PHE C 124 29.81 -8.50 53.11
N ILE C 125 30.79 -9.37 52.89
CA ILE C 125 31.73 -9.71 53.95
C ILE C 125 32.52 -8.48 54.38
N GLN C 126 33.00 -7.70 53.41
CA GLN C 126 33.77 -6.50 53.73
C GLN C 126 32.93 -5.45 54.45
N GLN C 127 31.62 -5.41 54.19
CA GLN C 127 30.74 -4.45 54.83
C GLN C 127 30.29 -4.90 56.21
N PHE C 128 30.23 -6.21 56.47
CA PHE C 128 29.68 -6.72 57.71
C PHE C 128 30.67 -7.59 58.48
N ASN C 129 31.96 -7.32 58.33
CA ASN C 129 32.96 -8.01 59.14
C ASN C 129 32.78 -7.63 60.61
N ASN C 130 32.94 -8.63 61.49
CA ASN C 130 32.77 -8.42 62.93
C ASN C 130 31.34 -8.06 63.29
N GLN C 131 30.37 -8.56 62.52
CA GLN C 131 28.96 -8.29 62.77
C GLN C 131 28.22 -9.58 63.09
N ALA C 132 27.16 -9.45 63.89
CA ALA C 132 26.39 -10.59 64.34
C ALA C 132 25.31 -10.93 63.33
N PHE C 133 25.26 -12.19 62.92
CA PHE C 133 24.24 -12.69 61.99
C PHE C 133 23.54 -13.87 62.63
N SER C 134 22.21 -13.86 62.59
CA SER C 134 21.39 -14.92 63.14
C SER C 134 20.38 -15.37 62.10
N VAL C 135 19.99 -16.65 62.19
CA VAL C 135 19.07 -17.21 61.21
C VAL C 135 17.79 -16.38 61.19
N GLY C 136 17.42 -15.93 59.99
CA GLY C 136 16.23 -15.11 59.82
C GLY C 136 16.47 -13.63 59.98
N GLN C 137 17.68 -13.19 60.28
CA GLN C 137 17.95 -11.78 60.48
C GLN C 137 17.66 -11.00 59.20
N GLN C 138 16.94 -9.89 59.35
CA GLN C 138 16.55 -9.05 58.23
C GLN C 138 17.45 -7.83 58.17
N LEU C 139 17.95 -7.53 56.97
CA LEU C 139 18.86 -6.41 56.78
C LEU C 139 18.79 -5.98 55.32
N VAL C 140 19.31 -4.79 55.05
CA VAL C 140 19.34 -4.21 53.71
C VAL C 140 20.79 -4.10 53.27
N PHE C 141 21.09 -4.65 52.10
CA PHE C 141 22.44 -4.69 51.56
C PHE C 141 22.54 -3.83 50.32
N SER C 142 23.61 -3.03 50.24
CA SER C 142 23.85 -2.14 49.11
C SER C 142 24.89 -2.76 48.21
N PHE C 143 24.45 -3.27 47.06
CA PHE C 143 25.34 -3.89 46.07
C PHE C 143 25.16 -3.17 44.75
N ASN C 144 26.24 -2.56 44.26
CA ASN C 144 26.23 -1.82 43.00
C ASN C 144 25.05 -0.84 42.97
N ASP C 145 24.91 -0.08 44.06
CA ASP C 145 23.88 0.94 44.19
C ASP C 145 22.47 0.35 44.14
N LYS C 146 22.33 -0.94 44.46
CA LYS C 146 21.04 -1.60 44.46
C LYS C 146 20.74 -2.15 45.85
N LEU C 147 19.60 -1.73 46.40
CA LEU C 147 19.19 -2.17 47.72
C LEU C 147 18.40 -3.48 47.59
N PHE C 148 18.73 -4.44 48.43
CA PHE C 148 18.09 -5.75 48.42
C PHE C 148 17.64 -6.13 49.82
N GLY C 149 16.46 -6.75 49.90
CA GLY C 149 16.02 -7.32 51.17
C GLY C 149 16.68 -8.67 51.39
N LEU C 150 17.26 -8.84 52.58
CA LEU C 150 18.05 -10.02 52.90
C LEU C 150 17.49 -10.74 54.11
N LEU C 151 17.60 -12.06 54.08
CA LEU C 151 17.24 -12.92 55.21
C LEU C 151 18.32 -13.98 55.38
N VAL C 152 18.83 -14.11 56.60
CA VAL C 152 19.94 -15.04 56.88
C VAL C 152 19.30 -16.41 57.07
N LYS C 153 19.31 -17.18 55.97
CA LYS C 153 18.65 -18.49 55.99
C LYS C 153 19.44 -19.49 56.83
N ASP C 154 20.74 -19.59 56.62
CA ASP C 154 21.57 -20.59 57.26
C ASP C 154 22.86 -19.97 57.76
N ILE C 155 23.38 -20.54 58.85
CA ILE C 155 24.65 -20.11 59.44
C ILE C 155 25.45 -21.36 59.78
N GLU C 156 26.70 -21.41 59.31
CA GLU C 156 27.59 -22.53 59.57
C GLU C 156 28.88 -22.01 60.18
N ALA C 157 29.33 -22.65 61.25
CA ALA C 157 30.55 -22.23 61.94
C ALA C 157 31.76 -22.36 61.03
N ARG C 172 31.16 -29.14 61.26
CA ARG C 172 30.35 -28.01 60.86
C ARG C 172 29.10 -27.89 61.73
N GLN C 173 29.24 -27.26 62.89
CA GLN C 173 28.14 -27.08 63.81
C GLN C 173 27.27 -25.91 63.37
N LYS C 174 25.96 -26.12 63.36
CA LYS C 174 25.02 -25.05 63.06
C LYS C 174 24.84 -24.16 64.29
N ILE C 175 24.74 -22.86 64.05
CA ILE C 175 24.62 -21.88 65.13
C ILE C 175 23.48 -20.93 64.80
N GLU C 176 22.70 -20.61 65.83
CA GLU C 176 21.60 -19.66 65.66
C GLU C 176 22.09 -18.23 65.57
N VAL C 177 23.30 -17.95 66.08
CA VAL C 177 23.91 -16.63 65.97
C VAL C 177 25.42 -16.81 65.85
N GLY C 178 26.05 -15.98 65.01
CA GLY C 178 27.47 -16.07 64.79
C GLY C 178 28.05 -14.72 64.42
N LEU C 179 29.38 -14.68 64.34
CA LEU C 179 30.12 -13.48 64.02
C LEU C 179 30.82 -13.65 62.68
N VAL C 180 30.58 -12.72 61.76
CA VAL C 180 31.20 -12.76 60.44
C VAL C 180 32.65 -12.32 60.56
N VAL C 181 33.56 -13.06 59.93
CA VAL C 181 34.98 -12.76 59.95
C VAL C 181 35.47 -12.58 58.53
N GLY C 182 36.77 -12.31 58.37
CA GLY C 182 37.30 -12.03 57.04
C GLY C 182 37.21 -13.21 56.09
N ASN C 183 37.33 -14.43 56.61
CA ASN C 183 37.34 -15.62 55.78
C ASN C 183 35.95 -16.13 55.44
N SER C 184 34.91 -15.43 55.88
CA SER C 184 33.54 -15.89 55.64
C SER C 184 33.23 -15.89 54.15
N GLN C 185 32.52 -16.93 53.72
CA GLN C 185 31.98 -17.03 52.36
C GLN C 185 30.46 -16.99 52.44
N VAL C 186 29.83 -16.36 51.45
CA VAL C 186 28.39 -16.17 51.43
C VAL C 186 27.82 -16.78 50.17
N ALA C 187 26.81 -17.61 50.32
CA ALA C 187 26.07 -18.21 49.21
C ALA C 187 24.68 -17.61 49.16
N PHE C 188 24.31 -17.06 48.01
CA PHE C 188 23.08 -16.29 47.85
C PHE C 188 22.06 -17.08 47.06
N GLU C 189 20.84 -17.16 47.59
CA GLU C 189 19.72 -17.80 46.91
C GLU C 189 18.55 -16.82 46.87
N LYS C 190 18.01 -16.60 45.68
CA LYS C 190 16.87 -15.70 45.55
C LYS C 190 15.63 -16.33 46.17
N ALA C 191 14.79 -15.47 46.75
CA ALA C 191 13.58 -15.94 47.41
C ALA C 191 12.66 -16.63 46.39
N GLU C 192 11.65 -17.33 46.91
CA GLU C 192 10.71 -18.03 46.05
C GLU C 192 9.99 -17.04 45.14
N ASN C 193 9.85 -17.41 43.87
CA ASN C 193 9.21 -16.61 42.85
C ASN C 193 9.96 -15.31 42.55
N SER C 194 11.16 -15.14 43.08
CA SER C 194 11.90 -13.92 42.87
C SER C 194 12.36 -13.80 41.43
N SER C 195 12.20 -12.61 40.85
CA SER C 195 12.73 -12.31 39.53
C SER C 195 14.19 -11.90 39.59
N LEU C 196 14.78 -11.79 40.79
CA LEU C 196 16.18 -11.44 40.95
C LEU C 196 17.06 -12.49 40.28
N ASN C 197 17.78 -12.09 39.24
CA ASN C 197 18.66 -12.99 38.51
C ASN C 197 19.95 -13.17 39.30
N LEU C 198 20.28 -14.41 39.66
CA LEU C 198 21.51 -14.73 40.37
C LEU C 198 22.37 -15.64 39.50
N ILE C 199 23.68 -15.40 39.53
CA ILE C 199 24.64 -16.14 38.72
C ILE C 199 25.81 -16.52 39.60
N GLY C 200 26.73 -17.29 39.02
CA GLY C 200 27.97 -17.66 39.68
C GLY C 200 27.90 -18.99 40.40
N LYS C 201 28.84 -19.17 41.32
CA LYS C 201 28.95 -20.40 42.10
C LYS C 201 28.65 -20.21 43.57
N ALA C 202 28.84 -19.00 44.11
CA ALA C 202 28.51 -18.74 45.51
C ALA C 202 27.00 -18.65 45.66
N LYS C 203 26.31 -19.77 45.45
CA LYS C 203 24.86 -19.83 45.44
C LYS C 203 24.40 -20.98 46.34
N THR C 204 23.10 -21.09 46.52
CA THR C 204 22.52 -22.11 47.38
C THR C 204 22.94 -21.89 48.82
N GLN C 209 16.08 -28.95 39.54
CA GLN C 209 14.75 -28.50 39.16
C GLN C 209 14.22 -29.31 37.98
N SER C 210 13.74 -30.51 38.27
CA SER C 210 13.23 -31.37 37.21
C SER C 210 12.09 -30.69 36.47
N ILE C 211 12.17 -30.70 35.14
CA ILE C 211 11.14 -30.06 34.32
C ILE C 211 9.82 -30.79 34.45
N ILE C 212 9.86 -32.10 34.73
CA ILE C 212 8.64 -32.88 34.84
C ILE C 212 7.70 -32.25 35.87
N ASN C 213 6.41 -32.47 35.68
CA ASN C 213 5.45 -32.08 36.69
C ASN C 213 5.72 -32.88 37.96
N PRO C 214 5.82 -32.23 39.13
CA PRO C 214 6.18 -32.99 40.34
C PRO C 214 5.23 -34.13 40.66
N ASP C 215 3.98 -34.08 40.22
CA ASP C 215 3.01 -35.15 40.45
C ASP C 215 2.51 -35.63 39.09
N TRP C 216 2.93 -36.82 38.68
CA TRP C 216 2.47 -37.42 37.45
C TRP C 216 2.72 -38.92 37.50
N ASN C 217 1.78 -39.68 36.94
CA ASN C 217 1.93 -41.12 36.78
C ASN C 217 1.31 -41.54 35.47
N PHE C 218 1.82 -42.63 34.90
CA PHE C 218 1.34 -43.07 33.59
C PHE C 218 -0.12 -43.51 33.64
N GLU C 219 -0.57 -44.07 34.76
CA GLU C 219 -1.92 -44.60 34.83
C GLU C 219 -2.96 -43.51 34.59
N LYS C 220 -2.72 -42.32 35.15
CA LYS C 220 -3.67 -41.22 35.05
C LYS C 220 -3.91 -40.76 33.61
N MET C 221 -3.03 -41.10 32.69
CA MET C 221 -3.11 -40.53 31.35
C MET C 221 -4.40 -40.93 30.64
N GLY C 222 -4.85 -42.16 30.80
CA GLY C 222 -6.00 -42.64 30.07
C GLY C 222 -5.69 -43.16 28.69
N ILE C 223 -4.43 -43.43 28.37
CA ILE C 223 -4.03 -44.02 27.10
C ILE C 223 -3.71 -45.48 27.34
N GLY C 224 -4.24 -46.35 26.48
CA GLY C 224 -4.00 -47.77 26.61
C GLY C 224 -3.59 -48.39 25.30
N GLY C 225 -2.80 -49.45 25.40
CA GLY C 225 -2.35 -50.19 24.24
C GLY C 225 -1.21 -49.57 23.47
N LEU C 226 -0.60 -48.51 24.00
CA LEU C 226 0.49 -47.80 23.33
C LEU C 226 1.76 -47.84 24.17
N ASP C 227 1.98 -48.95 24.86
CA ASP C 227 3.10 -49.03 25.80
C ASP C 227 4.43 -48.86 25.09
N LYS C 228 4.67 -49.64 24.04
CA LYS C 228 5.97 -49.60 23.37
C LYS C 228 6.24 -48.24 22.76
N GLU C 229 5.23 -47.65 22.11
CA GLU C 229 5.41 -46.36 21.45
C GLU C 229 5.74 -45.29 22.48
N PHE C 230 5.00 -45.25 23.58
CA PHE C 230 5.27 -44.26 24.61
C PHE C 230 6.65 -44.45 25.21
N SER C 231 7.03 -45.70 25.49
CA SER C 231 8.34 -45.95 26.05
C SER C 231 9.42 -45.44 25.12
N ASP C 232 9.30 -45.73 23.83
CA ASP C 232 10.31 -45.30 22.87
C ASP C 232 10.36 -43.79 22.77
N ILE C 233 9.20 -43.14 22.70
CA ILE C 233 9.18 -41.68 22.59
C ILE C 233 9.83 -41.05 23.82
N PHE C 234 9.46 -41.54 25.01
CA PHE C 234 10.04 -40.99 26.23
C PHE C 234 11.54 -41.22 26.28
N ARG C 235 11.99 -42.37 25.80
CA ARG C 235 13.43 -42.63 25.75
C ARG C 235 14.13 -41.64 24.83
N ARG C 236 13.54 -41.35 23.67
CA ARG C 236 14.25 -40.60 22.65
C ARG C 236 14.16 -39.09 22.84
N ALA C 237 13.08 -38.58 23.44
CA ALA C 237 12.80 -37.15 23.43
C ALA C 237 12.95 -36.48 24.78
N PHE C 238 13.16 -37.21 25.86
CA PHE C 238 13.22 -36.63 27.19
C PHE C 238 14.39 -37.13 28.02
N ALA C 239 15.03 -38.23 27.63
CA ALA C 239 16.06 -38.83 28.47
C ALA C 239 17.14 -37.80 28.83
N SER C 240 17.62 -37.06 27.83
CA SER C 240 18.67 -36.08 28.09
C SER C 240 18.18 -34.87 28.86
N ARG C 241 16.88 -34.78 29.15
CA ARG C 241 16.31 -33.64 29.86
C ARG C 241 15.99 -33.95 31.31
N VAL C 242 16.50 -35.06 31.84
CA VAL C 242 16.25 -35.42 33.24
C VAL C 242 17.57 -35.78 33.91
N PHE C 243 18.60 -36.03 33.11
CA PHE C 243 19.91 -36.40 33.66
C PHE C 243 20.56 -35.18 34.31
N PRO C 244 21.44 -35.39 35.29
CA PRO C 244 22.09 -34.25 35.95
C PRO C 244 22.77 -33.33 34.95
N PRO C 245 22.59 -32.02 35.08
CA PRO C 245 23.10 -31.11 34.03
C PRO C 245 24.61 -31.18 33.84
N GLU C 246 25.37 -31.35 34.92
CA GLU C 246 26.82 -31.32 34.80
C GLU C 246 27.32 -32.46 33.93
N ILE C 247 26.76 -33.65 34.09
CA ILE C 247 27.21 -34.78 33.29
C ILE C 247 26.79 -34.63 31.84
N VAL C 248 25.63 -34.01 31.58
CA VAL C 248 25.22 -33.75 30.22
C VAL C 248 26.17 -32.76 29.55
N GLU C 249 26.54 -31.70 30.27
CA GLU C 249 27.54 -30.78 29.74
C GLU C 249 28.86 -31.51 29.48
N GLN C 250 29.24 -32.40 30.40
CA GLN C 250 30.38 -33.27 30.16
C GLN C 250 30.17 -34.11 28.90
N MET C 251 28.91 -34.36 28.55
CA MET C 251 28.61 -35.18 27.38
C MET C 251 28.70 -34.36 26.10
N GLY C 252 28.32 -33.08 26.17
CA GLY C 252 28.33 -32.22 25.01
C GLY C 252 27.45 -32.73 23.88
N CYS C 253 26.14 -32.72 24.10
CA CYS C 253 25.18 -33.18 23.11
C CYS C 253 24.03 -32.18 22.99
N LYS C 254 23.39 -32.17 21.83
CA LYS C 254 22.27 -31.30 21.57
C LYS C 254 20.96 -32.07 21.65
N HIS C 255 19.96 -31.48 22.28
CA HIS C 255 18.67 -32.13 22.40
C HIS C 255 18.00 -32.28 21.04
N VAL C 256 17.10 -33.25 20.96
CA VAL C 256 16.34 -33.48 19.73
C VAL C 256 15.24 -32.44 19.62
N LYS C 257 14.84 -32.15 18.39
CA LYS C 257 13.88 -31.09 18.10
C LYS C 257 12.88 -31.52 17.04
N GLY C 258 12.35 -32.73 17.15
CA GLY C 258 11.39 -33.17 16.14
C GLY C 258 10.63 -34.44 16.47
N ILE C 259 9.31 -34.39 16.32
CA ILE C 259 8.45 -35.55 16.49
C ILE C 259 7.30 -35.45 15.51
N LEU C 260 7.05 -36.51 14.76
CA LEU C 260 5.98 -36.57 13.78
C LEU C 260 5.18 -37.85 13.97
N LEU C 261 3.86 -37.74 13.84
CA LEU C 261 2.97 -38.87 14.04
C LEU C 261 2.02 -38.99 12.86
N TYR C 262 1.83 -40.22 12.39
CA TYR C 262 0.98 -40.49 11.24
C TYR C 262 0.28 -41.82 11.44
N GLY C 263 -0.89 -41.95 10.82
CA GLY C 263 -1.63 -43.19 10.87
C GLY C 263 -3.04 -43.05 10.35
N PRO C 264 -3.78 -44.15 10.33
CA PRO C 264 -5.18 -44.11 9.88
C PRO C 264 -6.02 -43.26 10.84
N PRO C 265 -7.11 -42.67 10.35
CA PRO C 265 -7.90 -41.78 11.21
C PRO C 265 -8.48 -42.53 12.39
N GLY C 266 -8.71 -41.79 13.47
CA GLY C 266 -9.33 -42.34 14.65
C GLY C 266 -8.51 -43.41 15.34
N CYS C 267 -7.24 -43.13 15.61
CA CYS C 267 -6.38 -44.05 16.34
C CYS C 267 -5.65 -43.39 17.49
N GLY C 268 -5.99 -42.15 17.84
CA GLY C 268 -5.45 -41.52 19.02
C GLY C 268 -4.14 -40.79 18.85
N LYS C 269 -4.11 -39.77 17.99
CA LYS C 269 -2.92 -38.95 17.81
C LYS C 269 -3.03 -37.65 18.61
N THR C 270 -4.08 -36.86 18.34
CA THR C 270 -4.25 -35.59 19.03
C THR C 270 -4.36 -35.80 20.54
N LEU C 271 -4.95 -36.90 20.97
CA LEU C 271 -5.03 -37.16 22.41
C LEU C 271 -3.64 -37.33 23.01
N LEU C 272 -2.78 -38.08 22.34
CA LEU C 272 -1.42 -38.23 22.83
C LEU C 272 -0.70 -36.90 22.87
N ALA C 273 -0.87 -36.07 21.83
CA ALA C 273 -0.24 -34.76 21.83
C ALA C 273 -0.71 -33.93 23.03
N ARG C 274 -2.03 -33.89 23.25
CA ARG C 274 -2.55 -33.09 24.35
C ARG C 274 -2.05 -33.59 25.69
N GLN C 275 -2.03 -34.91 25.89
CA GLN C 275 -1.60 -35.46 27.16
C GLN C 275 -0.12 -35.19 27.41
N ILE C 276 0.71 -35.37 26.39
CA ILE C 276 2.14 -35.09 26.57
C ILE C 276 2.35 -33.61 26.85
N GLY C 277 1.54 -32.75 26.23
CA GLY C 277 1.60 -31.34 26.55
C GLY C 277 1.27 -31.05 28.01
N LYS C 278 0.19 -31.65 28.50
CA LYS C 278 -0.18 -31.47 29.90
C LYS C 278 0.82 -32.11 30.86
N MET C 279 1.62 -33.06 30.38
CA MET C 279 2.58 -33.73 31.26
C MET C 279 3.67 -32.80 31.76
N LEU C 280 4.10 -31.85 30.93
CA LEU C 280 5.32 -31.09 31.20
C LEU C 280 5.00 -29.76 31.87
N ASN C 281 5.73 -29.46 32.94
CA ASN C 281 5.61 -28.20 33.66
C ASN C 281 6.59 -27.18 33.10
N ALA C 282 6.27 -26.71 31.89
CA ALA C 282 7.10 -25.71 31.22
C ALA C 282 6.19 -24.89 30.32
N ARG C 283 5.78 -23.72 30.79
CA ARG C 283 4.89 -22.84 30.04
C ARG C 283 3.66 -23.63 29.60
N GLU C 284 2.91 -23.10 28.63
CA GLU C 284 1.78 -23.80 28.06
C GLU C 284 1.95 -23.91 26.56
N PRO C 285 1.46 -24.98 25.94
CA PRO C 285 1.69 -25.17 24.51
C PRO C 285 1.02 -24.08 23.69
N LYS C 286 1.67 -23.74 22.58
CA LYS C 286 1.14 -22.79 21.62
C LYS C 286 0.61 -23.57 20.43
N VAL C 287 -0.65 -23.34 20.08
CA VAL C 287 -1.38 -24.20 19.15
C VAL C 287 -1.52 -23.49 17.81
N VAL C 288 -1.26 -24.23 16.73
CA VAL C 288 -1.49 -23.77 15.37
C VAL C 288 -2.48 -24.75 14.73
N ASN C 289 -3.68 -24.27 14.44
CA ASN C 289 -4.75 -25.11 13.92
C ASN C 289 -4.71 -25.06 12.40
N GLY C 290 -4.15 -26.10 11.78
CA GLY C 290 -4.14 -26.22 10.35
C GLY C 290 -3.47 -25.03 9.68
N PRO C 291 -4.05 -24.52 8.58
CA PRO C 291 -3.52 -23.34 7.90
C PRO C 291 -4.03 -22.03 8.49
N GLU C 292 -3.82 -21.87 9.80
CA GLU C 292 -4.28 -20.66 10.48
C GLU C 292 -3.46 -19.44 10.10
N ILE C 293 -2.24 -19.63 9.63
CA ILE C 293 -1.31 -18.53 9.38
C ILE C 293 -1.34 -18.22 7.89
N LEU C 294 -2.26 -17.35 7.50
CA LEU C 294 -2.41 -16.93 6.11
C LEU C 294 -3.19 -15.63 6.08
N ASN C 295 -2.61 -14.60 5.47
CA ASN C 295 -3.20 -13.27 5.44
C ASN C 295 -3.26 -12.76 4.01
N LYS C 296 -3.93 -11.63 3.83
CA LYS C 296 -4.14 -11.09 2.49
C LYS C 296 -2.89 -10.37 1.98
N TYR C 297 -2.46 -9.33 2.71
CA TYR C 297 -1.36 -8.50 2.24
C TYR C 297 -0.08 -9.30 2.10
N VAL C 298 0.73 -8.93 1.11
CA VAL C 298 1.99 -9.61 0.83
C VAL C 298 2.89 -9.55 2.05
N GLY C 299 3.63 -10.62 2.30
CA GLY C 299 4.59 -10.61 3.40
C GLY C 299 3.95 -10.46 4.76
N GLU C 300 2.82 -11.12 4.98
CA GLU C 300 2.14 -11.10 6.27
C GLU C 300 2.17 -12.46 6.98
N SER C 301 2.16 -13.57 6.24
CA SER C 301 2.28 -14.89 6.83
C SER C 301 3.63 -15.14 7.48
N GLU C 302 4.70 -14.66 6.86
CA GLU C 302 6.04 -14.91 7.40
C GLU C 302 6.20 -14.26 8.77
N ALA C 303 5.64 -13.07 8.94
CA ALA C 303 5.62 -12.46 10.26
C ALA C 303 4.88 -13.34 11.25
N ASN C 304 3.73 -13.88 10.85
CA ASN C 304 2.96 -14.76 11.73
C ASN C 304 3.82 -15.93 12.18
N ILE C 305 4.59 -16.50 11.26
CA ILE C 305 5.50 -17.59 11.65
C ILE C 305 6.54 -17.08 12.63
N ARG C 306 7.13 -15.93 12.33
CA ARG C 306 8.24 -15.42 13.15
C ARG C 306 7.80 -15.20 14.59
N LYS C 307 6.60 -14.66 14.79
CA LYS C 307 6.15 -14.40 16.16
C LYS C 307 6.17 -15.66 17.02
N LEU C 308 6.08 -16.84 16.40
CA LEU C 308 6.06 -18.07 17.19
C LEU C 308 7.36 -18.26 17.97
N PHE C 309 8.50 -18.00 17.34
CA PHE C 309 9.81 -18.32 17.91
C PHE C 309 10.44 -17.17 18.70
N ALA C 310 9.75 -16.04 18.82
CA ALA C 310 10.36 -14.89 19.49
C ALA C 310 10.69 -15.20 20.95
N ASP C 311 9.72 -15.76 21.67
CA ASP C 311 9.93 -16.04 23.09
C ASP C 311 11.12 -16.96 23.31
N ALA C 312 11.28 -17.94 22.41
CA ALA C 312 12.42 -18.84 22.51
C ALA C 312 13.73 -18.07 22.42
N GLU C 313 13.82 -17.14 21.47
CA GLU C 313 15.03 -16.34 21.33
C GLU C 313 15.27 -15.53 22.60
N GLU C 314 14.22 -14.89 23.11
CA GLU C 314 14.37 -14.05 24.29
C GLU C 314 14.90 -14.86 25.47
N GLU C 315 14.29 -16.02 25.72
CA GLU C 315 14.69 -16.84 26.87
C GLU C 315 16.11 -17.37 26.68
N GLN C 316 16.41 -17.88 25.49
CA GLN C 316 17.77 -18.37 25.23
C GLN C 316 18.79 -17.27 25.50
N ARG C 317 18.53 -16.05 25.03
CA ARG C 317 19.46 -14.96 25.26
C ARG C 317 19.59 -14.66 26.76
N ARG C 318 18.46 -14.50 27.45
CA ARG C 318 18.51 -14.03 28.83
C ARG C 318 19.14 -15.05 29.77
N LEU C 319 18.67 -16.30 29.71
CA LEU C 319 19.10 -17.32 30.66
C LEU C 319 20.11 -18.30 30.11
N GLY C 320 20.40 -18.25 28.81
CA GLY C 320 21.37 -19.17 28.24
C GLY C 320 20.96 -20.62 28.35
N ALA C 321 21.68 -21.38 29.17
CA ALA C 321 21.46 -22.82 29.29
C ALA C 321 20.47 -23.18 30.38
N ASN C 322 19.84 -22.20 31.02
CA ASN C 322 18.92 -22.43 32.13
C ASN C 322 17.51 -22.02 31.78
N SER C 323 17.07 -22.32 30.56
CA SER C 323 15.74 -21.96 30.08
C SER C 323 14.77 -23.11 30.29
N GLY C 324 13.49 -22.79 30.18
CA GLY C 324 12.42 -23.77 30.25
C GLY C 324 11.93 -24.12 28.86
N LEU C 325 11.56 -25.38 28.68
CA LEU C 325 11.15 -25.85 27.36
C LEU C 325 9.91 -25.10 26.88
N HIS C 326 9.87 -24.81 25.59
CA HIS C 326 8.71 -24.22 24.94
C HIS C 326 8.17 -25.22 23.92
N ILE C 327 6.86 -25.43 23.93
CA ILE C 327 6.21 -26.44 23.11
C ILE C 327 5.36 -25.74 22.05
N ILE C 328 5.46 -26.22 20.81
CA ILE C 328 4.67 -25.71 19.70
C ILE C 328 4.02 -26.90 19.02
N ILE C 329 2.74 -26.79 18.72
CA ILE C 329 1.96 -27.88 18.13
C ILE C 329 1.44 -27.43 16.77
N PHE C 330 1.65 -28.28 15.77
CA PHE C 330 1.12 -28.08 14.43
C PHE C 330 0.07 -29.16 14.17
N ASP C 331 -1.07 -28.76 13.60
CA ASP C 331 -2.11 -29.70 13.22
C ASP C 331 -2.26 -29.69 11.70
N GLU C 332 -2.32 -30.88 11.11
CA GLU C 332 -2.39 -31.02 9.65
C GLU C 332 -1.25 -30.27 8.98
N ILE C 333 -0.03 -30.68 9.35
CA ILE C 333 1.17 -30.04 8.79
C ILE C 333 1.13 -30.09 7.27
N ASP C 334 0.57 -31.16 6.71
CA ASP C 334 0.46 -31.27 5.27
C ASP C 334 -0.48 -30.23 4.68
N ALA C 335 -1.25 -29.53 5.51
CA ALA C 335 -2.11 -28.46 5.00
C ALA C 335 -1.28 -27.35 4.37
N ILE C 336 -0.15 -27.01 4.98
CA ILE C 336 0.72 -25.93 4.51
C ILE C 336 2.03 -26.48 3.96
N CYS C 337 2.68 -27.37 4.70
CA CYS C 337 4.00 -27.87 4.32
C CYS C 337 3.86 -28.95 3.27
N LYS C 338 4.33 -28.68 2.06
CA LYS C 338 4.28 -29.65 0.97
C LYS C 338 5.55 -29.52 0.15
N GLN C 339 5.76 -30.48 -0.75
CA GLN C 339 6.94 -30.47 -1.59
C GLN C 339 7.00 -29.18 -2.40
N ARG C 340 8.14 -28.49 -2.32
CA ARG C 340 8.28 -27.23 -3.02
C ARG C 340 8.36 -27.44 -4.52
N GLY C 341 7.90 -26.43 -5.27
CA GLY C 341 7.97 -26.47 -6.71
C GLY C 341 7.05 -27.48 -7.37
N SER C 342 6.17 -28.12 -6.61
CA SER C 342 5.25 -29.12 -7.15
C SER C 342 3.86 -28.55 -7.41
N MET C 343 3.24 -27.96 -6.38
CA MET C 343 1.92 -27.38 -6.54
C MET C 343 1.98 -26.18 -7.47
N ALA C 344 0.86 -25.90 -8.14
CA ALA C 344 0.74 -24.72 -8.99
C ALA C 344 0.59 -23.49 -8.10
N GLY C 345 1.69 -23.17 -7.42
CA GLY C 345 1.70 -22.06 -6.48
C GLY C 345 1.77 -20.72 -7.19
N SER C 346 0.66 -20.33 -7.82
CA SER C 346 0.62 -19.07 -8.56
C SER C 346 1.08 -17.92 -7.69
N THR C 347 0.56 -17.84 -6.47
CA THR C 347 1.00 -16.78 -5.55
C THR C 347 2.37 -17.10 -4.96
N GLY C 348 2.74 -18.37 -4.87
CA GLY C 348 4.01 -18.77 -4.32
C GLY C 348 4.08 -18.70 -2.81
N VAL C 349 2.96 -18.46 -2.12
CA VAL C 349 2.99 -18.32 -0.66
C VAL C 349 3.49 -19.60 -0.02
N HIS C 350 3.14 -20.75 -0.60
CA HIS C 350 3.53 -22.02 0.01
C HIS C 350 5.05 -22.14 0.08
N ASP C 351 5.73 -21.79 -1.01
CA ASP C 351 7.19 -21.84 -1.02
C ASP C 351 7.78 -20.87 0.00
N THR C 352 7.19 -19.67 0.09
CA THR C 352 7.67 -18.70 1.07
C THR C 352 7.59 -19.28 2.48
N VAL C 353 6.43 -19.84 2.83
CA VAL C 353 6.26 -20.38 4.18
C VAL C 353 7.23 -21.53 4.41
N VAL C 354 7.38 -22.41 3.43
CA VAL C 354 8.26 -23.56 3.59
C VAL C 354 9.68 -23.08 3.86
N ASN C 355 10.16 -22.13 3.05
CA ASN C 355 11.52 -21.64 3.21
C ASN C 355 11.69 -20.95 4.56
N GLN C 356 10.73 -20.12 4.94
CA GLN C 356 10.83 -19.40 6.21
C GLN C 356 10.94 -20.37 7.38
N LEU C 357 10.03 -21.33 7.46
CA LEU C 357 10.04 -22.27 8.58
C LEU C 357 11.30 -23.14 8.54
N LEU C 358 11.63 -23.68 7.36
CA LEU C 358 12.78 -24.55 7.24
C LEU C 358 14.06 -23.86 7.66
N SER C 359 14.17 -22.56 7.38
CA SER C 359 15.34 -21.81 7.83
C SER C 359 15.30 -21.53 9.32
N LYS C 360 14.14 -21.11 9.84
CA LYS C 360 14.07 -20.69 11.23
C LYS C 360 14.30 -21.87 12.17
N ILE C 361 13.77 -23.05 11.86
CA ILE C 361 13.92 -24.17 12.77
C ILE C 361 15.39 -24.48 13.03
N ASP C 362 16.23 -24.33 12.02
CA ASP C 362 17.68 -24.45 12.21
C ASP C 362 18.42 -23.59 11.21
N GLY C 363 18.80 -22.38 11.62
CA GLY C 363 19.50 -21.45 10.77
C GLY C 363 20.91 -21.16 11.27
N VAL C 364 21.37 -19.95 10.98
CA VAL C 364 22.70 -19.56 11.45
C VAL C 364 22.75 -19.56 12.97
N GLU C 365 21.72 -19.01 13.60
CA GLU C 365 21.63 -19.03 15.06
C GLU C 365 21.22 -20.43 15.53
N GLN C 366 21.44 -20.67 16.82
CA GLN C 366 21.18 -21.97 17.43
C GLN C 366 20.16 -21.83 18.55
N LEU C 367 19.40 -22.90 18.78
CA LEU C 367 18.44 -22.97 19.86
C LEU C 367 18.51 -24.34 20.51
N ASN C 368 18.15 -24.40 21.80
CA ASN C 368 18.20 -25.66 22.53
C ASN C 368 17.02 -25.82 23.48
N ASN C 369 15.92 -25.12 23.27
CA ASN C 369 14.75 -25.21 24.14
C ASN C 369 13.47 -25.20 23.33
N ILE C 370 13.43 -25.97 22.24
CA ILE C 370 12.26 -26.04 21.38
C ILE C 370 11.91 -27.50 21.12
N LEU C 371 10.62 -27.75 20.91
CA LEU C 371 10.13 -29.08 20.55
C LEU C 371 8.89 -28.90 19.68
N VAL C 372 8.83 -29.63 18.58
CA VAL C 372 7.77 -29.47 17.59
C VAL C 372 7.07 -30.81 17.38
N ILE C 373 5.75 -30.80 17.45
CA ILE C 373 4.93 -31.99 17.26
C ILE C 373 4.02 -31.76 16.07
N GLY C 374 3.89 -32.77 15.23
CA GLY C 374 3.05 -32.68 14.05
C GLY C 374 2.17 -33.89 13.88
N MET C 375 1.00 -33.66 13.32
CA MET C 375 0.05 -34.71 13.01
C MET C 375 -0.39 -34.59 11.55
N THR C 376 -0.50 -35.74 10.88
CA THR C 376 -0.92 -35.78 9.49
C THR C 376 -1.52 -37.14 9.20
N ASN C 377 -2.22 -37.23 8.06
CA ASN C 377 -2.81 -38.48 7.61
C ASN C 377 -2.10 -39.06 6.40
N ARG C 378 -1.37 -38.25 5.64
CA ARG C 378 -0.72 -38.69 4.41
C ARG C 378 0.77 -38.39 4.53
N PRO C 379 1.56 -39.34 5.06
CA PRO C 379 2.99 -39.10 5.30
C PRO C 379 3.84 -39.24 4.05
N ASP C 380 3.37 -38.65 2.94
CA ASP C 380 4.16 -38.60 1.71
C ASP C 380 4.16 -37.24 1.04
N LEU C 381 3.16 -36.38 1.26
CA LEU C 381 3.18 -35.05 0.67
C LEU C 381 4.17 -34.14 1.39
N ILE C 382 4.62 -34.51 2.57
CA ILE C 382 5.53 -33.66 3.33
C ILE C 382 6.85 -33.52 2.57
N ASP C 383 7.35 -32.29 2.50
CA ASP C 383 8.57 -32.03 1.76
C ASP C 383 9.75 -32.80 2.37
N GLU C 384 10.65 -33.26 1.51
CA GLU C 384 11.80 -34.02 1.99
C GLU C 384 12.69 -33.18 2.90
N ALA C 385 12.92 -31.92 2.54
CA ALA C 385 13.92 -31.13 3.24
C ALA C 385 13.62 -30.98 4.73
N LEU C 386 12.38 -31.17 5.14
CA LEU C 386 12.00 -30.98 6.53
C LEU C 386 12.27 -32.20 7.40
N LEU C 387 12.59 -33.35 6.80
CA LEU C 387 12.68 -34.59 7.57
C LEU C 387 14.10 -35.15 7.62
N ARG C 388 15.10 -34.29 7.58
CA ARG C 388 16.46 -34.77 7.77
C ARG C 388 16.80 -34.80 9.26
N PRO C 389 17.82 -35.57 9.65
CA PRO C 389 18.08 -35.77 11.09
C PRO C 389 18.15 -34.48 11.89
N GLY C 390 18.50 -33.37 11.24
CA GLY C 390 18.63 -32.12 11.95
C GLY C 390 17.32 -31.64 12.55
N ARG C 391 16.24 -31.69 11.77
CA ARG C 391 15.00 -31.01 12.12
C ARG C 391 13.95 -31.93 12.70
N LEU C 392 13.52 -32.95 11.95
CA LEU C 392 12.43 -33.83 12.36
C LEU C 392 12.97 -35.26 12.41
N GLU C 393 13.35 -35.72 13.60
CA GLU C 393 13.97 -37.01 13.77
C GLU C 393 12.95 -38.11 14.08
N VAL C 394 12.21 -37.95 15.16
CA VAL C 394 11.37 -39.04 15.67
C VAL C 394 10.15 -39.19 14.79
N LYS C 395 9.95 -40.39 14.25
CA LYS C 395 8.75 -40.74 13.50
C LYS C 395 8.18 -42.02 14.07
N MET C 396 6.86 -42.09 14.15
CA MET C 396 6.18 -43.25 14.70
C MET C 396 4.91 -43.51 13.91
N GLU C 397 4.47 -44.76 13.95
CA GLU C 397 3.23 -45.18 13.30
C GLU C 397 2.24 -45.61 14.38
N ILE C 398 1.03 -45.08 14.30
CA ILE C 398 -0.03 -45.37 15.26
C ILE C 398 -0.99 -46.32 14.57
N GLY C 399 -1.01 -47.57 15.03
CA GLY C 399 -1.75 -48.61 14.33
C GLY C 399 -2.93 -49.16 15.09
N LEU C 400 -3.75 -49.97 14.43
CA LEU C 400 -4.97 -50.51 15.03
C LEU C 400 -4.60 -51.41 16.19
N PRO C 401 -5.43 -51.46 17.23
CA PRO C 401 -5.09 -52.24 18.43
C PRO C 401 -5.41 -53.72 18.26
N ASP C 402 -4.88 -54.51 19.18
CA ASP C 402 -5.17 -55.93 19.27
C ASP C 402 -6.16 -56.18 20.41
N GLU C 403 -6.36 -57.46 20.74
CA GLU C 403 -7.30 -57.81 21.81
C GLU C 403 -6.94 -57.10 23.11
N LYS C 404 -5.68 -57.19 23.52
CA LYS C 404 -5.28 -56.64 24.81
C LYS C 404 -5.50 -55.14 24.86
N GLY C 405 -5.14 -54.43 23.79
CA GLY C 405 -5.39 -53.00 23.76
C GLY C 405 -6.87 -52.67 23.84
N ARG C 406 -7.70 -53.46 23.17
CA ARG C 406 -9.14 -53.25 23.26
C ARG C 406 -9.61 -53.42 24.70
N LEU C 407 -9.11 -54.44 25.39
CA LEU C 407 -9.48 -54.64 26.79
C LEU C 407 -9.07 -53.44 27.63
N GLN C 408 -7.83 -52.97 27.44
CA GLN C 408 -7.33 -51.84 28.24
C GLN C 408 -8.18 -50.60 28.01
N ILE C 409 -8.48 -50.30 26.75
CA ILE C 409 -9.28 -49.10 26.45
C ILE C 409 -10.67 -49.23 27.03
N LEU C 410 -11.27 -50.42 26.90
CA LEU C 410 -12.63 -50.60 27.41
C LEU C 410 -12.65 -50.42 28.92
N HIS C 411 -11.66 -50.95 29.63
CA HIS C 411 -11.55 -50.66 31.06
C HIS C 411 -11.44 -49.17 31.31
N ILE C 412 -10.50 -48.51 30.63
CA ILE C 412 -10.20 -47.12 30.94
C ILE C 412 -11.44 -46.25 30.79
N HIS C 413 -12.12 -46.37 29.65
CA HIS C 413 -13.27 -45.50 29.41
C HIS C 413 -14.41 -45.81 30.38
N THR C 414 -14.67 -47.10 30.63
CA THR C 414 -15.77 -47.50 31.52
C THR C 414 -15.23 -47.79 32.91
N ALA C 415 -14.83 -46.71 33.58
CA ALA C 415 -14.33 -46.77 34.95
C ALA C 415 -15.25 -46.06 35.94
N ARG C 416 -15.63 -44.81 35.64
CA ARG C 416 -16.47 -44.06 36.57
C ARG C 416 -17.82 -44.75 36.77
N MET C 417 -18.41 -45.27 35.68
CA MET C 417 -19.64 -46.03 35.84
C MET C 417 -19.47 -47.16 36.83
N ARG C 418 -18.33 -47.87 36.75
CA ARG C 418 -18.03 -48.91 37.73
C ARG C 418 -17.94 -48.33 39.14
N GLY C 419 -17.49 -47.08 39.25
CA GLY C 419 -17.28 -46.50 40.57
C GLY C 419 -18.56 -46.37 41.38
N HIS C 420 -19.64 -45.92 40.74
CA HIS C 420 -20.88 -45.65 41.43
C HIS C 420 -21.87 -46.81 41.37
N GLN C 421 -21.41 -47.99 40.95
CA GLN C 421 -22.27 -49.18 40.92
C GLN C 421 -23.46 -48.95 40.00
N LEU C 422 -23.22 -48.35 38.85
CA LEU C 422 -24.26 -48.11 37.86
C LEU C 422 -24.30 -49.16 36.76
N LEU C 423 -23.44 -50.17 36.83
CA LEU C 423 -23.30 -51.18 35.78
C LEU C 423 -23.76 -52.53 36.32
N SER C 424 -24.68 -53.17 35.61
CA SER C 424 -25.13 -54.49 36.00
C SER C 424 -24.00 -55.50 35.87
N ALA C 425 -23.97 -56.47 36.78
CA ALA C 425 -22.99 -57.55 36.71
C ALA C 425 -23.23 -58.48 35.53
N ASP C 426 -24.38 -58.37 34.85
CA ASP C 426 -24.68 -59.26 33.74
C ASP C 426 -23.64 -59.15 32.63
N VAL C 427 -23.08 -57.96 32.43
CA VAL C 427 -22.18 -57.71 31.31
C VAL C 427 -20.77 -58.14 31.69
N ASP C 428 -20.08 -58.76 30.74
CA ASP C 428 -18.69 -59.17 30.90
C ASP C 428 -17.83 -58.50 29.85
N ILE C 429 -16.66 -58.00 30.28
CA ILE C 429 -15.78 -57.28 29.37
C ILE C 429 -15.22 -58.22 28.31
N LYS C 430 -14.87 -59.45 28.70
CA LYS C 430 -14.18 -60.35 27.78
C LYS C 430 -15.01 -60.62 26.53
N GLU C 431 -16.32 -60.79 26.71
CA GLU C 431 -17.18 -61.01 25.55
C GLU C 431 -17.14 -59.82 24.60
N LEU C 432 -17.21 -58.61 25.14
CA LEU C 432 -17.16 -57.42 24.30
C LEU C 432 -15.82 -57.34 23.56
N ALA C 433 -14.74 -57.63 24.26
CA ALA C 433 -13.42 -57.57 23.61
C ALA C 433 -13.32 -58.59 22.49
N VAL C 434 -13.73 -59.83 22.74
CA VAL C 434 -13.59 -60.87 21.74
C VAL C 434 -14.48 -60.60 20.53
N GLU C 435 -15.74 -60.22 20.77
CA GLU C 435 -16.67 -60.05 19.66
C GLU C 435 -16.23 -58.97 18.69
N THR C 436 -15.65 -57.89 19.20
CA THR C 436 -15.28 -56.74 18.39
C THR C 436 -13.81 -56.83 17.98
N LYS C 437 -13.55 -56.79 16.68
CA LYS C 437 -12.20 -56.90 16.14
C LYS C 437 -11.99 -55.82 15.10
N ASN C 438 -10.75 -55.35 14.99
CA ASN C 438 -10.34 -54.30 14.08
C ASN C 438 -10.91 -52.93 14.44
N PHE C 439 -11.72 -52.86 15.49
CA PHE C 439 -12.26 -51.57 15.92
C PHE C 439 -11.11 -50.68 16.38
N SER C 440 -11.17 -49.42 15.99
CA SER C 440 -10.26 -48.43 16.54
C SER C 440 -10.89 -47.78 17.77
N GLY C 441 -10.07 -47.10 18.57
CA GLY C 441 -10.54 -46.58 19.84
C GLY C 441 -11.83 -45.79 19.71
N ALA C 442 -11.87 -44.88 18.74
CA ALA C 442 -13.09 -44.11 18.52
C ALA C 442 -14.30 -45.02 18.36
N GLU C 443 -14.12 -46.18 17.74
CA GLU C 443 -15.23 -47.12 17.59
C GLU C 443 -15.72 -47.59 18.96
N LEU C 444 -14.79 -47.93 19.86
CA LEU C 444 -15.20 -48.39 21.18
C LEU C 444 -15.92 -47.28 21.93
N GLU C 445 -15.42 -46.05 21.83
CA GLU C 445 -16.09 -44.94 22.48
C GLU C 445 -17.49 -44.74 21.94
N GLY C 446 -17.65 -44.82 20.62
CA GLY C 446 -18.98 -44.70 20.05
C GLY C 446 -19.91 -45.80 20.53
N LEU C 447 -19.40 -47.03 20.62
CA LEU C 447 -20.21 -48.13 21.11
C LEU C 447 -20.69 -47.87 22.53
N VAL C 448 -19.78 -47.45 23.41
CA VAL C 448 -20.15 -47.19 24.80
C VAL C 448 -21.19 -46.07 24.86
N ARG C 449 -20.97 -45.00 24.09
CA ARG C 449 -21.90 -43.88 24.12
C ARG C 449 -23.27 -44.30 23.65
N ALA C 450 -23.34 -45.09 22.58
CA ALA C 450 -24.63 -45.55 22.08
C ALA C 450 -25.33 -46.45 23.09
N ALA C 451 -24.58 -47.35 23.73
CA ALA C 451 -25.20 -48.20 24.74
C ALA C 451 -25.77 -47.38 25.89
N GLN C 452 -25.00 -46.40 26.36
CA GLN C 452 -25.49 -45.54 27.42
C GLN C 452 -26.74 -44.80 26.98
N SER C 453 -26.75 -44.28 25.75
CA SER C 453 -27.91 -43.56 25.27
C SER C 453 -29.15 -44.44 25.21
N THR C 454 -28.99 -45.68 24.76
CA THR C 454 -30.14 -46.59 24.70
C THR C 454 -30.67 -46.89 26.10
N ALA C 455 -29.80 -47.31 26.99
CA ALA C 455 -30.23 -47.60 28.36
C ALA C 455 -30.89 -46.37 28.97
N MET C 456 -30.35 -45.20 28.68
CA MET C 456 -30.89 -43.94 29.14
C MET C 456 -32.32 -43.74 28.67
N ASN C 457 -32.50 -43.74 27.35
CA ASN C 457 -33.82 -43.49 26.78
C ASN C 457 -34.83 -44.52 27.24
N ARG C 458 -34.38 -45.69 27.70
CA ARG C 458 -35.32 -46.65 28.26
C ARG C 458 -36.23 -45.99 29.29
N HIS C 459 -35.66 -45.23 30.23
CA HIS C 459 -36.45 -44.61 31.28
C HIS C 459 -37.40 -43.56 30.71
N ILE C 460 -36.89 -42.64 29.89
CA ILE C 460 -37.69 -41.53 29.44
C ILE C 460 -38.82 -42.04 28.55
N LYS C 461 -40.04 -41.58 28.83
CA LYS C 461 -41.22 -41.94 28.05
C LYS C 461 -41.93 -40.63 27.68
N ALA C 462 -41.63 -40.12 26.50
CA ALA C 462 -42.21 -38.85 26.06
C ALA C 462 -42.07 -38.73 24.55
N SER C 463 -43.18 -38.56 23.85
CA SER C 463 -43.21 -38.42 22.41
C SER C 463 -43.60 -37.02 21.97
N THR C 464 -44.76 -36.53 22.42
CA THR C 464 -45.25 -35.20 22.05
C THR C 464 -44.95 -34.17 23.13
N LYS C 465 -45.29 -34.47 24.38
CA LYS C 465 -44.99 -33.61 25.51
C LYS C 465 -43.82 -34.21 26.28
N VAL C 466 -42.72 -33.45 26.41
CA VAL C 466 -41.55 -33.95 27.09
C VAL C 466 -41.90 -34.35 28.51
N GLU C 467 -41.39 -35.50 28.95
CA GLU C 467 -41.71 -36.03 30.26
C GLU C 467 -40.62 -37.00 30.68
N VAL C 468 -40.18 -36.88 31.93
CA VAL C 468 -39.14 -37.73 32.50
C VAL C 468 -39.78 -38.54 33.63
N ASP C 469 -39.50 -39.85 33.65
CA ASP C 469 -40.05 -40.74 34.66
C ASP C 469 -39.03 -40.85 35.79
N MET C 470 -39.07 -39.86 36.69
CA MET C 470 -38.11 -39.84 37.80
C MET C 470 -38.26 -41.08 38.69
N GLU C 471 -39.48 -41.61 38.80
CA GLU C 471 -39.69 -42.77 39.66
C GLU C 471 -38.84 -43.94 39.22
N LYS C 472 -38.80 -44.21 37.92
CA LYS C 472 -37.99 -45.32 37.40
C LYS C 472 -36.51 -45.00 37.40
N ALA C 473 -36.15 -43.72 37.26
CA ALA C 473 -34.75 -43.33 37.16
C ALA C 473 -33.97 -43.58 38.44
N GLU C 474 -34.64 -43.83 39.56
CA GLU C 474 -33.94 -44.08 40.81
C GLU C 474 -32.94 -45.23 40.65
N SER C 475 -33.34 -46.29 39.97
CA SER C 475 -32.51 -47.47 39.76
C SER C 475 -32.24 -47.58 38.27
N LEU C 476 -31.03 -47.21 37.86
CA LEU C 476 -30.63 -47.23 36.46
C LEU C 476 -29.43 -48.16 36.31
N GLN C 477 -29.53 -49.09 35.35
CA GLN C 477 -28.44 -50.01 35.08
C GLN C 477 -28.50 -50.42 33.61
N VAL C 478 -27.39 -50.94 33.12
CA VAL C 478 -27.20 -51.26 31.71
C VAL C 478 -27.00 -52.76 31.58
N THR C 479 -27.71 -53.37 30.64
CA THR C 479 -27.66 -54.82 30.41
C THR C 479 -27.07 -55.10 29.04
N ARG C 480 -26.77 -56.38 28.81
CA ARG C 480 -26.16 -56.80 27.55
C ARG C 480 -27.04 -56.44 26.36
N GLY C 481 -28.36 -56.44 26.54
CA GLY C 481 -29.24 -56.19 25.41
C GLY C 481 -28.98 -54.86 24.74
N ASP C 482 -28.68 -53.83 25.54
CA ASP C 482 -28.37 -52.53 24.97
C ASP C 482 -27.12 -52.60 24.10
N PHE C 483 -26.08 -53.29 24.58
CA PHE C 483 -24.85 -53.42 23.79
C PHE C 483 -25.11 -54.18 22.50
N LEU C 484 -25.90 -55.26 22.57
CA LEU C 484 -26.21 -56.02 21.37
C LEU C 484 -26.96 -55.17 20.36
N ALA C 485 -27.95 -54.41 20.81
CA ALA C 485 -28.69 -53.54 19.90
C ALA C 485 -27.77 -52.50 19.28
N SER C 486 -26.88 -51.91 20.08
CA SER C 486 -25.95 -50.92 19.56
C SER C 486 -25.05 -51.53 18.49
N LEU C 487 -24.55 -52.74 18.75
CA LEU C 487 -23.74 -53.42 17.75
C LEU C 487 -24.53 -53.63 16.46
N GLU C 488 -25.80 -54.02 16.59
CA GLU C 488 -26.59 -54.35 15.42
C GLU C 488 -26.97 -53.12 14.60
N ASN C 489 -27.13 -51.97 15.26
CA ASN C 489 -27.77 -50.83 14.61
C ASN C 489 -26.92 -49.57 14.57
N ASP C 490 -26.07 -49.34 15.57
CA ASP C 490 -25.45 -48.02 15.73
C ASP C 490 -24.10 -47.91 15.06
N ILE C 491 -23.14 -48.75 15.46
CA ILE C 491 -21.76 -48.59 15.02
C ILE C 491 -21.49 -49.51 13.84
N LYS C 492 -20.84 -48.96 12.82
CA LYS C 492 -20.42 -49.73 11.65
C LYS C 492 -18.92 -49.54 11.45
N PRO C 493 -18.08 -50.52 11.75
CA PRO C 493 -16.63 -50.30 11.66
C PRO C 493 -16.21 -49.98 10.24
N ALA C 494 -14.98 -49.46 10.13
CA ALA C 494 -14.40 -49.08 8.85
C ALA C 494 -13.44 -50.13 8.31
N PHE C 495 -12.66 -50.77 9.17
CA PHE C 495 -11.72 -51.81 8.79
C PHE C 495 -12.23 -53.21 9.13
N GLY C 496 -13.48 -53.33 9.56
CA GLY C 496 -14.05 -54.58 9.98
C GLY C 496 -14.85 -55.26 8.87
N THR C 497 -15.72 -56.18 9.27
CA THR C 497 -16.53 -56.95 8.35
C THR C 497 -17.99 -56.55 8.49
N ASN C 498 -18.67 -56.41 7.36
CA ASN C 498 -20.08 -56.06 7.31
C ASN C 498 -20.92 -57.27 6.91
N GLN C 499 -22.14 -57.30 7.44
CA GLN C 499 -23.06 -58.41 7.16
C GLN C 499 -24.02 -58.10 6.02
N GLU C 500 -23.87 -56.94 5.36
CA GLU C 500 -24.81 -56.59 4.30
C GLU C 500 -24.44 -57.26 2.99
N ASP C 501 -23.15 -57.28 2.66
CA ASP C 501 -22.73 -57.83 1.36
C ASP C 501 -23.11 -59.29 1.23
N TYR C 502 -22.87 -60.08 2.28
CA TYR C 502 -23.22 -61.50 2.22
C TYR C 502 -24.72 -61.70 2.07
N ALA C 503 -25.53 -60.72 2.45
CA ALA C 503 -26.96 -60.81 2.25
C ALA C 503 -27.39 -60.35 0.87
N SER C 504 -26.61 -59.48 0.23
CA SER C 504 -26.95 -58.99 -1.09
C SER C 504 -26.34 -59.82 -2.21
N TYR C 505 -25.40 -60.71 -1.91
CA TYR C 505 -24.87 -61.64 -2.92
C TYR C 505 -25.53 -63.02 -2.83
N ILE C 506 -25.46 -63.66 -1.67
CA ILE C 506 -26.11 -64.95 -1.48
C ILE C 506 -27.59 -64.69 -1.22
N MET C 507 -28.40 -64.69 -2.28
CA MET C 507 -29.78 -64.28 -2.14
C MET C 507 -30.68 -65.42 -1.70
N ASN C 508 -30.59 -66.56 -2.38
CA ASN C 508 -31.47 -67.69 -2.13
C ASN C 508 -30.74 -68.87 -1.52
N GLY C 509 -29.82 -68.58 -0.60
CA GLY C 509 -29.15 -69.64 0.13
C GLY C 509 -28.33 -70.53 -0.78
N ILE C 510 -27.78 -71.57 -0.16
CA ILE C 510 -26.94 -72.56 -0.82
C ILE C 510 -27.55 -73.93 -0.56
N ILE C 511 -27.72 -74.72 -1.62
CA ILE C 511 -28.37 -76.03 -1.52
C ILE C 511 -27.44 -77.08 -2.10
N LYS C 512 -27.28 -78.18 -1.38
CA LYS C 512 -26.46 -79.30 -1.83
C LYS C 512 -27.31 -80.18 -2.73
N TRP C 513 -27.04 -80.14 -4.03
CA TRP C 513 -27.73 -80.96 -5.01
C TRP C 513 -26.87 -82.12 -5.51
N GLY C 514 -25.56 -82.08 -5.31
CA GLY C 514 -24.69 -83.11 -5.81
C GLY C 514 -23.35 -83.10 -5.10
N ASP C 515 -22.58 -84.15 -5.36
CA ASP C 515 -21.29 -84.30 -4.70
C ASP C 515 -20.35 -83.12 -4.93
N PRO C 516 -20.25 -82.54 -6.11
CA PRO C 516 -19.19 -81.55 -6.35
C PRO C 516 -19.18 -80.39 -5.37
N VAL C 517 -20.34 -79.97 -4.86
CA VAL C 517 -20.38 -78.81 -3.96
C VAL C 517 -19.53 -79.07 -2.73
N THR C 518 -19.67 -80.25 -2.13
CA THR C 518 -18.89 -80.59 -0.96
C THR C 518 -17.39 -80.57 -1.27
N ARG C 519 -17.01 -81.10 -2.43
CA ARG C 519 -15.61 -81.07 -2.82
C ARG C 519 -15.10 -79.63 -2.91
N VAL C 520 -15.89 -78.74 -3.52
CA VAL C 520 -15.47 -77.36 -3.66
C VAL C 520 -15.25 -76.73 -2.29
N LEU C 521 -16.20 -76.95 -1.38
CA LEU C 521 -16.08 -76.37 -0.05
C LEU C 521 -14.87 -76.92 0.69
N ASP C 522 -14.60 -78.23 0.53
CA ASP C 522 -13.43 -78.81 1.18
C ASP C 522 -12.14 -78.20 0.65
N ASP C 523 -12.05 -78.00 -0.66
CA ASP C 523 -10.86 -77.37 -1.22
C ASP C 523 -10.69 -75.96 -0.68
N GLY C 524 -11.78 -75.22 -0.58
CA GLY C 524 -11.71 -73.91 0.03
C GLY C 524 -11.18 -73.98 1.46
N GLU C 525 -11.66 -74.96 2.22
CA GLU C 525 -11.16 -75.14 3.58
C GLU C 525 -9.66 -75.37 3.58
N LEU C 526 -9.18 -76.21 2.67
CA LEU C 526 -7.75 -76.49 2.62
C LEU C 526 -6.95 -75.21 2.34
N LEU C 527 -7.40 -74.43 1.36
CA LEU C 527 -6.66 -73.20 1.05
C LEU C 527 -6.65 -72.22 2.21
N VAL C 528 -7.80 -72.02 2.85
CA VAL C 528 -7.84 -71.07 3.97
C VAL C 528 -6.94 -71.55 5.09
N GLN C 529 -6.97 -72.85 5.39
CA GLN C 529 -6.11 -73.37 6.43
C GLN C 529 -4.64 -73.16 6.08
N GLN C 530 -4.27 -73.40 4.82
CA GLN C 530 -2.88 -73.20 4.44
C GLN C 530 -2.47 -71.74 4.65
N THR C 531 -3.29 -70.79 4.22
CA THR C 531 -2.88 -69.40 4.36
C THR C 531 -2.82 -68.98 5.82
N LYS C 532 -3.63 -69.58 6.69
CA LYS C 532 -3.63 -69.12 8.08
C LYS C 532 -2.46 -69.65 8.89
N ASN C 533 -1.99 -70.86 8.62
CA ASN C 533 -1.09 -71.58 9.53
C ASN C 533 0.17 -72.02 8.80
N SER C 534 0.82 -71.11 8.08
CA SER C 534 2.04 -71.47 7.38
C SER C 534 2.92 -70.24 7.19
N ASP C 535 4.19 -70.51 6.90
CA ASP C 535 5.19 -69.50 6.58
C ASP C 535 5.83 -69.84 5.23
N ARG C 536 6.69 -68.94 4.75
CA ARG C 536 7.36 -69.06 3.47
C ARG C 536 6.41 -68.86 2.30
N THR C 537 5.12 -68.69 2.54
CA THR C 537 4.14 -68.54 1.48
C THR C 537 3.02 -67.66 1.99
N PRO C 538 3.32 -66.43 2.39
CA PRO C 538 2.27 -65.57 2.98
C PRO C 538 1.23 -65.12 1.98
N LEU C 539 1.38 -65.46 0.69
CA LEU C 539 0.44 -65.04 -0.34
C LEU C 539 0.04 -66.26 -1.16
N VAL C 540 -1.25 -66.52 -1.26
CA VAL C 540 -1.78 -67.62 -2.05
C VAL C 540 -3.00 -67.12 -2.82
N SER C 541 -3.11 -67.52 -4.08
CA SER C 541 -4.19 -67.09 -4.95
C SER C 541 -4.85 -68.31 -5.58
N VAL C 542 -6.15 -68.18 -5.86
CA VAL C 542 -6.92 -69.27 -6.45
C VAL C 542 -7.92 -68.69 -7.43
N LEU C 543 -8.14 -69.42 -8.52
CA LEU C 543 -9.02 -69.00 -9.60
C LEU C 543 -10.18 -69.99 -9.72
N LEU C 544 -11.39 -69.47 -9.81
CA LEU C 544 -12.58 -70.27 -10.02
C LEU C 544 -13.05 -70.12 -11.46
N GLU C 545 -13.42 -71.23 -12.09
CA GLU C 545 -13.77 -71.26 -13.49
C GLU C 545 -15.08 -72.01 -13.68
N GLY C 546 -15.71 -71.80 -14.83
CA GLY C 546 -16.87 -72.59 -15.19
C GLY C 546 -17.71 -71.94 -16.28
N PRO C 547 -18.63 -72.71 -16.85
CA PRO C 547 -19.53 -72.15 -17.86
C PRO C 547 -20.47 -71.14 -17.23
N PRO C 548 -21.00 -70.21 -18.03
CA PRO C 548 -21.82 -69.14 -17.45
C PRO C 548 -23.11 -69.68 -16.85
N HIS C 549 -23.63 -68.94 -15.87
CA HIS C 549 -24.89 -69.24 -15.20
C HIS C 549 -24.82 -70.46 -14.30
N SER C 550 -23.61 -70.92 -13.96
CA SER C 550 -23.46 -72.03 -13.03
C SER C 550 -23.43 -71.57 -11.57
N GLY C 551 -23.53 -70.27 -11.32
CA GLY C 551 -23.55 -69.79 -9.95
C GLY C 551 -22.21 -69.95 -9.27
N LYS C 552 -21.21 -69.18 -9.70
CA LYS C 552 -19.88 -69.25 -9.11
C LYS C 552 -19.59 -68.10 -8.16
N THR C 553 -20.26 -66.96 -8.31
CA THR C 553 -20.04 -65.84 -7.40
C THR C 553 -20.52 -66.16 -5.99
N ALA C 554 -21.75 -66.67 -5.87
CA ALA C 554 -22.28 -67.00 -4.56
C ALA C 554 -21.37 -67.99 -3.84
N LEU C 555 -20.79 -68.93 -4.59
CA LEU C 555 -19.85 -69.85 -3.97
C LEU C 555 -18.63 -69.13 -3.45
N ALA C 556 -18.15 -68.12 -4.19
CA ALA C 556 -17.03 -67.32 -3.69
C ALA C 556 -17.40 -66.64 -2.38
N ALA C 557 -18.60 -66.06 -2.32
CA ALA C 557 -19.02 -65.42 -1.07
C ALA C 557 -19.07 -66.43 0.06
N LYS C 558 -19.65 -67.61 -0.19
CA LYS C 558 -19.79 -68.60 0.87
C LYS C 558 -18.42 -69.07 1.36
N ILE C 559 -17.50 -69.39 0.44
CA ILE C 559 -16.18 -69.85 0.84
C ILE C 559 -15.49 -68.77 1.66
N ALA C 560 -15.58 -67.52 1.23
CA ALA C 560 -14.93 -66.45 1.98
C ALA C 560 -15.53 -66.31 3.38
N GLU C 561 -16.84 -66.42 3.49
CA GLU C 561 -17.50 -66.13 4.77
C GLU C 561 -17.08 -67.07 5.88
N GLU C 562 -16.57 -68.26 5.56
CA GLU C 562 -16.20 -69.25 6.56
C GLU C 562 -14.79 -69.07 7.08
N SER C 563 -14.06 -68.05 6.61
CA SER C 563 -12.69 -67.86 7.07
C SER C 563 -12.63 -67.28 8.46
N ASN C 564 -13.67 -66.58 8.91
CA ASN C 564 -13.63 -65.83 10.18
C ASN C 564 -12.51 -64.81 10.19
N PHE C 565 -12.00 -64.42 9.04
CA PHE C 565 -10.89 -63.50 9.00
C PHE C 565 -11.35 -62.10 9.41
N PRO C 566 -10.47 -61.34 10.05
CA PRO C 566 -10.86 -59.99 10.50
C PRO C 566 -11.29 -59.06 9.39
N PHE C 567 -10.72 -59.18 8.20
CA PHE C 567 -10.87 -58.16 7.16
C PHE C 567 -11.32 -58.81 5.86
N ILE C 568 -12.54 -58.48 5.43
CA ILE C 568 -13.09 -58.99 4.18
C ILE C 568 -13.67 -57.81 3.40
N LYS C 569 -13.53 -57.85 2.08
CA LYS C 569 -14.07 -56.81 1.22
C LYS C 569 -14.20 -57.36 -0.20
N ILE C 570 -15.30 -57.02 -0.85
CA ILE C 570 -15.64 -57.56 -2.16
C ILE C 570 -15.54 -56.44 -3.18
N CYS C 571 -14.62 -56.57 -4.13
CA CYS C 571 -14.45 -55.59 -5.19
C CYS C 571 -15.18 -56.08 -6.43
N SER C 572 -16.18 -55.33 -6.86
CA SER C 572 -17.02 -55.72 -7.98
C SER C 572 -17.15 -54.57 -8.97
N PRO C 573 -17.37 -54.88 -10.25
CA PRO C 573 -17.62 -53.81 -11.23
C PRO C 573 -18.88 -53.02 -10.95
N ASP C 574 -19.82 -53.57 -10.18
CA ASP C 574 -21.13 -52.96 -10.02
C ASP C 574 -21.04 -51.53 -9.50
N LYS C 575 -20.04 -51.21 -8.69
CA LYS C 575 -19.92 -49.89 -8.08
C LYS C 575 -18.97 -48.99 -8.87
N MET C 576 -18.78 -49.29 -10.16
CA MET C 576 -17.87 -48.51 -10.98
C MET C 576 -18.45 -48.24 -12.37
N ILE C 577 -19.76 -48.08 -12.49
CA ILE C 577 -20.38 -47.87 -13.79
C ILE C 577 -19.85 -46.56 -14.38
N GLY C 578 -19.36 -46.63 -15.62
CA GLY C 578 -19.00 -45.44 -16.36
C GLY C 578 -17.66 -44.84 -16.00
N PHE C 579 -16.94 -45.40 -15.03
CA PHE C 579 -15.61 -44.90 -14.71
C PHE C 579 -14.68 -45.10 -15.89
N SER C 580 -13.74 -44.19 -16.05
CA SER C 580 -12.68 -44.36 -17.05
C SER C 580 -11.58 -45.23 -16.47
N GLU C 581 -10.55 -45.51 -17.28
CA GLU C 581 -9.53 -46.46 -16.88
C GLU C 581 -8.81 -46.01 -15.61
N THR C 582 -8.33 -44.77 -15.61
CA THR C 582 -7.56 -44.28 -14.46
C THR C 582 -8.36 -44.42 -13.18
N ALA C 583 -9.67 -44.16 -13.24
CA ALA C 583 -10.50 -44.28 -12.05
C ALA C 583 -10.50 -45.71 -11.52
N LYS C 584 -10.64 -46.69 -12.41
CA LYS C 584 -10.64 -48.08 -11.96
C LYS C 584 -9.30 -48.45 -11.35
N CYS C 585 -8.21 -48.01 -11.97
CA CYS C 585 -6.89 -48.30 -11.42
C CYS C 585 -6.76 -47.72 -10.02
N GLN C 586 -7.19 -46.48 -9.83
CA GLN C 586 -7.12 -45.85 -8.52
C GLN C 586 -7.94 -46.62 -7.50
N ALA C 587 -9.16 -47.02 -7.87
CA ALA C 587 -10.01 -47.72 -6.92
C ALA C 587 -9.37 -49.04 -6.49
N MET C 588 -8.84 -49.80 -7.45
CA MET C 588 -8.19 -51.05 -7.09
C MET C 588 -7.00 -50.82 -6.18
N LYS C 589 -6.16 -49.84 -6.53
CA LYS C 589 -5.00 -49.57 -5.68
C LYS C 589 -5.43 -49.22 -4.27
N LYS C 590 -6.49 -48.43 -4.14
CA LYS C 590 -6.95 -48.06 -2.80
C LYS C 590 -7.43 -49.27 -2.02
N ILE C 591 -8.22 -50.15 -2.66
CA ILE C 591 -8.72 -51.31 -1.94
C ILE C 591 -7.55 -52.16 -1.44
N PHE C 592 -6.58 -52.41 -2.31
CA PHE C 592 -5.47 -53.26 -1.89
C PHE C 592 -4.62 -52.58 -0.82
N ASP C 593 -4.43 -51.26 -0.93
CA ASP C 593 -3.69 -50.55 0.11
C ASP C 593 -4.38 -50.66 1.46
N ASP C 594 -5.70 -50.52 1.47
CA ASP C 594 -6.43 -50.71 2.72
C ASP C 594 -6.23 -52.13 3.24
N ALA C 595 -6.32 -53.13 2.36
CA ALA C 595 -6.18 -54.51 2.81
C ALA C 595 -4.79 -54.79 3.35
N TYR C 596 -3.79 -54.03 2.93
CA TYR C 596 -2.41 -54.28 3.36
C TYR C 596 -2.18 -53.98 4.84
N LYS C 597 -3.22 -53.57 5.57
CA LYS C 597 -3.03 -52.92 6.86
C LYS C 597 -3.42 -53.80 8.05
N SER C 598 -3.81 -55.05 7.83
CA SER C 598 -4.25 -55.91 8.93
C SER C 598 -3.55 -57.26 8.85
N GLN C 599 -3.65 -58.02 9.94
CA GLN C 599 -2.91 -59.27 10.05
C GLN C 599 -3.32 -60.25 8.96
N LEU C 600 -4.62 -60.50 8.83
CA LEU C 600 -5.14 -61.43 7.83
C LEU C 600 -6.14 -60.71 6.97
N SER C 601 -6.56 -61.35 5.89
CA SER C 601 -7.49 -60.70 4.97
C SER C 601 -7.93 -61.68 3.90
N CYS C 602 -9.08 -61.40 3.31
CA CYS C 602 -9.62 -62.19 2.21
C CYS C 602 -10.31 -61.23 1.24
N VAL C 603 -9.66 -60.95 0.11
CA VAL C 603 -10.16 -60.01 -0.87
C VAL C 603 -10.62 -60.77 -2.10
N VAL C 604 -11.82 -60.46 -2.57
CA VAL C 604 -12.42 -61.14 -3.72
C VAL C 604 -12.44 -60.16 -4.88
N VAL C 605 -12.00 -60.62 -6.05
CA VAL C 605 -12.14 -59.89 -7.30
C VAL C 605 -13.20 -60.62 -8.12
N ASP C 606 -14.31 -59.96 -8.40
CA ASP C 606 -15.48 -60.59 -8.98
C ASP C 606 -15.58 -60.29 -10.46
N ASP C 607 -15.98 -61.29 -11.23
CA ASP C 607 -16.15 -61.18 -12.67
C ASP C 607 -14.96 -60.45 -13.30
N ILE C 608 -13.80 -61.09 -13.18
CA ILE C 608 -12.55 -60.49 -13.64
C ILE C 608 -12.70 -59.93 -15.05
N GLU C 609 -13.57 -60.54 -15.85
CA GLU C 609 -13.68 -60.15 -17.25
C GLU C 609 -14.16 -58.72 -17.39
N ARG C 610 -15.32 -58.40 -16.83
CA ARG C 610 -15.89 -57.08 -17.04
C ARG C 610 -15.05 -55.97 -16.44
N LEU C 611 -14.11 -56.30 -15.56
CA LEU C 611 -13.09 -55.32 -15.19
C LEU C 611 -12.21 -55.00 -16.38
N LEU C 612 -11.89 -55.99 -17.21
CA LEU C 612 -10.97 -55.81 -18.33
C LEU C 612 -11.63 -55.16 -19.54
N ASP C 613 -12.96 -55.06 -19.58
CA ASP C 613 -13.73 -54.38 -20.65
C ASP C 613 -13.75 -55.17 -21.95
N TYR C 614 -13.57 -56.48 -21.92
CA TYR C 614 -13.43 -57.29 -23.12
C TYR C 614 -14.68 -57.24 -24.00
N VAL C 615 -14.49 -57.55 -25.28
CA VAL C 615 -15.57 -57.77 -26.23
C VAL C 615 -14.99 -58.51 -27.43
N PRO C 616 -15.61 -59.60 -27.90
CA PRO C 616 -14.88 -60.50 -28.82
C PRO C 616 -14.35 -59.84 -30.08
N ILE C 617 -15.10 -58.92 -30.70
CA ILE C 617 -14.65 -58.37 -31.96
C ILE C 617 -13.39 -57.52 -31.75
N GLY C 618 -12.52 -57.52 -32.76
CA GLY C 618 -11.22 -56.91 -32.69
C GLY C 618 -10.09 -57.87 -32.36
N PRO C 619 -9.96 -58.32 -31.11
CA PRO C 619 -10.68 -57.93 -29.89
C PRO C 619 -10.35 -56.52 -29.45
N ARG C 620 -11.06 -55.99 -28.47
CA ARG C 620 -10.74 -54.72 -27.84
C ARG C 620 -10.81 -54.91 -26.32
N PHE C 621 -9.93 -54.22 -25.60
CA PHE C 621 -9.89 -54.36 -24.16
C PHE C 621 -8.91 -53.34 -23.60
N SER C 622 -9.21 -52.89 -22.38
CA SER C 622 -8.34 -51.93 -21.70
C SER C 622 -7.00 -52.57 -21.40
N ASN C 623 -5.99 -51.72 -21.23
CA ASN C 623 -4.62 -52.17 -20.97
C ASN C 623 -4.16 -51.83 -19.56
N LEU C 624 -4.40 -50.60 -19.11
CA LEU C 624 -3.93 -50.19 -17.80
C LEU C 624 -4.49 -51.08 -16.71
N VAL C 625 -5.78 -51.43 -16.80
CA VAL C 625 -6.36 -52.31 -15.80
C VAL C 625 -5.63 -53.65 -15.78
N LEU C 626 -5.35 -54.20 -16.97
CA LEU C 626 -4.67 -55.48 -17.04
C LEU C 626 -3.30 -55.40 -16.38
N GLN C 627 -2.53 -54.36 -16.70
CA GLN C 627 -1.19 -54.28 -16.13
C GLN C 627 -1.25 -54.10 -14.62
N ALA C 628 -2.13 -53.22 -14.14
CA ALA C 628 -2.25 -53.03 -12.71
C ALA C 628 -2.57 -54.34 -12.02
N LEU C 629 -3.62 -55.02 -12.48
CA LEU C 629 -3.98 -56.29 -11.86
C LEU C 629 -2.82 -57.25 -11.88
N LEU C 630 -2.20 -57.45 -13.04
CA LEU C 630 -1.20 -58.50 -13.17
C LEU C 630 0.01 -58.22 -12.29
N VAL C 631 0.49 -56.97 -12.27
CA VAL C 631 1.61 -56.66 -11.41
C VAL C 631 1.21 -56.71 -9.94
N LEU C 632 -0.10 -56.67 -9.65
CA LEU C 632 -0.54 -56.63 -8.27
C LEU C 632 -0.75 -58.01 -7.64
N LEU C 633 -0.57 -59.09 -8.37
CA LEU C 633 -0.71 -60.43 -7.81
C LEU C 633 0.62 -61.03 -7.33
N LYS C 634 1.70 -60.25 -7.30
CA LYS C 634 2.98 -60.74 -6.82
C LYS C 634 3.61 -59.86 -5.76
N LYS C 635 2.89 -58.84 -5.27
CA LYS C 635 3.45 -57.93 -4.29
C LYS C 635 3.18 -58.47 -2.89
N ALA C 636 4.18 -59.10 -2.29
CA ALA C 636 4.01 -59.67 -0.97
C ALA C 636 3.72 -58.56 0.04
N PRO C 637 2.80 -58.78 0.98
CA PRO C 637 2.51 -57.74 1.96
C PRO C 637 3.71 -57.47 2.83
N PRO C 638 3.84 -56.27 3.38
CA PRO C 638 5.05 -55.91 4.12
C PRO C 638 5.14 -56.61 5.47
N GLN C 639 6.36 -57.03 5.81
CA GLN C 639 6.72 -57.47 7.16
C GLN C 639 5.71 -58.46 7.73
N GLY C 640 5.67 -59.63 7.09
CA GLY C 640 4.99 -60.78 7.66
C GLY C 640 3.52 -60.58 7.98
N ARG C 641 2.74 -60.20 6.97
CA ARG C 641 1.29 -60.10 7.09
C ARG C 641 0.65 -60.92 5.98
N LYS C 642 -0.16 -61.91 6.37
CA LYS C 642 -0.72 -62.85 5.41
C LYS C 642 -1.77 -62.16 4.54
N LEU C 643 -2.31 -62.92 3.58
CA LEU C 643 -3.32 -62.41 2.66
C LEU C 643 -3.82 -63.57 1.81
N LEU C 644 -5.04 -63.45 1.31
CA LEU C 644 -5.62 -64.43 0.42
C LEU C 644 -6.47 -63.72 -0.63
N ILE C 645 -6.26 -64.06 -1.89
CA ILE C 645 -6.92 -63.40 -3.01
C ILE C 645 -7.68 -64.44 -3.81
N ILE C 646 -9.00 -64.29 -3.87
CA ILE C 646 -9.88 -65.21 -4.59
C ILE C 646 -10.46 -64.46 -5.77
N GLY C 647 -10.40 -65.06 -6.94
CA GLY C 647 -10.95 -64.48 -8.15
C GLY C 647 -11.93 -65.42 -8.82
N THR C 648 -12.78 -64.85 -9.66
CA THR C 648 -13.77 -65.63 -10.40
C THR C 648 -13.86 -65.10 -11.82
N THR C 649 -14.07 -66.02 -12.76
CA THR C 649 -14.07 -65.68 -14.17
C THR C 649 -15.15 -66.50 -14.88
N SER C 650 -15.28 -66.28 -16.18
CA SER C 650 -16.29 -66.98 -16.98
C SER C 650 -15.77 -67.56 -18.28
N ARG C 651 -14.68 -67.04 -18.83
CA ARG C 651 -14.16 -67.49 -20.13
C ARG C 651 -12.67 -67.73 -19.98
N LYS C 652 -12.29 -68.94 -19.56
CA LYS C 652 -10.90 -69.21 -19.24
C LYS C 652 -9.98 -69.04 -20.44
N ASP C 653 -10.39 -69.54 -21.61
CA ASP C 653 -9.48 -69.55 -22.75
C ASP C 653 -8.94 -68.16 -23.06
N VAL C 654 -9.81 -67.15 -23.04
CA VAL C 654 -9.36 -65.78 -23.28
C VAL C 654 -8.27 -65.41 -22.29
N LEU C 655 -8.48 -65.74 -21.01
CA LEU C 655 -7.46 -65.47 -20.01
C LEU C 655 -6.16 -66.17 -20.35
N GLN C 656 -6.23 -67.45 -20.72
CA GLN C 656 -5.02 -68.19 -21.05
C GLN C 656 -4.29 -67.53 -22.21
N GLU C 657 -5.03 -66.88 -23.10
CA GLU C 657 -4.38 -66.15 -24.19
C GLU C 657 -3.57 -64.98 -23.67
N MET C 658 -4.03 -64.34 -22.60
CA MET C 658 -3.36 -63.18 -22.03
C MET C 658 -2.30 -63.55 -21.00
N GLU C 659 -1.91 -64.82 -20.91
CA GLU C 659 -0.89 -65.26 -19.96
C GLU C 659 -1.23 -64.83 -18.54
N MET C 660 -2.46 -65.09 -18.12
CA MET C 660 -2.90 -64.80 -16.76
C MET C 660 -2.95 -66.03 -15.87
N LEU C 661 -2.95 -67.23 -16.44
CA LEU C 661 -3.01 -68.43 -15.62
C LEU C 661 -1.70 -68.73 -14.92
N ASN C 662 -0.60 -68.08 -15.32
CA ASN C 662 0.66 -68.29 -14.63
C ASN C 662 0.65 -67.63 -13.25
N ALA C 663 0.09 -66.44 -13.16
CA ALA C 663 0.08 -65.74 -11.87
C ALA C 663 -0.73 -66.51 -10.83
N PHE C 664 -1.91 -66.98 -11.21
CA PHE C 664 -2.75 -67.70 -10.26
C PHE C 664 -2.10 -69.02 -9.87
N SER C 665 -2.16 -69.34 -8.58
CA SER C 665 -1.39 -70.44 -8.03
C SER C 665 -2.08 -71.79 -8.15
N THR C 666 -3.35 -71.84 -8.52
CA THR C 666 -4.06 -73.11 -8.65
C THR C 666 -5.37 -72.83 -9.36
N THR C 667 -6.24 -73.84 -9.41
CA THR C 667 -7.52 -73.68 -10.09
C THR C 667 -8.51 -74.68 -9.55
N ILE C 668 -9.80 -74.34 -9.65
CA ILE C 668 -10.89 -75.21 -9.24
C ILE C 668 -12.01 -75.08 -10.28
N HIS C 669 -12.69 -76.18 -10.52
CA HIS C 669 -13.72 -76.27 -11.54
C HIS C 669 -15.08 -76.49 -10.91
N VAL C 670 -16.08 -75.74 -11.38
CA VAL C 670 -17.45 -75.85 -10.87
C VAL C 670 -18.37 -76.26 -12.02
N PRO C 671 -18.86 -77.49 -12.08
CA PRO C 671 -19.65 -77.94 -13.21
C PRO C 671 -21.13 -77.55 -13.08
N ASN C 672 -21.90 -77.95 -14.09
CA ASN C 672 -23.33 -77.72 -14.13
C ASN C 672 -24.07 -78.97 -13.67
N ILE C 673 -25.38 -78.98 -13.84
CA ILE C 673 -26.21 -80.16 -13.59
C ILE C 673 -26.20 -81.01 -14.84
N ALA C 674 -25.81 -82.28 -14.70
CA ALA C 674 -25.70 -83.20 -15.82
C ALA C 674 -26.62 -84.40 -15.70
N THR C 675 -26.66 -85.05 -14.55
CA THR C 675 -27.44 -86.27 -14.36
C THR C 675 -28.89 -85.93 -14.08
N GLY C 676 -29.79 -86.73 -14.67
CA GLY C 676 -31.20 -86.52 -14.43
C GLY C 676 -31.57 -86.67 -12.97
N GLU C 677 -31.01 -87.69 -12.31
CA GLU C 677 -31.30 -87.89 -10.89
C GLU C 677 -30.91 -86.68 -10.06
N GLN C 678 -29.81 -86.02 -10.42
CA GLN C 678 -29.45 -84.78 -9.74
C GLN C 678 -30.53 -83.73 -9.93
N LEU C 679 -31.07 -83.63 -11.14
CA LEU C 679 -32.15 -82.69 -11.39
C LEU C 679 -33.37 -83.00 -10.53
N LEU C 680 -33.73 -84.29 -10.43
CA LEU C 680 -34.86 -84.66 -9.58
C LEU C 680 -34.60 -84.30 -8.13
N GLU C 681 -33.39 -84.58 -7.64
CA GLU C 681 -33.07 -84.25 -6.26
C GLU C 681 -33.17 -82.75 -6.01
N ALA C 682 -32.65 -81.95 -6.95
CA ALA C 682 -32.73 -80.51 -6.80
C ALA C 682 -34.18 -80.05 -6.77
N LEU C 683 -34.99 -80.50 -7.73
CA LEU C 683 -36.40 -80.13 -7.72
C LEU C 683 -37.06 -80.50 -6.40
N GLU C 684 -36.77 -81.69 -5.89
CA GLU C 684 -37.33 -82.11 -4.61
C GLU C 684 -36.91 -81.16 -3.50
N LEU C 685 -35.63 -80.81 -3.46
CA LEU C 685 -35.13 -80.00 -2.35
C LEU C 685 -35.70 -78.60 -2.39
N LEU C 686 -35.90 -78.04 -3.58
CA LEU C 686 -36.37 -76.66 -3.69
C LEU C 686 -37.75 -76.46 -3.07
N GLY C 687 -38.54 -77.52 -2.91
CA GLY C 687 -39.90 -77.35 -2.44
C GLY C 687 -40.80 -76.88 -3.55
N ASN C 688 -40.96 -77.72 -4.57
CA ASN C 688 -41.68 -77.37 -5.78
C ASN C 688 -42.34 -78.64 -6.31
N PHE C 689 -42.66 -78.66 -7.61
CA PHE C 689 -43.48 -79.70 -8.22
C PHE C 689 -43.24 -81.06 -7.57
N LYS C 690 -44.32 -81.73 -7.19
CA LYS C 690 -44.22 -82.98 -6.43
C LYS C 690 -45.39 -83.89 -6.81
N ASP C 691 -45.39 -85.10 -6.25
CA ASP C 691 -46.46 -86.05 -6.49
C ASP C 691 -46.40 -86.60 -7.92
N LYS C 692 -47.56 -86.82 -8.53
CA LYS C 692 -47.58 -87.31 -9.90
C LYS C 692 -46.83 -86.37 -10.83
N GLU C 693 -46.74 -85.10 -10.47
CA GLU C 693 -45.90 -84.16 -11.21
C GLU C 693 -44.49 -84.70 -11.26
N ARG C 694 -43.95 -85.03 -10.09
CA ARG C 694 -42.61 -85.59 -9.98
C ARG C 694 -42.52 -86.89 -10.76
N THR C 695 -43.55 -87.72 -10.64
CA THR C 695 -43.54 -89.01 -11.32
C THR C 695 -43.39 -88.84 -12.83
N THR C 696 -44.26 -88.02 -13.42
CA THR C 696 -44.25 -87.86 -14.87
C THR C 696 -42.99 -87.15 -15.34
N ILE C 697 -42.51 -86.18 -14.57
CA ILE C 697 -41.26 -85.51 -14.95
C ILE C 697 -40.12 -86.51 -14.95
N ALA C 698 -40.06 -87.36 -13.93
CA ALA C 698 -39.01 -88.37 -13.86
C ALA C 698 -39.10 -89.32 -15.05
N GLN C 699 -40.33 -89.73 -15.40
CA GLN C 699 -40.49 -90.62 -16.55
C GLN C 699 -40.02 -89.95 -17.83
N GLN C 700 -40.34 -88.68 -18.01
CA GLN C 700 -39.99 -87.95 -19.23
C GLN C 700 -38.53 -87.53 -19.30
N VAL C 701 -37.82 -87.51 -18.17
CA VAL C 701 -36.47 -87.00 -18.13
C VAL C 701 -35.42 -88.10 -17.98
N LYS C 702 -35.74 -89.20 -17.29
CA LYS C 702 -34.73 -90.19 -16.95
C LYS C 702 -34.00 -90.69 -18.19
N GLY C 703 -34.70 -90.83 -19.31
CA GLY C 703 -34.10 -91.42 -20.50
C GLY C 703 -33.47 -90.43 -21.44
N LYS C 704 -32.64 -89.52 -20.92
CA LYS C 704 -31.91 -88.57 -21.75
C LYS C 704 -30.94 -87.82 -20.84
N LYS C 705 -30.16 -86.93 -21.45
CA LYS C 705 -29.17 -86.13 -20.75
C LYS C 705 -29.64 -84.69 -20.62
N VAL C 706 -29.13 -84.01 -19.60
CA VAL C 706 -29.51 -82.63 -19.30
C VAL C 706 -28.25 -81.81 -19.06
N TRP C 707 -28.36 -80.51 -19.31
CA TRP C 707 -27.22 -79.60 -19.22
C TRP C 707 -27.76 -78.20 -18.97
N ILE C 708 -27.69 -77.75 -17.72
CA ILE C 708 -28.34 -76.49 -17.34
C ILE C 708 -27.73 -75.93 -16.07
N GLY C 709 -27.76 -74.61 -15.92
CA GLY C 709 -27.24 -73.95 -14.74
C GLY C 709 -28.34 -73.66 -13.73
N ILE C 710 -27.95 -73.63 -12.45
CA ILE C 710 -28.93 -73.58 -11.38
C ILE C 710 -29.75 -72.30 -11.45
N LYS C 711 -29.09 -71.16 -11.68
CA LYS C 711 -29.81 -69.90 -11.78
C LYS C 711 -30.86 -69.99 -12.87
N LYS C 712 -30.48 -70.51 -14.04
CA LYS C 712 -31.45 -70.71 -15.11
C LYS C 712 -32.58 -71.63 -14.64
N LEU C 713 -32.27 -72.61 -13.80
CA LEU C 713 -33.32 -73.49 -13.31
C LEU C 713 -34.35 -72.72 -12.49
N LEU C 714 -33.88 -71.90 -11.56
CA LEU C 714 -34.81 -71.07 -10.80
C LEU C 714 -35.64 -70.19 -11.73
N MET C 715 -34.98 -69.62 -12.73
CA MET C 715 -35.67 -68.70 -13.62
C MET C 715 -36.78 -69.42 -14.37
N LEU C 716 -36.50 -70.61 -14.89
CA LEU C 716 -37.52 -71.38 -15.60
C LEU C 716 -38.64 -71.82 -14.67
N ILE C 717 -38.32 -72.25 -13.46
CA ILE C 717 -39.38 -72.63 -12.53
C ILE C 717 -40.32 -71.46 -12.32
N GLU C 718 -39.76 -70.29 -12.06
CA GLU C 718 -40.60 -69.12 -11.79
C GLU C 718 -41.45 -68.76 -13.00
N MET C 719 -40.86 -68.79 -14.20
CA MET C 719 -41.67 -68.55 -15.39
C MET C 719 -42.82 -69.53 -15.48
N SER C 720 -42.53 -70.83 -15.39
CA SER C 720 -43.54 -71.85 -15.63
C SER C 720 -44.65 -71.84 -14.60
N LEU C 721 -44.37 -71.41 -13.37
CA LEU C 721 -45.38 -71.49 -12.32
C LEU C 721 -46.57 -70.56 -12.53
N GLN C 722 -46.50 -69.63 -13.48
CA GLN C 722 -47.49 -68.57 -13.61
C GLN C 722 -48.71 -68.94 -14.45
N MET C 723 -48.83 -70.19 -14.86
CA MET C 723 -50.02 -70.66 -15.56
C MET C 723 -50.99 -71.29 -14.57
N ASP C 724 -52.12 -71.77 -15.07
CA ASP C 724 -53.05 -72.51 -14.25
C ASP C 724 -52.48 -73.89 -13.92
N PRO C 725 -52.99 -74.55 -12.87
CA PRO C 725 -52.46 -75.85 -12.46
C PRO C 725 -52.92 -77.01 -13.36
N GLU C 726 -52.89 -76.79 -14.67
CA GLU C 726 -53.24 -77.81 -15.64
C GLU C 726 -52.23 -77.93 -16.78
N TYR C 727 -51.38 -76.94 -17.00
CA TYR C 727 -50.38 -76.98 -18.04
C TYR C 727 -48.98 -76.70 -17.52
N ARG C 728 -48.82 -76.56 -16.20
CA ARG C 728 -47.53 -76.17 -15.65
C ARG C 728 -46.44 -77.15 -16.05
N VAL C 729 -46.70 -78.45 -15.87
CA VAL C 729 -45.69 -79.46 -16.21
C VAL C 729 -45.40 -79.43 -17.70
N ARG C 730 -46.45 -79.32 -18.52
CA ARG C 730 -46.25 -79.33 -19.97
C ARG C 730 -45.41 -78.14 -20.42
N LYS C 731 -45.74 -76.95 -19.90
CA LYS C 731 -44.96 -75.77 -20.26
C LYS C 731 -43.53 -75.87 -19.77
N PHE C 732 -43.34 -76.38 -18.55
CA PHE C 732 -41.99 -76.55 -18.02
C PHE C 732 -41.18 -77.46 -18.93
N LEU C 733 -41.77 -78.58 -19.34
CA LEU C 733 -41.07 -79.50 -20.23
C LEU C 733 -40.74 -78.83 -21.56
N ALA C 734 -41.69 -78.08 -22.12
CA ALA C 734 -41.44 -77.42 -23.39
C ALA C 734 -40.29 -76.43 -23.29
N LEU C 735 -40.27 -75.61 -22.24
CA LEU C 735 -39.18 -74.66 -22.05
C LEU C 735 -37.86 -75.38 -21.85
N LEU C 736 -37.84 -76.46 -21.05
CA LEU C 736 -36.60 -77.20 -20.88
C LEU C 736 -36.10 -77.75 -22.20
N ARG C 737 -37.01 -78.26 -23.02
CA ARG C 737 -36.62 -78.75 -24.34
C ARG C 737 -36.01 -77.63 -25.18
N GLU C 738 -36.64 -76.45 -25.17
CA GLU C 738 -36.11 -75.35 -25.97
C GLU C 738 -34.73 -74.92 -25.49
N GLU C 739 -34.53 -74.84 -24.19
CA GLU C 739 -33.26 -74.39 -23.63
C GLU C 739 -32.29 -75.54 -23.34
N GLY C 740 -32.79 -76.76 -23.19
CA GLY C 740 -31.93 -77.89 -22.87
C GLY C 740 -31.08 -78.31 -24.05
N ALA C 741 -30.28 -77.39 -24.59
CA ALA C 741 -29.45 -77.66 -25.74
C ALA C 741 -28.09 -78.18 -25.30
N SER C 742 -27.43 -78.87 -26.23
CA SER C 742 -26.12 -79.46 -25.98
C SER C 742 -26.17 -80.37 -24.76
N PRO C 743 -26.96 -81.44 -24.78
CA PRO C 743 -27.01 -82.37 -23.64
C PRO C 743 -25.64 -82.98 -23.31
N MET D 4 65.85 33.23 36.47
CA MET D 4 65.76 32.03 37.31
C MET D 4 64.51 32.07 38.18
N ALA D 5 64.28 33.21 38.83
CA ALA D 5 63.14 33.33 39.73
C ALA D 5 61.83 33.45 38.98
N GLY D 6 61.86 34.00 37.77
CA GLY D 6 60.65 34.19 36.99
C GLY D 6 60.17 35.63 37.02
N ARG D 7 59.85 36.18 35.85
CA ARG D 7 59.44 37.57 35.73
C ARG D 7 58.24 37.68 34.80
N SER D 8 57.45 38.71 35.00
CA SER D 8 56.30 38.95 34.13
C SER D 8 56.76 39.37 32.74
N MET D 9 56.07 38.87 31.72
CA MET D 9 56.39 39.17 30.33
C MET D 9 55.10 39.21 29.52
N GLN D 10 55.15 39.93 28.40
CA GLN D 10 53.99 40.14 27.54
C GLN D 10 54.10 39.27 26.29
N ALA D 11 53.00 38.62 25.94
CA ALA D 11 52.95 37.80 24.74
C ALA D 11 52.93 38.69 23.50
N ALA D 12 53.71 38.31 22.50
CA ALA D 12 53.80 39.06 21.25
C ALA D 12 53.77 38.11 20.07
N ARG D 13 53.44 38.66 18.90
CA ARG D 13 53.40 37.87 17.68
C ARG D 13 54.80 37.69 17.12
N CYS D 14 55.00 36.58 16.41
CA CYS D 14 56.30 36.29 15.85
C CYS D 14 56.67 37.36 14.82
N PRO D 15 57.90 37.88 14.85
CA PRO D 15 58.25 38.98 13.95
C PRO D 15 58.51 38.55 12.51
N THR D 16 59.09 37.37 12.33
CA THR D 16 59.44 36.88 11.00
C THR D 16 59.02 35.43 10.86
N ASP D 17 58.76 35.04 9.61
CA ASP D 17 58.35 33.66 9.35
C ASP D 17 59.46 32.67 9.70
N GLU D 18 60.72 33.04 9.43
CA GLU D 18 61.83 32.12 9.68
C GLU D 18 61.90 31.74 11.15
N LEU D 19 61.76 32.73 12.05
CA LEU D 19 61.81 32.43 13.47
C LEU D 19 60.63 31.56 13.89
N SER D 20 59.47 31.74 13.24
CA SER D 20 58.34 30.86 13.49
C SER D 20 58.66 29.44 13.07
N LEU D 21 59.31 29.26 11.92
CA LEU D 21 59.70 27.93 11.48
C LEU D 21 60.70 27.31 12.44
N SER D 22 61.61 28.10 13.00
CA SER D 22 62.57 27.58 13.96
C SER D 22 61.89 27.03 15.20
N ASN D 23 60.64 27.41 15.46
CA ASN D 23 59.90 26.95 16.63
C ASN D 23 60.50 27.46 17.93
N CYS D 24 61.25 28.56 17.87
CA CYS D 24 61.89 29.16 19.03
C CYS D 24 61.22 30.47 19.38
N ALA D 25 60.86 30.63 20.65
CA ALA D 25 60.33 31.91 21.11
C ALA D 25 61.38 32.99 20.89
N VAL D 26 60.96 34.11 20.29
CA VAL D 26 61.88 35.18 19.94
C VAL D 26 61.87 36.20 21.07
N VAL D 27 63.04 36.44 21.65
CA VAL D 27 63.18 37.33 22.80
C VAL D 27 64.26 38.36 22.51
N SER D 28 64.18 39.48 23.22
CA SER D 28 65.17 40.54 23.07
C SER D 28 66.48 40.15 23.75
N GLU D 29 67.58 40.69 23.23
CA GLU D 29 68.89 40.42 23.82
C GLU D 29 69.00 40.97 25.24
N LYS D 30 68.14 41.91 25.62
CA LYS D 30 68.20 42.52 26.94
C LYS D 30 67.55 41.67 28.02
N ASP D 31 66.86 40.60 27.65
CA ASP D 31 66.17 39.73 28.60
C ASP D 31 66.75 38.34 28.71
N TYR D 32 67.11 37.71 27.58
CA TYR D 32 67.65 36.37 27.59
C TYR D 32 68.69 36.25 26.48
N GLN D 33 69.15 35.02 26.25
CA GLN D 33 70.10 34.70 25.18
C GLN D 33 69.51 33.62 24.29
N SER D 34 69.94 33.60 23.04
CA SER D 34 69.49 32.58 22.10
C SER D 34 69.95 31.20 22.56
N GLY D 35 69.06 30.22 22.42
CA GLY D 35 69.34 28.85 22.81
C GLY D 35 68.90 28.50 24.22
N GLN D 36 68.59 29.50 25.04
CA GLN D 36 68.13 29.23 26.40
C GLN D 36 66.70 28.69 26.38
N HIS D 37 66.42 27.80 27.33
CA HIS D 37 65.10 27.18 27.47
C HIS D 37 64.37 27.82 28.64
N VAL D 38 63.12 28.21 28.41
CA VAL D 38 62.32 28.92 29.40
C VAL D 38 61.01 28.18 29.60
N ILE D 39 60.63 28.00 30.87
CA ILE D 39 59.33 27.45 31.23
C ILE D 39 58.35 28.61 31.34
N VAL D 40 57.30 28.58 30.53
CA VAL D 40 56.31 29.65 30.47
C VAL D 40 55.09 29.21 31.27
N ARG D 41 54.79 29.93 32.35
CA ARG D 41 53.65 29.63 33.20
C ARG D 41 52.54 30.63 32.90
N THR D 42 51.39 30.12 32.46
CA THR D 42 50.19 30.91 32.31
C THR D 42 49.19 30.70 33.44
N SER D 43 49.24 29.54 34.09
CA SER D 43 48.42 29.26 35.27
C SER D 43 49.11 28.16 36.06
N PRO D 44 48.68 27.90 37.29
CA PRO D 44 49.38 26.90 38.11
C PRO D 44 49.46 25.53 37.44
N ASN D 45 48.50 25.20 36.58
CA ASN D 45 48.47 23.91 35.90
C ASN D 45 48.82 24.01 34.42
N HIS D 46 49.44 25.11 33.99
CA HIS D 46 49.82 25.31 32.59
C HIS D 46 51.27 25.76 32.55
N LYS D 47 52.17 24.83 32.23
CA LYS D 47 53.59 25.13 32.08
C LYS D 47 54.09 24.56 30.76
N TYR D 48 54.83 25.38 30.01
CA TYR D 48 55.34 24.98 28.70
C TYR D 48 56.79 25.41 28.60
N ILE D 49 57.59 24.62 27.87
CA ILE D 49 59.00 24.91 27.67
C ILE D 49 59.22 25.32 26.22
N PHE D 50 59.97 26.39 26.02
CA PHE D 50 60.27 26.92 24.69
C PHE D 50 61.75 27.24 24.59
N THR D 51 62.25 27.26 23.36
CA THR D 51 63.62 27.62 23.07
C THR D 51 63.68 29.08 22.62
N LEU D 52 64.69 29.79 23.09
CA LEU D 52 64.81 31.23 22.87
C LEU D 52 65.75 31.53 21.71
N ARG D 53 65.41 32.56 20.94
CA ARG D 53 66.28 33.13 19.92
C ARG D 53 66.23 34.64 20.03
N THR D 54 67.39 35.27 19.81
CA THR D 54 67.51 36.72 19.97
C THR D 54 67.30 37.42 18.64
N HIS D 55 66.38 38.39 18.63
CA HIS D 55 66.08 39.19 17.45
C HIS D 55 65.97 40.64 17.87
N PRO D 56 66.54 41.57 17.09
CA PRO D 56 66.48 42.99 17.48
C PRO D 56 65.06 43.54 17.57
N SER D 57 64.11 42.94 16.85
CA SER D 57 62.76 43.49 16.79
C SER D 57 61.95 43.25 18.05
N VAL D 58 62.48 42.50 19.02
CA VAL D 58 61.74 42.21 20.25
C VAL D 58 61.86 43.41 21.18
N VAL D 59 60.72 43.92 21.61
CA VAL D 59 60.71 44.99 22.63
C VAL D 59 61.01 44.37 23.99
N PRO D 60 61.95 44.91 24.77
CA PRO D 60 62.22 44.33 26.09
C PRO D 60 60.98 44.27 26.95
N GLY D 61 60.85 43.20 27.73
CA GLY D 61 59.67 42.96 28.52
C GLY D 61 58.60 42.16 27.83
N SER D 62 58.87 41.61 26.66
CA SER D 62 57.90 40.84 25.90
C SER D 62 58.56 39.61 25.31
N VAL D 63 57.77 38.55 25.14
CA VAL D 63 58.21 37.31 24.51
C VAL D 63 57.27 37.04 23.34
N ALA D 64 57.84 36.86 22.15
CA ALA D 64 57.06 36.66 20.94
C ALA D 64 56.78 35.18 20.73
N PHE D 65 55.54 34.87 20.35
CA PHE D 65 55.12 33.51 20.08
C PHE D 65 54.51 33.42 18.69
N SER D 66 54.83 32.36 17.97
CA SER D 66 54.24 32.12 16.67
C SER D 66 52.85 31.50 16.82
N LEU D 67 52.09 31.52 15.72
CA LEU D 67 50.74 30.97 15.77
C LEU D 67 50.72 29.51 16.22
N PRO D 68 51.56 28.62 15.67
CA PRO D 68 51.56 27.25 16.20
C PRO D 68 51.92 27.18 17.67
N GLN D 69 52.94 27.95 18.09
CA GLN D 69 53.32 27.95 19.49
C GLN D 69 52.22 28.51 20.38
N ARG D 70 51.60 29.59 19.93
CA ARG D 70 50.49 30.24 20.67
C ARG D 70 49.38 29.20 20.84
N LYS D 71 48.99 28.51 19.76
CA LYS D 71 47.93 27.51 19.83
C LYS D 71 48.31 26.38 20.78
N TRP D 72 49.55 25.90 20.71
CA TRP D 72 49.97 24.82 21.57
C TRP D 72 49.93 25.22 23.04
N ALA D 73 50.39 26.42 23.35
CA ALA D 73 50.43 26.91 24.73
C ALA D 73 49.21 27.74 25.11
N GLY D 74 48.25 27.89 24.21
CA GLY D 74 47.07 28.68 24.54
C GLY D 74 47.39 30.12 24.90
N LEU D 75 48.30 30.74 24.16
CA LEU D 75 48.75 32.10 24.45
C LEU D 75 48.08 33.08 23.50
N SER D 76 47.67 34.22 24.04
CA SER D 76 47.07 35.30 23.27
C SER D 76 47.98 36.52 23.30
N ILE D 77 48.07 37.20 22.16
CA ILE D 77 48.93 38.38 22.05
C ILE D 77 48.46 39.44 23.04
N GLY D 78 49.40 40.01 23.79
CA GLY D 78 49.11 41.03 24.75
C GLY D 78 48.92 40.53 26.18
N GLN D 79 48.69 39.24 26.36
CA GLN D 79 48.53 38.71 27.71
C GLN D 79 49.87 38.70 28.45
N GLU D 80 49.79 38.84 29.77
CA GLU D 80 50.97 38.80 30.62
C GLU D 80 51.24 37.36 31.03
N ILE D 81 52.49 36.92 30.86
CA ILE D 81 52.92 35.58 31.22
C ILE D 81 54.19 35.69 32.04
N GLU D 82 54.45 34.65 32.82
CA GLU D 82 55.65 34.56 33.65
C GLU D 82 56.64 33.63 32.97
N VAL D 83 57.86 34.12 32.74
CA VAL D 83 58.90 33.40 32.02
C VAL D 83 60.03 33.13 33.00
N ALA D 84 60.38 31.86 33.17
CA ALA D 84 61.45 31.44 34.07
C ALA D 84 62.44 30.59 33.30
N LEU D 85 63.72 30.83 33.53
CA LEU D 85 64.76 30.04 32.87
C LEU D 85 64.72 28.60 33.37
N TYR D 86 64.91 27.67 32.45
CA TYR D 86 64.92 26.24 32.77
C TYR D 86 66.23 25.62 32.31
N SER D 87 66.71 24.64 33.09
CA SER D 87 67.93 23.90 32.78
C SER D 87 67.54 22.46 32.50
N PHE D 88 68.05 21.90 31.40
CA PHE D 88 67.70 20.55 31.00
C PHE D 88 68.71 19.54 31.52
N ASP D 89 68.20 18.45 32.08
CA ASP D 89 69.03 17.33 32.55
C ASP D 89 69.49 16.57 31.32
N LYS D 90 70.52 17.09 30.66
CA LYS D 90 71.01 16.49 29.42
C LYS D 90 71.46 15.05 29.63
N ALA D 91 71.84 14.67 30.84
CA ALA D 91 72.26 13.30 31.10
C ALA D 91 71.13 12.30 30.92
N LYS D 92 69.88 12.75 30.94
CA LYS D 92 68.74 11.85 30.83
C LYS D 92 67.73 12.33 29.80
N GLN D 93 67.74 13.63 29.50
CA GLN D 93 66.74 14.24 28.62
C GLN D 93 67.30 14.61 27.24
N CYS D 94 68.46 14.07 26.87
CA CYS D 94 68.98 14.27 25.52
C CYS D 94 68.26 13.34 24.56
N ILE D 95 67.56 13.91 23.58
CA ILE D 95 66.79 13.10 22.65
C ILE D 95 67.73 12.25 21.80
N GLY D 96 67.48 10.95 21.78
CA GLY D 96 68.21 10.04 20.92
C GLY D 96 67.29 9.31 19.97
N THR D 97 65.99 9.43 20.19
CA THR D 97 64.98 8.86 19.31
C THR D 97 63.71 9.68 19.47
N MET D 98 63.01 9.90 18.36
CA MET D 98 61.84 10.77 18.34
C MET D 98 60.77 10.16 17.45
N THR D 99 59.51 10.42 17.79
CA THR D 99 58.37 10.06 16.96
C THR D 99 57.51 11.30 16.75
N ILE D 100 57.41 11.73 15.50
CA ILE D 100 56.65 12.92 15.13
C ILE D 100 55.65 12.54 14.05
N GLU D 101 54.39 12.91 14.24
CA GLU D 101 53.41 12.80 13.18
C GLU D 101 53.57 14.02 12.27
N ILE D 102 53.52 13.79 10.96
CA ILE D 102 53.73 14.86 9.99
C ILE D 102 52.50 14.94 9.09
N ASP D 103 52.00 16.15 8.89
CA ASP D 103 50.87 16.40 8.01
C ASP D 103 51.10 17.71 7.27
N PHE D 104 50.48 17.82 6.10
CA PHE D 104 50.58 19.05 5.33
C PHE D 104 50.01 20.21 6.12
N LEU D 105 50.80 21.28 6.27
CA LEU D 105 50.35 22.42 7.04
C LEU D 105 49.17 23.11 6.36
N GLN D 106 49.31 23.41 5.07
CA GLN D 106 48.26 24.04 4.29
C GLN D 106 47.70 23.00 3.32
N LYS D 107 46.42 22.69 3.47
CA LYS D 107 45.80 21.69 2.60
C LYS D 107 45.78 22.14 1.14
N LYS D 108 45.86 23.45 0.88
CA LYS D 108 45.89 23.94 -0.49
C LYS D 108 47.22 23.64 -1.18
N ASN D 109 48.23 23.17 -0.46
CA ASN D 109 49.52 22.80 -1.03
C ASN D 109 49.76 21.30 -0.98
N ILE D 110 48.72 20.49 -0.79
CA ILE D 110 48.89 19.06 -0.70
C ILE D 110 49.31 18.49 -2.05
N ASP D 111 50.27 17.58 -2.03
CA ASP D 111 50.78 16.96 -3.25
C ASP D 111 51.19 15.54 -2.94
N SER D 112 51.32 14.74 -4.01
CA SER D 112 51.69 13.34 -3.90
C SER D 112 53.16 13.08 -4.21
N ASN D 113 53.97 14.13 -4.36
CA ASN D 113 55.37 13.93 -4.69
C ASN D 113 56.10 13.23 -3.54
N PRO D 114 57.18 12.51 -3.84
CA PRO D 114 57.89 11.79 -2.79
C PRO D 114 58.78 12.72 -1.97
N TYR D 115 58.64 12.63 -0.64
CA TYR D 115 59.45 13.39 0.29
C TYR D 115 60.28 12.41 1.10
N ASP D 116 61.60 12.58 1.05
CA ASP D 116 62.50 11.67 1.74
C ASP D 116 62.54 12.02 3.22
N THR D 117 62.23 11.04 4.08
CA THR D 117 62.23 11.29 5.51
C THR D 117 63.64 11.45 6.05
N ASP D 118 64.62 10.76 5.47
CA ASP D 118 65.99 10.90 5.91
C ASP D 118 66.48 12.33 5.71
N LYS D 119 66.26 12.88 4.51
CA LYS D 119 66.60 14.29 4.27
C LYS D 119 65.79 15.19 5.18
N MET D 120 64.49 14.92 5.32
CA MET D 120 63.62 15.74 6.16
C MET D 120 64.03 15.64 7.63
N ALA D 121 64.35 14.43 8.09
CA ALA D 121 64.80 14.25 9.46
C ALA D 121 66.12 14.98 9.70
N ALA D 122 67.03 14.92 8.73
CA ALA D 122 68.31 15.62 8.86
C ALA D 122 68.07 17.13 8.96
N GLU D 123 67.21 17.66 8.09
CA GLU D 123 66.92 19.09 8.14
C GLU D 123 66.26 19.47 9.46
N PHE D 124 65.40 18.59 9.97
CA PHE D 124 64.81 18.81 11.29
C PHE D 124 65.91 18.92 12.35
N ILE D 125 66.91 18.05 12.26
CA ILE D 125 68.02 18.09 13.21
C ILE D 125 68.77 19.42 13.09
N GLN D 126 69.14 19.81 11.87
CA GLN D 126 69.94 21.02 11.72
C GLN D 126 69.16 22.28 12.06
N GLN D 127 67.83 22.28 11.90
CA GLN D 127 67.03 23.45 12.19
C GLN D 127 66.52 23.48 13.63
N PHE D 128 66.54 22.36 14.34
CA PHE D 128 66.03 22.29 15.70
C PHE D 128 67.06 21.73 16.67
N ASN D 129 68.34 21.75 16.30
CA ASN D 129 69.39 21.34 17.22
C ASN D 129 69.42 22.29 18.42
N ASN D 130 69.70 21.73 19.59
CA ASN D 130 69.75 22.50 20.83
C ASN D 130 68.42 23.20 21.10
N GLN D 131 67.32 22.50 20.85
CA GLN D 131 65.98 23.01 21.12
C GLN D 131 65.23 22.04 22.01
N ALA D 132 64.38 22.60 22.87
CA ALA D 132 63.53 21.80 23.73
C ALA D 132 62.31 21.31 22.98
N PHE D 133 61.93 20.06 23.22
CA PHE D 133 60.76 19.46 22.59
C PHE D 133 59.99 18.68 23.65
N SER D 134 58.67 18.87 23.68
CA SER D 134 57.80 18.22 24.64
C SER D 134 56.79 17.34 23.93
N VAL D 135 56.30 16.33 24.64
CA VAL D 135 55.29 15.44 24.07
C VAL D 135 54.01 16.23 23.81
N GLY D 136 53.45 16.07 22.62
CA GLY D 136 52.25 16.77 22.23
C GLY D 136 52.47 18.17 21.68
N GLN D 137 53.71 18.61 21.55
CA GLN D 137 53.98 19.93 21.00
C GLN D 137 53.69 19.96 19.50
N GLN D 138 53.23 21.11 19.03
CA GLN D 138 52.98 21.35 17.61
C GLN D 138 53.99 22.37 17.10
N LEU D 139 54.42 22.19 15.86
CA LEU D 139 55.38 23.10 15.25
C LEU D 139 55.22 23.06 13.74
N VAL D 140 55.74 24.10 13.08
CA VAL D 140 55.75 24.21 11.63
C VAL D 140 57.16 23.92 11.15
N PHE D 141 57.29 22.98 10.21
CA PHE D 141 58.57 22.57 9.66
C PHE D 141 58.58 22.81 8.16
N SER D 142 59.59 23.52 7.69
CA SER D 142 59.77 23.79 6.27
C SER D 142 60.84 22.87 5.71
N PHE D 143 60.45 22.02 4.76
CA PHE D 143 61.38 21.12 4.10
C PHE D 143 61.11 21.14 2.60
N ASN D 144 62.17 21.29 1.81
CA ASN D 144 62.04 21.45 0.36
C ASN D 144 61.07 22.58 0.02
N ASP D 145 61.17 23.66 0.80
CA ASP D 145 60.27 24.81 0.65
C ASP D 145 58.80 24.37 0.73
N LYS D 146 58.50 23.44 1.62
CA LYS D 146 57.14 22.96 1.85
C LYS D 146 56.84 23.00 3.33
N LEU D 147 55.67 23.53 3.68
CA LEU D 147 55.28 23.72 5.07
C LEU D 147 54.42 22.55 5.53
N PHE D 148 54.85 21.89 6.60
CA PHE D 148 54.16 20.73 7.16
C PHE D 148 53.84 20.98 8.63
N GLY D 149 52.67 20.51 9.04
CA GLY D 149 52.26 20.59 10.43
C GLY D 149 52.71 19.39 11.23
N LEU D 150 53.66 19.59 12.13
CA LEU D 150 54.27 18.51 12.90
C LEU D 150 53.79 18.56 14.34
N LEU D 151 53.49 17.38 14.89
CA LEU D 151 53.10 17.23 16.29
C LEU D 151 53.97 16.16 16.93
N VAL D 152 54.50 16.45 18.11
CA VAL D 152 55.34 15.49 18.81
C VAL D 152 54.48 14.34 19.32
N LYS D 153 54.95 13.11 19.11
CA LYS D 153 54.23 11.91 19.53
C LYS D 153 54.95 11.18 20.64
N ASP D 154 56.22 10.81 20.45
CA ASP D 154 56.99 10.07 21.45
C ASP D 154 58.40 10.63 21.50
N ILE D 155 58.97 10.63 22.71
CA ILE D 155 60.33 11.10 22.94
C ILE D 155 61.07 10.05 23.76
N GLU D 156 62.32 9.79 23.39
CA GLU D 156 63.16 8.83 24.09
C GLU D 156 64.55 9.42 24.29
N ALA D 157 65.20 9.01 25.37
CA ALA D 157 66.54 9.50 25.69
C ALA D 157 67.60 8.66 24.98
N ARG D 172 66.05 2.96 27.71
CA ARG D 172 65.35 4.03 27.02
C ARG D 172 64.17 4.53 27.84
N GLN D 173 64.42 5.54 28.67
CA GLN D 173 63.39 6.12 29.52
C GLN D 173 62.57 7.14 28.74
N LYS D 174 61.25 6.99 28.76
CA LYS D 174 60.38 7.97 28.13
C LYS D 174 60.45 9.29 28.88
N ILE D 175 60.55 10.39 28.14
CA ILE D 175 60.66 11.72 28.71
C ILE D 175 59.60 12.61 28.07
N GLU D 176 58.85 13.33 28.90
CA GLU D 176 57.83 14.23 28.37
C GLU D 176 58.48 15.37 27.58
N VAL D 177 59.60 15.90 28.06
CA VAL D 177 60.32 16.97 27.39
C VAL D 177 61.78 16.57 27.26
N GLY D 178 62.34 16.76 26.07
CA GLY D 178 63.73 16.43 25.81
C GLY D 178 64.38 17.48 24.93
N LEU D 179 65.69 17.32 24.75
CA LEU D 179 66.50 18.26 23.97
C LEU D 179 66.93 17.60 22.66
N VAL D 180 66.75 18.33 21.56
CA VAL D 180 67.16 17.85 20.24
C VAL D 180 68.61 18.26 20.03
N VAL D 181 69.47 17.30 19.69
CA VAL D 181 70.88 17.55 19.49
C VAL D 181 71.29 17.05 18.11
N GLY D 182 72.58 17.20 17.78
CA GLY D 182 73.03 16.82 16.46
C GLY D 182 72.88 15.33 16.18
N ASN D 183 73.13 14.50 17.18
CA ASN D 183 73.07 13.05 17.02
C ASN D 183 71.69 12.47 17.31
N SER D 184 70.71 13.32 17.62
CA SER D 184 69.36 12.84 17.86
C SER D 184 68.79 12.22 16.59
N GLN D 185 68.07 11.11 16.77
CA GLN D 185 67.39 10.43 15.68
C GLN D 185 65.90 10.77 15.73
N VAL D 186 65.32 11.05 14.56
CA VAL D 186 63.93 11.47 14.45
C VAL D 186 63.22 10.54 13.49
N ALA D 187 62.04 10.06 13.90
CA ALA D 187 61.17 9.24 13.07
C ALA D 187 59.91 10.01 12.74
N PHE D 188 59.53 9.99 11.46
CA PHE D 188 58.37 10.72 10.97
C PHE D 188 57.32 9.75 10.46
N GLU D 189 56.06 10.06 10.75
CA GLU D 189 54.93 9.25 10.29
C GLU D 189 53.83 10.18 9.81
N LYS D 190 53.36 9.95 8.59
CA LYS D 190 52.30 10.80 8.05
C LYS D 190 51.04 10.66 8.89
N ALA D 191 50.35 11.80 9.08
CA ALA D 191 49.13 11.79 9.87
C ALA D 191 48.12 10.82 9.27
N GLU D 192 47.19 10.37 10.10
CA GLU D 192 46.15 9.47 9.64
C GLU D 192 45.34 10.14 8.54
N ASN D 193 45.10 9.40 7.46
CA ASN D 193 44.42 9.89 6.26
C ASN D 193 45.25 10.92 5.50
N SER D 194 46.52 11.09 5.85
CA SER D 194 47.36 12.06 5.15
C SER D 194 47.74 11.52 3.78
N SER D 195 47.82 12.43 2.80
CA SER D 195 48.24 12.10 1.46
C SER D 195 49.74 12.24 1.27
N LEU D 196 50.48 12.57 2.31
CA LEU D 196 51.92 12.72 2.19
C LEU D 196 52.56 11.38 1.88
N ASN D 197 53.34 11.34 0.80
CA ASN D 197 54.01 10.11 0.37
C ASN D 197 55.38 10.07 1.03
N LEU D 198 55.43 9.53 2.25
CA LEU D 198 56.67 9.47 3.00
C LEU D 198 57.48 8.24 2.61
N ILE D 199 58.70 8.47 2.13
CA ILE D 199 59.62 7.40 1.80
C ILE D 199 60.88 7.57 2.66
N GLY D 200 61.84 6.66 2.49
CA GLY D 200 63.06 6.72 3.27
C GLY D 200 63.01 5.86 4.52
N LYS D 201 64.09 5.93 5.29
CA LYS D 201 64.25 5.10 6.46
C LYS D 201 63.77 5.76 7.74
N ALA D 202 63.66 7.09 7.76
CA ALA D 202 63.20 7.81 8.95
C ALA D 202 61.67 7.78 8.98
N LYS D 203 61.14 6.58 9.09
CA LYS D 203 59.70 6.33 9.11
C LYS D 203 59.34 5.47 10.32
N THR D 204 58.05 5.32 10.55
CA THR D 204 57.53 4.51 11.65
C THR D 204 57.85 5.15 12.99
N ARG D 208 48.24 -2.57 8.05
CA ARG D 208 49.19 -3.41 8.79
C ARG D 208 48.45 -4.51 9.53
N GLN D 209 47.32 -4.16 10.15
CA GLN D 209 46.55 -5.13 10.91
C GLN D 209 46.14 -6.30 10.04
N SER D 210 46.32 -7.51 10.55
CA SER D 210 45.98 -8.70 9.80
C SER D 210 44.48 -8.96 9.84
N ILE D 211 43.92 -9.26 8.67
CA ILE D 211 42.48 -9.49 8.58
C ILE D 211 42.04 -10.72 9.36
N ILE D 212 42.93 -11.67 9.59
CA ILE D 212 42.62 -12.88 10.36
C ILE D 212 42.74 -12.56 11.83
N ASN D 213 42.00 -13.29 12.65
CA ASN D 213 42.19 -13.18 14.09
C ASN D 213 43.57 -13.75 14.45
N PRO D 214 44.25 -13.17 15.44
CA PRO D 214 45.59 -13.66 15.78
C PRO D 214 45.61 -15.12 16.18
N ASP D 215 44.57 -15.59 16.86
CA ASP D 215 44.49 -16.98 17.34
C ASP D 215 43.47 -17.72 16.50
N TRP D 216 43.95 -18.61 15.64
CA TRP D 216 43.09 -19.34 14.72
C TRP D 216 43.80 -20.60 14.27
N ASN D 217 43.02 -21.57 13.81
CA ASN D 217 43.59 -22.84 13.37
C ASN D 217 42.52 -23.63 12.61
N PHE D 218 42.93 -24.36 11.57
CA PHE D 218 41.95 -25.11 10.79
C PHE D 218 41.24 -26.15 11.64
N GLU D 219 41.96 -26.74 12.60
CA GLU D 219 41.37 -27.79 13.42
C GLU D 219 40.21 -27.28 14.25
N LYS D 220 40.22 -26.00 14.62
CA LYS D 220 39.24 -25.50 15.57
C LYS D 220 37.82 -25.57 15.03
N MET D 221 37.62 -25.29 13.73
CA MET D 221 36.27 -25.26 13.20
C MET D 221 35.57 -26.61 13.32
N GLY D 222 36.30 -27.70 13.51
CA GLY D 222 35.67 -28.99 13.66
C GLY D 222 34.90 -29.41 12.42
N ILE D 223 35.51 -29.22 11.26
CA ILE D 223 34.93 -29.61 9.98
C ILE D 223 35.97 -30.41 9.22
N GLY D 224 35.53 -31.49 8.58
CA GLY D 224 36.45 -32.38 7.88
C GLY D 224 35.86 -32.87 6.58
N GLY D 225 36.72 -33.41 5.74
CA GLY D 225 36.31 -33.98 4.48
C GLY D 225 36.18 -32.99 3.35
N LEU D 226 36.39 -31.69 3.60
CA LEU D 226 36.27 -30.66 2.57
C LEU D 226 37.54 -29.83 2.47
N ASP D 227 38.68 -30.42 2.80
CA ASP D 227 39.92 -29.65 2.84
C ASP D 227 40.21 -29.01 1.48
N LYS D 228 40.04 -29.77 0.40
CA LYS D 228 40.27 -29.22 -0.93
C LYS D 228 39.36 -28.02 -1.19
N GLU D 229 38.10 -28.12 -0.77
CA GLU D 229 37.14 -27.07 -1.05
C GLU D 229 37.48 -25.80 -0.28
N PHE D 230 37.81 -25.93 1.00
CA PHE D 230 38.26 -24.79 1.77
C PHE D 230 39.52 -24.19 1.17
N SER D 231 40.44 -25.04 0.71
CA SER D 231 41.67 -24.53 0.10
C SER D 231 41.34 -23.68 -1.12
N ASP D 232 40.45 -24.17 -1.98
CA ASP D 232 40.09 -23.41 -3.17
C ASP D 232 39.40 -22.11 -2.82
N ILE D 233 38.49 -22.14 -1.84
CA ILE D 233 37.80 -20.92 -1.43
C ILE D 233 38.81 -19.89 -0.94
N PHE D 234 39.74 -20.33 -0.09
CA PHE D 234 40.75 -19.42 0.42
C PHE D 234 41.63 -18.88 -0.69
N ARG D 235 42.00 -19.74 -1.64
CA ARG D 235 42.85 -19.30 -2.75
C ARG D 235 42.17 -18.24 -3.59
N ARG D 236 40.88 -18.41 -3.86
CA ARG D 236 40.19 -17.51 -4.78
C ARG D 236 39.48 -16.35 -4.10
N ALA D 237 39.44 -16.31 -2.78
CA ALA D 237 38.68 -15.27 -2.08
C ALA D 237 39.54 -14.37 -1.22
N PHE D 238 40.34 -14.92 -0.31
CA PHE D 238 41.01 -14.15 0.71
C PHE D 238 42.48 -13.92 0.42
N ALA D 239 42.97 -14.34 -0.74
CA ALA D 239 44.38 -14.16 -1.06
C ALA D 239 44.74 -12.68 -1.11
N SER D 240 43.87 -11.85 -1.68
CA SER D 240 44.17 -10.45 -1.92
C SER D 240 44.09 -9.58 -0.67
N ARG D 241 43.67 -10.12 0.48
CA ARG D 241 43.56 -9.34 1.70
C ARG D 241 44.61 -9.69 2.75
N VAL D 242 45.61 -10.50 2.41
CA VAL D 242 46.58 -10.95 3.39
C VAL D 242 47.97 -10.33 3.18
N PHE D 243 48.26 -9.85 1.98
CA PHE D 243 49.60 -9.52 1.53
C PHE D 243 49.93 -8.03 1.65
N PRO D 244 51.22 -7.70 1.79
CA PRO D 244 51.62 -6.30 1.84
C PRO D 244 50.91 -5.50 0.77
N PRO D 245 50.20 -4.42 1.14
CA PRO D 245 49.37 -3.73 0.15
C PRO D 245 50.13 -3.22 -1.04
N GLU D 246 51.46 -3.13 -0.96
CA GLU D 246 52.24 -2.47 -2.01
C GLU D 246 52.08 -3.17 -3.35
N ILE D 247 52.31 -4.49 -3.39
CA ILE D 247 52.26 -5.19 -4.66
C ILE D 247 50.84 -5.24 -5.20
N VAL D 248 49.86 -5.49 -4.33
CA VAL D 248 48.47 -5.57 -4.78
C VAL D 248 48.03 -4.25 -5.37
N GLU D 249 48.30 -3.14 -4.66
CA GLU D 249 47.95 -1.84 -5.21
C GLU D 249 48.70 -1.55 -6.51
N GLN D 250 49.93 -2.05 -6.64
CA GLN D 250 50.58 -1.98 -7.94
C GLN D 250 49.88 -2.82 -8.99
N MET D 251 49.07 -3.80 -8.59
CA MET D 251 48.33 -4.59 -9.57
C MET D 251 47.05 -3.89 -10.02
N GLY D 252 46.43 -3.11 -9.14
CA GLY D 252 45.18 -2.47 -9.50
C GLY D 252 44.06 -3.45 -9.83
N CYS D 253 43.89 -4.45 -8.98
CA CYS D 253 42.93 -5.53 -9.21
C CYS D 253 41.79 -5.45 -8.21
N LYS D 254 40.57 -5.66 -8.70
CA LYS D 254 39.38 -5.60 -7.87
C LYS D 254 39.18 -6.93 -7.14
N HIS D 255 38.86 -6.83 -5.86
CA HIS D 255 38.60 -8.02 -5.05
C HIS D 255 37.31 -8.69 -5.50
N VAL D 256 37.26 -10.00 -5.31
CA VAL D 256 36.03 -10.75 -5.51
C VAL D 256 35.11 -10.50 -4.33
N LYS D 257 33.80 -10.45 -4.58
CA LYS D 257 32.83 -10.17 -3.55
C LYS D 257 31.61 -11.06 -3.71
N GLY D 258 31.84 -12.35 -3.98
CA GLY D 258 30.73 -13.26 -4.17
C GLY D 258 31.09 -14.73 -3.98
N ILE D 259 30.22 -15.46 -3.30
CA ILE D 259 30.38 -16.90 -3.12
C ILE D 259 29.00 -17.53 -3.07
N LEU D 260 28.88 -18.74 -3.63
CA LEU D 260 27.65 -19.49 -3.60
C LEU D 260 27.95 -20.94 -3.28
N LEU D 261 27.12 -21.54 -2.43
CA LEU D 261 27.26 -22.94 -2.05
C LEU D 261 25.94 -23.66 -2.28
N TYR D 262 26.02 -24.89 -2.77
CA TYR D 262 24.83 -25.69 -3.02
C TYR D 262 25.18 -27.16 -2.91
N GLY D 263 24.16 -27.97 -2.66
CA GLY D 263 24.32 -29.40 -2.57
C GLY D 263 23.14 -30.07 -1.91
N PRO D 264 23.13 -31.40 -1.90
CA PRO D 264 22.02 -32.11 -1.27
C PRO D 264 21.94 -31.78 0.22
N PRO D 265 20.75 -31.84 0.80
CA PRO D 265 20.58 -31.36 2.17
C PRO D 265 21.43 -32.13 3.15
N GLY D 266 21.83 -31.45 4.22
CA GLY D 266 22.55 -32.08 5.31
C GLY D 266 23.94 -32.57 4.96
N CYS D 267 24.67 -31.83 4.12
CA CYS D 267 26.07 -32.10 3.85
C CYS D 267 26.99 -31.12 4.56
N GLY D 268 26.44 -30.26 5.42
CA GLY D 268 27.26 -29.30 6.14
C GLY D 268 27.56 -28.06 5.34
N LYS D 269 26.53 -27.34 4.91
CA LYS D 269 26.71 -26.08 4.19
C LYS D 269 26.66 -24.88 5.10
N THR D 270 25.60 -24.76 5.91
CA THR D 270 25.51 -23.64 6.85
C THR D 270 26.71 -23.58 7.76
N LEU D 271 27.28 -24.73 8.11
CA LEU D 271 28.40 -24.78 9.03
C LEU D 271 29.60 -24.01 8.48
N LEU D 272 29.91 -24.23 7.20
CA LEU D 272 31.04 -23.53 6.59
C LEU D 272 30.82 -22.03 6.60
N ALA D 273 29.60 -21.60 6.28
CA ALA D 273 29.29 -20.17 6.29
C ALA D 273 29.47 -19.58 7.68
N ARG D 274 28.97 -20.27 8.70
CA ARG D 274 29.12 -19.77 10.06
C ARG D 274 30.60 -19.65 10.42
N GLN D 275 31.38 -20.68 10.13
CA GLN D 275 32.78 -20.66 10.54
C GLN D 275 33.57 -19.59 9.80
N ILE D 276 33.33 -19.44 8.49
CA ILE D 276 34.05 -18.42 7.73
C ILE D 276 33.64 -17.04 8.21
N GLY D 277 32.36 -16.86 8.57
CA GLY D 277 31.93 -15.60 9.13
C GLY D 277 32.65 -15.28 10.41
N LYS D 278 32.80 -16.29 11.28
CA LYS D 278 33.49 -16.07 12.55
C LYS D 278 34.96 -15.73 12.32
N MET D 279 35.63 -16.47 11.44
CA MET D 279 37.08 -16.44 11.32
C MET D 279 37.63 -15.03 11.11
N LEU D 280 36.93 -14.22 10.32
CA LEU D 280 37.43 -12.91 9.98
C LEU D 280 37.55 -12.03 11.23
N ASN D 281 38.68 -11.32 11.33
CA ASN D 281 38.89 -10.36 12.39
C ASN D 281 38.26 -9.02 12.02
N ALA D 282 36.97 -9.09 11.69
CA ALA D 282 36.21 -7.92 11.26
C ALA D 282 35.03 -7.69 12.20
N ARG D 283 34.18 -6.74 11.85
CA ARG D 283 33.00 -6.47 12.65
C ARG D 283 32.04 -7.66 12.57
N GLU D 284 31.00 -7.61 13.39
CA GLU D 284 30.05 -8.71 13.45
C GLU D 284 29.31 -8.84 12.12
N PRO D 285 29.10 -10.05 11.62
CA PRO D 285 28.33 -10.20 10.37
C PRO D 285 26.89 -9.75 10.54
N LYS D 286 26.32 -9.27 9.44
CA LYS D 286 24.89 -9.00 9.34
C LYS D 286 24.25 -10.19 8.63
N VAL D 287 23.25 -10.79 9.27
CA VAL D 287 22.61 -12.00 8.77
C VAL D 287 21.18 -11.68 8.39
N VAL D 288 20.77 -12.12 7.20
CA VAL D 288 19.40 -11.97 6.71
C VAL D 288 18.85 -13.38 6.56
N ASN D 289 17.69 -13.63 7.18
CA ASN D 289 17.12 -14.96 7.23
C ASN D 289 16.04 -15.10 6.17
N GLY D 290 16.34 -15.84 5.11
CA GLY D 290 15.37 -16.13 4.08
C GLY D 290 14.58 -14.91 3.66
N PRO D 291 13.29 -15.10 3.31
CA PRO D 291 12.46 -13.95 2.92
C PRO D 291 12.02 -13.12 4.11
N GLU D 292 12.90 -12.22 4.55
CA GLU D 292 12.66 -11.34 5.68
C GLU D 292 12.88 -9.88 5.27
N ILE D 293 12.50 -9.54 4.04
CA ILE D 293 12.73 -8.20 3.52
C ILE D 293 11.48 -7.66 2.84
N LEU D 294 10.35 -8.33 3.04
CA LEU D 294 9.11 -7.99 2.34
C LEU D 294 8.16 -7.30 3.30
N ASN D 295 7.51 -6.23 2.81
CA ASN D 295 6.52 -5.50 3.58
C ASN D 295 5.32 -5.21 2.68
N LYS D 296 4.15 -5.07 3.31
CA LYS D 296 2.92 -4.88 2.55
C LYS D 296 2.97 -3.56 1.76
N TYR D 297 3.46 -2.50 2.38
CA TYR D 297 3.47 -1.21 1.71
C TYR D 297 4.46 -1.21 0.56
N VAL D 298 4.13 -0.45 -0.49
CA VAL D 298 4.93 -0.44 -1.71
C VAL D 298 6.29 0.19 -1.42
N GLY D 299 7.34 -0.44 -1.92
CA GLY D 299 8.66 0.16 -1.97
C GLY D 299 9.46 0.10 -0.69
N GLU D 300 8.92 -0.46 0.39
CA GLU D 300 9.69 -0.56 1.62
C GLU D 300 10.73 -1.67 1.55
N SER D 301 10.45 -2.73 0.78
CA SER D 301 11.42 -3.80 0.61
C SER D 301 12.73 -3.26 0.02
N GLU D 302 12.62 -2.40 -0.99
CA GLU D 302 13.81 -1.82 -1.59
C GLU D 302 14.58 -0.98 -0.58
N ALA D 303 13.88 -0.25 0.27
CA ALA D 303 14.56 0.47 1.35
C ALA D 303 15.29 -0.50 2.26
N ASN D 304 14.64 -1.60 2.64
CA ASN D 304 15.25 -2.55 3.56
C ASN D 304 16.53 -3.13 2.97
N ILE D 305 16.45 -3.64 1.73
CA ILE D 305 17.64 -4.20 1.10
C ILE D 305 18.71 -3.14 0.91
N ARG D 306 18.32 -1.90 0.61
CA ARG D 306 19.26 -0.82 0.40
C ARG D 306 19.96 -0.42 1.70
N LYS D 307 19.25 -0.46 2.83
CA LYS D 307 19.83 0.01 4.08
C LYS D 307 21.06 -0.79 4.46
N LEU D 308 21.15 -2.05 4.03
CA LEU D 308 22.25 -2.90 4.47
C LEU D 308 23.61 -2.35 4.12
N PHE D 309 23.72 -1.55 3.06
CA PHE D 309 25.00 -1.12 2.53
C PHE D 309 25.38 0.29 2.95
N ALA D 310 24.61 0.93 3.83
CA ALA D 310 24.93 2.30 4.24
C ALA D 310 26.30 2.36 4.90
N ASP D 311 26.58 1.40 5.80
CA ASP D 311 27.84 1.43 6.53
C ASP D 311 29.02 1.29 5.57
N ALA D 312 28.93 0.38 4.60
CA ALA D 312 30.03 0.21 3.65
C ALA D 312 30.26 1.47 2.84
N GLU D 313 29.18 2.10 2.36
CA GLU D 313 29.32 3.30 1.57
C GLU D 313 29.99 4.41 2.37
N GLU D 314 29.50 4.65 3.59
CA GLU D 314 30.08 5.73 4.39
C GLU D 314 31.54 5.43 4.74
N GLU D 315 31.84 4.18 5.07
CA GLU D 315 33.23 3.85 5.42
C GLU D 315 34.15 4.03 4.23
N GLN D 316 33.71 3.61 3.04
CA GLN D 316 34.53 3.81 1.85
C GLN D 316 34.76 5.30 1.62
N ARG D 317 33.71 6.10 1.79
CA ARG D 317 33.85 7.54 1.59
C ARG D 317 34.72 8.19 2.66
N ARG D 318 34.87 7.55 3.83
CA ARG D 318 35.67 8.14 4.90
C ARG D 318 37.11 7.64 4.87
N LEU D 319 37.30 6.32 5.05
CA LEU D 319 38.66 5.78 5.10
C LEU D 319 39.28 5.67 3.73
N GLY D 320 38.49 5.27 2.73
CA GLY D 320 39.02 4.98 1.42
C GLY D 320 39.45 3.54 1.31
N ALA D 321 40.76 3.30 1.19
CA ALA D 321 41.30 1.95 1.06
C ALA D 321 41.76 1.37 2.39
N ASN D 322 41.20 1.85 3.50
CA ASN D 322 41.53 1.34 4.83
C ASN D 322 40.27 0.97 5.61
N SER D 323 39.25 0.51 4.90
CA SER D 323 37.97 0.17 5.51
C SER D 323 37.97 -1.27 5.99
N GLY D 324 37.18 -1.54 7.03
CA GLY D 324 36.99 -2.90 7.47
C GLY D 324 36.03 -3.66 6.57
N LEU D 325 36.02 -4.98 6.74
CA LEU D 325 35.20 -5.82 5.87
C LEU D 325 33.73 -5.76 6.27
N HIS D 326 32.87 -5.99 5.28
CA HIS D 326 31.43 -6.10 5.47
C HIS D 326 31.01 -7.46 4.94
N ILE D 327 30.60 -8.36 5.83
CA ILE D 327 30.17 -9.70 5.45
C ILE D 327 28.69 -9.85 5.75
N ILE D 328 27.93 -10.20 4.72
CA ILE D 328 26.49 -10.37 4.81
C ILE D 328 26.16 -11.76 4.29
N ILE D 329 25.22 -12.44 4.95
CA ILE D 329 24.90 -13.83 4.66
C ILE D 329 23.42 -13.90 4.30
N PHE D 330 23.12 -14.39 3.10
CA PHE D 330 21.77 -14.70 2.67
C PHE D 330 21.61 -16.22 2.75
N ASP D 331 20.52 -16.66 3.36
CA ASP D 331 20.27 -18.09 3.57
C ASP D 331 18.98 -18.45 2.85
N GLU D 332 19.02 -19.52 2.06
CA GLU D 332 17.97 -19.84 1.10
C GLU D 332 17.74 -18.66 0.16
N ILE D 333 18.81 -18.27 -0.53
CA ILE D 333 18.77 -17.09 -1.38
C ILE D 333 17.71 -17.22 -2.45
N ASP D 334 17.42 -18.46 -2.89
CA ASP D 334 16.40 -18.66 -3.90
C ASP D 334 15.03 -18.21 -3.43
N ALA D 335 14.83 -18.06 -2.12
CA ALA D 335 13.50 -17.74 -1.61
C ALA D 335 12.99 -16.41 -2.16
N ILE D 336 13.85 -15.39 -2.18
CA ILE D 336 13.45 -14.06 -2.61
C ILE D 336 13.79 -13.81 -4.07
N CYS D 337 15.00 -14.15 -4.50
CA CYS D 337 15.43 -13.94 -5.88
C CYS D 337 15.12 -15.19 -6.69
N LYS D 338 14.34 -15.01 -7.75
CA LYS D 338 13.99 -16.10 -8.64
C LYS D 338 14.02 -15.56 -10.06
N GLN D 339 13.86 -16.45 -11.04
CA GLN D 339 13.97 -16.05 -12.43
C GLN D 339 12.98 -14.94 -12.74
N ARG D 340 13.50 -13.88 -13.36
CA ARG D 340 12.67 -12.70 -13.69
C ARG D 340 11.68 -13.08 -14.77
N GLY D 341 10.43 -12.64 -14.67
CA GLY D 341 9.38 -12.89 -15.64
C GLY D 341 8.55 -14.12 -15.35
N SER D 342 9.06 -15.05 -14.54
CA SER D 342 8.29 -16.20 -14.12
C SER D 342 7.54 -15.87 -12.82
N MET D 343 6.76 -16.82 -12.33
CA MET D 343 5.97 -16.61 -11.12
C MET D 343 5.13 -15.34 -11.28
N ALA D 344 4.44 -15.26 -12.42
CA ALA D 344 3.73 -14.04 -12.80
C ALA D 344 2.49 -13.85 -11.94
N GLY D 345 2.68 -13.34 -10.71
CA GLY D 345 1.57 -13.07 -9.83
C GLY D 345 1.10 -11.64 -9.93
N SER D 346 1.23 -10.88 -8.84
CA SER D 346 0.80 -9.49 -8.82
C SER D 346 1.80 -8.67 -8.02
N THR D 347 1.86 -7.38 -8.35
CA THR D 347 2.72 -6.42 -7.68
C THR D 347 4.20 -6.59 -8.04
N GLY D 348 4.54 -7.67 -8.73
CA GLY D 348 5.88 -7.86 -9.26
C GLY D 348 7.01 -7.52 -8.30
N VAL D 349 6.72 -7.56 -7.00
CA VAL D 349 7.69 -7.06 -6.02
C VAL D 349 9.00 -7.85 -6.10
N HIS D 350 8.90 -9.14 -6.40
CA HIS D 350 10.11 -9.97 -6.45
C HIS D 350 11.06 -9.47 -7.54
N ASP D 351 10.51 -9.12 -8.70
CA ASP D 351 11.34 -8.56 -9.76
C ASP D 351 12.00 -7.26 -9.31
N THR D 352 11.25 -6.43 -8.59
CA THR D 352 11.83 -5.17 -8.12
C THR D 352 12.99 -5.43 -7.16
N VAL D 353 12.82 -6.38 -6.24
CA VAL D 353 13.89 -6.68 -5.30
C VAL D 353 15.10 -7.24 -6.04
N VAL D 354 14.87 -8.10 -7.02
CA VAL D 354 15.99 -8.66 -7.79
C VAL D 354 16.74 -7.56 -8.50
N ASN D 355 16.02 -6.65 -9.15
CA ASN D 355 16.66 -5.55 -9.86
C ASN D 355 17.45 -4.67 -8.89
N GLN D 356 16.87 -4.39 -7.72
CA GLN D 356 17.58 -3.57 -6.74
C GLN D 356 18.87 -4.24 -6.30
N LEU D 357 18.82 -5.55 -6.04
CA LEU D 357 20.03 -6.24 -5.63
C LEU D 357 21.08 -6.21 -6.73
N LEU D 358 20.66 -6.45 -7.97
CA LEU D 358 21.60 -6.41 -9.08
C LEU D 358 22.25 -5.03 -9.19
N SER D 359 21.46 -3.97 -9.04
CA SER D 359 22.00 -2.63 -9.18
C SER D 359 22.91 -2.26 -8.02
N LYS D 360 22.63 -2.77 -6.82
CA LYS D 360 23.41 -2.37 -5.66
C LYS D 360 24.70 -3.18 -5.51
N ILE D 361 24.69 -4.47 -5.86
CA ILE D 361 25.88 -5.28 -5.70
C ILE D 361 27.03 -4.74 -6.54
N ASP D 362 26.74 -4.32 -7.76
CA ASP D 362 27.77 -3.80 -8.66
C ASP D 362 27.10 -2.92 -9.69
N GLY D 363 27.51 -1.66 -9.74
CA GLY D 363 26.95 -0.72 -10.69
C GLY D 363 27.83 0.49 -10.91
N VAL D 364 27.21 1.66 -11.04
CA VAL D 364 27.98 2.88 -11.28
C VAL D 364 28.92 3.16 -10.11
N GLU D 365 28.44 2.96 -8.88
CA GLU D 365 29.29 3.10 -7.72
C GLU D 365 30.24 1.91 -7.60
N GLN D 366 31.35 2.13 -6.92
CA GLN D 366 32.35 1.10 -6.68
C GLN D 366 32.40 0.80 -5.18
N LEU D 367 32.76 -0.44 -4.85
CA LEU D 367 32.82 -0.87 -3.45
C LEU D 367 33.79 -2.03 -3.35
N ASN D 368 34.63 -2.01 -2.31
CA ASN D 368 35.67 -3.02 -2.14
C ASN D 368 35.80 -3.45 -0.69
N ASN D 369 34.72 -3.38 0.09
CA ASN D 369 34.75 -3.80 1.49
C ASN D 369 33.50 -4.59 1.84
N ILE D 370 33.08 -5.49 0.96
CA ILE D 370 31.86 -6.27 1.15
C ILE D 370 32.13 -7.72 0.78
N LEU D 371 31.16 -8.57 1.14
CA LEU D 371 31.19 -9.98 0.76
C LEU D 371 29.84 -10.62 1.04
N VAL D 372 29.30 -11.32 0.04
CA VAL D 372 27.98 -11.93 0.13
C VAL D 372 28.13 -13.44 -0.02
N ILE D 373 27.51 -14.19 0.88
CA ILE D 373 27.55 -15.65 0.87
C ILE D 373 26.10 -16.14 0.79
N GLY D 374 25.82 -17.01 -0.16
CA GLY D 374 24.49 -17.54 -0.36
C GLY D 374 24.49 -19.06 -0.36
N MET D 375 23.37 -19.64 0.03
CA MET D 375 23.20 -21.09 0.10
C MET D 375 21.86 -21.46 -0.50
N THR D 376 21.76 -22.70 -0.97
CA THR D 376 20.52 -23.21 -1.54
C THR D 376 20.67 -24.70 -1.78
N ASN D 377 19.56 -25.31 -2.23
CA ASN D 377 19.52 -26.71 -2.59
C ASN D 377 19.01 -26.95 -4.00
N ARG D 378 18.57 -25.91 -4.70
CA ARG D 378 18.16 -25.99 -6.10
C ARG D 378 18.84 -24.87 -6.85
N PRO D 379 20.11 -25.06 -7.23
CA PRO D 379 20.87 -23.97 -7.86
C PRO D 379 20.45 -23.65 -9.28
N ASP D 380 19.41 -24.29 -9.80
CA ASP D 380 19.05 -24.14 -11.21
C ASP D 380 17.94 -23.13 -11.45
N LEU D 381 17.41 -22.50 -10.40
CA LEU D 381 16.32 -21.54 -10.55
C LEU D 381 16.78 -20.10 -10.47
N ILE D 382 17.82 -19.80 -9.68
CA ILE D 382 18.28 -18.43 -9.55
C ILE D 382 18.60 -17.84 -10.91
N ASP D 383 18.31 -16.56 -11.07
CA ASP D 383 18.53 -15.90 -12.35
C ASP D 383 19.98 -16.02 -12.78
N GLU D 384 20.18 -16.46 -14.03
CA GLU D 384 21.53 -16.58 -14.55
C GLU D 384 22.29 -15.27 -14.49
N ALA D 385 21.59 -14.14 -14.61
CA ALA D 385 22.24 -12.84 -14.63
C ALA D 385 23.05 -12.56 -13.37
N LEU D 386 22.75 -13.25 -12.28
CA LEU D 386 23.41 -13.02 -11.00
C LEU D 386 24.68 -13.84 -10.82
N LEU D 387 25.12 -14.55 -11.86
CA LEU D 387 26.24 -15.47 -11.73
C LEU D 387 27.43 -15.15 -12.64
N ARG D 388 27.31 -14.17 -13.53
CA ARG D 388 28.45 -13.85 -14.37
C ARG D 388 29.60 -13.34 -13.51
N PRO D 389 30.84 -13.52 -13.95
CA PRO D 389 31.98 -12.99 -13.18
C PRO D 389 31.82 -11.51 -12.89
N GLY D 390 32.03 -11.13 -11.63
CA GLY D 390 31.88 -9.75 -11.22
C GLY D 390 30.88 -9.61 -10.10
N ARG D 391 29.79 -10.37 -10.17
CA ARG D 391 28.77 -10.38 -9.13
C ARG D 391 28.97 -11.54 -8.17
N LEU D 392 28.92 -12.77 -8.68
CA LEU D 392 29.12 -13.98 -7.87
C LEU D 392 30.06 -14.89 -8.64
N GLU D 393 31.36 -14.73 -8.42
CA GLU D 393 32.35 -15.43 -9.23
C GLU D 393 32.46 -16.89 -8.83
N VAL D 394 32.67 -17.16 -7.54
CA VAL D 394 32.99 -18.50 -7.07
C VAL D 394 31.71 -19.31 -6.94
N LYS D 395 31.65 -20.45 -7.64
CA LYS D 395 30.52 -21.37 -7.58
C LYS D 395 31.04 -22.72 -7.13
N MET D 396 31.09 -22.93 -5.82
CA MET D 396 31.53 -24.19 -5.27
C MET D 396 30.39 -25.21 -5.41
N GLU D 397 30.62 -26.42 -4.88
CA GLU D 397 29.56 -27.42 -4.79
C GLU D 397 29.93 -28.36 -3.64
N ILE D 398 28.99 -28.58 -2.73
CA ILE D 398 29.22 -29.50 -1.62
C ILE D 398 28.52 -30.81 -1.94
N GLY D 399 29.24 -31.92 -1.77
CA GLY D 399 28.72 -33.24 -2.02
C GLY D 399 28.74 -34.11 -0.77
N LEU D 400 28.25 -35.33 -0.95
CA LEU D 400 28.26 -36.28 0.15
C LEU D 400 29.70 -36.67 0.47
N PRO D 401 30.04 -36.90 1.74
CA PRO D 401 31.41 -37.28 2.07
C PRO D 401 31.72 -38.72 1.69
N ASP D 402 33.01 -38.99 1.50
CA ASP D 402 33.48 -40.33 1.18
C ASP D 402 33.86 -41.06 2.46
N GLU D 403 34.52 -42.21 2.32
CA GLU D 403 34.85 -43.02 3.48
C GLU D 403 35.79 -42.28 4.44
N LYS D 404 36.85 -41.68 3.90
CA LYS D 404 37.79 -40.96 4.76
C LYS D 404 37.09 -39.81 5.47
N GLY D 405 36.25 -39.08 4.76
CA GLY D 405 35.46 -38.04 5.41
C GLY D 405 34.58 -38.59 6.51
N ARG D 406 34.00 -39.77 6.28
CA ARG D 406 33.19 -40.38 7.32
C ARG D 406 34.01 -40.68 8.56
N LEU D 407 35.22 -41.22 8.37
CA LEU D 407 36.10 -41.50 9.51
C LEU D 407 36.40 -40.22 10.27
N GLN D 408 36.77 -39.15 9.56
CA GLN D 408 37.12 -37.91 10.25
C GLN D 408 35.92 -37.33 10.97
N ILE D 409 34.73 -37.42 10.38
CA ILE D 409 33.52 -36.91 11.03
C ILE D 409 33.26 -37.67 12.32
N LEU D 410 33.32 -39.01 12.25
CA LEU D 410 33.10 -39.80 13.44
C LEU D 410 34.10 -39.45 14.53
N HIS D 411 35.37 -39.25 14.15
CA HIS D 411 36.36 -38.88 15.14
C HIS D 411 36.04 -37.54 15.78
N ILE D 412 35.74 -36.52 14.96
CA ILE D 412 35.59 -35.18 15.49
C ILE D 412 34.37 -35.09 16.40
N HIS D 413 33.24 -35.69 15.98
CA HIS D 413 32.08 -35.67 16.88
C HIS D 413 32.23 -36.60 18.07
N THR D 414 33.25 -37.45 18.09
CA THR D 414 33.49 -38.37 19.19
C THR D 414 34.72 -37.95 19.98
N ALA D 415 35.24 -36.76 19.71
CA ALA D 415 36.46 -36.30 20.35
C ALA D 415 36.31 -36.19 21.86
N ARG D 416 35.25 -35.56 22.33
CA ARG D 416 35.09 -35.31 23.75
C ARG D 416 34.73 -36.58 24.53
N MET D 417 34.15 -37.58 23.87
CA MET D 417 33.88 -38.86 24.51
C MET D 417 35.14 -39.47 25.12
N ARG D 418 36.21 -39.57 24.32
CA ARG D 418 37.44 -40.18 24.82
C ARG D 418 38.12 -39.32 25.87
N GLY D 419 37.75 -38.04 25.97
CA GLY D 419 38.37 -37.16 26.94
C GLY D 419 37.88 -37.34 28.36
N HIS D 420 36.84 -38.16 28.57
CA HIS D 420 36.30 -38.40 29.91
C HIS D 420 36.10 -39.89 30.18
N GLN D 421 36.65 -40.75 29.34
CA GLN D 421 36.59 -42.20 29.57
C GLN D 421 35.14 -42.68 29.68
N LEU D 422 34.22 -41.96 29.06
CA LEU D 422 32.81 -42.34 29.09
C LEU D 422 32.48 -43.41 28.05
N LEU D 423 33.42 -43.75 27.17
CA LEU D 423 33.20 -44.76 26.14
C LEU D 423 34.22 -45.87 26.34
N SER D 424 33.74 -47.11 26.47
CA SER D 424 34.64 -48.24 26.63
C SER D 424 35.48 -48.43 25.37
N ALA D 425 36.70 -48.90 25.57
CA ALA D 425 37.62 -49.09 24.45
C ALA D 425 37.17 -50.18 23.49
N ASP D 426 36.18 -50.98 23.87
CA ASP D 426 35.77 -52.10 23.02
C ASP D 426 35.40 -51.64 21.62
N VAL D 427 34.67 -50.52 21.50
CA VAL D 427 34.24 -50.06 20.19
C VAL D 427 35.45 -49.66 19.35
N ASP D 428 35.33 -49.85 18.04
CA ASP D 428 36.35 -49.44 17.08
C ASP D 428 35.67 -48.60 16.01
N ILE D 429 36.22 -47.40 15.77
CA ILE D 429 35.58 -46.47 14.84
C ILE D 429 35.60 -47.01 13.42
N LYS D 430 36.68 -47.70 13.03
CA LYS D 430 36.81 -48.17 11.65
C LYS D 430 35.58 -48.95 11.23
N GLU D 431 35.05 -49.78 12.12
CA GLU D 431 33.85 -50.54 11.79
C GLU D 431 32.68 -49.60 11.51
N LEU D 432 32.47 -48.62 12.37
CA LEU D 432 31.38 -47.67 12.17
C LEU D 432 31.53 -46.98 10.81
N ALA D 433 32.75 -46.61 10.45
CA ALA D 433 32.99 -46.01 9.15
C ALA D 433 32.62 -46.97 8.03
N VAL D 434 33.01 -48.24 8.17
CA VAL D 434 32.79 -49.21 7.11
C VAL D 434 31.30 -49.43 6.87
N GLU D 435 30.55 -49.66 7.96
CA GLU D 435 29.15 -50.05 7.79
C GLU D 435 28.27 -48.88 7.39
N THR D 436 28.70 -47.65 7.68
CA THR D 436 27.90 -46.47 7.34
C THR D 436 28.08 -46.18 5.85
N LYS D 437 27.10 -46.58 5.05
CA LYS D 437 27.10 -46.33 3.62
C LYS D 437 25.96 -45.39 3.26
N ASN D 438 26.26 -44.39 2.44
CA ASN D 438 25.32 -43.33 2.10
C ASN D 438 24.88 -42.59 3.37
N PHE D 439 25.87 -42.02 4.05
CA PHE D 439 25.66 -41.27 5.27
C PHE D 439 26.27 -39.88 5.13
N SER D 440 25.58 -38.88 5.67
CA SER D 440 26.08 -37.52 5.72
C SER D 440 26.26 -37.10 7.17
N GLY D 441 26.86 -35.92 7.36
CA GLY D 441 27.21 -35.49 8.70
C GLY D 441 26.03 -35.50 9.64
N ALA D 442 24.88 -35.01 9.18
CA ALA D 442 23.68 -35.05 10.01
C ALA D 442 23.37 -36.47 10.45
N GLU D 443 23.55 -37.43 9.55
CA GLU D 443 23.22 -38.82 9.89
C GLU D 443 24.14 -39.34 10.99
N LEU D 444 25.44 -39.06 10.89
CA LEU D 444 26.37 -39.52 11.91
C LEU D 444 26.09 -38.85 13.25
N GLU D 445 25.81 -37.55 13.23
CA GLU D 445 25.45 -36.87 14.47
C GLU D 445 24.21 -37.51 15.09
N GLY D 446 23.19 -37.79 14.28
CA GLY D 446 22.00 -38.42 14.81
C GLY D 446 22.26 -39.80 15.37
N LEU D 447 23.12 -40.57 14.69
CA LEU D 447 23.46 -41.90 15.19
C LEU D 447 24.12 -41.82 16.56
N VAL D 448 25.11 -40.93 16.70
CA VAL D 448 25.77 -40.79 17.99
C VAL D 448 24.78 -40.36 19.06
N ARG D 449 23.91 -39.41 18.71
CA ARG D 449 22.90 -38.94 19.65
C ARG D 449 22.02 -40.08 20.13
N ALA D 450 21.52 -40.88 19.19
CA ALA D 450 20.62 -41.98 19.55
C ALA D 450 21.33 -43.00 20.41
N ALA D 451 22.60 -43.29 20.10
CA ALA D 451 23.35 -44.23 20.91
C ALA D 451 23.49 -43.71 22.34
N GLN D 452 23.80 -42.42 22.48
CA GLN D 452 23.87 -41.84 23.82
C GLN D 452 22.55 -42.00 24.55
N SER D 453 21.45 -41.72 23.85
CA SER D 453 20.13 -41.79 24.48
C SER D 453 19.84 -43.20 24.98
N THR D 454 20.07 -44.21 24.13
CA THR D 454 19.76 -45.57 24.53
C THR D 454 20.67 -46.01 25.67
N ALA D 455 21.95 -45.63 25.64
CA ALA D 455 22.83 -45.96 26.75
C ALA D 455 22.34 -45.34 28.05
N MET D 456 21.91 -44.08 27.99
CA MET D 456 21.45 -43.40 29.19
C MET D 456 20.19 -44.05 29.74
N ASN D 457 19.30 -44.49 28.86
CA ASN D 457 17.99 -44.94 29.33
C ASN D 457 18.07 -46.06 30.37
N ARG D 458 19.15 -46.84 30.35
CA ARG D 458 19.26 -47.96 31.29
C ARG D 458 19.18 -47.51 32.74
N HIS D 459 19.47 -46.24 33.02
CA HIS D 459 19.51 -45.73 34.38
C HIS D 459 18.24 -44.97 34.76
N ILE D 460 17.13 -45.23 34.08
CA ILE D 460 15.88 -44.53 34.33
C ILE D 460 14.76 -45.55 34.51
N LYS D 461 13.92 -45.32 35.51
CA LYS D 461 12.79 -46.19 35.82
C LYS D 461 11.50 -45.42 35.62
N ALA D 462 10.57 -46.00 34.86
CA ALA D 462 9.33 -45.35 34.48
C ALA D 462 8.14 -46.14 35.00
N SER D 463 6.94 -45.63 34.72
CA SER D 463 5.68 -46.26 35.10
C SER D 463 5.39 -46.09 36.58
N THR D 464 6.36 -45.57 37.34
CA THR D 464 6.21 -45.30 38.76
C THR D 464 6.80 -43.94 39.07
N LYS D 465 6.47 -42.96 38.23
CA LYS D 465 7.15 -41.67 38.21
C LYS D 465 8.56 -41.89 37.69
N VAL D 466 9.36 -40.83 37.63
CA VAL D 466 10.72 -40.90 37.11
C VAL D 466 11.68 -41.08 38.28
N GLU D 467 12.50 -42.13 38.22
CA GLU D 467 13.44 -42.46 39.28
C GLU D 467 14.81 -42.65 38.66
N VAL D 468 15.70 -41.68 38.88
CA VAL D 468 17.05 -41.70 38.34
C VAL D 468 17.98 -42.17 39.45
N ASP D 469 18.72 -43.25 39.18
CA ASP D 469 19.63 -43.80 40.17
C ASP D 469 20.95 -43.06 40.12
N MET D 470 21.27 -42.34 41.19
CA MET D 470 22.52 -41.60 41.28
C MET D 470 23.69 -42.48 41.71
N GLU D 471 23.44 -43.75 42.03
CA GLU D 471 24.51 -44.65 42.45
C GLU D 471 25.25 -45.23 41.25
N LYS D 472 24.52 -45.81 40.30
CA LYS D 472 25.13 -46.36 39.10
C LYS D 472 25.41 -45.30 38.05
N ALA D 473 24.95 -44.06 38.27
CA ALA D 473 25.13 -43.02 37.26
C ALA D 473 26.60 -42.80 36.93
N GLU D 474 27.48 -42.91 37.92
CA GLU D 474 28.89 -42.64 37.70
C GLU D 474 29.56 -43.67 36.82
N SER D 475 28.98 -44.86 36.69
CA SER D 475 29.57 -45.96 35.94
C SER D 475 28.99 -46.07 34.53
N LEU D 476 28.47 -44.96 34.02
CA LEU D 476 27.85 -44.98 32.70
C LEU D 476 28.90 -45.25 31.62
N GLN D 477 28.54 -46.14 30.69
CA GLN D 477 29.43 -46.49 29.59
C GLN D 477 28.57 -46.81 28.37
N VAL D 478 29.20 -46.73 27.20
CA VAL D 478 28.54 -46.99 25.93
C VAL D 478 29.23 -48.18 25.28
N THR D 479 28.44 -49.16 24.83
CA THR D 479 28.95 -50.42 24.31
C THR D 479 28.57 -50.58 22.84
N ARG D 480 29.35 -51.40 22.13
CA ARG D 480 29.10 -51.65 20.72
C ARG D 480 27.66 -52.07 20.48
N GLY D 481 27.12 -52.93 21.33
CA GLY D 481 25.75 -53.38 21.15
C GLY D 481 24.78 -52.24 21.04
N ASP D 482 25.03 -51.16 21.78
CA ASP D 482 24.17 -49.98 21.68
C ASP D 482 24.20 -49.41 20.28
N PHE D 483 25.39 -49.25 19.71
CA PHE D 483 25.48 -48.76 18.33
C PHE D 483 24.78 -49.69 17.36
N LEU D 484 24.97 -51.00 17.52
CA LEU D 484 24.37 -51.94 16.58
C LEU D 484 22.85 -51.87 16.65
N ALA D 485 22.29 -51.87 17.86
CA ALA D 485 20.84 -51.79 18.00
C ALA D 485 20.31 -50.50 17.42
N SER D 486 20.96 -49.38 17.72
CA SER D 486 20.53 -48.10 17.16
C SER D 486 20.54 -48.16 15.64
N LEU D 487 21.64 -48.62 15.06
CA LEU D 487 21.76 -48.63 13.61
C LEU D 487 20.68 -49.50 12.98
N GLU D 488 20.41 -50.67 13.56
CA GLU D 488 19.44 -51.58 12.98
C GLU D 488 18.00 -51.23 13.31
N ASN D 489 17.76 -50.28 14.21
CA ASN D 489 16.40 -49.99 14.66
C ASN D 489 15.86 -48.67 14.15
N ASP D 490 16.55 -47.56 14.38
CA ASP D 490 15.95 -46.24 14.19
C ASP D 490 16.55 -45.47 13.02
N ILE D 491 17.86 -45.25 13.00
CA ILE D 491 18.46 -44.42 11.96
C ILE D 491 18.28 -45.10 10.60
N LYS D 492 17.96 -44.30 9.58
CA LYS D 492 17.76 -44.80 8.24
C LYS D 492 18.21 -43.74 7.22
N PRO D 493 19.28 -43.97 6.47
CA PRO D 493 19.69 -42.98 5.47
C PRO D 493 18.66 -42.87 4.35
N ALA D 494 18.66 -41.71 3.71
CA ALA D 494 17.71 -41.39 2.65
C ALA D 494 18.41 -41.23 1.31
N PHE D 495 19.40 -42.08 1.05
CA PHE D 495 20.17 -42.01 -0.20
C PHE D 495 20.64 -43.42 -0.53
N GLY D 496 19.84 -44.11 -1.33
CA GLY D 496 20.13 -45.48 -1.72
C GLY D 496 19.12 -46.47 -1.17
N THR D 497 19.59 -47.69 -0.95
CA THR D 497 18.75 -48.80 -0.52
C THR D 497 19.13 -49.23 0.90
N ASN D 498 18.30 -50.12 1.45
CA ASN D 498 18.44 -50.59 2.81
C ASN D 498 18.39 -52.11 2.84
N GLN D 499 19.00 -52.68 3.88
CA GLN D 499 19.08 -54.13 4.00
C GLN D 499 17.71 -54.79 3.93
N GLU D 500 16.68 -54.10 4.43
CA GLU D 500 15.33 -54.64 4.34
C GLU D 500 14.94 -54.94 2.90
N ASP D 501 15.44 -54.16 1.94
CA ASP D 501 15.11 -54.39 0.54
C ASP D 501 15.62 -55.76 0.08
N TYR D 502 16.91 -56.04 0.32
CA TYR D 502 17.44 -57.34 -0.04
C TYR D 502 16.75 -58.45 0.74
N ALA D 503 16.49 -58.23 2.02
CA ALA D 503 15.77 -59.21 2.80
C ALA D 503 14.39 -59.51 2.21
N SER D 504 13.78 -58.52 1.55
CA SER D 504 12.50 -58.73 0.90
C SER D 504 12.63 -59.48 -0.41
N TYR D 505 13.58 -59.10 -1.27
CA TYR D 505 13.73 -59.79 -2.54
C TYR D 505 14.16 -61.25 -2.35
N ILE D 506 15.18 -61.47 -1.52
CA ILE D 506 15.63 -62.82 -1.23
C ILE D 506 14.78 -63.37 -0.09
N MET D 507 13.63 -63.95 -0.42
CA MET D 507 12.65 -64.29 0.60
C MET D 507 13.05 -65.54 1.39
N ASN D 508 13.54 -66.56 0.70
CA ASN D 508 13.83 -67.84 1.31
C ASN D 508 15.29 -68.28 1.08
N GLY D 509 16.18 -67.32 0.91
CA GLY D 509 17.59 -67.63 0.80
C GLY D 509 17.96 -68.32 -0.50
N ILE D 510 19.21 -68.79 -0.53
CA ILE D 510 19.78 -69.49 -1.68
C ILE D 510 20.25 -70.85 -1.23
N ILE D 511 19.88 -71.88 -1.99
CA ILE D 511 20.26 -73.26 -1.70
C ILE D 511 20.91 -73.85 -2.93
N LYS D 512 22.06 -74.50 -2.74
CA LYS D 512 22.86 -75.02 -3.85
C LYS D 512 22.33 -76.40 -4.20
N TRP D 513 21.65 -76.51 -5.34
CA TRP D 513 21.10 -77.79 -5.80
C TRP D 513 21.79 -78.33 -7.04
N GLY D 514 22.91 -77.76 -7.45
CA GLY D 514 23.63 -78.26 -8.60
C GLY D 514 24.72 -77.31 -9.00
N ASP D 515 25.42 -77.67 -10.08
CA ASP D 515 26.50 -76.84 -10.61
C ASP D 515 26.01 -75.55 -11.28
N PRO D 516 24.81 -75.50 -11.88
CA PRO D 516 24.47 -74.29 -12.65
C PRO D 516 24.55 -73.02 -11.82
N VAL D 517 24.18 -73.10 -10.54
CA VAL D 517 24.26 -71.92 -9.69
C VAL D 517 25.71 -71.47 -9.55
N THR D 518 26.62 -72.42 -9.34
CA THR D 518 28.04 -72.07 -9.26
C THR D 518 28.49 -71.39 -10.53
N ARG D 519 28.11 -71.94 -11.69
CA ARG D 519 28.54 -71.36 -12.95
C ARG D 519 28.02 -69.93 -13.09
N VAL D 520 26.74 -69.72 -12.80
CA VAL D 520 26.16 -68.38 -12.97
C VAL D 520 26.83 -67.39 -12.04
N LEU D 521 27.05 -67.79 -10.78
CA LEU D 521 27.68 -66.88 -9.84
C LEU D 521 29.10 -66.54 -10.27
N ASP D 522 29.83 -67.53 -10.80
CA ASP D 522 31.17 -67.26 -11.29
C ASP D 522 31.15 -66.26 -12.43
N ASP D 523 30.20 -66.40 -13.36
CA ASP D 523 30.11 -65.45 -14.45
C ASP D 523 29.82 -64.04 -13.93
N GLY D 524 28.92 -63.94 -12.95
CA GLY D 524 28.65 -62.64 -12.35
C GLY D 524 29.90 -62.04 -11.71
N GLU D 525 30.67 -62.87 -11.02
CA GLU D 525 31.90 -62.38 -10.40
C GLU D 525 32.86 -61.84 -11.44
N LEU D 526 33.02 -62.57 -12.55
CA LEU D 526 33.92 -62.10 -13.60
C LEU D 526 33.45 -60.77 -14.17
N LEU D 527 32.14 -60.65 -14.39
CA LEU D 527 31.61 -59.40 -14.93
C LEU D 527 31.90 -58.23 -13.99
N VAL D 528 31.65 -58.41 -12.69
CA VAL D 528 31.84 -57.31 -11.75
C VAL D 528 33.31 -56.94 -11.68
N GLN D 529 34.21 -57.93 -11.66
CA GLN D 529 35.62 -57.63 -11.65
C GLN D 529 36.01 -56.81 -12.88
N GLN D 530 35.55 -57.23 -14.06
CA GLN D 530 35.87 -56.50 -15.27
C GLN D 530 35.41 -55.06 -15.19
N THR D 531 34.15 -54.84 -14.82
CA THR D 531 33.65 -53.47 -14.78
C THR D 531 34.41 -52.64 -13.76
N LYS D 532 34.86 -53.25 -12.65
CA LYS D 532 35.60 -52.48 -11.66
C LYS D 532 36.95 -52.04 -12.21
N ASN D 533 37.73 -52.97 -12.75
CA ASN D 533 39.14 -52.67 -13.00
C ASN D 533 39.41 -52.06 -14.37
N SER D 534 38.71 -52.50 -15.42
CA SER D 534 39.07 -52.07 -16.76
C SER D 534 38.73 -50.60 -16.98
N ASP D 535 39.18 -50.09 -18.13
CA ASP D 535 38.94 -48.71 -18.53
C ASP D 535 38.36 -48.55 -19.92
N ARG D 536 38.74 -49.41 -20.86
CA ARG D 536 38.28 -49.25 -22.24
C ARG D 536 36.76 -49.32 -22.35
N THR D 537 36.10 -49.99 -21.41
CA THR D 537 34.66 -50.22 -21.43
C THR D 537 34.06 -49.78 -20.12
N PRO D 538 33.85 -48.47 -19.92
CA PRO D 538 33.23 -48.01 -18.68
C PRO D 538 31.81 -48.49 -18.50
N LEU D 539 31.16 -48.95 -19.57
CA LEU D 539 29.77 -49.40 -19.53
C LEU D 539 29.71 -50.86 -19.96
N VAL D 540 29.05 -51.69 -19.15
CA VAL D 540 28.88 -53.10 -19.45
C VAL D 540 27.52 -53.55 -18.94
N SER D 541 26.83 -54.37 -19.72
CA SER D 541 25.51 -54.87 -19.36
C SER D 541 25.42 -56.36 -19.63
N VAL D 542 24.55 -57.01 -18.87
CA VAL D 542 24.36 -58.46 -18.97
C VAL D 542 22.89 -58.77 -18.80
N LEU D 543 22.39 -59.69 -19.63
CA LEU D 543 20.99 -60.09 -19.62
C LEU D 543 20.86 -61.50 -19.07
N LEU D 544 19.96 -61.67 -18.10
CA LEU D 544 19.61 -62.97 -17.56
C LEU D 544 18.33 -63.44 -18.23
N GLU D 545 18.29 -64.71 -18.64
CA GLU D 545 17.15 -65.26 -19.35
C GLU D 545 16.85 -66.66 -18.83
N GLY D 546 15.56 -67.01 -18.84
CA GLY D 546 15.12 -68.32 -18.45
C GLY D 546 13.62 -68.45 -18.48
N PRO D 547 13.12 -69.67 -18.35
CA PRO D 547 11.67 -69.89 -18.36
C PRO D 547 11.05 -69.35 -17.08
N PRO D 548 9.73 -69.16 -17.07
CA PRO D 548 9.09 -68.57 -15.89
C PRO D 548 9.22 -69.46 -14.66
N HIS D 549 9.26 -68.82 -13.50
CA HIS D 549 9.34 -69.50 -12.22
C HIS D 549 10.68 -70.20 -12.01
N SER D 550 11.79 -69.56 -12.37
CA SER D 550 13.11 -70.14 -12.19
C SER D 550 13.97 -69.39 -11.19
N GLY D 551 13.47 -68.31 -10.60
CA GLY D 551 14.21 -67.60 -9.57
C GLY D 551 15.31 -66.70 -10.08
N LYS D 552 15.12 -66.04 -11.22
CA LYS D 552 16.16 -65.17 -11.77
C LYS D 552 16.39 -63.97 -10.87
N THR D 553 15.31 -63.28 -10.49
CA THR D 553 15.43 -62.05 -9.73
C THR D 553 16.31 -62.25 -8.50
N ALA D 554 16.15 -63.39 -7.82
CA ALA D 554 16.97 -63.66 -6.65
C ALA D 554 18.45 -63.71 -7.01
N LEU D 555 18.79 -64.37 -8.12
CA LEU D 555 20.19 -64.45 -8.52
C LEU D 555 20.74 -63.07 -8.84
N ALA D 556 19.96 -62.25 -9.55
CA ALA D 556 20.44 -60.90 -9.86
C ALA D 556 20.69 -60.10 -8.59
N ALA D 557 19.74 -60.16 -7.65
CA ALA D 557 19.91 -59.43 -6.39
C ALA D 557 21.14 -59.94 -5.65
N LYS D 558 21.36 -61.25 -5.64
CA LYS D 558 22.50 -61.79 -4.93
C LYS D 558 23.80 -61.29 -5.53
N ILE D 559 23.92 -61.30 -6.86
CA ILE D 559 25.14 -60.80 -7.49
C ILE D 559 25.35 -59.34 -7.12
N ALA D 560 24.31 -58.52 -7.27
CA ALA D 560 24.46 -57.11 -6.99
C ALA D 560 24.89 -56.87 -5.56
N GLU D 561 24.27 -57.57 -4.60
CA GLU D 561 24.62 -57.39 -3.20
C GLU D 561 26.07 -57.82 -2.95
N GLU D 562 26.48 -58.96 -3.50
CA GLU D 562 27.84 -59.43 -3.30
C GLU D 562 28.86 -58.52 -3.99
N SER D 563 28.41 -57.65 -4.89
CA SER D 563 29.33 -56.75 -5.57
C SER D 563 30.21 -55.98 -4.60
N ASN D 564 29.65 -55.52 -3.48
CA ASN D 564 30.34 -54.62 -2.56
C ASN D 564 30.64 -53.28 -3.20
N PHE D 565 29.74 -52.82 -4.07
CA PHE D 565 29.84 -51.49 -4.65
C PHE D 565 29.32 -50.44 -3.67
N PRO D 566 29.68 -49.18 -3.87
CA PRO D 566 29.14 -48.13 -3.00
C PRO D 566 27.63 -47.97 -3.17
N PHE D 567 27.18 -47.79 -4.40
CA PHE D 567 25.79 -47.44 -4.69
C PHE D 567 25.11 -48.58 -5.43
N ILE D 568 23.97 -49.03 -4.90
CA ILE D 568 23.16 -50.07 -5.51
C ILE D 568 21.70 -49.65 -5.43
N LYS D 569 20.96 -49.91 -6.50
CA LYS D 569 19.57 -49.47 -6.56
C LYS D 569 18.78 -50.40 -7.48
N ILE D 570 17.58 -50.76 -7.04
CA ILE D 570 16.69 -51.63 -7.78
C ILE D 570 15.44 -50.85 -8.13
N CYS D 571 15.09 -50.80 -9.41
CA CYS D 571 13.88 -50.12 -9.87
C CYS D 571 12.92 -51.18 -10.38
N SER D 572 12.17 -51.77 -9.46
CA SER D 572 11.18 -52.78 -9.79
C SER D 572 10.03 -52.11 -10.55
N PRO D 573 9.12 -52.88 -11.15
CA PRO D 573 7.94 -52.29 -11.79
C PRO D 573 6.77 -52.08 -10.85
N ASP D 574 6.90 -52.42 -9.57
CA ASP D 574 5.79 -52.36 -8.63
C ASP D 574 5.69 -51.02 -7.91
N LYS D 575 6.69 -50.15 -8.03
CA LYS D 575 6.67 -48.85 -7.37
C LYS D 575 6.05 -47.76 -8.24
N MET D 576 5.41 -48.14 -9.35
CA MET D 576 4.81 -47.17 -10.26
C MET D 576 3.43 -47.61 -10.72
N ILE D 577 2.72 -48.41 -9.91
CA ILE D 577 1.45 -49.00 -10.33
C ILE D 577 0.52 -47.90 -10.82
N GLY D 578 -0.11 -48.14 -11.96
CA GLY D 578 -1.11 -47.23 -12.48
C GLY D 578 -0.57 -45.99 -13.14
N PHE D 579 0.75 -45.85 -13.25
CA PHE D 579 1.33 -44.69 -13.88
C PHE D 579 1.09 -44.73 -15.39
N SER D 580 1.05 -43.54 -15.99
CA SER D 580 1.05 -43.42 -17.44
C SER D 580 2.49 -43.58 -17.95
N GLU D 581 2.71 -43.24 -19.21
CA GLU D 581 4.04 -43.42 -19.79
C GLU D 581 5.01 -42.36 -19.27
N THR D 582 4.66 -41.09 -19.42
CA THR D 582 5.57 -40.01 -19.08
C THR D 582 6.10 -40.18 -17.67
N ALA D 583 5.25 -40.57 -16.73
CA ALA D 583 5.71 -40.75 -15.35
C ALA D 583 6.78 -41.82 -15.27
N LYS D 584 6.56 -42.94 -15.95
CA LYS D 584 7.56 -44.01 -15.92
C LYS D 584 8.88 -43.54 -16.52
N CYS D 585 8.81 -42.84 -17.65
CA CYS D 585 10.04 -42.37 -18.28
C CYS D 585 10.77 -41.39 -17.36
N GLN D 586 10.02 -40.50 -16.70
CA GLN D 586 10.65 -39.57 -15.76
C GLN D 586 11.32 -40.31 -14.61
N ALA D 587 10.66 -41.34 -14.08
CA ALA D 587 11.25 -42.09 -12.98
C ALA D 587 12.56 -42.75 -13.41
N MET D 588 12.57 -43.37 -14.58
CA MET D 588 13.80 -43.99 -15.06
C MET D 588 14.90 -42.93 -15.25
N LYS D 589 14.54 -41.79 -15.85
CA LYS D 589 15.52 -40.74 -16.04
C LYS D 589 16.11 -40.31 -14.71
N LYS D 590 15.26 -40.15 -13.70
CA LYS D 590 15.75 -39.73 -12.39
C LYS D 590 16.69 -40.77 -11.80
N ILE D 591 16.35 -42.05 -11.90
CA ILE D 591 17.20 -43.08 -11.32
C ILE D 591 18.58 -43.04 -11.96
N PHE D 592 18.62 -42.98 -13.30
CA PHE D 592 19.94 -42.99 -13.94
C PHE D 592 20.69 -41.69 -13.70
N ASP D 593 19.99 -40.56 -13.60
CA ASP D 593 20.69 -39.32 -13.27
C ASP D 593 21.29 -39.39 -11.89
N ASP D 594 20.58 -39.99 -10.94
CA ASP D 594 21.15 -40.21 -9.61
C ASP D 594 22.38 -41.10 -9.69
N ALA D 595 22.30 -42.19 -10.47
CA ALA D 595 23.45 -43.08 -10.58
C ALA D 595 24.63 -42.40 -11.26
N TYR D 596 24.37 -41.36 -12.06
CA TYR D 596 25.44 -40.67 -12.76
C TYR D 596 26.35 -39.86 -11.84
N LYS D 597 25.99 -39.69 -10.56
CA LYS D 597 26.72 -38.82 -9.65
C LYS D 597 27.50 -39.60 -8.61
N SER D 598 28.14 -40.70 -9.02
CA SER D 598 29.02 -41.46 -8.16
C SER D 598 30.26 -41.85 -8.96
N GLN D 599 31.03 -42.80 -8.43
CA GLN D 599 32.22 -43.28 -9.10
C GLN D 599 31.99 -44.61 -9.81
N LEU D 600 31.30 -45.54 -9.15
CA LEU D 600 30.97 -46.82 -9.75
C LEU D 600 29.70 -47.35 -9.11
N SER D 601 28.78 -47.85 -9.92
CA SER D 601 27.49 -48.30 -9.41
C SER D 601 26.94 -49.38 -10.33
N CYS D 602 26.02 -50.16 -9.78
CA CYS D 602 25.29 -51.16 -10.55
C CYS D 602 23.79 -50.96 -10.31
N VAL D 603 23.01 -51.20 -11.36
CA VAL D 603 21.57 -50.98 -11.31
C VAL D 603 20.86 -52.23 -11.82
N VAL D 604 19.65 -52.45 -11.34
CA VAL D 604 18.85 -53.61 -11.69
C VAL D 604 17.52 -53.15 -12.23
N VAL D 605 17.15 -53.64 -13.41
CA VAL D 605 15.85 -53.39 -14.02
C VAL D 605 15.17 -54.74 -14.13
N ASP D 606 14.28 -55.05 -13.20
CA ASP D 606 13.68 -56.36 -13.10
C ASP D 606 12.36 -56.40 -13.88
N ASP D 607 12.07 -57.58 -14.44
CA ASP D 607 10.86 -57.77 -15.25
C ASP D 607 10.76 -56.70 -16.33
N ILE D 608 11.73 -56.74 -17.25
CA ILE D 608 11.75 -55.77 -18.33
C ILE D 608 10.46 -55.86 -19.15
N GLU D 609 9.89 -57.06 -19.26
CA GLU D 609 8.70 -57.24 -20.08
C GLU D 609 7.46 -56.56 -19.48
N ARG D 610 7.35 -56.47 -18.16
CA ARG D 610 6.24 -55.73 -17.58
C ARG D 610 6.50 -54.23 -17.56
N LEU D 611 7.76 -53.81 -17.43
CA LEU D 611 8.07 -52.39 -17.39
C LEU D 611 7.51 -51.68 -18.61
N LEU D 612 7.83 -52.19 -19.79
CA LEU D 612 7.15 -51.81 -21.02
C LEU D 612 6.05 -52.83 -21.26
N ASP D 613 4.81 -52.36 -21.22
CA ASP D 613 3.67 -53.28 -21.22
C ASP D 613 3.71 -54.15 -22.47
N TYR D 614 3.47 -55.44 -22.31
CA TYR D 614 3.37 -56.37 -23.42
C TYR D 614 2.23 -57.34 -23.19
N VAL D 615 1.62 -57.79 -24.29
CA VAL D 615 0.53 -58.76 -24.22
C VAL D 615 0.38 -59.41 -25.59
N PRO D 616 0.43 -60.75 -25.70
CA PRO D 616 0.57 -61.36 -27.03
C PRO D 616 -0.53 -60.98 -28.01
N ILE D 617 -1.77 -60.87 -27.57
CA ILE D 617 -2.83 -60.44 -28.48
C ILE D 617 -2.46 -59.09 -29.04
N GLY D 618 -2.82 -58.85 -30.30
CA GLY D 618 -2.39 -57.66 -30.99
C GLY D 618 -1.29 -57.97 -31.99
N PRO D 619 -0.03 -57.71 -31.61
CA PRO D 619 0.49 -57.33 -30.28
C PRO D 619 0.24 -55.89 -29.93
N ARG D 620 0.53 -55.51 -28.68
CA ARG D 620 0.38 -54.15 -28.22
C ARG D 620 1.39 -53.89 -27.12
N PHE D 621 1.88 -52.66 -27.05
CA PHE D 621 2.85 -52.27 -26.04
C PHE D 621 3.07 -50.77 -26.13
N SER D 622 3.87 -50.24 -25.21
CA SER D 622 4.22 -48.83 -25.19
C SER D 622 5.47 -48.62 -26.04
N ASN D 623 5.58 -47.44 -26.64
CA ASN D 623 6.73 -47.14 -27.49
C ASN D 623 7.70 -46.18 -26.82
N LEU D 624 7.18 -45.16 -26.15
CA LEU D 624 8.05 -44.18 -25.49
C LEU D 624 8.97 -44.87 -24.48
N VAL D 625 8.42 -45.82 -23.72
CA VAL D 625 9.24 -46.53 -22.75
C VAL D 625 10.35 -47.31 -23.44
N LEU D 626 10.01 -47.97 -24.56
CA LEU D 626 11.03 -48.71 -25.29
C LEU D 626 12.14 -47.78 -25.75
N GLN D 627 11.80 -46.63 -26.32
CA GLN D 627 12.83 -45.72 -26.79
C GLN D 627 13.68 -45.22 -25.64
N ALA D 628 13.05 -44.82 -24.54
CA ALA D 628 13.82 -44.33 -23.40
C ALA D 628 14.82 -45.37 -22.94
N LEU D 629 14.34 -46.59 -22.67
CA LEU D 629 15.22 -47.63 -22.18
C LEU D 629 16.33 -47.93 -23.19
N LEU D 630 15.99 -48.00 -24.48
CA LEU D 630 16.99 -48.38 -25.46
C LEU D 630 18.08 -47.33 -25.58
N VAL D 631 17.71 -46.04 -25.55
CA VAL D 631 18.74 -45.01 -25.60
C VAL D 631 19.59 -45.06 -24.34
N LEU D 632 18.97 -45.23 -23.18
CA LEU D 632 19.72 -45.14 -21.93
C LEU D 632 20.79 -46.21 -21.81
N LEU D 633 20.70 -47.30 -22.57
CA LEU D 633 21.67 -48.38 -22.46
C LEU D 633 22.98 -48.09 -23.20
N LYS D 634 23.04 -47.03 -24.00
CA LYS D 634 24.20 -46.78 -24.85
C LYS D 634 24.81 -45.41 -24.59
N LYS D 635 24.55 -44.80 -23.43
CA LYS D 635 25.05 -43.49 -23.07
C LYS D 635 26.06 -43.64 -21.94
N ALA D 636 27.34 -43.45 -22.25
CA ALA D 636 28.38 -43.59 -21.25
C ALA D 636 28.28 -42.46 -20.22
N PRO D 637 28.68 -42.72 -18.98
CA PRO D 637 28.57 -41.71 -17.93
C PRO D 637 29.62 -40.64 -18.12
N PRO D 638 29.69 -39.65 -17.22
CA PRO D 638 30.78 -38.67 -17.29
C PRO D 638 32.13 -39.37 -17.24
N GLN D 639 33.12 -38.71 -17.84
CA GLN D 639 34.43 -39.32 -18.01
C GLN D 639 34.92 -39.96 -16.71
N GLY D 640 35.66 -41.06 -16.86
CA GLY D 640 36.29 -41.67 -15.71
C GLY D 640 35.34 -42.26 -14.69
N ARG D 641 34.12 -42.62 -15.10
CA ARG D 641 33.15 -43.23 -14.21
C ARG D 641 32.63 -44.51 -14.84
N LYS D 642 32.13 -45.42 -14.00
CA LYS D 642 31.82 -46.78 -14.41
C LYS D 642 30.42 -47.16 -13.99
N LEU D 643 29.75 -47.96 -14.81
CA LEU D 643 28.37 -48.36 -14.58
C LEU D 643 28.19 -49.80 -15.03
N LEU D 644 27.26 -50.51 -14.39
CA LEU D 644 26.93 -51.89 -14.73
C LEU D 644 25.42 -52.08 -14.64
N ILE D 645 24.81 -52.52 -15.74
CA ILE D 645 23.37 -52.66 -15.84
C ILE D 645 23.04 -54.12 -16.06
N ILE D 646 22.23 -54.70 -15.16
CA ILE D 646 21.76 -56.07 -15.27
C ILE D 646 20.24 -56.04 -15.37
N GLY D 647 19.69 -56.77 -16.33
CA GLY D 647 18.25 -56.86 -16.49
C GLY D 647 17.81 -58.30 -16.54
N THR D 648 16.52 -58.51 -16.28
CA THR D 648 15.94 -59.84 -16.26
C THR D 648 14.72 -59.88 -17.17
N THR D 649 14.44 -61.08 -17.70
CA THR D 649 13.35 -61.25 -18.65
C THR D 649 12.87 -62.69 -18.60
N SER D 650 11.76 -62.94 -19.29
CA SER D 650 11.19 -64.27 -19.35
C SER D 650 10.78 -64.70 -20.74
N ARG D 651 10.85 -63.81 -21.74
CA ARG D 651 10.47 -64.15 -23.11
C ARG D 651 11.55 -63.56 -24.03
N LYS D 652 12.56 -64.38 -24.33
CA LYS D 652 13.72 -63.89 -25.07
C LYS D 652 13.34 -63.48 -26.49
N ASP D 653 12.48 -64.27 -27.15
CA ASP D 653 12.23 -64.05 -28.57
C ASP D 653 11.65 -62.66 -28.84
N VAL D 654 10.71 -62.22 -28.00
CA VAL D 654 10.11 -60.91 -28.21
C VAL D 654 11.18 -59.84 -28.22
N LEU D 655 12.07 -59.85 -27.22
CA LEU D 655 13.18 -58.91 -27.22
C LEU D 655 14.06 -59.09 -28.44
N GLN D 656 14.16 -60.33 -28.95
CA GLN D 656 14.94 -60.55 -30.14
C GLN D 656 14.38 -59.79 -31.33
N GLU D 657 13.05 -59.75 -31.45
CA GLU D 657 12.46 -59.06 -32.59
C GLU D 657 12.77 -57.58 -32.60
N MET D 658 12.77 -56.93 -31.44
CA MET D 658 12.83 -55.47 -31.35
C MET D 658 14.25 -54.92 -31.43
N GLU D 659 15.20 -55.69 -31.96
CA GLU D 659 16.58 -55.23 -32.11
C GLU D 659 17.21 -54.83 -30.78
N MET D 660 16.73 -55.41 -29.69
CA MET D 660 17.27 -55.10 -28.36
C MET D 660 18.34 -56.09 -27.94
N LEU D 661 18.33 -57.31 -28.46
CA LEU D 661 19.23 -58.35 -27.99
C LEU D 661 20.68 -58.14 -28.42
N ASN D 662 20.93 -57.33 -29.45
CA ASN D 662 22.29 -57.05 -29.88
C ASN D 662 22.89 -55.80 -29.25
N ALA D 663 22.07 -54.98 -28.58
CA ALA D 663 22.60 -53.85 -27.84
C ALA D 663 23.15 -54.26 -26.49
N PHE D 664 22.82 -55.44 -26.01
CA PHE D 664 23.35 -55.96 -24.76
C PHE D 664 24.70 -56.62 -25.00
N SER D 665 25.62 -56.43 -24.06
CA SER D 665 26.98 -56.92 -24.24
C SER D 665 27.03 -58.44 -24.34
N THR D 666 26.29 -59.14 -23.49
CA THR D 666 26.35 -60.59 -23.44
C THR D 666 25.05 -61.12 -22.85
N THR D 667 25.04 -62.40 -22.50
CA THR D 667 23.82 -63.07 -22.06
C THR D 667 24.19 -64.22 -21.13
N ILE D 668 23.21 -64.64 -20.33
CA ILE D 668 23.37 -65.76 -19.41
C ILE D 668 22.08 -66.56 -19.40
N HIS D 669 22.20 -67.88 -19.27
CA HIS D 669 21.06 -68.78 -19.27
C HIS D 669 20.94 -69.47 -17.93
N VAL D 670 19.74 -69.42 -17.35
CA VAL D 670 19.43 -70.05 -16.07
C VAL D 670 18.51 -71.25 -16.36
N PRO D 671 18.95 -72.48 -16.15
CA PRO D 671 18.11 -73.63 -16.47
C PRO D 671 17.16 -73.98 -15.33
N ASN D 672 16.38 -75.05 -15.56
CA ASN D 672 15.47 -75.60 -14.57
C ASN D 672 16.03 -76.90 -14.00
N ILE D 673 15.28 -77.45 -13.04
CA ILE D 673 15.62 -78.77 -12.51
C ILE D 673 15.12 -79.83 -13.48
N ALA D 674 16.03 -80.71 -13.90
CA ALA D 674 15.69 -81.72 -14.90
C ALA D 674 16.30 -83.08 -14.58
N THR D 675 16.45 -83.40 -13.30
CA THR D 675 17.08 -84.67 -12.94
C THR D 675 16.54 -85.13 -11.59
N GLY D 676 16.26 -86.43 -11.50
CA GLY D 676 15.79 -86.98 -10.25
C GLY D 676 16.79 -86.84 -9.13
N GLU D 677 18.08 -87.04 -9.44
CA GLU D 677 19.12 -86.87 -8.43
C GLU D 677 19.11 -85.45 -7.89
N GLN D 678 19.02 -84.47 -8.78
CA GLN D 678 18.98 -83.07 -8.35
C GLN D 678 17.73 -82.79 -7.53
N LEU D 679 16.60 -83.37 -7.93
CA LEU D 679 15.36 -83.18 -7.17
C LEU D 679 15.51 -83.70 -5.76
N LEU D 680 16.07 -84.90 -5.61
CA LEU D 680 16.27 -85.46 -4.28
C LEU D 680 17.26 -84.64 -3.48
N GLU D 681 18.33 -84.15 -4.13
CA GLU D 681 19.29 -83.31 -3.44
C GLU D 681 18.63 -82.05 -2.90
N ALA D 682 17.83 -81.39 -3.74
CA ALA D 682 17.15 -80.17 -3.30
C ALA D 682 16.18 -80.47 -2.17
N LEU D 683 15.43 -81.57 -2.27
CA LEU D 683 14.51 -81.91 -1.20
C LEU D 683 15.25 -82.14 0.11
N GLU D 684 16.38 -82.85 0.06
CA GLU D 684 17.16 -83.07 1.27
C GLU D 684 17.66 -81.75 1.85
N LEU D 685 18.18 -80.87 0.99
CA LEU D 685 18.70 -79.61 1.48
C LEU D 685 17.60 -78.78 2.13
N LEU D 686 16.41 -78.75 1.53
CA LEU D 686 15.32 -77.97 2.09
C LEU D 686 14.92 -78.51 3.46
N GLY D 687 14.91 -79.83 3.63
CA GLY D 687 14.65 -80.42 4.93
C GLY D 687 13.20 -80.80 5.16
N ASN D 688 12.63 -81.58 4.25
CA ASN D 688 11.28 -82.10 4.41
C ASN D 688 11.23 -83.51 3.81
N PHE D 689 10.24 -84.29 4.26
CA PHE D 689 10.05 -85.66 3.79
C PHE D 689 11.27 -86.52 4.13
N LYS D 690 11.59 -86.56 5.42
CA LYS D 690 12.76 -87.29 5.88
C LYS D 690 12.49 -88.80 5.90
N ASP D 691 13.54 -89.56 6.26
CA ASP D 691 13.44 -91.00 6.46
C ASP D 691 12.69 -91.70 5.33
N LYS D 692 11.91 -92.74 5.67
CA LYS D 692 11.29 -93.62 4.69
C LYS D 692 10.64 -92.86 3.53
N GLU D 693 10.17 -91.64 3.80
CA GLU D 693 9.45 -90.88 2.78
C GLU D 693 10.35 -90.60 1.58
N ARG D 694 11.61 -90.23 1.83
CA ARG D 694 12.52 -89.93 0.73
C ARG D 694 12.72 -91.15 -0.15
N THR D 695 12.92 -92.32 0.46
CA THR D 695 13.05 -93.55 -0.32
C THR D 695 11.80 -93.81 -1.13
N THR D 696 10.63 -93.69 -0.49
CA THR D 696 9.38 -93.98 -1.18
C THR D 696 9.21 -93.08 -2.40
N ILE D 697 9.46 -91.79 -2.23
CA ILE D 697 9.32 -90.86 -3.36
C ILE D 697 10.34 -91.18 -4.44
N ALA D 698 11.58 -91.46 -4.03
CA ALA D 698 12.61 -91.78 -5.01
C ALA D 698 12.25 -93.02 -5.81
N GLN D 699 11.45 -93.92 -5.25
CA GLN D 699 11.18 -95.18 -5.92
C GLN D 699 10.50 -94.97 -7.27
N GLN D 700 9.51 -94.08 -7.33
CA GLN D 700 8.65 -93.96 -8.50
C GLN D 700 8.99 -92.78 -9.39
N VAL D 701 10.17 -92.17 -9.23
CA VAL D 701 10.53 -90.96 -9.94
C VAL D 701 11.74 -91.18 -10.85
N LYS D 702 12.73 -91.95 -10.39
CA LYS D 702 13.98 -92.07 -11.13
C LYS D 702 13.78 -92.65 -12.53
N GLY D 703 12.67 -93.32 -12.77
CA GLY D 703 12.45 -93.95 -14.06
C GLY D 703 11.90 -93.02 -15.12
N LYS D 704 12.24 -91.74 -15.04
CA LYS D 704 11.78 -90.76 -16.02
C LYS D 704 12.54 -89.45 -15.76
N LYS D 705 12.16 -88.42 -16.51
CA LYS D 705 12.70 -87.08 -16.35
C LYS D 705 11.62 -86.16 -15.80
N VAL D 706 12.06 -84.99 -15.32
CA VAL D 706 11.16 -83.99 -14.74
C VAL D 706 11.53 -82.62 -15.29
N TRP D 707 10.60 -81.69 -15.17
CA TRP D 707 10.78 -80.34 -15.68
C TRP D 707 9.95 -79.40 -14.81
N ILE D 708 10.63 -78.69 -13.89
CA ILE D 708 9.94 -77.82 -12.96
C ILE D 708 10.92 -76.75 -12.51
N GLY D 709 10.40 -75.55 -12.26
CA GLY D 709 11.18 -74.50 -11.64
C GLY D 709 11.32 -74.75 -10.16
N ILE D 710 11.88 -73.75 -9.47
CA ILE D 710 12.12 -73.88 -8.04
C ILE D 710 10.98 -73.29 -7.23
N LYS D 711 10.41 -72.17 -7.67
CA LYS D 711 9.33 -71.53 -6.93
C LYS D 711 8.10 -72.44 -6.85
N LYS D 712 7.68 -72.96 -7.99
CA LYS D 712 6.53 -73.87 -8.01
C LYS D 712 6.77 -75.05 -7.09
N LEU D 713 8.01 -75.49 -6.95
CA LEU D 713 8.30 -76.61 -6.05
C LEU D 713 7.97 -76.24 -4.61
N LEU D 714 8.38 -75.05 -4.17
CA LEU D 714 8.07 -74.63 -2.81
C LEU D 714 6.57 -74.51 -2.62
N MET D 715 5.87 -73.91 -3.57
CA MET D 715 4.43 -73.79 -3.44
C MET D 715 3.78 -75.16 -3.33
N LEU D 716 4.23 -76.11 -4.15
CA LEU D 716 3.64 -77.44 -4.15
C LEU D 716 3.91 -78.16 -2.84
N ILE D 717 5.12 -78.04 -2.32
CA ILE D 717 5.44 -78.69 -1.05
C ILE D 717 4.56 -78.13 0.07
N GLU D 718 4.43 -76.80 0.12
CA GLU D 718 3.62 -76.21 1.17
C GLU D 718 2.16 -76.63 1.05
N MET D 719 1.64 -76.69 -0.18
CA MET D 719 0.27 -77.18 -0.36
C MET D 719 0.15 -78.62 0.09
N SER D 720 1.16 -79.45 -0.20
CA SER D 720 1.10 -80.85 0.17
C SER D 720 1.05 -81.03 1.68
N LEU D 721 1.82 -80.22 2.42
CA LEU D 721 1.99 -80.48 3.84
C LEU D 721 0.68 -80.45 4.62
N GLN D 722 -0.38 -79.83 4.08
CA GLN D 722 -1.57 -79.56 4.88
C GLN D 722 -2.40 -80.80 5.18
N MET D 723 -2.27 -81.87 4.39
CA MET D 723 -3.06 -83.06 4.66
C MET D 723 -2.48 -83.81 5.85
N ASP D 724 -3.28 -84.75 6.38
CA ASP D 724 -2.86 -85.51 7.54
C ASP D 724 -1.62 -86.34 7.20
N PRO D 725 -0.79 -86.68 8.18
CA PRO D 725 0.43 -87.43 7.86
C PRO D 725 0.12 -88.88 7.61
N GLU D 726 0.03 -89.25 6.34
CA GLU D 726 -0.40 -90.57 5.89
C GLU D 726 -0.36 -90.59 4.37
N TYR D 727 -1.13 -89.69 3.76
CA TYR D 727 -1.29 -89.62 2.31
C TYR D 727 -0.46 -88.53 1.67
N ARG D 728 0.34 -87.80 2.46
CA ARG D 728 1.03 -86.64 1.91
C ARG D 728 1.90 -87.02 0.72
N VAL D 729 2.56 -88.17 0.78
CA VAL D 729 3.36 -88.62 -0.35
C VAL D 729 2.48 -88.83 -1.58
N ARG D 730 1.28 -89.40 -1.38
CA ARG D 730 0.38 -89.61 -2.50
C ARG D 730 -0.01 -88.28 -3.13
N LYS D 731 -0.34 -87.29 -2.31
CA LYS D 731 -0.71 -85.98 -2.83
C LYS D 731 0.45 -85.35 -3.60
N PHE D 732 1.65 -85.42 -3.03
CA PHE D 732 2.81 -84.84 -3.70
C PHE D 732 3.04 -85.51 -5.05
N LEU D 733 2.98 -86.83 -5.09
CA LEU D 733 3.19 -87.54 -6.35
C LEU D 733 2.12 -87.18 -7.37
N ALA D 734 0.86 -87.14 -6.94
CA ALA D 734 -0.22 -86.79 -7.86
C ALA D 734 -0.01 -85.41 -8.44
N LEU D 735 0.32 -84.43 -7.59
CA LEU D 735 0.53 -83.07 -8.07
C LEU D 735 1.71 -83.02 -9.03
N LEU D 736 2.83 -83.65 -8.68
CA LEU D 736 4.00 -83.58 -9.53
C LEU D 736 3.73 -84.22 -10.88
N ARG D 737 3.00 -85.34 -10.90
CA ARG D 737 2.62 -85.94 -12.16
C ARG D 737 1.72 -85.01 -12.96
N GLU D 738 0.79 -84.33 -12.28
CA GLU D 738 -0.14 -83.44 -12.98
C GLU D 738 0.62 -82.40 -13.80
N GLU D 739 1.60 -81.75 -13.20
CA GLU D 739 2.38 -80.72 -13.90
C GLU D 739 3.45 -81.37 -14.79
N GLY D 740 2.97 -82.21 -15.70
CA GLY D 740 3.82 -82.92 -16.62
C GLY D 740 3.96 -82.17 -17.92
N ALA D 741 5.21 -81.87 -18.28
CA ALA D 741 5.51 -81.16 -19.52
C ALA D 741 7.00 -81.32 -19.82
N SER D 742 7.42 -80.72 -20.93
CA SER D 742 8.82 -80.77 -21.34
C SER D 742 9.05 -79.66 -22.35
N PRO D 743 10.31 -79.28 -22.60
CA PRO D 743 10.62 -78.22 -23.56
C PRO D 743 9.99 -78.43 -24.92
N MET E 4 28.56 77.64 -25.12
CA MET E 4 29.83 76.91 -25.07
C MET E 4 30.21 76.60 -23.62
N ALA E 5 30.13 77.62 -22.76
CA ALA E 5 30.46 77.42 -21.36
C ALA E 5 29.49 76.45 -20.69
N GLY E 6 28.22 76.51 -21.04
CA GLY E 6 27.20 75.66 -20.45
C GLY E 6 26.22 76.47 -19.63
N ARG E 7 24.94 76.10 -19.72
CA ARG E 7 23.89 76.81 -19.02
C ARG E 7 22.89 75.81 -18.46
N SER E 8 22.35 76.11 -17.29
CA SER E 8 21.39 75.23 -16.65
C SER E 8 20.13 75.10 -17.50
N MET E 9 19.62 73.87 -17.62
CA MET E 9 18.44 73.60 -18.43
C MET E 9 17.52 72.68 -17.65
N GLN E 10 16.24 72.73 -18.01
CA GLN E 10 15.21 71.89 -17.40
C GLN E 10 14.76 70.84 -18.40
N ALA E 11 14.76 69.58 -17.97
CA ALA E 11 14.38 68.49 -18.85
C ALA E 11 12.90 68.58 -19.22
N ALA E 12 12.55 68.07 -20.38
CA ALA E 12 11.18 68.03 -20.86
C ALA E 12 10.93 66.70 -21.55
N ARG E 13 9.65 66.38 -21.73
CA ARG E 13 9.26 65.16 -22.42
C ARG E 13 9.34 65.37 -23.93
N CYS E 14 9.63 64.28 -24.65
CA CYS E 14 9.71 64.37 -26.10
C CYS E 14 8.35 64.75 -26.68
N PRO E 15 8.28 65.73 -27.60
CA PRO E 15 6.97 66.24 -28.02
C PRO E 15 6.30 65.41 -29.11
N THR E 16 7.10 64.74 -29.96
CA THR E 16 6.55 64.00 -31.09
C THR E 16 7.19 62.63 -31.17
N ASP E 17 6.46 61.68 -31.74
CA ASP E 17 6.97 60.33 -31.91
C ASP E 17 8.18 60.32 -32.85
N GLU E 18 8.09 61.07 -33.95
CA GLU E 18 9.20 61.11 -34.90
C GLU E 18 10.45 61.68 -34.26
N LEU E 19 10.30 62.74 -33.46
CA LEU E 19 11.45 63.29 -32.75
C LEU E 19 12.03 62.28 -31.77
N SER E 20 11.18 61.53 -31.09
CA SER E 20 11.65 60.48 -30.18
C SER E 20 12.47 59.45 -30.94
N LEU E 21 11.96 59.00 -32.09
CA LEU E 21 12.68 57.99 -32.86
C LEU E 21 13.97 58.56 -33.46
N SER E 22 14.02 59.87 -33.70
CA SER E 22 15.21 60.47 -34.29
C SER E 22 16.42 60.40 -33.37
N ASN E 23 16.22 60.09 -32.09
CA ASN E 23 17.32 59.99 -31.13
C ASN E 23 18.07 61.31 -31.01
N CYS E 24 17.34 62.42 -31.17
CA CYS E 24 17.91 63.75 -31.07
C CYS E 24 17.23 64.52 -29.95
N ALA E 25 18.03 65.20 -29.13
CA ALA E 25 17.49 65.99 -28.03
C ALA E 25 16.73 67.18 -28.59
N VAL E 26 15.42 67.20 -28.36
CA VAL E 26 14.56 68.25 -28.91
C VAL E 26 14.75 69.50 -28.07
N VAL E 27 15.10 70.61 -28.73
CA VAL E 27 15.36 71.88 -28.07
C VAL E 27 14.59 72.98 -28.78
N SER E 28 14.41 74.10 -28.07
CA SER E 28 13.80 75.27 -28.68
C SER E 28 14.80 75.98 -29.58
N GLU E 29 14.30 76.54 -30.69
CA GLU E 29 15.16 77.29 -31.58
C GLU E 29 15.76 78.51 -30.91
N LYS E 30 15.11 79.04 -29.87
CA LYS E 30 15.62 80.21 -29.18
C LYS E 30 16.88 79.91 -28.38
N ASP E 31 17.14 78.65 -28.08
CA ASP E 31 18.29 78.24 -27.28
C ASP E 31 19.38 77.55 -28.07
N TYR E 32 19.03 76.75 -29.07
CA TYR E 32 20.00 76.04 -29.89
C TYR E 32 19.42 75.84 -31.28
N GLN E 33 20.22 75.23 -32.15
CA GLN E 33 19.83 74.91 -33.51
C GLN E 33 19.71 73.41 -33.68
N SER E 34 18.96 73.01 -34.71
CA SER E 34 18.75 71.60 -35.02
C SER E 34 20.01 71.05 -35.67
N GLY E 35 20.66 70.09 -35.01
CA GLY E 35 21.87 69.45 -35.50
C GLY E 35 23.07 69.62 -34.59
N GLN E 36 23.08 70.69 -33.80
CA GLN E 36 24.18 70.92 -32.87
C GLN E 36 24.23 69.80 -31.83
N HIS E 37 25.45 69.45 -31.42
CA HIS E 37 25.67 68.42 -30.42
C HIS E 37 26.06 69.07 -29.10
N VAL E 38 25.42 68.62 -28.02
CA VAL E 38 25.63 69.20 -26.69
C VAL E 38 25.97 68.08 -25.72
N ILE E 39 26.90 68.35 -24.82
CA ILE E 39 27.22 67.45 -23.71
C ILE E 39 26.33 67.82 -22.53
N VAL E 40 25.58 66.84 -22.03
CA VAL E 40 24.66 67.05 -20.92
C VAL E 40 25.28 66.45 -19.67
N ARG E 41 25.53 67.28 -18.67
CA ARG E 41 26.12 66.87 -17.40
C ARG E 41 25.04 66.92 -16.32
N THR E 42 24.81 65.77 -15.67
CA THR E 42 23.90 65.70 -14.54
C THR E 42 24.63 65.65 -13.21
N SER E 43 25.92 65.33 -13.21
CA SER E 43 26.75 65.27 -12.02
C SER E 43 28.20 65.18 -12.46
N PRO E 44 29.17 65.25 -11.53
CA PRO E 44 30.58 65.20 -11.97
C PRO E 44 30.91 63.96 -12.76
N ASN E 45 30.29 62.82 -12.46
CA ASN E 45 30.59 61.56 -13.13
C ASN E 45 29.52 61.16 -14.14
N HIS E 46 28.57 62.04 -14.45
CA HIS E 46 27.48 61.75 -15.38
C HIS E 46 27.50 62.79 -16.49
N LYS E 47 28.00 62.39 -17.66
CA LYS E 47 28.00 63.23 -18.85
C LYS E 47 27.57 62.41 -20.05
N TYR E 48 26.70 62.99 -20.87
CA TYR E 48 26.13 62.30 -22.02
C TYR E 48 26.03 63.27 -23.19
N ILE E 49 26.32 62.77 -24.39
CA ILE E 49 26.34 63.59 -25.59
C ILE E 49 25.07 63.32 -26.39
N PHE E 50 24.38 64.40 -26.78
CA PHE E 50 23.12 64.31 -27.50
C PHE E 50 23.17 65.17 -28.74
N THR E 51 22.35 64.81 -29.72
CA THR E 51 22.18 65.58 -30.94
C THR E 51 20.90 66.40 -30.84
N LEU E 52 20.99 67.68 -31.19
CA LEU E 52 19.90 68.61 -30.98
C LEU E 52 18.99 68.69 -32.21
N ARG E 53 17.68 68.77 -31.94
CA ARG E 53 16.67 68.99 -32.97
C ARG E 53 15.72 70.06 -32.46
N THR E 54 15.20 70.86 -33.38
CA THR E 54 14.33 71.98 -33.01
C THR E 54 12.85 71.61 -33.18
N HIS E 55 12.02 72.17 -32.31
CA HIS E 55 10.58 72.00 -32.38
C HIS E 55 9.93 73.27 -31.83
N PRO E 56 8.82 73.72 -32.42
CA PRO E 56 8.18 74.94 -31.91
C PRO E 56 7.72 74.83 -30.46
N SER E 57 7.30 73.64 -30.02
CA SER E 57 6.64 73.47 -28.73
C SER E 57 7.58 73.56 -27.54
N VAL E 58 8.90 73.40 -27.74
CA VAL E 58 9.82 73.40 -26.61
C VAL E 58 9.88 74.78 -26.00
N VAL E 59 9.69 74.85 -24.69
CA VAL E 59 9.76 76.15 -23.98
C VAL E 59 11.22 76.58 -23.90
N PRO E 60 11.52 77.88 -24.04
CA PRO E 60 12.91 78.31 -23.89
C PRO E 60 13.43 78.01 -22.49
N GLY E 61 14.71 77.67 -22.41
CA GLY E 61 15.31 77.28 -21.15
C GLY E 61 15.06 75.86 -20.74
N SER E 62 14.47 75.04 -21.61
CA SER E 62 14.19 73.65 -21.34
C SER E 62 14.56 72.81 -22.55
N VAL E 63 14.94 71.56 -22.28
CA VAL E 63 15.32 70.61 -23.33
C VAL E 63 14.49 69.35 -23.16
N ALA E 64 13.93 68.85 -24.26
CA ALA E 64 13.08 67.67 -24.24
C ALA E 64 13.87 66.45 -24.67
N PHE E 65 13.60 65.32 -24.01
CA PHE E 65 14.27 64.06 -24.30
C PHE E 65 13.24 62.95 -24.39
N SER E 66 13.60 61.89 -25.11
CA SER E 66 12.75 60.70 -25.20
C SER E 66 13.03 59.78 -24.02
N LEU E 67 12.15 58.81 -23.84
CA LEU E 67 12.29 57.88 -22.72
C LEU E 67 13.61 57.13 -22.76
N PRO E 68 14.04 56.56 -23.90
CA PRO E 68 15.36 55.89 -23.90
C PRO E 68 16.50 56.82 -23.53
N GLN E 69 16.48 58.06 -24.04
CA GLN E 69 17.54 59.00 -23.72
C GLN E 69 17.54 59.36 -22.23
N ARG E 70 16.35 59.59 -21.66
CA ARG E 70 16.27 59.89 -20.24
C ARG E 70 16.79 58.73 -19.41
N LYS E 71 16.39 57.51 -19.76
CA LYS E 71 16.84 56.35 -19.01
C LYS E 71 18.35 56.19 -19.11
N TRP E 72 18.92 56.35 -20.31
CA TRP E 72 20.36 56.22 -20.48
C TRP E 72 21.10 57.29 -19.68
N ALA E 73 20.61 58.52 -19.72
CA ALA E 73 21.21 59.62 -18.99
C ALA E 73 20.63 59.81 -17.60
N GLY E 74 19.68 58.97 -17.20
CA GLY E 74 19.06 59.09 -15.90
C GLY E 74 18.52 60.48 -15.64
N LEU E 75 17.52 60.89 -16.43
CA LEU E 75 16.95 62.21 -16.34
C LEU E 75 15.49 62.13 -15.90
N SER E 76 15.06 63.15 -15.15
CA SER E 76 13.70 63.27 -14.67
C SER E 76 13.10 64.54 -15.25
N ILE E 77 11.86 64.46 -15.73
CA ILE E 77 11.19 65.64 -16.23
C ILE E 77 11.09 66.66 -15.11
N GLY E 78 11.64 67.85 -15.33
CA GLY E 78 11.73 68.86 -14.29
C GLY E 78 13.03 68.85 -13.51
N GLN E 79 13.92 67.89 -13.78
CA GLN E 79 15.21 67.86 -13.12
C GLN E 79 16.14 68.91 -13.72
N GLU E 80 17.09 69.38 -12.91
CA GLU E 80 18.04 70.39 -13.33
C GLU E 80 19.30 69.73 -13.85
N ILE E 81 19.77 70.19 -15.02
CA ILE E 81 20.97 69.65 -15.66
C ILE E 81 21.77 70.80 -16.25
N GLU E 82 22.98 70.49 -16.69
CA GLU E 82 23.84 71.43 -17.39
C GLU E 82 24.01 70.98 -18.84
N VAL E 83 23.76 71.88 -19.77
CA VAL E 83 23.85 71.60 -21.20
C VAL E 83 24.92 72.52 -21.79
N ALA E 84 25.92 71.92 -22.43
CA ALA E 84 27.01 72.66 -23.05
C ALA E 84 27.24 72.13 -24.46
N LEU E 85 27.60 73.03 -25.37
CA LEU E 85 27.86 72.63 -26.75
C LEU E 85 29.03 71.66 -26.81
N TYR E 86 28.86 70.61 -27.62
CA TYR E 86 29.88 69.58 -27.80
C TYR E 86 30.26 69.52 -29.27
N SER E 87 31.56 69.40 -29.53
CA SER E 87 32.09 69.33 -30.88
C SER E 87 32.74 67.96 -31.08
N PHE E 88 32.33 67.27 -32.14
CA PHE E 88 32.90 65.97 -32.45
C PHE E 88 34.22 66.12 -33.20
N ASP E 89 35.21 65.33 -32.79
CA ASP E 89 36.48 65.26 -33.50
C ASP E 89 36.29 64.28 -34.66
N LYS E 90 35.72 64.80 -35.75
CA LYS E 90 35.34 63.97 -36.88
C LYS E 90 36.51 63.20 -37.47
N ALA E 91 37.74 63.69 -37.31
CA ALA E 91 38.90 62.93 -37.76
C ALA E 91 39.10 61.65 -36.97
N LYS E 92 38.51 61.55 -35.78
CA LYS E 92 38.71 60.39 -34.92
C LYS E 92 37.38 59.83 -34.40
N GLN E 93 36.36 60.67 -34.32
CA GLN E 93 35.07 60.25 -33.75
C GLN E 93 34.15 59.65 -34.79
N CYS E 94 34.09 60.21 -36.00
CA CYS E 94 33.23 59.68 -37.04
C CYS E 94 33.44 58.18 -37.18
N ILE E 95 32.40 57.42 -36.89
CA ILE E 95 32.51 55.98 -36.71
C ILE E 95 32.53 55.29 -38.07
N GLY E 96 33.41 54.30 -38.21
CA GLY E 96 33.46 53.50 -39.42
C GLY E 96 32.41 52.42 -39.44
N THR E 97 32.33 51.66 -38.35
CA THR E 97 31.35 50.58 -38.24
C THR E 97 30.72 50.62 -36.85
N MET E 98 29.47 50.19 -36.77
CA MET E 98 28.71 50.14 -35.54
C MET E 98 28.30 48.71 -35.23
N THR E 99 28.41 48.33 -33.96
CA THR E 99 27.91 47.06 -33.46
C THR E 99 26.80 47.36 -32.47
N ILE E 100 25.57 47.00 -32.82
CA ILE E 100 24.38 47.31 -32.02
C ILE E 100 23.61 46.03 -31.80
N GLU E 101 23.24 45.77 -30.53
CA GLU E 101 22.38 44.65 -30.20
C GLU E 101 20.93 45.08 -30.39
N ILE E 102 20.15 44.23 -31.06
CA ILE E 102 18.78 44.55 -31.45
C ILE E 102 17.84 43.53 -30.83
N ASP E 103 16.70 44.03 -30.35
CA ASP E 103 15.64 43.19 -29.79
C ASP E 103 14.30 43.88 -30.00
N PHE E 104 13.24 43.08 -29.95
CA PHE E 104 11.90 43.63 -30.11
C PHE E 104 11.52 44.41 -28.85
N LEU E 105 11.00 45.63 -29.05
CA LEU E 105 10.68 46.50 -27.92
C LEU E 105 9.57 45.90 -27.07
N GLN E 106 8.51 45.42 -27.70
CA GLN E 106 7.33 44.91 -27.01
C GLN E 106 7.29 43.40 -27.11
N LYS E 107 7.08 42.73 -25.98
CA LYS E 107 6.92 41.28 -26.00
C LYS E 107 5.65 40.86 -26.71
N LYS E 108 4.59 41.67 -26.59
CA LYS E 108 3.35 41.35 -27.30
C LYS E 108 3.55 41.34 -28.80
N ASN E 109 4.52 42.12 -29.30
CA ASN E 109 4.72 42.30 -30.73
C ASN E 109 5.90 41.51 -31.27
N ILE E 110 6.53 40.65 -30.44
CA ILE E 110 7.63 39.84 -30.93
C ILE E 110 7.14 38.96 -32.07
N ASP E 111 7.85 39.02 -33.20
CA ASP E 111 7.50 38.24 -34.38
C ASP E 111 8.76 37.61 -34.94
N SER E 112 8.58 36.45 -35.58
CA SER E 112 9.69 35.71 -36.18
C SER E 112 9.95 36.08 -37.63
N ASN E 113 9.18 37.01 -38.19
CA ASN E 113 9.35 37.34 -39.60
C ASN E 113 10.76 37.89 -39.84
N PRO E 114 11.41 37.49 -40.93
CA PRO E 114 12.75 38.00 -41.19
C PRO E 114 12.73 39.49 -41.51
N TYR E 115 13.78 40.18 -41.06
CA TYR E 115 13.97 41.59 -41.36
C TYR E 115 15.34 41.76 -41.99
N ASP E 116 15.38 42.43 -43.15
CA ASP E 116 16.62 42.56 -43.88
C ASP E 116 17.60 43.43 -43.10
N THR E 117 18.70 42.84 -42.65
CA THR E 117 19.69 43.59 -41.89
C THR E 117 20.30 44.71 -42.72
N ASP E 118 20.54 44.45 -44.00
CA ASP E 118 21.12 45.47 -44.86
C ASP E 118 20.17 46.65 -45.03
N LYS E 119 18.90 46.38 -45.31
CA LYS E 119 17.91 47.44 -45.33
C LYS E 119 17.76 48.06 -43.94
N MET E 120 17.82 47.23 -42.90
CA MET E 120 17.77 47.72 -41.53
C MET E 120 18.89 48.72 -41.26
N ALA E 121 20.13 48.34 -41.62
CA ALA E 121 21.27 49.23 -41.40
C ALA E 121 21.16 50.48 -42.27
N ALA E 122 20.65 50.32 -43.49
CA ALA E 122 20.51 51.47 -44.38
C ALA E 122 19.54 52.49 -43.78
N GLU E 123 18.40 52.02 -43.27
CA GLU E 123 17.44 52.92 -42.64
C GLU E 123 18.03 53.54 -41.37
N PHE E 124 18.76 52.74 -40.60
CA PHE E 124 19.44 53.27 -39.42
C PHE E 124 20.34 54.44 -39.79
N ILE E 125 21.18 54.25 -40.81
CA ILE E 125 22.08 55.31 -41.25
C ILE E 125 21.29 56.51 -41.76
N GLN E 126 20.26 56.26 -42.57
CA GLN E 126 19.47 57.35 -43.12
C GLN E 126 18.82 58.19 -42.02
N GLN E 127 18.42 57.58 -40.91
CA GLN E 127 17.76 58.32 -39.85
C GLN E 127 18.72 58.93 -38.85
N PHE E 128 19.89 58.33 -38.63
CA PHE E 128 20.77 58.75 -37.55
C PHE E 128 22.11 59.28 -38.04
N ASN E 129 22.18 59.72 -39.30
CA ASN E 129 23.40 60.36 -39.78
C ASN E 129 23.63 61.67 -39.03
N ASN E 130 24.91 61.94 -38.72
CA ASN E 130 25.28 63.17 -38.00
C ASN E 130 24.62 63.22 -36.64
N GLN E 131 24.69 62.12 -35.88
CA GLN E 131 24.13 62.06 -34.55
C GLN E 131 25.18 61.47 -33.59
N ALA E 132 25.04 61.82 -32.32
CA ALA E 132 25.98 61.39 -31.29
C ALA E 132 25.59 60.01 -30.78
N PHE E 133 26.55 59.09 -30.81
CA PHE E 133 26.36 57.73 -30.33
C PHE E 133 27.48 57.37 -29.37
N SER E 134 27.12 56.75 -28.26
CA SER E 134 28.07 56.35 -27.23
C SER E 134 27.92 54.87 -26.95
N VAL E 135 29.04 54.21 -26.63
CA VAL E 135 29.01 52.79 -26.31
C VAL E 135 28.01 52.56 -25.19
N GLY E 136 27.09 51.62 -25.41
CA GLY E 136 26.06 51.33 -24.44
C GLY E 136 24.86 52.23 -24.50
N GLN E 137 24.85 53.23 -25.38
CA GLN E 137 23.70 54.12 -25.50
C GLN E 137 22.49 53.35 -25.97
N GLN E 138 21.34 53.63 -25.36
CA GLN E 138 20.09 52.95 -25.67
C GLN E 138 19.18 53.89 -26.46
N LEU E 139 18.50 53.33 -27.46
CA LEU E 139 17.58 54.10 -28.29
C LEU E 139 16.54 53.16 -28.87
N VAL E 140 15.50 53.75 -29.44
CA VAL E 140 14.40 53.02 -30.07
C VAL E 140 14.39 53.37 -31.55
N PHE E 141 14.44 52.35 -32.40
CA PHE E 141 14.46 52.51 -33.85
C PHE E 141 13.21 51.89 -34.45
N SER E 142 12.57 52.62 -35.36
CA SER E 142 11.35 52.17 -36.03
C SER E 142 11.69 51.76 -37.45
N PHE E 143 11.26 50.57 -37.84
CA PHE E 143 11.48 50.07 -39.19
C PHE E 143 10.29 49.21 -39.58
N ASN E 144 9.63 49.58 -40.69
CA ASN E 144 8.44 48.88 -41.16
C ASN E 144 7.39 48.81 -40.06
N ASP E 145 7.20 49.93 -39.36
CA ASP E 145 6.22 50.04 -38.28
C ASP E 145 6.53 49.05 -37.16
N LYS E 146 7.82 48.84 -36.88
CA LYS E 146 8.26 47.95 -35.83
C LYS E 146 9.33 48.65 -34.98
N LEU E 147 9.14 48.60 -33.67
CA LEU E 147 10.03 49.25 -32.72
C LEU E 147 11.03 48.24 -32.17
N PHE E 148 12.29 48.65 -32.07
CA PHE E 148 13.36 47.81 -31.56
C PHE E 148 14.06 48.49 -30.39
N GLY E 149 14.57 47.69 -29.47
CA GLY E 149 15.43 48.19 -28.42
C GLY E 149 16.87 48.02 -28.81
N LEU E 150 17.57 49.14 -29.03
CA LEU E 150 18.92 49.15 -29.55
C LEU E 150 19.89 49.67 -28.50
N LEU E 151 21.02 48.99 -28.37
CA LEU E 151 22.08 49.39 -27.47
C LEU E 151 23.40 49.37 -28.23
N VAL E 152 24.22 50.39 -28.02
CA VAL E 152 25.51 50.46 -28.69
C VAL E 152 26.46 49.49 -28.01
N LYS E 153 26.99 48.55 -28.79
CA LYS E 153 27.87 47.50 -28.26
C LYS E 153 29.35 47.75 -28.54
N ASP E 154 29.68 48.21 -29.74
CA ASP E 154 31.07 48.48 -30.08
C ASP E 154 31.13 49.70 -30.99
N ILE E 155 32.24 50.42 -30.89
CA ILE E 155 32.52 51.58 -31.74
C ILE E 155 33.98 51.54 -32.15
N GLU E 156 34.24 51.86 -33.41
CA GLU E 156 35.59 51.86 -33.95
C GLU E 156 35.84 53.18 -34.66
N ALA E 157 37.11 53.59 -34.75
CA ALA E 157 37.50 54.86 -35.41
C ALA E 157 38.65 54.57 -36.38
N ARG E 172 42.31 49.57 -36.52
CA ARG E 172 41.36 50.65 -36.18
C ARG E 172 41.63 51.16 -34.76
N GLN E 173 41.05 52.30 -34.38
CA GLN E 173 41.18 52.87 -33.02
C GLN E 173 39.80 52.88 -32.37
N LYS E 174 39.65 52.38 -31.15
CA LYS E 174 38.37 52.27 -30.49
C LYS E 174 38.05 53.55 -29.72
N ILE E 175 36.79 53.97 -29.79
CA ILE E 175 36.33 55.18 -29.11
C ILE E 175 35.03 54.85 -28.38
N GLU E 176 34.72 55.66 -27.37
CA GLU E 176 33.49 55.50 -26.61
C GLU E 176 32.32 56.24 -27.25
N VAL E 177 32.55 57.45 -27.75
CA VAL E 177 31.52 58.26 -28.38
C VAL E 177 31.99 58.65 -29.77
N GLY E 178 31.12 58.49 -30.76
CA GLY E 178 31.42 58.86 -32.13
C GLY E 178 30.22 59.47 -32.81
N LEU E 179 30.44 59.92 -34.04
CA LEU E 179 29.41 60.57 -34.85
C LEU E 179 29.11 59.70 -36.06
N VAL E 180 27.82 59.41 -36.27
CA VAL E 180 27.41 58.64 -37.45
C VAL E 180 27.51 59.54 -38.67
N VAL E 181 28.10 59.00 -39.74
CA VAL E 181 28.30 59.73 -40.98
C VAL E 181 27.75 58.89 -42.13
N GLY E 182 27.90 59.42 -43.34
CA GLY E 182 27.34 58.74 -44.51
C GLY E 182 27.90 57.35 -44.71
N ASN E 183 29.20 57.17 -44.45
CA ASN E 183 29.87 55.90 -44.66
C ASN E 183 29.88 55.01 -43.42
N SER E 184 29.23 55.43 -42.34
CA SER E 184 29.17 54.60 -41.14
C SER E 184 28.41 53.32 -41.42
N GLN E 185 28.96 52.20 -40.95
CA GLN E 185 28.37 50.89 -41.12
C GLN E 185 27.76 50.44 -39.80
N VAL E 186 26.68 49.67 -39.88
CA VAL E 186 25.94 49.22 -38.71
C VAL E 186 25.83 47.70 -38.74
N ALA E 187 26.26 47.06 -37.66
CA ALA E 187 26.20 45.62 -37.51
C ALA E 187 25.21 45.28 -36.41
N PHE E 188 24.35 44.31 -36.67
CA PHE E 188 23.24 43.97 -35.78
C PHE E 188 23.39 42.55 -35.26
N GLU E 189 23.24 42.40 -33.94
CA GLU E 189 23.25 41.10 -33.29
C GLU E 189 22.03 41.01 -32.38
N LYS E 190 21.24 39.95 -32.54
CA LYS E 190 20.04 39.81 -31.75
C LYS E 190 20.39 39.63 -30.28
N ALA E 191 19.53 40.16 -29.41
CA ALA E 191 19.74 40.02 -27.98
C ALA E 191 19.59 38.56 -27.56
N GLU E 192 20.16 38.25 -26.40
CA GLU E 192 20.05 36.89 -25.88
C GLU E 192 18.58 36.52 -25.69
N ASN E 193 18.23 35.31 -26.11
CA ASN E 193 16.86 34.80 -26.13
C ASN E 193 15.98 35.51 -27.15
N SER E 194 16.56 36.35 -28.00
CA SER E 194 15.76 37.05 -29.00
C SER E 194 15.28 36.07 -30.07
N SER E 195 14.01 36.19 -30.43
CA SER E 195 13.45 35.42 -31.53
C SER E 195 13.58 36.14 -32.87
N LEU E 196 14.23 37.30 -32.89
CA LEU E 196 14.38 38.04 -34.13
C LEU E 196 15.06 37.18 -35.18
N ASN E 197 14.47 37.14 -36.38
CA ASN E 197 14.99 36.34 -37.48
C ASN E 197 15.89 37.25 -38.32
N LEU E 198 17.11 37.45 -37.83
CA LEU E 198 18.07 38.31 -38.50
C LEU E 198 18.65 37.59 -39.70
N ILE E 199 18.50 38.19 -40.89
CA ILE E 199 19.03 37.65 -42.13
C ILE E 199 19.77 38.76 -42.86
N GLY E 200 20.62 38.35 -43.79
CA GLY E 200 21.46 39.28 -44.53
C GLY E 200 22.89 39.27 -44.03
N LYS E 201 23.71 40.06 -44.71
CA LYS E 201 25.14 40.11 -44.41
C LYS E 201 25.47 41.01 -43.24
N ALA E 202 24.56 41.91 -42.86
CA ALA E 202 24.79 42.84 -41.75
C ALA E 202 24.42 42.15 -40.45
N LYS E 203 25.34 41.34 -39.94
CA LYS E 203 25.14 40.60 -38.70
C LYS E 203 26.45 40.60 -37.92
N THR E 204 26.39 40.12 -36.69
CA THR E 204 27.56 40.08 -35.82
C THR E 204 28.07 41.49 -35.53
N GLN E 209 33.46 24.61 -30.86
CA GLN E 209 33.22 23.84 -29.66
C GLN E 209 31.75 23.90 -29.26
N SER E 210 30.97 22.90 -29.68
CA SER E 210 29.56 22.85 -29.32
C SER E 210 29.33 21.96 -28.10
N ILE E 211 29.67 20.67 -28.21
CA ILE E 211 29.40 19.72 -27.14
C ILE E 211 30.66 18.93 -26.79
N ILE E 212 31.39 18.48 -27.82
CA ILE E 212 32.46 17.53 -27.59
C ILE E 212 33.58 18.17 -26.77
N ASN E 213 34.24 17.35 -25.96
CA ASN E 213 35.41 17.73 -25.19
C ASN E 213 36.68 17.40 -25.97
N PRO E 214 37.80 18.04 -25.63
CA PRO E 214 39.03 17.79 -26.40
C PRO E 214 39.46 16.33 -26.41
N ASP E 215 39.27 15.61 -25.31
CA ASP E 215 39.73 14.23 -25.21
C ASP E 215 38.70 13.30 -25.85
N TRP E 216 39.06 12.71 -26.99
CA TRP E 216 38.26 11.70 -27.65
C TRP E 216 39.14 10.53 -28.07
N ASN E 217 40.05 10.13 -27.18
CA ASN E 217 40.88 8.97 -27.47
C ASN E 217 40.03 7.73 -27.67
N PHE E 218 39.01 7.55 -26.83
CA PHE E 218 38.09 6.42 -26.91
C PHE E 218 38.76 5.14 -26.41
N GLU E 219 40.05 5.22 -26.07
CA GLU E 219 40.78 4.12 -25.48
C GLU E 219 41.28 4.44 -24.08
N LYS E 220 41.73 5.67 -23.85
CA LYS E 220 42.13 6.07 -22.51
C LYS E 220 41.00 5.83 -21.52
N MET E 221 39.75 6.01 -21.96
CA MET E 221 38.61 5.77 -21.08
C MET E 221 38.59 4.32 -20.61
N GLY E 222 38.82 3.38 -21.51
CA GLY E 222 38.90 1.98 -21.14
C GLY E 222 38.02 1.06 -21.97
N ILE E 223 37.27 1.62 -22.91
CA ILE E 223 36.39 0.79 -23.73
C ILE E 223 37.22 -0.19 -24.55
N GLY E 224 36.62 -1.32 -24.88
CA GLY E 224 37.29 -2.35 -25.63
C GLY E 224 37.14 -2.19 -27.13
N GLY E 225 37.13 -3.30 -27.86
CA GLY E 225 37.03 -3.25 -29.31
C GLY E 225 35.65 -2.93 -29.81
N LEU E 226 35.07 -1.83 -29.32
CA LEU E 226 33.76 -1.37 -29.74
C LEU E 226 33.93 0.04 -30.30
N ASP E 227 34.29 0.13 -31.58
CA ASP E 227 34.52 1.40 -32.25
C ASP E 227 33.44 1.71 -33.29
N LYS E 228 33.08 0.71 -34.10
CA LYS E 228 32.04 0.92 -35.10
C LYS E 228 30.74 1.40 -34.46
N GLU E 229 30.48 0.98 -33.24
CA GLU E 229 29.23 1.35 -32.58
C GLU E 229 29.14 2.85 -32.37
N PHE E 230 30.23 3.47 -31.90
CA PHE E 230 30.20 4.92 -31.70
C PHE E 230 30.04 5.65 -33.03
N SER E 231 30.70 5.16 -34.08
CA SER E 231 30.54 5.79 -35.39
C SER E 231 29.08 5.72 -35.84
N ASP E 232 28.47 4.54 -35.71
CA ASP E 232 27.10 4.38 -36.17
C ASP E 232 26.13 5.24 -35.35
N ILE E 233 26.31 5.28 -34.03
CA ILE E 233 25.41 6.10 -33.22
C ILE E 233 25.60 7.57 -33.54
N PHE E 234 26.85 8.01 -33.69
CA PHE E 234 27.10 9.41 -34.06
C PHE E 234 26.45 9.73 -35.40
N ARG E 235 26.43 8.76 -36.31
CA ARG E 235 25.71 8.94 -37.56
C ARG E 235 24.22 9.10 -37.30
N ARG E 236 23.63 8.20 -36.52
CA ARG E 236 22.19 8.23 -36.29
C ARG E 236 21.80 9.45 -35.46
N ALA E 237 22.48 9.68 -34.35
CA ALA E 237 22.23 10.82 -33.48
C ALA E 237 23.57 11.43 -33.10
N PHE E 238 23.53 12.50 -32.29
CA PHE E 238 24.67 13.34 -31.95
C PHE E 238 25.17 14.18 -33.13
N ALA E 239 24.61 14.00 -34.33
CA ALA E 239 25.07 14.76 -35.49
C ALA E 239 24.34 16.11 -35.58
N SER E 240 23.02 16.07 -35.79
CA SER E 240 22.28 17.29 -36.08
C SER E 240 22.45 18.32 -34.97
N ARG E 241 22.77 17.88 -33.75
CA ARG E 241 22.90 18.78 -32.63
C ARG E 241 24.14 19.68 -32.72
N VAL E 242 25.08 19.39 -33.61
CA VAL E 242 26.29 20.20 -33.79
C VAL E 242 26.39 20.57 -35.27
N PHE E 243 25.78 21.70 -35.65
CA PHE E 243 25.80 22.27 -36.99
C PHE E 243 25.37 23.74 -36.98
N PRO E 244 25.60 24.47 -38.08
CA PRO E 244 25.10 25.85 -38.15
C PRO E 244 23.60 25.89 -38.04
N PRO E 245 23.03 26.90 -37.37
CA PRO E 245 21.57 26.98 -37.29
C PRO E 245 20.91 27.06 -38.65
N GLU E 246 21.57 27.70 -39.62
CA GLU E 246 20.99 27.85 -40.95
C GLU E 246 20.66 26.49 -41.54
N ILE E 247 21.57 25.53 -41.39
CA ILE E 247 21.37 24.20 -41.97
C ILE E 247 20.08 23.58 -41.44
N VAL E 248 19.97 23.47 -40.11
CA VAL E 248 18.81 22.81 -39.53
C VAL E 248 17.54 23.59 -39.85
N GLU E 249 17.61 24.92 -39.82
CA GLU E 249 16.43 25.72 -40.09
C GLU E 249 15.90 25.48 -41.51
N GLN E 250 16.79 25.48 -42.50
CA GLN E 250 16.35 25.21 -43.86
C GLN E 250 15.82 23.78 -43.97
N MET E 251 16.56 22.83 -43.42
CA MET E 251 16.14 21.44 -43.48
C MET E 251 14.84 21.22 -42.71
N GLY E 252 14.68 21.90 -41.58
CA GLY E 252 13.47 21.77 -40.79
C GLY E 252 13.26 20.39 -40.24
N CYS E 253 14.31 19.81 -39.66
CA CYS E 253 14.26 18.48 -39.08
C CYS E 253 14.57 18.56 -37.59
N LYS E 254 13.68 17.98 -36.78
CA LYS E 254 13.90 17.91 -35.34
C LYS E 254 14.95 16.85 -35.02
N HIS E 255 15.60 17.01 -33.87
CA HIS E 255 16.63 16.10 -33.43
C HIS E 255 15.99 14.78 -32.98
N VAL E 256 16.81 13.86 -32.49
CA VAL E 256 16.35 12.58 -31.97
C VAL E 256 16.65 12.55 -30.48
N LYS E 257 15.66 12.12 -29.70
CA LYS E 257 15.74 12.16 -28.23
C LYS E 257 15.47 10.79 -27.62
N GLY E 258 16.01 9.74 -28.22
CA GLY E 258 15.77 8.41 -27.70
C GLY E 258 16.77 7.37 -28.16
N ILE E 259 17.29 6.58 -27.22
CA ILE E 259 18.22 5.51 -27.52
C ILE E 259 18.05 4.42 -26.48
N LEU E 260 18.14 3.17 -26.91
CA LEU E 260 18.01 2.02 -26.03
C LEU E 260 19.20 1.10 -26.24
N LEU E 261 19.81 0.66 -25.15
CA LEU E 261 20.93 -0.27 -25.18
C LEU E 261 20.53 -1.58 -24.52
N TYR E 262 20.81 -2.69 -25.21
CA TYR E 262 20.51 -4.02 -24.69
C TYR E 262 21.58 -4.99 -25.15
N GLY E 263 21.77 -6.05 -24.36
CA GLY E 263 22.72 -7.08 -24.69
C GLY E 263 22.83 -8.13 -23.60
N PRO E 264 23.64 -9.15 -23.85
CA PRO E 264 23.87 -10.19 -22.84
C PRO E 264 24.61 -9.62 -21.64
N PRO E 265 24.49 -10.24 -20.47
CA PRO E 265 25.10 -9.66 -19.28
C PRO E 265 26.61 -9.53 -19.42
N GLY E 266 27.15 -8.47 -18.82
CA GLY E 266 28.59 -8.29 -18.75
C GLY E 266 29.25 -8.03 -20.09
N CYS E 267 28.94 -6.89 -20.71
CA CYS E 267 29.62 -6.45 -21.92
C CYS E 267 30.24 -5.06 -21.80
N GLY E 268 29.97 -4.34 -20.72
CA GLY E 268 30.52 -3.01 -20.53
C GLY E 268 29.55 -1.87 -20.65
N LYS E 269 28.24 -2.14 -20.67
CA LYS E 269 27.26 -1.07 -20.88
C LYS E 269 27.32 -0.04 -19.76
N THR E 270 27.43 -0.50 -18.51
CA THR E 270 27.48 0.43 -17.40
C THR E 270 28.71 1.33 -17.47
N LEU E 271 29.84 0.78 -17.94
CA LEU E 271 31.03 1.61 -18.14
C LEU E 271 30.76 2.70 -19.16
N LEU E 272 30.08 2.34 -20.26
CA LEU E 272 29.75 3.36 -21.26
C LEU E 272 28.87 4.43 -20.66
N ALA E 273 27.88 4.03 -19.86
CA ALA E 273 27.02 5.02 -19.22
C ALA E 273 27.81 5.93 -18.30
N ARG E 274 28.77 5.37 -17.55
CA ARG E 274 29.56 6.18 -16.64
C ARG E 274 30.44 7.17 -17.39
N GLN E 275 31.13 6.71 -18.43
CA GLN E 275 32.10 7.56 -19.10
C GLN E 275 31.44 8.59 -20.02
N ILE E 276 30.30 8.24 -20.62
CA ILE E 276 29.66 9.18 -21.54
C ILE E 276 29.32 10.48 -20.83
N GLY E 277 29.12 10.42 -19.51
CA GLY E 277 28.91 11.64 -18.76
C GLY E 277 30.13 12.55 -18.73
N LYS E 278 31.28 12.04 -19.14
CA LYS E 278 32.52 12.82 -19.18
C LYS E 278 32.76 13.44 -20.55
N MET E 279 32.70 12.63 -21.61
CA MET E 279 32.97 13.11 -22.96
C MET E 279 31.77 13.94 -23.45
N LEU E 280 31.62 15.10 -22.83
CA LEU E 280 30.53 16.01 -23.20
C LEU E 280 30.77 17.34 -22.50
N ASN E 281 30.58 18.44 -23.24
CA ASN E 281 30.77 19.78 -22.71
C ASN E 281 29.45 20.44 -22.31
N ALA E 282 28.50 19.66 -21.81
CA ALA E 282 27.27 20.14 -21.24
C ALA E 282 27.23 19.76 -19.76
N ARG E 283 26.11 20.03 -19.10
CA ARG E 283 26.07 19.77 -17.67
C ARG E 283 26.12 18.26 -17.47
N GLU E 284 26.58 17.84 -16.30
CA GLU E 284 26.69 16.42 -16.05
C GLU E 284 25.30 15.77 -16.12
N PRO E 285 25.14 14.69 -16.87
CA PRO E 285 23.82 14.05 -16.97
C PRO E 285 23.47 13.27 -15.71
N LYS E 286 22.21 13.40 -15.29
CA LYS E 286 21.72 12.65 -14.15
C LYS E 286 21.53 11.18 -14.50
N VAL E 287 21.54 10.33 -13.47
CA VAL E 287 21.35 8.89 -13.64
C VAL E 287 20.36 8.41 -12.59
N VAL E 288 19.78 7.24 -12.84
CA VAL E 288 18.78 6.65 -11.97
C VAL E 288 19.11 5.17 -11.78
N ASN E 289 19.04 4.71 -10.54
CA ASN E 289 19.39 3.34 -10.17
C ASN E 289 18.12 2.50 -10.12
N GLY E 290 17.50 2.29 -11.27
CA GLY E 290 16.37 1.40 -11.40
C GLY E 290 15.21 1.78 -10.49
N PRO E 291 14.76 0.84 -9.64
CA PRO E 291 13.56 1.09 -8.83
C PRO E 291 13.83 1.81 -7.51
N GLU E 292 13.95 3.14 -7.55
CA GLU E 292 13.99 3.91 -6.31
C GLU E 292 13.06 5.13 -6.36
N ILE E 293 11.99 5.06 -7.15
CA ILE E 293 11.08 6.19 -7.28
C ILE E 293 9.87 6.06 -6.35
N LEU E 294 9.55 4.85 -5.91
CA LEU E 294 8.30 4.60 -5.22
C LEU E 294 8.34 5.13 -3.79
N ASN E 295 7.15 5.38 -3.23
CA ASN E 295 7.00 5.96 -1.91
C ASN E 295 5.71 5.42 -1.28
N LYS E 296 5.43 5.88 -0.07
CA LYS E 296 4.22 5.49 0.68
C LYS E 296 3.42 6.74 0.98
N TYR E 297 2.64 7.22 0.02
CA TYR E 297 1.91 8.47 0.22
C TYR E 297 0.86 8.66 -0.86
N VAL E 298 0.27 9.86 -0.92
CA VAL E 298 -0.73 10.23 -1.91
C VAL E 298 -0.34 9.73 -3.29
N GLY E 299 0.96 9.58 -3.53
CA GLY E 299 1.44 9.15 -4.83
C GLY E 299 2.34 10.17 -5.47
N GLU E 300 3.12 10.88 -4.64
CA GLU E 300 4.02 11.90 -5.16
C GLU E 300 4.97 11.37 -6.22
N SER E 301 5.13 10.05 -6.32
CA SER E 301 6.07 9.45 -7.27
C SER E 301 6.00 10.11 -8.65
N GLU E 302 4.82 10.60 -9.02
CA GLU E 302 4.68 11.29 -10.30
C GLU E 302 5.47 12.59 -10.31
N ALA E 303 5.30 13.41 -9.26
CA ALA E 303 6.15 14.59 -9.13
C ALA E 303 7.62 14.20 -8.98
N ASN E 304 7.88 13.05 -8.36
CA ASN E 304 9.25 12.57 -8.21
C ASN E 304 9.90 12.37 -9.57
N ILE E 305 9.21 11.69 -10.48
CA ILE E 305 9.75 11.50 -11.82
C ILE E 305 9.82 12.82 -12.57
N ARG E 306 8.77 13.65 -12.45
CA ARG E 306 8.80 14.95 -13.12
C ARG E 306 9.96 15.83 -12.66
N LYS E 307 10.46 15.62 -11.45
CA LYS E 307 11.55 16.44 -10.94
C LYS E 307 12.80 16.36 -11.80
N LEU E 308 12.96 15.32 -12.61
CA LEU E 308 14.13 15.15 -13.45
C LEU E 308 14.01 15.90 -14.78
N PHE E 309 12.85 16.48 -15.07
CA PHE E 309 12.63 17.20 -16.31
C PHE E 309 12.43 18.70 -16.11
N ALA E 310 12.29 19.16 -14.86
CA ALA E 310 11.99 20.57 -14.62
C ALA E 310 13.08 21.48 -15.15
N ASP E 311 14.35 21.10 -14.93
CA ASP E 311 15.45 21.96 -15.35
C ASP E 311 15.45 22.15 -16.87
N ALA E 312 15.22 21.07 -17.62
CA ALA E 312 15.18 21.19 -19.07
C ALA E 312 14.06 22.12 -19.52
N GLU E 313 12.88 21.98 -18.91
CA GLU E 313 11.76 22.85 -19.27
C GLU E 313 12.09 24.30 -18.97
N GLU E 314 12.68 24.57 -17.80
CA GLU E 314 13.06 25.93 -17.46
C GLU E 314 14.05 26.49 -18.48
N GLU E 315 15.08 25.71 -18.82
CA GLU E 315 16.08 26.22 -19.75
C GLU E 315 15.46 26.49 -21.11
N GLN E 316 14.58 25.60 -21.59
CA GLN E 316 13.94 25.83 -22.87
C GLN E 316 13.08 27.09 -22.83
N ARG E 317 12.33 27.27 -21.74
CA ARG E 317 11.47 28.45 -21.66
C ARG E 317 12.30 29.73 -21.64
N ARG E 318 13.32 29.79 -20.79
CA ARG E 318 14.16 30.98 -20.72
C ARG E 318 14.89 31.23 -22.04
N LEU E 319 15.42 30.16 -22.64
CA LEU E 319 16.20 30.27 -23.87
C LEU E 319 15.74 29.21 -24.85
N GLY E 320 15.65 29.58 -26.12
CA GLY E 320 15.15 28.69 -27.16
C GLY E 320 16.14 28.57 -28.30
N ALA E 321 16.20 27.37 -28.89
CA ALA E 321 16.99 27.10 -30.08
C ALA E 321 18.48 27.05 -29.79
N ASN E 322 18.89 27.44 -28.58
CA ASN E 322 20.28 27.36 -28.17
C ASN E 322 20.41 26.89 -26.73
N SER E 323 19.37 26.26 -26.18
CA SER E 323 19.31 26.03 -24.74
C SER E 323 20.48 25.18 -24.25
N GLY E 324 20.78 24.09 -24.96
CA GLY E 324 21.81 23.17 -24.53
C GLY E 324 21.34 21.73 -24.63
N LEU E 325 22.07 20.80 -24.04
CA LEU E 325 21.75 19.38 -24.11
C LEU E 325 21.44 18.86 -22.72
N HIS E 326 20.35 18.11 -22.61
CA HIS E 326 19.93 17.52 -21.35
C HIS E 326 19.81 16.02 -21.54
N ILE E 327 20.59 15.26 -20.78
CA ILE E 327 20.70 13.82 -20.99
C ILE E 327 20.37 13.10 -19.69
N ILE E 328 19.49 12.12 -19.77
CA ILE E 328 19.01 11.36 -18.63
C ILE E 328 19.33 9.89 -18.84
N ILE E 329 19.90 9.26 -17.82
CA ILE E 329 20.33 7.86 -17.87
C ILE E 329 19.42 7.04 -16.96
N PHE E 330 18.99 5.89 -17.45
CA PHE E 330 18.15 4.96 -16.68
C PHE E 330 18.85 3.61 -16.63
N ASP E 331 19.09 3.12 -15.42
CA ASP E 331 19.67 1.80 -15.21
C ASP E 331 18.56 0.82 -14.84
N GLU E 332 18.51 -0.32 -15.53
CA GLU E 332 17.45 -1.31 -15.35
C GLU E 332 16.09 -0.67 -15.63
N ILE E 333 15.93 -0.18 -16.86
CA ILE E 333 14.69 0.47 -17.24
C ILE E 333 13.51 -0.49 -17.10
N ASP E 334 13.75 -1.79 -17.32
CA ASP E 334 12.67 -2.76 -17.20
C ASP E 334 12.06 -2.78 -15.82
N ALA E 335 12.78 -2.28 -14.80
CA ALA E 335 12.23 -2.27 -13.45
C ALA E 335 10.95 -1.45 -13.37
N ILE E 336 10.79 -0.47 -14.26
CA ILE E 336 9.69 0.47 -14.18
C ILE E 336 8.82 0.48 -15.44
N CYS E 337 9.23 -0.19 -16.51
CA CYS E 337 8.53 -0.12 -17.79
C CYS E 337 7.85 -1.44 -18.13
N LYS E 338 7.28 -2.10 -17.12
CA LYS E 338 6.46 -3.28 -17.38
C LYS E 338 5.16 -2.86 -18.05
N GLN E 339 4.56 -3.78 -18.80
CA GLN E 339 3.39 -3.45 -19.61
C GLN E 339 2.28 -2.90 -18.72
N ARG E 340 1.63 -1.83 -19.20
CA ARG E 340 0.64 -1.13 -18.38
C ARG E 340 -0.54 -2.04 -18.05
N GLY E 341 -1.27 -2.48 -19.07
CA GLY E 341 -2.47 -3.28 -18.84
C GLY E 341 -2.22 -4.69 -18.35
N SER E 342 -1.03 -5.23 -18.59
CA SER E 342 -0.75 -6.61 -18.18
C SER E 342 -0.82 -6.76 -16.67
N MET E 343 -0.25 -5.81 -15.93
CA MET E 343 -0.18 -5.93 -14.48
C MET E 343 -1.57 -5.97 -13.89
N ALA E 344 -1.80 -6.92 -12.98
CA ALA E 344 -3.08 -7.08 -12.30
C ALA E 344 -3.04 -6.59 -10.86
N GLY E 345 -1.98 -5.88 -10.46
CA GLY E 345 -1.87 -5.45 -9.08
C GLY E 345 -2.96 -4.46 -8.72
N SER E 346 -3.32 -4.46 -7.43
CA SER E 346 -4.36 -3.57 -6.95
C SER E 346 -3.96 -2.10 -7.12
N THR E 347 -2.72 -1.77 -6.76
CA THR E 347 -2.23 -0.41 -6.87
C THR E 347 -1.70 -0.15 -8.28
N GLY E 348 -2.17 0.93 -8.90
CA GLY E 348 -1.79 1.24 -10.26
C GLY E 348 -0.64 2.21 -10.35
N VAL E 349 0.32 2.10 -9.44
CA VAL E 349 1.46 3.02 -9.45
C VAL E 349 2.25 2.88 -10.75
N HIS E 350 2.47 1.65 -11.20
CA HIS E 350 3.20 1.44 -12.45
C HIS E 350 2.51 2.14 -13.61
N ASP E 351 1.19 1.97 -13.71
CA ASP E 351 0.46 2.60 -14.80
C ASP E 351 0.58 4.12 -14.73
N THR E 352 0.43 4.69 -13.53
CA THR E 352 0.49 6.13 -13.39
C THR E 352 1.86 6.67 -13.77
N VAL E 353 2.92 6.02 -13.31
CA VAL E 353 4.26 6.51 -13.59
C VAL E 353 4.58 6.36 -15.08
N VAL E 354 4.18 5.25 -15.70
CA VAL E 354 4.43 5.08 -17.13
C VAL E 354 3.70 6.15 -17.92
N ASN E 355 2.43 6.39 -17.59
CA ASN E 355 1.66 7.41 -18.30
C ASN E 355 2.29 8.79 -18.11
N GLN E 356 2.72 9.09 -16.88
CA GLN E 356 3.33 10.39 -16.61
C GLN E 356 4.59 10.58 -17.45
N LEU E 357 5.44 9.55 -17.48
CA LEU E 357 6.68 9.65 -18.27
C LEU E 357 6.37 9.81 -19.74
N LEU E 358 5.42 9.03 -20.27
CA LEU E 358 5.09 9.12 -21.68
C LEU E 358 4.57 10.51 -22.02
N SER E 359 3.68 11.06 -21.18
CA SER E 359 3.13 12.38 -21.44
C SER E 359 4.22 13.45 -21.36
N LYS E 360 5.11 13.34 -20.38
CA LYS E 360 6.18 14.33 -20.24
C LYS E 360 7.10 14.31 -21.45
N ILE E 361 7.58 13.13 -21.84
CA ILE E 361 8.48 13.03 -22.98
C ILE E 361 7.76 13.43 -24.26
N ASP E 362 6.52 12.96 -24.44
CA ASP E 362 5.74 13.24 -25.63
C ASP E 362 4.38 13.80 -25.22
N GLY E 363 3.99 14.91 -25.85
CA GLY E 363 2.72 15.52 -25.54
C GLY E 363 2.54 16.82 -26.29
N VAL E 364 1.49 17.55 -25.92
CA VAL E 364 1.22 18.83 -26.57
C VAL E 364 2.37 19.79 -26.34
N GLU E 365 2.89 19.85 -25.12
CA GLU E 365 4.09 20.63 -24.85
C GLU E 365 5.27 19.96 -25.55
N GLN E 366 6.20 20.78 -26.05
CA GLN E 366 7.29 20.29 -26.88
C GLN E 366 8.63 20.57 -26.20
N LEU E 367 9.47 19.54 -26.14
CA LEU E 367 10.83 19.65 -25.65
C LEU E 367 11.79 19.40 -26.81
N ASN E 368 12.93 20.07 -26.80
CA ASN E 368 13.88 19.94 -27.89
C ASN E 368 15.33 19.88 -27.42
N ASN E 369 15.58 19.78 -26.12
CA ASN E 369 16.94 19.83 -25.58
C ASN E 369 17.22 18.67 -24.64
N ILE E 370 16.52 17.55 -24.82
CA ILE E 370 16.61 16.43 -23.89
C ILE E 370 17.00 15.17 -24.65
N LEU E 371 17.64 14.25 -23.92
CA LEU E 371 17.97 12.92 -24.44
C LEU E 371 17.78 11.91 -23.32
N VAL E 372 17.15 10.79 -23.63
CA VAL E 372 16.87 9.73 -22.67
C VAL E 372 17.45 8.43 -23.21
N ILE E 373 18.19 7.73 -22.37
CA ILE E 373 18.84 6.48 -22.74
C ILE E 373 18.41 5.40 -21.76
N GLY E 374 17.99 4.25 -22.28
CA GLY E 374 17.59 3.13 -21.45
C GLY E 374 18.54 1.97 -21.59
N MET E 375 18.72 1.22 -20.50
CA MET E 375 19.62 0.07 -20.47
C MET E 375 18.88 -1.10 -19.82
N THR E 376 18.87 -2.24 -20.50
CA THR E 376 18.19 -3.43 -19.99
C THR E 376 18.90 -4.67 -20.49
N ASN E 377 18.74 -5.78 -19.76
CA ASN E 377 19.30 -7.06 -20.18
C ASN E 377 18.33 -7.89 -20.99
N ARG E 378 17.12 -7.39 -21.24
CA ARG E 378 16.13 -8.13 -22.01
C ARG E 378 15.16 -7.16 -22.68
N PRO E 379 15.11 -7.10 -24.01
CA PRO E 379 14.16 -6.21 -24.69
C PRO E 379 12.75 -6.76 -24.80
N ASP E 380 12.41 -7.82 -24.08
CA ASP E 380 11.10 -8.43 -24.18
C ASP E 380 10.10 -7.83 -23.20
N LEU E 381 10.48 -7.73 -21.92
CA LEU E 381 9.55 -7.25 -20.91
C LEU E 381 9.18 -5.80 -21.15
N ILE E 382 10.14 -4.99 -21.61
CA ILE E 382 9.93 -3.57 -21.83
C ILE E 382 8.60 -3.35 -22.54
N ASP E 383 7.75 -2.51 -21.98
CA ASP E 383 6.49 -2.18 -22.63
C ASP E 383 6.77 -1.55 -23.99
N GLU E 384 6.08 -2.05 -25.01
CA GLU E 384 6.26 -1.55 -26.37
C GLU E 384 5.69 -0.15 -26.57
N ALA E 385 4.93 0.36 -25.60
CA ALA E 385 4.31 1.67 -25.77
C ALA E 385 5.33 2.73 -26.12
N LEU E 386 6.53 2.65 -25.54
CA LEU E 386 7.54 3.68 -25.75
C LEU E 386 8.42 3.41 -26.96
N LEU E 387 8.51 2.17 -27.43
CA LEU E 387 9.22 1.89 -28.68
C LEU E 387 8.45 2.36 -29.90
N ARG E 388 7.21 2.79 -29.74
CA ARG E 388 6.44 3.29 -30.86
C ARG E 388 7.14 4.53 -31.42
N PRO E 389 7.00 4.83 -32.71
CA PRO E 389 7.78 5.90 -33.31
C PRO E 389 7.57 7.23 -32.59
N GLY E 390 8.66 7.98 -32.42
CA GLY E 390 8.62 9.32 -31.88
C GLY E 390 9.16 9.44 -30.46
N ARG E 391 9.33 8.33 -29.74
CA ARG E 391 9.81 8.37 -28.36
C ARG E 391 11.12 7.61 -28.18
N LEU E 392 11.22 6.40 -28.70
CA LEU E 392 12.42 5.57 -28.57
C LEU E 392 12.78 4.95 -29.91
N GLU E 393 12.85 5.80 -30.95
CA GLU E 393 13.10 5.32 -32.30
C GLU E 393 14.36 4.47 -32.38
N VAL E 394 15.46 4.95 -31.79
CA VAL E 394 16.77 4.35 -32.02
C VAL E 394 16.95 3.14 -31.11
N LYS E 395 17.42 2.04 -31.69
CA LYS E 395 17.75 0.82 -30.95
C LYS E 395 19.11 0.34 -31.41
N MET E 396 19.83 -0.34 -30.51
CA MET E 396 21.14 -0.87 -30.83
C MET E 396 21.43 -2.06 -29.94
N GLU E 397 22.35 -2.92 -30.41
CA GLU E 397 22.69 -4.15 -29.73
C GLU E 397 24.19 -4.20 -29.51
N ILE E 398 24.60 -4.81 -28.41
CA ILE E 398 26.02 -4.94 -28.06
C ILE E 398 26.31 -6.44 -28.02
N GLY E 399 26.78 -6.96 -29.15
CA GLY E 399 27.02 -8.38 -29.27
C GLY E 399 28.31 -8.80 -28.60
N LEU E 400 28.62 -10.09 -28.76
CA LEU E 400 29.84 -10.63 -28.16
C LEU E 400 31.06 -10.05 -28.86
N PRO E 401 32.18 -9.97 -28.15
CA PRO E 401 33.36 -9.31 -28.73
C PRO E 401 34.01 -10.14 -29.83
N ASP E 402 34.80 -9.46 -30.64
CA ASP E 402 35.55 -10.09 -31.72
C ASP E 402 36.96 -10.43 -31.26
N GLU E 403 37.61 -11.31 -32.02
CA GLU E 403 38.97 -11.72 -31.67
C GLU E 403 39.88 -10.51 -31.49
N LYS E 404 39.84 -9.57 -32.44
CA LYS E 404 40.58 -8.33 -32.27
C LYS E 404 40.10 -7.57 -31.04
N GLY E 405 38.78 -7.56 -30.82
CA GLY E 405 38.26 -6.96 -29.61
C GLY E 405 38.77 -7.64 -28.36
N ARG E 406 38.88 -8.97 -28.40
CA ARG E 406 39.46 -9.69 -27.26
C ARG E 406 40.90 -9.27 -27.02
N LEU E 407 41.68 -9.12 -28.09
CA LEU E 407 43.07 -8.69 -27.94
C LEU E 407 43.13 -7.30 -27.32
N GLN E 408 42.28 -6.38 -27.79
CA GLN E 408 42.27 -5.04 -27.22
C GLN E 408 41.91 -5.08 -25.75
N ILE E 409 40.87 -5.86 -25.39
CA ILE E 409 40.45 -5.96 -24.00
C ILE E 409 41.60 -6.46 -23.15
N LEU E 410 42.29 -7.51 -23.61
CA LEU E 410 43.39 -8.07 -22.84
C LEU E 410 44.49 -7.03 -22.66
N HIS E 411 44.82 -6.29 -23.71
CA HIS E 411 45.80 -5.22 -23.57
C HIS E 411 45.37 -4.22 -22.52
N ILE E 412 44.09 -3.84 -22.54
CA ILE E 412 43.60 -2.85 -21.58
C ILE E 412 43.73 -3.37 -20.16
N HIS E 413 43.30 -4.60 -19.93
CA HIS E 413 43.27 -5.17 -18.59
C HIS E 413 44.64 -5.66 -18.12
N THR E 414 45.71 -5.33 -18.83
CA THR E 414 47.04 -5.74 -18.42
C THR E 414 48.07 -4.63 -18.56
N ALA E 415 47.66 -3.41 -18.94
CA ALA E 415 48.63 -2.34 -19.13
C ALA E 415 49.40 -2.06 -17.86
N ARG E 416 48.70 -1.96 -16.73
CA ARG E 416 49.38 -1.71 -15.45
C ARG E 416 50.35 -2.84 -15.14
N MET E 417 49.94 -4.09 -15.38
CA MET E 417 50.77 -5.23 -15.07
C MET E 417 52.13 -5.12 -15.72
N ARG E 418 52.16 -4.88 -17.04
CA ARG E 418 53.43 -4.67 -17.72
C ARG E 418 54.10 -3.38 -17.27
N GLY E 419 53.31 -2.39 -16.84
CA GLY E 419 53.89 -1.11 -16.47
C GLY E 419 54.88 -1.22 -15.32
N HIS E 420 54.64 -2.14 -14.40
CA HIS E 420 55.50 -2.32 -13.23
C HIS E 420 56.42 -3.53 -13.35
N GLN E 421 56.58 -4.09 -14.54
CA GLN E 421 57.47 -5.21 -14.78
C GLN E 421 57.09 -6.40 -13.89
N LEU E 422 55.89 -6.92 -14.16
CA LEU E 422 55.42 -8.11 -13.46
C LEU E 422 54.84 -9.15 -14.42
N LEU E 423 55.18 -9.07 -15.69
CA LEU E 423 54.67 -9.98 -16.71
C LEU E 423 55.82 -10.78 -17.28
N SER E 424 55.73 -12.11 -17.18
CA SER E 424 56.74 -12.97 -17.75
C SER E 424 56.77 -12.83 -19.26
N ALA E 425 57.98 -12.76 -19.83
CA ALA E 425 58.11 -12.67 -21.27
C ALA E 425 57.49 -13.89 -21.97
N ASP E 426 57.39 -15.00 -21.25
CA ASP E 426 56.83 -16.21 -21.86
C ASP E 426 55.39 -16.01 -22.29
N VAL E 427 54.60 -15.29 -21.49
CA VAL E 427 53.18 -15.11 -21.80
C VAL E 427 53.03 -14.44 -23.16
N ASP E 428 52.12 -14.97 -23.97
CA ASP E 428 51.83 -14.43 -25.29
C ASP E 428 50.37 -13.98 -25.33
N ILE E 429 50.17 -12.71 -25.70
CA ILE E 429 48.82 -12.19 -25.80
C ILE E 429 48.08 -12.80 -26.99
N LYS E 430 48.78 -12.97 -28.11
CA LYS E 430 48.13 -13.50 -29.31
C LYS E 430 47.61 -14.91 -29.07
N GLU E 431 48.39 -15.75 -28.38
CA GLU E 431 47.95 -17.10 -28.11
C GLU E 431 46.69 -17.09 -27.24
N LEU E 432 46.67 -16.25 -26.21
CA LEU E 432 45.50 -16.18 -25.35
C LEU E 432 44.27 -15.72 -26.13
N ALA E 433 44.44 -14.70 -26.98
CA ALA E 433 43.31 -14.22 -27.77
C ALA E 433 42.81 -15.32 -28.71
N VAL E 434 43.73 -16.05 -29.33
CA VAL E 434 43.32 -17.12 -30.24
C VAL E 434 42.55 -18.20 -29.49
N GLU E 435 43.08 -18.63 -28.35
CA GLU E 435 42.44 -19.71 -27.60
C GLU E 435 41.06 -19.30 -27.13
N THR E 436 40.96 -18.13 -26.50
CA THR E 436 39.68 -17.70 -25.93
C THR E 436 38.72 -17.31 -27.03
N LYS E 437 37.50 -17.84 -26.98
CA LYS E 437 36.46 -17.49 -27.93
C LYS E 437 35.11 -17.52 -27.23
N ASN E 438 34.20 -16.66 -27.69
CA ASN E 438 32.88 -16.54 -27.09
C ASN E 438 32.95 -16.10 -25.63
N PHE E 439 33.96 -15.29 -25.30
CA PHE E 439 34.12 -14.73 -23.98
C PHE E 439 33.61 -13.30 -23.95
N SER E 440 33.51 -12.75 -22.75
CA SER E 440 33.11 -11.36 -22.54
C SER E 440 34.14 -10.69 -21.64
N GLY E 441 34.29 -9.38 -21.83
CA GLY E 441 35.26 -8.61 -21.08
C GLY E 441 35.31 -8.99 -19.62
N ALA E 442 34.13 -9.21 -19.02
CA ALA E 442 34.09 -9.67 -17.64
C ALA E 442 34.79 -11.01 -17.50
N GLU E 443 34.59 -11.92 -18.46
CA GLU E 443 35.24 -13.22 -18.38
C GLU E 443 36.75 -13.09 -18.48
N LEU E 444 37.24 -12.22 -19.37
CA LEU E 444 38.68 -12.01 -19.48
C LEU E 444 39.23 -11.41 -18.20
N GLU E 445 38.51 -10.46 -17.60
CA GLU E 445 38.94 -9.90 -16.33
C GLU E 445 39.01 -10.98 -15.27
N GLY E 446 38.01 -11.86 -15.22
CA GLY E 446 38.04 -12.95 -14.26
C GLY E 446 39.21 -13.89 -14.49
N LEU E 447 39.52 -14.16 -15.76
CA LEU E 447 40.69 -14.98 -16.08
C LEU E 447 41.96 -14.35 -15.53
N VAL E 448 42.14 -13.05 -15.78
CA VAL E 448 43.34 -12.38 -15.31
C VAL E 448 43.39 -12.42 -13.79
N ARG E 449 42.25 -12.17 -13.15
CA ARG E 449 42.21 -12.17 -11.69
C ARG E 449 42.55 -13.54 -11.14
N ALA E 450 42.03 -14.61 -11.76
CA ALA E 450 42.33 -15.95 -11.30
C ALA E 450 43.80 -16.28 -11.48
N ALA E 451 44.38 -15.88 -12.61
CA ALA E 451 45.82 -16.10 -12.82
C ALA E 451 46.63 -15.39 -11.75
N GLN E 452 46.30 -14.13 -11.47
CA GLN E 452 46.98 -13.42 -10.39
C GLN E 452 46.80 -14.16 -9.08
N SER E 453 45.57 -14.63 -8.81
CA SER E 453 45.30 -15.28 -7.54
C SER E 453 46.13 -16.54 -7.38
N THR E 454 46.24 -17.35 -8.44
CA THR E 454 46.99 -18.60 -8.30
C THR E 454 48.49 -18.33 -8.17
N ALA E 455 49.03 -17.49 -9.05
CA ALA E 455 50.45 -17.15 -8.93
C ALA E 455 50.74 -16.55 -7.56
N MET E 456 49.79 -15.79 -7.01
CA MET E 456 49.98 -15.08 -5.76
C MET E 456 49.91 -16.06 -4.59
N ASN E 457 48.97 -16.99 -4.65
CA ASN E 457 48.89 -18.10 -3.68
C ASN E 457 50.16 -18.91 -3.68
N ARG E 458 50.86 -18.96 -4.81
CA ARG E 458 52.09 -19.74 -4.89
C ARG E 458 53.01 -19.42 -3.72
N HIS E 459 53.07 -18.16 -3.30
CA HIS E 459 54.02 -17.72 -2.30
C HIS E 459 53.43 -17.59 -0.90
N ILE E 460 52.20 -18.03 -0.69
CA ILE E 460 51.61 -18.13 0.65
C ILE E 460 51.18 -19.57 0.85
N LYS E 461 51.46 -20.12 2.02
CA LYS E 461 50.92 -21.43 2.36
C LYS E 461 51.13 -21.69 3.84
N ALA E 462 50.05 -22.01 4.54
CA ALA E 462 50.10 -22.41 5.94
C ALA E 462 48.70 -22.83 6.36
N SER E 463 48.64 -23.92 7.11
CA SER E 463 47.36 -24.49 7.57
C SER E 463 47.09 -24.17 9.03
N THR E 464 48.04 -24.48 9.92
CA THR E 464 47.86 -24.14 11.33
C THR E 464 47.74 -22.64 11.50
N LYS E 465 48.55 -21.87 10.78
CA LYS E 465 48.48 -20.42 10.74
C LYS E 465 48.40 -19.97 9.29
N VAL E 466 48.50 -18.66 9.08
CA VAL E 466 48.57 -18.07 7.74
C VAL E 466 49.80 -17.17 7.70
N GLU E 467 50.67 -17.40 6.72
CA GLU E 467 51.95 -16.69 6.69
C GLU E 467 52.43 -16.58 5.25
N VAL E 468 52.92 -15.40 4.89
CA VAL E 468 53.47 -15.13 3.56
C VAL E 468 54.87 -15.70 3.51
N ASP E 469 55.47 -15.74 2.32
CA ASP E 469 56.83 -16.25 2.18
C ASP E 469 57.83 -15.23 2.72
N MET E 470 57.77 -14.99 4.04
CA MET E 470 58.73 -14.10 4.72
C MET E 470 58.96 -12.81 3.94
N GLU E 471 57.94 -12.36 3.22
CA GLU E 471 58.05 -11.19 2.34
C GLU E 471 59.20 -11.32 1.36
N LYS E 472 59.67 -12.55 1.10
CA LYS E 472 60.73 -12.80 0.14
C LYS E 472 60.21 -13.04 -1.26
N ALA E 473 58.90 -13.01 -1.45
CA ALA E 473 58.32 -13.18 -2.79
C ALA E 473 58.12 -11.82 -3.46
N GLU E 474 59.18 -11.02 -3.49
CA GLU E 474 59.13 -9.74 -4.17
C GLU E 474 59.43 -9.87 -5.66
N SER E 475 59.96 -11.00 -6.10
CA SER E 475 60.17 -11.29 -7.51
C SER E 475 58.96 -11.95 -8.16
N LEU E 476 57.77 -11.72 -7.60
CA LEU E 476 56.56 -12.36 -8.09
C LEU E 476 56.38 -12.14 -9.59
N GLN E 477 56.45 -13.23 -10.34
CA GLN E 477 56.21 -13.23 -11.77
C GLN E 477 55.23 -14.34 -12.10
N VAL E 478 54.42 -14.11 -13.13
CA VAL E 478 53.35 -15.02 -13.51
C VAL E 478 53.73 -15.65 -14.85
N THR E 479 53.63 -16.98 -14.93
CA THR E 479 53.94 -17.72 -16.14
C THR E 479 52.64 -18.15 -16.82
N ARG E 480 52.77 -18.51 -18.11
CA ARG E 480 51.60 -18.94 -18.86
C ARG E 480 50.92 -20.13 -18.20
N GLY E 481 51.68 -20.96 -17.49
CA GLY E 481 51.08 -22.09 -16.81
C GLY E 481 49.94 -21.68 -15.89
N ASP E 482 50.05 -20.51 -15.28
CA ASP E 482 48.95 -20.00 -14.47
C ASP E 482 47.69 -19.83 -15.31
N PHE E 483 47.84 -19.22 -16.49
CA PHE E 483 46.71 -19.05 -17.38
C PHE E 483 46.13 -20.41 -17.79
N LEU E 484 46.99 -21.37 -18.12
CA LEU E 484 46.51 -22.68 -18.54
C LEU E 484 45.71 -23.34 -17.43
N ALA E 485 46.26 -23.36 -16.22
CA ALA E 485 45.56 -24.00 -15.11
C ALA E 485 44.23 -23.31 -14.84
N SER E 486 44.24 -21.98 -14.81
CA SER E 486 43.00 -21.24 -14.54
C SER E 486 41.95 -21.53 -15.60
N LEU E 487 42.36 -21.53 -16.87
CA LEU E 487 41.42 -21.78 -17.95
C LEU E 487 40.85 -23.19 -17.85
N GLU E 488 41.70 -24.17 -17.56
CA GLU E 488 41.23 -25.55 -17.51
C GLU E 488 40.29 -25.79 -16.33
N ASN E 489 40.60 -25.25 -15.15
CA ASN E 489 39.96 -25.71 -13.93
C ASN E 489 39.31 -24.62 -13.07
N ASP E 490 39.44 -23.35 -13.41
CA ASP E 490 38.93 -22.27 -12.55
C ASP E 490 37.83 -21.44 -13.18
N ILE E 491 37.89 -21.19 -14.49
CA ILE E 491 36.90 -20.37 -15.18
C ILE E 491 36.33 -21.15 -16.34
N LYS E 492 35.03 -21.00 -16.57
CA LYS E 492 34.36 -21.69 -17.66
C LYS E 492 33.34 -20.74 -18.29
N PRO E 493 33.43 -20.48 -19.59
CA PRO E 493 32.51 -19.51 -20.20
C PRO E 493 31.07 -19.98 -20.11
N ALA E 494 30.17 -19.00 -20.01
CA ALA E 494 28.74 -19.31 -19.90
C ALA E 494 28.14 -19.69 -21.25
N PHE E 495 28.72 -19.21 -22.36
CA PHE E 495 28.14 -19.51 -23.66
C PHE E 495 28.18 -20.99 -23.97
N GLY E 496 29.09 -21.72 -23.36
CA GLY E 496 29.28 -23.14 -23.63
C GLY E 496 30.44 -23.37 -24.60
N THR E 497 30.73 -24.65 -24.81
CA THR E 497 31.84 -25.06 -25.65
C THR E 497 31.48 -26.37 -26.35
N ASN E 498 32.47 -26.97 -27.02
CA ASN E 498 32.26 -28.21 -27.74
C ASN E 498 33.34 -29.25 -27.44
N GLN E 499 34.28 -28.94 -26.54
CA GLN E 499 35.35 -29.88 -26.24
C GLN E 499 34.80 -31.16 -25.61
N GLU E 500 33.80 -31.03 -24.74
CA GLU E 500 33.27 -32.19 -24.03
C GLU E 500 32.66 -33.18 -25.00
N ASP E 501 31.94 -32.68 -26.01
CA ASP E 501 31.35 -33.57 -27.00
C ASP E 501 32.42 -34.38 -27.72
N TYR E 502 33.51 -33.71 -28.12
CA TYR E 502 34.58 -34.41 -28.80
C TYR E 502 35.24 -35.44 -27.90
N ALA E 503 35.47 -35.08 -26.64
CA ALA E 503 36.04 -36.03 -25.69
C ALA E 503 35.11 -37.22 -25.45
N SER E 504 33.80 -37.02 -25.62
CA SER E 504 32.85 -38.09 -25.39
C SER E 504 32.70 -39.03 -26.58
N TYR E 505 32.53 -38.50 -27.79
CA TYR E 505 32.22 -39.33 -28.94
C TYR E 505 33.45 -40.07 -29.45
N ILE E 506 34.53 -39.35 -29.76
CA ILE E 506 35.77 -39.98 -30.20
C ILE E 506 36.49 -40.43 -28.93
N MET E 507 36.19 -41.66 -28.51
CA MET E 507 36.69 -42.15 -27.23
C MET E 507 38.12 -42.67 -27.34
N ASN E 508 38.34 -43.68 -28.19
CA ASN E 508 39.63 -44.33 -28.31
C ASN E 508 40.37 -43.92 -29.57
N GLY E 509 40.06 -42.75 -30.11
CA GLY E 509 40.78 -42.31 -31.28
C GLY E 509 40.48 -43.17 -32.49
N ILE E 510 41.32 -43.00 -33.50
CA ILE E 510 41.18 -43.69 -34.78
C ILE E 510 42.51 -44.32 -35.15
N ILE E 511 42.45 -45.53 -35.73
CA ILE E 511 43.63 -46.23 -36.20
C ILE E 511 43.45 -46.53 -37.68
N LYS E 512 44.56 -46.81 -38.34
CA LYS E 512 44.58 -47.10 -39.77
C LYS E 512 44.76 -48.60 -39.95
N TRP E 513 43.64 -49.32 -40.00
CA TRP E 513 43.66 -50.76 -40.17
C TRP E 513 43.40 -51.20 -41.60
N GLY E 514 43.38 -50.28 -42.55
CA GLY E 514 43.19 -50.66 -43.94
C GLY E 514 42.88 -49.46 -44.81
N ASP E 515 42.69 -49.77 -46.10
CA ASP E 515 42.38 -48.73 -47.07
C ASP E 515 41.06 -48.02 -46.80
N PRO E 516 39.98 -48.68 -46.41
CA PRO E 516 38.68 -48.00 -46.33
C PRO E 516 38.71 -46.72 -45.51
N VAL E 517 39.46 -46.70 -44.41
CA VAL E 517 39.52 -45.49 -43.59
C VAL E 517 40.09 -44.33 -44.41
N THR E 518 41.18 -44.58 -45.12
CA THR E 518 41.77 -43.54 -45.95
C THR E 518 40.79 -43.09 -47.03
N ARG E 519 40.12 -44.04 -47.67
CA ARG E 519 39.17 -43.69 -48.72
C ARG E 519 38.05 -42.81 -48.19
N VAL E 520 37.49 -43.18 -47.04
CA VAL E 520 36.38 -42.42 -46.47
C VAL E 520 36.85 -41.01 -46.09
N LEU E 521 38.03 -40.92 -45.48
CA LEU E 521 38.53 -39.60 -45.09
C LEU E 521 38.77 -38.72 -46.32
N ASP E 522 39.31 -39.30 -47.40
CA ASP E 522 39.51 -38.53 -48.61
C ASP E 522 38.19 -38.05 -49.19
N ASP E 523 37.17 -38.91 -49.17
CA ASP E 523 35.86 -38.51 -49.70
C ASP E 523 35.27 -37.38 -48.88
N GLY E 524 35.39 -37.45 -47.55
CA GLY E 524 34.93 -36.36 -46.72
C GLY E 524 35.66 -35.07 -47.02
N GLU E 525 36.98 -35.16 -47.22
CA GLU E 525 37.75 -33.98 -47.59
C GLU E 525 37.24 -33.39 -48.89
N LEU E 526 36.95 -34.25 -49.88
CA LEU E 526 36.43 -33.76 -51.15
C LEU E 526 35.11 -33.03 -50.95
N LEU E 527 34.21 -33.59 -50.13
CA LEU E 527 32.92 -32.92 -49.91
C LEU E 527 33.10 -31.56 -49.25
N VAL E 528 33.95 -31.47 -48.22
CA VAL E 528 34.13 -30.19 -47.56
C VAL E 528 34.74 -29.17 -48.53
N GLN E 529 35.74 -29.61 -49.31
CA GLN E 529 36.33 -28.72 -50.31
C GLN E 529 35.28 -28.24 -51.31
N GLN E 530 34.39 -29.15 -51.73
CA GLN E 530 33.32 -28.77 -52.64
C GLN E 530 32.45 -27.68 -52.05
N THR E 531 31.98 -27.87 -50.82
CA THR E 531 31.09 -26.88 -50.22
C THR E 531 31.83 -25.59 -49.86
N LYS E 532 33.16 -25.60 -49.83
CA LYS E 532 33.89 -24.39 -49.47
C LYS E 532 33.85 -23.37 -50.61
N ASN E 533 33.89 -23.81 -51.86
CA ASN E 533 34.04 -22.93 -53.01
C ASN E 533 33.03 -23.27 -54.09
N SER E 534 31.77 -23.39 -53.71
CA SER E 534 30.68 -23.63 -54.63
C SER E 534 29.93 -22.34 -54.93
N ASP E 535 29.27 -22.32 -56.07
CA ASP E 535 28.52 -21.15 -56.54
C ASP E 535 27.03 -21.42 -56.69
N ARG E 536 26.65 -22.54 -57.31
CA ARG E 536 25.25 -22.84 -57.59
C ARG E 536 24.64 -23.83 -56.60
N THR E 537 25.44 -24.44 -55.72
CA THR E 537 24.96 -25.46 -54.79
C THR E 537 25.41 -25.09 -53.38
N PRO E 538 24.83 -24.05 -52.79
CA PRO E 538 25.21 -23.68 -51.42
C PRO E 538 24.86 -24.72 -50.39
N LEU E 539 24.01 -25.70 -50.72
CA LEU E 539 23.61 -26.75 -49.80
C LEU E 539 24.02 -28.10 -50.36
N VAL E 540 24.74 -28.89 -49.56
CA VAL E 540 25.17 -30.22 -49.94
C VAL E 540 24.93 -31.15 -48.76
N SER E 541 24.75 -32.44 -49.06
CA SER E 541 24.43 -33.44 -48.05
C SER E 541 25.21 -34.70 -48.34
N VAL E 542 25.24 -35.60 -47.35
CA VAL E 542 25.92 -36.88 -47.49
C VAL E 542 25.42 -37.82 -46.41
N LEU E 543 25.23 -39.09 -46.76
CA LEU E 543 24.67 -40.09 -45.86
C LEU E 543 25.67 -41.22 -45.67
N LEU E 544 26.07 -41.45 -44.42
CA LEU E 544 26.89 -42.60 -44.08
C LEU E 544 26.01 -43.82 -43.86
N GLU E 545 26.51 -44.99 -44.24
CA GLU E 545 25.74 -46.21 -44.19
C GLU E 545 26.68 -47.39 -43.93
N GLY E 546 26.19 -48.34 -43.12
CA GLY E 546 26.96 -49.53 -42.84
C GLY E 546 26.28 -50.43 -41.82
N PRO E 547 26.85 -51.61 -41.60
CA PRO E 547 26.27 -52.54 -40.63
C PRO E 547 26.50 -52.05 -39.22
N PRO E 548 25.80 -52.61 -38.23
CA PRO E 548 25.93 -52.12 -36.86
C PRO E 548 27.31 -52.39 -36.29
N HIS E 549 27.69 -51.55 -35.33
CA HIS E 549 28.96 -51.69 -34.63
C HIS E 549 30.15 -51.59 -35.60
N SER E 550 30.06 -50.63 -36.53
CA SER E 550 31.14 -50.37 -37.47
C SER E 550 31.75 -48.99 -37.28
N GLY E 551 31.50 -48.35 -36.14
CA GLY E 551 32.11 -47.07 -35.86
C GLY E 551 31.73 -45.97 -36.83
N LYS E 552 30.43 -45.85 -37.13
CA LYS E 552 29.99 -44.81 -38.05
C LYS E 552 30.11 -43.43 -37.43
N THR E 553 29.64 -43.27 -36.19
CA THR E 553 29.54 -41.94 -35.59
C THR E 553 30.91 -41.27 -35.49
N ALA E 554 31.90 -42.02 -35.02
CA ALA E 554 33.23 -41.43 -34.80
C ALA E 554 33.81 -40.90 -36.10
N LEU E 555 33.63 -41.63 -37.19
CA LEU E 555 34.16 -41.19 -38.48
C LEU E 555 33.56 -39.87 -38.90
N ALA E 556 32.23 -39.72 -38.75
CA ALA E 556 31.59 -38.46 -39.10
C ALA E 556 32.11 -37.33 -38.22
N ALA E 557 32.25 -37.59 -36.91
CA ALA E 557 32.78 -36.57 -36.02
C ALA E 557 34.17 -36.14 -36.47
N LYS E 558 35.01 -37.10 -36.83
CA LYS E 558 36.37 -36.77 -37.24
C LYS E 558 36.37 -35.96 -38.53
N ILE E 559 35.55 -36.35 -39.51
CA ILE E 559 35.50 -35.59 -40.75
C ILE E 559 35.08 -34.16 -40.47
N ALA E 560 34.05 -33.98 -39.65
CA ALA E 560 33.61 -32.62 -39.34
C ALA E 560 34.71 -31.84 -38.64
N GLU E 561 35.41 -32.48 -37.70
CA GLU E 561 36.46 -31.79 -36.96
C GLU E 561 37.59 -31.36 -37.87
N GLU E 562 37.94 -32.19 -38.86
CA GLU E 562 39.04 -31.84 -39.75
C GLU E 562 38.82 -30.48 -40.39
N SER E 563 37.62 -30.24 -40.91
CA SER E 563 37.27 -28.91 -41.39
C SER E 563 37.35 -27.92 -40.22
N ASN E 564 37.56 -26.65 -40.56
CA ASN E 564 37.68 -25.60 -39.57
C ASN E 564 36.63 -24.53 -39.78
N PHE E 565 35.40 -24.96 -40.02
CA PHE E 565 34.31 -24.01 -40.19
C PHE E 565 34.03 -23.31 -38.86
N PRO E 566 33.59 -22.05 -38.90
CA PRO E 566 33.37 -21.32 -37.64
C PRO E 566 32.34 -21.96 -36.73
N PHE E 567 31.29 -22.57 -37.29
CA PHE E 567 30.18 -23.08 -36.50
C PHE E 567 29.96 -24.55 -36.82
N ILE E 568 30.10 -25.40 -35.80
CA ILE E 568 29.86 -26.83 -35.92
C ILE E 568 29.04 -27.27 -34.72
N LYS E 569 28.01 -28.07 -34.97
CA LYS E 569 27.13 -28.52 -33.91
C LYS E 569 26.73 -29.96 -34.18
N ILE E 570 26.53 -30.72 -33.10
CA ILE E 570 26.12 -32.12 -33.17
C ILE E 570 24.80 -32.26 -32.42
N CYS E 571 23.80 -32.81 -33.10
CA CYS E 571 22.50 -33.09 -32.50
C CYS E 571 22.28 -34.59 -32.48
N SER E 572 22.00 -35.13 -31.31
CA SER E 572 21.84 -36.57 -31.12
C SER E 572 20.65 -36.82 -30.23
N PRO E 573 20.12 -38.05 -30.22
CA PRO E 573 19.02 -38.36 -29.30
C PRO E 573 19.42 -38.26 -27.84
N ASP E 574 20.71 -38.25 -27.54
CA ASP E 574 21.17 -38.31 -26.16
C ASP E 574 20.51 -37.24 -25.29
N LYS E 575 20.31 -36.04 -25.84
CA LYS E 575 19.82 -34.91 -25.07
C LYS E 575 18.30 -34.82 -25.08
N MET E 576 17.60 -35.87 -25.50
CA MET E 576 16.19 -35.76 -25.84
C MET E 576 15.38 -36.93 -25.27
N ILE E 577 15.97 -37.69 -24.35
CA ILE E 577 15.27 -38.86 -23.83
C ILE E 577 13.98 -38.44 -23.16
N GLY E 578 12.89 -39.11 -23.51
CA GLY E 578 11.59 -38.81 -22.93
C GLY E 578 10.97 -37.53 -23.40
N PHE E 579 11.35 -37.03 -24.57
CA PHE E 579 10.73 -35.83 -25.14
C PHE E 579 9.47 -36.22 -25.91
N SER E 580 8.55 -35.27 -26.01
CA SER E 580 7.41 -35.42 -26.88
C SER E 580 7.73 -34.88 -28.27
N GLU E 581 7.16 -35.52 -29.29
CA GLU E 581 7.55 -35.25 -30.67
C GLU E 581 7.56 -33.76 -30.97
N THR E 582 6.61 -33.01 -30.41
CA THR E 582 6.63 -31.57 -30.61
C THR E 582 7.93 -30.97 -30.12
N ALA E 583 8.41 -31.42 -28.97
CA ALA E 583 9.70 -30.96 -28.47
C ALA E 583 10.81 -31.30 -29.46
N LYS E 584 10.74 -32.48 -30.08
CA LYS E 584 11.78 -32.87 -31.02
C LYS E 584 11.82 -31.93 -32.21
N CYS E 585 10.66 -31.65 -32.80
CA CYS E 585 10.64 -30.73 -33.94
C CYS E 585 11.10 -29.34 -33.51
N GLN E 586 10.73 -28.92 -32.30
CA GLN E 586 11.17 -27.61 -31.82
C GLN E 586 12.69 -27.56 -31.72
N ALA E 587 13.30 -28.56 -31.10
CA ALA E 587 14.75 -28.55 -30.94
C ALA E 587 15.47 -28.60 -32.28
N MET E 588 14.95 -29.40 -33.21
CA MET E 588 15.55 -29.44 -34.55
C MET E 588 15.49 -28.07 -35.21
N LYS E 589 14.32 -27.42 -35.14
CA LYS E 589 14.18 -26.09 -35.70
C LYS E 589 15.17 -25.13 -35.05
N LYS E 590 15.33 -25.22 -33.74
CA LYS E 590 16.20 -24.30 -33.02
C LYS E 590 17.65 -24.47 -33.47
N ILE E 591 18.12 -25.71 -33.56
CA ILE E 591 19.50 -25.94 -33.97
C ILE E 591 19.71 -25.42 -35.40
N PHE E 592 18.77 -25.71 -36.29
CA PHE E 592 18.97 -25.28 -37.67
C PHE E 592 18.94 -23.76 -37.78
N ASP E 593 18.07 -23.10 -37.01
CA ASP E 593 18.07 -21.64 -36.99
C ASP E 593 19.40 -21.10 -36.50
N ASP E 594 19.93 -21.68 -35.42
CA ASP E 594 21.23 -21.23 -34.93
C ASP E 594 22.28 -21.37 -36.03
N ALA E 595 22.27 -22.48 -36.76
CA ALA E 595 23.23 -22.66 -37.84
C ALA E 595 22.97 -21.70 -39.00
N TYR E 596 21.75 -21.19 -39.11
CA TYR E 596 21.39 -20.33 -40.24
C TYR E 596 22.03 -18.94 -40.16
N LYS E 597 22.82 -18.65 -39.14
CA LYS E 597 23.28 -17.29 -38.86
C LYS E 597 24.79 -17.15 -39.03
N SER E 598 25.34 -17.68 -40.11
CA SER E 598 26.76 -17.54 -40.37
C SER E 598 27.03 -17.79 -41.84
N GLN E 599 28.28 -17.56 -42.24
CA GLN E 599 28.69 -17.80 -43.62
C GLN E 599 29.07 -19.25 -43.87
N LEU E 600 29.17 -20.07 -42.82
CA LEU E 600 29.55 -21.47 -42.95
C LEU E 600 28.96 -22.24 -41.79
N SER E 601 28.82 -23.55 -41.96
CA SER E 601 28.29 -24.40 -40.90
C SER E 601 28.49 -25.86 -41.26
N CYS E 602 28.26 -26.72 -40.27
CA CYS E 602 28.29 -28.17 -40.49
C CYS E 602 27.53 -28.82 -39.35
N VAL E 603 26.41 -29.47 -39.68
CA VAL E 603 25.53 -30.07 -38.68
C VAL E 603 25.55 -31.57 -38.87
N VAL E 604 25.58 -32.30 -37.75
CA VAL E 604 25.67 -33.75 -37.75
C VAL E 604 24.40 -34.30 -37.11
N VAL E 605 23.68 -35.13 -37.86
CA VAL E 605 22.52 -35.86 -37.37
C VAL E 605 22.90 -37.32 -37.32
N ASP E 606 23.00 -37.88 -36.13
CA ASP E 606 23.48 -39.25 -35.94
C ASP E 606 22.37 -40.12 -35.38
N ASP E 607 22.47 -41.42 -35.66
CA ASP E 607 21.44 -42.39 -35.28
C ASP E 607 20.08 -41.89 -35.73
N ILE E 608 19.98 -41.64 -37.04
CA ILE E 608 18.77 -41.05 -37.59
C ILE E 608 17.55 -41.89 -37.24
N GLU E 609 17.67 -43.21 -37.38
CA GLU E 609 16.52 -44.07 -37.12
C GLU E 609 15.99 -43.88 -35.71
N ARG E 610 16.84 -43.48 -34.77
CA ARG E 610 16.36 -43.26 -33.41
C ARG E 610 15.49 -42.02 -33.33
N LEU E 611 15.74 -41.02 -34.18
CA LEU E 611 14.87 -39.85 -34.18
C LEU E 611 13.45 -40.24 -34.56
N LEU E 612 13.30 -40.97 -35.66
CA LEU E 612 11.97 -41.38 -36.11
C LEU E 612 11.26 -42.27 -35.11
N ASP E 613 11.98 -42.93 -34.21
CA ASP E 613 11.40 -43.93 -33.32
C ASP E 613 10.85 -45.10 -34.12
N TYR E 614 11.74 -45.75 -34.87
CA TYR E 614 11.37 -46.90 -35.70
C TYR E 614 11.39 -48.16 -34.87
N VAL E 615 10.58 -49.14 -35.27
CA VAL E 615 10.53 -50.44 -34.60
C VAL E 615 9.80 -51.38 -35.54
N PRO E 616 10.34 -52.57 -35.82
CA PRO E 616 9.84 -53.38 -36.94
C PRO E 616 8.60 -54.20 -36.66
N ILE E 617 7.84 -53.92 -35.60
CA ILE E 617 6.62 -54.67 -35.29
C ILE E 617 5.46 -53.78 -35.70
N GLY E 618 4.99 -53.96 -36.94
CA GLY E 618 3.75 -53.38 -37.39
C GLY E 618 3.83 -52.67 -38.74
N PRO E 619 4.88 -51.86 -38.97
CA PRO E 619 5.80 -51.23 -38.04
C PRO E 619 5.23 -49.90 -37.53
N ARG E 620 5.96 -49.17 -36.68
CA ARG E 620 5.49 -47.91 -36.13
C ARG E 620 6.58 -46.86 -36.25
N PHE E 621 6.17 -45.60 -36.30
CA PHE E 621 7.11 -44.49 -36.23
C PHE E 621 6.32 -43.19 -36.22
N SER E 622 6.96 -42.13 -35.74
CA SER E 622 6.36 -40.80 -35.74
C SER E 622 6.40 -40.23 -37.15
N ASN E 623 5.43 -39.36 -37.43
CA ASN E 623 5.29 -38.77 -38.76
C ASN E 623 5.76 -37.33 -38.81
N LEU E 624 5.47 -36.54 -37.78
CA LEU E 624 5.85 -35.14 -37.77
C LEU E 624 7.37 -34.99 -37.90
N VAL E 625 8.12 -35.83 -37.20
CA VAL E 625 9.57 -35.76 -37.28
C VAL E 625 10.03 -36.06 -38.69
N LEU E 626 9.45 -37.10 -39.32
CA LEU E 626 9.84 -37.44 -40.67
C LEU E 626 9.60 -36.26 -41.62
N GLN E 627 8.43 -35.62 -41.50
CA GLN E 627 8.17 -34.45 -42.34
C GLN E 627 9.21 -33.36 -42.07
N ALA E 628 9.22 -32.81 -40.87
CA ALA E 628 10.17 -31.76 -40.53
C ALA E 628 11.54 -32.05 -41.12
N LEU E 629 12.03 -33.28 -40.93
CA LEU E 629 13.35 -33.63 -41.45
C LEU E 629 13.38 -33.54 -42.97
N LEU E 630 12.41 -34.18 -43.63
CA LEU E 630 12.45 -34.25 -45.09
C LEU E 630 12.37 -32.87 -45.72
N VAL E 631 11.59 -31.96 -45.14
CA VAL E 631 11.58 -30.58 -45.62
C VAL E 631 12.92 -29.90 -45.34
N LEU E 632 13.48 -30.10 -44.15
CA LEU E 632 14.67 -29.37 -43.76
C LEU E 632 15.93 -29.81 -44.50
N LEU E 633 15.88 -30.90 -45.27
CA LEU E 633 17.01 -31.32 -46.08
C LEU E 633 17.03 -30.66 -47.45
N LYS E 634 16.07 -29.79 -47.76
CA LYS E 634 15.92 -29.25 -49.11
C LYS E 634 15.93 -27.73 -49.19
N LYS E 635 15.73 -27.02 -48.09
CA LYS E 635 15.63 -25.56 -48.14
C LYS E 635 17.03 -24.95 -48.11
N ALA E 636 17.32 -24.11 -49.09
CA ALA E 636 18.59 -23.41 -49.13
C ALA E 636 18.60 -22.28 -48.10
N PRO E 637 19.79 -21.90 -47.62
CA PRO E 637 19.87 -20.86 -46.60
C PRO E 637 19.72 -19.48 -47.22
N PRO E 638 19.74 -18.43 -46.39
CA PRO E 638 19.70 -17.08 -46.95
C PRO E 638 20.88 -16.84 -47.89
N GLN E 639 20.63 -16.04 -48.93
CA GLN E 639 21.59 -15.87 -50.01
C GLN E 639 22.98 -15.58 -49.47
N GLY E 640 23.98 -15.95 -50.27
CA GLY E 640 25.37 -15.68 -49.91
C GLY E 640 25.83 -16.44 -48.69
N ARG E 641 25.50 -17.72 -48.60
CA ARG E 641 25.86 -18.53 -47.45
C ARG E 641 25.95 -19.98 -47.88
N LYS E 642 26.60 -20.79 -47.04
CA LYS E 642 26.84 -22.20 -47.34
C LYS E 642 26.50 -23.04 -46.13
N LEU E 643 26.17 -24.31 -46.38
CA LEU E 643 25.73 -25.22 -45.33
C LEU E 643 25.99 -26.66 -45.78
N LEU E 644 26.33 -27.52 -44.82
CA LEU E 644 26.61 -28.92 -45.09
C LEU E 644 26.14 -29.77 -43.91
N ILE E 645 25.41 -30.84 -44.23
CA ILE E 645 24.85 -31.73 -43.21
C ILE E 645 25.38 -33.14 -43.47
N ILE E 646 25.77 -33.82 -42.39
CA ILE E 646 26.27 -35.19 -42.45
C ILE E 646 25.34 -36.07 -41.63
N GLY E 647 24.80 -37.10 -42.28
CA GLY E 647 23.82 -37.97 -41.64
C GLY E 647 24.39 -39.37 -41.44
N THR E 648 23.86 -40.05 -40.42
CA THR E 648 24.27 -41.40 -40.06
C THR E 648 23.05 -42.29 -39.93
N THR E 649 23.21 -43.55 -40.30
CA THR E 649 22.13 -44.53 -40.17
C THR E 649 22.75 -45.92 -40.07
N SER E 650 21.89 -46.91 -39.86
CA SER E 650 22.35 -48.29 -39.79
C SER E 650 21.46 -49.27 -40.54
N ARG E 651 20.37 -48.82 -41.16
CA ARG E 651 19.47 -49.69 -41.90
C ARG E 651 19.07 -48.93 -43.17
N LYS E 652 19.84 -49.11 -44.24
CA LYS E 652 19.63 -48.32 -45.44
C LYS E 652 18.33 -48.67 -46.13
N ASP E 653 17.92 -49.94 -46.08
CA ASP E 653 16.73 -50.38 -46.81
C ASP E 653 15.48 -49.65 -46.32
N VAL E 654 15.30 -49.57 -45.00
CA VAL E 654 14.11 -48.94 -44.45
C VAL E 654 14.05 -47.47 -44.87
N LEU E 655 15.21 -46.80 -44.89
CA LEU E 655 15.25 -45.46 -45.45
C LEU E 655 14.88 -45.46 -46.92
N GLN E 656 15.30 -46.49 -47.65
CA GLN E 656 15.07 -46.55 -49.08
C GLN E 656 13.58 -46.61 -49.39
N GLU E 657 12.83 -47.43 -48.66
CA GLU E 657 11.42 -47.64 -49.01
C GLU E 657 10.62 -46.37 -48.81
N MET E 658 10.89 -45.61 -47.76
CA MET E 658 10.05 -44.43 -47.45
C MET E 658 10.45 -43.20 -48.26
N GLU E 659 11.18 -43.38 -49.36
CA GLU E 659 11.47 -42.31 -50.31
C GLU E 659 12.08 -41.09 -49.62
N MET E 660 13.13 -41.32 -48.84
CA MET E 660 14.02 -40.26 -48.41
C MET E 660 15.41 -40.37 -49.03
N LEU E 661 15.83 -41.58 -49.38
CA LEU E 661 17.19 -41.77 -49.87
C LEU E 661 17.49 -40.85 -51.05
N ASN E 662 16.56 -40.72 -51.99
CA ASN E 662 16.77 -39.81 -53.10
C ASN E 662 16.97 -38.37 -52.64
N ALA E 663 16.39 -37.99 -51.50
CA ALA E 663 16.57 -36.64 -51.00
C ALA E 663 18.04 -36.36 -50.69
N PHE E 664 18.71 -37.32 -50.05
CA PHE E 664 20.13 -37.16 -49.78
C PHE E 664 20.92 -37.06 -51.08
N SER E 665 22.08 -36.43 -51.01
CA SER E 665 22.88 -36.18 -52.20
C SER E 665 23.63 -37.44 -52.64
N THR E 666 24.54 -37.93 -51.79
CA THR E 666 25.32 -39.11 -52.12
C THR E 666 25.59 -39.88 -50.85
N THR E 667 25.94 -41.16 -51.02
CA THR E 667 26.21 -42.06 -49.91
C THR E 667 27.56 -42.71 -50.09
N ILE E 668 28.21 -43.02 -48.97
CA ILE E 668 29.51 -43.68 -48.98
C ILE E 668 29.45 -44.85 -48.00
N HIS E 669 29.77 -46.04 -48.50
CA HIS E 669 29.68 -47.25 -47.69
C HIS E 669 30.94 -47.41 -46.85
N VAL E 670 30.76 -47.71 -45.57
CA VAL E 670 31.88 -47.96 -44.66
C VAL E 670 31.84 -49.42 -44.26
N PRO E 671 32.70 -50.26 -44.82
CA PRO E 671 32.66 -51.70 -44.52
C PRO E 671 33.33 -52.01 -43.19
N ASN E 672 33.43 -53.30 -42.90
CA ASN E 672 34.03 -53.81 -41.66
C ASN E 672 35.11 -54.83 -42.01
N ILE E 673 35.71 -55.41 -40.98
CA ILE E 673 36.83 -56.33 -41.18
C ILE E 673 36.34 -57.58 -41.88
N ALA E 674 37.05 -57.99 -42.93
CA ALA E 674 36.65 -59.16 -43.71
C ALA E 674 37.84 -60.00 -44.15
N THR E 675 38.92 -60.01 -43.36
CA THR E 675 40.06 -60.84 -43.71
C THR E 675 40.99 -60.92 -42.50
N GLY E 676 41.42 -62.14 -42.18
CA GLY E 676 42.23 -62.34 -40.99
C GLY E 676 43.48 -61.48 -40.96
N GLU E 677 44.04 -61.18 -42.13
CA GLU E 677 45.21 -60.31 -42.19
C GLU E 677 44.90 -58.97 -41.56
N GLN E 678 43.73 -58.42 -41.88
CA GLN E 678 43.33 -57.14 -41.31
C GLN E 678 43.16 -57.26 -39.80
N LEU E 679 42.58 -58.37 -39.32
CA LEU E 679 42.43 -58.55 -37.89
C LEU E 679 43.77 -58.58 -37.19
N LEU E 680 44.74 -59.32 -37.75
CA LEU E 680 46.06 -59.38 -37.14
C LEU E 680 46.73 -58.02 -37.16
N GLU E 681 46.59 -57.28 -38.26
CA GLU E 681 47.19 -55.94 -38.32
C GLU E 681 46.57 -55.02 -37.28
N ALA E 682 45.25 -55.06 -37.13
CA ALA E 682 44.59 -54.22 -36.14
C ALA E 682 45.02 -54.59 -34.72
N LEU E 683 45.09 -55.89 -34.43
CA LEU E 683 45.56 -56.32 -33.12
C LEU E 683 46.99 -55.83 -32.87
N GLU E 684 47.84 -55.96 -33.88
CA GLU E 684 49.21 -55.43 -33.77
C GLU E 684 49.20 -53.96 -33.42
N LEU E 685 48.43 -53.17 -34.17
CA LEU E 685 48.35 -51.74 -33.90
C LEU E 685 47.80 -51.45 -32.51
N LEU E 686 46.95 -52.32 -31.98
CA LEU E 686 46.50 -52.20 -30.60
C LEU E 686 47.52 -52.73 -29.61
N GLY E 687 48.34 -53.69 -30.02
CA GLY E 687 49.43 -54.18 -29.18
C GLY E 687 48.98 -54.75 -27.86
N ASN E 688 47.96 -55.60 -27.86
CA ASN E 688 47.47 -56.25 -26.65
C ASN E 688 47.96 -57.69 -26.54
N PHE E 689 47.83 -58.47 -27.61
CA PHE E 689 48.36 -59.82 -27.68
C PHE E 689 49.54 -59.85 -28.63
N LYS E 690 50.59 -60.58 -28.26
CA LYS E 690 51.83 -60.54 -29.01
C LYS E 690 52.58 -61.85 -28.83
N ASP E 691 53.67 -61.99 -29.58
CA ASP E 691 54.59 -63.11 -29.43
C ASP E 691 53.96 -64.41 -29.92
N LYS E 692 54.31 -65.53 -29.28
CA LYS E 692 53.79 -66.83 -29.71
C LYS E 692 52.27 -66.85 -29.70
N GLU E 693 51.65 -66.09 -28.81
CA GLU E 693 50.20 -65.99 -28.81
C GLU E 693 49.69 -65.51 -30.17
N ARG E 694 50.28 -64.41 -30.68
CA ARG E 694 49.92 -63.93 -32.00
C ARG E 694 50.24 -64.96 -33.06
N THR E 695 51.32 -65.72 -32.90
CA THR E 695 51.69 -66.72 -33.89
C THR E 695 50.61 -67.79 -34.01
N THR E 696 50.20 -68.36 -32.87
CA THR E 696 49.16 -69.39 -32.90
C THR E 696 47.83 -68.80 -33.35
N ILE E 697 47.55 -67.55 -32.99
CA ILE E 697 46.31 -66.92 -33.44
C ILE E 697 46.30 -66.83 -34.96
N ALA E 698 47.42 -66.37 -35.55
CA ALA E 698 47.50 -66.29 -37.00
C ALA E 698 47.39 -67.67 -37.63
N GLN E 699 48.00 -68.68 -37.00
CA GLN E 699 47.90 -70.03 -37.54
C GLN E 699 46.44 -70.49 -37.57
N GLN E 700 45.71 -70.24 -36.49
CA GLN E 700 44.35 -70.77 -36.39
C GLN E 700 43.36 -69.98 -37.24
N VAL E 701 43.57 -68.67 -37.36
CA VAL E 701 42.55 -67.81 -37.98
C VAL E 701 42.40 -68.13 -39.45
N LYS E 702 43.48 -68.49 -40.13
CA LYS E 702 43.45 -68.72 -41.57
C LYS E 702 42.28 -69.62 -41.96
N GLY E 703 41.42 -69.11 -42.81
CA GLY E 703 40.26 -69.84 -43.26
C GLY E 703 39.00 -69.44 -42.50
N LYS E 704 37.86 -69.59 -43.16
CA LYS E 704 36.52 -69.35 -42.65
C LYS E 704 36.18 -67.85 -42.57
N LYS E 705 37.15 -66.96 -42.79
CA LYS E 705 36.88 -65.53 -42.85
C LYS E 705 36.23 -65.02 -41.57
N VAL E 706 35.89 -63.73 -41.54
CA VAL E 706 35.43 -63.06 -40.32
C VAL E 706 34.51 -61.92 -40.73
N TRP E 707 33.55 -61.63 -39.86
CA TRP E 707 32.53 -60.61 -40.14
C TRP E 707 32.27 -59.76 -38.89
N ILE E 708 33.34 -59.30 -38.26
CA ILE E 708 33.24 -58.53 -37.02
C ILE E 708 33.68 -57.10 -37.28
N GLY E 709 32.95 -56.14 -36.71
CA GLY E 709 33.33 -54.75 -36.76
C GLY E 709 34.42 -54.42 -35.75
N ILE E 710 34.62 -53.12 -35.53
CA ILE E 710 35.71 -52.68 -34.67
C ILE E 710 35.28 -52.69 -33.20
N LYS E 711 34.09 -52.17 -32.90
CA LYS E 711 33.67 -52.08 -31.51
C LYS E 711 33.54 -53.46 -30.89
N LYS E 712 32.96 -54.41 -31.62
CA LYS E 712 32.83 -55.76 -31.08
C LYS E 712 34.19 -56.39 -30.84
N LEU E 713 35.14 -56.15 -31.75
CA LEU E 713 36.49 -56.64 -31.56
C LEU E 713 37.09 -56.08 -30.27
N LEU E 714 36.94 -54.78 -30.05
CA LEU E 714 37.46 -54.16 -28.83
C LEU E 714 36.83 -54.78 -27.60
N MET E 715 35.51 -54.97 -27.63
CA MET E 715 34.83 -55.56 -26.49
C MET E 715 35.37 -56.94 -26.19
N LEU E 716 35.52 -57.77 -27.23
CA LEU E 716 36.02 -59.12 -27.03
C LEU E 716 37.43 -59.10 -26.46
N ILE E 717 38.31 -58.27 -27.02
CA ILE E 717 39.69 -58.24 -26.54
C ILE E 717 39.72 -57.85 -25.07
N GLU E 718 38.97 -56.80 -24.71
CA GLU E 718 38.99 -56.34 -23.32
C GLU E 718 38.45 -57.41 -22.39
N MET E 719 37.36 -58.09 -22.79
CA MET E 719 36.76 -59.07 -21.90
C MET E 719 37.65 -60.29 -21.75
N SER E 720 38.39 -60.64 -22.79
CA SER E 720 39.23 -61.84 -22.72
C SER E 720 40.27 -61.74 -21.60
N LEU E 721 40.75 -60.54 -21.30
CA LEU E 721 41.88 -60.36 -20.38
C LEU E 721 41.50 -60.55 -18.92
N GLN E 722 40.30 -61.05 -18.62
CA GLN E 722 39.87 -61.27 -17.25
C GLN E 722 40.12 -62.69 -16.77
N MET E 723 40.89 -63.47 -17.53
CA MET E 723 41.25 -64.82 -17.15
C MET E 723 42.77 -64.92 -17.00
N ASP E 724 43.22 -66.05 -16.46
CA ASP E 724 44.64 -66.25 -16.23
C ASP E 724 45.38 -66.38 -17.56
N PRO E 725 46.69 -66.10 -17.57
CA PRO E 725 47.43 -66.11 -18.83
C PRO E 725 47.36 -67.45 -19.57
N GLU E 726 47.26 -68.56 -18.84
CA GLU E 726 47.32 -69.88 -19.45
C GLU E 726 46.08 -70.22 -20.27
N TYR E 727 45.01 -69.41 -20.18
CA TYR E 727 43.76 -69.74 -20.85
C TYR E 727 43.17 -68.58 -21.64
N ARG E 728 43.88 -67.47 -21.78
CA ARG E 728 43.31 -66.31 -22.48
C ARG E 728 43.15 -66.59 -23.96
N VAL E 729 44.15 -67.19 -24.59
CA VAL E 729 44.10 -67.38 -26.04
C VAL E 729 42.96 -68.31 -26.42
N ARG E 730 42.81 -69.43 -25.70
CA ARG E 730 41.74 -70.36 -26.02
C ARG E 730 40.38 -69.71 -25.82
N LYS E 731 40.22 -68.93 -24.75
CA LYS E 731 38.95 -68.25 -24.51
C LYS E 731 38.63 -67.28 -25.63
N PHE E 732 39.62 -66.49 -26.06
CA PHE E 732 39.40 -65.56 -27.15
C PHE E 732 39.00 -66.29 -28.42
N LEU E 733 39.70 -67.38 -28.73
CA LEU E 733 39.40 -68.12 -29.94
C LEU E 733 37.99 -68.70 -29.91
N ALA E 734 37.60 -69.25 -28.76
CA ALA E 734 36.25 -69.80 -28.65
C ALA E 734 35.20 -68.71 -28.82
N LEU E 735 35.41 -67.56 -28.16
CA LEU E 735 34.45 -66.48 -28.27
C LEU E 735 34.33 -66.00 -29.72
N LEU E 736 35.46 -65.81 -30.40
CA LEU E 736 35.41 -65.35 -31.77
C LEU E 736 34.73 -66.36 -32.67
N ARG E 737 35.04 -67.65 -32.48
CA ARG E 737 34.43 -68.68 -33.31
C ARG E 737 32.91 -68.71 -33.10
N GLU E 738 32.46 -68.59 -31.85
CA GLU E 738 31.03 -68.63 -31.59
C GLU E 738 30.34 -67.39 -32.14
N GLU E 739 30.72 -66.21 -31.63
CA GLU E 739 30.06 -64.98 -32.06
C GLU E 739 30.41 -64.63 -33.50
N GLY E 740 31.62 -64.98 -33.94
CA GLY E 740 32.10 -64.62 -35.26
C GLY E 740 31.04 -64.74 -36.34
N ALA E 741 30.26 -65.81 -36.29
CA ALA E 741 29.12 -65.96 -37.18
C ALA E 741 29.52 -65.75 -38.64
N SER E 742 28.54 -65.47 -39.49
CA SER E 742 28.76 -65.29 -40.92
C SER E 742 27.94 -64.10 -41.40
N PRO E 743 28.37 -63.42 -42.47
CA PRO E 743 27.59 -62.30 -43.01
C PRO E 743 26.22 -62.74 -43.52
N ILE F 212 -23.89 22.01 -47.68
CA ILE F 212 -23.42 20.99 -48.60
C ILE F 212 -21.94 21.23 -48.90
N ASN F 213 -21.09 20.26 -48.55
CA ASN F 213 -19.65 20.37 -48.73
C ASN F 213 -19.12 19.08 -49.36
N PRO F 214 -19.41 18.86 -50.66
CA PRO F 214 -18.94 17.65 -51.36
C PRO F 214 -17.54 17.80 -51.94
N ASP F 215 -16.61 18.29 -51.14
CA ASP F 215 -15.23 18.49 -51.57
C ASP F 215 -14.42 17.24 -51.26
N TRP F 216 -13.65 16.79 -52.24
CA TRP F 216 -12.97 15.50 -52.16
C TRP F 216 -11.53 15.60 -52.66
N ASN F 217 -10.77 16.54 -52.10
CA ASN F 217 -9.31 16.54 -52.22
C ASN F 217 -8.64 15.66 -51.16
N PHE F 218 -9.41 14.79 -50.49
CA PHE F 218 -8.87 14.05 -49.36
C PHE F 218 -7.70 13.18 -49.77
N GLU F 219 -7.79 12.52 -50.92
CA GLU F 219 -6.69 11.69 -51.39
C GLU F 219 -5.45 12.53 -51.67
N LYS F 220 -5.63 13.85 -51.81
CA LYS F 220 -4.52 14.79 -51.96
C LYS F 220 -4.42 15.76 -50.79
N MET F 221 -5.43 15.83 -49.93
CA MET F 221 -5.45 16.76 -48.81
C MET F 221 -4.38 16.43 -47.77
N GLY F 222 -3.72 15.28 -47.90
CA GLY F 222 -2.72 14.84 -46.95
C GLY F 222 -2.90 13.41 -46.48
N ILE F 223 -3.90 12.70 -46.98
CA ILE F 223 -4.15 11.30 -46.61
C ILE F 223 -4.44 10.53 -47.89
N GLY F 224 -3.81 9.37 -48.04
CA GLY F 224 -4.06 8.52 -49.18
C GLY F 224 -5.41 7.83 -49.06
N GLY F 225 -5.55 6.98 -48.07
CA GLY F 225 -6.84 6.38 -47.78
C GLY F 225 -7.38 5.59 -48.96
N LEU F 226 -8.71 5.60 -49.09
CA LEU F 226 -9.40 4.83 -50.12
C LEU F 226 -10.45 5.71 -50.78
N ASP F 227 -10.81 5.33 -52.01
CA ASP F 227 -11.75 6.08 -52.83
C ASP F 227 -13.16 5.52 -52.75
N LYS F 228 -13.58 5.03 -51.58
CA LYS F 228 -14.93 4.54 -51.40
C LYS F 228 -15.57 5.12 -50.15
N GLU F 229 -14.77 5.33 -49.11
CA GLU F 229 -15.31 5.76 -47.82
C GLU F 229 -16.01 7.10 -47.94
N PHE F 230 -15.53 7.98 -48.82
CA PHE F 230 -16.05 9.35 -48.86
C PHE F 230 -17.54 9.36 -49.19
N SER F 231 -17.94 8.62 -50.23
CA SER F 231 -19.33 8.62 -50.65
C SER F 231 -20.24 8.18 -49.52
N ASP F 232 -19.93 7.03 -48.90
CA ASP F 232 -20.76 6.53 -47.82
C ASP F 232 -20.82 7.52 -46.66
N ILE F 233 -19.65 7.99 -46.22
CA ILE F 233 -19.59 8.82 -45.02
C ILE F 233 -20.47 10.04 -45.18
N PHE F 234 -20.31 10.78 -46.29
CA PHE F 234 -21.13 12.00 -46.38
C PHE F 234 -22.53 11.80 -46.94
N ARG F 235 -22.83 10.75 -47.70
CA ARG F 235 -24.24 10.51 -47.93
C ARG F 235 -24.96 10.34 -46.60
N ARG F 236 -24.36 9.57 -45.68
CA ARG F 236 -25.00 9.37 -44.39
C ARG F 236 -25.00 10.65 -43.55
N ALA F 237 -23.89 11.40 -43.53
CA ALA F 237 -23.84 12.61 -42.71
C ALA F 237 -24.80 13.67 -43.22
N PHE F 238 -24.75 13.97 -44.53
CA PHE F 238 -25.68 14.89 -45.13
C PHE F 238 -27.11 14.49 -44.83
N ALA F 239 -27.42 13.19 -44.97
CA ALA F 239 -28.74 12.72 -44.57
C ALA F 239 -29.05 13.11 -43.14
N SER F 240 -28.14 12.78 -42.22
CA SER F 240 -28.45 12.99 -40.81
C SER F 240 -28.76 14.45 -40.51
N ARG F 241 -27.98 15.39 -41.04
CA ARG F 241 -27.99 16.74 -40.50
C ARG F 241 -28.29 17.87 -41.48
N VAL F 242 -28.51 17.59 -42.76
CA VAL F 242 -28.72 18.69 -43.70
C VAL F 242 -30.06 19.37 -43.46
N PHE F 243 -31.11 18.59 -43.20
CA PHE F 243 -32.45 19.14 -43.17
C PHE F 243 -32.66 20.04 -41.95
N PRO F 244 -33.62 20.95 -42.02
CA PRO F 244 -33.90 21.81 -40.87
C PRO F 244 -34.30 20.99 -39.68
N PRO F 245 -33.97 21.44 -38.46
CA PRO F 245 -34.27 20.61 -37.28
C PRO F 245 -35.73 20.27 -37.10
N GLU F 246 -36.64 21.21 -37.37
CA GLU F 246 -38.06 20.96 -37.09
C GLU F 246 -38.61 19.84 -37.94
N ILE F 247 -38.27 19.83 -39.25
CA ILE F 247 -38.77 18.77 -40.11
C ILE F 247 -38.13 17.44 -39.73
N VAL F 248 -36.86 17.47 -39.33
CA VAL F 248 -36.20 16.24 -38.87
C VAL F 248 -36.94 15.68 -37.67
N GLU F 249 -37.29 16.53 -36.71
CA GLU F 249 -38.05 16.07 -35.56
C GLU F 249 -39.40 15.51 -35.98
N GLN F 250 -40.09 16.21 -36.89
CA GLN F 250 -41.35 15.70 -37.40
C GLN F 250 -41.17 14.32 -38.02
N MET F 251 -39.99 14.06 -38.59
CA MET F 251 -39.69 12.71 -39.07
C MET F 251 -39.55 11.74 -37.91
N GLY F 252 -39.13 12.21 -36.74
CA GLY F 252 -38.96 11.34 -35.59
C GLY F 252 -37.73 10.48 -35.64
N CYS F 253 -36.76 10.83 -36.48
CA CYS F 253 -35.55 10.04 -36.64
C CYS F 253 -34.47 10.51 -35.66
N LYS F 254 -33.33 9.81 -35.70
CA LYS F 254 -32.20 10.08 -34.83
C LYS F 254 -31.00 10.51 -35.65
N HIS F 255 -30.23 11.45 -35.12
CA HIS F 255 -28.99 11.86 -35.76
C HIS F 255 -27.89 10.85 -35.48
N VAL F 256 -27.01 10.66 -36.46
CA VAL F 256 -25.87 9.77 -36.29
C VAL F 256 -24.90 10.39 -35.30
N LYS F 257 -24.51 9.61 -34.28
CA LYS F 257 -23.67 10.12 -33.20
C LYS F 257 -22.49 9.21 -32.88
N GLY F 258 -22.24 8.17 -33.68
CA GLY F 258 -21.14 7.27 -33.40
C GLY F 258 -20.39 6.83 -34.64
N ILE F 259 -19.09 7.10 -34.68
CA ILE F 259 -18.22 6.70 -35.79
C ILE F 259 -17.01 5.99 -35.21
N LEU F 260 -16.69 4.83 -35.77
CA LEU F 260 -15.58 4.00 -35.29
C LEU F 260 -14.44 4.04 -36.29
N LEU F 261 -13.23 4.24 -35.79
CA LEU F 261 -12.01 4.19 -36.60
C LEU F 261 -11.06 3.17 -35.98
N TYR F 262 -10.50 2.31 -36.83
CA TYR F 262 -9.57 1.29 -36.38
C TYR F 262 -8.66 0.92 -37.54
N GLY F 263 -7.59 0.19 -37.21
CA GLY F 263 -6.66 -0.26 -38.21
C GLY F 263 -5.25 -0.35 -37.66
N PRO F 264 -4.30 -0.77 -38.50
CA PRO F 264 -2.91 -0.87 -38.05
C PRO F 264 -2.35 0.51 -37.76
N PRO F 265 -1.39 0.63 -36.84
CA PRO F 265 -0.82 1.94 -36.54
C PRO F 265 -0.06 2.52 -37.72
N GLY F 266 0.07 3.85 -37.72
CA GLY F 266 0.83 4.54 -38.72
C GLY F 266 0.08 4.93 -39.97
N CYS F 267 -1.24 4.74 -40.01
CA CYS F 267 -2.02 5.04 -41.20
C CYS F 267 -2.58 6.44 -41.21
N GLY F 268 -2.21 7.29 -40.25
CA GLY F 268 -2.74 8.64 -40.19
C GLY F 268 -4.17 8.72 -39.70
N LYS F 269 -4.60 7.78 -38.86
CA LYS F 269 -5.98 7.79 -38.40
C LYS F 269 -6.32 9.11 -37.72
N THR F 270 -5.43 9.62 -36.87
CA THR F 270 -5.68 10.89 -36.22
C THR F 270 -5.75 12.03 -37.23
N LEU F 271 -4.92 11.96 -38.28
CA LEU F 271 -5.01 12.96 -39.34
C LEU F 271 -6.39 12.92 -40.00
N LEU F 272 -6.89 11.72 -40.30
CA LEU F 272 -8.21 11.62 -40.91
C LEU F 272 -9.28 12.17 -39.98
N ALA F 273 -9.19 11.86 -38.68
CA ALA F 273 -10.17 12.38 -37.74
C ALA F 273 -10.14 13.90 -37.69
N ARG F 274 -8.95 14.50 -37.64
CA ARG F 274 -8.84 15.94 -37.63
C ARG F 274 -9.39 16.55 -38.91
N GLN F 275 -9.08 15.95 -40.05
CA GLN F 275 -9.53 16.48 -41.33
C GLN F 275 -11.05 16.42 -41.44
N ILE F 276 -11.64 15.28 -41.07
CA ILE F 276 -13.08 15.16 -41.13
C ILE F 276 -13.74 16.14 -40.18
N GLY F 277 -13.20 16.29 -38.97
CA GLY F 277 -13.73 17.28 -38.05
C GLY F 277 -13.67 18.68 -38.63
N LYS F 278 -12.57 19.01 -39.30
CA LYS F 278 -12.43 20.34 -39.89
C LYS F 278 -13.48 20.59 -40.96
N MET F 279 -13.62 19.66 -41.92
CA MET F 279 -14.53 19.94 -43.02
C MET F 279 -15.98 20.00 -42.56
N LEU F 280 -16.27 19.54 -41.35
CA LEU F 280 -17.55 19.83 -40.71
C LEU F 280 -17.40 21.10 -39.86
N ASN F 281 -18.42 21.96 -39.91
CA ASN F 281 -18.33 23.28 -39.31
C ASN F 281 -18.51 23.25 -37.80
N ALA F 282 -18.42 22.07 -37.20
CA ALA F 282 -18.60 21.94 -35.76
C ALA F 282 -17.48 22.67 -35.02
N ARG F 283 -17.61 22.70 -33.70
CA ARG F 283 -16.65 23.41 -32.86
C ARG F 283 -15.28 22.72 -32.92
N GLU F 284 -14.29 23.36 -32.30
CA GLU F 284 -12.95 22.80 -32.27
C GLU F 284 -12.93 21.53 -31.41
N PRO F 285 -12.16 20.53 -31.80
CA PRO F 285 -12.21 19.25 -31.08
C PRO F 285 -11.54 19.32 -29.72
N LYS F 286 -11.96 18.42 -28.84
CA LYS F 286 -11.26 18.15 -27.58
C LYS F 286 -10.82 16.69 -27.60
N VAL F 287 -9.55 16.46 -27.30
CA VAL F 287 -8.91 15.15 -27.47
C VAL F 287 -8.83 14.46 -26.12
N VAL F 288 -9.23 13.20 -26.08
CA VAL F 288 -9.15 12.37 -24.88
C VAL F 288 -8.58 11.02 -25.29
N ASN F 289 -7.61 10.52 -24.52
CA ASN F 289 -7.02 9.22 -24.78
C ASN F 289 -7.81 8.15 -24.00
N GLY F 290 -7.27 6.95 -23.93
CA GLY F 290 -8.00 5.81 -23.44
C GLY F 290 -7.73 5.49 -21.98
N PRO F 291 -6.84 4.52 -21.73
CA PRO F 291 -6.67 4.02 -20.36
C PRO F 291 -6.43 5.10 -19.32
N GLU F 292 -6.05 6.30 -19.72
CA GLU F 292 -5.86 7.37 -18.74
C GLU F 292 -7.14 7.65 -17.97
N ILE F 293 -8.29 7.45 -18.60
CA ILE F 293 -9.56 7.63 -17.88
C ILE F 293 -9.67 6.62 -16.75
N LEU F 294 -9.30 5.37 -17.02
CA LEU F 294 -9.32 4.33 -16.01
C LEU F 294 -8.19 4.54 -15.02
N ASN F 295 -8.38 5.48 -14.09
CA ASN F 295 -7.32 5.80 -13.14
C ASN F 295 -7.22 4.70 -12.08
N LYS F 296 -6.29 4.90 -11.14
CA LYS F 296 -6.00 3.86 -10.16
C LYS F 296 -7.25 3.50 -9.34
N TYR F 297 -8.10 4.49 -9.06
CA TYR F 297 -9.24 4.31 -8.17
C TYR F 297 -10.52 4.63 -8.92
N VAL F 298 -11.55 3.82 -8.69
CA VAL F 298 -12.82 3.99 -9.40
C VAL F 298 -13.56 5.18 -8.82
N GLY F 299 -13.98 6.10 -9.70
CA GLY F 299 -14.67 7.31 -9.32
C GLY F 299 -14.06 8.57 -9.91
N GLU F 300 -12.73 8.63 -9.99
CA GLU F 300 -12.09 9.73 -10.70
C GLU F 300 -12.49 9.71 -12.17
N SER F 301 -12.52 8.52 -12.77
CA SER F 301 -13.02 8.39 -14.14
C SER F 301 -14.43 8.95 -14.26
N GLU F 302 -15.28 8.67 -13.26
CA GLU F 302 -16.64 9.17 -13.28
C GLU F 302 -16.65 10.70 -13.32
N ALA F 303 -15.94 11.33 -12.38
CA ALA F 303 -15.93 12.79 -12.35
C ALA F 303 -15.42 13.35 -13.66
N ASN F 304 -14.31 12.82 -14.18
CA ASN F 304 -13.74 13.36 -15.41
C ASN F 304 -14.71 13.22 -16.58
N ILE F 305 -15.23 12.01 -16.80
CA ILE F 305 -16.10 11.77 -17.95
C ILE F 305 -17.36 12.61 -17.86
N ARG F 306 -17.96 12.67 -16.66
CA ARG F 306 -19.16 13.47 -16.50
C ARG F 306 -18.90 14.94 -16.74
N LYS F 307 -17.75 15.46 -16.29
CA LYS F 307 -17.41 16.85 -16.57
C LYS F 307 -17.27 17.10 -18.06
N LEU F 308 -16.55 16.23 -18.75
CA LEU F 308 -16.30 16.42 -20.18
C LEU F 308 -17.62 16.41 -20.96
N PHE F 309 -18.52 15.49 -20.61
CA PHE F 309 -19.80 15.45 -21.32
C PHE F 309 -20.71 16.60 -20.88
N ALA F 310 -20.58 17.03 -19.62
CA ALA F 310 -21.42 18.10 -19.12
C ALA F 310 -21.10 19.42 -19.78
N ASP F 311 -19.85 19.62 -20.21
CA ASP F 311 -19.54 20.83 -20.97
C ASP F 311 -20.49 20.98 -22.15
N ALA F 312 -20.57 19.94 -22.98
CA ALA F 312 -21.44 19.98 -24.16
C ALA F 312 -22.90 19.96 -23.79
N GLU F 313 -23.28 19.22 -22.75
CA GLU F 313 -24.68 19.24 -22.33
C GLU F 313 -25.13 20.64 -21.94
N GLU F 314 -24.31 21.33 -21.14
CA GLU F 314 -24.64 22.70 -20.75
C GLU F 314 -24.68 23.62 -21.95
N GLU F 315 -23.70 23.51 -22.85
CA GLU F 315 -23.70 24.36 -24.03
C GLU F 315 -24.98 24.18 -24.84
N GLN F 316 -25.34 22.92 -25.12
CA GLN F 316 -26.54 22.64 -25.90
C GLN F 316 -27.79 23.12 -25.20
N ARG F 317 -27.92 22.87 -23.91
CA ARG F 317 -29.12 23.28 -23.18
C ARG F 317 -29.23 24.80 -23.14
N ARG F 318 -28.09 25.50 -23.06
CA ARG F 318 -28.13 26.95 -22.98
C ARG F 318 -28.53 27.56 -24.31
N LEU F 319 -27.98 27.04 -25.41
CA LEU F 319 -28.32 27.56 -26.73
C LEU F 319 -29.55 26.91 -27.35
N GLY F 320 -30.11 25.88 -26.71
CA GLY F 320 -31.31 25.27 -27.23
C GLY F 320 -31.04 24.33 -28.40
N ALA F 321 -32.10 24.08 -29.17
CA ALA F 321 -32.03 23.10 -30.26
C ALA F 321 -31.04 23.54 -31.34
N ASN F 322 -31.03 24.82 -31.70
CA ASN F 322 -30.19 25.32 -32.78
C ASN F 322 -28.71 25.41 -32.40
N SER F 323 -28.29 24.86 -31.27
CA SER F 323 -26.91 24.94 -30.87
C SER F 323 -26.00 24.23 -31.87
N GLY F 324 -24.71 24.56 -31.83
CA GLY F 324 -23.73 23.92 -32.68
C GLY F 324 -23.37 22.53 -32.19
N LEU F 325 -22.56 21.85 -32.99
CA LEU F 325 -22.19 20.47 -32.72
C LEU F 325 -20.82 20.39 -32.07
N HIS F 326 -20.68 19.46 -31.12
CA HIS F 326 -19.41 19.18 -30.46
C HIS F 326 -18.88 17.85 -30.95
N ILE F 327 -17.60 17.82 -31.29
CA ILE F 327 -16.94 16.61 -31.80
C ILE F 327 -15.96 16.12 -30.74
N ILE F 328 -16.06 14.84 -30.40
CA ILE F 328 -15.19 14.20 -29.43
C ILE F 328 -14.48 13.04 -30.12
N ILE F 329 -13.18 12.93 -29.90
CA ILE F 329 -12.38 11.84 -30.44
C ILE F 329 -11.82 11.04 -29.28
N PHE F 330 -12.19 9.77 -29.21
CA PHE F 330 -11.66 8.86 -28.18
C PHE F 330 -10.54 8.05 -28.82
N ASP F 331 -9.61 7.58 -28.01
CA ASP F 331 -8.52 6.72 -28.45
C ASP F 331 -8.35 5.56 -27.49
N GLU F 332 -7.99 4.40 -28.03
CA GLU F 332 -7.76 3.18 -27.26
C GLU F 332 -9.04 2.78 -26.50
N ILE F 333 -10.11 2.58 -27.26
CA ILE F 333 -11.36 2.11 -26.67
C ILE F 333 -11.21 0.70 -26.16
N ASP F 334 -10.41 -0.13 -26.84
CA ASP F 334 -10.31 -1.54 -26.51
C ASP F 334 -9.99 -1.75 -25.03
N ALA F 335 -9.17 -0.88 -24.44
CA ALA F 335 -8.79 -1.05 -23.04
C ALA F 335 -10.00 -0.92 -22.12
N ILE F 336 -10.83 0.09 -22.35
CA ILE F 336 -11.93 0.35 -21.43
C ILE F 336 -13.03 -0.71 -21.58
N CYS F 337 -13.23 -1.20 -22.80
CA CYS F 337 -14.32 -2.14 -23.07
C CYS F 337 -13.99 -3.57 -22.67
N LYS F 338 -12.74 -3.88 -22.37
CA LYS F 338 -12.37 -5.24 -21.98
C LYS F 338 -12.71 -5.49 -20.51
N THR F 347 -12.31 -5.87 -12.17
CA THR F 347 -12.85 -5.93 -13.53
C THR F 347 -14.09 -5.04 -13.66
N GLY F 348 -14.58 -4.54 -12.52
CA GLY F 348 -15.78 -3.73 -12.51
C GLY F 348 -15.61 -2.32 -13.01
N VAL F 349 -14.37 -1.86 -13.23
CA VAL F 349 -14.17 -0.50 -13.73
C VAL F 349 -14.63 -0.40 -15.18
N HIS F 350 -14.26 -1.38 -16.00
CA HIS F 350 -14.71 -1.39 -17.39
C HIS F 350 -16.22 -1.29 -17.47
N ASP F 351 -16.91 -2.08 -16.65
CA ASP F 351 -18.37 -2.16 -16.74
C ASP F 351 -19.01 -0.83 -16.38
N THR F 352 -18.59 -0.21 -15.27
CA THR F 352 -19.18 1.05 -14.87
C THR F 352 -18.87 2.16 -15.88
N VAL F 353 -17.64 2.19 -16.39
CA VAL F 353 -17.28 3.22 -17.36
C VAL F 353 -18.12 3.07 -18.62
N VAL F 354 -18.24 1.84 -19.13
CA VAL F 354 -19.04 1.61 -20.32
C VAL F 354 -20.50 1.96 -20.07
N ASN F 355 -21.01 1.61 -18.89
CA ASN F 355 -22.39 1.94 -18.57
C ASN F 355 -22.61 3.45 -18.61
N GLN F 356 -21.68 4.22 -18.02
CA GLN F 356 -21.84 5.67 -17.99
C GLN F 356 -21.77 6.26 -19.40
N LEU F 357 -20.78 5.83 -20.19
CA LEU F 357 -20.66 6.34 -21.55
C LEU F 357 -21.90 6.02 -22.36
N LEU F 358 -22.40 4.79 -22.25
CA LEU F 358 -23.62 4.40 -22.96
C LEU F 358 -24.81 5.21 -22.50
N SER F 359 -24.95 5.43 -21.19
CA SER F 359 -26.08 6.19 -20.68
C SER F 359 -26.08 7.59 -21.26
N LYS F 360 -24.91 8.22 -21.33
CA LYS F 360 -24.87 9.57 -21.86
C LYS F 360 -25.15 9.59 -23.36
N ILE F 361 -24.47 8.73 -24.14
CA ILE F 361 -24.57 8.85 -25.59
C ILE F 361 -25.90 8.34 -26.11
N ASP F 362 -26.53 7.41 -25.41
CA ASP F 362 -27.76 6.79 -25.90
C ASP F 362 -28.87 7.80 -26.15
N GLY F 363 -28.81 8.96 -25.50
CA GLY F 363 -29.88 9.93 -25.54
C GLY F 363 -30.67 10.01 -24.25
N VAL F 364 -30.33 9.18 -23.25
CA VAL F 364 -30.97 9.29 -21.95
C VAL F 364 -30.80 10.70 -21.41
N GLU F 365 -29.59 11.25 -21.52
CA GLU F 365 -29.35 12.63 -21.12
C GLU F 365 -29.95 13.62 -22.12
N GLN F 366 -30.25 13.18 -23.34
CA GLN F 366 -30.90 13.94 -24.39
C GLN F 366 -29.95 14.90 -25.11
N LEU F 367 -28.68 14.95 -24.73
CA LEU F 367 -27.74 15.85 -25.40
C LEU F 367 -27.69 15.51 -26.89
N ASN F 368 -28.01 16.50 -27.73
CA ASN F 368 -28.14 16.30 -29.15
C ASN F 368 -26.97 16.86 -29.95
N ASN F 369 -25.99 17.47 -29.29
CA ASN F 369 -24.83 18.04 -29.96
C ASN F 369 -23.57 17.39 -29.39
N ILE F 370 -23.22 16.24 -29.96
CA ILE F 370 -22.04 15.50 -29.56
C ILE F 370 -21.74 14.47 -30.65
N LEU F 371 -20.46 14.31 -30.97
CA LEU F 371 -20.02 13.37 -31.99
C LEU F 371 -18.76 12.69 -31.47
N VAL F 372 -18.91 11.46 -30.97
CA VAL F 372 -17.80 10.70 -30.43
C VAL F 372 -17.22 9.85 -31.55
N ILE F 373 -15.91 9.96 -31.76
CA ILE F 373 -15.19 9.16 -32.74
C ILE F 373 -14.17 8.32 -31.98
N GLY F 374 -14.29 7.00 -32.08
CA GLY F 374 -13.45 6.08 -31.34
C GLY F 374 -12.30 5.58 -32.20
N MET F 375 -11.08 5.84 -31.74
CA MET F 375 -9.86 5.38 -32.43
C MET F 375 -9.31 4.20 -31.65
N THR F 376 -8.83 3.15 -32.31
CA THR F 376 -8.20 2.02 -31.67
C THR F 376 -7.41 1.23 -32.70
N ASN F 377 -6.75 0.17 -32.23
CA ASN F 377 -5.98 -0.72 -33.08
C ASN F 377 -6.33 -2.19 -32.91
N ARG F 378 -7.07 -2.56 -31.85
CA ARG F 378 -7.47 -3.94 -31.60
C ARG F 378 -8.99 -4.03 -31.80
N PRO F 379 -9.48 -4.19 -33.03
CA PRO F 379 -10.92 -4.21 -33.26
C PRO F 379 -11.63 -5.40 -32.64
N ASP F 380 -10.90 -6.39 -32.14
CA ASP F 380 -11.50 -7.55 -31.52
C ASP F 380 -11.76 -7.37 -30.02
N LEU F 381 -11.26 -6.29 -29.42
CA LEU F 381 -11.41 -6.04 -27.99
C LEU F 381 -12.39 -4.93 -27.68
N ILE F 382 -13.10 -4.40 -28.67
CA ILE F 382 -14.08 -3.35 -28.43
C ILE F 382 -15.42 -3.99 -28.10
N ASP F 383 -16.14 -3.39 -27.15
CA ASP F 383 -17.40 -3.96 -26.70
C ASP F 383 -18.40 -4.02 -27.85
N GLU F 384 -19.08 -5.16 -27.97
CA GLU F 384 -20.08 -5.32 -29.01
C GLU F 384 -21.45 -4.81 -28.55
N ALA F 385 -21.76 -4.94 -27.26
CA ALA F 385 -23.00 -4.38 -26.73
C ALA F 385 -23.04 -2.87 -26.85
N LEU F 386 -21.88 -2.21 -26.86
CA LEU F 386 -21.80 -0.78 -27.09
C LEU F 386 -21.85 -0.41 -28.56
N LEU F 387 -21.67 -1.39 -29.45
CA LEU F 387 -21.72 -1.17 -30.89
C LEU F 387 -23.12 -1.30 -31.46
N ARG F 388 -24.11 -1.63 -30.64
CA ARG F 388 -25.48 -1.79 -31.09
C ARG F 388 -25.94 -0.54 -31.83
N PRO F 389 -27.00 -0.63 -32.64
CA PRO F 389 -27.46 0.55 -33.38
C PRO F 389 -27.79 1.70 -32.43
N GLY F 390 -27.46 2.91 -32.87
CA GLY F 390 -27.65 4.10 -32.07
C GLY F 390 -26.46 4.48 -31.20
N ARG F 391 -25.41 3.66 -31.17
CA ARG F 391 -24.22 3.96 -30.38
C ARG F 391 -23.00 4.20 -31.27
N LEU F 392 -22.64 3.22 -32.09
CA LEU F 392 -21.61 3.36 -33.13
C LEU F 392 -22.23 2.82 -34.41
N GLU F 393 -22.99 3.66 -35.10
CA GLU F 393 -23.77 3.19 -36.24
C GLU F 393 -22.88 2.93 -37.44
N VAL F 394 -21.89 3.80 -37.68
CA VAL F 394 -21.02 3.71 -38.84
C VAL F 394 -19.61 3.42 -38.38
N LYS F 395 -18.97 2.44 -39.01
CA LYS F 395 -17.59 2.06 -38.72
C LYS F 395 -16.81 2.04 -40.02
N MET F 396 -15.49 2.20 -39.91
CA MET F 396 -14.63 2.17 -41.08
C MET F 396 -13.23 1.78 -40.66
N GLU F 397 -12.46 1.28 -41.62
CA GLU F 397 -11.11 0.83 -41.41
C GLU F 397 -10.15 1.59 -42.31
N ILE F 398 -8.94 1.82 -41.81
CA ILE F 398 -7.88 2.45 -42.58
C ILE F 398 -6.98 1.35 -43.12
N GLY F 399 -6.71 1.39 -44.42
CA GLY F 399 -5.94 0.35 -45.05
C GLY F 399 -4.45 0.59 -44.97
N LEU F 400 -3.79 0.63 -46.12
CA LEU F 400 -2.36 0.84 -46.21
C LEU F 400 -2.07 2.19 -46.84
N PRO F 401 -0.88 2.75 -46.63
CA PRO F 401 -0.55 4.05 -47.23
C PRO F 401 -0.59 4.05 -48.75
N ASP F 402 -0.85 2.91 -49.39
CA ASP F 402 -1.01 2.84 -50.83
C ASP F 402 0.33 3.09 -51.51
N GLU F 403 0.41 2.82 -52.81
CA GLU F 403 1.56 3.21 -53.61
C GLU F 403 1.43 4.59 -54.20
N LYS F 404 0.24 4.93 -54.73
CA LYS F 404 0.04 6.26 -55.28
C LYS F 404 -0.08 7.31 -54.18
N GLY F 405 -0.79 6.99 -53.09
CA GLY F 405 -0.81 7.90 -51.96
C GLY F 405 0.55 8.04 -51.33
N ARG F 406 1.33 6.96 -51.32
CA ARG F 406 2.72 7.03 -50.86
C ARG F 406 3.53 7.97 -51.75
N LEU F 407 3.36 7.85 -53.06
CA LEU F 407 3.97 8.80 -53.99
C LEU F 407 3.56 10.22 -53.65
N GLN F 408 2.29 10.41 -53.28
CA GLN F 408 1.78 11.76 -53.01
C GLN F 408 2.43 12.35 -51.76
N ILE F 409 2.51 11.56 -50.69
CA ILE F 409 3.14 12.05 -49.47
C ILE F 409 4.62 12.34 -49.73
N LEU F 410 5.29 11.47 -50.50
CA LEU F 410 6.68 11.74 -50.85
C LEU F 410 6.79 13.01 -51.68
N HIS F 411 5.81 13.25 -52.56
CA HIS F 411 5.79 14.48 -53.35
C HIS F 411 5.70 15.70 -52.44
N ILE F 412 4.84 15.64 -51.42
CA ILE F 412 4.70 16.77 -50.50
C ILE F 412 6.00 17.00 -49.77
N HIS F 413 6.59 15.93 -49.23
CA HIS F 413 7.81 16.08 -48.45
C HIS F 413 8.96 16.62 -49.31
N THR F 414 9.11 16.08 -50.52
CA THR F 414 10.16 16.56 -51.41
C THR F 414 9.87 17.95 -51.95
N ALA F 415 8.60 18.36 -52.04
CA ALA F 415 8.30 19.75 -52.35
C ALA F 415 8.80 20.66 -51.25
N ARG F 416 8.55 20.29 -50.00
CA ARG F 416 9.11 21.07 -48.89
C ARG F 416 10.63 21.10 -48.98
N MET F 417 11.25 19.96 -49.27
CA MET F 417 12.71 19.90 -49.37
C MET F 417 13.23 20.82 -50.46
N ARG F 418 12.68 20.69 -51.68
CA ARG F 418 13.11 21.50 -52.81
C ARG F 418 12.74 22.97 -52.65
N GLY F 419 11.90 23.30 -51.66
CA GLY F 419 11.69 24.70 -51.33
C GLY F 419 13.01 25.46 -51.27
N HIS F 420 14.06 24.80 -50.76
CA HIS F 420 15.39 25.37 -50.73
C HIS F 420 16.32 24.77 -51.79
N GLN F 421 15.79 23.91 -52.66
CA GLN F 421 16.55 23.31 -53.75
C GLN F 421 17.76 22.52 -53.25
N LEU F 422 17.67 21.96 -52.05
CA LEU F 422 18.77 21.15 -51.54
C LEU F 422 18.75 19.74 -52.09
N LEU F 423 17.64 19.29 -52.67
CA LEU F 423 17.54 17.95 -53.22
C LEU F 423 18.24 17.88 -54.58
N SER F 424 19.02 16.83 -54.79
CA SER F 424 19.72 16.63 -56.04
C SER F 424 18.77 16.08 -57.11
N ALA F 425 18.92 16.56 -58.34
CA ALA F 425 18.08 16.09 -59.43
C ALA F 425 18.23 14.59 -59.65
N ASP F 426 19.37 14.01 -59.26
CA ASP F 426 19.53 12.56 -59.39
C ASP F 426 18.45 11.81 -58.63
N VAL F 427 17.87 12.43 -57.60
CA VAL F 427 16.80 11.80 -56.85
C VAL F 427 15.57 11.65 -57.73
N ASP F 428 14.98 10.46 -57.74
CA ASP F 428 13.77 10.17 -58.50
C ASP F 428 12.72 9.60 -57.56
N ILE F 429 11.56 10.25 -57.50
CA ILE F 429 10.52 9.85 -56.56
C ILE F 429 9.90 8.52 -56.97
N LYS F 430 9.71 8.28 -58.27
CA LYS F 430 9.02 7.07 -58.71
C LYS F 430 9.77 5.82 -58.24
N GLU F 431 11.08 5.78 -58.47
CA GLU F 431 11.85 4.61 -58.08
C GLU F 431 11.86 4.42 -56.57
N LEU F 432 11.99 5.52 -55.82
CA LEU F 432 11.94 5.43 -54.36
C LEU F 432 10.63 4.84 -53.89
N ALA F 433 9.51 5.36 -54.42
CA ALA F 433 8.20 4.83 -54.05
C ALA F 433 8.10 3.35 -54.40
N VAL F 434 8.65 2.96 -55.55
CA VAL F 434 8.63 1.55 -55.94
C VAL F 434 9.36 0.70 -54.91
N GLU F 435 10.56 1.14 -54.51
CA GLU F 435 11.35 0.37 -53.56
C GLU F 435 10.61 0.18 -52.25
N THR F 436 10.14 1.27 -51.65
CA THR F 436 9.46 1.20 -50.37
C THR F 436 8.13 0.46 -50.49
N LYS F 437 7.73 -0.18 -49.39
CA LYS F 437 6.46 -0.90 -49.32
C LYS F 437 5.94 -0.82 -47.89
N ASN F 438 4.75 -0.25 -47.71
CA ASN F 438 4.08 -0.23 -46.42
C ASN F 438 4.89 0.55 -45.39
N PHE F 439 5.50 1.65 -45.82
CA PHE F 439 6.20 2.57 -44.91
C PHE F 439 5.25 3.72 -44.62
N SER F 440 4.75 3.76 -43.39
CA SER F 440 3.84 4.81 -42.97
C SER F 440 4.44 6.19 -43.24
N GLY F 441 3.59 7.23 -43.22
CA GLY F 441 4.11 8.57 -43.34
C GLY F 441 5.19 8.86 -42.31
N ALA F 442 5.01 8.34 -41.10
CA ALA F 442 6.05 8.42 -40.10
C ALA F 442 7.29 7.65 -40.55
N GLU F 443 7.10 6.46 -41.11
CA GLU F 443 8.26 5.68 -41.57
C GLU F 443 8.96 6.37 -42.73
N LEU F 444 8.20 6.93 -43.67
CA LEU F 444 8.83 7.64 -44.78
C LEU F 444 9.57 8.88 -44.27
N GLU F 445 8.98 9.60 -43.31
CA GLU F 445 9.65 10.76 -42.74
C GLU F 445 10.94 10.34 -42.03
N GLY F 446 10.90 9.22 -41.31
CA GLY F 446 12.11 8.73 -40.67
C GLY F 446 13.17 8.32 -41.67
N LEU F 447 12.76 7.73 -42.79
CA LEU F 447 13.71 7.42 -43.84
C LEU F 447 14.34 8.69 -44.41
N VAL F 448 13.53 9.73 -44.58
CA VAL F 448 14.07 11.01 -45.04
C VAL F 448 15.05 11.56 -44.02
N ARG F 449 14.72 11.43 -42.73
CA ARG F 449 15.63 11.88 -41.68
C ARG F 449 16.95 11.11 -41.73
N ALA F 450 16.87 9.80 -41.95
CA ALA F 450 18.09 8.99 -42.04
C ALA F 450 18.92 9.39 -43.25
N ALA F 451 18.26 9.69 -44.37
CA ALA F 451 18.98 10.17 -45.54
C ALA F 451 19.70 11.48 -45.22
N GLN F 452 19.01 12.40 -44.56
CA GLN F 452 19.65 13.64 -44.11
C GLN F 452 20.88 13.33 -43.27
N SER F 453 20.71 12.44 -42.29
CA SER F 453 21.80 12.15 -41.36
C SER F 453 23.01 11.58 -42.09
N THR F 454 22.79 10.60 -42.96
CA THR F 454 23.91 9.99 -43.67
C THR F 454 24.57 11.00 -44.61
N ALA F 455 23.79 11.81 -45.30
CA ALA F 455 24.37 12.78 -46.22
C ALA F 455 25.22 13.80 -45.48
N MET F 456 24.69 14.34 -44.37
CA MET F 456 25.46 15.33 -43.63
C MET F 456 26.64 14.69 -42.90
N ASN F 457 26.56 13.40 -42.56
CA ASN F 457 27.72 12.73 -42.00
C ASN F 457 28.82 12.59 -43.04
N ARG F 458 28.46 12.15 -44.25
CA ARG F 458 29.42 12.15 -45.34
C ARG F 458 30.02 13.53 -45.54
N HIS F 459 29.19 14.56 -45.41
CA HIS F 459 29.67 15.94 -45.53
C HIS F 459 30.72 16.26 -44.46
N ILE F 460 30.40 15.99 -43.19
CA ILE F 460 31.31 16.38 -42.12
C ILE F 460 32.62 15.60 -42.21
N LYS F 461 32.54 14.31 -42.55
CA LYS F 461 33.74 13.50 -42.58
C LYS F 461 34.76 13.99 -43.58
N ALA F 462 34.36 14.80 -44.55
CA ALA F 462 35.30 15.37 -45.52
C ALA F 462 36.37 16.20 -44.81
N MET F 470 34.21 24.77 -46.19
CA MET F 470 32.85 25.28 -46.00
C MET F 470 32.05 25.16 -47.30
N GLU F 471 32.76 25.20 -48.43
CA GLU F 471 32.09 25.06 -49.73
C GLU F 471 31.33 23.74 -49.80
N LYS F 472 31.77 22.74 -49.06
CA LYS F 472 31.04 21.47 -49.01
C LYS F 472 29.61 21.70 -48.52
N ALA F 473 29.44 22.60 -47.55
CA ALA F 473 28.11 22.89 -47.05
C ALA F 473 27.22 23.45 -48.14
N GLU F 474 27.75 24.39 -48.93
CA GLU F 474 27.02 24.88 -50.09
C GLU F 474 26.78 23.79 -51.12
N SER F 475 27.63 22.76 -51.13
CA SER F 475 27.49 21.65 -52.07
C SER F 475 26.58 20.55 -51.54
N LEU F 476 25.97 20.75 -50.36
CA LEU F 476 25.12 19.71 -49.76
C LEU F 476 23.93 19.39 -50.65
N GLN F 477 23.89 18.17 -51.18
CA GLN F 477 22.78 17.70 -51.99
C GLN F 477 22.58 16.22 -51.70
N VAL F 478 21.33 15.84 -51.41
CA VAL F 478 21.02 14.46 -51.06
C VAL F 478 21.00 13.62 -52.33
N THR F 479 21.65 12.47 -52.29
CA THR F 479 21.81 11.60 -53.45
C THR F 479 21.04 10.30 -53.26
N ARG F 480 20.90 9.57 -54.37
CA ARG F 480 20.19 8.30 -54.36
C ARG F 480 20.93 7.27 -53.51
N GLY F 481 22.26 7.26 -53.59
CA GLY F 481 23.03 6.29 -52.80
C GLY F 481 22.74 6.41 -51.32
N ASP F 482 22.57 7.64 -50.82
CA ASP F 482 22.19 7.83 -49.43
C ASP F 482 20.88 7.10 -49.14
N PHE F 483 19.89 7.27 -50.01
CA PHE F 483 18.61 6.61 -49.81
C PHE F 483 18.76 5.11 -49.79
N LEU F 484 19.53 4.56 -50.73
CA LEU F 484 19.71 3.12 -50.79
C LEU F 484 20.37 2.59 -49.52
N ALA F 485 21.44 3.27 -49.07
CA ALA F 485 22.15 2.82 -47.88
C ALA F 485 21.26 2.88 -46.66
N SER F 486 20.51 3.97 -46.51
CA SER F 486 19.61 4.08 -45.37
C SER F 486 18.52 3.01 -45.43
N LEU F 487 17.97 2.76 -46.61
CA LEU F 487 16.92 1.75 -46.74
C LEU F 487 17.43 0.38 -46.36
N GLU F 488 18.63 0.01 -46.83
CA GLU F 488 19.15 -1.31 -46.54
C GLU F 488 19.63 -1.43 -45.09
N ASN F 489 20.08 -0.33 -44.49
CA ASN F 489 20.76 -0.38 -43.20
C ASN F 489 19.84 0.03 -42.04
N ASP F 490 19.28 1.23 -42.09
CA ASP F 490 18.71 1.86 -40.91
C ASP F 490 17.21 1.65 -40.76
N ILE F 491 16.45 1.67 -41.85
CA ILE F 491 15.00 1.57 -41.80
C ILE F 491 14.59 0.11 -42.00
N LYS F 492 13.71 -0.38 -41.14
CA LYS F 492 13.21 -1.74 -41.23
C LYS F 492 11.80 -1.73 -41.80
N PRO F 493 11.46 -2.63 -42.73
CA PRO F 493 10.15 -2.54 -43.40
C PRO F 493 9.02 -3.14 -42.57
N ALA F 494 7.83 -3.17 -43.16
CA ALA F 494 6.67 -3.81 -42.55
C ALA F 494 6.09 -4.96 -43.37
N PHE F 495 6.28 -4.98 -44.69
CA PHE F 495 5.71 -6.02 -45.52
C PHE F 495 6.40 -6.09 -46.88
N GLY F 496 7.06 -7.19 -47.19
CA GLY F 496 7.60 -7.41 -48.53
C GLY F 496 8.18 -8.79 -48.74
N THR F 497 7.69 -9.51 -49.75
CA THR F 497 8.19 -10.85 -50.07
C THR F 497 8.41 -11.12 -51.55
N ASN F 498 7.78 -10.38 -52.47
CA ASN F 498 7.71 -10.81 -53.86
C ASN F 498 9.09 -11.00 -54.48
N GLN F 499 9.94 -9.98 -54.36
CA GLN F 499 11.26 -10.05 -55.01
C GLN F 499 12.06 -11.23 -54.47
N GLU F 500 12.03 -11.43 -53.15
CA GLU F 500 12.74 -12.56 -52.57
C GLU F 500 12.16 -13.88 -53.05
N ASP F 501 10.83 -13.96 -53.18
CA ASP F 501 10.22 -15.17 -53.71
C ASP F 501 10.76 -15.49 -55.09
N TYR F 502 10.73 -14.51 -56.00
CA TYR F 502 11.20 -14.75 -57.35
C TYR F 502 12.68 -15.12 -57.37
N ALA F 503 13.49 -14.41 -56.58
CA ALA F 503 14.92 -14.71 -56.56
C ALA F 503 15.18 -16.12 -56.06
N SER F 504 14.49 -16.53 -55.00
CA SER F 504 14.75 -17.84 -54.41
C SER F 504 14.27 -18.97 -55.31
N TYR F 505 13.04 -18.87 -55.82
CA TYR F 505 12.49 -19.99 -56.58
C TYR F 505 13.19 -20.15 -57.93
N ILE F 506 13.41 -19.05 -58.65
CA ILE F 506 14.18 -19.07 -59.89
C ILE F 506 15.61 -18.72 -59.50
N MET F 507 16.41 -19.75 -59.25
CA MET F 507 17.77 -19.55 -58.76
C MET F 507 18.79 -19.45 -59.90
N ASN F 508 18.61 -20.24 -60.96
CA ASN F 508 19.56 -20.24 -62.08
C ASN F 508 18.85 -20.05 -63.41
N GLY F 509 17.72 -19.37 -63.42
CA GLY F 509 17.04 -19.04 -64.67
C GLY F 509 16.63 -20.25 -65.49
N ILE F 510 16.02 -20.01 -66.64
CA ILE F 510 15.57 -21.05 -67.55
C ILE F 510 16.52 -21.10 -68.73
N ILE F 511 16.95 -22.31 -69.09
CA ILE F 511 17.87 -22.53 -70.20
C ILE F 511 17.17 -23.44 -71.20
N LYS F 512 16.79 -22.89 -72.35
CA LYS F 512 16.09 -23.68 -73.34
C LYS F 512 16.98 -24.81 -73.85
N TRP F 513 16.44 -26.02 -73.83
CA TRP F 513 17.16 -27.19 -74.33
C TRP F 513 16.28 -28.15 -75.11
N GLY F 514 15.01 -27.81 -75.32
CA GLY F 514 14.13 -28.70 -76.06
C GLY F 514 12.80 -28.03 -76.32
N ASP F 515 12.04 -28.64 -77.22
CA ASP F 515 10.73 -28.18 -77.62
C ASP F 515 9.79 -28.06 -76.42
N PRO F 516 9.78 -29.03 -75.50
CA PRO F 516 8.75 -29.02 -74.44
C PRO F 516 8.71 -27.72 -73.64
N VAL F 517 9.84 -27.06 -73.43
CA VAL F 517 9.84 -25.82 -72.67
C VAL F 517 8.94 -24.79 -73.35
N THR F 518 9.12 -24.61 -74.65
CA THR F 518 8.26 -23.69 -75.39
C THR F 518 6.82 -24.15 -75.33
N ARG F 519 6.58 -25.46 -75.43
CA ARG F 519 5.22 -25.97 -75.37
C ARG F 519 4.53 -25.55 -74.07
N VAL F 520 5.18 -25.81 -72.95
CA VAL F 520 4.57 -25.53 -71.65
C VAL F 520 4.38 -24.03 -71.47
N LEU F 521 5.37 -23.22 -71.88
CA LEU F 521 5.23 -21.78 -71.74
C LEU F 521 4.06 -21.26 -72.57
N ASP F 522 3.92 -21.75 -73.80
CA ASP F 522 2.82 -21.32 -74.65
C ASP F 522 1.48 -21.76 -74.07
N ASP F 523 1.42 -22.98 -73.53
CA ASP F 523 0.16 -23.44 -72.93
C ASP F 523 -0.22 -22.57 -71.73
N GLY F 524 0.75 -22.23 -70.89
CA GLY F 524 0.47 -21.36 -69.77
C GLY F 524 -0.02 -19.99 -70.22
N GLU F 525 0.63 -19.44 -71.25
CA GLU F 525 0.18 -18.15 -71.77
C GLU F 525 -1.24 -18.25 -72.31
N LEU F 526 -1.57 -19.34 -72.99
CA LEU F 526 -2.91 -19.54 -73.50
C LEU F 526 -3.92 -19.59 -72.35
N LEU F 527 -3.57 -20.29 -71.28
CA LEU F 527 -4.47 -20.36 -70.13
C LEU F 527 -4.68 -18.98 -69.51
N VAL F 528 -3.60 -18.20 -69.39
CA VAL F 528 -3.73 -16.85 -68.86
C VAL F 528 -4.66 -16.02 -69.74
N GLN F 529 -4.47 -16.12 -71.06
CA GLN F 529 -5.33 -15.37 -71.97
C GLN F 529 -6.78 -15.79 -71.83
N GLN F 530 -7.03 -17.11 -71.75
CA GLN F 530 -8.40 -17.59 -71.62
C GLN F 530 -9.05 -17.06 -70.35
N THR F 531 -8.35 -17.16 -69.23
CA THR F 531 -8.95 -16.69 -67.98
C THR F 531 -9.13 -15.18 -67.97
N LYS F 532 -8.27 -14.45 -68.69
CA LYS F 532 -8.35 -12.99 -68.64
C LYS F 532 -9.69 -12.49 -69.15
N ASN F 533 -10.13 -12.99 -70.29
CA ASN F 533 -11.34 -12.50 -70.98
C ASN F 533 -12.26 -13.68 -71.25
N SER F 534 -13.13 -13.99 -70.30
CA SER F 534 -14.07 -15.09 -70.46
C SER F 534 -15.12 -15.01 -69.37
N ASP F 535 -16.38 -15.20 -69.75
CA ASP F 535 -17.48 -15.24 -68.81
C ASP F 535 -17.86 -16.68 -68.52
N ARG F 536 -18.84 -16.86 -67.64
CA ARG F 536 -19.44 -18.17 -67.35
C ARG F 536 -18.41 -19.22 -66.97
N THR F 537 -17.21 -18.80 -66.58
CA THR F 537 -16.20 -19.73 -66.10
C THR F 537 -15.10 -18.95 -65.38
N PRO F 538 -15.42 -18.27 -64.29
CA PRO F 538 -14.45 -17.38 -63.66
C PRO F 538 -13.29 -18.09 -62.98
N LEU F 539 -13.29 -19.41 -62.92
CA LEU F 539 -12.27 -20.17 -62.21
C LEU F 539 -11.68 -21.24 -63.11
N VAL F 540 -10.36 -21.40 -63.03
CA VAL F 540 -9.65 -22.39 -63.84
C VAL F 540 -8.51 -22.94 -63.00
N SER F 541 -8.21 -24.23 -63.19
CA SER F 541 -7.16 -24.90 -62.44
C SER F 541 -6.29 -25.72 -63.38
N VAL F 542 -5.02 -25.87 -63.00
CA VAL F 542 -4.06 -26.63 -63.78
C VAL F 542 -3.24 -27.49 -62.83
N LEU F 543 -2.74 -28.61 -63.35
CA LEU F 543 -1.92 -29.53 -62.57
C LEU F 543 -0.74 -29.97 -63.41
N LEU F 544 0.46 -29.74 -62.89
CA LEU F 544 1.69 -30.14 -63.55
C LEU F 544 2.20 -31.43 -62.94
N GLU F 545 2.67 -32.35 -63.78
CA GLU F 545 3.20 -33.62 -63.35
C GLU F 545 4.54 -33.87 -64.03
N GLY F 546 5.44 -34.53 -63.29
CA GLY F 546 6.69 -34.95 -63.85
C GLY F 546 7.52 -35.75 -62.87
N PRO F 547 8.47 -36.53 -63.37
CA PRO F 547 9.37 -37.27 -62.49
C PRO F 547 10.20 -36.32 -61.65
N PRO F 548 10.78 -36.81 -60.55
CA PRO F 548 11.46 -35.90 -59.62
C PRO F 548 12.67 -35.23 -60.26
N HIS F 549 12.98 -34.03 -59.77
CA HIS F 549 14.13 -33.25 -60.21
C HIS F 549 13.95 -32.68 -61.61
N SER F 550 12.73 -32.74 -62.15
CA SER F 550 12.45 -32.20 -63.48
C SER F 550 12.29 -30.68 -63.47
N GLY F 551 12.64 -30.02 -62.37
CA GLY F 551 12.56 -28.57 -62.30
C GLY F 551 11.14 -28.04 -62.44
N LYS F 552 10.16 -28.75 -61.88
CA LYS F 552 8.78 -28.35 -62.06
C LYS F 552 8.49 -27.01 -61.42
N THR F 553 9.09 -26.72 -60.27
CA THR F 553 8.81 -25.48 -59.56
C THR F 553 9.18 -24.27 -60.41
N ALA F 554 10.33 -24.33 -61.07
CA ALA F 554 10.81 -23.17 -61.83
C ALA F 554 9.83 -22.78 -62.93
N LEU F 555 9.26 -23.78 -63.63
CA LEU F 555 8.31 -23.48 -64.69
C LEU F 555 7.08 -22.77 -64.14
N ALA F 556 6.56 -23.23 -63.01
CA ALA F 556 5.42 -22.56 -62.39
C ALA F 556 5.77 -21.12 -62.04
N ALA F 557 6.93 -20.92 -61.43
CA ALA F 557 7.34 -19.56 -61.09
C ALA F 557 7.42 -18.69 -62.33
N LYS F 558 8.02 -19.21 -63.41
CA LYS F 558 8.20 -18.41 -64.61
C LYS F 558 6.86 -18.06 -65.25
N ILE F 559 5.97 -19.04 -65.36
CA ILE F 559 4.69 -18.76 -65.99
C ILE F 559 3.89 -17.77 -65.14
N ALA F 560 4.02 -17.87 -63.82
CA ALA F 560 3.36 -16.88 -62.96
C ALA F 560 3.91 -15.49 -63.22
N GLU F 561 5.24 -15.34 -63.24
CA GLU F 561 5.83 -14.02 -63.41
C GLU F 561 5.50 -13.44 -64.78
N GLU F 562 5.45 -14.29 -65.82
CA GLU F 562 5.17 -13.81 -67.15
C GLU F 562 3.86 -13.03 -67.19
N SER F 563 2.81 -13.61 -66.60
CA SER F 563 1.54 -12.90 -66.53
C SER F 563 1.70 -11.63 -65.69
N ASN F 564 0.99 -10.58 -66.11
CA ASN F 564 1.08 -9.27 -65.48
C ASN F 564 -0.04 -9.03 -64.49
N PHE F 565 -0.47 -10.09 -63.80
CA PHE F 565 -1.63 -9.97 -62.94
C PHE F 565 -1.33 -9.05 -61.77
N PRO F 566 -2.31 -8.26 -61.30
CA PRO F 566 -2.03 -7.33 -60.20
C PRO F 566 -1.56 -8.02 -58.94
N PHE F 567 -2.11 -9.19 -58.62
CA PHE F 567 -1.81 -9.90 -57.39
C PHE F 567 -1.27 -11.28 -57.72
N ILE F 568 -0.16 -11.64 -57.08
CA ILE F 568 0.44 -12.96 -57.21
C ILE F 568 0.94 -13.38 -55.85
N LYS F 569 0.80 -14.67 -55.54
CA LYS F 569 1.23 -15.17 -54.24
C LYS F 569 1.61 -16.64 -54.40
N ILE F 570 2.55 -17.07 -53.56
CA ILE F 570 3.08 -18.43 -53.59
C ILE F 570 2.95 -19.02 -52.20
N CYS F 571 2.37 -20.22 -52.13
CA CYS F 571 2.21 -20.96 -50.89
C CYS F 571 3.08 -22.21 -50.95
N SER F 572 4.02 -22.32 -50.02
CA SER F 572 4.93 -23.45 -49.97
C SER F 572 4.98 -24.01 -48.56
N PRO F 573 5.08 -25.34 -48.43
CA PRO F 573 5.10 -25.92 -47.07
C PRO F 573 6.28 -25.46 -46.24
N ASP F 574 7.38 -25.08 -46.86
CA ASP F 574 8.61 -24.73 -46.16
C ASP F 574 8.37 -23.80 -44.99
N LYS F 575 7.30 -23.01 -45.04
CA LYS F 575 6.99 -22.05 -43.99
C LYS F 575 6.15 -22.66 -42.87
N MET F 576 5.87 -23.97 -42.93
CA MET F 576 4.96 -24.60 -41.97
C MET F 576 5.62 -25.76 -41.23
N ILE F 577 6.95 -25.87 -41.29
CA ILE F 577 7.63 -27.00 -40.65
C ILE F 577 7.21 -27.06 -39.18
N GLY F 578 6.78 -28.23 -38.75
CA GLY F 578 6.39 -28.42 -37.36
C GLY F 578 5.02 -27.89 -37.01
N PHE F 579 4.27 -27.37 -37.97
CA PHE F 579 2.92 -26.94 -37.68
C PHE F 579 2.03 -28.13 -37.35
N SER F 580 0.79 -27.83 -36.97
CA SER F 580 -0.22 -28.84 -36.76
C SER F 580 -1.32 -28.70 -37.82
N GLU F 581 -2.04 -29.79 -38.03
CA GLU F 581 -3.03 -29.84 -39.11
C GLU F 581 -3.88 -28.59 -39.13
N THR F 582 -4.52 -28.27 -38.01
CA THR F 582 -5.36 -27.08 -37.94
C THR F 582 -4.58 -25.84 -38.35
N ALA F 583 -3.30 -25.77 -38.01
CA ALA F 583 -2.50 -24.61 -38.39
C ALA F 583 -2.39 -24.51 -39.91
N LYS F 584 -2.14 -25.63 -40.58
CA LYS F 584 -2.06 -25.61 -42.03
C LYS F 584 -3.40 -25.18 -42.64
N CYS F 585 -4.50 -25.70 -42.10
CA CYS F 585 -5.80 -25.32 -42.62
C CYS F 585 -6.03 -23.83 -42.47
N GLN F 586 -5.67 -23.26 -41.31
CA GLN F 586 -5.83 -21.83 -41.11
C GLN F 586 -4.97 -21.05 -42.09
N ALA F 587 -3.74 -21.51 -42.33
CA ALA F 587 -2.87 -20.80 -43.26
C ALA F 587 -3.49 -20.76 -44.65
N MET F 588 -3.95 -21.90 -45.15
CA MET F 588 -4.54 -21.93 -46.49
C MET F 588 -5.79 -21.06 -46.54
N LYS F 589 -6.63 -21.13 -45.51
CA LYS F 589 -7.84 -20.32 -45.49
C LYS F 589 -7.48 -18.85 -45.56
N LYS F 590 -6.50 -18.43 -44.76
CA LYS F 590 -6.08 -17.03 -44.75
C LYS F 590 -5.59 -16.59 -46.12
N ILE F 591 -4.72 -17.38 -46.73
CA ILE F 591 -4.15 -16.97 -48.01
C ILE F 591 -5.25 -16.85 -49.06
N PHE F 592 -6.16 -17.81 -49.11
CA PHE F 592 -7.23 -17.73 -50.11
C PHE F 592 -8.12 -16.52 -49.85
N ASP F 593 -8.48 -16.27 -48.59
CA ASP F 593 -9.28 -15.10 -48.27
C ASP F 593 -8.60 -13.83 -48.77
N ASP F 594 -7.32 -13.66 -48.44
CA ASP F 594 -6.62 -12.46 -48.85
C ASP F 594 -6.59 -12.32 -50.37
N ALA F 595 -6.32 -13.42 -51.06
CA ALA F 595 -6.26 -13.36 -52.53
C ALA F 595 -7.61 -13.01 -53.13
N TYR F 596 -8.71 -13.37 -52.45
CA TYR F 596 -10.03 -13.14 -53.03
C TYR F 596 -10.32 -11.66 -53.28
N LYS F 597 -9.71 -10.75 -52.52
CA LYS F 597 -10.16 -9.37 -52.50
C LYS F 597 -10.00 -8.70 -53.86
N SER F 598 -8.82 -8.82 -54.47
CA SER F 598 -8.55 -8.09 -55.71
C SER F 598 -9.48 -8.55 -56.82
N GLN F 599 -9.45 -7.80 -57.92
CA GLN F 599 -10.31 -8.13 -59.06
C GLN F 599 -9.94 -9.50 -59.64
N LEU F 600 -8.66 -9.71 -59.93
CA LEU F 600 -8.19 -10.97 -60.48
C LEU F 600 -6.84 -11.30 -59.87
N SER F 601 -6.50 -12.57 -59.84
CA SER F 601 -5.24 -12.99 -59.22
C SER F 601 -4.93 -14.42 -59.66
N CYS F 602 -3.68 -14.81 -59.43
CA CYS F 602 -3.22 -16.17 -59.68
C CYS F 602 -2.50 -16.67 -58.45
N VAL F 603 -2.66 -17.95 -58.14
CA VAL F 603 -2.03 -18.57 -56.98
C VAL F 603 -1.33 -19.85 -57.44
N VAL F 604 -0.30 -20.24 -56.70
CA VAL F 604 0.51 -21.40 -57.04
C VAL F 604 0.81 -22.17 -55.76
N VAL F 605 0.64 -23.48 -55.81
CA VAL F 605 1.00 -24.38 -54.71
C VAL F 605 1.85 -25.50 -55.29
N ASP F 606 2.98 -25.77 -54.66
CA ASP F 606 3.89 -26.81 -55.12
C ASP F 606 4.05 -27.89 -54.06
N ASP F 607 4.40 -29.09 -54.53
CA ASP F 607 4.56 -30.24 -53.66
C ASP F 607 3.29 -30.50 -52.85
N ILE F 608 2.19 -30.71 -53.58
CA ILE F 608 0.92 -31.04 -52.93
C ILE F 608 1.07 -32.32 -52.12
N GLU F 609 1.73 -33.33 -52.68
CA GLU F 609 1.96 -34.55 -51.93
C GLU F 609 2.70 -34.29 -50.63
N ARG F 610 3.46 -33.20 -50.55
CA ARG F 610 4.08 -32.80 -49.30
C ARG F 610 3.17 -31.92 -48.46
N LEU F 611 2.33 -31.10 -49.10
CA LEU F 611 1.43 -30.24 -48.34
C LEU F 611 0.54 -31.07 -47.42
N LEU F 612 -0.11 -32.08 -47.97
CA LEU F 612 -0.77 -33.11 -47.18
C LEU F 612 0.22 -34.26 -47.05
N ASP F 613 0.56 -34.62 -45.82
CA ASP F 613 1.61 -35.59 -45.59
C ASP F 613 1.27 -36.93 -46.24
N TYR F 614 2.28 -37.57 -46.80
CA TYR F 614 2.11 -38.90 -47.39
C TYR F 614 3.35 -39.74 -47.14
N VAL F 615 3.13 -41.03 -46.89
CA VAL F 615 4.20 -42.01 -46.81
C VAL F 615 3.68 -43.31 -47.41
N PRO F 616 4.48 -44.05 -48.18
CA PRO F 616 3.94 -45.29 -48.78
C PRO F 616 3.46 -46.30 -47.75
N ILE F 617 4.11 -46.41 -46.59
CA ILE F 617 3.72 -47.39 -45.60
C ILE F 617 2.35 -47.03 -45.03
N GLY F 618 1.49 -48.04 -44.90
CA GLY F 618 0.12 -47.85 -44.49
C GLY F 618 -0.88 -47.80 -45.63
N PRO F 619 -0.94 -46.69 -46.40
CA PRO F 619 -0.25 -45.41 -46.28
C PRO F 619 -0.75 -44.56 -45.12
N ARG F 620 -0.42 -43.28 -45.10
CA ARG F 620 -0.92 -42.34 -44.12
C ARG F 620 -1.04 -40.97 -44.76
N PHE F 621 -1.93 -40.13 -44.20
CA PHE F 621 -2.07 -38.76 -44.65
C PHE F 621 -3.09 -38.07 -43.76
N SER F 622 -3.08 -36.74 -43.82
CA SER F 622 -3.95 -35.90 -42.98
C SER F 622 -5.25 -35.68 -43.73
N ASN F 623 -6.28 -36.43 -43.36
CA ASN F 623 -7.56 -36.35 -44.07
C ASN F 623 -8.09 -34.91 -44.08
N LEU F 624 -7.95 -34.21 -42.96
CA LEU F 624 -8.55 -32.89 -42.83
C LEU F 624 -8.03 -31.93 -43.90
N VAL F 625 -6.72 -31.92 -44.11
CA VAL F 625 -6.12 -31.07 -45.12
C VAL F 625 -6.66 -31.42 -46.50
N LEU F 626 -6.81 -32.71 -46.76
CA LEU F 626 -7.33 -33.13 -48.07
C LEU F 626 -8.73 -32.60 -48.29
N GLN F 627 -9.59 -32.70 -47.27
CA GLN F 627 -10.95 -32.21 -47.44
C GLN F 627 -10.96 -30.70 -47.66
N ALA F 628 -10.17 -29.97 -46.87
CA ALA F 628 -10.12 -28.52 -47.04
C ALA F 628 -9.68 -28.16 -48.44
N LEU F 629 -8.61 -28.79 -48.92
CA LEU F 629 -8.11 -28.50 -50.26
C LEU F 629 -9.14 -28.84 -51.33
N LEU F 630 -9.80 -29.99 -51.19
CA LEU F 630 -10.74 -30.42 -52.22
C LEU F 630 -11.91 -29.47 -52.31
N VAL F 631 -12.45 -29.03 -51.18
CA VAL F 631 -13.53 -28.04 -51.23
C VAL F 631 -13.03 -26.74 -51.82
N LEU F 632 -11.84 -26.28 -51.38
CA LEU F 632 -11.33 -24.99 -51.83
C LEU F 632 -11.14 -24.96 -53.34
N LEU F 633 -10.72 -26.08 -53.92
CA LEU F 633 -10.39 -26.07 -55.34
C LEU F 633 -11.60 -25.81 -56.22
N LYS F 634 -12.82 -25.89 -55.68
CA LYS F 634 -14.04 -25.76 -56.46
C LYS F 634 -14.94 -24.63 -55.97
N LYS F 635 -14.41 -23.71 -55.17
CA LYS F 635 -15.20 -22.60 -54.65
C LYS F 635 -15.12 -21.43 -55.63
N ALA F 636 -16.26 -21.09 -56.24
CA ALA F 636 -16.30 -19.95 -57.13
C ALA F 636 -16.08 -18.65 -56.34
N PRO F 637 -15.36 -17.69 -56.91
CA PRO F 637 -15.10 -16.44 -56.20
C PRO F 637 -16.33 -15.56 -56.22
N PRO F 638 -16.33 -14.47 -55.45
CA PRO F 638 -17.47 -13.54 -55.48
C PRO F 638 -17.70 -13.03 -56.90
N GLN F 639 -18.86 -12.40 -57.08
CA GLN F 639 -19.29 -12.01 -58.41
C GLN F 639 -18.29 -11.05 -59.05
N GLY F 640 -18.03 -11.26 -60.33
CA GLY F 640 -17.28 -10.31 -61.13
C GLY F 640 -15.78 -10.47 -61.10
N ARG F 641 -15.24 -11.37 -60.28
CA ARG F 641 -13.81 -11.54 -60.16
C ARG F 641 -13.38 -12.83 -60.86
N LYS F 642 -12.07 -13.06 -60.89
CA LYS F 642 -11.50 -14.21 -61.57
C LYS F 642 -10.26 -14.68 -60.82
N LEU F 643 -9.88 -15.93 -61.07
CA LEU F 643 -8.75 -16.52 -60.35
C LEU F 643 -8.15 -17.63 -61.19
N LEU F 644 -6.91 -17.96 -60.90
CA LEU F 644 -6.21 -19.06 -61.56
C LEU F 644 -5.36 -19.80 -60.54
N ILE F 645 -5.40 -21.13 -60.60
CA ILE F 645 -4.70 -21.99 -59.66
C ILE F 645 -3.78 -22.93 -60.43
N ILE F 646 -2.51 -22.99 -60.03
CA ILE F 646 -1.51 -23.84 -60.65
C ILE F 646 -0.92 -24.73 -59.56
N GLY F 647 -0.92 -26.04 -59.80
CA GLY F 647 -0.40 -26.99 -58.84
C GLY F 647 0.72 -27.82 -59.46
N THR F 648 1.59 -28.34 -58.61
CA THR F 648 2.71 -29.17 -59.05
C THR F 648 2.85 -30.37 -58.12
N THR F 649 3.10 -31.53 -58.71
CA THR F 649 3.33 -32.75 -57.95
C THR F 649 4.17 -33.69 -58.79
N SER F 650 4.49 -34.86 -58.23
CA SER F 650 5.30 -35.83 -58.92
C SER F 650 4.81 -37.27 -58.73
N ARG F 651 3.58 -37.46 -58.26
CA ARG F 651 3.09 -38.80 -57.93
C ARG F 651 1.65 -38.95 -58.39
N LYS F 652 1.35 -38.52 -59.62
CA LYS F 652 -0.01 -38.46 -60.13
C LYS F 652 -0.87 -39.64 -59.73
N ASP F 653 -0.30 -40.85 -59.72
CA ASP F 653 -1.09 -42.03 -59.43
C ASP F 653 -1.79 -41.94 -58.08
N VAL F 654 -1.07 -41.57 -57.03
CA VAL F 654 -1.69 -41.48 -55.71
C VAL F 654 -2.82 -40.48 -55.74
N LEU F 655 -2.62 -39.36 -56.44
CA LEU F 655 -3.69 -38.38 -56.59
C LEU F 655 -4.89 -38.99 -57.32
N GLN F 656 -4.64 -39.90 -58.25
CA GLN F 656 -5.72 -40.59 -58.94
C GLN F 656 -6.51 -41.45 -57.96
N GLU F 657 -5.80 -42.14 -57.06
CA GLU F 657 -6.50 -43.02 -56.12
C GLU F 657 -7.42 -42.25 -55.19
N MET F 658 -7.11 -40.98 -54.90
CA MET F 658 -7.89 -40.19 -53.97
C MET F 658 -9.08 -39.50 -54.61
N GLU F 659 -9.31 -39.68 -55.91
CA GLU F 659 -10.44 -39.10 -56.63
C GLU F 659 -10.29 -37.59 -56.85
N MET F 660 -9.06 -37.07 -56.82
CA MET F 660 -8.87 -35.63 -56.95
C MET F 660 -8.81 -35.15 -58.40
N LEU F 661 -8.34 -35.98 -59.34
CA LEU F 661 -8.17 -35.51 -60.72
C LEU F 661 -9.48 -35.19 -61.40
N ASN F 662 -10.61 -35.61 -60.84
CA ASN F 662 -11.90 -35.24 -61.43
C ASN F 662 -12.16 -33.75 -61.32
N ALA F 663 -11.49 -33.06 -60.40
CA ALA F 663 -11.79 -31.66 -60.13
C ALA F 663 -10.92 -30.71 -60.95
N PHE F 664 -9.65 -31.02 -61.13
CA PHE F 664 -8.79 -30.18 -61.94
C PHE F 664 -9.28 -30.12 -63.38
N SER F 665 -9.20 -28.94 -63.98
CA SER F 665 -9.72 -28.77 -65.34
C SER F 665 -8.84 -29.45 -66.37
N THR F 666 -7.52 -29.26 -66.26
CA THR F 666 -6.59 -29.76 -67.27
C THR F 666 -5.27 -30.12 -66.60
N THR F 667 -4.37 -30.71 -67.39
CA THR F 667 -3.08 -31.16 -66.89
C THR F 667 -2.01 -30.90 -67.93
N ILE F 668 -0.76 -30.86 -67.47
CA ILE F 668 0.40 -30.62 -68.33
C ILE F 668 1.54 -31.52 -67.88
N HIS F 669 2.29 -32.03 -68.85
CA HIS F 669 3.39 -32.96 -68.59
C HIS F 669 4.73 -32.26 -68.78
N VAL F 670 5.74 -32.76 -68.08
CA VAL F 670 7.11 -32.23 -68.18
C VAL F 670 8.08 -33.41 -68.32
N PRO F 671 8.41 -33.83 -69.53
CA PRO F 671 9.27 -35.02 -69.69
C PRO F 671 10.71 -34.72 -69.30
N ASN F 672 11.53 -35.76 -69.38
CA ASN F 672 12.96 -35.68 -69.08
C ASN F 672 13.78 -35.61 -70.36
N ILE F 673 15.08 -35.39 -70.19
CA ILE F 673 16.01 -35.43 -71.32
C ILE F 673 16.14 -36.87 -71.80
N ALA F 674 15.99 -37.08 -73.11
CA ALA F 674 15.92 -38.43 -73.66
C ALA F 674 16.81 -38.63 -74.88
N THR F 675 17.73 -37.72 -75.17
CA THR F 675 18.63 -37.89 -76.31
C THR F 675 19.99 -37.28 -75.97
N GLY F 676 21.05 -37.94 -76.47
CA GLY F 676 22.39 -37.41 -76.28
C GLY F 676 22.58 -36.05 -76.91
N GLU F 677 21.92 -35.80 -78.05
CA GLU F 677 22.02 -34.50 -78.68
C GLU F 677 21.53 -33.40 -77.75
N GLN F 678 20.42 -33.65 -77.05
CA GLN F 678 19.92 -32.66 -76.10
C GLN F 678 20.92 -32.42 -74.98
N LEU F 679 21.52 -33.50 -74.47
CA LEU F 679 22.52 -33.34 -73.42
C LEU F 679 23.69 -32.49 -73.90
N LEU F 680 24.17 -32.77 -75.11
CA LEU F 680 25.29 -32.00 -75.65
C LEU F 680 24.90 -30.54 -75.84
N GLU F 681 23.69 -30.29 -76.32
CA GLU F 681 23.23 -28.92 -76.51
C GLU F 681 23.17 -28.18 -75.19
N ALA F 682 22.62 -28.82 -74.15
CA ALA F 682 22.55 -28.17 -72.84
C ALA F 682 23.94 -27.91 -72.29
N LEU F 683 24.84 -28.88 -72.42
CA LEU F 683 26.20 -28.69 -71.94
C LEU F 683 26.88 -27.53 -72.66
N GLU F 684 26.69 -27.44 -73.97
CA GLU F 684 27.28 -26.34 -74.73
C GLU F 684 26.71 -25.00 -74.27
N LEU F 685 25.39 -24.93 -74.09
CA LEU F 685 24.79 -23.69 -73.62
C LEU F 685 25.36 -23.29 -72.26
N LEU F 686 25.46 -24.23 -71.34
CA LEU F 686 26.03 -23.92 -70.03
C LEU F 686 27.53 -23.62 -70.13
N GLY F 687 28.21 -24.23 -71.10
CA GLY F 687 29.61 -23.95 -71.33
C GLY F 687 30.51 -25.01 -70.69
N ASN F 688 31.51 -24.55 -69.93
CA ASN F 688 32.45 -25.45 -69.28
C ASN F 688 33.13 -26.36 -70.30
N PHE F 689 32.76 -27.63 -70.34
CA PHE F 689 33.38 -28.56 -71.26
C PHE F 689 33.10 -28.14 -72.70
N LYS F 690 34.09 -28.35 -73.57
CA LYS F 690 34.01 -27.91 -74.95
C LYS F 690 35.11 -28.59 -75.75
N ASP F 691 35.19 -28.23 -77.03
CA ASP F 691 36.26 -28.66 -77.95
C ASP F 691 36.46 -30.17 -77.80
N LYS F 692 37.69 -30.65 -77.60
CA LYS F 692 37.93 -32.08 -77.57
C LYS F 692 37.17 -32.75 -76.44
N GLU F 693 36.98 -32.05 -75.31
CA GLU F 693 36.23 -32.62 -74.20
C GLU F 693 34.81 -32.96 -74.65
N ARG F 694 34.12 -31.98 -75.23
CA ARG F 694 32.76 -32.21 -75.72
C ARG F 694 32.75 -33.24 -76.83
N THR F 695 33.79 -33.26 -77.67
CA THR F 695 33.85 -34.24 -78.75
C THR F 695 33.91 -35.65 -78.21
N THR F 696 34.79 -35.89 -77.23
CA THR F 696 34.89 -37.22 -76.62
C THR F 696 33.59 -37.59 -75.92
N ILE F 697 33.00 -36.63 -75.21
CA ILE F 697 31.74 -36.92 -74.51
C ILE F 697 30.67 -37.32 -75.52
N ALA F 698 30.57 -36.58 -76.63
CA ALA F 698 29.58 -36.91 -77.66
C ALA F 698 29.85 -38.28 -78.26
N GLN F 699 31.11 -38.58 -78.56
CA GLN F 699 31.44 -39.86 -79.16
C GLN F 699 31.07 -41.01 -78.23
N GLN F 700 31.35 -40.85 -76.94
CA GLN F 700 30.98 -41.89 -75.98
C GLN F 700 29.48 -42.03 -75.86
N VAL F 701 28.78 -40.90 -75.65
CA VAL F 701 27.34 -40.95 -75.39
C VAL F 701 26.57 -41.31 -76.64
N LYS F 702 27.02 -40.84 -77.80
CA LYS F 702 26.25 -41.03 -79.03
C LYS F 702 25.96 -42.51 -79.25
N GLY F 703 24.72 -42.79 -79.65
CA GLY F 703 24.28 -44.16 -79.79
C GLY F 703 23.85 -44.81 -78.49
N LYS F 704 23.50 -44.01 -77.48
CA LYS F 704 23.12 -44.52 -76.17
C LYS F 704 21.81 -43.85 -75.75
N LYS F 705 21.30 -44.25 -74.59
CA LYS F 705 20.05 -43.76 -74.05
C LYS F 705 20.31 -42.96 -72.78
N VAL F 706 19.61 -41.85 -72.62
CA VAL F 706 19.82 -40.92 -71.51
C VAL F 706 18.50 -40.67 -70.80
N TRP F 707 18.56 -40.63 -69.47
CA TRP F 707 17.37 -40.36 -68.66
C TRP F 707 17.85 -39.66 -67.38
N ILE F 708 17.59 -38.35 -67.29
CA ILE F 708 18.06 -37.56 -66.16
C ILE F 708 17.27 -36.26 -66.13
N GLY F 709 17.13 -35.69 -64.93
CA GLY F 709 16.53 -34.39 -64.77
C GLY F 709 17.58 -33.30 -64.69
N ILE F 710 17.18 -32.10 -65.09
CA ILE F 710 18.14 -30.99 -65.17
C ILE F 710 18.72 -30.69 -63.79
N LYS F 711 17.89 -30.77 -62.75
CA LYS F 711 18.35 -30.43 -61.41
C LYS F 711 19.50 -31.34 -60.98
N LYS F 712 19.40 -32.64 -61.30
CA LYS F 712 20.48 -33.55 -60.97
C LYS F 712 21.74 -33.22 -61.75
N LEU F 713 21.62 -33.09 -63.07
CA LEU F 713 22.77 -32.81 -63.91
C LEU F 713 23.49 -31.55 -63.44
N LEU F 714 22.74 -30.57 -62.94
CA LEU F 714 23.34 -29.34 -62.47
C LEU F 714 24.35 -29.61 -61.35
N MET F 715 24.03 -30.53 -60.44
CA MET F 715 24.97 -30.90 -59.38
C MET F 715 26.03 -31.87 -59.85
N LEU F 716 25.69 -32.74 -60.82
CA LEU F 716 26.69 -33.64 -61.37
C LEU F 716 27.84 -32.87 -61.98
N ILE F 717 27.52 -31.77 -62.68
CA ILE F 717 28.57 -30.96 -63.29
C ILE F 717 29.50 -30.41 -62.23
N GLU F 718 28.95 -29.91 -61.13
CA GLU F 718 29.79 -29.39 -60.06
C GLU F 718 30.66 -30.49 -59.48
N MET F 719 30.07 -31.67 -59.25
CA MET F 719 30.86 -32.82 -58.78
C MET F 719 32.05 -33.05 -59.69
N SER F 720 31.81 -33.15 -61.00
CA SER F 720 32.91 -33.41 -61.94
C SER F 720 33.95 -32.30 -61.88
N LEU F 721 33.50 -31.04 -61.83
CA LEU F 721 34.43 -29.93 -61.82
C LEU F 721 35.26 -29.86 -60.55
N GLN F 722 34.78 -30.46 -59.46
CA GLN F 722 35.56 -30.44 -58.21
C GLN F 722 36.85 -31.23 -58.31
N MET F 723 36.99 -32.11 -59.30
CA MET F 723 38.16 -32.97 -59.41
C MET F 723 39.32 -32.22 -60.09
N ASP F 724 40.48 -32.87 -60.12
CA ASP F 724 41.62 -32.32 -60.83
C ASP F 724 41.31 -32.20 -62.31
N PRO F 725 41.85 -31.18 -63.00
CA PRO F 725 41.52 -31.04 -64.43
C PRO F 725 41.83 -32.27 -65.25
N GLU F 726 42.88 -33.01 -64.90
CA GLU F 726 43.22 -34.20 -65.67
C GLU F 726 42.11 -35.24 -65.61
N TYR F 727 41.61 -35.53 -64.41
CA TYR F 727 40.57 -36.53 -64.20
C TYR F 727 39.24 -35.80 -63.99
N ARG F 728 38.59 -35.43 -65.09
CA ARG F 728 37.27 -34.83 -65.02
C ARG F 728 36.27 -35.51 -65.95
N VAL F 729 36.70 -35.90 -67.15
CA VAL F 729 35.80 -36.62 -68.05
C VAL F 729 35.54 -38.02 -67.51
N ARG F 730 36.56 -38.67 -66.97
CA ARG F 730 36.40 -40.04 -66.49
C ARG F 730 35.37 -40.12 -65.38
N LYS F 731 35.47 -39.22 -64.40
CA LYS F 731 34.51 -39.22 -63.29
C LYS F 731 33.10 -38.94 -63.79
N PHE F 732 32.96 -38.00 -64.72
CA PHE F 732 31.64 -37.68 -65.25
C PHE F 732 31.04 -38.90 -65.95
N LEU F 733 31.84 -39.57 -66.76
CA LEU F 733 31.35 -40.77 -67.46
C LEU F 733 30.95 -41.84 -66.46
N ALA F 734 31.79 -42.08 -65.45
CA ALA F 734 31.50 -43.12 -64.47
C ALA F 734 30.20 -42.80 -63.72
N LEU F 735 30.04 -41.54 -63.30
CA LEU F 735 28.83 -41.17 -62.60
C LEU F 735 27.60 -41.31 -63.49
N LEU F 736 27.71 -40.89 -64.75
CA LEU F 736 26.57 -41.00 -65.66
C LEU F 736 26.17 -42.44 -65.87
N ARG F 737 27.15 -43.34 -66.01
CA ARG F 737 26.82 -44.75 -66.15
C ARG F 737 26.28 -45.33 -64.85
N GLU F 738 26.68 -44.79 -63.71
CA GLU F 738 26.23 -45.34 -62.43
C GLU F 738 24.72 -45.23 -62.28
N GLU F 739 24.15 -44.12 -62.72
CA GLU F 739 22.71 -43.92 -62.65
C GLU F 739 22.28 -42.99 -63.77
N GLY F 740 20.98 -42.98 -64.04
CA GLY F 740 20.41 -42.19 -65.11
C GLY F 740 20.15 -42.97 -66.38
N ALA F 741 20.58 -44.22 -66.47
CA ALA F 741 20.30 -45.06 -67.61
C ALA F 741 18.97 -45.79 -67.50
N SER F 742 18.32 -45.75 -66.34
CA SER F 742 17.07 -46.46 -66.14
C SER F 742 15.90 -45.56 -66.52
N PRO F 743 15.10 -45.91 -67.54
CA PRO F 743 13.93 -45.09 -67.88
C PRO F 743 12.94 -44.96 -66.72
N ALA G 191 -2.18 20.36 -4.91
CA ALA G 191 -1.46 20.09 -3.68
C ALA G 191 -0.18 20.91 -3.62
N LEU G 192 0.52 21.00 -4.75
CA LEU G 192 1.76 21.76 -4.80
C LEU G 192 1.51 23.23 -4.49
N SER G 193 0.49 23.82 -5.13
CA SER G 193 0.17 25.22 -4.87
C SER G 193 -0.24 25.42 -3.42
N GLU G 194 -1.05 24.50 -2.88
CA GLU G 194 -1.51 24.62 -1.50
C GLU G 194 -0.34 24.58 -0.54
N ILE G 195 0.59 23.64 -0.73
CA ILE G 195 1.70 23.51 0.20
C ILE G 195 2.64 24.71 0.07
N GLU G 196 2.85 25.20 -1.15
CA GLU G 196 3.70 26.39 -1.32
C GLU G 196 3.06 27.60 -0.64
N THR G 197 1.75 27.76 -0.79
CA THR G 197 1.06 28.86 -0.12
C THR G 197 1.15 28.72 1.39
N ARG G 198 1.06 27.48 1.91
CA ARG G 198 1.19 27.27 3.33
C ARG G 198 2.59 27.60 3.82
N HIS G 199 3.61 27.29 3.02
CA HIS G 199 4.98 27.68 3.37
C HIS G 199 5.13 29.20 3.41
N SER G 200 4.56 29.89 2.42
CA SER G 200 4.56 31.35 2.46
C SER G 200 3.85 31.85 3.71
N GLU G 201 2.73 31.23 4.07
CA GLU G 201 1.98 31.64 5.24
C GLU G 201 2.78 31.41 6.52
N ILE G 202 3.54 30.31 6.59
CA ILE G 202 4.30 30.04 7.81
C ILE G 202 5.47 31.01 7.93
N ILE G 203 6.14 31.33 6.82
CA ILE G 203 7.23 32.30 6.91
C ILE G 203 6.68 33.65 7.33
N LYS G 204 5.52 34.04 6.79
CA LYS G 204 4.86 35.26 7.26
C LYS G 204 4.49 35.15 8.73
N LEU G 205 4.11 33.95 9.19
CA LEU G 205 3.83 33.74 10.60
C LEU G 205 5.04 34.11 11.44
N GLU G 206 6.20 33.54 11.12
CA GLU G 206 7.38 33.83 11.93
C GLU G 206 7.75 35.30 11.86
N ASN G 207 7.72 35.90 10.67
CA ASN G 207 8.05 37.32 10.55
C ASN G 207 7.15 38.16 11.44
N SER G 208 5.83 37.98 11.30
CA SER G 208 4.89 38.81 12.05
C SER G 208 5.02 38.58 13.54
N ILE G 209 5.16 37.32 13.95
CA ILE G 209 5.19 37.03 15.39
C ILE G 209 6.45 37.61 16.01
N ARG G 210 7.60 37.47 15.35
CA ARG G 210 8.82 38.04 15.90
C ARG G 210 8.73 39.57 15.96
N GLU G 211 8.17 40.19 14.91
CA GLU G 211 8.02 41.64 14.94
C GLU G 211 7.14 42.07 16.10
N LEU G 212 6.01 41.38 16.29
CA LEU G 212 5.11 41.71 17.39
C LEU G 212 5.78 41.47 18.73
N HIS G 213 6.65 40.46 18.82
CA HIS G 213 7.31 40.15 20.08
C HIS G 213 8.29 41.25 20.48
N ASP G 214 9.11 41.70 19.53
CA ASP G 214 10.00 42.82 19.80
C ASP G 214 9.19 44.07 20.15
N MET G 215 8.12 44.30 19.37
CA MET G 215 7.22 45.41 19.64
C MET G 215 6.70 45.34 21.06
N PHE G 216 6.42 44.13 21.56
CA PHE G 216 5.83 43.99 22.89
C PHE G 216 6.85 44.22 23.99
N MET G 217 8.08 43.73 23.81
CA MET G 217 9.09 44.06 24.81
C MET G 217 9.28 45.58 24.89
N ASP G 218 9.20 46.26 23.74
CA ASP G 218 9.21 47.72 23.77
C ASP G 218 8.01 48.27 24.53
N MET G 219 6.82 47.71 24.28
CA MET G 219 5.64 48.03 25.08
C MET G 219 5.99 48.07 26.55
N ALA G 220 6.51 46.95 27.04
CA ALA G 220 6.75 46.77 28.48
C ALA G 220 7.76 47.78 29.00
N MET G 221 8.87 47.94 28.29
CA MET G 221 9.89 48.89 28.76
C MET G 221 9.30 50.29 28.89
N LEU G 222 8.64 50.76 27.85
CA LEU G 222 8.12 52.12 27.87
C LEU G 222 7.09 52.30 28.98
N VAL G 223 6.18 51.33 29.14
CA VAL G 223 5.13 51.50 30.13
C VAL G 223 5.72 51.46 31.54
N GLU G 224 6.73 50.62 31.79
CA GLU G 224 7.35 50.62 33.10
C GLU G 224 8.01 51.96 33.40
N SER G 225 8.71 52.52 32.42
CA SER G 225 9.33 53.84 32.63
C SER G 225 8.27 54.88 32.98
N GLN G 226 7.18 54.90 32.23
CA GLN G 226 6.12 55.88 32.51
C GLN G 226 5.54 55.66 33.90
N GLY G 227 5.35 54.41 34.30
CA GLY G 227 4.82 54.13 35.63
C GLY G 227 5.73 54.66 36.72
N GLU G 228 7.03 54.43 36.60
CA GLU G 228 7.96 54.97 37.58
C GLU G 228 7.86 56.48 37.65
N MET G 229 7.82 57.14 36.50
CA MET G 229 7.97 58.59 36.52
C MET G 229 6.68 59.25 37.02
N ILE G 230 5.53 58.64 36.71
CA ILE G 230 4.27 59.08 37.31
C ILE G 230 4.28 58.86 38.81
N ASP G 231 4.87 57.75 39.28
CA ASP G 231 4.97 57.53 40.72
C ASP G 231 5.73 58.68 41.38
N ARG G 232 6.87 59.06 40.79
CA ARG G 232 7.63 60.17 41.35
C ARG G 232 6.80 61.45 41.35
N ILE G 233 6.08 61.71 40.25
CA ILE G 233 5.28 62.93 40.16
C ILE G 233 4.19 62.94 41.22
N GLU G 234 3.57 61.78 41.47
CA GLU G 234 2.54 61.71 42.50
C GLU G 234 3.12 62.00 43.88
N TYR G 235 4.30 61.44 44.17
CA TYR G 235 4.94 61.76 45.44
C TYR G 235 5.16 63.26 45.59
N ASN G 236 5.70 63.89 44.55
CA ASN G 236 5.95 65.32 44.62
C ASN G 236 4.64 66.10 44.74
N VAL G 237 3.58 65.63 44.09
CA VAL G 237 2.28 66.29 44.21
C VAL G 237 1.81 66.28 45.65
N GLU G 238 1.91 65.11 46.31
CA GLU G 238 1.48 65.04 47.70
C GLU G 238 2.31 65.97 48.58
N HIS G 239 3.63 65.98 48.36
CA HIS G 239 4.48 66.86 49.16
C HIS G 239 4.10 68.31 48.98
N ALA G 240 3.91 68.74 47.73
CA ALA G 240 3.56 70.13 47.45
C ALA G 240 2.21 70.48 48.06
N VAL G 241 1.23 69.57 47.97
CA VAL G 241 -0.08 69.83 48.54
C VAL G 241 0.04 70.07 50.04
N ASP G 242 0.74 69.18 50.74
CA ASP G 242 0.88 69.34 52.19
C ASP G 242 1.60 70.63 52.53
N TYR G 243 2.71 70.93 51.84
CA TYR G 243 3.47 72.12 52.16
C TYR G 243 2.65 73.39 51.92
N VAL G 244 1.89 73.44 50.84
CA VAL G 244 1.17 74.66 50.54
C VAL G 244 -0.04 74.80 51.46
N GLU G 245 -0.61 73.68 51.89
CA GLU G 245 -1.69 73.74 52.87
C GLU G 245 -1.19 74.32 54.20
N ARG G 246 -0.06 73.81 54.70
CA ARG G 246 0.47 74.40 55.94
C ARG G 246 0.93 75.84 55.71
N ALA G 247 1.36 76.17 54.50
CA ALA G 247 1.72 77.56 54.20
C ALA G 247 0.53 78.48 54.33
N VAL G 248 -0.61 78.12 53.72
CA VAL G 248 -1.79 78.95 53.87
C VAL G 248 -2.23 79.01 55.32
N SER G 249 -2.17 77.88 56.03
CA SER G 249 -2.57 77.88 57.44
C SER G 249 -1.76 78.90 58.24
N ASP G 250 -0.43 78.83 58.12
CA ASP G 250 0.41 79.69 58.94
C ASP G 250 0.31 81.15 58.49
N THR G 251 0.16 81.39 57.18
CA THR G 251 0.00 82.77 56.72
C THR G 251 -1.30 83.38 57.26
N LYS G 252 -2.39 82.62 57.23
CA LYS G 252 -3.65 83.13 57.76
C LYS G 252 -3.56 83.35 59.27
N LYS G 253 -2.89 82.44 59.99
CA LYS G 253 -2.71 82.66 61.42
C LYS G 253 -1.89 83.92 61.70
N ALA G 254 -0.84 84.16 60.91
CA ALA G 254 -0.04 85.37 61.07
C ALA G 254 -0.88 86.61 60.78
N VAL G 255 -1.71 86.56 59.74
CA VAL G 255 -2.58 87.70 59.45
C VAL G 255 -3.54 87.95 60.61
N LYS G 256 -4.10 86.88 61.17
CA LYS G 256 -4.96 87.04 62.34
C LYS G 256 -4.20 87.67 63.51
N TYR G 257 -2.92 87.33 63.65
CA TYR G 257 -2.12 87.92 64.71
C TYR G 257 -2.02 89.44 64.55
N GLN G 258 -1.87 89.91 63.32
CA GLN G 258 -1.84 91.34 63.05
C GLN G 258 -3.11 92.02 63.56
N ARG H 33 -10.68 13.48 -0.01
CA ARG H 33 -10.84 14.18 1.26
C ARG H 33 -9.98 15.44 1.32
N ALA H 34 -9.12 15.64 0.32
CA ALA H 34 -8.24 16.79 0.31
C ALA H 34 -9.01 18.11 0.17
N ASP H 35 -10.28 18.05 -0.25
CA ASP H 35 -11.06 19.27 -0.42
C ASP H 35 -11.25 19.99 0.91
N GLN H 36 -11.66 19.26 1.96
CA GLN H 36 -11.77 19.87 3.27
C GLN H 36 -10.42 20.25 3.87
N LEU H 37 -9.37 19.52 3.54
CA LEU H 37 -8.02 19.96 3.92
C LEU H 37 -7.75 21.35 3.35
N ALA H 38 -8.03 21.54 2.07
CA ALA H 38 -7.82 22.86 1.45
C ALA H 38 -8.75 23.89 2.06
N ASP H 39 -9.98 23.52 2.39
CA ASP H 39 -10.91 24.47 3.00
C ASP H 39 -10.40 24.97 4.33
N GLU H 40 -9.98 24.05 5.20
CA GLU H 40 -9.43 24.47 6.49
C GLU H 40 -8.13 25.24 6.30
N SER H 41 -7.33 24.88 5.28
CA SER H 41 -6.10 25.60 5.03
C SER H 41 -6.37 27.05 4.63
N LEU H 42 -7.32 27.26 3.72
CA LEU H 42 -7.64 28.61 3.29
C LEU H 42 -8.26 29.41 4.43
N GLU H 43 -9.11 28.78 5.24
CA GLU H 43 -9.64 29.47 6.41
C GLU H 43 -8.53 29.86 7.37
N SER H 44 -7.59 28.95 7.62
CA SER H 44 -6.48 29.23 8.52
C SER H 44 -5.67 30.42 8.03
N THR H 45 -5.24 30.38 6.76
CA THR H 45 -4.43 31.47 6.23
C THR H 45 -5.21 32.77 6.23
N ARG H 46 -6.50 32.73 5.88
CA ARG H 46 -7.29 33.95 5.82
C ARG H 46 -7.35 34.61 7.19
N ARG H 47 -7.77 33.84 8.19
CA ARG H 47 -7.91 34.38 9.54
C ARG H 47 -6.56 34.83 10.08
N MET H 48 -5.51 34.02 9.87
CA MET H 48 -4.18 34.42 10.28
C MET H 48 -3.80 35.78 9.71
N LEU H 49 -3.89 35.92 8.39
CA LEU H 49 -3.43 37.15 7.77
C LEU H 49 -4.19 38.35 8.29
N GLN H 50 -5.53 38.26 8.28
CA GLN H 50 -6.32 39.40 8.71
C GLN H 50 -6.00 39.77 10.16
N LEU H 51 -5.98 38.78 11.05
CA LEU H 51 -5.83 39.06 12.47
C LEU H 51 -4.43 39.59 12.79
N VAL H 52 -3.41 39.01 12.15
CA VAL H 52 -2.05 39.47 12.34
C VAL H 52 -1.88 40.91 11.86
N GLU H 53 -2.41 41.21 10.67
CA GLU H 53 -2.33 42.60 10.18
C GLU H 53 -3.07 43.54 11.12
N GLU H 54 -4.18 43.09 11.68
CA GLU H 54 -4.91 43.90 12.65
C GLU H 54 -4.02 44.27 13.83
N SER H 55 -3.39 43.27 14.45
CA SER H 55 -2.52 43.57 15.59
C SER H 55 -1.39 44.50 15.19
N LYS H 56 -0.74 44.22 14.06
CA LYS H 56 0.43 44.99 13.66
C LYS H 56 0.07 46.44 13.44
N ASP H 57 -1.05 46.70 12.75
CA ASP H 57 -1.47 48.08 12.53
C ASP H 57 -1.91 48.74 13.84
N ALA H 58 -2.57 47.98 14.72
CA ALA H 58 -3.15 48.59 15.91
C ALA H 58 -2.07 49.07 16.87
N GLY H 59 -1.09 48.23 17.18
CA GLY H 59 -0.11 48.59 18.19
C GLY H 59 0.65 49.87 17.84
N ILE H 60 0.89 50.07 16.54
CA ILE H 60 1.73 51.17 16.09
C ILE H 60 1.19 52.51 16.56
N ARG H 61 -0.10 52.75 16.32
CA ARG H 61 -0.66 54.07 16.64
C ARG H 61 -0.62 54.34 18.13
N THR H 62 -1.01 53.35 18.94
CA THR H 62 -1.01 53.53 20.39
C THR H 62 0.39 53.90 20.87
N LEU H 63 1.42 53.21 20.37
CA LEU H 63 2.75 53.44 20.91
C LEU H 63 3.40 54.68 20.32
N VAL H 64 2.94 55.12 19.15
CA VAL H 64 3.33 56.45 18.69
C VAL H 64 2.72 57.50 19.61
N MET H 65 1.51 57.24 20.11
CA MET H 65 0.84 58.20 20.98
C MET H 65 1.43 58.25 22.38
N LEU H 66 1.92 57.12 22.90
CA LEU H 66 2.36 57.10 24.29
C LEU H 66 3.46 58.14 24.57
N ASP H 67 4.31 58.43 23.58
CA ASP H 67 5.36 59.41 23.80
C ASP H 67 4.79 60.80 24.04
N GLU H 68 3.64 61.11 23.43
CA GLU H 68 3.00 62.39 23.68
C GLU H 68 2.60 62.53 25.15
N GLN H 69 2.02 61.49 25.72
CA GLN H 69 1.71 61.50 27.14
C GLN H 69 2.99 61.61 27.98
N GLY H 70 4.05 60.92 27.55
CA GLY H 70 5.30 61.02 28.28
C GLY H 70 5.81 62.44 28.35
N GLU H 71 5.83 63.14 27.20
CA GLU H 71 6.33 64.51 27.18
C GLU H 71 5.39 65.47 27.89
N GLN H 72 4.08 65.22 27.81
CA GLN H 72 3.14 66.03 28.60
C GLN H 72 3.42 65.88 30.09
N LEU H 73 3.70 64.65 30.54
CA LEU H 73 3.97 64.46 31.96
C LEU H 73 5.33 65.04 32.34
N GLU H 74 6.28 65.09 31.38
CA GLU H 74 7.50 65.86 31.57
C GLU H 74 7.19 67.33 31.85
N ARG H 75 6.34 67.93 31.01
CA ARG H 75 5.96 69.33 31.22
C ARG H 75 5.28 69.51 32.56
N ILE H 76 4.45 68.55 32.95
CA ILE H 76 3.84 68.57 34.28
C ILE H 76 4.93 68.64 35.34
N GLU H 77 5.94 67.78 35.23
CA GLU H 77 7.02 67.77 36.22
C GLU H 77 7.70 69.14 36.28
N GLU H 78 8.05 69.70 35.12
CA GLU H 78 8.77 70.97 35.11
C GLU H 78 7.95 72.07 35.75
N GLY H 79 6.71 72.25 35.29
CA GLY H 79 5.86 73.27 35.85
C GLY H 79 5.61 73.07 37.33
N MET H 80 5.46 71.81 37.76
CA MET H 80 5.13 71.54 39.15
C MET H 80 6.32 71.83 40.07
N ASP H 81 7.53 71.46 39.65
CA ASP H 81 8.69 71.80 40.48
C ASP H 81 8.87 73.30 40.56
N GLN H 82 8.67 74.01 39.44
CA GLN H 82 8.74 75.46 39.49
C GLN H 82 7.69 76.02 40.44
N ILE H 83 6.48 75.47 40.39
CA ILE H 83 5.39 75.92 41.27
C ILE H 83 5.76 75.72 42.72
N ASN H 84 6.29 74.54 43.05
CA ASN H 84 6.65 74.24 44.43
C ASN H 84 7.74 75.17 44.93
N LYS H 85 8.77 75.39 44.12
CA LYS H 85 9.83 76.31 44.52
C LYS H 85 9.27 77.72 44.71
N ASP H 86 8.37 78.14 43.83
CA ASP H 86 7.79 79.48 43.94
C ASP H 86 7.06 79.64 45.27
N MET H 87 6.19 78.70 45.63
CA MET H 87 5.49 78.83 46.90
C MET H 87 6.45 78.74 48.07
N LYS H 88 7.46 77.86 48.01
CA LYS H 88 8.41 77.77 49.11
C LYS H 88 9.08 79.11 49.36
N GLU H 89 9.63 79.71 48.31
CA GLU H 89 10.29 81.00 48.47
C GLU H 89 9.32 82.08 48.91
N ALA H 90 8.12 82.11 48.33
CA ALA H 90 7.15 83.14 48.70
C ALA H 90 6.77 83.04 50.17
N GLU H 91 6.49 81.83 50.65
CA GLU H 91 6.09 81.66 52.05
C GLU H 91 7.23 82.01 52.99
N LYS H 92 8.46 81.56 52.68
CA LYS H 92 9.56 81.87 53.58
C LYS H 92 9.83 83.38 53.61
N ASN H 93 9.76 84.03 52.45
CA ASN H 93 9.92 85.49 52.43
C ASN H 93 8.83 86.19 53.21
N LEU H 94 7.58 85.72 53.10
CA LEU H 94 6.49 86.32 53.85
C LEU H 94 6.71 86.16 55.35
N THR H 95 7.13 84.97 55.79
CA THR H 95 7.40 84.78 57.21
C THR H 95 8.52 85.69 57.69
N ASP H 96 9.59 85.80 56.90
CA ASP H 96 10.69 86.68 57.28
C ASP H 96 10.24 88.13 57.37
N LEU H 97 9.45 88.59 56.40
CA LEU H 97 8.98 89.97 56.40
C LEU H 97 8.06 90.22 57.59
N GLY H 98 7.17 89.27 57.90
CA GLY H 98 6.31 89.43 59.05
C GLY H 98 7.08 89.50 60.35
N LYS H 99 8.12 88.66 60.48
CA LYS H 99 8.97 88.74 61.67
C LYS H 99 9.68 90.08 61.73
N PHE H 100 10.17 90.58 60.59
CA PHE H 100 10.85 91.87 60.58
C PHE H 100 9.92 92.99 61.02
N ALA H 101 8.68 92.98 60.53
CA ALA H 101 7.74 94.04 60.88
C ALA H 101 7.46 94.07 62.38
N GLY H 102 7.27 92.90 62.98
CA GLY H 102 6.97 92.81 64.40
C GLY H 102 8.15 93.18 65.26
N ARG I 33 10.47 15.22 -0.67
CA ARG I 33 10.91 15.57 0.67
C ARG I 33 9.79 16.29 1.43
N ALA I 34 8.57 15.74 1.32
CA ALA I 34 7.43 16.31 2.01
C ALA I 34 7.43 15.98 3.49
N ASP I 35 7.95 14.80 3.86
CA ASP I 35 8.03 14.45 5.27
C ASP I 35 8.96 15.37 6.03
N GLN I 36 10.07 15.77 5.41
CA GLN I 36 10.95 16.76 6.01
C GLN I 36 10.22 18.08 6.20
N LEU I 37 9.40 18.47 5.23
CA LEU I 37 8.60 19.69 5.37
C LEU I 37 7.62 19.56 6.52
N ALA I 38 7.01 18.39 6.70
CA ALA I 38 6.09 18.18 7.81
C ALA I 38 6.82 18.30 9.16
N ASP I 39 8.00 17.70 9.25
CA ASP I 39 8.78 17.81 10.49
C ASP I 39 9.16 19.26 10.77
N GLU I 40 9.59 19.98 9.74
CA GLU I 40 9.90 21.40 9.91
C GLU I 40 8.67 22.18 10.34
N SER I 41 7.50 21.84 9.79
CA SER I 41 6.26 22.50 10.18
C SER I 41 5.95 22.24 11.65
N LEU I 42 6.17 21.00 12.11
CA LEU I 42 5.95 20.70 13.53
C LEU I 42 6.88 21.52 14.41
N GLU I 43 8.16 21.60 14.04
CA GLU I 43 9.11 22.40 14.82
C GLU I 43 8.69 23.87 14.84
N SER I 44 8.29 24.41 13.70
CA SER I 44 7.85 25.80 13.64
C SER I 44 6.59 26.01 14.48
N THR I 45 5.69 25.01 14.49
CA THR I 45 4.52 25.10 15.34
C THR I 45 4.91 25.19 16.81
N ARG I 46 5.87 24.37 17.22
CA ARG I 46 6.34 24.42 18.60
C ARG I 46 6.94 25.80 18.92
N ARG I 47 7.74 26.33 18.00
CA ARG I 47 8.34 27.65 18.21
C ARG I 47 7.26 28.71 18.35
N MET I 48 6.25 28.67 17.47
CA MET I 48 5.16 29.62 17.55
C MET I 48 4.41 29.51 18.87
N LEU I 49 4.16 28.27 19.32
CA LEU I 49 3.50 28.09 20.61
C LEU I 49 4.30 28.74 21.72
N GLN I 50 5.60 28.49 21.76
CA GLN I 50 6.44 29.08 22.81
C GLN I 50 6.39 30.60 22.78
N LEU I 51 6.56 31.18 21.58
CA LEU I 51 6.61 32.63 21.47
C LEU I 51 5.27 33.25 21.89
N VAL I 52 4.16 32.67 21.43
CA VAL I 52 2.85 33.21 21.77
C VAL I 52 2.61 33.11 23.26
N GLU I 53 3.01 31.98 23.87
CA GLU I 53 2.82 31.83 25.31
C GLU I 53 3.61 32.87 26.08
N GLU I 54 4.85 33.13 25.68
CA GLU I 54 5.64 34.16 26.35
C GLU I 54 4.98 35.52 26.20
N SER I 55 4.49 35.83 24.99
CA SER I 55 3.82 37.11 24.77
C SER I 55 2.60 37.25 25.67
N LYS I 56 1.80 36.18 25.80
CA LYS I 56 0.63 36.23 26.67
C LYS I 56 1.03 36.44 28.12
N ASP I 57 2.06 35.72 28.57
CA ASP I 57 2.51 35.85 29.95
C ASP I 57 2.90 37.29 30.25
N ALA I 58 3.64 37.91 29.33
CA ALA I 58 4.03 39.30 29.55
C ALA I 58 2.83 40.25 29.44
N GLY I 59 1.86 39.93 28.59
CA GLY I 59 0.69 40.78 28.46
C GLY I 59 -0.13 40.84 29.74
N ILE I 60 -0.20 39.72 30.46
CA ILE I 60 -0.97 39.70 31.70
C ILE I 60 -0.40 40.73 32.69
N ARG I 61 0.90 40.67 32.91
CA ARG I 61 1.53 41.64 33.81
C ARG I 61 1.48 43.06 33.23
N THR I 62 1.46 43.21 31.91
CA THR I 62 1.23 44.52 31.33
C THR I 62 -0.12 45.08 31.77
N LEU I 63 -1.15 44.24 31.72
CA LEU I 63 -2.46 44.62 32.26
C LEU I 63 -2.33 45.08 33.70
N VAL I 64 -1.62 44.30 34.52
CA VAL I 64 -1.56 44.61 35.95
C VAL I 64 -0.93 45.99 36.16
N MET I 65 0.18 46.27 35.46
CA MET I 65 0.79 47.59 35.64
C MET I 65 -0.06 48.72 35.08
N LEU I 66 -0.80 48.51 33.98
CA LEU I 66 -1.66 49.58 33.52
C LEU I 66 -2.71 49.89 34.58
N ASP I 67 -3.26 48.85 35.20
CA ASP I 67 -4.20 49.05 36.29
C ASP I 67 -3.56 49.87 37.41
N GLU I 68 -2.34 49.51 37.79
CA GLU I 68 -1.67 50.23 38.88
C GLU I 68 -1.46 51.71 38.51
N GLN I 69 -1.02 51.96 37.29
CA GLN I 69 -0.76 53.34 36.86
C GLN I 69 -2.05 54.15 36.89
N GLY I 70 -3.15 53.58 36.41
CA GLY I 70 -4.42 54.28 36.49
C GLY I 70 -4.85 54.56 37.92
N GLU I 71 -4.62 53.58 38.80
CA GLU I 71 -4.94 53.77 40.21
C GLU I 71 -4.21 54.98 40.78
N GLN I 72 -2.89 55.04 40.57
CA GLN I 72 -2.12 56.18 41.07
C GLN I 72 -2.56 57.47 40.40
N LEU I 73 -2.89 57.39 39.11
CA LEU I 73 -3.23 58.58 38.34
C LEU I 73 -4.50 59.25 38.85
N GLU I 74 -5.51 58.44 39.20
CA GLU I 74 -6.74 59.03 39.75
C GLU I 74 -6.46 59.80 41.03
N ARG I 75 -5.64 59.23 41.92
CA ARG I 75 -5.31 59.90 43.17
C ARG I 75 -4.59 61.21 42.93
N ILE I 76 -3.61 61.20 42.02
CA ILE I 76 -2.88 62.45 41.76
C ILE I 76 -3.83 63.50 41.18
N GLU I 77 -4.76 63.08 40.32
CA GLU I 77 -5.75 64.02 39.79
C GLU I 77 -6.57 64.66 40.90
N GLU I 78 -7.08 63.83 41.82
CA GLU I 78 -7.90 64.35 42.89
C GLU I 78 -7.11 65.30 43.79
N GLY I 79 -5.86 64.94 44.09
CA GLY I 79 -5.02 65.83 44.87
C GLY I 79 -4.80 67.17 44.19
N MET I 80 -4.57 67.14 42.88
CA MET I 80 -4.39 68.38 42.13
C MET I 80 -5.64 69.25 42.23
N ASP I 81 -6.82 68.65 42.07
CA ASP I 81 -8.05 69.44 42.18
C ASP I 81 -8.17 70.06 43.58
N GLN I 82 -7.90 69.28 44.62
CA GLN I 82 -8.01 69.79 45.98
C GLN I 82 -7.07 70.96 46.21
N ILE I 83 -5.81 70.81 45.81
CA ILE I 83 -4.85 71.89 46.01
C ILE I 83 -5.26 73.12 45.23
N ASN I 84 -5.74 72.94 44.00
CA ASN I 84 -6.14 74.10 43.20
C ASN I 84 -7.28 74.87 43.87
N LYS I 85 -8.29 74.15 44.37
CA LYS I 85 -9.41 74.84 45.01
C LYS I 85 -8.96 75.56 46.28
N ASP I 86 -8.20 74.85 47.13
CA ASP I 86 -7.69 75.49 48.34
C ASP I 86 -6.87 76.73 48.01
N MET I 87 -6.09 76.67 46.93
CA MET I 87 -5.22 77.79 46.61
C MET I 87 -6.03 78.98 46.10
N LYS I 88 -7.01 78.73 45.24
CA LYS I 88 -7.87 79.80 44.77
C LYS I 88 -8.54 80.50 45.95
N GLU I 89 -9.19 79.72 46.83
CA GLU I 89 -9.89 80.35 47.94
C GLU I 89 -8.92 81.09 48.87
N ALA I 90 -7.76 80.49 49.14
CA ALA I 90 -6.81 81.10 50.06
C ALA I 90 -6.29 82.43 49.51
N GLU I 91 -5.82 82.42 48.26
CA GLU I 91 -5.27 83.65 47.69
C GLU I 91 -6.35 84.72 47.57
N LYS I 92 -7.57 84.33 47.20
CA LYS I 92 -8.63 85.33 47.09
C LYS I 92 -8.94 85.95 48.45
N ASN I 93 -9.01 85.12 49.49
CA ASN I 93 -9.28 85.65 50.83
C ASN I 93 -8.16 86.58 51.28
N LEU I 94 -6.90 86.21 51.03
CA LEU I 94 -5.78 87.07 51.42
C LEU I 94 -5.82 88.39 50.67
N THR I 95 -6.11 88.35 49.36
CA THR I 95 -6.19 89.59 48.58
C THR I 95 -7.33 90.47 49.08
N ASP I 96 -8.48 89.86 49.40
CA ASP I 96 -9.59 90.64 49.93
C ASP I 96 -9.22 91.28 51.26
N LEU I 97 -8.52 90.54 52.12
CA LEU I 97 -8.09 91.09 53.40
C LEU I 97 -7.09 92.23 53.21
N GLY I 98 -6.25 92.14 52.18
CA GLY I 98 -5.25 93.17 51.97
C GLY I 98 -5.84 94.55 51.79
N LYS I 99 -6.95 94.63 51.06
CA LYS I 99 -7.62 95.91 50.82
C LYS I 99 -7.96 96.60 52.14
N GLY J 180 -9.34 -21.71 -11.09
CA GLY J 180 -9.35 -20.67 -10.07
C GLY J 180 -7.97 -20.11 -9.81
N ILE J 181 -7.92 -18.82 -9.44
CA ILE J 181 -6.67 -18.13 -9.17
C ILE J 181 -6.80 -17.36 -7.86
N ILE J 182 -5.65 -17.13 -7.22
CA ILE J 182 -5.58 -16.43 -5.94
C ILE J 182 -4.54 -15.33 -6.06
N MET J 183 -4.85 -14.19 -5.43
CA MET J 183 -4.02 -13.01 -5.53
C MET J 183 -3.94 -12.33 -4.17
N ASP J 184 -2.92 -11.48 -4.03
CA ASP J 184 -2.71 -10.69 -2.82
C ASP J 184 -2.65 -9.21 -3.19
N SER J 185 -2.51 -8.36 -2.18
CA SER J 185 -2.66 -6.92 -2.35
C SER J 185 -1.59 -6.16 -1.58
N SER J 186 -1.37 -4.93 -2.01
CA SER J 186 -0.50 -3.99 -1.31
C SER J 186 -1.16 -2.61 -1.33
N ILE J 187 -0.82 -1.79 -0.33
CA ILE J 187 -1.45 -0.48 -0.14
C ILE J 187 -0.38 0.58 0.11
N SER J 188 -0.78 1.82 -0.12
CA SER J 188 0.04 2.99 0.18
C SER J 188 -0.53 3.75 1.37
N LYS J 189 0.36 4.35 2.15
CA LYS J 189 -0.08 5.11 3.30
C LYS J 189 -1.04 6.22 2.87
N GLN J 190 -1.79 6.73 3.86
CA GLN J 190 -2.78 7.78 3.64
C GLN J 190 -2.28 9.15 4.09
N ALA J 191 -0.95 9.30 4.20
CA ALA J 191 -0.34 10.57 4.58
C ALA J 191 -0.90 11.07 5.91
N LEU J 192 -1.27 10.14 6.79
CA LEU J 192 -1.92 10.50 8.06
C LEU J 192 -0.88 10.75 9.16
N SER J 193 -0.10 11.81 8.96
CA SER J 193 0.79 12.33 9.97
C SER J 193 0.44 13.75 10.35
N GLU J 194 0.18 14.62 9.37
CA GLU J 194 -0.25 15.99 9.61
C GLU J 194 -1.76 16.06 9.40
N ILE J 195 -2.51 15.52 10.37
CA ILE J 195 -3.96 15.58 10.31
C ILE J 195 -4.51 16.27 11.55
N GLU J 196 -4.43 15.58 12.70
CA GLU J 196 -4.96 16.17 13.92
C GLU J 196 -3.91 17.05 14.58
N THR J 197 -2.62 16.79 14.32
CA THR J 197 -1.59 17.73 14.73
C THR J 197 -1.92 19.13 14.20
N ARG J 198 -2.24 19.23 12.91
CA ARG J 198 -2.57 20.52 12.33
C ARG J 198 -3.96 21.01 12.75
N HIS J 199 -4.97 20.15 12.79
CA HIS J 199 -6.28 20.55 13.27
C HIS J 199 -6.27 21.02 14.72
N SER J 200 -5.26 20.65 15.50
CA SER J 200 -5.13 21.06 16.90
C SER J 200 -4.24 22.27 17.08
N GLU J 201 -3.11 22.33 16.36
CA GLU J 201 -2.27 23.52 16.45
C GLU J 201 -2.99 24.73 15.89
N ILE J 202 -3.79 24.54 14.83
CA ILE J 202 -4.59 25.65 14.31
C ILE J 202 -5.55 26.16 15.38
N ILE J 203 -6.23 25.24 16.08
CA ILE J 203 -7.19 25.66 17.10
C ILE J 203 -6.47 26.39 18.23
N LYS J 204 -5.36 25.83 18.70
CA LYS J 204 -4.65 26.44 19.83
C LYS J 204 -4.11 27.82 19.46
N LEU J 205 -3.50 27.94 18.28
CA LEU J 205 -2.96 29.22 17.86
C LEU J 205 -4.07 30.23 17.62
N GLU J 206 -5.21 29.77 17.09
CA GLU J 206 -6.36 30.66 16.93
C GLU J 206 -6.81 31.20 18.28
N ASN J 207 -6.94 30.31 19.27
CA ASN J 207 -7.33 30.76 20.60
C ASN J 207 -6.34 31.79 21.14
N SER J 208 -5.05 31.49 21.03
CA SER J 208 -4.04 32.36 21.62
C SER J 208 -3.99 33.72 20.93
N ILE J 209 -4.03 33.73 19.60
CA ILE J 209 -4.00 35.01 18.88
C ILE J 209 -5.27 35.80 19.14
N ARG J 210 -6.42 35.11 19.21
CA ARG J 210 -7.67 35.79 19.50
C ARG J 210 -7.62 36.45 20.88
N GLU J 211 -7.12 35.75 21.88
CA GLU J 211 -7.06 36.34 23.21
C GLU J 211 -6.04 37.48 23.26
N LEU J 212 -4.94 37.36 22.51
CA LEU J 212 -3.99 38.47 22.44
C LEU J 212 -4.62 39.71 21.81
N HIS J 213 -5.41 39.51 20.74
CA HIS J 213 -6.09 40.63 20.11
C HIS J 213 -7.11 41.27 21.04
N ASP J 214 -7.89 40.46 21.75
CA ASP J 214 -8.79 41.00 22.75
C ASP J 214 -8.02 41.75 23.83
N MET J 215 -6.86 41.21 24.23
CA MET J 215 -6.00 41.87 25.20
C MET J 215 -5.71 43.30 24.77
N PHE J 216 -5.16 43.45 23.56
CA PHE J 216 -4.75 44.77 23.11
C PHE J 216 -5.96 45.68 22.90
N MET J 217 -7.06 45.13 22.38
CA MET J 217 -8.25 45.94 22.21
C MET J 217 -8.72 46.51 23.54
N ASP J 218 -8.67 45.69 24.59
CA ASP J 218 -9.00 46.20 25.92
C ASP J 218 -8.05 47.32 26.32
N MET J 219 -6.76 47.15 26.05
CA MET J 219 -5.78 48.14 26.50
C MET J 219 -5.95 49.47 25.76
N ALA J 220 -6.42 49.42 24.53
CA ALA J 220 -6.56 50.62 23.71
C ALA J 220 -7.35 51.70 24.43
N MET J 221 -8.61 51.39 24.78
CA MET J 221 -9.49 52.40 25.35
C MET J 221 -8.97 52.90 26.69
N LEU J 222 -8.41 51.99 27.50
CA LEU J 222 -7.88 52.41 28.80
C LEU J 222 -6.79 53.46 28.63
N VAL J 223 -5.81 53.17 27.77
CA VAL J 223 -4.72 54.12 27.59
C VAL J 223 -5.23 55.42 26.99
N GLU J 224 -6.18 55.33 26.05
CA GLU J 224 -6.74 56.53 25.45
C GLU J 224 -7.41 57.40 26.49
N SER J 225 -8.18 56.79 27.40
CA SER J 225 -8.83 57.55 28.46
C SER J 225 -7.80 58.18 29.38
N GLN J 226 -6.73 57.46 29.71
CA GLN J 226 -5.68 58.03 30.54
C GLN J 226 -5.14 59.30 29.92
N GLY J 227 -4.81 59.25 28.62
CA GLY J 227 -4.30 60.44 27.96
C GLY J 227 -5.32 61.57 27.90
N GLU J 228 -6.58 61.22 27.64
CA GLU J 228 -7.62 62.23 27.54
C GLU J 228 -7.78 62.97 28.86
N MET J 229 -7.64 62.27 29.98
CA MET J 229 -7.73 62.95 31.26
C MET J 229 -6.44 63.69 31.58
N ILE J 230 -5.31 63.18 31.09
CA ILE J 230 -4.03 63.86 31.29
C ILE J 230 -4.06 65.26 30.68
N ASP J 231 -4.71 65.40 29.53
CA ASP J 231 -4.77 66.72 28.90
C ASP J 231 -5.53 67.70 29.80
N ARG J 232 -6.63 67.26 30.40
CA ARG J 232 -7.36 68.12 31.33
C ARG J 232 -6.48 68.48 32.52
N ILE J 233 -5.71 67.51 33.02
CA ILE J 233 -4.84 67.79 34.17
C ILE J 233 -3.80 68.84 33.82
N GLU J 234 -3.19 68.73 32.65
CA GLU J 234 -2.16 69.71 32.28
C GLU J 234 -2.78 71.10 32.10
N TYR J 235 -3.99 71.16 31.53
CA TYR J 235 -4.67 72.45 31.44
C TYR J 235 -4.89 73.04 32.83
N ASN J 236 -5.38 72.23 33.77
CA ASN J 236 -5.66 72.74 35.11
C ASN J 236 -4.39 73.23 35.79
N VAL J 237 -3.31 72.47 35.70
CA VAL J 237 -2.08 72.88 36.37
C VAL J 237 -1.49 74.12 35.73
N GLU J 238 -1.62 74.25 34.40
CA GLU J 238 -1.14 75.45 33.74
C GLU J 238 -1.90 76.69 34.22
N HIS J 239 -3.23 76.58 34.30
CA HIS J 239 -4.00 77.70 34.82
C HIS J 239 -3.59 78.03 36.25
N ALA J 240 -3.41 76.98 37.07
CA ALA J 240 -3.05 77.20 38.47
C ALA J 240 -1.71 77.93 38.58
N VAL J 241 -0.72 77.50 37.81
CA VAL J 241 0.61 78.11 37.92
C VAL J 241 0.57 79.55 37.44
N ASP J 242 -0.12 79.81 36.32
CA ASP J 242 -0.18 81.19 35.84
C ASP J 242 -0.86 82.10 36.86
N TYR J 243 -1.98 81.63 37.42
CA TYR J 243 -2.69 82.42 38.42
C TYR J 243 -1.82 82.66 39.65
N VAL J 244 -1.13 81.63 40.12
CA VAL J 244 -0.27 81.76 41.30
C VAL J 244 0.80 82.81 41.03
N GLU J 245 1.48 82.70 39.90
CA GLU J 245 2.56 83.63 39.59
C GLU J 245 2.05 85.06 39.56
N ARG J 246 0.98 85.30 38.80
CA ARG J 246 0.46 86.67 38.68
C ARG J 246 0.06 87.22 40.04
N ALA J 247 -0.74 86.46 40.78
CA ALA J 247 -1.26 86.96 42.06
C ALA J 247 -0.13 87.22 43.04
N VAL J 248 0.81 86.28 43.17
CA VAL J 248 1.87 86.45 44.16
C VAL J 248 2.75 87.64 43.79
N SER J 249 3.09 87.77 42.51
CA SER J 249 3.94 88.90 42.10
C SER J 249 3.25 90.22 42.41
N ASP J 250 1.99 90.36 42.00
CA ASP J 250 1.30 91.63 42.20
C ASP J 250 1.14 91.94 43.69
N THR J 251 0.76 90.94 44.48
CA THR J 251 0.56 91.18 45.91
C THR J 251 1.87 91.54 46.60
N LYS J 252 2.96 90.85 46.25
CA LYS J 252 4.24 91.16 46.86
C LYS J 252 4.68 92.59 46.51
N LYS J 253 4.54 92.98 45.24
CA LYS J 253 4.94 94.34 44.88
C LYS J 253 4.08 95.37 45.60
N ALA J 254 2.77 95.13 45.68
CA ALA J 254 1.89 96.08 46.33
C ALA J 254 2.21 96.21 47.82
N VAL J 255 2.50 95.08 48.49
CA VAL J 255 2.75 95.10 49.92
C VAL J 255 4.19 95.50 50.27
N LYS J 256 5.09 95.53 49.28
CA LYS J 256 6.46 95.95 49.53
C LYS J 256 6.75 97.39 49.11
N TYR J 257 5.98 97.95 48.17
CA TYR J 257 6.26 99.29 47.67
C TYR J 257 5.42 100.38 48.31
N GLN J 258 4.45 100.03 49.16
CA GLN J 258 3.63 101.05 49.79
C GLN J 258 4.36 101.77 50.92
N SER J 259 5.38 101.16 51.50
CA SER J 259 6.14 101.76 52.60
C SER J 259 7.20 102.71 52.07
N GLY K 223 5.21 88.97 4.97
CA GLY K 223 3.93 88.78 5.69
C GLY K 223 3.58 89.95 6.58
N MET K 224 2.33 90.41 6.50
CA MET K 224 1.90 91.54 7.32
C MET K 224 1.99 91.21 8.80
N ASP K 225 1.59 89.99 9.18
CA ASP K 225 1.66 89.60 10.59
C ASP K 225 3.08 89.68 11.11
N THR K 226 4.03 89.09 10.38
CA THR K 226 5.42 89.12 10.81
C THR K 226 5.99 90.54 10.75
N SER K 227 5.58 91.33 9.77
CA SER K 227 6.07 92.71 9.68
C SER K 227 5.64 93.52 10.90
N GLY K 228 4.36 93.45 11.26
CA GLY K 228 3.89 94.14 12.45
C GLY K 228 4.50 93.58 13.72
N LYS K 229 4.69 92.27 13.77
CA LYS K 229 5.35 91.66 14.93
C LYS K 229 6.76 92.20 15.08
N GLN K 230 7.51 92.29 13.98
CA GLN K 230 8.85 92.86 14.01
C GLN K 230 8.84 94.33 14.40
N ALA K 231 7.84 95.09 13.93
CA ALA K 231 7.76 96.50 14.31
C ALA K 231 7.53 96.65 15.80
N GLU K 232 6.58 95.89 16.35
CA GLU K 232 6.34 95.95 17.79
C GLU K 232 7.55 95.44 18.57
N ALA K 233 8.28 94.48 18.00
CA ALA K 233 9.49 93.97 18.64
C ALA K 233 10.55 95.06 18.74
N MET K 234 10.74 95.84 17.67
CA MET K 234 11.66 96.97 17.73
C MET K 234 11.17 98.03 18.71
N ALA K 235 9.86 98.26 18.77
CA ALA K 235 9.34 99.23 19.74
C ALA K 235 9.68 98.78 21.16
N LEU K 236 9.50 97.48 21.44
CA LEU K 236 9.84 96.96 22.76
C LEU K 236 11.34 96.99 23.01
N LEU K 237 12.16 96.83 21.96
CA LEU K 237 13.60 96.97 22.14
C LEU K 237 13.95 98.40 22.54
N ALA K 238 13.32 99.38 21.90
CA ALA K 238 13.56 100.77 22.28
C ALA K 238 13.11 101.04 23.70
N GLU K 239 11.96 100.47 24.10
CA GLU K 239 11.50 100.64 25.47
C GLU K 239 12.47 100.00 26.46
N ALA K 240 13.03 98.83 26.10
CA ALA K 240 13.99 98.17 26.98
C ALA K 240 15.29 98.96 27.07
N GLU K 241 15.70 99.59 25.96
CA GLU K 241 16.86 100.48 26.01
C GLU K 241 16.60 101.65 26.94
N ARG K 242 15.41 102.24 26.87
CA ARG K 242 15.06 103.30 27.81
C ARG K 242 15.06 102.80 29.24
N LYS K 243 14.59 101.56 29.45
CA LYS K 243 14.53 101.02 30.80
C LYS K 243 15.91 100.71 31.36
N VAL K 244 16.84 100.24 30.52
CA VAL K 244 18.21 100.03 31.00
C VAL K 244 18.89 101.38 31.24
N LYS K 245 18.56 102.40 30.45
CA LYS K 245 19.02 103.74 30.77
C LYS K 245 18.51 104.18 32.14
N ASN K 246 17.22 103.91 32.41
CA ASN K 246 16.67 104.21 33.72
C ASN K 246 17.40 103.43 34.82
N SER K 247 17.72 102.17 34.54
CA SER K 247 18.41 101.34 35.53
C SER K 247 19.79 101.90 35.87
N GLN K 248 20.54 102.30 34.84
CA GLN K 248 21.86 102.86 35.09
C GLN K 248 21.78 104.25 35.70
N SER K 249 20.69 104.97 35.48
CA SER K 249 20.50 106.25 36.15
C SER K 249 20.14 106.07 37.62
N PHE K 250 19.36 105.02 37.93
CA PHE K 250 18.94 104.77 39.31
C PHE K 250 19.98 104.02 40.11
N PHE K 251 20.95 103.36 39.46
CA PHE K 251 22.05 102.74 40.16
C PHE K 251 23.13 103.74 40.56
N SER K 252 23.28 104.81 39.79
CA SER K 252 24.28 105.85 40.07
C SER K 252 23.66 107.17 40.48
N GLY K 253 22.43 107.45 40.09
CA GLY K 253 21.79 108.72 40.40
C GLY K 253 20.78 108.62 41.52
N LEU K 254 20.01 107.54 41.55
CA LEU K 254 18.94 107.34 42.51
C LEU K 254 19.26 106.12 43.39
N PHE K 255 18.31 105.78 44.25
CA PHE K 255 18.40 104.59 45.08
C PHE K 255 17.12 103.79 44.94
N GLY K 256 17.17 102.53 45.38
CA GLY K 256 16.00 101.67 45.27
C GLY K 256 15.61 101.34 43.85
N GLY K 257 16.57 101.24 42.94
CA GLY K 257 16.28 100.87 41.57
C GLY K 257 16.06 99.38 41.37
N SER K 258 16.22 98.58 42.42
CA SER K 258 16.00 97.14 42.31
C SER K 258 14.62 96.84 41.71
N SER K 259 13.61 97.59 42.14
CA SER K 259 12.28 97.41 41.56
C SER K 259 12.23 97.89 40.12
N LYS K 260 12.90 99.01 39.83
CA LYS K 260 12.94 99.51 38.46
C LYS K 260 13.64 98.53 37.53
N ILE K 261 14.76 97.97 37.98
CA ILE K 261 15.45 96.98 37.16
C ILE K 261 14.69 95.67 37.11
N GLU K 262 13.86 95.38 38.13
CA GLU K 262 12.97 94.23 38.03
C GLU K 262 11.93 94.44 36.93
N GLU K 263 11.37 95.65 36.85
CA GLU K 263 10.46 95.95 35.76
C GLU K 263 11.17 95.90 34.42
N ALA K 264 12.43 96.34 34.39
CA ALA K 264 13.25 96.20 33.19
C ALA K 264 13.39 94.74 32.81
N CYS K 265 13.63 93.86 33.80
CA CYS K 265 13.69 92.43 33.54
C CYS K 265 12.37 91.91 32.99
N GLU K 266 11.26 92.39 33.54
CA GLU K 266 9.94 91.94 33.08
C GLU K 266 9.73 92.32 31.61
N ILE K 267 10.04 93.57 31.26
CA ILE K 267 9.85 93.98 29.88
C ILE K 267 10.82 93.26 28.97
N TYR K 268 12.05 93.01 29.44
CA TYR K 268 13.01 92.25 28.64
C TYR K 268 12.51 90.83 28.38
N ALA K 269 11.92 90.20 29.40
CA ALA K 269 11.41 88.84 29.24
C ALA K 269 10.22 88.81 28.29
N ARG K 270 9.30 89.76 28.43
CA ARG K 270 8.20 89.87 27.48
C ARG K 270 8.73 90.05 26.06
N ALA K 271 9.73 90.93 25.90
CA ALA K 271 10.29 91.16 24.59
C ALA K 271 10.88 89.88 24.03
N ALA K 272 11.67 89.17 24.84
CA ALA K 272 12.33 87.96 24.37
C ALA K 272 11.32 86.91 23.96
N ASN K 273 10.27 86.75 24.75
CA ASN K 273 9.24 85.76 24.42
C ASN K 273 8.56 86.13 23.12
N MET K 274 8.23 87.40 22.92
CA MET K 274 7.58 87.78 21.68
C MET K 274 8.54 87.74 20.49
N PHE K 275 9.85 87.92 20.71
CA PHE K 275 10.79 87.65 19.62
C PHE K 275 10.72 86.19 19.21
N LYS K 276 10.82 85.29 20.20
CA LYS K 276 10.73 83.87 19.91
C LYS K 276 9.46 83.57 19.13
N MET K 277 8.36 84.25 19.48
CA MET K 277 7.14 84.17 18.70
C MET K 277 7.33 84.70 17.28
N ALA K 278 8.19 85.69 17.10
CA ALA K 278 8.39 86.33 15.81
C ALA K 278 9.25 85.52 14.84
N LYS K 279 9.71 84.34 15.24
CA LYS K 279 10.58 83.45 14.48
C LYS K 279 12.02 83.94 14.49
N ASN K 280 12.31 85.10 15.06
CA ASN K 280 13.69 85.60 15.16
C ASN K 280 14.35 84.93 16.36
N TRP K 281 14.79 83.70 16.14
CA TRP K 281 15.35 82.90 17.24
C TRP K 281 16.60 83.56 17.81
N SER K 282 17.46 84.10 16.94
CA SER K 282 18.67 84.76 17.42
C SER K 282 18.34 85.95 18.31
N ALA K 283 17.39 86.79 17.87
CA ALA K 283 17.01 87.94 18.68
C ALA K 283 16.39 87.50 19.99
N ALA K 284 15.53 86.47 19.96
CA ALA K 284 14.93 85.97 21.19
C ALA K 284 15.99 85.48 22.17
N GLY K 285 16.96 84.71 21.67
CA GLY K 285 18.02 84.23 22.53
C GLY K 285 18.87 85.35 23.09
N ASN K 286 19.18 86.35 22.26
CA ASN K 286 19.95 87.49 22.74
C ASN K 286 19.20 88.24 23.84
N ALA K 287 17.91 88.47 23.63
CA ALA K 287 17.11 89.17 24.64
C ALA K 287 17.04 88.36 25.92
N PHE K 288 16.85 87.05 25.82
CA PHE K 288 16.80 86.21 27.01
C PHE K 288 18.14 86.24 27.75
N CYS K 289 19.25 86.18 27.01
CA CYS K 289 20.56 86.22 27.65
C CYS K 289 20.78 87.55 28.35
N GLN K 290 20.38 88.66 27.71
CA GLN K 290 20.52 89.96 28.35
C GLN K 290 19.70 90.04 29.63
N ALA K 291 18.44 89.58 29.56
CA ALA K 291 17.60 89.59 30.75
C ALA K 291 18.21 88.74 31.86
N ALA K 292 18.73 87.57 31.51
CA ALA K 292 19.32 86.69 32.51
C ALA K 292 20.52 87.33 33.16
N GLN K 293 21.46 87.85 32.36
CA GLN K 293 22.67 88.44 32.92
C GLN K 293 22.35 89.66 33.77
N LEU K 294 21.33 90.43 33.39
CA LEU K 294 20.94 91.56 34.24
C LEU K 294 20.29 91.06 35.53
N HIS K 295 19.56 89.95 35.46
CA HIS K 295 18.90 89.43 36.65
C HIS K 295 19.88 88.80 37.63
N LEU K 296 21.02 88.30 37.14
CA LEU K 296 21.99 87.71 38.05
C LEU K 296 22.43 88.68 39.13
N GLN K 297 22.37 89.98 38.88
CA GLN K 297 22.78 90.98 39.86
C GLN K 297 21.77 91.18 40.97
N LEU K 298 20.59 90.55 40.90
CA LEU K 298 19.52 90.75 41.86
C LEU K 298 19.52 89.69 42.95
N GLN K 299 20.71 89.19 43.32
CA GLN K 299 20.86 88.20 44.39
C GLN K 299 19.87 87.05 44.23
N SER K 300 19.54 86.71 42.98
CA SER K 300 18.61 85.64 42.67
C SER K 300 19.27 84.71 41.66
N LYS K 301 19.00 83.41 41.80
CA LYS K 301 19.66 82.40 40.98
C LYS K 301 18.71 81.54 40.18
N HIS K 302 17.55 81.15 40.74
CA HIS K 302 16.65 80.27 40.03
C HIS K 302 16.12 80.93 38.75
N ASP K 303 15.69 82.19 38.86
CA ASP K 303 15.24 82.90 37.67
C ASP K 303 16.36 83.04 36.65
N ALA K 304 17.59 83.27 37.12
CA ALA K 304 18.73 83.32 36.22
C ALA K 304 18.91 82.00 35.49
N ALA K 305 18.80 80.88 36.22
CA ALA K 305 18.95 79.57 35.58
C ALA K 305 17.85 79.33 34.56
N THR K 306 16.61 79.68 34.89
CA THR K 306 15.52 79.48 33.95
C THR K 306 15.72 80.34 32.69
N CYS K 307 16.14 81.59 32.87
CA CYS K 307 16.36 82.46 31.72
C CYS K 307 17.51 81.96 30.85
N PHE K 308 18.58 81.46 31.49
CA PHE K 308 19.68 80.88 30.71
C PHE K 308 19.23 79.65 29.95
N VAL K 309 18.39 78.82 30.57
CA VAL K 309 17.88 77.64 29.88
C VAL K 309 17.00 78.05 28.70
N ASP K 310 16.18 79.09 28.88
CA ASP K 310 15.36 79.57 27.78
C ASP K 310 16.23 80.10 26.64
N ALA K 311 17.30 80.83 26.97
CA ALA K 311 18.21 81.30 25.95
C ALA K 311 18.86 80.13 25.22
N GLY K 312 19.24 79.08 25.96
CA GLY K 312 19.79 77.90 25.33
C GLY K 312 18.82 77.22 24.40
N ASN K 313 17.55 77.13 24.80
CA ASN K 313 16.53 76.58 23.92
C ASN K 313 16.37 77.42 22.67
N ALA K 314 16.38 78.74 22.81
CA ALA K 314 16.26 79.62 21.66
C ALA K 314 17.45 79.45 20.71
N PHE K 315 18.65 79.30 21.27
CA PHE K 315 19.85 79.13 20.46
C PHE K 315 20.04 77.69 19.99
N LYS K 316 19.21 76.76 20.45
CA LYS K 316 19.37 75.37 20.04
C LYS K 316 19.42 75.24 18.52
N LYS K 317 18.45 75.83 17.83
CA LYS K 317 18.51 75.94 16.39
C LYS K 317 19.38 77.13 16.00
N ALA K 318 19.70 77.22 14.71
CA ALA K 318 20.58 78.27 14.19
C ALA K 318 21.97 78.12 14.78
N ASP K 319 22.30 78.90 15.81
CA ASP K 319 23.63 78.87 16.40
C ASP K 319 23.55 78.26 17.80
N PRO K 320 23.95 77.00 18.00
CA PRO K 320 23.88 76.39 19.33
C PRO K 320 25.17 76.45 20.16
N GLN K 321 26.22 77.10 19.67
CA GLN K 321 27.49 77.09 20.41
C GLN K 321 27.34 77.76 21.77
N GLU K 322 26.82 78.98 21.80
CA GLU K 322 26.58 79.65 23.07
C GLU K 322 25.54 78.94 23.92
N ALA K 323 24.67 78.14 23.30
CA ALA K 323 23.71 77.37 24.06
C ALA K 323 24.41 76.38 24.97
N ILE K 324 25.51 75.78 24.49
CA ILE K 324 26.26 74.83 25.32
C ILE K 324 26.83 75.53 26.54
N ASN K 325 27.40 76.72 26.36
CA ASN K 325 27.97 77.45 27.49
C ASN K 325 26.89 77.87 28.48
N CYS K 326 25.76 78.36 27.98
CA CYS K 326 24.69 78.76 28.88
C CYS K 326 24.12 77.57 29.63
N LEU K 327 24.02 76.41 28.96
CA LEU K 327 23.56 75.20 29.63
C LEU K 327 24.56 74.74 30.68
N MET K 328 25.85 74.90 30.41
CA MET K 328 26.85 74.59 31.42
C MET K 328 26.72 75.52 32.63
N ARG K 329 26.43 76.80 32.38
CA ARG K 329 26.19 77.73 33.48
C ARG K 329 24.97 77.30 34.29
N ALA K 330 23.90 76.88 33.61
CA ALA K 330 22.73 76.36 34.31
C ALA K 330 23.08 75.12 35.12
N ILE K 331 23.95 74.27 34.58
CA ILE K 331 24.41 73.09 35.31
C ILE K 331 25.13 73.51 36.58
N GLU K 332 26.01 74.51 36.46
CA GLU K 332 26.72 75.02 37.63
C GLU K 332 25.73 75.52 38.67
N ILE K 333 24.73 76.29 38.25
CA ILE K 333 23.75 76.82 39.19
C ILE K 333 23.00 75.69 39.88
N TYR K 334 22.58 74.69 39.11
CA TYR K 334 21.80 73.60 39.67
C TYR K 334 22.62 72.79 40.67
N THR K 335 23.84 72.40 40.28
CA THR K 335 24.69 71.66 41.21
C THR K 335 25.03 72.49 42.44
N ASP K 336 25.01 73.83 42.30
CA ASP K 336 25.12 74.68 43.48
C ASP K 336 23.89 74.55 44.37
N MET K 337 22.69 74.55 43.78
CA MET K 337 21.48 74.39 44.56
C MET K 337 21.42 73.01 45.21
N GLY K 338 21.43 71.95 44.39
CA GLY K 338 21.36 70.60 44.90
C GLY K 338 20.48 69.70 44.08
N ARG K 339 19.77 70.27 43.11
CA ARG K 339 18.92 69.50 42.21
C ARG K 339 19.79 68.88 41.13
N PHE K 340 19.94 67.56 41.18
CA PHE K 340 20.87 66.85 40.31
C PHE K 340 20.20 66.12 39.15
N THR K 341 18.95 65.68 39.32
CA THR K 341 18.25 65.05 38.20
C THR K 341 18.09 66.03 37.05
N ILE K 342 17.74 67.28 37.35
CA ILE K 342 17.69 68.31 36.32
C ILE K 342 19.07 68.53 35.72
N ALA K 343 20.10 68.48 36.56
CA ALA K 343 21.46 68.62 36.06
C ALA K 343 21.80 67.48 35.10
N ALA K 344 21.41 66.25 35.43
CA ALA K 344 21.66 65.13 34.53
C ALA K 344 20.87 65.26 33.23
N LYS K 345 19.62 65.74 33.32
CA LYS K 345 18.84 65.97 32.11
C LYS K 345 19.52 66.98 31.21
N HIS K 346 20.00 68.09 31.78
CA HIS K 346 20.71 69.08 31.00
C HIS K 346 22.02 68.52 30.44
N HIS K 347 22.68 67.64 31.20
CA HIS K 347 23.90 67.01 30.71
C HIS K 347 23.62 66.15 29.48
N ILE K 348 22.53 65.37 29.52
CA ILE K 348 22.20 64.54 28.36
C ILE K 348 21.78 65.42 27.19
N SER K 349 21.08 66.52 27.46
CA SER K 349 20.75 67.45 26.38
C SER K 349 22.00 68.00 25.73
N ILE K 350 22.98 68.40 26.54
CA ILE K 350 24.25 68.90 26.00
C ILE K 350 24.94 67.82 25.18
N ALA K 351 24.97 66.59 25.71
CA ALA K 351 25.63 65.50 24.99
C ALA K 351 24.98 65.25 23.64
N GLU K 352 23.65 65.18 23.61
CA GLU K 352 22.97 64.88 22.36
C GLU K 352 23.11 66.03 21.35
N ILE K 353 23.01 67.27 21.81
CA ILE K 353 23.17 68.39 20.89
C ILE K 353 24.58 68.42 20.33
N TYR K 354 25.59 68.17 21.18
CA TYR K 354 26.96 68.14 20.71
C TYR K 354 27.17 67.01 19.71
N GLU K 355 26.62 65.83 19.99
CA GLU K 355 26.80 64.69 19.09
C GLU K 355 26.12 64.93 17.75
N THR K 356 24.91 65.51 17.76
CA THR K 356 24.15 65.67 16.52
C THR K 356 24.69 66.83 15.68
N GLU K 357 25.13 67.92 16.32
CA GLU K 357 25.53 69.12 15.60
C GLU K 357 27.04 69.31 15.53
N LEU K 358 27.79 68.81 16.52
CA LEU K 358 29.25 68.88 16.50
C LEU K 358 29.79 67.50 16.16
N VAL K 359 30.76 67.46 15.24
CA VAL K 359 31.34 66.18 14.79
C VAL K 359 32.46 65.85 15.77
N ASP K 360 32.07 65.24 16.89
CA ASP K 360 32.99 64.85 17.94
C ASP K 360 32.21 64.01 18.94
N VAL K 361 32.84 62.95 19.43
CA VAL K 361 32.13 61.93 20.21
C VAL K 361 32.72 61.79 21.60
N GLU K 362 34.01 62.09 21.74
CA GLU K 362 34.65 61.94 23.04
C GLU K 362 33.99 62.81 24.10
N LYS K 363 33.69 64.06 23.73
CA LYS K 363 32.94 64.92 24.66
C LYS K 363 31.54 64.38 24.90
N ALA K 364 30.89 63.84 23.87
CA ALA K 364 29.61 63.19 24.07
C ALA K 364 29.74 61.98 25.00
N ILE K 365 30.80 61.20 24.83
CA ILE K 365 31.03 60.05 25.70
C ILE K 365 31.17 60.51 27.15
N ALA K 366 31.96 61.58 27.36
CA ALA K 366 32.16 62.08 28.72
C ALA K 366 30.86 62.61 29.31
N HIS K 367 30.09 63.35 28.51
CA HIS K 367 28.82 63.89 29.00
C HIS K 367 27.86 62.79 29.38
N TYR K 368 27.79 61.73 28.57
CA TYR K 368 26.97 60.59 28.92
C TYR K 368 27.50 59.89 30.17
N GLU K 369 28.82 59.85 30.34
CA GLU K 369 29.39 59.28 31.56
C GLU K 369 28.92 60.05 32.79
N GLN K 370 28.99 61.38 32.73
CA GLN K 370 28.54 62.19 33.88
C GLN K 370 27.03 62.03 34.10
N SER K 371 26.26 61.96 33.02
CA SER K 371 24.82 61.74 33.16
C SER K 371 24.53 60.41 33.86
N ALA K 372 25.23 59.35 33.45
CA ALA K 372 25.04 58.05 34.08
C ALA K 372 25.45 58.11 35.55
N ASP K 373 26.55 58.80 35.85
CA ASP K 373 26.97 58.94 37.23
C ASP K 373 25.91 59.64 38.06
N TYR K 374 25.34 60.73 37.54
CA TYR K 374 24.31 61.46 38.28
C TYR K 374 23.06 60.60 38.48
N TYR K 375 22.65 59.88 37.43
CA TYR K 375 21.45 59.06 37.53
C TYR K 375 21.64 57.91 38.53
N LYS K 376 22.77 57.23 38.46
CA LYS K 376 23.03 56.11 39.34
C LYS K 376 23.23 56.56 40.79
N GLY K 377 23.92 57.68 40.99
CA GLY K 377 24.07 58.21 42.34
C GLY K 377 22.75 58.61 42.96
N GLU K 378 21.77 58.96 42.13
CA GLU K 378 20.43 59.27 42.58
C GLU K 378 19.53 58.04 42.63
N GLU K 379 20.11 56.85 42.48
CA GLU K 379 19.44 55.55 42.52
C GLU K 379 18.64 55.30 41.24
N SER K 380 18.65 56.21 40.27
CA SER K 380 17.96 55.97 39.01
C SER K 380 18.78 55.02 38.15
N ASN K 381 18.60 53.72 38.37
CA ASN K 381 19.45 52.73 37.73
C ASN K 381 19.06 52.47 36.28
N SER K 382 17.83 52.81 35.88
CA SER K 382 17.35 52.44 34.55
C SER K 382 17.91 53.35 33.47
N SER K 383 17.75 54.67 33.65
CA SER K 383 18.35 55.61 32.72
C SER K 383 19.87 55.46 32.73
N ALA K 384 20.44 55.17 33.89
CA ALA K 384 21.87 54.91 33.96
C ALA K 384 22.24 53.69 33.12
N ASN K 385 21.42 52.64 33.19
CA ASN K 385 21.70 51.44 32.39
C ASN K 385 21.66 51.76 30.90
N LYS K 386 20.65 52.49 30.47
CA LYS K 386 20.59 52.87 29.05
C LYS K 386 21.79 53.72 28.65
N CYS K 387 22.16 54.66 29.52
CA CYS K 387 23.30 55.53 29.21
C CYS K 387 24.58 54.72 29.09
N LEU K 388 24.81 53.79 30.02
CA LEU K 388 25.97 52.91 29.94
C LEU K 388 25.95 52.08 28.67
N LEU K 389 24.78 51.54 28.32
CA LEU K 389 24.66 50.77 27.10
C LEU K 389 25.09 51.59 25.90
N LYS K 390 24.55 52.81 25.77
CA LYS K 390 24.86 53.65 24.63
C LYS K 390 26.33 54.02 24.58
N VAL K 391 26.89 54.44 25.73
CA VAL K 391 28.28 54.90 25.74
C VAL K 391 29.22 53.74 25.40
N ALA K 392 28.99 52.57 25.98
CA ALA K 392 29.84 51.43 25.69
C ALA K 392 29.70 51.00 24.22
N GLY K 393 28.46 50.97 23.72
CA GLY K 393 28.25 50.56 22.35
C GLY K 393 28.95 51.48 21.36
N TYR K 394 28.91 52.79 21.61
CA TYR K 394 29.59 53.70 20.69
C TYR K 394 31.10 53.64 20.87
N ALA K 395 31.57 53.56 22.12
CA ALA K 395 33.02 53.47 22.44
C ALA K 395 33.60 52.22 21.79
N ALA K 396 32.82 51.19 21.58
CA ALA K 396 33.26 50.03 20.84
C ALA K 396 33.63 50.39 19.41
N GLN K 397 32.84 51.23 18.76
CA GLN K 397 33.08 51.54 17.35
C GLN K 397 34.48 52.14 17.14
N LEU K 398 34.87 53.10 17.98
CA LEU K 398 36.12 53.81 17.80
C LEU K 398 37.12 53.59 18.93
N GLU K 399 36.64 53.12 20.07
CA GLU K 399 37.49 52.94 21.29
C GLU K 399 37.74 51.46 21.54
N GLN K 400 38.82 51.11 22.24
CA GLN K 400 39.15 49.73 22.54
C GLN K 400 37.94 49.02 23.14
N TYR K 401 37.70 47.81 22.67
CA TYR K 401 36.48 47.08 22.99
C TYR K 401 36.46 46.52 24.41
N GLN K 402 37.58 46.55 25.13
CA GLN K 402 37.59 45.97 26.47
C GLN K 402 36.57 46.65 27.37
N LYS K 403 36.45 47.98 27.29
CA LYS K 403 35.39 48.66 28.00
C LYS K 403 34.02 48.23 27.48
N ALA K 404 33.90 48.03 26.17
CA ALA K 404 32.66 47.47 25.64
C ALA K 404 32.35 46.15 26.32
N ILE K 405 33.38 45.29 26.45
CA ILE K 405 33.20 44.01 27.14
C ILE K 405 32.68 44.25 28.55
N ASP K 406 33.34 45.14 29.29
CA ASP K 406 33.02 45.32 30.70
C ASP K 406 31.58 45.79 30.86
N ILE K 407 31.20 46.87 30.16
CA ILE K 407 29.85 47.40 30.33
C ILE K 407 28.79 46.44 29.80
N TYR K 408 29.06 45.77 28.67
CA TYR K 408 28.06 44.85 28.13
C TYR K 408 27.84 43.68 29.10
N GLU K 409 28.92 43.12 29.65
CA GLU K 409 28.77 42.03 30.60
C GLU K 409 28.08 42.52 31.87
N GLN K 410 28.39 43.74 32.31
CA GLN K 410 27.75 44.28 33.51
C GLN K 410 26.25 44.41 33.31
N VAL K 411 25.84 44.96 32.16
CA VAL K 411 24.41 45.12 31.91
C VAL K 411 23.74 43.77 31.76
N GLY K 412 24.42 42.81 31.12
CA GLY K 412 23.85 41.47 31.02
C GLY K 412 23.67 40.81 32.37
N THR K 413 24.67 40.96 33.25
CA THR K 413 24.55 40.40 34.60
C THR K 413 23.42 41.05 35.37
N SER K 414 23.28 42.38 35.26
CA SER K 414 22.18 43.06 35.94
C SER K 414 20.84 42.62 35.37
N ALA K 415 20.77 42.41 34.06
CA ALA K 415 19.50 42.10 33.40
C ALA K 415 19.03 40.68 33.67
N MET K 416 19.96 39.71 33.65
CA MET K 416 19.53 38.30 33.71
C MET K 416 18.70 38.03 34.97
N ASP K 417 19.13 38.57 36.10
CA ASP K 417 18.36 38.38 37.34
C ASP K 417 17.01 39.07 37.23
N SER K 418 16.99 40.30 36.74
CA SER K 418 15.74 41.04 36.63
C SER K 418 14.88 40.46 35.51
N PRO K 419 13.60 40.14 35.76
CA PRO K 419 12.77 39.58 34.70
C PRO K 419 12.57 40.49 33.50
N LEU K 420 12.81 41.80 33.66
CA LEU K 420 12.56 42.74 32.57
C LEU K 420 13.47 42.47 31.38
N LEU K 421 14.78 42.57 31.59
CA LEU K 421 15.75 42.45 30.50
C LEU K 421 16.41 41.08 30.45
N LYS K 422 15.93 40.12 31.26
CA LYS K 422 16.55 38.80 31.26
C LYS K 422 16.45 38.13 29.90
N TYR K 423 15.42 38.47 29.11
CA TYR K 423 15.21 37.85 27.82
C TYR K 423 15.98 38.56 26.71
N SER K 424 16.59 39.71 26.99
CA SER K 424 17.33 40.46 25.98
C SER K 424 18.82 40.60 26.29
N ALA K 425 19.26 40.20 27.49
CA ALA K 425 20.68 40.27 27.80
C ALA K 425 21.53 39.41 26.87
N LYS K 426 20.92 38.42 26.21
CA LYS K 426 21.65 37.63 25.24
C LYS K 426 22.23 38.51 24.14
N ASP K 427 21.52 39.57 23.77
CA ASP K 427 22.06 40.50 22.78
C ASP K 427 23.32 41.18 23.30
N TYR K 428 23.31 41.62 24.56
CA TYR K 428 24.50 42.26 25.13
C TYR K 428 25.67 41.29 25.18
N PHE K 429 25.41 40.04 25.59
CA PHE K 429 26.48 39.06 25.65
C PHE K 429 27.02 38.75 24.25
N PHE K 430 26.13 38.68 23.27
CA PHE K 430 26.55 38.47 21.88
C PHE K 430 27.42 39.62 21.39
N LYS K 431 27.02 40.86 21.72
CA LYS K 431 27.82 42.02 21.32
C LYS K 431 29.19 41.99 21.96
N ALA K 432 29.26 41.70 23.26
CA ALA K 432 30.55 41.63 23.93
C ALA K 432 31.41 40.51 23.36
N ALA K 433 30.80 39.37 23.05
CA ALA K 433 31.57 38.28 22.46
C ALA K 433 32.09 38.65 21.08
N LEU K 434 31.26 39.33 20.28
CA LEU K 434 31.72 39.82 18.98
C LEU K 434 32.88 40.80 19.15
N CYS K 435 32.83 41.62 20.20
CA CYS K 435 33.95 42.50 20.50
C CYS K 435 35.22 41.70 20.77
N HIS K 436 35.11 40.69 21.64
CA HIS K 436 36.24 39.80 21.87
C HIS K 436 36.76 39.24 20.55
N PHE K 437 35.86 38.76 19.70
CA PHE K 437 36.25 38.14 18.44
C PHE K 437 37.01 39.13 17.56
N CYS K 438 36.49 40.35 17.43
CA CYS K 438 37.19 41.35 16.63
C CYS K 438 38.54 41.71 17.24
N ILE K 439 38.73 41.46 18.54
CA ILE K 439 40.04 41.60 19.14
C ILE K 439 40.86 40.34 18.88
N ASP K 440 40.37 39.20 19.38
CA ASP K 440 41.08 37.93 19.25
C ASP K 440 40.06 36.80 19.26
N MET K 441 40.52 35.62 18.85
CA MET K 441 39.64 34.45 18.75
C MET K 441 39.61 33.64 20.04
N LEU K 442 40.77 33.24 20.55
CA LEU K 442 40.82 32.39 21.73
C LEU K 442 40.13 33.07 22.91
N ASN K 443 40.43 34.35 23.14
CA ASN K 443 39.74 35.08 24.19
C ASN K 443 38.25 35.19 23.88
N ALA K 444 37.88 35.33 22.61
CA ALA K 444 36.47 35.35 22.24
C ALA K 444 35.81 34.03 22.58
N LYS K 445 36.46 32.91 22.26
CA LYS K 445 35.95 31.63 22.71
C LYS K 445 35.74 31.65 24.21
N LEU K 446 36.83 31.79 24.98
CA LEU K 446 36.70 31.72 26.43
C LEU K 446 35.56 32.60 26.94
N ALA K 447 35.41 33.80 26.37
CA ALA K 447 34.34 34.69 26.80
C ALA K 447 32.97 34.09 26.51
N VAL K 448 32.78 33.52 25.32
CA VAL K 448 31.46 33.00 24.98
C VAL K 448 31.13 31.76 25.80
N GLN K 449 32.11 30.88 26.04
CA GLN K 449 31.82 29.75 26.92
C GLN K 449 31.53 30.21 28.35
N LYS K 450 32.25 31.23 28.83
CA LYS K 450 31.95 31.71 30.18
C LYS K 450 30.53 32.29 30.24
N TYR K 451 30.13 33.03 29.20
CA TYR K 451 28.77 33.57 29.15
C TYR K 451 27.74 32.46 29.17
N GLU K 452 27.89 31.45 28.30
CA GLU K 452 26.89 30.39 28.24
C GLU K 452 26.87 29.57 29.53
N GLU K 453 28.01 29.34 30.15
CA GLU K 453 28.03 28.68 31.45
C GLU K 453 27.28 29.48 32.49
N LEU K 454 27.49 30.80 32.52
CA LEU K 454 26.75 31.64 33.45
C LEU K 454 25.31 31.84 33.00
N PHE K 455 25.03 31.71 31.70
CA PHE K 455 23.70 31.93 31.14
C PHE K 455 23.35 30.71 30.30
N PRO K 456 22.86 29.63 30.92
CA PRO K 456 22.62 28.40 30.17
C PRO K 456 21.70 28.57 28.97
N ALA K 457 20.66 29.41 29.09
CA ALA K 457 19.74 29.62 27.99
C ALA K 457 20.43 30.16 26.73
N PHE K 458 21.59 30.82 26.88
CA PHE K 458 22.28 31.33 25.71
C PHE K 458 22.77 30.21 24.79
N SER K 459 22.90 29.00 25.32
CA SER K 459 23.36 27.89 24.48
C SER K 459 22.42 27.66 23.30
N ASP K 460 21.11 27.64 23.57
CA ASP K 460 20.13 27.44 22.50
C ASP K 460 19.93 28.68 21.64
N SER K 461 20.43 29.84 22.08
CA SER K 461 20.25 31.06 21.32
C SER K 461 20.87 30.94 19.94
N ARG K 462 20.17 31.44 18.92
CA ARG K 462 20.71 31.42 17.56
C ARG K 462 21.98 32.25 17.46
N GLU K 463 22.13 33.26 18.32
CA GLU K 463 23.36 34.02 18.35
C GLU K 463 24.55 33.12 18.68
N CYS K 464 24.37 32.19 19.62
CA CYS K 464 25.43 31.27 19.96
C CYS K 464 25.84 30.42 18.76
N LYS K 465 24.86 29.91 18.03
CA LYS K 465 25.17 29.09 16.85
C LYS K 465 25.87 29.91 15.78
N LEU K 466 25.38 31.13 15.54
CA LEU K 466 26.02 32.00 14.54
C LEU K 466 27.47 32.25 14.91
N MET K 467 27.73 32.55 16.19
CA MET K 467 29.11 32.82 16.59
C MET K 467 29.97 31.57 16.51
N LYS K 468 29.44 30.41 16.87
CA LYS K 468 30.21 29.19 16.76
C LYS K 468 30.62 28.96 15.31
N LYS K 469 29.67 29.14 14.38
CA LYS K 469 29.99 29.00 12.97
C LYS K 469 31.04 30.01 12.53
N LEU K 470 30.88 31.26 12.96
CA LEU K 470 31.81 32.32 12.54
C LEU K 470 33.22 32.03 13.04
N LEU K 471 33.35 31.67 14.32
CA LEU K 471 34.68 31.42 14.86
C LEU K 471 35.30 30.17 14.25
N GLU K 472 34.49 29.13 13.98
CA GLU K 472 35.03 27.96 13.32
C GLU K 472 35.55 28.29 11.93
N ALA K 473 34.77 29.05 11.15
CA ALA K 473 35.21 29.44 9.82
C ALA K 473 36.47 30.29 9.89
N HIS K 474 36.53 31.23 10.84
CA HIS K 474 37.71 32.07 10.98
C HIS K 474 38.94 31.23 11.32
N GLU K 475 38.80 30.27 12.22
CA GLU K 475 39.91 29.40 12.57
C GLU K 475 40.36 28.59 11.36
N GLU K 476 39.42 28.10 10.56
CA GLU K 476 39.77 27.35 9.36
C GLU K 476 40.17 28.24 8.19
N GLN K 477 40.00 29.55 8.31
CA GLN K 477 40.43 30.51 7.30
C GLN K 477 39.85 30.17 5.93
N ASN K 478 38.53 30.26 5.85
CA ASN K 478 37.79 30.01 4.61
C ASN K 478 36.84 31.18 4.39
N VAL K 479 37.15 32.01 3.38
CA VAL K 479 36.32 33.17 3.10
C VAL K 479 34.93 32.72 2.68
N ASP K 480 34.84 31.65 1.90
CA ASP K 480 33.54 31.21 1.37
C ASP K 480 32.59 30.85 2.51
N SER K 481 33.07 30.07 3.48
CA SER K 481 32.20 29.61 4.56
C SER K 481 31.69 30.77 5.41
N TYR K 482 32.60 31.67 5.82
CA TYR K 482 32.18 32.80 6.62
C TYR K 482 31.23 33.71 5.84
N THR K 483 31.53 33.94 4.56
CA THR K 483 30.67 34.80 3.75
C THR K 483 29.27 34.21 3.61
N GLU K 484 29.18 32.90 3.33
CA GLU K 484 27.87 32.29 3.20
C GLU K 484 27.13 32.25 4.53
N SER K 485 27.85 32.07 5.64
CA SER K 485 27.18 32.09 6.95
C SER K 485 26.60 33.46 7.24
N VAL K 486 27.37 34.53 7.01
CA VAL K 486 26.85 35.87 7.25
C VAL K 486 25.71 36.17 6.28
N LYS K 487 25.80 35.67 5.05
CA LYS K 487 24.69 35.83 4.11
C LYS K 487 23.43 35.13 4.61
N GLU K 488 23.58 33.93 5.15
CA GLU K 488 22.43 33.22 5.71
C GLU K 488 21.81 34.00 6.84
N TYR K 489 22.64 34.53 7.74
CA TYR K 489 22.10 35.33 8.84
C TYR K 489 21.40 36.59 8.32
N ASP K 490 21.95 37.18 7.25
CA ASP K 490 21.33 38.37 6.66
C ASP K 490 19.99 38.04 6.03
N SER K 491 19.86 36.87 5.41
CA SER K 491 18.62 36.50 4.74
C SER K 491 17.43 36.63 5.68
N ILE K 492 17.56 36.08 6.88
CA ILE K 492 16.55 36.21 7.92
C ILE K 492 16.83 37.47 8.73
N SER K 493 15.77 38.16 9.15
CA SER K 493 15.92 39.40 9.89
C SER K 493 16.76 40.38 9.09
N ARG K 494 17.57 41.20 9.77
CA ARG K 494 18.39 42.18 9.10
C ARG K 494 19.58 42.53 9.98
N LEU K 495 20.71 42.83 9.34
CA LEU K 495 21.90 43.24 10.05
C LEU K 495 21.80 44.71 10.43
N ASP K 496 22.88 45.25 11.01
CA ASP K 496 22.96 46.65 11.38
C ASP K 496 24.30 47.21 10.93
N GLN K 497 24.38 48.54 10.90
CA GLN K 497 25.61 49.20 10.46
C GLN K 497 26.77 48.82 11.37
N TRP K 498 26.58 48.88 12.68
CA TRP K 498 27.67 48.55 13.60
C TRP K 498 28.10 47.10 13.47
N LEU K 499 27.13 46.18 13.47
CA LEU K 499 27.47 44.76 13.35
C LEU K 499 28.15 44.47 12.01
N THR K 500 27.65 45.07 10.92
CA THR K 500 28.28 44.87 9.63
C THR K 500 29.71 45.39 9.64
N THR K 501 29.94 46.56 10.26
CA THR K 501 31.29 47.10 10.34
C THR K 501 32.20 46.16 11.13
N MET K 502 31.71 45.63 12.26
CA MET K 502 32.52 44.71 13.05
C MET K 502 32.85 43.45 12.25
N LEU K 503 31.85 42.91 11.54
CA LEU K 503 32.07 41.71 10.74
C LEU K 503 33.10 41.97 9.64
N LEU K 504 32.99 43.11 8.96
CA LEU K 504 33.95 43.44 7.92
C LEU K 504 35.35 43.61 8.51
N ARG K 505 35.44 44.23 9.68
CA ARG K 505 36.74 44.47 10.29
C ARG K 505 37.42 43.17 10.69
N ILE K 506 36.66 42.23 11.26
CA ILE K 506 37.24 40.93 11.59
C ILE K 506 37.58 40.16 10.31
N LYS K 507 36.75 40.27 9.28
CA LYS K 507 37.03 39.58 8.03
C LYS K 507 38.34 40.07 7.42
N LYS K 508 38.58 41.39 7.46
CA LYS K 508 39.79 41.94 6.87
C LYS K 508 41.05 41.41 7.54
N THR K 509 40.95 40.94 8.78
CA THR K 509 42.10 40.42 9.52
C THR K 509 42.10 38.90 9.61
N ILE K 510 41.37 38.22 8.72
CA ILE K 510 41.38 36.76 8.73
C ILE K 510 42.78 36.25 8.41
N GLN K 511 43.44 36.83 7.42
CA GLN K 511 44.77 36.41 7.02
C GLN K 511 44.79 34.91 6.68
N GLY L 223 -36.10 67.83 33.55
CA GLY L 223 -37.56 68.09 33.78
C GLY L 223 -37.80 69.09 34.89
N MET L 224 -38.20 68.59 36.06
CA MET L 224 -38.41 69.48 37.21
C MET L 224 -37.10 70.14 37.63
N ASP L 225 -36.00 69.38 37.62
CA ASP L 225 -34.71 69.93 38.00
C ASP L 225 -34.30 71.05 37.04
N THR L 226 -34.45 70.82 35.74
CA THR L 226 -34.09 71.84 34.77
C THR L 226 -34.97 73.07 34.91
N SER L 227 -36.28 72.88 35.10
CA SER L 227 -37.17 74.01 35.26
C SER L 227 -36.83 74.82 36.50
N GLY L 228 -36.57 74.14 37.62
CA GLY L 228 -36.19 74.85 38.84
C GLY L 228 -34.86 75.57 38.69
N LYS L 229 -33.90 74.94 38.03
CA LYS L 229 -32.62 75.60 37.78
C LYS L 229 -32.82 76.84 36.93
N GLN L 230 -33.65 76.75 35.89
CA GLN L 230 -33.90 77.90 35.04
C GLN L 230 -34.60 79.02 35.79
N ALA L 231 -35.56 78.68 36.66
CA ALA L 231 -36.25 79.70 37.43
C ALA L 231 -35.30 80.40 38.40
N GLU L 232 -34.52 79.62 39.15
CA GLU L 232 -33.54 80.20 40.05
C GLU L 232 -32.53 81.04 39.28
N ALA L 233 -32.16 80.59 38.09
CA ALA L 233 -31.20 81.33 37.28
C ALA L 233 -31.79 82.65 36.80
N MET L 234 -33.07 82.65 36.41
CA MET L 234 -33.70 83.89 36.00
C MET L 234 -33.75 84.87 37.17
N ALA L 235 -34.08 84.37 38.36
CA ALA L 235 -34.05 85.21 39.55
C ALA L 235 -32.65 85.78 39.78
N LEU L 236 -31.63 84.93 39.61
CA LEU L 236 -30.26 85.38 39.81
C LEU L 236 -29.86 86.42 38.76
N LEU L 237 -30.28 86.24 37.51
CA LEU L 237 -29.99 87.22 36.47
C LEU L 237 -30.64 88.56 36.79
N ALA L 238 -31.91 88.55 37.20
CA ALA L 238 -32.57 89.80 37.55
C ALA L 238 -31.86 90.47 38.71
N GLU L 239 -31.52 89.70 39.74
CA GLU L 239 -30.73 90.23 40.83
C GLU L 239 -29.39 90.75 40.34
N ALA L 240 -28.85 90.16 39.27
CA ALA L 240 -27.55 90.59 38.76
C ALA L 240 -27.64 91.92 38.03
N GLU L 241 -28.68 92.13 37.23
CA GLU L 241 -28.87 93.45 36.63
C GLU L 241 -29.12 94.50 37.70
N ARG L 242 -29.94 94.16 38.70
CA ARG L 242 -30.12 95.09 39.82
C ARG L 242 -28.79 95.38 40.50
N LYS L 243 -27.97 94.35 40.70
CA LYS L 243 -26.68 94.51 41.37
C LYS L 243 -25.77 95.44 40.58
N VAL L 244 -25.64 95.20 39.27
CA VAL L 244 -24.75 96.02 38.46
C VAL L 244 -25.22 97.47 38.45
N LYS L 245 -26.54 97.68 38.26
CA LYS L 245 -27.05 99.06 38.21
C LYS L 245 -26.82 99.78 39.54
N ASN L 246 -27.26 99.16 40.64
CA ASN L 246 -27.11 99.80 41.95
C ASN L 246 -25.65 99.94 42.33
N SER L 247 -24.78 99.03 41.87
CA SER L 247 -23.37 99.11 42.22
C SER L 247 -22.68 100.24 41.48
N GLN L 248 -22.98 100.42 40.19
CA GLN L 248 -22.43 101.58 39.50
C GLN L 248 -22.97 102.87 40.10
N SER L 249 -24.26 102.90 40.46
CA SER L 249 -24.81 104.09 41.10
C SER L 249 -24.11 104.38 42.42
N PHE L 250 -23.88 103.35 43.23
CA PHE L 250 -23.23 103.55 44.53
C PHE L 250 -21.76 103.89 44.38
N PHE L 251 -21.09 103.38 43.34
CA PHE L 251 -19.72 103.80 43.07
C PHE L 251 -19.69 105.28 42.70
N SER L 252 -20.63 105.73 41.88
CA SER L 252 -20.67 107.14 41.51
C SER L 252 -20.97 108.03 42.72
N GLY L 253 -21.91 107.62 43.56
CA GLY L 253 -22.39 108.48 44.62
C GLY L 253 -21.63 108.37 45.95
N LEU L 254 -20.89 107.28 46.14
CA LEU L 254 -20.22 107.01 47.40
C LEU L 254 -18.77 106.56 47.25
N PHE L 255 -18.36 106.03 46.09
CA PHE L 255 -17.01 105.57 45.87
C PHE L 255 -16.63 104.46 46.86
N GLY L 256 -17.37 103.36 46.77
CA GLY L 256 -17.17 102.22 47.64
C GLY L 256 -16.11 101.24 47.22
N GLY L 257 -15.42 101.49 46.11
CA GLY L 257 -14.36 100.62 45.66
C GLY L 257 -14.72 99.79 44.46
N SER L 258 -14.30 98.51 44.46
CA SER L 258 -14.59 97.62 43.34
C SER L 258 -15.09 96.25 43.79
N SER L 259 -15.35 96.06 45.09
CA SER L 259 -15.84 94.77 45.56
C SER L 259 -17.19 94.43 44.95
N LYS L 260 -18.06 95.43 44.81
CA LYS L 260 -19.38 95.18 44.24
C LYS L 260 -19.28 94.70 42.80
N ILE L 261 -18.35 95.26 42.02
CA ILE L 261 -18.18 94.83 40.63
C ILE L 261 -17.71 93.38 40.59
N GLU L 262 -16.78 93.01 41.47
CA GLU L 262 -16.32 91.62 41.52
C GLU L 262 -17.46 90.70 41.93
N GLU L 263 -18.29 91.12 42.88
CA GLU L 263 -19.42 90.29 43.27
C GLU L 263 -20.40 90.12 42.12
N ALA L 264 -20.63 91.19 41.35
CA ALA L 264 -21.49 91.07 40.17
C ALA L 264 -20.90 90.13 39.15
N CYS L 265 -19.58 90.18 38.96
CA CYS L 265 -18.93 89.26 38.03
C CYS L 265 -19.09 87.81 38.48
N GLU L 266 -18.93 87.56 39.78
CA GLU L 266 -19.14 86.21 40.30
C GLU L 266 -20.59 85.79 40.16
N ILE L 267 -21.53 86.72 40.32
CA ILE L 267 -22.94 86.41 40.10
C ILE L 267 -23.18 86.02 38.66
N TYR L 268 -22.56 86.74 37.72
CA TYR L 268 -22.66 86.39 36.31
C TYR L 268 -22.10 84.99 36.06
N ALA L 269 -20.95 84.69 36.66
CA ALA L 269 -20.34 83.37 36.45
C ALA L 269 -21.23 82.26 36.99
N ARG L 270 -21.78 82.45 38.19
CA ARG L 270 -22.67 81.44 38.77
C ARG L 270 -23.94 81.31 37.94
N ALA L 271 -24.46 82.43 37.42
CA ALA L 271 -25.63 82.37 36.56
C ALA L 271 -25.35 81.58 35.29
N ALA L 272 -24.17 81.78 34.70
CA ALA L 272 -23.80 81.00 33.52
C ALA L 272 -23.68 79.52 33.86
N ASN L 273 -23.09 79.21 35.01
CA ASN L 273 -22.97 77.81 35.43
C ASN L 273 -24.35 77.17 35.58
N MET L 274 -25.27 77.88 36.23
CA MET L 274 -26.61 77.32 36.42
C MET L 274 -27.38 77.27 35.11
N PHE L 275 -27.11 78.17 34.17
CA PHE L 275 -27.71 78.07 32.85
C PHE L 275 -27.23 76.82 32.12
N LYS L 276 -25.93 76.54 32.20
CA LYS L 276 -25.43 75.30 31.61
C LYS L 276 -26.06 74.10 32.29
N MET L 277 -26.21 74.16 33.62
CA MET L 277 -26.98 73.15 34.33
C MET L 277 -28.38 73.01 33.74
N ALA L 278 -29.01 74.11 33.36
CA ALA L 278 -30.36 74.12 32.83
C ALA L 278 -30.42 73.75 31.35
N LYS L 279 -29.28 73.44 30.74
CA LYS L 279 -29.25 73.01 29.34
C LYS L 279 -29.68 74.15 28.41
N ASN L 280 -29.14 75.34 28.65
CA ASN L 280 -29.35 76.51 27.81
C ASN L 280 -27.95 77.05 27.47
N TRP L 281 -27.35 76.51 26.42
CA TRP L 281 -25.94 76.79 26.14
C TRP L 281 -25.74 78.17 25.53
N SER L 282 -26.69 78.65 24.72
CA SER L 282 -26.53 79.96 24.11
C SER L 282 -26.49 81.04 25.18
N ALA L 283 -27.48 81.05 26.07
CA ALA L 283 -27.51 82.06 27.13
C ALA L 283 -26.40 81.83 28.14
N ALA L 284 -26.02 80.58 28.38
CA ALA L 284 -24.89 80.32 29.27
C ALA L 284 -23.61 80.94 28.70
N GLY L 285 -23.37 80.77 27.40
CA GLY L 285 -22.21 81.37 26.78
C GLY L 285 -22.30 82.88 26.76
N ASN L 286 -23.50 83.43 26.58
CA ASN L 286 -23.67 84.88 26.67
C ASN L 286 -23.29 85.38 28.06
N ALA L 287 -23.72 84.67 29.10
CA ALA L 287 -23.37 85.06 30.46
C ALA L 287 -21.88 84.95 30.70
N PHE L 288 -21.25 83.89 30.17
CA PHE L 288 -19.81 83.74 30.32
C PHE L 288 -19.07 84.89 29.62
N CYS L 289 -19.52 85.26 28.42
CA CYS L 289 -18.90 86.37 27.71
C CYS L 289 -19.09 87.68 28.46
N GLN L 290 -20.27 87.90 29.03
CA GLN L 290 -20.52 89.10 29.82
C GLN L 290 -19.60 89.15 31.02
N ALA L 291 -19.44 88.03 31.71
CA ALA L 291 -18.53 87.98 32.86
C ALA L 291 -17.10 88.25 32.44
N ALA L 292 -16.67 87.68 31.31
CA ALA L 292 -15.33 87.92 30.81
C ALA L 292 -15.11 89.41 30.51
N GLN L 293 -16.08 90.03 29.83
CA GLN L 293 -15.96 91.45 29.50
C GLN L 293 -15.91 92.30 30.77
N LEU L 294 -16.77 91.99 31.74
CA LEU L 294 -16.77 92.76 32.98
C LEU L 294 -15.44 92.60 33.72
N HIS L 295 -14.90 91.38 33.75
CA HIS L 295 -13.66 91.14 34.49
C HIS L 295 -12.48 91.82 33.81
N LEU L 296 -12.36 91.68 32.49
CA LEU L 296 -11.28 92.36 31.79
C LEU L 296 -11.43 93.88 31.88
N GLN L 297 -12.67 94.37 31.97
CA GLN L 297 -12.88 95.77 32.30
C GLN L 297 -12.35 96.12 33.68
N LEU L 298 -12.16 95.12 34.54
CA LEU L 298 -11.59 95.29 35.86
C LEU L 298 -10.07 95.16 35.86
N GLN L 299 -9.45 95.09 34.68
CA GLN L 299 -7.99 95.07 34.54
C GLN L 299 -7.40 93.75 35.02
N SER L 300 -8.09 92.65 34.74
CA SER L 300 -7.59 91.31 35.03
C SER L 300 -7.89 90.42 33.84
N LYS L 301 -6.95 89.53 33.53
CA LYS L 301 -6.95 88.78 32.27
C LYS L 301 -7.35 87.33 32.43
N HIS L 302 -6.70 86.58 33.33
CA HIS L 302 -6.85 85.14 33.34
C HIS L 302 -8.30 84.72 33.54
N ASP L 303 -9.00 85.35 34.49
CA ASP L 303 -10.41 85.02 34.68
C ASP L 303 -11.23 85.38 33.45
N ALA L 304 -10.92 86.50 32.81
CA ALA L 304 -11.62 86.87 31.58
C ALA L 304 -11.39 85.83 30.48
N ALA L 305 -10.15 85.36 30.34
CA ALA L 305 -9.87 84.35 29.32
C ALA L 305 -10.59 83.04 29.63
N THR L 306 -10.62 82.64 30.91
CA THR L 306 -11.34 81.43 31.27
C THR L 306 -12.83 81.57 30.99
N CYS L 307 -13.40 82.74 31.28
CA CYS L 307 -14.81 82.97 30.98
C CYS L 307 -15.05 82.93 29.48
N PHE L 308 -14.14 83.50 28.68
CA PHE L 308 -14.32 83.48 27.24
C PHE L 308 -14.25 82.06 26.69
N VAL L 309 -13.31 81.26 27.17
CA VAL L 309 -13.19 79.89 26.67
C VAL L 309 -14.38 79.05 27.12
N ASP L 310 -14.90 79.30 28.33
CA ASP L 310 -16.11 78.63 28.76
C ASP L 310 -17.30 79.03 27.89
N ALA L 311 -17.38 80.30 27.52
CA ALA L 311 -18.42 80.75 26.60
C ALA L 311 -18.30 80.03 25.27
N GLY L 312 -17.07 79.87 24.78
CA GLY L 312 -16.86 79.14 23.53
C GLY L 312 -17.29 77.69 23.65
N ASN L 313 -16.95 77.04 24.77
CA ASN L 313 -17.37 75.66 24.98
C ASN L 313 -18.89 75.54 24.99
N ALA L 314 -19.57 76.48 25.67
CA ALA L 314 -21.02 76.48 25.65
C ALA L 314 -21.54 76.68 24.23
N PHE L 315 -20.93 77.61 23.49
CA PHE L 315 -21.30 77.87 22.11
C PHE L 315 -20.78 76.83 21.14
N LYS L 316 -19.94 75.89 21.60
CA LYS L 316 -19.42 74.86 20.70
C LYS L 316 -20.55 74.16 19.95
N LYS L 317 -21.58 73.73 20.68
CA LYS L 317 -22.78 73.23 20.04
C LYS L 317 -23.69 74.40 19.66
N ALA L 318 -24.75 74.08 18.92
CA ALA L 318 -25.68 75.10 18.43
C ALA L 318 -24.95 76.07 17.50
N ASP L 319 -24.56 77.23 18.02
CA ASP L 319 -23.90 78.25 17.20
C ASP L 319 -22.43 78.33 17.60
N PRO L 320 -21.50 77.83 16.78
CA PRO L 320 -20.07 77.93 17.13
C PRO L 320 -19.32 79.13 16.53
N GLN L 321 -19.96 79.95 15.70
CA GLN L 321 -19.26 81.08 15.10
C GLN L 321 -18.77 82.05 16.16
N GLU L 322 -19.66 82.47 17.07
CA GLU L 322 -19.21 83.27 18.20
C GLU L 322 -18.28 82.49 19.12
N ALA L 323 -18.44 81.17 19.18
CA ALA L 323 -17.43 80.35 19.87
C ALA L 323 -16.07 80.52 19.21
N ILE L 324 -16.04 80.52 17.87
CA ILE L 324 -14.80 80.74 17.16
C ILE L 324 -14.23 82.11 17.50
N ASN L 325 -15.08 83.14 17.50
CA ASN L 325 -14.60 84.49 17.76
C ASN L 325 -14.02 84.60 19.17
N CYS L 326 -14.70 84.04 20.16
CA CYS L 326 -14.22 84.13 21.53
C CYS L 326 -12.96 83.29 21.73
N LEU L 327 -12.86 82.15 21.05
CA LEU L 327 -11.63 81.37 21.13
C LEU L 327 -10.47 82.11 20.48
N MET L 328 -10.74 82.84 19.39
CA MET L 328 -9.71 83.68 18.79
C MET L 328 -9.28 84.79 19.74
N ARG L 329 -10.24 85.40 20.44
CA ARG L 329 -9.87 86.40 21.45
C ARG L 329 -9.02 85.78 22.55
N ALA L 330 -9.38 84.58 22.99
CA ALA L 330 -8.59 83.88 24.00
C ALA L 330 -7.18 83.62 23.49
N ILE L 331 -7.05 83.19 22.22
CA ILE L 331 -5.74 82.99 21.62
C ILE L 331 -4.96 84.29 21.60
N GLU L 332 -5.63 85.40 21.25
CA GLU L 332 -4.95 86.69 21.18
C GLU L 332 -4.40 87.09 22.54
N ILE L 333 -5.19 86.94 23.60
CA ILE L 333 -4.72 87.33 24.93
C ILE L 333 -3.63 86.38 25.39
N TYR L 334 -3.76 85.08 25.10
CA TYR L 334 -2.76 84.11 25.51
C TYR L 334 -1.42 84.40 24.84
N THR L 335 -1.44 84.74 23.56
CA THR L 335 -0.20 85.05 22.87
C THR L 335 0.34 86.41 23.29
N ASP L 336 -0.53 87.32 23.70
CA ASP L 336 -0.06 88.57 24.29
C ASP L 336 0.71 88.30 25.58
N MET L 337 0.20 87.39 26.40
CA MET L 337 0.92 87.04 27.63
C MET L 337 2.27 86.41 27.29
N GLY L 338 2.30 85.50 26.33
CA GLY L 338 3.54 84.92 25.87
C GLY L 338 3.58 83.40 25.89
N ARG L 339 2.47 82.77 26.28
CA ARG L 339 2.41 81.32 26.37
C ARG L 339 2.11 80.72 25.01
N PHE L 340 2.73 79.57 24.73
CA PHE L 340 2.64 78.92 23.42
C PHE L 340 1.70 77.73 23.38
N THR L 341 1.84 76.78 24.31
CA THR L 341 1.10 75.53 24.22
C THR L 341 -0.40 75.77 24.12
N ILE L 342 -0.93 76.63 24.99
CA ILE L 342 -2.36 76.90 24.97
C ILE L 342 -2.77 77.53 23.64
N ALA L 343 -1.92 78.40 23.09
CA ALA L 343 -2.24 79.03 21.82
C ALA L 343 -2.36 77.99 20.70
N ALA L 344 -1.40 77.07 20.62
CA ALA L 344 -1.47 76.03 19.59
C ALA L 344 -2.66 75.11 19.81
N LYS L 345 -2.95 74.77 21.07
CA LYS L 345 -4.11 73.92 21.35
C LYS L 345 -5.40 74.61 20.91
N HIS L 346 -5.54 75.91 21.18
CA HIS L 346 -6.73 76.63 20.75
C HIS L 346 -6.79 76.73 19.22
N HIS L 347 -5.63 76.91 18.57
CA HIS L 347 -5.61 76.95 17.11
C HIS L 347 -6.11 75.63 16.52
N ILE L 348 -5.60 74.51 17.03
CA ILE L 348 -6.03 73.21 16.52
C ILE L 348 -7.50 72.96 16.87
N SER L 349 -7.95 73.47 18.02
CA SER L 349 -9.36 73.34 18.37
C SER L 349 -10.24 74.09 17.38
N ILE L 350 -9.82 75.30 16.99
CA ILE L 350 -10.59 76.06 16.01
C ILE L 350 -10.55 75.35 14.65
N ALA L 351 -9.41 74.75 14.31
CA ALA L 351 -9.33 73.97 13.08
C ALA L 351 -10.33 72.82 13.12
N GLU L 352 -10.41 72.12 14.26
CA GLU L 352 -11.37 71.03 14.40
C GLU L 352 -12.80 71.54 14.30
N ILE L 353 -13.09 72.70 14.89
CA ILE L 353 -14.43 73.27 14.81
C ILE L 353 -14.79 73.55 13.35
N TYR L 354 -13.87 74.19 12.62
CA TYR L 354 -14.11 74.48 11.21
C TYR L 354 -14.34 73.19 10.43
N GLU L 355 -13.51 72.19 10.67
CA GLU L 355 -13.61 70.94 9.92
C GLU L 355 -14.93 70.23 10.20
N THR L 356 -15.32 70.15 11.46
CA THR L 356 -16.50 69.36 11.83
C THR L 356 -17.80 70.08 11.53
N GLU L 357 -17.85 71.40 11.73
CA GLU L 357 -19.09 72.15 11.56
C GLU L 357 -19.14 72.97 10.28
N LEU L 358 -18.00 73.26 9.68
CA LEU L 358 -17.93 74.02 8.44
C LEU L 358 -17.18 73.20 7.39
N VAL L 359 -17.13 73.75 6.17
CA VAL L 359 -16.47 73.10 5.04
C VAL L 359 -15.24 73.86 4.58
N ASP L 360 -14.97 75.03 5.14
CA ASP L 360 -13.80 75.83 4.76
C ASP L 360 -12.56 75.16 5.34
N VAL L 361 -12.10 74.11 4.64
CA VAL L 361 -10.92 73.37 5.10
C VAL L 361 -9.66 74.23 5.02
N GLU L 362 -9.69 75.34 4.28
CA GLU L 362 -8.51 76.20 4.19
C GLU L 362 -8.21 76.85 5.54
N LYS L 363 -9.26 77.29 6.24
CA LYS L 363 -9.04 77.85 7.58
C LYS L 363 -8.48 76.79 8.52
N ALA L 364 -8.99 75.57 8.42
CA ALA L 364 -8.44 74.48 9.23
C ALA L 364 -6.97 74.25 8.89
N ILE L 365 -6.61 74.32 7.61
CA ILE L 365 -5.22 74.17 7.20
C ILE L 365 -4.36 75.26 7.81
N ALA L 366 -4.85 76.50 7.77
CA ALA L 366 -4.08 77.62 8.33
C ALA L 366 -3.89 77.45 9.83
N HIS L 367 -4.95 77.05 10.55
CA HIS L 367 -4.83 76.83 11.98
C HIS L 367 -3.88 75.69 12.29
N TYR L 368 -3.95 74.61 11.50
CA TYR L 368 -3.02 73.50 11.66
C TYR L 368 -1.58 73.96 11.43
N GLU L 369 -1.38 74.82 10.43
CA GLU L 369 -0.04 75.33 10.15
C GLU L 369 0.48 76.15 11.32
N GLN L 370 -0.35 77.03 11.88
CA GLN L 370 0.09 77.82 13.02
C GLN L 370 0.41 76.94 14.21
N SER L 371 -0.46 75.97 14.51
CA SER L 371 -0.22 75.07 15.63
C SER L 371 1.04 74.26 15.41
N ALA L 372 1.27 73.78 14.19
CA ALA L 372 2.47 73.01 13.89
C ALA L 372 3.72 73.86 14.06
N ASP L 373 3.67 75.12 13.61
CA ASP L 373 4.81 76.00 13.78
C ASP L 373 5.12 76.20 15.26
N TYR L 374 4.09 76.44 16.07
CA TYR L 374 4.30 76.61 17.50
C TYR L 374 4.87 75.33 18.12
N TYR L 375 4.32 74.18 17.76
CA TYR L 375 4.80 72.92 18.33
C TYR L 375 6.25 72.65 17.96
N LYS L 376 6.60 72.86 16.70
CA LYS L 376 7.97 72.64 16.26
C LYS L 376 8.93 73.62 16.94
N GLY L 377 8.54 74.90 17.04
CA GLY L 377 9.38 75.86 17.72
C GLY L 377 9.62 75.52 19.17
N GLU L 378 8.58 75.04 19.86
CA GLU L 378 8.69 74.64 21.25
C GLU L 378 9.28 73.25 21.43
N GLU L 379 9.88 72.68 20.38
CA GLU L 379 10.55 71.39 20.40
C GLU L 379 9.58 70.23 20.59
N SER L 380 8.27 70.47 20.55
CA SER L 380 7.28 69.40 20.66
C SER L 380 7.15 68.74 19.29
N ASN L 381 8.10 67.84 19.01
CA ASN L 381 8.19 67.24 17.69
C ASN L 381 6.95 66.42 17.36
N SER L 382 6.36 65.77 18.37
CA SER L 382 5.23 64.89 18.12
C SER L 382 4.01 65.66 17.61
N SER L 383 3.64 66.73 18.31
CA SER L 383 2.47 67.51 17.91
C SER L 383 2.68 68.14 16.54
N ALA L 384 3.88 68.66 16.29
CA ALA L 384 4.19 69.22 14.98
C ALA L 384 4.10 68.16 13.90
N ASN L 385 4.60 66.95 14.17
CA ASN L 385 4.50 65.86 13.21
C ASN L 385 3.06 65.52 12.90
N LYS L 386 2.22 65.45 13.94
CA LYS L 386 0.80 65.13 13.71
C LYS L 386 0.13 66.21 12.87
N CYS L 387 0.39 67.48 13.20
CA CYS L 387 -0.21 68.57 12.43
C CYS L 387 0.27 68.56 10.98
N LEU L 388 1.56 68.30 10.76
CA LEU L 388 2.09 68.24 9.41
C LEU L 388 1.48 67.09 8.64
N LEU L 389 1.29 65.94 9.29
CA LEU L 389 0.65 64.81 8.61
C LEU L 389 -0.77 65.15 8.20
N LYS L 390 -1.53 65.79 9.08
CA LYS L 390 -2.88 66.19 8.73
C LYS L 390 -2.88 67.18 7.57
N VAL L 391 -1.96 68.16 7.61
CA VAL L 391 -1.88 69.15 6.55
C VAL L 391 -1.55 68.49 5.23
N ALA L 392 -0.61 67.54 5.24
CA ALA L 392 -0.24 66.84 4.01
C ALA L 392 -1.41 66.02 3.48
N GLY L 393 -2.15 65.36 4.37
CA GLY L 393 -3.32 64.61 3.93
C GLY L 393 -4.35 65.52 3.27
N TYR L 394 -4.62 66.66 3.88
CA TYR L 394 -5.59 67.60 3.30
C TYR L 394 -5.09 68.15 1.97
N ALA L 395 -3.79 68.46 1.88
CA ALA L 395 -3.26 69.01 0.64
C ALA L 395 -3.33 67.99 -0.49
N ALA L 396 -2.86 66.76 -0.25
CA ALA L 396 -2.95 65.72 -1.26
C ALA L 396 -4.41 65.41 -1.59
N GLN L 397 -5.32 65.61 -0.65
CA GLN L 397 -6.74 65.47 -0.95
C GLN L 397 -7.16 66.50 -2.00
N LEU L 398 -6.71 67.74 -1.87
CA LEU L 398 -7.08 68.80 -2.80
C LEU L 398 -6.07 68.92 -3.94
N GLU L 399 -5.70 67.77 -4.53
CA GLU L 399 -4.90 67.75 -5.75
C GLU L 399 -3.57 68.50 -5.63
N GLN L 400 -3.11 68.77 -4.40
CA GLN L 400 -1.80 69.35 -4.18
C GLN L 400 -0.84 68.25 -3.74
N TYR L 401 0.21 68.04 -4.52
CA TYR L 401 1.14 66.94 -4.29
C TYR L 401 2.52 67.39 -3.87
N GLN L 402 3.04 68.50 -4.42
CA GLN L 402 4.39 68.93 -4.08
C GLN L 402 4.52 69.15 -2.57
N LYS L 403 3.60 69.93 -1.99
CA LYS L 403 3.63 70.12 -0.55
C LYS L 403 3.42 68.81 0.18
N ALA L 404 2.47 67.99 -0.30
CA ALA L 404 2.26 66.68 0.31
C ALA L 404 3.50 65.81 0.19
N ILE L 405 4.13 65.81 -0.98
CA ILE L 405 5.34 65.02 -1.17
C ILE L 405 6.40 65.45 -0.17
N ASP L 406 6.60 66.76 -0.05
CA ASP L 406 7.64 67.28 0.85
C ASP L 406 7.36 66.89 2.30
N ILE L 407 6.11 67.08 2.74
CA ILE L 407 5.79 66.78 4.13
C ILE L 407 5.94 65.30 4.42
N TYR L 408 5.44 64.45 3.52
CA TYR L 408 5.48 63.01 3.75
C TYR L 408 6.92 62.51 3.75
N GLU L 409 7.74 62.98 2.83
CA GLU L 409 9.13 62.54 2.81
C GLU L 409 9.89 63.09 4.02
N GLN L 410 9.57 64.31 4.45
CA GLN L 410 10.20 64.86 5.64
C GLN L 410 9.89 64.01 6.87
N VAL L 411 8.62 63.65 7.06
CA VAL L 411 8.27 62.85 8.23
C VAL L 411 8.88 61.45 8.13
N GLY L 412 8.85 60.85 6.94
CA GLY L 412 9.48 59.55 6.77
C GLY L 412 10.96 59.59 7.12
N THR L 413 11.66 60.63 6.67
CA THR L 413 13.07 60.77 7.03
C THR L 413 13.23 60.97 8.53
N SER L 414 12.35 61.75 9.14
CA SER L 414 12.40 61.94 10.58
C SER L 414 12.22 60.62 11.32
N ALA L 415 11.51 59.67 10.71
CA ALA L 415 11.26 58.38 11.33
C ALA L 415 12.35 57.34 11.06
N MET L 416 13.43 57.73 10.37
CA MET L 416 14.49 56.78 10.07
C MET L 416 15.07 56.17 11.34
N ASP L 417 15.70 56.98 12.19
CA ASP L 417 16.45 56.49 13.33
C ASP L 417 15.58 56.13 14.52
N SER L 418 14.30 56.47 14.51
CA SER L 418 13.44 56.23 15.66
C SER L 418 13.40 54.74 15.98
N PRO L 419 13.79 54.33 17.20
CA PRO L 419 13.68 52.90 17.53
C PRO L 419 12.26 52.38 17.47
N LEU L 420 11.26 53.26 17.64
CA LEU L 420 9.86 52.89 17.63
C LEU L 420 9.17 53.27 16.32
N LEU L 421 9.29 54.52 15.90
CA LEU L 421 8.62 54.98 14.69
C LEU L 421 9.22 54.40 13.42
N LYS L 422 10.36 53.72 13.52
CA LYS L 422 10.96 53.09 12.34
C LYS L 422 9.96 52.17 11.65
N TYR L 423 9.11 51.50 12.43
CA TYR L 423 8.10 50.62 11.83
C TYR L 423 7.10 51.41 11.01
N SER L 424 6.79 52.64 11.42
CA SER L 424 5.85 53.49 10.70
C SER L 424 6.50 54.29 9.58
N ALA L 425 7.83 54.39 9.56
CA ALA L 425 8.49 55.21 8.56
C ALA L 425 8.13 54.78 7.15
N LYS L 426 7.84 53.50 6.95
CA LYS L 426 7.55 52.98 5.61
C LYS L 426 6.24 53.52 5.07
N ASP L 427 5.23 53.70 5.93
CA ASP L 427 3.91 54.10 5.46
C ASP L 427 3.93 55.49 4.84
N TYR L 428 4.64 56.42 5.48
CA TYR L 428 4.73 57.78 4.94
C TYR L 428 5.39 57.77 3.57
N PHE L 429 6.46 56.98 3.43
CA PHE L 429 7.14 56.88 2.14
C PHE L 429 6.22 56.27 1.08
N PHE L 430 5.44 55.27 1.47
CA PHE L 430 4.50 54.67 0.53
C PHE L 430 3.48 55.70 0.03
N LYS L 431 2.91 56.47 0.96
CA LYS L 431 1.95 57.49 0.57
C LYS L 431 2.61 58.56 -0.29
N ALA L 432 3.84 58.94 0.05
CA ALA L 432 4.56 59.93 -0.74
C ALA L 432 4.79 59.44 -2.15
N ALA L 433 5.18 58.16 -2.29
CA ALA L 433 5.39 57.60 -3.62
C ALA L 433 4.11 57.61 -4.43
N LEU L 434 2.99 57.24 -3.80
CA LEU L 434 1.71 57.26 -4.51
C LEU L 434 1.37 58.67 -4.97
N CYS L 435 1.44 59.65 -4.07
CA CYS L 435 1.06 61.01 -4.42
C CYS L 435 1.97 61.57 -5.49
N HIS L 436 3.27 61.27 -5.42
CA HIS L 436 4.19 61.68 -6.48
C HIS L 436 3.84 61.01 -7.81
N PHE L 437 3.47 59.72 -7.78
CA PHE L 437 3.03 59.04 -8.99
C PHE L 437 1.74 59.62 -9.55
N CYS L 438 0.99 60.38 -8.75
CA CYS L 438 -0.16 61.09 -9.32
C CYS L 438 0.26 62.05 -10.42
N ILE L 439 1.54 62.45 -10.45
CA ILE L 439 2.01 63.39 -11.47
C ILE L 439 2.34 62.66 -12.77
N ASP L 440 3.33 61.76 -12.71
CA ASP L 440 3.79 61.05 -13.90
C ASP L 440 4.31 59.69 -13.46
N MET L 441 4.84 58.93 -14.42
CA MET L 441 5.35 57.58 -14.17
C MET L 441 6.84 57.56 -13.87
N LEU L 442 7.67 58.08 -14.78
CA LEU L 442 9.12 58.00 -14.59
C LEU L 442 9.53 58.62 -13.26
N ASN L 443 8.94 59.76 -12.92
CA ASN L 443 9.24 60.38 -11.62
C ASN L 443 8.88 59.45 -10.48
N ALA L 444 7.75 58.73 -10.61
CA ALA L 444 7.36 57.78 -9.57
C ALA L 444 8.39 56.67 -9.44
N LYS L 445 8.86 56.12 -10.55
CA LYS L 445 9.86 55.06 -10.49
C LYS L 445 11.15 55.55 -9.84
N LEU L 446 11.60 56.74 -10.23
CA LEU L 446 12.83 57.27 -9.64
C LEU L 446 12.65 57.53 -8.16
N ALA L 447 11.50 58.09 -7.76
CA ALA L 447 11.26 58.35 -6.35
C ALA L 447 11.21 57.06 -5.54
N VAL L 448 10.54 56.03 -6.07
CA VAL L 448 10.41 54.79 -5.31
C VAL L 448 11.76 54.08 -5.20
N GLN L 449 12.54 54.06 -6.27
CA GLN L 449 13.86 53.43 -6.18
C GLN L 449 14.76 54.22 -5.24
N LYS L 450 14.66 55.56 -5.26
CA LYS L 450 15.44 56.36 -4.32
C LYS L 450 15.03 56.06 -2.88
N TYR L 451 13.73 55.93 -2.63
CA TYR L 451 13.27 55.59 -1.28
C TYR L 451 13.79 54.23 -0.86
N GLU L 452 13.75 53.26 -1.77
CA GLU L 452 14.27 51.93 -1.46
C GLU L 452 15.76 52.00 -1.12
N GLU L 453 16.53 52.77 -1.88
CA GLU L 453 17.95 52.91 -1.59
C GLU L 453 18.17 53.58 -0.24
N LEU L 454 17.37 54.60 0.07
CA LEU L 454 17.49 55.27 1.36
C LEU L 454 17.15 54.32 2.50
N PHE L 455 16.11 53.51 2.33
CA PHE L 455 15.73 52.50 3.32
C PHE L 455 15.85 51.12 2.67
N PRO L 456 16.97 50.41 2.86
CA PRO L 456 17.20 49.18 2.10
C PRO L 456 16.14 48.11 2.33
N ALA L 457 15.54 48.04 3.51
CA ALA L 457 14.59 46.98 3.82
C ALA L 457 13.17 47.30 3.35
N PHE L 458 12.94 48.47 2.77
CA PHE L 458 11.59 48.82 2.34
C PHE L 458 11.02 47.80 1.36
N SER L 459 11.89 47.14 0.59
CA SER L 459 11.42 46.15 -0.37
C SER L 459 10.78 44.94 0.30
N ASP L 460 11.04 44.72 1.59
CA ASP L 460 10.48 43.56 2.28
C ASP L 460 8.96 43.61 2.27
N SER L 461 8.39 44.79 2.50
CA SER L 461 6.95 44.91 2.60
C SER L 461 6.29 44.76 1.24
N ARG L 462 4.99 44.42 1.28
CA ARG L 462 4.21 44.31 0.05
C ARG L 462 4.08 45.63 -0.69
N GLU L 463 4.40 46.75 -0.02
CA GLU L 463 4.20 48.06 -0.64
C GLU L 463 5.04 48.20 -1.91
N CYS L 464 6.32 47.81 -1.85
CA CYS L 464 7.19 47.99 -3.01
C CYS L 464 6.74 47.12 -4.18
N LYS L 465 6.41 45.85 -3.91
CA LYS L 465 5.96 44.98 -4.99
C LYS L 465 4.66 45.48 -5.59
N LEU L 466 3.74 45.96 -4.74
CA LEU L 466 2.49 46.50 -5.24
C LEU L 466 2.73 47.72 -6.12
N MET L 467 3.63 48.62 -5.69
CA MET L 467 3.94 49.79 -6.51
C MET L 467 4.55 49.38 -7.84
N LYS L 468 5.49 48.44 -7.83
CA LYS L 468 6.12 48.01 -9.08
C LYS L 468 5.10 47.36 -10.01
N LYS L 469 4.23 46.53 -9.46
CA LYS L 469 3.21 45.87 -10.28
C LYS L 469 2.26 46.88 -10.89
N LEU L 470 1.81 47.86 -10.10
CA LEU L 470 0.94 48.90 -10.65
C LEU L 470 1.66 49.72 -11.70
N LEU L 471 2.94 50.02 -11.46
CA LEU L 471 3.72 50.78 -12.45
C LEU L 471 3.76 50.04 -13.78
N GLU L 472 4.10 48.75 -13.76
CA GLU L 472 4.18 48.02 -15.02
C GLU L 472 2.80 47.83 -15.66
N ALA L 473 1.77 47.61 -14.84
CA ALA L 473 0.42 47.45 -15.39
C ALA L 473 -0.03 48.72 -16.11
N HIS L 474 0.24 49.89 -15.50
CA HIS L 474 -0.05 51.14 -16.19
C HIS L 474 0.85 51.34 -17.39
N GLU L 475 2.09 50.85 -17.32
CA GLU L 475 3.02 51.01 -18.43
C GLU L 475 2.53 50.29 -19.67
N GLU L 476 2.03 49.07 -19.52
CA GLU L 476 1.56 48.27 -20.64
C GLU L 476 0.05 48.34 -20.82
N GLN L 477 -0.59 49.37 -20.26
CA GLN L 477 -2.02 49.60 -20.43
C GLN L 477 -2.82 48.35 -20.06
N ASN L 478 -2.41 47.68 -18.98
CA ASN L 478 -3.10 46.48 -18.51
C ASN L 478 -4.06 46.89 -17.41
N VAL L 479 -5.15 47.54 -17.82
CA VAL L 479 -6.12 48.07 -16.87
C VAL L 479 -6.76 46.94 -16.06
N ASP L 480 -7.12 45.85 -16.72
CA ASP L 480 -7.76 44.74 -16.01
C ASP L 480 -6.83 44.15 -14.98
N SER L 481 -5.54 44.01 -15.31
CA SER L 481 -4.58 43.52 -14.33
C SER L 481 -4.46 44.48 -13.15
N TYR L 482 -4.43 45.78 -13.42
CA TYR L 482 -4.39 46.75 -12.34
C TYR L 482 -5.58 46.60 -11.42
N THR L 483 -6.78 46.51 -11.99
CA THR L 483 -7.99 46.36 -11.18
C THR L 483 -7.96 45.07 -10.39
N GLU L 484 -7.51 43.98 -11.01
CA GLU L 484 -7.44 42.70 -10.30
C GLU L 484 -6.47 42.78 -9.13
N SER L 485 -5.31 43.42 -9.33
CA SER L 485 -4.35 43.55 -8.25
C SER L 485 -4.90 44.42 -7.13
N VAL L 486 -5.58 45.52 -7.47
CA VAL L 486 -6.18 46.37 -6.46
C VAL L 486 -7.24 45.61 -5.69
N LYS L 487 -8.05 44.81 -6.39
CA LYS L 487 -9.07 44.01 -5.73
C LYS L 487 -8.45 42.98 -4.79
N GLU L 488 -7.37 42.34 -5.23
CA GLU L 488 -6.68 41.38 -4.36
C GLU L 488 -6.15 42.07 -3.11
N TYR L 489 -5.55 43.25 -3.28
CA TYR L 489 -5.05 43.97 -2.12
C TYR L 489 -6.19 44.35 -1.18
N ASP L 490 -7.31 44.81 -1.74
CA ASP L 490 -8.46 45.15 -0.93
C ASP L 490 -8.97 43.94 -0.16
N SER L 491 -9.01 42.78 -0.81
CA SER L 491 -9.43 41.55 -0.15
C SER L 491 -8.51 41.22 1.02
N ILE L 492 -7.20 41.32 0.80
CA ILE L 492 -6.26 41.01 1.88
C ILE L 492 -6.30 42.09 2.96
N SER L 493 -6.43 43.35 2.55
CA SER L 493 -6.54 44.45 3.49
C SER L 493 -7.38 45.55 2.87
N ARG L 494 -8.51 45.86 3.49
CA ARG L 494 -9.38 46.90 2.98
C ARG L 494 -8.68 48.26 3.06
N LEU L 495 -8.94 49.09 2.05
CA LEU L 495 -8.40 50.43 1.99
C LEU L 495 -9.42 51.42 2.56
N ASP L 496 -9.08 52.70 2.52
CA ASP L 496 -9.95 53.77 2.98
C ASP L 496 -10.46 54.55 1.78
N GLN L 497 -11.32 55.53 2.06
CA GLN L 497 -11.86 56.36 0.99
C GLN L 497 -10.75 57.14 0.30
N TRP L 498 -9.81 57.69 1.07
CA TRP L 498 -8.77 58.53 0.49
C TRP L 498 -7.86 57.71 -0.43
N LEU L 499 -7.37 56.56 0.05
CA LEU L 499 -6.47 55.76 -0.76
C LEU L 499 -7.18 55.19 -1.97
N THR L 500 -8.44 54.75 -1.81
CA THR L 500 -9.20 54.28 -2.95
C THR L 500 -9.37 55.37 -3.99
N THR L 501 -9.65 56.60 -3.54
CA THR L 501 -9.76 57.72 -4.46
C THR L 501 -8.45 57.96 -5.19
N MET L 502 -7.32 57.89 -4.47
CA MET L 502 -6.02 58.09 -5.11
C MET L 502 -5.77 57.02 -6.17
N LEU L 503 -6.06 55.76 -5.85
CA LEU L 503 -5.82 54.69 -6.81
C LEU L 503 -6.73 54.82 -8.03
N LEU L 504 -8.00 55.18 -7.82
CA LEU L 504 -8.90 55.38 -8.95
C LEU L 504 -8.43 56.55 -9.82
N ARG L 505 -7.97 57.63 -9.19
CA ARG L 505 -7.42 58.75 -9.93
C ARG L 505 -6.22 58.31 -10.77
N ILE L 506 -5.37 57.47 -10.20
CA ILE L 506 -4.24 56.92 -10.95
C ILE L 506 -4.75 56.12 -12.15
N LYS L 507 -5.78 55.29 -11.93
CA LYS L 507 -6.31 54.48 -13.02
C LYS L 507 -6.94 55.31 -14.12
N LYS L 508 -7.31 56.56 -13.84
CA LYS L 508 -7.95 57.39 -14.85
C LYS L 508 -7.05 57.61 -16.06
N THR L 509 -5.74 57.50 -15.89
CA THR L 509 -4.80 57.66 -16.99
C THR L 509 -3.87 56.47 -17.08
N GLY M 223 -3.93 44.32 69.91
CA GLY M 223 -2.67 45.13 69.89
C GLY M 223 -2.74 46.35 70.79
N MET M 224 -1.64 46.62 71.51
CA MET M 224 -1.61 47.78 72.39
C MET M 224 -1.83 49.07 71.62
N ASP M 225 -1.26 49.16 70.42
CA ASP M 225 -1.38 50.38 69.63
C ASP M 225 -2.83 50.69 69.32
N THR M 226 -3.60 49.67 68.92
CA THR M 226 -5.00 49.89 68.58
C THR M 226 -5.80 50.37 69.78
N SER M 227 -5.64 49.70 70.92
CA SER M 227 -6.38 50.08 72.11
C SER M 227 -6.02 51.49 72.56
N GLY M 228 -4.72 51.81 72.54
CA GLY M 228 -4.31 53.17 72.89
C GLY M 228 -4.87 54.19 71.93
N LYS M 229 -4.92 53.86 70.64
CA LYS M 229 -5.46 54.77 69.65
C LYS M 229 -6.94 55.04 69.93
N GLN M 230 -7.68 53.98 70.25
CA GLN M 230 -9.12 54.08 70.53
C GLN M 230 -9.31 54.92 71.81
N ALA M 231 -8.47 54.73 72.83
CA ALA M 231 -8.60 55.45 74.10
C ALA M 231 -8.30 56.93 73.91
N GLU M 232 -7.19 57.26 73.24
CA GLU M 232 -6.84 58.65 73.00
C GLU M 232 -7.81 59.32 72.03
N ALA M 233 -8.42 58.56 71.11
CA ALA M 233 -9.45 59.14 70.25
C ALA M 233 -10.68 59.52 71.07
N MET M 234 -11.10 58.66 71.99
CA MET M 234 -12.22 59.01 72.87
C MET M 234 -11.87 60.24 73.70
N ALA M 235 -10.65 60.28 74.24
CA ALA M 235 -10.23 61.45 75.01
C ALA M 235 -10.28 62.71 74.16
N LEU M 236 -9.81 62.63 72.92
CA LEU M 236 -9.81 63.79 72.03
C LEU M 236 -11.22 64.22 71.67
N LEU M 237 -12.13 63.26 71.47
CA LEU M 237 -13.52 63.61 71.18
C LEU M 237 -14.16 64.32 72.36
N ALA M 238 -13.92 63.82 73.57
CA ALA M 238 -14.45 64.49 74.76
C ALA M 238 -13.87 65.87 74.91
N GLU M 239 -12.55 66.01 74.66
CA GLU M 239 -11.92 67.32 74.73
C GLU M 239 -12.50 68.26 73.68
N ALA M 240 -12.81 67.75 72.50
CA ALA M 240 -13.40 68.58 71.45
C ALA M 240 -14.80 69.04 71.83
N GLU M 241 -15.60 68.15 72.41
CA GLU M 241 -16.93 68.56 72.86
C GLU M 241 -16.84 69.63 73.94
N ARG M 242 -15.96 69.43 74.92
CA ARG M 242 -15.76 70.46 75.94
C ARG M 242 -15.22 71.75 75.32
N LYS M 243 -14.38 71.63 74.28
CA LYS M 243 -13.83 72.80 73.63
C LYS M 243 -14.91 73.61 72.94
N VAL M 244 -15.84 72.93 72.25
CA VAL M 244 -16.91 73.67 71.58
C VAL M 244 -17.85 74.28 72.60
N LYS M 245 -18.11 73.58 73.72
CA LYS M 245 -18.92 74.19 74.77
C LYS M 245 -18.26 75.44 75.33
N ASN M 246 -16.97 75.34 75.67
CA ASN M 246 -16.25 76.50 76.18
C ASN M 246 -16.15 77.59 75.14
N SER M 247 -16.13 77.24 73.86
CA SER M 247 -16.07 78.24 72.80
C SER M 247 -17.38 79.02 72.72
N GLN M 248 -18.52 78.32 72.73
CA GLN M 248 -19.79 79.02 72.73
C GLN M 248 -19.95 79.86 73.99
N SER M 249 -19.36 79.42 75.10
CA SER M 249 -19.39 80.22 76.32
C SER M 249 -18.55 81.48 76.16
N PHE M 250 -17.30 81.33 75.68
CA PHE M 250 -16.39 82.46 75.57
C PHE M 250 -16.87 83.46 74.54
N PHE M 251 -17.61 83.02 73.52
CA PHE M 251 -18.08 83.95 72.50
C PHE M 251 -18.82 85.11 73.13
N SER M 252 -19.74 84.82 74.05
CA SER M 252 -20.38 85.88 74.83
C SER M 252 -19.46 86.38 75.94
N GLY M 253 -18.66 85.49 76.54
CA GLY M 253 -17.85 85.88 77.68
C GLY M 253 -16.76 86.88 77.30
N LEU M 254 -16.06 86.62 76.19
CA LEU M 254 -14.90 87.44 75.84
C LEU M 254 -14.98 87.95 74.40
N PHE M 255 -15.72 87.24 73.55
CA PHE M 255 -15.84 87.60 72.13
C PHE M 255 -14.46 87.61 71.46
N GLY M 256 -13.83 86.44 71.42
CA GLY M 256 -12.52 86.29 70.83
C GLY M 256 -12.49 86.12 69.33
N GLY M 257 -13.65 85.97 68.69
CA GLY M 257 -13.70 85.80 67.25
C GLY M 257 -14.14 84.42 66.83
N SER M 258 -13.31 83.74 66.03
CA SER M 258 -13.66 82.41 65.52
C SER M 258 -12.50 81.43 65.60
N SER M 259 -11.38 81.81 66.22
CA SER M 259 -10.26 80.87 66.34
C SER M 259 -10.64 79.65 67.16
N LYS M 260 -11.47 79.84 68.18
CA LYS M 260 -11.89 78.71 69.02
C LYS M 260 -12.62 77.66 68.21
N ILE M 261 -13.54 78.08 67.33
CA ILE M 261 -14.32 77.12 66.56
C ILE M 261 -13.44 76.38 65.57
N GLU M 262 -12.52 77.10 64.91
CA GLU M 262 -11.63 76.44 63.96
C GLU M 262 -10.72 75.46 64.68
N GLU M 263 -10.25 75.82 65.88
CA GLU M 263 -9.41 74.89 66.65
C GLU M 263 -10.20 73.66 67.07
N ALA M 264 -11.47 73.84 67.46
CA ALA M 264 -12.30 72.69 67.78
C ALA M 264 -12.50 71.79 66.58
N CYS M 265 -12.70 72.38 65.40
CA CYS M 265 -12.81 71.59 64.18
C CYS M 265 -11.52 70.84 63.89
N GLU M 266 -10.37 71.49 64.12
CA GLU M 266 -9.09 70.84 63.95
C GLU M 266 -8.96 69.64 64.88
N ILE M 267 -9.34 69.81 66.15
CA ILE M 267 -9.28 68.71 67.10
C ILE M 267 -10.17 67.57 66.64
N TYR M 268 -11.39 67.90 66.20
CA TYR M 268 -12.31 66.87 65.73
C TYR M 268 -11.72 66.11 64.55
N ALA M 269 -11.15 66.83 63.59
CA ALA M 269 -10.57 66.17 62.42
C ALA M 269 -9.40 65.28 62.80
N ARG M 270 -8.52 65.77 63.67
CA ARG M 270 -7.38 64.96 64.09
C ARG M 270 -7.84 63.71 64.82
N ALA M 271 -8.80 63.86 65.73
CA ALA M 271 -9.31 62.70 66.46
C ALA M 271 -9.97 61.71 65.50
N ALA M 272 -10.71 62.20 64.52
CA ALA M 272 -11.37 61.32 63.57
C ALA M 272 -10.35 60.55 62.73
N ASN M 273 -9.30 61.24 62.26
CA ASN M 273 -8.30 60.54 61.46
C ASN M 273 -7.56 59.50 62.29
N MET M 274 -7.20 59.85 63.54
CA MET M 274 -6.58 58.87 64.42
C MET M 274 -7.51 57.69 64.67
N PHE M 275 -8.82 57.96 64.83
CA PHE M 275 -9.77 56.89 65.12
C PHE M 275 -9.91 55.94 63.93
N LYS M 276 -9.97 56.49 62.71
CA LYS M 276 -10.03 55.61 61.54
C LYS M 276 -8.71 54.88 61.35
N MET M 277 -7.60 55.45 61.84
CA MET M 277 -6.36 54.68 61.93
C MET M 277 -6.46 53.59 62.98
N ALA M 278 -7.34 53.74 63.96
CA ALA M 278 -7.47 52.82 65.08
C ALA M 278 -8.32 51.59 64.73
N LYS M 279 -8.55 51.30 63.45
CA LYS M 279 -9.30 50.17 62.94
C LYS M 279 -10.81 50.35 63.10
N ASN M 280 -11.27 51.41 63.75
CA ASN M 280 -12.70 51.69 63.89
C ASN M 280 -13.12 52.74 62.88
N TRP M 281 -14.26 52.52 62.24
CA TRP M 281 -14.66 53.30 61.08
C TRP M 281 -15.90 54.16 61.31
N SER M 282 -16.95 53.59 61.89
CA SER M 282 -18.22 54.31 61.98
C SER M 282 -18.08 55.62 62.74
N ALA M 283 -17.52 55.56 63.96
CA ALA M 283 -17.40 56.76 64.76
C ALA M 283 -16.38 57.73 64.17
N ALA M 284 -15.38 57.22 63.46
CA ALA M 284 -14.47 58.12 62.76
C ALA M 284 -15.21 58.94 61.71
N GLY M 285 -16.06 58.29 60.91
CA GLY M 285 -16.87 59.01 59.96
C GLY M 285 -17.84 59.96 60.62
N ASN M 286 -18.41 59.58 61.77
CA ASN M 286 -19.31 60.47 62.49
C ASN M 286 -18.57 61.73 62.96
N ALA M 287 -17.37 61.56 63.50
CA ALA M 287 -16.59 62.71 63.93
C ALA M 287 -16.21 63.58 62.74
N PHE M 288 -15.86 62.97 61.60
CA PHE M 288 -15.57 63.75 60.41
C PHE M 288 -16.80 64.55 59.97
N CYS M 289 -17.98 63.93 60.03
CA CYS M 289 -19.20 64.63 59.68
C CYS M 289 -19.45 65.81 60.61
N GLN M 290 -19.24 65.61 61.92
CA GLN M 290 -19.44 66.70 62.86
C GLN M 290 -18.48 67.85 62.58
N ALA M 291 -17.20 67.53 62.34
CA ALA M 291 -16.22 68.57 62.03
C ALA M 291 -16.59 69.30 60.75
N ALA M 292 -17.04 68.56 59.73
CA ALA M 292 -17.42 69.18 58.47
C ALA M 292 -18.63 70.09 58.65
N GLN M 293 -19.61 69.67 59.46
CA GLN M 293 -20.77 70.51 59.71
C GLN M 293 -20.37 71.79 60.44
N LEU M 294 -19.52 71.66 61.46
CA LEU M 294 -19.06 72.85 62.18
C LEU M 294 -18.27 73.78 61.27
N HIS M 295 -17.51 73.21 60.33
CA HIS M 295 -16.74 74.04 59.41
C HIS M 295 -17.64 74.75 58.40
N LEU M 296 -18.64 74.03 57.87
CA LEU M 296 -19.61 74.65 56.98
C LEU M 296 -20.41 75.73 57.70
N GLN M 297 -20.55 75.60 59.02
CA GLN M 297 -21.14 76.68 59.81
C GLN M 297 -20.31 77.96 59.71
N LEU M 298 -19.05 77.85 59.30
CA LEU M 298 -18.16 79.00 59.13
C LEU M 298 -17.99 79.38 57.67
N GLN M 299 -19.07 79.27 56.89
CA GLN M 299 -19.09 79.71 55.48
C GLN M 299 -17.94 79.11 54.68
N SER M 300 -17.55 77.88 55.02
CA SER M 300 -16.54 77.13 54.26
C SER M 300 -17.19 75.88 53.70
N LYS M 301 -17.08 75.70 52.39
CA LYS M 301 -17.84 74.68 51.66
C LYS M 301 -16.96 73.58 51.08
N HIS M 302 -15.92 73.94 50.33
CA HIS M 302 -15.11 72.91 49.67
C HIS M 302 -14.44 72.00 50.69
N ASP M 303 -13.91 72.57 51.76
CA ASP M 303 -13.34 71.74 52.83
C ASP M 303 -14.41 70.88 53.48
N ALA M 304 -15.56 71.47 53.77
CA ALA M 304 -16.67 70.71 54.35
C ALA M 304 -17.14 69.62 53.40
N ALA M 305 -17.22 69.94 52.10
CA ALA M 305 -17.66 68.95 51.12
C ALA M 305 -16.67 67.80 51.01
N THR M 306 -15.37 68.10 51.01
CA THR M 306 -14.36 67.05 50.96
C THR M 306 -14.42 66.17 52.21
N CYS M 307 -14.61 66.80 53.38
CA CYS M 307 -14.75 66.01 54.60
C CYS M 307 -16.01 65.16 54.54
N PHE M 308 -17.09 65.67 53.96
CA PHE M 308 -18.30 64.87 53.76
C PHE M 308 -18.00 63.67 52.88
N VAL M 309 -17.25 63.87 51.80
CA VAL M 309 -16.90 62.76 50.91
C VAL M 309 -16.07 61.73 51.65
N ASP M 310 -15.10 62.18 52.44
CA ASP M 310 -14.28 61.24 53.21
C ASP M 310 -15.13 60.47 54.22
N ALA M 311 -16.06 61.16 54.88
CA ALA M 311 -16.93 60.48 55.84
C ALA M 311 -17.80 59.45 55.13
N GLY M 312 -18.29 59.77 53.93
CA GLY M 312 -19.06 58.80 53.17
C GLY M 312 -18.24 57.59 52.77
N ASN M 313 -16.99 57.84 52.34
CA ASN M 313 -16.11 56.72 52.01
C ASN M 313 -15.87 55.83 53.23
N ALA M 314 -15.69 56.44 54.40
CA ALA M 314 -15.51 55.65 55.62
C ALA M 314 -16.77 54.86 55.93
N PHE M 315 -17.95 55.48 55.80
CA PHE M 315 -19.21 54.80 56.07
C PHE M 315 -19.49 53.70 55.06
N LYS M 316 -18.87 53.76 53.88
CA LYS M 316 -19.06 52.74 52.86
C LYS M 316 -18.99 51.33 53.44
N LYS M 317 -18.02 51.10 54.32
CA LYS M 317 -17.84 49.79 54.95
C LYS M 317 -18.57 49.68 56.29
N ALA M 318 -19.24 50.73 56.74
CA ALA M 318 -19.96 50.74 58.01
C ALA M 318 -21.47 50.86 57.82
N ASP M 319 -21.92 51.88 57.10
CA ASP M 319 -23.35 52.09 56.88
C ASP M 319 -23.56 52.68 55.49
N PRO M 320 -24.09 51.93 54.53
CA PRO M 320 -24.22 52.48 53.16
C PRO M 320 -25.07 53.73 53.10
N GLN M 321 -26.14 53.83 53.88
CA GLN M 321 -27.08 54.94 53.73
C GLN M 321 -26.42 56.27 54.08
N GLU M 322 -25.63 56.30 55.15
CA GLU M 322 -24.95 57.54 55.54
C GLU M 322 -23.97 57.97 54.45
N ALA M 323 -23.23 57.02 53.88
CA ALA M 323 -22.33 57.34 52.78
C ALA M 323 -23.10 57.89 51.59
N ILE M 324 -24.24 57.28 51.28
CA ILE M 324 -25.05 57.74 50.15
C ILE M 324 -25.50 59.17 50.39
N ASN M 325 -25.98 59.48 51.59
CA ASN M 325 -26.48 60.83 51.87
C ASN M 325 -25.35 61.86 51.84
N CYS M 326 -24.20 61.52 52.44
CA CYS M 326 -23.07 62.43 52.41
C CYS M 326 -22.60 62.67 50.99
N LEU M 327 -22.63 61.62 50.15
CA LEU M 327 -22.22 61.78 48.76
C LEU M 327 -23.20 62.65 47.98
N MET M 328 -24.50 62.51 48.27
CA MET M 328 -25.47 63.44 47.67
C MET M 328 -25.18 64.87 48.07
N ARG M 329 -24.91 65.12 49.36
CA ARG M 329 -24.62 66.48 49.79
C ARG M 329 -23.37 67.02 49.09
N ALA M 330 -22.33 66.19 48.99
CA ALA M 330 -21.12 66.60 48.30
C ALA M 330 -21.38 66.90 46.84
N ILE M 331 -22.17 66.05 46.17
CA ILE M 331 -22.50 66.28 44.77
C ILE M 331 -23.22 67.61 44.62
N GLU M 332 -24.21 67.87 45.48
CA GLU M 332 -24.97 69.10 45.36
C GLU M 332 -24.07 70.31 45.53
N ILE M 333 -23.25 70.33 46.58
CA ILE M 333 -22.40 71.49 46.83
C ILE M 333 -21.39 71.67 45.70
N TYR M 334 -20.76 70.58 45.26
CA TYR M 334 -19.75 70.70 44.21
C TYR M 334 -20.36 71.20 42.91
N THR M 335 -21.48 70.60 42.49
CA THR M 335 -22.08 71.02 41.22
C THR M 335 -22.67 72.42 41.32
N ASP M 336 -23.00 72.87 42.54
CA ASP M 336 -23.37 74.27 42.71
C ASP M 336 -22.16 75.17 42.54
N MET M 337 -20.98 74.72 42.99
CA MET M 337 -19.78 75.51 42.82
C MET M 337 -19.47 75.75 41.34
N GLY M 338 -19.58 74.70 40.53
CA GLY M 338 -19.30 74.82 39.12
C GLY M 338 -18.51 73.65 38.56
N ARG M 339 -18.14 72.71 39.42
CA ARG M 339 -17.38 71.53 39.00
C ARG M 339 -18.36 70.39 38.71
N PHE M 340 -18.32 69.89 37.48
CA PHE M 340 -19.20 68.82 37.04
C PHE M 340 -18.50 67.47 37.01
N THR M 341 -17.20 67.43 36.73
CA THR M 341 -16.49 66.17 36.65
C THR M 341 -16.52 65.43 37.98
N ILE M 342 -16.29 66.14 39.08
CA ILE M 342 -16.36 65.52 40.39
C ILE M 342 -17.77 65.01 40.67
N ALA M 343 -18.78 65.79 40.26
CA ALA M 343 -20.16 65.35 40.43
C ALA M 343 -20.42 64.07 39.64
N ALA M 344 -19.93 63.99 38.41
CA ALA M 344 -20.13 62.79 37.60
C ALA M 344 -19.42 61.59 38.22
N LYS M 345 -18.20 61.80 38.72
CA LYS M 345 -17.48 60.71 39.36
C LYS M 345 -18.21 60.24 40.61
N HIS M 346 -18.77 61.17 41.39
CA HIS M 346 -19.55 60.80 42.56
C HIS M 346 -20.80 60.01 42.15
N HIS M 347 -21.44 60.41 41.06
CA HIS M 347 -22.61 59.68 40.58
C HIS M 347 -22.23 58.26 40.17
N ILE M 348 -21.10 58.10 39.47
CA ILE M 348 -20.63 56.76 39.12
C ILE M 348 -20.35 55.94 40.37
N SER M 349 -19.73 56.57 41.37
CA SER M 349 -19.45 55.87 42.62
C SER M 349 -20.74 55.44 43.30
N ILE M 350 -21.77 56.30 43.27
CA ILE M 350 -23.06 55.95 43.85
C ILE M 350 -23.65 54.75 43.14
N ALA M 351 -23.62 54.77 41.80
CA ALA M 351 -24.17 53.64 41.05
C ALA M 351 -23.42 52.36 41.38
N GLU M 352 -22.09 52.44 41.46
CA GLU M 352 -21.30 51.24 41.75
C GLU M 352 -21.59 50.71 43.14
N ILE M 353 -21.62 51.59 44.14
CA ILE M 353 -21.85 51.14 45.51
C ILE M 353 -23.25 50.57 45.65
N TYR M 354 -24.22 51.14 44.94
CA TYR M 354 -25.58 50.62 45.02
C TYR M 354 -25.69 49.25 44.36
N GLU M 355 -25.15 49.10 43.15
CA GLU M 355 -25.34 47.85 42.41
C GLU M 355 -24.45 46.74 42.95
N THR M 356 -23.32 47.06 43.57
CA THR M 356 -22.38 46.03 43.99
C THR M 356 -22.91 45.26 45.20
N GLU M 357 -23.54 45.96 46.14
CA GLU M 357 -24.06 45.34 47.36
C GLU M 357 -25.58 45.30 47.43
N LEU M 358 -26.27 46.36 47.03
CA LEU M 358 -27.73 46.32 46.90
C LEU M 358 -28.11 45.78 45.53
N VAL M 359 -29.06 44.86 45.51
CA VAL M 359 -29.46 44.16 44.30
C VAL M 359 -30.60 44.96 43.67
N ASP M 360 -30.23 45.99 42.91
CA ASP M 360 -31.19 46.81 42.18
C ASP M 360 -30.43 47.61 41.13
N VAL M 361 -31.13 48.00 40.08
CA VAL M 361 -30.53 48.64 38.92
C VAL M 361 -31.10 50.02 38.65
N GLU M 362 -32.41 50.22 38.84
CA GLU M 362 -33.09 51.38 38.28
C GLU M 362 -32.40 52.68 38.67
N LYS M 363 -32.18 52.89 39.97
CA LYS M 363 -31.49 54.12 40.37
C LYS M 363 -30.02 54.08 39.98
N ALA M 364 -29.44 52.89 39.89
CA ALA M 364 -28.09 52.79 39.32
C ALA M 364 -28.08 53.24 37.87
N ILE M 365 -29.12 52.86 37.10
CA ILE M 365 -29.25 53.33 35.73
C ILE M 365 -29.38 54.85 35.71
N ALA M 366 -30.18 55.40 36.62
CA ALA M 366 -30.34 56.85 36.68
C ALA M 366 -29.01 57.53 36.96
N HIS M 367 -28.25 56.99 37.92
CA HIS M 367 -26.95 57.58 38.26
C HIS M 367 -25.98 57.50 37.08
N TYR M 368 -25.97 56.37 36.37
CA TYR M 368 -25.12 56.25 35.20
C TYR M 368 -25.51 57.26 34.13
N GLU M 369 -26.81 57.43 33.91
CA GLU M 369 -27.27 58.40 32.92
C GLU M 369 -26.86 59.82 33.32
N GLN M 370 -27.01 60.16 34.61
CA GLN M 370 -26.61 61.48 35.07
C GLN M 370 -25.12 61.69 34.90
N SER M 371 -24.31 60.68 35.23
CA SER M 371 -22.87 60.79 35.05
C SER M 371 -22.52 60.99 33.58
N ALA M 372 -23.16 60.23 32.70
CA ALA M 372 -22.92 60.39 31.27
C ALA M 372 -23.30 61.78 30.79
N ASP M 373 -24.43 62.30 31.28
CA ASP M 373 -24.86 63.65 30.90
C ASP M 373 -23.85 64.69 31.37
N TYR M 374 -23.38 64.57 32.61
CA TYR M 374 -22.40 65.52 33.11
C TYR M 374 -21.11 65.45 32.31
N TYR M 375 -20.66 64.23 31.98
CA TYR M 375 -19.44 64.07 31.20
C TYR M 375 -19.60 64.66 29.81
N LYS M 376 -20.76 64.45 29.18
CA LYS M 376 -21.01 65.01 27.86
C LYS M 376 -21.12 66.53 27.90
N GLY M 377 -21.56 67.08 29.04
CA GLY M 377 -21.67 68.52 29.15
C GLY M 377 -20.35 69.23 28.92
N GLU M 378 -19.24 68.59 29.27
CA GLU M 378 -17.90 69.13 29.04
C GLU M 378 -17.18 68.41 27.92
N GLU M 379 -17.93 67.77 27.02
CA GLU M 379 -17.35 67.13 25.83
C GLU M 379 -16.33 66.06 26.19
N SER M 380 -16.63 65.28 27.23
CA SER M 380 -15.83 64.10 27.58
C SER M 380 -16.59 62.88 27.05
N ASN M 381 -16.29 62.52 25.80
CA ASN M 381 -17.12 61.56 25.08
C ASN M 381 -16.88 60.14 25.55
N SER M 382 -15.63 59.79 25.89
CA SER M 382 -15.33 58.39 26.20
C SER M 382 -16.06 57.91 27.45
N SER M 383 -15.99 58.68 28.53
CA SER M 383 -16.65 58.26 29.77
C SER M 383 -18.15 58.19 29.60
N ALA M 384 -18.75 59.19 28.94
CA ALA M 384 -20.18 59.17 28.71
C ALA M 384 -20.58 57.98 27.85
N ASN M 385 -19.78 57.67 26.82
CA ASN M 385 -20.06 56.52 25.98
C ASN M 385 -20.01 55.22 26.76
N LYS M 386 -19.00 55.08 27.63
CA LYS M 386 -18.90 53.88 28.45
C LYS M 386 -20.11 53.75 29.37
N CYS M 387 -20.50 54.86 30.02
CA CYS M 387 -21.65 54.82 30.91
C CYS M 387 -22.92 54.46 30.15
N LEU M 388 -23.11 55.04 28.96
CA LEU M 388 -24.28 54.73 28.15
C LEU M 388 -24.28 53.27 27.71
N LEU M 389 -23.10 52.73 27.37
CA LEU M 389 -23.01 51.33 27.00
C LEU M 389 -23.40 50.43 28.16
N LYS M 390 -22.92 50.75 29.37
CA LYS M 390 -23.30 49.96 30.54
C LYS M 390 -24.80 50.05 30.79
N VAL M 391 -25.36 51.25 30.67
CA VAL M 391 -26.79 51.43 30.88
C VAL M 391 -27.59 50.60 29.87
N ALA M 392 -27.18 50.64 28.60
CA ALA M 392 -27.88 49.89 27.57
C ALA M 392 -27.75 48.39 27.81
N GLY M 393 -26.58 47.93 28.24
CA GLY M 393 -26.42 46.52 28.55
C GLY M 393 -27.35 46.07 29.66
N TYR M 394 -27.40 46.85 30.75
CA TYR M 394 -28.30 46.52 31.84
C TYR M 394 -29.76 46.56 31.38
N ALA M 395 -30.11 47.54 30.56
CA ALA M 395 -31.48 47.64 30.04
C ALA M 395 -31.84 46.39 29.23
N ALA M 396 -30.96 45.98 28.33
CA ALA M 396 -31.22 44.79 27.53
C ALA M 396 -31.33 43.56 28.43
N GLN M 397 -30.47 43.46 29.45
CA GLN M 397 -30.55 42.33 30.36
C GLN M 397 -31.89 42.29 31.08
N LEU M 398 -32.38 43.45 31.53
CA LEU M 398 -33.64 43.52 32.27
C LEU M 398 -34.71 44.31 31.53
N GLU M 399 -34.45 45.56 31.15
CA GLU M 399 -35.50 46.40 30.58
C GLU M 399 -35.75 46.02 29.12
N GLN M 400 -36.60 46.81 28.46
CA GLN M 400 -36.93 46.58 27.07
C GLN M 400 -35.71 46.84 26.19
N TYR M 401 -35.76 46.29 24.98
CA TYR M 401 -34.62 46.30 24.07
C TYR M 401 -34.58 47.51 23.15
N GLN M 402 -35.62 48.33 23.13
CA GLN M 402 -35.62 49.50 22.25
C GLN M 402 -34.50 50.46 22.62
N LYS M 403 -34.40 50.80 23.90
CA LYS M 403 -33.31 51.66 24.35
C LYS M 403 -31.97 50.99 24.12
N ALA M 404 -31.86 49.70 24.45
CA ALA M 404 -30.60 48.98 24.24
C ALA M 404 -30.26 48.92 22.76
N ILE M 405 -31.25 48.63 21.91
CA ILE M 405 -31.00 48.57 20.47
C ILE M 405 -30.50 49.92 19.97
N ASP M 406 -31.17 50.99 20.38
CA ASP M 406 -30.78 52.32 19.91
C ASP M 406 -29.37 52.67 20.36
N ILE M 407 -29.06 52.42 21.63
CA ILE M 407 -27.73 52.76 22.14
C ILE M 407 -26.65 51.94 21.45
N TYR M 408 -26.87 50.63 21.30
CA TYR M 408 -25.87 49.79 20.66
C TYR M 408 -25.66 50.19 19.21
N GLU M 409 -26.74 50.45 18.47
CA GLU M 409 -26.60 50.88 17.09
C GLU M 409 -25.89 52.21 17.00
N GLN M 410 -26.19 53.14 17.91
CA GLN M 410 -25.55 54.45 17.90
C GLN M 410 -24.05 54.32 18.12
N VAL M 411 -23.66 53.55 19.14
CA VAL M 411 -22.23 53.40 19.44
C VAL M 411 -21.52 52.68 18.30
N GLY M 412 -22.19 51.69 17.69
CA GLY M 412 -21.58 50.98 16.58
C GLY M 412 -21.40 51.87 15.36
N THR M 413 -22.40 52.67 15.03
CA THR M 413 -22.34 53.53 13.86
C THR M 413 -21.45 54.74 14.07
N SER M 414 -21.19 55.14 15.32
CA SER M 414 -20.28 56.22 15.60
C SER M 414 -18.82 55.77 15.69
N ALA M 415 -18.48 54.61 15.10
CA ALA M 415 -17.13 54.07 15.23
C ALA M 415 -16.56 53.51 13.94
N MET M 416 -17.19 53.78 12.77
CA MET M 416 -16.60 53.33 11.52
C MET M 416 -15.23 53.96 11.30
N ASP M 417 -15.03 55.19 11.78
CA ASP M 417 -13.80 55.93 11.56
C ASP M 417 -12.89 55.92 12.79
N SER M 418 -13.17 55.04 13.73
CA SER M 418 -12.42 55.04 14.97
C SER M 418 -10.93 54.79 14.69
N PRO M 419 -10.03 55.68 15.14
CA PRO M 419 -8.60 55.44 14.87
C PRO M 419 -8.10 54.13 15.44
N LEU M 420 -8.69 53.67 16.55
CA LEU M 420 -8.24 52.48 17.23
C LEU M 420 -9.35 51.46 17.45
N LEU M 421 -10.58 51.76 17.02
CA LEU M 421 -11.70 50.86 17.18
C LEU M 421 -12.38 50.64 15.84
N LYS M 422 -11.56 50.35 14.82
CA LYS M 422 -12.05 50.13 13.46
C LYS M 422 -12.69 48.76 13.27
N TYR M 423 -12.59 47.86 14.26
CA TYR M 423 -12.88 46.46 14.03
C TYR M 423 -13.66 45.84 15.18
N SER M 424 -14.50 46.62 15.86
CA SER M 424 -15.37 46.09 16.89
C SER M 424 -16.79 46.62 16.83
N ALA M 425 -17.11 47.52 15.90
CA ALA M 425 -18.51 47.93 15.71
C ALA M 425 -19.38 46.72 15.37
N LYS M 426 -18.77 45.68 14.80
CA LYS M 426 -19.47 44.46 14.46
C LYS M 426 -20.18 43.88 15.68
N ASP M 427 -19.50 43.89 16.83
CA ASP M 427 -20.10 43.32 18.04
C ASP M 427 -21.31 44.13 18.50
N TYR M 428 -21.21 45.46 18.43
CA TYR M 428 -22.32 46.31 18.83
C TYR M 428 -23.52 46.06 17.92
N PHE M 429 -23.29 46.06 16.61
CA PHE M 429 -24.39 45.82 15.68
C PHE M 429 -24.95 44.42 15.83
N PHE M 430 -24.10 43.46 16.16
CA PHE M 430 -24.55 42.09 16.39
C PHE M 430 -25.45 42.01 17.62
N LYS M 431 -25.09 42.72 18.68
CA LYS M 431 -25.94 42.76 19.87
C LYS M 431 -27.28 43.43 19.57
N ALA M 432 -27.24 44.51 18.77
CA ALA M 432 -28.48 45.16 18.37
C ALA M 432 -29.36 44.21 17.56
N ALA M 433 -28.75 43.45 16.65
CA ALA M 433 -29.50 42.48 15.85
C ALA M 433 -30.06 41.37 16.74
N LEU M 434 -29.29 40.96 17.74
CA LEU M 434 -29.79 39.95 18.67
C LEU M 434 -31.00 40.46 19.44
N CYS M 435 -30.95 41.73 19.85
CA CYS M 435 -32.12 42.32 20.51
C CYS M 435 -33.32 42.37 19.57
N HIS M 436 -33.07 42.76 18.31
CA HIS M 436 -34.15 42.74 17.32
C HIS M 436 -34.76 41.36 17.21
N PHE M 437 -33.92 40.32 17.16
CA PHE M 437 -34.41 38.95 17.11
C PHE M 437 -35.18 38.58 18.37
N CYS M 438 -34.73 39.09 19.53
CA CYS M 438 -35.48 38.90 20.77
C CYS M 438 -36.84 39.60 20.72
N ILE M 439 -36.99 40.60 19.86
CA ILE M 439 -38.29 41.25 19.69
C ILE M 439 -39.15 40.45 18.73
N ASP M 440 -38.69 40.29 17.48
CA ASP M 440 -39.46 39.57 16.48
C ASP M 440 -38.53 39.15 15.35
N MET M 441 -38.93 38.07 14.66
CA MET M 441 -38.14 37.56 13.55
C MET M 441 -38.06 38.55 12.40
N LEU M 442 -39.19 39.14 12.01
CA LEU M 442 -39.19 40.07 10.89
C LEU M 442 -38.32 41.29 11.19
N ASN M 443 -38.50 41.87 12.37
CA ASN M 443 -37.61 42.95 12.79
C ASN M 443 -36.17 42.49 12.81
N ALA M 444 -35.94 41.25 13.26
CA ALA M 444 -34.60 40.70 13.28
C ALA M 444 -33.96 40.78 11.89
N LYS M 445 -34.66 40.25 10.88
CA LYS M 445 -34.07 40.19 9.55
C LYS M 445 -33.93 41.57 8.94
N LEU M 446 -34.94 42.44 9.10
CA LEU M 446 -34.82 43.79 8.55
C LEU M 446 -33.64 44.53 9.15
N ALA M 447 -33.47 44.45 10.47
CA ALA M 447 -32.30 45.08 11.09
C ALA M 447 -31.01 44.40 10.63
N VAL M 448 -31.07 43.10 10.38
CA VAL M 448 -29.88 42.38 9.91
C VAL M 448 -29.42 42.95 8.58
N GLN M 449 -30.35 43.13 7.64
CA GLN M 449 -29.97 43.77 6.39
C GLN M 449 -29.47 45.19 6.65
N LYS M 450 -30.27 45.99 7.35
CA LYS M 450 -29.85 47.37 7.64
C LYS M 450 -28.40 47.42 8.06
N TYR M 451 -28.00 46.53 8.98
CA TYR M 451 -26.60 46.46 9.38
C TYR M 451 -25.71 45.99 8.25
N GLU M 452 -26.20 45.06 7.43
CA GLU M 452 -25.38 44.50 6.36
C GLU M 452 -24.96 45.57 5.35
N GLU M 453 -25.94 46.31 4.82
CA GLU M 453 -25.59 47.36 3.86
C GLU M 453 -24.96 48.56 4.54
N LEU M 454 -25.36 48.88 5.77
CA LEU M 454 -24.77 50.04 6.44
C LEU M 454 -23.28 49.85 6.66
N PHE M 455 -22.87 48.66 7.08
CA PHE M 455 -21.46 48.37 7.41
C PHE M 455 -20.93 47.26 6.52
N PRO M 456 -20.22 47.60 5.43
CA PRO M 456 -19.78 46.53 4.51
C PRO M 456 -18.91 45.47 5.17
N ALA M 457 -18.02 45.87 6.08
CA ALA M 457 -17.14 44.90 6.71
C ALA M 457 -17.93 43.86 7.50
N PHE M 458 -19.02 44.28 8.14
CA PHE M 458 -19.87 43.34 8.86
C PHE M 458 -20.44 42.26 7.96
N SER M 459 -20.48 42.50 6.65
CA SER M 459 -20.98 41.48 5.73
C SER M 459 -20.14 40.22 5.79
N ASP M 460 -18.82 40.37 5.92
CA ASP M 460 -17.89 39.25 5.92
C ASP M 460 -17.58 38.73 7.31
N SER M 461 -18.22 39.28 8.34
CA SER M 461 -17.96 38.85 9.70
C SER M 461 -18.60 37.49 9.98
N ARG M 462 -17.92 36.70 10.81
CA ARG M 462 -18.48 35.40 11.20
C ARG M 462 -19.80 35.58 11.94
N GLU M 463 -19.96 36.70 12.66
CA GLU M 463 -21.23 36.97 13.32
C GLU M 463 -22.37 37.04 12.31
N CYS M 464 -22.12 37.64 11.14
CA CYS M 464 -23.15 37.72 10.12
C CYS M 464 -23.59 36.32 9.69
N LYS M 465 -22.64 35.45 9.37
CA LYS M 465 -22.99 34.10 8.96
C LYS M 465 -23.74 33.36 10.07
N LEU M 466 -23.26 33.49 11.30
CA LEU M 466 -23.89 32.80 12.42
C LEU M 466 -25.34 33.26 12.60
N MET M 467 -25.57 34.58 12.59
CA MET M 467 -26.92 35.08 12.82
C MET M 467 -27.84 34.73 11.64
N LYS M 468 -27.33 34.78 10.41
CA LYS M 468 -28.15 34.40 9.27
C LYS M 468 -28.52 32.92 9.33
N LYS M 469 -27.56 32.07 9.71
CA LYS M 469 -27.86 30.64 9.86
C LYS M 469 -28.91 30.43 10.95
N LEU M 470 -28.76 31.13 12.07
CA LEU M 470 -29.74 30.99 13.15
C LEU M 470 -31.12 31.45 12.70
N LEU M 471 -31.19 32.54 11.93
CA LEU M 471 -32.48 33.04 11.48
C LEU M 471 -33.13 32.07 10.50
N GLU M 472 -32.37 31.57 9.53
CA GLU M 472 -32.94 30.64 8.57
C GLU M 472 -33.36 29.34 9.25
N ALA M 473 -32.64 28.92 10.29
CA ALA M 473 -33.06 27.74 11.04
C ALA M 473 -34.35 28.01 11.80
N HIS M 474 -34.41 29.14 12.52
CA HIS M 474 -35.60 29.45 13.30
C HIS M 474 -36.83 29.62 12.40
N GLU M 475 -36.61 30.03 11.15
CA GLU M 475 -37.74 30.17 10.23
C GLU M 475 -38.41 28.83 9.97
N GLU M 476 -37.61 27.78 9.76
CA GLU M 476 -38.15 26.47 9.39
C GLU M 476 -38.63 25.65 10.58
N GLN M 477 -38.45 26.14 11.80
CA GLN M 477 -38.87 25.42 13.00
C GLN M 477 -38.13 24.08 13.12
N ASN M 478 -36.80 24.19 13.20
CA ASN M 478 -35.93 23.04 13.44
C ASN M 478 -35.00 23.39 14.59
N VAL M 479 -35.23 22.77 15.76
CA VAL M 479 -34.42 23.07 16.93
C VAL M 479 -33.01 22.50 16.78
N ASP M 480 -32.86 21.45 15.97
CA ASP M 480 -31.55 20.81 15.84
C ASP M 480 -30.52 21.76 15.25
N SER M 481 -30.90 22.49 14.19
CA SER M 481 -29.95 23.41 13.56
C SER M 481 -29.54 24.51 14.52
N TYR M 482 -30.50 25.08 15.25
CA TYR M 482 -30.19 26.11 16.23
C TYR M 482 -29.25 25.57 17.30
N THR M 483 -29.54 24.36 17.81
CA THR M 483 -28.70 23.76 18.83
C THR M 483 -27.27 23.59 18.34
N GLU M 484 -27.10 23.01 17.14
CA GLU M 484 -25.77 22.77 16.62
C GLU M 484 -25.04 24.08 16.37
N SER M 485 -25.73 25.08 15.84
CA SER M 485 -25.09 26.37 15.56
C SER M 485 -24.59 27.01 16.84
N VAL M 486 -25.45 27.08 17.87
CA VAL M 486 -25.05 27.72 19.12
C VAL M 486 -23.92 26.93 19.77
N LYS M 487 -23.99 25.59 19.74
CA LYS M 487 -22.96 24.78 20.36
C LYS M 487 -21.62 24.97 19.66
N GLU M 488 -21.62 24.99 18.32
CA GLU M 488 -20.39 25.22 17.58
C GLU M 488 -19.82 26.61 17.88
N TYR M 489 -20.69 27.61 17.93
CA TYR M 489 -20.22 28.97 18.23
C TYR M 489 -19.59 29.02 19.61
N ASP M 490 -20.21 28.36 20.59
CA ASP M 490 -19.64 28.32 21.93
C ASP M 490 -18.32 27.57 21.96
N SER M 491 -18.23 26.47 21.21
CA SER M 491 -17.01 25.67 21.22
C SER M 491 -15.84 26.44 20.61
N ILE M 492 -16.05 27.04 19.44
CA ILE M 492 -14.98 27.80 18.80
C ILE M 492 -14.60 29.00 19.65
N SER M 493 -15.60 29.72 20.16
CA SER M 493 -15.38 30.90 20.98
C SER M 493 -16.34 30.87 22.16
N ARG M 494 -15.86 31.32 23.31
CA ARG M 494 -16.65 31.24 24.54
C ARG M 494 -17.83 32.21 24.49
N LEU M 495 -18.82 31.93 25.35
CA LEU M 495 -20.00 32.78 25.48
C LEU M 495 -19.63 34.02 26.30
N ASP M 496 -20.65 34.82 26.65
CA ASP M 496 -20.42 36.03 27.42
C ASP M 496 -21.44 36.24 28.55
N GLN M 497 -22.34 35.28 28.77
CA GLN M 497 -23.38 35.28 29.79
C GLN M 497 -24.53 36.21 29.43
N TRP M 498 -24.42 37.02 28.37
CA TRP M 498 -25.52 37.82 27.87
C TRP M 498 -26.06 37.31 26.54
N LEU M 499 -25.19 36.85 25.65
CA LEU M 499 -25.66 36.20 24.43
C LEU M 499 -26.35 34.88 24.73
N THR M 500 -25.84 34.13 25.72
CA THR M 500 -26.45 32.84 26.05
C THR M 500 -27.88 33.01 26.54
N THR M 501 -28.13 34.01 27.40
CA THR M 501 -29.48 34.20 27.92
C THR M 501 -30.44 34.59 26.81
N MET M 502 -30.02 35.51 25.93
CA MET M 502 -30.88 35.90 24.81
C MET M 502 -31.14 34.72 23.89
N LEU M 503 -30.11 33.91 23.64
CA LEU M 503 -30.28 32.74 22.79
C LEU M 503 -31.25 31.74 23.41
N LEU M 504 -31.17 31.54 24.73
CA LEU M 504 -32.11 30.65 25.40
C LEU M 504 -33.53 31.19 25.33
N ARG M 505 -33.69 32.50 25.52
CA ARG M 505 -35.02 33.10 25.40
C ARG M 505 -35.57 32.95 23.99
N ILE M 506 -34.72 33.08 22.98
CA ILE M 506 -35.13 32.85 21.60
C ILE M 506 -35.56 31.40 21.42
N LYS M 507 -34.76 30.46 21.94
CA LYS M 507 -35.08 29.05 21.82
C LYS M 507 -36.41 28.72 22.48
N LYS M 508 -36.73 29.41 23.58
CA LYS M 508 -38.00 29.18 24.26
C LYS M 508 -39.20 29.43 23.35
N THR M 509 -39.03 30.22 22.29
CA THR M 509 -40.12 30.58 21.40
C THR M 509 -39.93 29.97 20.00
N ILE M 510 -39.47 28.72 19.96
CA ILE M 510 -39.37 28.02 18.68
C ILE M 510 -40.66 27.31 18.30
N GLN M 511 -41.43 26.85 19.28
CA GLN M 511 -42.69 26.16 19.01
C GLN M 511 -42.49 24.97 18.09
N GLY N 223 37.05 65.34 40.76
CA GLY N 223 36.75 64.50 41.96
C GLY N 223 37.21 65.16 43.24
N MET N 224 38.52 65.37 43.33
CA MET N 224 39.11 66.00 44.51
C MET N 224 38.88 67.49 44.54
N ASP N 225 38.52 68.11 43.42
CA ASP N 225 37.99 69.45 43.52
C ASP N 225 36.67 69.44 44.27
N THR N 226 35.99 68.28 44.32
CA THR N 226 34.73 68.13 45.11
C THR N 226 35.10 67.68 46.53
N SER N 227 36.31 67.16 46.79
CA SER N 227 36.74 66.90 48.16
C SER N 227 37.19 68.18 48.83
N GLY N 228 37.73 69.12 48.06
CA GLY N 228 38.06 70.42 48.62
C GLY N 228 36.83 71.18 49.09
N LYS N 229 35.78 71.21 48.28
CA LYS N 229 34.54 71.85 48.72
C LYS N 229 33.85 71.02 49.81
N GLN N 230 34.11 69.72 49.87
CA GLN N 230 33.67 68.94 51.01
C GLN N 230 34.38 69.39 52.28
N ALA N 231 35.67 69.67 52.17
CA ALA N 231 36.42 70.19 53.32
C ALA N 231 35.86 71.53 53.76
N GLU N 232 35.64 72.48 52.87
CA GLU N 232 35.05 73.75 53.28
C GLU N 232 33.60 73.58 53.73
N ALA N 233 32.93 72.50 53.34
CA ALA N 233 31.63 72.17 53.94
C ALA N 233 31.78 71.69 55.38
N MET N 234 32.85 70.95 55.68
CA MET N 234 33.20 70.69 57.07
C MET N 234 33.45 71.99 57.83
N ALA N 235 34.11 72.95 57.18
CA ALA N 235 34.29 74.27 57.79
C ALA N 235 32.95 74.97 58.00
N LEU N 236 32.01 74.78 57.07
CA LEU N 236 30.66 75.32 57.24
C LEU N 236 29.96 74.67 58.42
N LEU N 237 30.16 73.37 58.61
CA LEU N 237 29.65 72.71 59.81
C LEU N 237 30.32 73.26 61.06
N ALA N 238 31.60 73.64 60.95
CA ALA N 238 32.29 74.26 62.08
C ALA N 238 31.68 75.62 62.42
N GLU N 239 31.36 76.43 61.41
CA GLU N 239 30.70 77.70 61.71
C GLU N 239 29.26 77.49 62.18
N ALA N 240 28.63 76.37 61.80
CA ALA N 240 27.36 76.02 62.43
C ALA N 240 27.56 75.65 63.89
N GLU N 241 28.69 75.03 64.22
CA GLU N 241 29.06 74.85 65.61
C GLU N 241 29.21 76.20 66.30
N ARG N 242 29.78 77.18 65.59
CA ARG N 242 29.81 78.55 66.10
C ARG N 242 28.40 79.08 66.31
N LYS N 243 27.46 78.74 65.43
CA LYS N 243 26.08 79.18 65.59
C LYS N 243 25.45 78.59 66.84
N VAL N 244 25.70 77.31 67.12
CA VAL N 244 25.17 76.73 68.36
C VAL N 244 25.87 77.33 69.57
N LYS N 245 27.16 77.71 69.43
CA LYS N 245 27.80 78.47 70.50
C LYS N 245 27.13 79.82 70.70
N ASN N 246 26.69 80.45 69.61
CA ASN N 246 25.88 81.66 69.73
C ASN N 246 24.61 81.37 70.50
N SER N 247 23.92 80.28 70.16
CA SER N 247 22.75 79.87 70.94
C SER N 247 23.09 79.72 72.40
N GLN N 248 24.30 79.23 72.70
CA GLN N 248 24.74 79.08 74.08
C GLN N 248 24.89 80.42 74.79
N SER N 249 25.53 81.38 74.13
CA SER N 249 25.95 82.60 74.83
C SER N 249 25.26 83.88 74.34
N PHE N 250 25.30 84.16 73.04
CA PHE N 250 24.90 85.45 72.51
C PHE N 250 23.41 85.55 72.22
N PHE N 251 22.72 84.44 71.96
CA PHE N 251 21.30 84.48 71.64
C PHE N 251 20.46 84.99 72.80
N SER N 252 21.01 85.07 74.01
CA SER N 252 20.29 85.69 75.11
C SER N 252 19.80 87.08 74.72
N GLY N 253 20.62 87.83 73.99
CA GLY N 253 20.20 89.11 73.43
C GLY N 253 19.69 89.05 72.01
N LEU N 254 19.89 87.92 71.32
CA LEU N 254 19.39 87.70 69.98
C LEU N 254 18.32 86.61 69.95
N PHE N 255 17.51 86.52 71.01
CA PHE N 255 16.51 85.47 71.09
C PHE N 255 15.56 85.49 69.90
N GLY N 256 15.34 86.68 69.33
CA GLY N 256 14.49 86.78 68.15
C GLY N 256 15.07 86.20 66.89
N GLY N 257 16.32 85.74 66.94
CA GLY N 257 16.97 85.17 65.78
C GLY N 257 16.57 83.72 65.53
N SER N 258 15.28 83.42 65.58
CA SER N 258 14.82 82.09 65.19
C SER N 258 15.16 81.83 63.73
N SER N 259 15.05 82.86 62.89
CA SER N 259 15.49 82.71 61.50
C SER N 259 16.98 82.44 61.42
N LYS N 260 17.76 82.89 62.41
CA LYS N 260 19.17 82.53 62.45
C LYS N 260 19.34 81.03 62.65
N ILE N 261 18.53 80.42 63.53
CA ILE N 261 18.58 78.98 63.69
C ILE N 261 18.10 78.28 62.43
N GLU N 262 17.10 78.87 61.76
CA GLU N 262 16.61 78.27 60.52
C GLU N 262 17.68 78.27 59.44
N GLU N 263 18.41 79.37 59.29
CA GLU N 263 19.48 79.41 58.30
C GLU N 263 20.67 78.56 58.74
N ALA N 264 20.87 78.38 60.05
CA ALA N 264 21.86 77.42 60.53
C ALA N 264 21.49 76.01 60.08
N CYS N 265 20.21 75.65 60.20
CA CYS N 265 19.75 74.36 59.69
C CYS N 265 19.92 74.27 58.18
N GLU N 266 19.66 75.37 57.48
CA GLU N 266 19.82 75.38 56.02
C GLU N 266 21.27 75.15 55.62
N ILE N 267 22.21 75.81 56.31
CA ILE N 267 23.62 75.59 56.00
C ILE N 267 24.04 74.17 56.37
N TYR N 268 23.46 73.63 57.45
CA TYR N 268 23.68 72.22 57.75
C TYR N 268 23.24 71.34 56.58
N ALA N 269 22.04 71.60 56.05
CA ALA N 269 21.50 70.78 54.97
C ALA N 269 22.34 70.88 53.71
N ARG N 270 22.78 72.08 53.34
CA ARG N 270 23.57 72.20 52.13
C ARG N 270 25.00 71.70 52.34
N ALA N 271 25.51 71.73 53.58
CA ALA N 271 26.77 71.06 53.87
C ALA N 271 26.63 69.55 53.68
N ALA N 272 25.51 69.00 54.13
CA ALA N 272 25.22 67.59 53.87
C ALA N 272 25.13 67.34 52.37
N ASN N 273 24.56 68.28 51.63
CA ASN N 273 24.48 68.14 50.17
C ASN N 273 25.87 68.12 49.54
N MET N 274 26.76 69.02 49.98
CA MET N 274 28.13 69.00 49.48
C MET N 274 28.83 67.69 49.84
N PHE N 275 28.58 67.18 51.04
CA PHE N 275 29.13 65.88 51.41
C PHE N 275 28.63 64.79 50.47
N LYS N 276 27.33 64.77 50.19
CA LYS N 276 26.78 63.79 49.26
C LYS N 276 27.43 63.89 47.91
N MET N 277 27.60 65.12 47.40
CA MET N 277 28.31 65.31 46.14
C MET N 277 29.77 64.89 46.24
N ALA N 278 30.33 64.87 47.45
CA ALA N 278 31.72 64.46 47.66
C ALA N 278 31.87 62.96 47.77
N LYS N 279 30.78 62.20 47.70
CA LYS N 279 30.82 60.74 47.75
C LYS N 279 31.26 60.24 49.12
N ASN N 280 30.81 60.94 50.17
CA ASN N 280 30.97 60.48 51.55
C ASN N 280 29.56 60.19 52.07
N TRP N 281 29.11 58.96 51.82
CA TRP N 281 27.72 58.61 52.15
C TRP N 281 27.49 58.65 53.66
N SER N 282 28.44 58.15 54.44
CA SER N 282 28.28 58.17 55.89
C SER N 282 28.18 59.61 56.40
N ALA N 283 29.10 60.48 55.94
CA ALA N 283 29.07 61.87 56.37
C ALA N 283 27.81 62.56 55.89
N ALA N 284 27.38 62.28 54.64
CA ALA N 284 26.17 62.89 54.13
C ALA N 284 24.96 62.51 54.98
N GLY N 285 24.82 61.21 55.30
CA GLY N 285 23.71 60.79 56.14
C GLY N 285 23.78 61.37 57.53
N ASN N 286 24.97 61.43 58.11
CA ASN N 286 25.12 62.00 59.45
C ASN N 286 24.72 63.46 59.45
N ALA N 287 25.17 64.23 58.46
CA ALA N 287 24.81 65.64 58.39
C ALA N 287 23.31 65.81 58.16
N PHE N 288 22.71 64.97 57.31
CA PHE N 288 21.28 65.03 57.09
C PHE N 288 20.50 64.78 58.37
N CYS N 289 20.89 63.74 59.12
CA CYS N 289 20.17 63.43 60.35
C CYS N 289 20.38 64.51 61.40
N GLN N 290 21.59 65.09 61.46
CA GLN N 290 21.83 66.19 62.38
C GLN N 290 20.99 67.39 62.04
N ALA N 291 20.86 67.71 60.74
CA ALA N 291 20.00 68.81 60.33
C ALA N 291 18.55 68.51 60.69
N ALA N 292 18.11 67.26 60.49
CA ALA N 292 16.76 66.90 60.87
C ALA N 292 16.52 67.09 62.36
N GLN N 293 17.49 66.66 63.18
CA GLN N 293 17.35 66.82 64.63
C GLN N 293 17.31 68.29 65.02
N LEU N 294 18.17 69.11 64.42
CA LEU N 294 18.19 70.53 64.71
C LEU N 294 16.95 71.25 64.16
N HIS N 295 16.24 70.63 63.21
CA HIS N 295 15.12 71.27 62.54
C HIS N 295 13.78 70.97 63.19
N LEU N 296 13.70 69.94 64.04
CA LEU N 296 12.43 69.56 64.65
C LEU N 296 12.21 70.31 65.96
N GLN N 297 12.34 71.63 65.92
CA GLN N 297 12.14 72.46 67.11
C GLN N 297 10.66 72.74 67.32
N LEU N 298 9.83 71.69 67.34
CA LEU N 298 8.39 71.79 67.45
C LEU N 298 7.76 72.61 66.32
N GLN N 299 8.50 72.84 65.24
CA GLN N 299 8.00 73.61 64.11
C GLN N 299 8.55 73.01 62.82
N SER N 300 7.74 73.07 61.77
CA SER N 300 8.10 72.54 60.46
C SER N 300 8.48 71.06 60.56
N LYS N 301 7.55 70.29 61.15
CA LYS N 301 7.78 68.86 61.34
C LYS N 301 7.96 68.15 60.01
N HIS N 302 7.25 68.60 58.98
CA HIS N 302 7.36 67.96 57.67
C HIS N 302 8.77 68.11 57.11
N ASP N 303 9.40 69.27 57.32
CA ASP N 303 10.78 69.45 56.90
C ASP N 303 11.71 68.49 57.64
N ALA N 304 11.49 68.30 58.94
CA ALA N 304 12.29 67.36 59.69
C ALA N 304 12.12 65.94 59.15
N ALA N 305 10.89 65.55 58.82
CA ALA N 305 10.66 64.23 58.27
C ALA N 305 11.34 64.06 56.92
N THR N 306 11.26 65.09 56.06
CA THR N 306 11.94 65.03 54.77
C THR N 306 13.45 64.89 54.95
N CYS N 307 14.01 65.63 55.90
CA CYS N 307 15.45 65.53 56.16
C CYS N 307 15.81 64.15 56.68
N PHE N 308 14.97 63.58 57.54
CA PHE N 308 15.25 62.24 58.07
C PHE N 308 15.21 61.19 56.95
N VAL N 309 14.22 61.29 56.05
CA VAL N 309 14.17 60.33 54.95
C VAL N 309 15.36 60.54 54.01
N ASP N 310 15.80 61.78 53.82
CA ASP N 310 16.99 62.01 53.01
C ASP N 310 18.21 61.38 53.67
N ALA N 311 18.32 61.48 54.99
CA ALA N 311 19.42 60.81 55.69
C ALA N 311 19.33 59.30 55.52
N GLY N 312 18.12 58.75 55.58
CA GLY N 312 17.97 57.32 55.37
C GLY N 312 18.37 56.89 53.97
N ASN N 313 18.00 57.69 52.97
CA ASN N 313 18.41 57.41 51.60
C ASN N 313 19.93 57.47 51.47
N ALA N 314 20.56 58.46 52.10
CA ALA N 314 22.01 58.55 52.05
C ALA N 314 22.65 57.34 52.71
N PHE N 315 22.09 56.87 53.82
CA PHE N 315 22.62 55.72 54.53
C PHE N 315 22.26 54.39 53.86
N LYS N 316 21.33 54.38 52.91
CA LYS N 316 20.95 53.14 52.24
C LYS N 316 22.19 52.42 51.72
N LYS N 317 23.04 53.13 51.00
CA LYS N 317 24.35 52.61 50.64
C LYS N 317 25.31 52.71 51.83
N ALA N 318 26.42 51.99 51.74
CA ALA N 318 27.38 51.93 52.84
C ALA N 318 26.74 51.28 54.06
N ASP N 319 26.45 52.07 55.10
CA ASP N 319 25.87 51.54 56.32
C ASP N 319 24.39 51.90 56.36
N PRO N 320 23.48 50.94 56.20
CA PRO N 320 22.03 51.26 56.25
C PRO N 320 21.37 51.05 57.62
N GLN N 321 22.13 50.70 58.66
CA GLN N 321 21.51 50.37 59.94
C GLN N 321 20.75 51.55 60.51
N GLU N 322 21.40 52.71 60.61
CA GLU N 322 20.72 53.91 61.12
C GLU N 322 19.69 54.44 60.12
N ALA N 323 19.83 54.11 58.84
CA ALA N 323 18.76 54.40 57.89
C ALA N 323 17.46 53.74 58.35
N ILE N 324 17.55 52.53 58.89
CA ILE N 324 16.37 51.82 59.38
C ILE N 324 15.70 52.65 60.47
N ASN N 325 16.48 53.10 61.45
CA ASN N 325 15.92 53.83 62.58
C ASN N 325 15.33 55.17 62.15
N CYS N 326 16.03 55.89 61.28
CA CYS N 326 15.50 57.18 60.83
C CYS N 326 14.24 56.98 59.98
N LEU N 327 14.16 55.87 59.25
CA LEU N 327 12.94 55.58 58.51
C LEU N 327 11.79 55.26 59.45
N MET N 328 12.07 54.56 60.55
CA MET N 328 11.03 54.41 61.59
C MET N 328 10.59 55.75 62.15
N ARG N 329 11.54 56.67 62.36
CA ARG N 329 11.16 57.99 62.87
C ARG N 329 10.25 58.71 61.88
N ALA N 330 10.59 58.66 60.59
CA ALA N 330 9.74 59.26 59.57
C ALA N 330 8.37 58.58 59.54
N ILE N 331 8.35 57.25 59.69
CA ILE N 331 7.08 56.51 59.73
C ILE N 331 6.21 57.03 60.87
N GLU N 332 6.81 57.19 62.05
CA GLU N 332 6.05 57.67 63.20
C GLU N 332 5.54 59.09 62.95
N ILE N 333 6.38 59.96 62.39
CA ILE N 333 5.95 61.32 62.11
C ILE N 333 4.76 61.32 61.17
N TYR N 334 4.83 60.56 60.09
CA TYR N 334 3.75 60.53 59.12
C TYR N 334 2.48 59.93 59.71
N THR N 335 2.62 58.85 60.48
CA THR N 335 1.44 58.22 61.08
C THR N 335 0.75 59.17 62.05
N ASP N 336 1.53 59.90 62.86
CA ASP N 336 0.94 60.91 63.72
C ASP N 336 0.23 61.98 62.89
N MET N 337 0.89 62.44 61.82
CA MET N 337 0.26 63.43 60.94
C MET N 337 -0.97 62.86 60.26
N GLY N 338 -0.90 61.61 59.80
CA GLY N 338 -2.00 60.97 59.13
C GLY N 338 -1.75 60.58 57.68
N ARG N 339 -0.51 60.70 57.20
CA ARG N 339 -0.19 60.32 55.83
C ARG N 339 0.09 58.82 55.79
N PHE N 340 -0.87 58.06 55.25
CA PHE N 340 -0.78 56.60 55.29
C PHE N 340 -0.03 56.03 54.09
N THR N 341 -0.20 56.63 52.91
CA THR N 341 0.48 56.14 51.72
C THR N 341 1.99 56.21 51.89
N ILE N 342 2.49 57.34 52.39
CA ILE N 342 3.92 57.49 52.61
C ILE N 342 4.42 56.52 53.67
N ALA N 343 3.65 56.34 54.74
CA ALA N 343 4.05 55.41 55.78
C ALA N 343 4.15 53.98 55.24
N ALA N 344 3.15 53.56 54.45
CA ALA N 344 3.18 52.22 53.87
C ALA N 344 4.32 52.07 52.88
N LYS N 345 4.59 53.10 52.07
CA LYS N 345 5.69 53.03 51.14
C LYS N 345 7.03 52.91 51.85
N HIS N 346 7.22 53.65 52.94
CA HIS N 346 8.45 53.53 53.70
C HIS N 346 8.55 52.18 54.40
N HIS N 347 7.41 51.62 54.83
CA HIS N 347 7.42 50.28 55.40
C HIS N 347 7.85 49.26 54.35
N ILE N 348 7.36 49.40 53.12
CA ILE N 348 7.81 48.52 52.04
C ILE N 348 9.29 48.73 51.77
N SER N 349 9.75 49.98 51.84
CA SER N 349 11.16 50.27 51.62
C SER N 349 12.04 49.57 52.65
N ILE N 350 11.66 49.64 53.92
CA ILE N 350 12.43 48.97 54.97
C ILE N 350 12.32 47.46 54.82
N ALA N 351 11.18 46.95 54.39
CA ALA N 351 11.06 45.52 54.14
C ALA N 351 12.04 45.07 53.07
N GLU N 352 12.12 45.83 51.97
CA GLU N 352 13.02 45.45 50.89
C GLU N 352 14.49 45.63 51.28
N ILE N 353 14.79 46.64 52.10
CA ILE N 353 16.18 46.80 52.54
C ILE N 353 16.57 45.66 53.47
N TYR N 354 15.62 45.20 54.31
CA TYR N 354 15.87 44.01 55.12
C TYR N 354 16.14 42.80 54.21
N GLU N 355 15.28 42.59 53.22
CA GLU N 355 15.41 41.41 52.36
C GLU N 355 16.73 41.42 51.60
N THR N 356 17.08 42.56 51.01
CA THR N 356 18.28 42.65 50.19
C THR N 356 19.55 42.75 51.02
N GLU N 357 19.51 43.42 52.17
CA GLU N 357 20.68 43.55 53.04
C GLU N 357 20.74 42.46 54.09
N LEU N 358 19.69 42.30 54.89
CA LEU N 358 19.67 41.30 55.93
C LEU N 358 19.04 40.00 55.40
N VAL N 359 19.07 38.96 56.22
CA VAL N 359 18.42 37.70 55.88
C VAL N 359 17.06 37.56 56.53
N ASP N 360 16.73 38.39 57.52
CA ASP N 360 15.41 38.32 58.14
C ASP N 360 14.34 38.56 57.08
N VAL N 361 13.34 37.68 57.06
CA VAL N 361 12.20 37.85 56.17
C VAL N 361 10.98 38.19 57.02
N GLU N 362 10.95 37.67 58.25
CA GLU N 362 9.80 37.89 59.12
C GLU N 362 9.53 39.38 59.30
N LYS N 363 10.58 40.17 59.50
CA LYS N 363 10.40 41.62 59.59
C LYS N 363 9.88 42.18 58.26
N ALA N 364 10.43 41.70 57.14
CA ALA N 364 9.94 42.14 55.84
C ALA N 364 8.50 41.70 55.62
N ILE N 365 8.16 40.48 56.03
CA ILE N 365 6.78 40.01 55.89
C ILE N 365 5.84 40.92 56.70
N ALA N 366 6.22 41.23 57.94
CA ALA N 366 5.38 42.08 58.78
C ALA N 366 5.22 43.47 58.17
N HIS N 367 6.31 44.04 57.68
CA HIS N 367 6.24 45.37 57.08
C HIS N 367 5.36 45.37 55.83
N TYR N 368 5.48 44.33 55.00
CA TYR N 368 4.64 44.24 53.81
C TYR N 368 3.17 44.10 54.18
N GLU N 369 2.87 43.26 55.17
CA GLU N 369 1.49 43.11 55.61
C GLU N 369 0.94 44.42 56.16
N GLN N 370 1.76 45.14 56.92
CA GLN N 370 1.33 46.41 57.51
C GLN N 370 1.09 47.47 56.43
N SER N 371 1.96 47.52 55.43
CA SER N 371 1.74 48.43 54.30
C SER N 371 0.48 48.06 53.53
N ALA N 372 0.25 46.75 53.33
CA ALA N 372 -0.97 46.32 52.68
C ALA N 372 -2.20 46.73 53.48
N ASP N 373 -2.11 46.64 54.81
CA ASP N 373 -3.23 47.06 55.65
C ASP N 373 -3.51 48.55 55.49
N TYR N 374 -2.45 49.37 55.51
CA TYR N 374 -2.65 50.79 55.22
C TYR N 374 -3.35 50.99 53.87
N TYR N 375 -2.80 50.37 52.82
CA TYR N 375 -3.34 50.62 51.48
C TYR N 375 -4.79 50.17 51.38
N LYS N 376 -5.14 49.02 51.95
CA LYS N 376 -6.52 48.57 51.95
C LYS N 376 -7.41 49.48 52.79
N GLY N 377 -6.86 50.13 53.80
CA GLY N 377 -7.65 51.06 54.60
C GLY N 377 -8.17 52.23 53.79
N GLU N 378 -7.48 52.58 52.69
CA GLU N 378 -7.87 53.68 51.82
C GLU N 378 -8.19 53.16 50.41
N GLU N 379 -8.72 51.95 50.33
CA GLU N 379 -9.17 51.35 49.08
C GLU N 379 -8.06 51.25 48.04
N SER N 380 -6.79 51.25 48.47
CA SER N 380 -5.67 51.00 47.57
C SER N 380 -5.46 49.48 47.52
N ASN N 381 -6.29 48.82 46.72
CA ASN N 381 -6.37 47.37 46.75
C ASN N 381 -5.19 46.70 46.06
N SER N 382 -4.70 47.29 44.96
CA SER N 382 -3.66 46.62 44.18
C SER N 382 -2.37 46.46 44.96
N SER N 383 -1.95 47.50 45.67
CA SER N 383 -0.70 47.41 46.44
C SER N 383 -0.82 46.35 47.51
N ALA N 384 -1.94 46.31 48.22
CA ALA N 384 -2.14 45.28 49.24
C ALA N 384 -2.15 43.89 48.61
N ASN N 385 -2.78 43.76 47.44
CA ASN N 385 -2.82 42.46 46.78
C ASN N 385 -1.41 42.00 46.41
N LYS N 386 -0.57 42.90 45.89
CA LYS N 386 0.79 42.51 45.53
C LYS N 386 1.61 42.17 46.77
N CYS N 387 1.45 42.95 47.85
CA CYS N 387 2.17 42.64 49.08
C CYS N 387 1.76 41.26 49.61
N LEU N 388 0.47 40.97 49.60
CA LEU N 388 0.00 39.66 50.06
C LEU N 388 0.48 38.55 49.13
N LEU N 389 0.56 38.83 47.83
CA LEU N 389 1.09 37.83 46.89
C LEU N 389 2.53 37.49 47.21
N LYS N 390 3.35 38.53 47.43
CA LYS N 390 4.75 38.29 47.80
C LYS N 390 4.84 37.52 49.10
N VAL N 391 4.04 37.90 50.09
CA VAL N 391 4.08 37.22 51.38
C VAL N 391 3.68 35.75 51.22
N ALA N 392 2.66 35.49 50.41
CA ALA N 392 2.21 34.11 50.19
C ALA N 392 3.29 33.30 49.46
N GLY N 393 3.95 33.89 48.48
CA GLY N 393 5.03 33.18 47.81
C GLY N 393 6.15 32.83 48.76
N TYR N 394 6.55 33.79 49.60
CA TYR N 394 7.59 33.52 50.59
C TYR N 394 7.13 32.44 51.56
N ALA N 395 5.86 32.48 51.98
CA ALA N 395 5.33 31.47 52.88
C ALA N 395 5.39 30.08 52.25
N ALA N 396 4.98 29.97 50.99
CA ALA N 396 5.06 28.68 50.31
C ALA N 396 6.50 28.20 50.21
N GLN N 397 7.43 29.12 49.91
CA GLN N 397 8.85 28.76 50.01
C GLN N 397 9.26 28.55 51.45
N LEU N 398 8.61 29.23 52.40
CA LEU N 398 8.83 29.05 53.83
C LEU N 398 7.91 28.01 54.44
N GLU N 399 7.24 27.21 53.60
CA GLU N 399 6.35 26.13 54.02
C GLU N 399 5.41 26.58 55.15
N GLN N 400 4.58 27.56 54.83
CA GLN N 400 3.37 27.90 55.59
C GLN N 400 2.25 27.88 54.57
N TYR N 401 1.64 26.71 54.39
CA TYR N 401 0.79 26.50 53.23
C TYR N 401 -0.64 26.98 53.42
N GLN N 402 -1.12 27.06 54.66
CA GLN N 402 -2.47 27.58 54.87
C GLN N 402 -2.56 29.04 54.43
N LYS N 403 -1.60 29.87 54.88
CA LYS N 403 -1.62 31.27 54.48
C LYS N 403 -1.41 31.40 52.98
N ALA N 404 -0.53 30.58 52.39
CA ALA N 404 -0.30 30.63 50.96
C ALA N 404 -1.57 30.30 50.19
N ILE N 405 -2.25 29.21 50.56
CA ILE N 405 -3.45 28.81 49.83
C ILE N 405 -4.54 29.86 49.98
N ASP N 406 -4.72 30.39 51.20
CA ASP N 406 -5.75 31.39 51.41
C ASP N 406 -5.49 32.62 50.55
N ILE N 407 -4.24 33.11 50.55
CA ILE N 407 -3.92 34.30 49.78
C ILE N 407 -4.08 34.04 48.29
N TYR N 408 -3.61 32.88 47.81
CA TYR N 408 -3.70 32.59 46.39
C TYR N 408 -5.15 32.49 45.93
N GLU N 409 -6.00 31.81 46.71
CA GLU N 409 -7.40 31.71 46.32
C GLU N 409 -8.10 33.06 46.39
N GLN N 410 -7.81 33.85 47.42
CA GLN N 410 -8.42 35.16 47.53
C GLN N 410 -8.03 36.05 46.35
N VAL N 411 -6.74 36.06 45.99
CA VAL N 411 -6.29 36.89 44.89
C VAL N 411 -6.84 36.38 43.57
N GLY N 412 -6.94 35.06 43.41
CA GLY N 412 -7.53 34.52 42.19
C GLY N 412 -8.98 34.93 42.03
N THR N 413 -9.76 34.81 43.11
CA THR N 413 -11.15 35.25 43.05
C THR N 413 -11.26 36.74 42.80
N SER N 414 -10.39 37.54 43.42
CA SER N 414 -10.42 38.98 43.18
C SER N 414 -10.10 39.32 41.72
N ALA N 415 -9.11 38.64 41.15
CA ALA N 415 -8.78 38.86 39.74
C ALA N 415 -9.92 38.44 38.83
N MET N 416 -10.61 37.35 39.18
CA MET N 416 -11.76 36.92 38.40
C MET N 416 -12.86 37.96 38.35
N ASP N 417 -12.91 38.85 39.34
CA ASP N 417 -14.01 39.81 39.42
C ASP N 417 -14.03 40.73 38.20
N SER N 418 -12.88 41.30 37.83
CA SER N 418 -12.83 42.27 36.76
C SER N 418 -12.43 41.61 35.44
N PRO N 419 -12.94 42.10 34.31
CA PRO N 419 -12.50 41.56 33.02
C PRO N 419 -11.02 41.76 32.77
N LEU N 420 -10.45 42.85 33.29
CA LEU N 420 -9.06 43.19 33.00
C LEU N 420 -8.12 42.09 33.49
N LEU N 421 -8.31 41.63 34.72
CA LEU N 421 -7.48 40.57 35.29
C LEU N 421 -8.18 39.22 35.26
N LYS N 422 -9.18 39.06 34.39
CA LYS N 422 -9.92 37.80 34.32
C LYS N 422 -9.02 36.64 33.90
N TYR N 423 -8.13 36.88 32.93
CA TYR N 423 -7.29 35.82 32.40
C TYR N 423 -6.23 35.34 33.37
N SER N 424 -5.91 36.13 34.38
CA SER N 424 -4.81 35.81 35.30
C SER N 424 -5.17 34.78 36.35
N ALA N 425 -6.47 34.47 36.51
CA ALA N 425 -6.88 33.61 37.61
C ALA N 425 -6.27 32.22 37.53
N LYS N 426 -5.84 31.81 36.33
CA LYS N 426 -5.32 30.46 36.16
C LYS N 426 -4.07 30.23 37.01
N ASP N 427 -3.14 31.19 36.99
CA ASP N 427 -1.90 31.04 37.76
C ASP N 427 -2.18 31.01 39.25
N TYR N 428 -3.06 31.89 39.73
CA TYR N 428 -3.38 31.92 41.16
C TYR N 428 -4.05 30.63 41.60
N PHE N 429 -4.98 30.12 40.78
CA PHE N 429 -5.60 28.84 41.07
C PHE N 429 -4.56 27.73 41.10
N PHE N 430 -3.61 27.75 40.16
CA PHE N 430 -2.57 26.73 40.11
C PHE N 430 -1.73 26.74 41.38
N LYS N 431 -1.30 27.93 41.82
CA LYS N 431 -0.48 28.02 43.02
C LYS N 431 -1.26 27.57 44.25
N ALA N 432 -2.52 28.00 44.36
CA ALA N 432 -3.35 27.56 45.49
C ALA N 432 -3.51 26.05 45.48
N ALA N 433 -3.73 25.46 44.30
CA ALA N 433 -3.88 24.01 44.20
C ALA N 433 -2.59 23.30 44.59
N LEU N 434 -1.45 23.84 44.18
CA LEU N 434 -0.16 23.22 44.55
C LEU N 434 0.02 23.23 46.06
N CYS N 435 -0.27 24.37 46.69
CA CYS N 435 -0.07 24.46 48.14
C CYS N 435 -1.08 23.62 48.90
N HIS N 436 -2.28 23.43 48.33
CA HIS N 436 -3.21 22.43 48.86
C HIS N 436 -2.63 21.04 48.76
N PHE N 437 -2.16 20.67 47.56
CA PHE N 437 -1.75 19.31 47.27
C PHE N 437 -0.54 18.90 48.10
N CYS N 438 0.32 19.85 48.45
CA CYS N 438 1.47 19.52 49.29
C CYS N 438 1.03 19.04 50.67
N ILE N 439 0.08 19.75 51.30
CA ILE N 439 -0.28 19.45 52.69
C ILE N 439 -1.06 18.14 52.77
N ASP N 440 -2.21 18.09 52.11
CA ASP N 440 -3.13 16.96 52.17
C ASP N 440 -3.40 16.49 50.75
N MET N 441 -2.85 15.32 50.40
CA MET N 441 -2.91 14.84 49.03
C MET N 441 -4.34 14.59 48.59
N LEU N 442 -5.15 13.96 49.44
CA LEU N 442 -6.52 13.64 49.04
C LEU N 442 -7.33 14.90 48.76
N ASN N 443 -7.15 15.94 49.58
CA ASN N 443 -7.84 17.20 49.34
C ASN N 443 -7.39 17.87 48.05
N ALA N 444 -6.30 17.42 47.44
CA ALA N 444 -5.89 18.00 46.17
C ALA N 444 -6.95 17.78 45.09
N LYS N 445 -7.52 16.56 45.05
CA LYS N 445 -8.56 16.30 44.07
C LYS N 445 -9.76 17.21 44.29
N LEU N 446 -10.23 17.32 45.54
CA LEU N 446 -11.36 18.18 45.83
C LEU N 446 -11.05 19.63 45.49
N ALA N 447 -9.84 20.09 45.78
CA ALA N 447 -9.48 21.48 45.52
C ALA N 447 -9.44 21.77 44.03
N VAL N 448 -8.83 20.88 43.24
CA VAL N 448 -8.78 21.11 41.80
C VAL N 448 -10.18 21.06 41.21
N GLN N 449 -11.02 20.13 41.68
CA GLN N 449 -12.41 20.09 41.24
C GLN N 449 -13.12 21.40 41.54
N LYS N 450 -12.96 21.89 42.78
CA LYS N 450 -13.66 23.09 43.23
C LYS N 450 -13.23 24.28 42.40
N TYR N 451 -11.93 24.40 42.12
CA TYR N 451 -11.46 25.47 41.26
C TYR N 451 -12.06 25.33 39.87
N GLU N 452 -12.23 24.10 39.40
CA GLU N 452 -12.74 23.92 38.05
C GLU N 452 -14.20 24.37 37.94
N GLU N 453 -15.08 23.96 38.87
CA GLU N 453 -16.45 24.44 38.68
C GLU N 453 -16.53 25.94 38.96
N LEU N 454 -15.78 26.42 39.96
CA LEU N 454 -15.81 27.85 40.25
C LEU N 454 -15.33 28.66 39.06
N PHE N 455 -14.29 28.19 38.38
CA PHE N 455 -13.80 28.80 37.14
C PHE N 455 -13.89 27.76 36.03
N PRO N 456 -14.96 27.75 35.23
CA PRO N 456 -15.10 26.68 34.21
C PRO N 456 -13.95 26.66 33.22
N ALA N 457 -13.21 27.75 33.06
CA ALA N 457 -12.06 27.80 32.17
C ALA N 457 -10.74 27.62 32.93
N PHE N 458 -10.73 26.79 33.97
CA PHE N 458 -9.51 26.41 34.66
C PHE N 458 -9.00 25.05 34.22
N SER N 459 -9.89 24.08 34.02
CA SER N 459 -9.46 22.77 33.54
C SER N 459 -8.78 22.89 32.18
N ASP N 460 -9.33 23.72 31.30
CA ASP N 460 -8.73 23.92 29.98
C ASP N 460 -7.28 24.38 30.10
N SER N 461 -6.98 25.17 31.12
CA SER N 461 -5.63 25.69 31.29
C SER N 461 -4.64 24.55 31.50
N ARG N 462 -3.43 24.74 30.96
CA ARG N 462 -2.39 23.73 31.10
C ARG N 462 -2.10 23.43 32.57
N GLU N 463 -2.28 24.42 33.44
CA GLU N 463 -2.00 24.21 34.86
C GLU N 463 -2.85 23.07 35.43
N CYS N 464 -4.17 23.13 35.22
CA CYS N 464 -5.06 22.13 35.78
C CYS N 464 -4.80 20.74 35.19
N LYS N 465 -4.58 20.67 33.87
CA LYS N 465 -4.31 19.38 33.25
C LYS N 465 -3.02 18.78 33.81
N LEU N 466 -1.98 19.59 33.93
CA LEU N 466 -0.73 19.10 34.47
C LEU N 466 -0.89 18.63 35.90
N MET N 467 -1.60 19.42 36.72
CA MET N 467 -1.80 19.04 38.12
C MET N 467 -2.57 17.73 38.23
N LYS N 468 -3.62 17.57 37.42
CA LYS N 468 -4.36 16.32 37.44
C LYS N 468 -3.47 15.16 37.05
N LYS N 469 -2.62 15.36 36.04
CA LYS N 469 -1.71 14.29 35.63
C LYS N 469 -0.77 13.90 36.78
N LEU N 470 -0.17 14.89 37.44
CA LEU N 470 0.73 14.59 38.55
C LEU N 470 0.01 13.88 39.70
N LEU N 471 -1.15 14.38 40.10
CA LEU N 471 -1.82 13.79 41.26
C LEU N 471 -2.36 12.40 40.94
N GLU N 472 -2.73 12.16 39.68
CA GLU N 472 -3.19 10.82 39.30
C GLU N 472 -2.02 9.85 39.21
N ALA N 473 -0.88 10.30 38.68
CA ALA N 473 0.29 9.45 38.63
C ALA N 473 0.79 9.11 40.04
N HIS N 474 0.76 10.08 40.96
CA HIS N 474 1.23 9.85 42.31
C HIS N 474 0.46 8.75 43.02
N GLU N 475 -0.78 8.47 42.57
CA GLU N 475 -1.54 7.37 43.17
C GLU N 475 -0.76 6.06 43.08
N GLU N 476 -0.12 5.81 41.94
CA GLU N 476 0.77 4.67 41.76
C GLU N 476 2.21 5.15 41.84
N GLN N 477 3.05 4.37 42.53
CA GLN N 477 4.44 4.76 42.75
C GLN N 477 5.22 4.46 41.48
N ASN N 478 5.29 5.47 40.59
CA ASN N 478 6.03 5.35 39.33
C ASN N 478 6.68 6.70 39.07
N VAL N 479 7.97 6.81 39.40
CA VAL N 479 8.70 8.06 39.21
C VAL N 479 8.75 8.43 37.73
N ASP N 480 8.82 7.43 36.84
CA ASP N 480 8.94 7.73 35.42
C ASP N 480 7.79 8.60 34.93
N SER N 481 6.57 8.31 35.38
CA SER N 481 5.39 9.04 34.91
C SER N 481 5.55 10.54 35.16
N TYR N 482 5.63 10.94 36.44
CA TYR N 482 5.64 12.36 36.73
C TYR N 482 6.98 13.00 36.37
N THR N 483 8.06 12.24 36.33
CA THR N 483 9.32 12.80 35.83
C THR N 483 9.20 13.17 34.36
N GLU N 484 8.60 12.30 33.55
CA GLU N 484 8.35 12.64 32.15
C GLU N 484 7.39 13.81 32.05
N SER N 485 6.37 13.85 32.92
CA SER N 485 5.44 14.96 32.88
C SER N 485 6.14 16.30 33.13
N VAL N 486 7.00 16.34 34.17
CA VAL N 486 7.68 17.59 34.51
C VAL N 486 8.70 17.95 33.43
N LYS N 487 9.38 16.95 32.84
CA LYS N 487 10.34 17.26 31.80
C LYS N 487 9.63 17.81 30.56
N GLU N 488 8.47 17.26 30.22
CA GLU N 488 7.68 17.81 29.12
C GLU N 488 7.23 19.23 29.43
N TYR N 489 6.79 19.48 30.67
CA TYR N 489 6.36 20.82 31.04
C TYR N 489 7.52 21.80 30.93
N ASP N 490 8.71 21.39 31.35
CA ASP N 490 9.89 22.24 31.20
C ASP N 490 10.35 22.35 29.75
N SER N 491 9.91 21.43 28.89
CA SER N 491 10.29 21.49 27.49
C SER N 491 9.60 22.62 26.74
N ILE N 492 8.48 23.12 27.26
CA ILE N 492 7.70 24.14 26.58
C ILE N 492 7.99 25.51 27.19
N SER N 493 8.34 25.53 28.47
CA SER N 493 8.62 26.78 29.16
C SER N 493 9.48 26.49 30.37
N ARG N 494 10.51 27.29 30.56
CA ARG N 494 11.40 27.12 31.71
C ARG N 494 10.66 27.43 33.00
N LEU N 495 11.00 26.67 34.04
CA LEU N 495 10.38 26.82 35.34
C LEU N 495 11.18 27.79 36.21
N ASP N 496 10.60 28.13 37.35
CA ASP N 496 11.21 29.06 38.30
C ASP N 496 11.79 28.30 39.49
N GLN N 497 12.62 29.01 40.27
CA GLN N 497 13.22 28.39 41.44
C GLN N 497 12.15 27.96 42.44
N TRP N 498 11.14 28.79 42.65
CA TRP N 498 10.09 28.45 43.61
C TRP N 498 9.37 27.17 43.20
N LEU N 499 8.89 27.12 41.95
CA LEU N 499 8.14 25.95 41.50
C LEU N 499 9.02 24.71 41.46
N THR N 500 10.26 24.85 40.97
CA THR N 500 11.14 23.67 40.88
C THR N 500 11.47 23.12 42.26
N THR N 501 11.82 24.01 43.20
CA THR N 501 12.09 23.57 44.56
C THR N 501 10.86 22.94 45.19
N MET N 502 9.68 23.54 44.95
CA MET N 502 8.44 22.99 45.47
C MET N 502 8.21 21.57 44.96
N LEU N 503 8.37 21.37 43.65
CA LEU N 503 8.13 20.06 43.07
C LEU N 503 9.13 19.04 43.60
N LEU N 504 10.41 19.42 43.67
CA LEU N 504 11.42 18.49 44.15
C LEU N 504 11.19 18.10 45.60
N ARG N 505 10.80 19.07 46.44
CA ARG N 505 10.50 18.76 47.84
C ARG N 505 9.28 17.85 47.93
N ILE N 506 8.18 18.23 47.27
CA ILE N 506 6.90 17.56 47.49
C ILE N 506 6.94 16.14 46.92
N LYS N 507 7.42 15.99 45.68
CA LYS N 507 7.35 14.68 45.04
C LYS N 507 8.28 13.66 45.67
N LYS N 508 9.22 14.09 46.51
CA LYS N 508 10.01 13.13 47.26
C LYS N 508 9.16 12.31 48.21
N THR N 509 8.06 12.88 48.72
CA THR N 509 7.13 12.16 49.57
C THR N 509 5.85 12.97 49.75
#